data_7C8I
#
_entry.id   7C8I
#
_cell.length_a   145.300
_cell.length_b   184.940
_cell.length_c   163.130
_cell.angle_alpha   90.000
_cell.angle_beta   99.180
_cell.angle_gamma   90.000
#
_symmetry.space_group_name_H-M   'P 1 21 1'
#
loop_
_entity.id
_entity.type
_entity.pdbx_description
1 polymer 'Xylulose-5-phosphate/fructose-6-phosphate phosphoketolase'
2 non-polymer PHOSPHOENOLPYRUVATE
3 non-polymer 'THIAMINE DIPHOSPHATE'
4 non-polymer 'CALCIUM ION'
5 water water
#
_entity_poly.entity_id   1
_entity_poly.type   'polypeptide(L)'
_entity_poly.pdbx_seq_one_letter_code
;MTSPVIGTPWKKLNAPVSEEALEGVDKYWRVANYLSIGQIYLRSNPLMKEPFTREDVKHRLVGHWGTTPGLNFLIGHINR
FIADHGQNTVIIMGPGHGGPAGTSQSYLDGTYTETFPKITKDEAGLQKFFRQFSYPGGIPSHFAPETPGSIHEGGELGYA
LSHAYGAIMDNPSLFVPAIVGDGEAETGPLATGWQSNKLVNPRTDGIVLPILHLNGYKIANPTILSRISDEELHEFFHGM
GYEPYEFVAGFDDEDHMSIHRRFAELWETIWDEICDIKATAQTDNVHRPFYPMLIFRTPKGWTCPKYIDGKKTEGSWRSH
QVPLASARDTEAHFEVLKNWLESYKPEELFDANGAVKDDVLAFMPKGELRIGANPNANGGVIRNDLKLPNLEDYEVKEVA
EYGHGWGQLEATRTLGAYTRDIIKNNPRDFRIFGPDETASNRLQASYEVTNKQWDAGYISDEVDEHMHVSGQVVEQLSEH
QMEGFLEAYLLTGRHGIWSSYESFVHVIDSMLNQHAKWLEATVREIPWRKPIASMNLLVSSHVWRQDHNGFSHQDPGVTS
VLLNKCFHNDHVIGIYFATDANMLLAIAEKCYKSTNKINAIIAGKQPAATWLTLDEARAELEKGAAAWDWASTAKNNDEA
EVVLAAAGDVPTQEIMAASDKLKELGVKFKVVNVADLLSLQSAKENDEALTDEEFADIFTADKPVLFAYHSYAHDVRGLI
YDRPNHDNFNVHGYEEEGSTTTPYDMVRVNRIDRYELTAEALRMIDADKYADKIDELEKFRDEAFQFAVDNGYDHPDYTD
WVYSGVNTDKKGAVTATAATAGDNEHHHHHH
;
_entity_poly.pdbx_strand_id   A,B,C,D,E,F,G,H
#
# COMPACT_ATOMS: atom_id res chain seq x y z
N THR A 2 18.33 49.30 -16.58
CA THR A 2 18.26 47.98 -15.92
C THR A 2 17.57 48.17 -14.55
N SER A 3 16.80 47.17 -14.11
CA SER A 3 16.00 47.23 -12.86
C SER A 3 16.96 47.39 -11.69
N PRO A 4 16.59 48.17 -10.64
CA PRO A 4 17.40 48.26 -9.43
C PRO A 4 17.13 47.12 -8.46
N VAL A 5 18.14 46.74 -7.72
CA VAL A 5 18.00 45.82 -6.57
C VAL A 5 17.59 46.66 -5.37
N ILE A 6 16.40 46.39 -4.84
CA ILE A 6 15.80 47.16 -3.74
C ILE A 6 15.65 46.21 -2.56
N GLY A 7 16.08 46.66 -1.37
CA GLY A 7 15.96 45.94 -0.10
C GLY A 7 16.82 44.70 -0.10
N THR A 8 16.33 43.64 0.56
CA THR A 8 17.09 42.39 0.88
C THR A 8 16.26 41.22 0.36
N PRO A 9 16.38 40.89 -0.94
CA PRO A 9 15.45 39.98 -1.58
C PRO A 9 15.64 38.51 -1.23
N TRP A 10 14.53 37.76 -1.14
CA TRP A 10 14.51 36.28 -1.06
C TRP A 10 15.16 35.88 0.28
N LYS A 11 14.68 36.50 1.37
CA LYS A 11 15.18 36.29 2.75
C LYS A 11 14.11 35.54 3.53
N LYS A 12 14.47 34.39 4.11
CA LYS A 12 13.58 33.66 5.06
C LYS A 12 13.57 34.36 6.43
N LEU A 13 12.50 34.17 7.18
CA LEU A 13 12.35 34.88 8.46
C LEU A 13 13.22 34.18 9.52
N ASN A 14 13.23 32.84 9.51
CA ASN A 14 13.90 31.93 10.49
C ASN A 14 13.44 32.24 11.94
N ALA A 15 12.12 32.36 12.14
CA ALA A 15 11.42 32.84 13.37
C ALA A 15 9.93 32.89 13.07
N PRO A 16 9.03 32.61 14.03
CA PRO A 16 7.60 32.73 13.75
C PRO A 16 7.28 34.22 13.62
N VAL A 17 6.12 34.52 13.06
CA VAL A 17 5.64 35.91 12.94
C VAL A 17 5.21 36.31 14.36
N SER A 18 5.56 37.54 14.75
CA SER A 18 5.33 38.05 16.11
C SER A 18 3.85 38.33 16.30
N GLU A 19 3.35 37.99 17.48
CA GLU A 19 2.00 38.30 18.01
C GLU A 19 1.69 39.79 17.73
N GLU A 20 2.67 40.70 17.83
CA GLU A 20 2.43 42.16 17.72
C GLU A 20 2.24 42.63 16.26
N ALA A 21 3.01 42.10 15.32
CA ALA A 21 2.76 42.30 13.88
C ALA A 21 1.34 41.80 13.54
N LEU A 22 0.93 40.61 13.98
CA LEU A 22 -0.42 40.06 13.61
C LEU A 22 -1.52 40.99 14.11
N GLU A 23 -1.31 41.68 15.24
CA GLU A 23 -2.30 42.59 15.85
C GLU A 23 -2.35 43.88 15.03
N GLY A 24 -1.20 44.39 14.62
CA GLY A 24 -1.13 45.46 13.60
C GLY A 24 -1.94 45.11 12.37
N VAL A 25 -1.77 43.88 11.86
CA VAL A 25 -2.43 43.43 10.60
C VAL A 25 -3.93 43.57 10.78
N ASP A 26 -4.46 43.05 11.91
CA ASP A 26 -5.92 43.03 12.23
C ASP A 26 -6.43 44.47 12.31
N LYS A 27 -5.61 45.39 12.79
CA LYS A 27 -5.97 46.82 12.90
C LYS A 27 -5.95 47.43 11.49
N TYR A 28 -4.94 47.11 10.69
CA TYR A 28 -4.88 47.51 9.26
C TYR A 28 -6.17 47.08 8.55
N TRP A 29 -6.55 45.81 8.67
CA TRP A 29 -7.75 45.24 8.03
C TRP A 29 -8.98 46.08 8.39
N ARG A 30 -9.17 46.32 9.69
CA ARG A 30 -10.33 47.06 10.27
C ARG A 30 -10.40 48.51 9.76
N VAL A 31 -9.30 49.26 9.88
CA VAL A 31 -9.26 50.68 9.47
C VAL A 31 -9.42 50.72 7.95
N ALA A 32 -8.73 49.83 7.24
CA ALA A 32 -8.75 49.80 5.76
C ALA A 32 -10.19 49.52 5.28
N ASN A 33 -10.86 48.52 5.86
CA ASN A 33 -12.31 48.29 5.65
C ASN A 33 -13.13 49.54 5.94
N TYR A 34 -12.89 50.21 7.08
CA TYR A 34 -13.62 51.43 7.50
C TYR A 34 -13.40 52.54 6.47
N LEU A 35 -12.16 52.74 6.05
CA LEU A 35 -11.85 53.76 5.01
C LEU A 35 -12.57 53.37 3.72
N SER A 36 -12.71 52.07 3.48
CA SER A 36 -13.29 51.52 2.24
C SER A 36 -14.79 51.81 2.22
N ILE A 37 -15.50 51.42 3.27
CA ILE A 37 -16.96 51.73 3.35
C ILE A 37 -17.15 53.25 3.36
N GLY A 38 -16.33 53.96 4.12
CA GLY A 38 -16.36 55.42 4.20
C GLY A 38 -16.37 56.09 2.83
N GLN A 39 -15.47 55.68 1.94
CA GLN A 39 -15.29 56.27 0.58
C GLN A 39 -16.56 56.03 -0.26
N ILE A 40 -17.22 54.90 -0.12
CA ILE A 40 -18.41 54.58 -0.93
C ILE A 40 -19.61 55.38 -0.40
N TYR A 41 -19.80 55.44 0.91
CA TYR A 41 -21.06 55.88 1.58
C TYR A 41 -21.08 57.30 2.17
N LEU A 42 -19.97 58.00 2.45
CA LEU A 42 -20.04 59.24 3.30
C LEU A 42 -19.54 60.48 2.55
N ARG A 43 -20.33 61.55 2.55
CA ARG A 43 -19.92 62.88 2.00
C ARG A 43 -19.27 63.73 3.10
N SER A 44 -19.46 63.37 4.37
CA SER A 44 -19.02 64.18 5.54
C SER A 44 -19.10 63.38 6.84
N ASN A 45 -18.50 63.92 7.92
CA ASN A 45 -18.55 63.32 9.27
C ASN A 45 -17.89 61.94 9.16
N PRO A 46 -16.61 61.89 8.75
CA PRO A 46 -15.91 60.63 8.56
C PRO A 46 -15.90 59.76 9.80
N LEU A 47 -15.87 60.37 11.00
CA LEU A 47 -15.72 59.64 12.29
C LEU A 47 -17.07 59.53 13.00
N MET A 48 -18.16 59.89 12.34
CA MET A 48 -19.53 59.68 12.87
C MET A 48 -19.67 60.41 14.22
N LYS A 49 -19.16 61.65 14.30
CA LYS A 49 -19.26 62.54 15.50
C LYS A 49 -20.68 63.08 15.56
N GLU A 50 -21.38 62.88 16.68
CA GLU A 50 -22.78 63.34 16.96
C GLU A 50 -22.89 64.82 16.56
N PRO A 51 -23.87 65.23 15.73
CA PRO A 51 -24.91 64.35 15.19
C PRO A 51 -24.47 63.58 13.92
N PHE A 52 -24.81 62.29 13.85
CA PHE A 52 -24.51 61.41 12.69
C PHE A 52 -25.82 61.00 12.01
N THR A 53 -26.16 61.64 10.88
CA THR A 53 -27.49 61.54 10.21
C THR A 53 -27.39 61.09 8.75
N ARG A 54 -28.53 60.82 8.15
CA ARG A 54 -28.63 60.51 6.69
C ARG A 54 -28.16 61.71 5.85
N GLU A 55 -27.96 62.89 6.43
CA GLU A 55 -27.48 64.05 5.63
C GLU A 55 -25.98 63.86 5.35
N ASP A 56 -25.34 62.94 6.07
CA ASP A 56 -23.88 62.64 6.00
C ASP A 56 -23.57 61.62 4.86
N VAL A 57 -24.55 60.83 4.43
CA VAL A 57 -24.38 59.77 3.39
C VAL A 57 -24.46 60.40 2.01
N LYS A 58 -23.72 59.87 1.03
CA LYS A 58 -23.76 60.37 -0.37
C LYS A 58 -25.10 59.99 -1.01
N HIS A 59 -25.61 60.82 -1.92
CA HIS A 59 -26.94 60.60 -2.58
C HIS A 59 -26.91 59.39 -3.50
N ARG A 60 -25.87 59.31 -4.34
CA ARG A 60 -25.61 58.18 -5.28
C ARG A 60 -24.42 57.41 -4.72
N LEU A 61 -24.66 56.16 -4.32
CA LEU A 61 -23.61 55.19 -3.91
C LEU A 61 -22.88 54.66 -5.16
N VAL A 62 -21.58 54.87 -5.25
CA VAL A 62 -20.75 54.39 -6.39
C VAL A 62 -19.55 53.66 -5.81
N GLY A 63 -19.32 52.46 -6.28
CA GLY A 63 -18.18 51.67 -5.82
C GLY A 63 -18.60 50.25 -5.54
N HIS A 64 -17.61 49.42 -5.17
CA HIS A 64 -17.71 47.95 -5.04
C HIS A 64 -17.14 47.53 -3.69
N TRP A 65 -18.00 46.96 -2.87
CA TRP A 65 -17.65 46.41 -1.55
C TRP A 65 -17.20 44.96 -1.71
N GLY A 66 -17.89 44.13 -2.51
CA GLY A 66 -17.73 42.66 -2.54
C GLY A 66 -16.27 42.19 -2.41
N THR A 67 -15.39 42.63 -3.31
CA THR A 67 -14.01 42.14 -3.42
C THR A 67 -13.16 42.77 -2.27
N THR A 68 -13.56 43.96 -1.83
CA THR A 68 -12.73 44.94 -1.08
C THR A 68 -12.24 44.39 0.27
N PRO A 69 -13.05 43.74 1.13
CA PRO A 69 -12.52 43.23 2.38
C PRO A 69 -11.46 42.13 2.22
N GLY A 70 -11.57 41.30 1.17
CA GLY A 70 -10.58 40.25 0.90
C GLY A 70 -9.28 40.89 0.45
N LEU A 71 -9.39 41.98 -0.28
CA LEU A 71 -8.20 42.71 -0.77
C LEU A 71 -7.48 43.33 0.44
N ASN A 72 -8.24 43.96 1.32
CA ASN A 72 -7.76 44.72 2.52
C ASN A 72 -7.03 43.70 3.41
N PHE A 73 -7.52 42.45 3.49
CA PHE A 73 -6.88 41.34 4.21
C PHE A 73 -5.55 41.01 3.54
N LEU A 74 -5.54 40.72 2.25
CA LEU A 74 -4.27 40.27 1.63
C LEU A 74 -3.21 41.37 1.79
N ILE A 75 -3.57 42.63 1.56
CA ILE A 75 -2.61 43.76 1.49
C ILE A 75 -2.07 44.08 2.92
N GLY A 76 -2.91 43.97 3.96
CA GLY A 76 -2.42 44.07 5.35
C GLY A 76 -1.25 43.11 5.55
N HIS A 77 -1.51 41.86 5.20
CA HIS A 77 -0.59 40.71 5.38
C HIS A 77 0.66 40.84 4.53
N ILE A 78 0.52 41.35 3.32
CA ILE A 78 1.67 41.64 2.40
C ILE A 78 2.50 42.82 2.96
N ASN A 79 1.86 43.86 3.46
CA ASN A 79 2.51 44.99 4.15
C ASN A 79 3.38 44.44 5.31
N ARG A 80 2.81 43.60 6.19
CA ARG A 80 3.55 42.94 7.30
C ARG A 80 4.80 42.27 6.76
N PHE A 81 4.60 41.38 5.79
CA PHE A 81 5.63 40.59 5.08
C PHE A 81 6.70 41.47 4.45
N ILE A 82 6.32 42.61 3.85
CA ILE A 82 7.30 43.47 3.16
C ILE A 82 8.27 43.99 4.23
N ALA A 83 7.74 44.47 5.34
CA ALA A 83 8.50 45.18 6.41
C ALA A 83 9.43 44.17 7.08
N ASP A 84 8.89 43.00 7.43
CA ASP A 84 9.62 41.91 8.13
C ASP A 84 10.73 41.30 7.26
N HIS A 85 10.69 41.41 5.93
CA HIS A 85 11.64 40.71 5.03
C HIS A 85 12.48 41.68 4.21
N GLY A 86 12.06 42.93 4.05
CA GLY A 86 12.67 43.92 3.13
C GLY A 86 12.53 43.53 1.66
N GLN A 87 11.38 43.00 1.27
CA GLN A 87 11.20 42.37 -0.07
C GLN A 87 10.65 43.43 -1.04
N ASN A 88 11.43 43.80 -2.05
CA ASN A 88 10.96 44.55 -3.24
C ASN A 88 9.65 43.94 -3.74
N THR A 89 8.51 44.63 -3.56
CA THR A 89 7.17 44.05 -3.80
C THR A 89 6.28 45.04 -4.53
N VAL A 90 5.75 44.60 -5.69
CA VAL A 90 4.67 45.29 -6.46
C VAL A 90 3.47 44.33 -6.50
N ILE A 91 2.27 44.81 -6.20
CA ILE A 91 1.01 44.01 -6.21
C ILE A 91 0.26 44.25 -7.54
N ILE A 92 -0.50 43.26 -8.00
CA ILE A 92 -1.40 43.43 -9.16
C ILE A 92 -2.79 43.14 -8.63
N MET A 93 -3.61 44.17 -8.53
CA MET A 93 -5.01 44.05 -8.12
C MET A 93 -5.87 43.69 -9.38
N GLY A 94 -6.00 42.39 -9.66
CA GLY A 94 -6.82 41.91 -10.77
C GLY A 94 -8.20 42.56 -10.71
N PRO A 95 -8.89 42.39 -9.55
CA PRO A 95 -10.22 42.95 -9.35
C PRO A 95 -10.13 44.45 -9.12
N GLY A 96 -9.89 45.23 -10.17
CA GLY A 96 -9.58 46.65 -10.08
C GLY A 96 -10.75 47.46 -9.55
N HIS A 97 -11.94 46.89 -9.64
CA HIS A 97 -13.17 47.54 -9.13
C HIS A 97 -13.03 47.73 -7.60
N GLY A 98 -12.09 46.99 -7.00
CA GLY A 98 -11.62 47.13 -5.58
C GLY A 98 -10.83 48.41 -5.32
N GLY A 99 -11.11 49.49 -6.06
CA GLY A 99 -10.39 50.77 -5.97
C GLY A 99 -10.12 51.16 -4.52
N PRO A 100 -11.16 51.10 -3.67
CA PRO A 100 -11.05 51.45 -2.26
C PRO A 100 -9.93 50.77 -1.44
N ALA A 101 -9.52 49.56 -1.81
CA ALA A 101 -8.42 48.86 -1.08
C ALA A 101 -7.11 49.57 -1.44
N GLY A 102 -7.09 50.20 -2.61
CA GLY A 102 -5.85 50.76 -3.17
C GLY A 102 -5.63 52.15 -2.66
N THR A 103 -6.69 52.92 -2.55
CA THR A 103 -6.65 54.30 -2.03
C THR A 103 -6.34 54.19 -0.54
N SER A 104 -7.04 53.29 0.17
CA SER A 104 -6.85 53.01 1.61
C SER A 104 -5.39 52.64 1.85
N GLN A 105 -4.82 51.75 1.04
CA GLN A 105 -3.41 51.32 1.19
C GLN A 105 -2.53 52.56 1.23
N SER A 106 -2.68 53.46 0.25
CA SER A 106 -1.77 54.59 -0.02
C SER A 106 -1.96 55.69 1.04
N TYR A 107 -3.18 55.86 1.53
CA TYR A 107 -3.47 56.76 2.67
C TYR A 107 -2.68 56.26 3.90
N LEU A 108 -2.72 54.96 4.17
CA LEU A 108 -2.22 54.34 5.42
C LEU A 108 -0.70 54.20 5.38
N ASP A 109 -0.07 54.28 4.22
CA ASP A 109 1.40 54.06 4.09
C ASP A 109 2.08 55.42 3.87
N GLY A 110 1.28 56.47 3.76
CA GLY A 110 1.79 57.84 3.72
C GLY A 110 1.94 58.36 2.32
N THR A 111 1.94 57.51 1.30
CA THR A 111 2.19 57.97 -0.10
C THR A 111 1.03 58.89 -0.58
N TYR A 112 -0.18 58.71 -0.07
CA TYR A 112 -1.33 59.51 -0.55
C TYR A 112 -1.12 60.98 -0.17
N THR A 113 -0.80 61.26 1.09
CA THR A 113 -0.62 62.63 1.64
C THR A 113 0.63 63.26 1.04
N GLU A 114 1.68 62.47 0.81
CA GLU A 114 2.90 62.92 0.09
C GLU A 114 2.57 63.35 -1.34
N THR A 115 1.70 62.63 -2.05
CA THR A 115 1.40 62.90 -3.49
C THR A 115 0.31 63.97 -3.59
N PHE A 116 -0.70 63.88 -2.71
CA PHE A 116 -1.89 64.78 -2.61
C PHE A 116 -1.88 65.50 -1.25
N PRO A 117 -1.15 66.63 -1.10
CA PRO A 117 -0.97 67.26 0.22
C PRO A 117 -2.25 67.80 0.87
N LYS A 118 -3.22 68.29 0.10
CA LYS A 118 -4.57 68.62 0.64
C LYS A 118 -5.18 67.40 1.37
N ILE A 119 -4.76 66.17 1.12
CA ILE A 119 -5.45 65.03 1.77
C ILE A 119 -4.68 64.64 3.06
N THR A 120 -4.97 65.37 4.14
CA THR A 120 -4.16 65.38 5.38
C THR A 120 -4.51 64.16 6.23
N LYS A 121 -3.66 63.86 7.21
CA LYS A 121 -3.82 62.78 8.19
C LYS A 121 -4.60 63.30 9.42
N ASP A 122 -5.84 63.75 9.19
CA ASP A 122 -6.73 64.32 10.26
C ASP A 122 -8.20 64.26 9.81
N GLU A 123 -9.11 64.61 10.70
CA GLU A 123 -10.58 64.65 10.43
C GLU A 123 -10.81 65.36 9.09
N ALA A 124 -10.17 66.50 8.86
CA ALA A 124 -10.51 67.38 7.72
C ALA A 124 -10.10 66.66 6.44
N GLY A 125 -8.96 65.97 6.46
CA GLY A 125 -8.44 65.23 5.29
C GLY A 125 -9.28 63.99 5.03
N LEU A 126 -9.60 63.25 6.07
CA LEU A 126 -10.47 62.07 6.03
C LEU A 126 -11.80 62.45 5.40
N GLN A 127 -12.29 63.66 5.64
CA GLN A 127 -13.59 64.11 5.09
C GLN A 127 -13.38 64.28 3.57
N LYS A 128 -12.25 64.86 3.16
CA LYS A 128 -11.99 65.09 1.73
C LYS A 128 -11.81 63.73 1.01
N PHE A 129 -11.12 62.80 1.69
CA PHE A 129 -10.75 61.44 1.21
C PHE A 129 -11.99 60.57 0.97
N PHE A 130 -12.93 60.51 1.93
CA PHE A 130 -14.26 59.88 1.74
C PHE A 130 -15.02 60.53 0.58
N ARG A 131 -15.19 61.84 0.59
CA ARG A 131 -16.05 62.49 -0.43
C ARG A 131 -15.46 62.27 -1.83
N GLN A 132 -14.16 62.48 -2.01
CA GLN A 132 -13.60 62.61 -3.38
C GLN A 132 -13.79 61.30 -4.16
N PHE A 133 -13.98 60.17 -3.47
CA PHE A 133 -13.96 58.85 -4.14
C PHE A 133 -15.18 58.70 -5.08
N SER A 134 -14.98 58.45 -6.38
CA SER A 134 -16.04 58.20 -7.39
C SER A 134 -17.07 59.33 -7.35
N TYR A 135 -16.59 60.56 -7.28
CA TYR A 135 -17.38 61.79 -7.00
C TYR A 135 -16.96 62.82 -8.04
N PRO A 136 -17.87 63.63 -8.59
CA PRO A 136 -17.50 64.61 -9.62
C PRO A 136 -16.41 65.55 -9.09
N GLY A 137 -15.34 65.75 -9.85
CA GLY A 137 -14.18 66.51 -9.36
C GLY A 137 -13.16 65.62 -8.68
N GLY A 138 -13.55 64.43 -8.19
CA GLY A 138 -12.74 63.58 -7.30
C GLY A 138 -11.84 62.61 -8.04
N ILE A 139 -11.75 61.37 -7.54
CA ILE A 139 -10.86 60.31 -8.09
C ILE A 139 -11.71 59.15 -8.57
N PRO A 140 -11.12 58.27 -9.41
CA PRO A 140 -11.86 57.16 -10.01
C PRO A 140 -12.28 56.06 -9.02
N SER A 141 -13.13 55.12 -9.47
CA SER A 141 -13.72 54.02 -8.67
C SER A 141 -12.79 52.79 -8.60
N HIS A 142 -11.75 52.81 -9.43
CA HIS A 142 -10.83 51.67 -9.73
C HIS A 142 -9.40 51.99 -9.27
N PHE A 143 -8.51 51.00 -9.28
CA PHE A 143 -7.10 51.20 -8.93
C PHE A 143 -6.43 51.94 -10.08
N ALA A 144 -6.86 53.15 -10.33
CA ALA A 144 -6.43 53.92 -11.50
C ALA A 144 -4.98 54.38 -11.35
N PRO A 145 -4.42 54.89 -12.45
CA PRO A 145 -3.08 55.45 -12.44
C PRO A 145 -2.96 56.68 -11.54
N GLU A 146 -4.08 57.28 -11.15
CA GLU A 146 -4.11 58.41 -10.20
C GLU A 146 -3.72 57.91 -8.80
N THR A 147 -3.56 56.58 -8.61
CA THR A 147 -3.31 55.94 -7.27
C THR A 147 -1.86 55.50 -7.17
N PRO A 148 -1.14 55.95 -6.13
CA PRO A 148 0.18 55.42 -5.83
C PRO A 148 0.09 53.91 -5.61
N GLY A 149 1.01 53.16 -6.23
CA GLY A 149 1.10 51.69 -6.16
C GLY A 149 0.48 50.99 -7.36
N SER A 150 -0.38 51.64 -8.16
CA SER A 150 -0.99 51.00 -9.34
C SER A 150 -0.08 51.05 -10.57
N ILE A 151 0.16 49.89 -11.18
CA ILE A 151 0.60 49.76 -12.60
C ILE A 151 -0.47 49.00 -13.38
N HIS A 152 -1.66 48.82 -12.82
CA HIS A 152 -2.71 47.90 -13.34
C HIS A 152 -4.07 48.30 -12.79
N GLU A 153 -4.92 48.96 -13.59
CA GLU A 153 -6.23 49.48 -13.13
C GLU A 153 -7.21 48.35 -12.87
N GLY A 154 -7.19 47.31 -13.69
CA GLY A 154 -8.12 46.17 -13.57
C GLY A 154 -9.56 46.56 -13.89
N GLY A 155 -9.74 47.60 -14.71
CA GLY A 155 -11.08 48.01 -15.20
C GLY A 155 -11.63 46.94 -16.13
N GLU A 156 -10.84 46.59 -17.15
CA GLU A 156 -11.12 45.49 -18.09
C GLU A 156 -10.35 44.29 -17.60
N LEU A 157 -11.07 43.28 -17.16
CA LEU A 157 -10.50 42.08 -16.52
C LEU A 157 -9.78 41.24 -17.55
N GLY A 158 -8.76 40.51 -17.10
CA GLY A 158 -8.10 39.43 -17.85
C GLY A 158 -6.59 39.57 -17.83
N TYR A 159 -6.06 40.77 -17.53
CA TYR A 159 -4.65 41.08 -17.85
C TYR A 159 -3.77 41.00 -16.60
N ALA A 160 -4.24 40.34 -15.54
CA ALA A 160 -3.57 40.34 -14.22
C ALA A 160 -2.26 39.56 -14.30
N LEU A 161 -2.29 38.36 -14.90
CA LEU A 161 -1.10 37.46 -14.92
C LEU A 161 -0.14 37.91 -16.02
N SER A 162 -0.62 38.45 -17.14
CA SER A 162 0.32 38.86 -18.20
C SER A 162 1.11 40.07 -17.69
N HIS A 163 0.46 40.97 -16.98
CA HIS A 163 1.17 42.15 -16.42
C HIS A 163 2.17 41.70 -15.29
N ALA A 164 1.70 40.82 -14.39
CA ALA A 164 2.54 40.23 -13.31
C ALA A 164 3.83 39.66 -13.92
N TYR A 165 3.70 38.83 -14.95
CA TYR A 165 4.87 38.10 -15.49
C TYR A 165 5.77 39.06 -16.28
N GLY A 166 5.21 40.05 -16.98
CA GLY A 166 5.98 41.11 -17.66
C GLY A 166 6.81 41.93 -16.66
N ALA A 167 6.26 42.26 -15.50
CA ALA A 167 6.92 43.08 -14.46
C ALA A 167 8.19 42.41 -13.93
N ILE A 168 8.23 41.07 -13.84
CA ILE A 168 9.34 40.34 -13.16
C ILE A 168 10.45 40.03 -14.15
N MET A 169 10.24 40.19 -15.46
CA MET A 169 11.28 39.84 -16.48
C MET A 169 12.48 40.79 -16.34
N ASP A 170 13.67 40.20 -16.33
CA ASP A 170 14.95 40.93 -16.11
C ASP A 170 14.84 41.75 -14.83
N ASN A 171 14.09 41.28 -13.85
CA ASN A 171 13.79 42.02 -12.60
C ASN A 171 13.96 41.02 -11.46
N PRO A 172 15.18 40.50 -11.21
CA PRO A 172 15.39 39.32 -10.34
C PRO A 172 15.12 39.52 -8.84
N SER A 173 15.10 40.77 -8.36
CA SER A 173 14.85 41.11 -6.94
C SER A 173 13.34 41.31 -6.74
N LEU A 174 12.55 41.37 -7.82
CA LEU A 174 11.13 41.78 -7.69
C LEU A 174 10.25 40.57 -7.43
N PHE A 175 9.27 40.79 -6.54
CA PHE A 175 8.24 39.82 -6.13
C PHE A 175 6.91 40.46 -6.43
N VAL A 176 6.01 39.73 -7.13
CA VAL A 176 4.66 40.24 -7.51
C VAL A 176 3.65 39.20 -7.08
N PRO A 177 2.98 39.43 -5.94
CA PRO A 177 1.74 38.75 -5.66
C PRO A 177 0.66 39.30 -6.61
N ALA A 178 0.20 38.47 -7.55
CA ALA A 178 -0.81 38.84 -8.55
C ALA A 178 -2.17 38.29 -8.11
N ILE A 179 -3.01 39.18 -7.62
CA ILE A 179 -4.40 38.89 -7.13
C ILE A 179 -5.33 38.84 -8.34
N VAL A 180 -5.90 37.65 -8.55
CA VAL A 180 -6.71 37.27 -9.74
C VAL A 180 -8.13 37.04 -9.25
N GLY A 181 -9.12 37.73 -9.80
CA GLY A 181 -10.53 37.44 -9.51
C GLY A 181 -10.91 36.08 -10.04
N ASP A 182 -11.92 35.46 -9.44
CA ASP A 182 -12.31 34.08 -9.80
C ASP A 182 -13.26 34.19 -11.00
N GLY A 183 -14.02 35.28 -11.07
CA GLY A 183 -14.70 35.73 -12.30
C GLY A 183 -13.71 36.03 -13.42
N GLU A 184 -12.68 36.81 -13.10
CA GLU A 184 -11.62 37.19 -14.07
C GLU A 184 -10.95 35.91 -14.61
N ALA A 185 -10.82 34.86 -13.81
CA ALA A 185 -10.20 33.59 -14.23
C ALA A 185 -10.99 32.92 -15.37
N GLU A 186 -12.25 33.34 -15.60
CA GLU A 186 -13.14 32.76 -16.65
C GLU A 186 -12.85 33.44 -17.99
N THR A 187 -12.12 34.56 -18.02
CA THR A 187 -11.80 35.30 -19.27
C THR A 187 -10.74 34.48 -19.99
N GLY A 188 -10.61 34.67 -21.30
CA GLY A 188 -9.58 33.98 -22.08
C GLY A 188 -8.17 34.47 -21.74
N PRO A 189 -7.93 35.80 -21.73
CA PRO A 189 -6.60 36.34 -21.44
C PRO A 189 -6.01 35.81 -20.14
N LEU A 190 -6.84 35.65 -19.10
CA LEU A 190 -6.36 35.13 -17.79
C LEU A 190 -6.03 33.63 -17.92
N ALA A 191 -6.94 32.86 -18.50
CA ALA A 191 -6.80 31.40 -18.65
C ALA A 191 -5.42 31.09 -19.20
N THR A 192 -5.01 31.78 -20.24
CA THR A 192 -3.68 31.51 -20.88
C THR A 192 -2.53 32.12 -20.04
N GLY A 193 -2.75 33.11 -19.18
CA GLY A 193 -1.68 33.78 -18.41
C GLY A 193 -1.05 32.83 -17.41
N TRP A 194 -1.81 31.83 -16.95
CA TRP A 194 -1.28 30.84 -16.00
C TRP A 194 -0.04 30.21 -16.57
N GLN A 195 0.05 30.06 -17.89
CA GLN A 195 1.09 29.23 -18.54
C GLN A 195 2.40 30.02 -18.65
N SER A 196 2.41 31.30 -18.26
CA SER A 196 3.60 32.20 -18.34
C SER A 196 4.76 31.60 -17.53
N ASN A 197 4.49 30.64 -16.67
CA ASN A 197 5.53 30.12 -15.77
C ASN A 197 6.51 29.25 -16.58
N LYS A 198 6.25 28.89 -17.84
CA LYS A 198 7.34 28.20 -18.61
C LYS A 198 8.04 29.16 -19.58
N LEU A 199 7.91 30.47 -19.39
CA LEU A 199 8.56 31.50 -20.22
C LEU A 199 9.41 32.44 -19.34
N VAL A 200 9.59 32.13 -18.07
CA VAL A 200 10.39 32.94 -17.11
C VAL A 200 11.41 32.00 -16.51
N ASN A 201 12.56 32.57 -16.11
CA ASN A 201 13.66 31.80 -15.50
C ASN A 201 13.83 32.33 -14.08
N PRO A 202 13.87 31.46 -13.04
CA PRO A 202 13.89 31.93 -11.66
C PRO A 202 15.26 32.52 -11.29
N ARG A 203 16.24 32.51 -12.19
CA ARG A 203 17.52 33.19 -11.87
C ARG A 203 17.56 34.58 -12.47
N THR A 204 17.22 34.75 -13.74
CA THR A 204 17.31 36.05 -14.45
C THR A 204 16.03 36.88 -14.27
N ASP A 205 14.92 36.26 -13.88
CA ASP A 205 13.65 36.99 -13.65
C ASP A 205 13.28 36.94 -12.17
N GLY A 206 12.29 37.73 -11.79
CA GLY A 206 11.72 37.68 -10.45
C GLY A 206 10.73 36.55 -10.31
N ILE A 207 9.84 36.67 -9.32
CA ILE A 207 8.82 35.66 -8.97
C ILE A 207 7.44 36.32 -8.97
N VAL A 208 6.45 35.60 -9.52
CA VAL A 208 5.00 35.89 -9.40
C VAL A 208 4.40 34.83 -8.47
N LEU A 209 3.62 35.28 -7.48
CA LEU A 209 2.77 34.43 -6.64
C LEU A 209 1.33 34.75 -7.05
N PRO A 210 0.73 33.90 -7.91
CA PRO A 210 -0.66 34.12 -8.30
C PRO A 210 -1.46 33.82 -7.04
N ILE A 211 -2.45 34.67 -6.77
CA ILE A 211 -3.43 34.51 -5.67
C ILE A 211 -4.83 34.53 -6.26
N LEU A 212 -5.54 33.42 -6.18
CA LEU A 212 -6.91 33.33 -6.71
C LEU A 212 -7.85 33.80 -5.62
N HIS A 213 -8.46 34.97 -5.82
CA HIS A 213 -9.50 35.56 -4.94
C HIS A 213 -10.75 34.70 -5.15
N LEU A 214 -10.70 33.49 -4.63
CA LEU A 214 -11.83 32.54 -4.80
C LEU A 214 -12.93 32.92 -3.82
N ASN A 215 -13.63 34.03 -4.07
CA ASN A 215 -14.68 34.52 -3.14
C ASN A 215 -16.03 33.99 -3.59
N GLY A 216 -16.08 33.17 -4.64
CA GLY A 216 -17.21 32.25 -4.94
C GLY A 216 -18.16 32.82 -5.97
N TYR A 217 -18.03 34.11 -6.34
CA TYR A 217 -19.06 34.88 -7.09
C TYR A 217 -18.40 35.94 -7.96
N LYS A 218 -19.13 36.39 -8.98
CA LYS A 218 -18.82 37.56 -9.85
C LYS A 218 -20.00 38.51 -9.64
N ILE A 219 -20.56 39.18 -10.65
CA ILE A 219 -21.67 40.16 -10.41
C ILE A 219 -22.93 39.46 -9.95
N ALA A 220 -23.41 38.47 -10.71
CA ALA A 220 -24.77 37.89 -10.55
C ALA A 220 -24.74 36.37 -10.65
N ASN A 221 -23.57 35.77 -10.49
CA ASN A 221 -23.41 34.32 -10.76
C ASN A 221 -22.34 33.80 -9.84
N PRO A 222 -22.31 32.49 -9.60
CA PRO A 222 -21.15 31.89 -8.98
C PRO A 222 -20.04 31.88 -10.05
N THR A 223 -18.84 31.45 -9.65
CA THR A 223 -17.68 31.29 -10.52
C THR A 223 -17.48 29.80 -10.77
N ILE A 224 -17.09 29.44 -11.98
CA ILE A 224 -16.84 28.01 -12.32
C ILE A 224 -15.88 27.43 -11.28
N LEU A 225 -14.81 28.16 -10.96
CA LEU A 225 -13.62 27.59 -10.24
C LEU A 225 -13.98 27.37 -8.77
N SER A 226 -15.01 28.04 -8.27
CA SER A 226 -15.45 27.82 -6.88
C SER A 226 -16.48 26.68 -6.73
N ARG A 227 -17.03 26.15 -7.81
CA ARG A 227 -18.15 25.17 -7.75
C ARG A 227 -17.78 23.85 -8.42
N ILE A 228 -16.51 23.67 -8.77
CA ILE A 228 -15.92 22.38 -9.20
C ILE A 228 -15.33 21.72 -7.94
N SER A 229 -15.07 20.40 -7.94
CA SER A 229 -14.43 19.72 -6.79
C SER A 229 -13.10 20.40 -6.47
N ASP A 230 -12.69 20.34 -5.22
CA ASP A 230 -11.40 20.88 -4.74
C ASP A 230 -10.27 20.05 -5.39
N GLU A 231 -10.50 18.77 -5.56
CA GLU A 231 -9.54 17.87 -6.24
C GLU A 231 -9.34 18.42 -7.67
N GLU A 232 -10.40 18.71 -8.41
CA GLU A 232 -10.20 19.18 -9.81
C GLU A 232 -9.42 20.51 -9.78
N LEU A 233 -9.76 21.42 -8.87
CA LEU A 233 -9.10 22.75 -8.78
C LEU A 233 -7.57 22.62 -8.56
N HIS A 234 -7.11 21.63 -7.80
CA HIS A 234 -5.68 21.46 -7.40
C HIS A 234 -4.93 20.79 -8.55
N GLU A 235 -5.56 19.80 -9.20
CA GLU A 235 -4.97 19.11 -10.37
C GLU A 235 -4.74 20.16 -11.44
N PHE A 236 -5.74 20.99 -11.62
CA PHE A 236 -5.73 22.05 -12.64
C PHE A 236 -4.48 22.91 -12.42
N PHE A 237 -4.24 23.40 -11.19
CA PHE A 237 -3.09 24.32 -10.93
C PHE A 237 -1.78 23.51 -11.02
N HIS A 238 -1.77 22.23 -10.60
CA HIS A 238 -0.53 21.42 -10.60
C HIS A 238 -0.11 21.19 -12.04
N GLY A 239 -1.08 21.00 -12.93
CA GLY A 239 -0.84 20.65 -14.33
C GLY A 239 -0.32 21.84 -15.11
N MET A 240 -0.56 23.04 -14.62
CA MET A 240 0.03 24.29 -15.14
C MET A 240 1.32 24.62 -14.39
N GLY A 241 1.91 23.64 -13.70
CA GLY A 241 3.24 23.77 -13.09
C GLY A 241 3.27 24.60 -11.81
N TYR A 242 2.19 24.65 -11.04
CA TYR A 242 2.14 25.39 -9.75
C TYR A 242 1.98 24.38 -8.64
N GLU A 243 2.48 24.72 -7.44
CA GLU A 243 2.23 23.98 -6.19
C GLU A 243 1.11 24.74 -5.53
N PRO A 244 -0.14 24.23 -5.65
CA PRO A 244 -1.28 24.96 -5.13
C PRO A 244 -1.35 24.81 -3.61
N TYR A 245 -1.53 25.92 -2.90
CA TYR A 245 -1.82 26.01 -1.45
C TYR A 245 -3.17 26.67 -1.31
N GLU A 246 -3.97 26.20 -0.39
CA GLU A 246 -5.36 26.68 -0.25
C GLU A 246 -5.56 27.18 1.19
N PHE A 247 -6.16 28.34 1.31
CA PHE A 247 -6.55 28.96 2.56
C PHE A 247 -8.05 29.22 2.55
N VAL A 248 -8.74 28.66 3.52
CA VAL A 248 -10.19 28.87 3.73
C VAL A 248 -10.39 29.59 5.07
N ALA A 249 -11.12 30.71 5.07
CA ALA A 249 -11.50 31.41 6.31
C ALA A 249 -12.79 32.18 6.06
N GLY A 250 -13.53 32.50 7.12
CA GLY A 250 -14.67 33.44 7.10
C GLY A 250 -16.01 32.74 6.97
N PHE A 251 -16.06 31.42 6.82
CA PHE A 251 -17.32 30.66 6.61
C PHE A 251 -17.93 30.25 7.96
N ASP A 252 -17.21 30.41 9.07
CA ASP A 252 -17.63 29.97 10.44
C ASP A 252 -17.32 31.08 11.46
N ASP A 253 -17.28 30.77 12.75
CA ASP A 253 -17.07 31.74 13.85
C ASP A 253 -15.59 31.93 14.21
N GLU A 254 -14.64 31.29 13.55
CA GLU A 254 -13.21 31.43 13.87
C GLU A 254 -12.89 32.92 14.08
N ASP A 255 -12.12 33.22 15.13
CA ASP A 255 -11.84 34.62 15.53
C ASP A 255 -10.76 35.16 14.60
N HIS A 256 -10.78 36.46 14.33
CA HIS A 256 -9.90 37.13 13.35
C HIS A 256 -8.43 36.84 13.67
N MET A 257 -8.03 36.75 14.94
CA MET A 257 -6.60 36.60 15.32
C MET A 257 -6.14 35.18 14.97
N SER A 258 -6.97 34.18 15.22
CA SER A 258 -6.71 32.79 14.78
C SER A 258 -6.55 32.77 13.24
N ILE A 259 -7.42 33.45 12.51
CA ILE A 259 -7.38 33.52 11.02
C ILE A 259 -6.05 34.13 10.57
N HIS A 260 -5.66 35.26 11.16
CA HIS A 260 -4.38 35.96 10.87
C HIS A 260 -3.18 35.05 11.14
N ARG A 261 -3.26 34.21 12.16
CA ARG A 261 -2.10 33.39 12.59
C ARG A 261 -1.93 32.27 11.55
N ARG A 262 -3.02 31.57 11.27
CA ARG A 262 -3.09 30.53 10.21
C ARG A 262 -2.56 31.11 8.91
N PHE A 263 -3.05 32.28 8.49
CA PHE A 263 -2.59 32.95 7.23
C PHE A 263 -1.09 33.29 7.24
N ALA A 264 -0.55 33.98 8.24
CA ALA A 264 0.89 34.37 8.27
C ALA A 264 1.76 33.10 8.18
N GLU A 265 1.39 32.07 8.93
CA GLU A 265 2.13 30.79 8.99
C GLU A 265 2.11 30.21 7.58
N LEU A 266 0.94 30.19 6.94
CA LEU A 266 0.83 29.68 5.56
C LEU A 266 1.72 30.55 4.68
N TRP A 267 1.62 31.87 4.82
CA TRP A 267 2.29 32.83 3.91
C TRP A 267 3.82 32.64 4.01
N GLU A 268 4.33 32.39 5.22
CA GLU A 268 5.80 32.20 5.46
C GLU A 268 6.26 30.84 4.91
N THR A 269 5.44 29.80 5.04
CA THR A 269 5.72 28.46 4.45
C THR A 269 5.85 28.60 2.94
N ILE A 270 4.90 29.27 2.30
CA ILE A 270 4.98 29.59 0.85
C ILE A 270 6.25 30.40 0.62
N TRP A 271 6.53 31.41 1.45
CA TRP A 271 7.70 32.29 1.22
C TRP A 271 9.01 31.48 1.26
N ASP A 272 9.12 30.55 2.21
CA ASP A 272 10.32 29.68 2.36
C ASP A 272 10.57 28.90 1.05
N GLU A 273 9.50 28.35 0.51
CA GLU A 273 9.55 27.55 -0.73
C GLU A 273 10.04 28.48 -1.85
N ILE A 274 9.46 29.66 -1.99
CA ILE A 274 9.95 30.64 -2.99
C ILE A 274 11.45 30.94 -2.74
N CYS A 275 11.87 31.14 -1.49
CA CYS A 275 13.31 31.43 -1.21
C CYS A 275 14.17 30.22 -1.60
N ASP A 276 13.69 28.98 -1.41
CA ASP A 276 14.47 27.77 -1.78
C ASP A 276 14.66 27.79 -3.30
N ILE A 277 13.61 28.18 -4.03
CA ILE A 277 13.58 28.26 -5.52
C ILE A 277 14.61 29.28 -5.97
N LYS A 278 14.66 30.43 -5.32
CA LYS A 278 15.64 31.51 -5.67
C LYS A 278 17.09 31.11 -5.37
N ALA A 279 17.32 30.31 -4.34
CA ALA A 279 18.66 29.85 -3.91
C ALA A 279 19.12 28.71 -4.83
N THR A 280 18.28 27.71 -5.04
CA THR A 280 18.50 26.66 -6.05
C THR A 280 18.87 27.31 -7.39
N ALA A 281 18.12 28.33 -7.83
CA ALA A 281 18.25 28.98 -9.17
C ALA A 281 19.63 29.62 -9.38
N GLN A 282 20.40 29.92 -8.31
CA GLN A 282 21.81 30.43 -8.42
C GLN A 282 22.75 29.30 -8.85
N THR A 283 22.38 28.03 -8.65
CA THR A 283 23.21 26.84 -9.03
C THR A 283 22.65 26.14 -10.28
N ASP A 284 21.36 25.83 -10.26
CA ASP A 284 20.63 25.12 -11.33
C ASP A 284 19.46 26.01 -11.78
N ASN A 285 19.50 26.57 -12.97
CA ASN A 285 18.40 27.42 -13.49
C ASN A 285 17.91 26.85 -14.82
N VAL A 286 18.17 25.56 -15.09
CA VAL A 286 17.70 24.88 -16.33
C VAL A 286 16.51 23.96 -16.01
N HIS A 287 16.34 23.46 -14.79
CA HIS A 287 15.17 22.68 -14.30
C HIS A 287 14.08 23.61 -13.80
N ARG A 288 12.89 23.54 -14.41
CA ARG A 288 11.72 24.39 -14.05
C ARG A 288 11.21 23.90 -12.69
N PRO A 289 11.08 24.79 -11.68
CA PRO A 289 10.40 24.41 -10.45
C PRO A 289 8.87 24.53 -10.58
N PHE A 290 8.18 23.86 -9.69
CA PHE A 290 6.75 24.10 -9.42
C PHE A 290 6.68 25.32 -8.50
N TYR A 291 6.15 26.42 -9.04
CA TYR A 291 5.98 27.72 -8.33
C TYR A 291 4.71 27.66 -7.48
N PRO A 292 4.76 28.07 -6.19
CA PRO A 292 3.57 28.12 -5.36
C PRO A 292 2.56 29.05 -6.01
N MET A 293 1.30 28.75 -5.73
CA MET A 293 0.19 29.73 -5.87
C MET A 293 -0.75 29.50 -4.70
N LEU A 294 -1.50 30.53 -4.35
CA LEU A 294 -2.46 30.52 -3.25
C LEU A 294 -3.88 30.60 -3.81
N ILE A 295 -4.70 29.62 -3.44
CA ILE A 295 -6.17 29.65 -3.57
C ILE A 295 -6.68 30.26 -2.26
N PHE A 296 -7.25 31.45 -2.32
CA PHE A 296 -7.78 32.22 -1.18
C PHE A 296 -9.31 32.17 -1.19
N ARG A 297 -9.91 31.33 -0.33
CA ARG A 297 -11.36 31.03 -0.29
C ARG A 297 -11.95 31.69 0.95
N THR A 298 -12.62 32.82 0.74
CA THR A 298 -13.26 33.69 1.76
C THR A 298 -14.64 34.11 1.27
N PRO A 299 -15.60 34.46 2.14
CA PRO A 299 -16.92 34.86 1.65
C PRO A 299 -16.81 36.23 0.98
N LYS A 300 -17.46 36.37 -0.17
CA LYS A 300 -17.60 37.68 -0.84
C LYS A 300 -18.28 38.68 0.10
N GLY A 301 -17.73 39.89 0.18
CA GLY A 301 -18.23 40.97 1.04
C GLY A 301 -17.86 40.76 2.49
N TRP A 302 -17.02 39.77 2.80
CA TRP A 302 -16.49 39.42 4.15
C TRP A 302 -16.56 40.59 5.12
N THR A 303 -17.29 40.42 6.21
CA THR A 303 -17.46 41.36 7.37
C THR A 303 -18.57 42.38 7.15
N CYS A 304 -19.26 42.40 6.02
CA CYS A 304 -20.54 43.15 5.84
C CYS A 304 -21.64 42.37 6.55
N PRO A 305 -22.82 42.96 6.81
CA PRO A 305 -23.91 42.24 7.48
C PRO A 305 -24.33 40.98 6.71
N LYS A 306 -24.45 39.86 7.41
CA LYS A 306 -24.77 38.53 6.82
C LYS A 306 -26.07 38.60 6.02
N TYR A 307 -27.11 39.23 6.57
CA TYR A 307 -28.42 39.38 5.89
C TYR A 307 -28.83 40.86 5.89
N ILE A 308 -29.48 41.28 4.82
CA ILE A 308 -30.01 42.67 4.68
C ILE A 308 -31.34 42.57 3.96
N ASP A 309 -32.41 42.92 4.66
CA ASP A 309 -33.79 42.84 4.11
C ASP A 309 -34.07 41.36 3.83
N GLY A 310 -33.62 40.46 4.71
CA GLY A 310 -33.88 39.02 4.60
C GLY A 310 -33.23 38.37 3.38
N LYS A 311 -32.22 39.02 2.76
CA LYS A 311 -31.48 38.45 1.61
C LYS A 311 -30.02 38.24 2.00
N LYS A 312 -29.45 37.08 1.67
CA LYS A 312 -28.05 36.73 2.02
C LYS A 312 -27.09 37.67 1.28
N THR A 313 -26.16 38.27 2.02
CA THR A 313 -25.33 39.38 1.53
C THR A 313 -23.85 39.02 1.67
N GLU A 314 -23.38 38.64 2.84
CA GLU A 314 -22.00 38.09 2.98
C GLU A 314 -22.02 36.69 2.36
N GLY A 315 -21.04 36.37 1.53
CA GLY A 315 -21.01 35.06 0.84
C GLY A 315 -22.06 35.01 -0.26
N SER A 316 -22.31 36.15 -0.90
CA SER A 316 -23.24 36.25 -2.04
C SER A 316 -22.76 37.28 -3.07
N TRP A 317 -23.25 37.10 -4.29
CA TRP A 317 -23.09 38.03 -5.42
C TRP A 317 -23.78 39.34 -5.07
N ARG A 318 -24.78 39.30 -4.16
CA ARG A 318 -25.55 40.50 -3.74
C ARG A 318 -24.61 41.53 -3.11
N SER A 319 -23.46 41.13 -2.57
CA SER A 319 -22.49 42.07 -1.95
C SER A 319 -21.59 42.74 -3.00
N HIS A 320 -21.79 42.47 -4.28
CA HIS A 320 -20.77 42.71 -5.31
C HIS A 320 -20.48 44.20 -5.40
N GLN A 321 -21.54 44.99 -5.32
CA GLN A 321 -21.49 46.45 -5.62
C GLN A 321 -21.57 47.16 -4.28
N VAL A 322 -22.77 47.27 -3.73
CA VAL A 322 -23.03 47.72 -2.34
C VAL A 322 -23.98 46.71 -1.75
N PRO A 323 -23.72 46.12 -0.57
CA PRO A 323 -24.65 45.16 0.02
C PRO A 323 -25.97 45.84 0.44
N LEU A 324 -25.90 47.14 0.68
CA LEU A 324 -26.97 47.98 1.25
C LEU A 324 -27.19 49.13 0.27
N ALA A 325 -28.29 49.06 -0.51
CA ALA A 325 -28.56 49.81 -1.76
C ALA A 325 -28.64 51.30 -1.50
N SER A 326 -29.20 51.67 -0.36
CA SER A 326 -29.39 53.07 0.11
C SER A 326 -29.08 53.14 1.62
N ALA A 327 -28.58 54.28 2.08
CA ALA A 327 -28.52 54.59 3.51
C ALA A 327 -29.39 55.81 3.83
N ARG A 328 -30.03 56.41 2.81
CA ARG A 328 -30.85 57.65 2.91
C ARG A 328 -32.34 57.34 2.80
N ASP A 329 -32.74 56.26 2.12
CA ASP A 329 -34.17 55.95 1.90
C ASP A 329 -34.87 55.80 3.27
N THR A 330 -34.28 55.13 4.25
CA THR A 330 -34.98 54.90 5.55
C THR A 330 -33.98 54.92 6.71
N GLU A 331 -34.49 55.07 7.93
CA GLU A 331 -33.72 55.07 9.19
C GLU A 331 -33.21 53.64 9.46
N ALA A 332 -33.95 52.60 9.03
CA ALA A 332 -33.61 51.17 9.27
C ALA A 332 -32.35 50.84 8.48
N HIS A 333 -32.25 51.40 7.26
CA HIS A 333 -31.11 51.23 6.32
C HIS A 333 -29.91 52.04 6.84
N PHE A 334 -30.07 53.31 7.17
CA PHE A 334 -29.00 54.09 7.87
C PHE A 334 -28.57 53.33 9.13
N GLU A 335 -29.48 52.80 9.94
CA GLU A 335 -29.08 52.06 11.18
C GLU A 335 -28.09 50.94 10.79
N VAL A 336 -28.39 50.19 9.74
CA VAL A 336 -27.53 49.07 9.25
C VAL A 336 -26.13 49.62 8.92
N LEU A 337 -26.03 50.72 8.17
CA LEU A 337 -24.74 51.38 7.82
C LEU A 337 -23.99 51.70 9.11
N LYS A 338 -24.70 52.27 10.08
CA LYS A 338 -24.14 52.83 11.33
C LYS A 338 -23.53 51.67 12.10
N ASN A 339 -24.32 50.61 12.29
CA ASN A 339 -23.92 49.37 13.00
C ASN A 339 -22.72 48.75 12.29
N TRP A 340 -22.71 48.77 10.96
CA TRP A 340 -21.67 48.11 10.14
C TRP A 340 -20.35 48.85 10.34
N LEU A 341 -20.35 50.18 10.19
CA LEU A 341 -19.17 51.03 10.49
C LEU A 341 -18.67 50.80 11.93
N GLU A 342 -19.57 50.75 12.93
CA GLU A 342 -19.20 50.59 14.37
C GLU A 342 -18.60 49.20 14.63
N SER A 343 -18.95 48.19 13.83
CA SER A 343 -18.46 46.79 13.96
C SER A 343 -16.92 46.76 13.89
N TYR A 344 -16.32 47.75 13.23
CA TYR A 344 -14.85 47.82 13.06
C TYR A 344 -14.21 48.45 14.30
N LYS A 345 -14.98 49.19 15.13
CA LYS A 345 -14.53 49.87 16.38
C LYS A 345 -13.56 50.98 15.99
N PRO A 346 -14.01 52.01 15.25
CA PRO A 346 -13.12 53.10 14.85
C PRO A 346 -12.48 53.85 16.05
N GLU A 347 -13.19 53.90 17.18
CA GLU A 347 -12.72 54.58 18.44
C GLU A 347 -11.30 54.12 18.80
N GLU A 348 -10.92 52.89 18.45
CA GLU A 348 -9.58 52.29 18.70
C GLU A 348 -8.56 52.66 17.62
N LEU A 349 -9.00 53.19 16.48
CA LEU A 349 -8.15 53.21 15.27
C LEU A 349 -7.71 54.64 15.03
N PHE A 350 -8.56 55.60 15.43
CA PHE A 350 -8.33 57.06 15.22
C PHE A 350 -8.16 57.78 16.57
N ASP A 351 -7.24 58.75 16.61
CA ASP A 351 -7.05 59.68 17.76
C ASP A 351 -8.08 60.79 17.61
N ALA A 352 -8.04 61.82 18.46
CA ALA A 352 -9.04 62.92 18.49
C ALA A 352 -8.85 63.91 17.33
N ASN A 353 -7.62 64.10 16.79
CA ASN A 353 -7.35 64.79 15.50
C ASN A 353 -8.03 64.07 14.31
N GLY A 354 -8.39 62.79 14.46
CA GLY A 354 -8.81 61.89 13.36
C GLY A 354 -7.63 61.39 12.53
N ALA A 355 -6.43 61.33 13.11
CA ALA A 355 -5.26 60.62 12.55
C ALA A 355 -5.33 59.17 12.99
N VAL A 356 -4.85 58.28 12.13
CA VAL A 356 -4.75 56.82 12.44
C VAL A 356 -3.69 56.67 13.55
N LYS A 357 -4.01 55.92 14.58
CA LYS A 357 -3.10 55.69 15.74
C LYS A 357 -1.80 55.03 15.28
N ASP A 358 -0.68 55.54 15.75
CA ASP A 358 0.68 54.97 15.59
C ASP A 358 0.68 53.44 15.68
N ASP A 359 -0.09 52.83 16.58
CA ASP A 359 0.04 51.39 16.89
C ASP A 359 -0.78 50.57 15.87
N VAL A 360 -1.44 51.24 14.92
CA VAL A 360 -2.14 50.64 13.77
C VAL A 360 -1.12 50.42 12.65
N LEU A 361 -0.06 51.20 12.58
CA LEU A 361 0.87 51.30 11.42
C LEU A 361 2.34 51.06 11.82
N ALA A 362 2.60 50.63 13.06
CA ALA A 362 3.97 50.29 13.56
C ALA A 362 4.57 49.22 12.66
N PHE A 363 3.75 48.27 12.21
CA PHE A 363 4.17 47.07 11.46
C PHE A 363 4.51 47.40 10.01
N MET A 364 4.13 48.56 9.49
CA MET A 364 4.12 48.88 8.03
C MET A 364 5.52 49.12 7.53
N PRO A 365 5.78 48.83 6.24
CA PRO A 365 7.10 49.07 5.67
C PRO A 365 7.25 50.58 5.56
N LYS A 366 8.42 51.00 5.11
CA LYS A 366 8.97 52.37 5.24
C LYS A 366 9.78 52.68 3.98
N GLY A 367 9.75 53.93 3.52
CA GLY A 367 10.54 54.36 2.35
C GLY A 367 10.10 53.62 1.10
N GLU A 368 11.05 53.27 0.24
CA GLU A 368 10.75 52.77 -1.12
C GLU A 368 10.26 51.32 -1.07
N LEU A 369 10.32 50.63 0.07
CA LEU A 369 9.73 49.27 0.21
C LEU A 369 8.20 49.37 0.23
N ARG A 370 7.65 50.57 0.41
CA ARG A 370 6.19 50.80 0.57
C ARG A 370 5.52 50.56 -0.76
N ILE A 371 4.33 49.98 -0.74
CA ILE A 371 3.57 49.61 -1.98
C ILE A 371 3.42 50.86 -2.85
N GLY A 372 3.07 52.01 -2.26
CA GLY A 372 2.80 53.27 -2.99
C GLY A 372 4.04 54.01 -3.48
N ALA A 373 5.23 53.69 -2.97
CA ALA A 373 6.47 54.44 -3.27
C ALA A 373 7.49 53.59 -4.01
N ASN A 374 7.32 52.27 -4.07
CA ASN A 374 8.29 51.42 -4.82
C ASN A 374 8.37 51.98 -6.23
N PRO A 375 9.58 52.26 -6.77
CA PRO A 375 9.71 52.86 -8.10
C PRO A 375 9.28 51.92 -9.25
N ASN A 376 9.21 50.62 -9.00
CA ASN A 376 8.66 49.65 -9.98
C ASN A 376 7.22 50.06 -10.28
N ALA A 377 6.47 50.65 -9.34
CA ALA A 377 5.05 51.09 -9.56
C ALA A 377 4.96 52.53 -10.09
N ASN A 378 6.09 53.10 -10.53
CA ASN A 378 6.23 54.44 -11.14
C ASN A 378 7.48 54.36 -12.00
N GLY A 379 7.45 53.44 -12.95
CA GLY A 379 8.63 52.93 -13.69
C GLY A 379 9.39 54.00 -14.45
N GLY A 380 8.75 55.11 -14.79
CA GLY A 380 9.43 56.27 -15.38
C GLY A 380 10.64 56.76 -14.56
N VAL A 381 10.72 56.51 -13.25
CA VAL A 381 11.86 56.99 -12.41
C VAL A 381 13.05 56.04 -12.63
N ILE A 382 12.79 54.78 -12.92
CA ILE A 382 13.80 53.74 -13.30
C ILE A 382 14.26 53.96 -14.74
N ARG A 383 13.34 54.34 -15.65
CA ARG A 383 13.58 54.44 -17.13
C ARG A 383 14.78 55.32 -17.46
N ASN A 384 15.71 54.80 -18.25
CA ASN A 384 16.87 55.49 -18.87
C ASN A 384 16.72 55.45 -20.38
N ASP A 385 17.27 56.43 -21.07
CA ASP A 385 17.30 56.48 -22.55
C ASP A 385 18.14 55.31 -23.04
N LEU A 386 17.72 54.65 -24.12
CA LEU A 386 18.50 53.54 -24.73
C LEU A 386 19.81 54.11 -25.27
N LYS A 387 20.90 53.36 -25.17
CA LYS A 387 22.12 53.57 -26.00
C LYS A 387 21.75 53.11 -27.41
N LEU A 388 21.30 54.04 -28.25
CA LEU A 388 20.97 53.76 -29.68
C LEU A 388 22.25 53.78 -30.51
N PRO A 389 22.42 52.82 -31.45
CA PRO A 389 23.55 52.84 -32.38
C PRO A 389 23.23 53.88 -33.46
N ASN A 390 24.24 54.23 -34.24
CA ASN A 390 24.12 55.30 -35.28
C ASN A 390 23.21 54.73 -36.37
N LEU A 391 22.05 55.36 -36.59
CA LEU A 391 21.05 55.04 -37.64
C LEU A 391 21.72 54.92 -39.00
N GLU A 392 22.74 55.74 -39.25
CA GLU A 392 23.42 55.79 -40.57
C GLU A 392 24.01 54.43 -40.92
N ASP A 393 24.40 53.66 -39.91
CA ASP A 393 25.06 52.34 -40.11
C ASP A 393 24.10 51.31 -40.70
N TYR A 394 22.79 51.55 -40.71
CA TYR A 394 21.77 50.57 -41.21
C TYR A 394 21.12 51.13 -42.50
N GLU A 395 21.53 52.31 -42.93
CA GLU A 395 20.91 52.95 -44.10
C GLU A 395 20.99 52.00 -45.27
N VAL A 396 19.95 51.93 -46.09
CA VAL A 396 20.07 51.28 -47.41
C VAL A 396 20.71 52.35 -48.28
N LYS A 397 22.00 52.20 -48.60
CA LYS A 397 22.84 53.27 -49.22
C LYS A 397 22.63 53.21 -50.73
N GLU A 398 22.19 52.04 -51.22
CA GLU A 398 21.96 51.72 -52.65
C GLU A 398 21.00 52.71 -53.30
N VAL A 399 20.06 53.31 -52.57
CA VAL A 399 19.15 54.35 -53.15
C VAL A 399 20.00 55.51 -53.70
N ALA A 400 20.96 56.01 -52.90
CA ALA A 400 21.82 57.16 -53.23
C ALA A 400 22.66 56.86 -54.48
N GLU A 401 23.20 55.64 -54.60
CA GLU A 401 24.07 55.20 -55.74
C GLU A 401 23.23 54.94 -57.00
N TYR A 402 22.20 54.08 -56.93
CA TYR A 402 21.44 53.58 -58.11
C TYR A 402 20.11 54.35 -58.28
N GLY A 403 19.59 55.02 -57.26
CA GLY A 403 18.41 55.89 -57.46
C GLY A 403 17.13 55.44 -56.73
N HIS A 404 16.18 56.38 -56.63
CA HIS A 404 14.82 56.15 -56.09
C HIS A 404 14.20 54.95 -56.82
N GLY A 405 13.79 53.92 -56.06
CA GLY A 405 13.02 52.75 -56.52
C GLY A 405 13.87 51.49 -56.63
N TRP A 406 15.09 51.51 -56.12
CA TRP A 406 16.07 50.41 -56.23
C TRP A 406 15.60 49.17 -55.46
N GLY A 407 15.99 47.99 -55.94
CA GLY A 407 16.12 46.77 -55.13
C GLY A 407 14.79 46.12 -54.82
N GLN A 408 14.88 44.97 -54.16
CA GLN A 408 13.78 44.10 -53.69
C GLN A 408 14.16 43.65 -52.27
N LEU A 409 14.24 44.59 -51.33
CA LEU A 409 14.63 44.31 -49.94
C LEU A 409 13.36 44.11 -49.12
N GLU A 410 13.45 43.21 -48.16
CA GLU A 410 12.46 42.99 -47.10
C GLU A 410 12.76 44.04 -46.02
N ALA A 411 11.98 45.11 -45.95
CA ALA A 411 12.21 46.28 -45.05
C ALA A 411 12.43 45.85 -43.58
N THR A 412 11.65 44.92 -43.10
CA THR A 412 11.66 44.55 -41.67
C THR A 412 12.99 43.87 -41.30
N ARG A 413 13.79 43.38 -42.24
CA ARG A 413 15.15 42.86 -41.92
C ARG A 413 16.05 44.00 -41.41
N THR A 414 15.81 45.22 -41.90
CA THR A 414 16.59 46.44 -41.56
C THR A 414 16.27 46.80 -40.11
N LEU A 415 14.98 46.83 -39.75
CA LEU A 415 14.55 47.09 -38.35
C LEU A 415 15.06 45.95 -37.45
N GLY A 416 15.24 44.76 -37.98
CA GLY A 416 15.76 43.57 -37.27
C GLY A 416 17.23 43.70 -36.88
N ALA A 417 18.03 44.27 -37.77
CA ALA A 417 19.48 44.49 -37.54
C ALA A 417 19.66 45.62 -36.51
N TYR A 418 18.96 46.72 -36.72
CA TYR A 418 18.92 47.89 -35.81
C TYR A 418 18.59 47.38 -34.41
N THR A 419 17.49 46.63 -34.29
CA THR A 419 16.95 46.18 -32.98
C THR A 419 17.92 45.21 -32.34
N ARG A 420 18.56 44.36 -33.13
CA ARG A 420 19.57 43.40 -32.61
C ARG A 420 20.63 44.19 -31.85
N ASP A 421 21.08 45.32 -32.40
CA ASP A 421 22.23 46.09 -31.87
C ASP A 421 21.74 46.97 -30.71
N ILE A 422 20.48 47.34 -30.69
CA ILE A 422 19.89 47.98 -29.48
C ILE A 422 19.89 46.94 -28.35
N ILE A 423 19.62 45.67 -28.64
CA ILE A 423 19.69 44.61 -27.60
C ILE A 423 21.15 44.47 -27.15
N LYS A 424 22.10 44.33 -28.08
CA LYS A 424 23.53 44.12 -27.74
C LYS A 424 23.99 45.26 -26.82
N ASN A 425 23.61 46.52 -27.09
CA ASN A 425 24.09 47.72 -26.35
C ASN A 425 23.29 47.91 -25.07
N ASN A 426 22.07 47.39 -24.98
CA ASN A 426 21.17 47.62 -23.83
C ASN A 426 20.73 46.27 -23.27
N PRO A 427 21.67 45.43 -22.80
CA PRO A 427 21.34 44.09 -22.32
C PRO A 427 20.44 44.28 -21.10
N ARG A 428 19.44 43.41 -20.94
CA ARG A 428 18.50 43.41 -19.77
C ARG A 428 17.57 44.64 -19.77
N ASP A 429 17.55 45.50 -20.80
CA ASP A 429 16.67 46.72 -20.82
C ASP A 429 15.66 46.73 -21.97
N PHE A 430 15.73 45.77 -22.87
CA PHE A 430 14.99 45.76 -24.16
C PHE A 430 14.54 44.34 -24.45
N ARG A 431 13.28 44.16 -24.76
CA ARG A 431 12.77 42.82 -25.17
C ARG A 431 11.97 42.91 -26.45
N ILE A 432 12.13 41.91 -27.32
CA ILE A 432 11.16 41.59 -28.40
C ILE A 432 10.18 40.52 -27.92
N PHE A 433 8.91 40.78 -28.13
CA PHE A 433 7.84 39.75 -28.02
C PHE A 433 7.25 39.48 -29.41
N GLY A 434 6.85 38.23 -29.64
CA GLY A 434 6.10 37.87 -30.86
C GLY A 434 5.24 36.63 -30.65
N PRO A 435 4.03 36.60 -31.25
CA PRO A 435 3.10 35.46 -31.14
C PRO A 435 3.43 34.40 -32.19
N ASP A 436 4.61 33.80 -32.02
CA ASP A 436 5.12 32.73 -32.90
C ASP A 436 5.36 33.34 -34.27
N GLU A 437 5.66 34.64 -34.34
CA GLU A 437 5.80 35.37 -35.66
C GLU A 437 7.13 36.11 -35.81
N THR A 438 8.08 36.03 -34.87
CA THR A 438 9.26 36.93 -34.87
C THR A 438 10.01 36.71 -36.17
N ALA A 439 10.28 35.43 -36.49
CA ALA A 439 11.01 35.00 -37.71
C ALA A 439 10.14 35.27 -38.94
N SER A 440 8.84 35.08 -38.86
CA SER A 440 7.96 35.27 -40.04
C SER A 440 7.97 36.75 -40.41
N ASN A 441 8.08 37.65 -39.43
CA ASN A 441 8.02 39.12 -39.62
C ASN A 441 9.44 39.63 -39.87
N ARG A 442 10.43 38.78 -39.75
CA ARG A 442 11.83 38.99 -40.25
C ARG A 442 12.69 39.77 -39.23
N LEU A 443 12.46 39.58 -37.92
CA LEU A 443 13.24 40.26 -36.85
C LEU A 443 14.25 39.28 -36.22
N GLN A 444 14.69 38.27 -36.95
CA GLN A 444 15.41 37.11 -36.33
C GLN A 444 16.92 37.37 -36.32
N ALA A 445 17.33 38.54 -36.80
CA ALA A 445 18.73 38.99 -36.67
C ALA A 445 19.06 39.09 -35.17
N SER A 446 18.04 39.34 -34.35
CA SER A 446 18.09 39.35 -32.87
C SER A 446 18.77 38.09 -32.35
N TYR A 447 18.62 36.95 -33.04
CA TYR A 447 19.15 35.65 -32.56
C TYR A 447 20.68 35.68 -32.68
N GLU A 448 21.25 36.67 -33.36
CA GLU A 448 22.72 36.76 -33.46
C GLU A 448 23.31 37.12 -32.09
N VAL A 449 22.57 37.84 -31.22
CA VAL A 449 23.07 38.35 -29.89
C VAL A 449 22.27 37.80 -28.69
N THR A 450 21.17 37.09 -28.89
CA THR A 450 20.30 36.62 -27.78
C THR A 450 19.50 35.42 -28.29
N ASN A 451 18.68 34.85 -27.40
CA ASN A 451 17.84 33.64 -27.66
C ASN A 451 16.39 33.94 -27.31
N LYS A 452 15.50 33.09 -27.83
CA LYS A 452 14.11 32.96 -27.36
C LYS A 452 14.22 32.27 -25.99
N GLN A 453 13.46 32.80 -25.04
CA GLN A 453 13.52 32.39 -23.62
C GLN A 453 12.54 31.23 -23.46
N TRP A 454 13.02 30.05 -23.13
CA TRP A 454 12.20 28.82 -23.05
C TRP A 454 12.58 28.04 -21.80
N ASP A 455 11.65 27.92 -20.86
CA ASP A 455 11.79 27.19 -19.57
C ASP A 455 10.74 26.07 -19.50
N ALA A 456 10.45 25.43 -20.63
CA ALA A 456 9.81 24.10 -20.74
C ALA A 456 10.90 23.20 -21.27
N GLY A 457 10.54 22.03 -21.82
CA GLY A 457 11.46 20.92 -22.12
C GLY A 457 12.25 21.17 -23.38
N TYR A 458 13.49 20.69 -23.40
CA TYR A 458 14.39 20.66 -24.59
C TYR A 458 14.54 19.20 -24.95
N ILE A 459 14.60 18.86 -26.22
CA ILE A 459 14.67 17.44 -26.69
C ILE A 459 15.81 17.23 -27.71
N SER A 460 16.21 18.22 -28.51
CA SER A 460 17.18 17.96 -29.60
C SER A 460 17.66 19.24 -30.29
N ASP A 461 18.97 19.30 -30.58
CA ASP A 461 19.60 20.42 -31.33
C ASP A 461 19.09 20.51 -32.78
N GLU A 462 18.44 19.48 -33.33
CA GLU A 462 17.91 19.53 -34.71
C GLU A 462 16.61 20.34 -34.75
N VAL A 463 16.03 20.68 -33.59
CA VAL A 463 14.73 21.42 -33.52
C VAL A 463 14.78 22.62 -32.58
N ASP A 464 15.63 22.61 -31.56
CA ASP A 464 15.64 23.61 -30.45
C ASP A 464 16.61 24.77 -30.76
N GLU A 465 16.57 25.33 -31.96
CA GLU A 465 17.48 26.44 -32.41
C GLU A 465 17.02 27.76 -31.81
N HIS A 466 17.99 28.51 -31.23
CA HIS A 466 17.89 29.90 -30.74
C HIS A 466 17.02 29.96 -29.49
N MET A 467 17.07 28.93 -28.65
CA MET A 467 16.29 28.89 -27.39
C MET A 467 17.28 28.71 -26.22
N HIS A 468 17.03 29.33 -25.08
CA HIS A 468 17.89 29.25 -23.87
C HIS A 468 16.95 29.51 -22.71
N VAL A 469 17.26 29.04 -21.51
CA VAL A 469 16.35 29.29 -20.36
C VAL A 469 16.27 30.80 -20.10
N SER A 470 17.22 31.59 -20.62
CA SER A 470 17.31 33.05 -20.45
C SER A 470 17.41 33.72 -21.82
N GLY A 471 16.70 34.82 -22.05
CA GLY A 471 16.89 35.54 -23.32
C GLY A 471 15.89 36.65 -23.49
N GLN A 472 16.13 37.53 -24.47
CA GLN A 472 15.39 38.81 -24.61
C GLN A 472 14.30 38.70 -25.69
N VAL A 473 14.13 37.53 -26.32
CA VAL A 473 12.95 37.26 -27.17
C VAL A 473 12.04 36.28 -26.44
N VAL A 474 10.75 36.59 -26.37
CA VAL A 474 9.72 35.67 -25.84
C VAL A 474 8.65 35.46 -26.88
N GLU A 475 8.30 34.19 -27.14
CA GLU A 475 7.14 33.85 -28.00
C GLU A 475 6.22 32.82 -27.33
N GLN A 476 4.92 33.11 -27.44
CA GLN A 476 3.76 32.25 -27.13
C GLN A 476 2.70 32.62 -28.17
N LEU A 477 1.93 31.66 -28.65
CA LEU A 477 0.88 31.95 -29.65
C LEU A 477 -0.31 32.56 -28.90
N SER A 478 -0.18 33.84 -28.53
CA SER A 478 -1.20 34.63 -27.79
C SER A 478 -0.85 36.12 -27.90
N GLU A 479 -1.70 36.87 -28.60
CA GLU A 479 -1.51 38.32 -28.79
C GLU A 479 -1.67 38.99 -27.41
N HIS A 480 -2.59 38.48 -26.59
CA HIS A 480 -2.91 38.99 -25.24
C HIS A 480 -1.66 38.91 -24.36
N GLN A 481 -0.93 37.81 -24.46
CA GLN A 481 0.26 37.56 -23.62
C GLN A 481 1.34 38.56 -24.04
N MET A 482 1.54 38.71 -25.35
CA MET A 482 2.66 39.51 -25.90
C MET A 482 2.35 40.98 -25.60
N GLU A 483 1.12 41.42 -25.83
CA GLU A 483 0.76 42.82 -25.48
C GLU A 483 0.95 43.01 -23.96
N GLY A 484 0.39 42.11 -23.14
CA GLY A 484 0.45 42.09 -21.66
C GLY A 484 1.88 42.15 -21.14
N PHE A 485 2.74 41.27 -21.61
CA PHE A 485 4.10 41.12 -21.05
C PHE A 485 4.78 42.47 -21.23
N LEU A 486 4.68 43.00 -22.43
CA LEU A 486 5.41 44.22 -22.85
C LEU A 486 4.90 45.44 -22.08
N GLU A 487 3.58 45.59 -21.97
CA GLU A 487 2.98 46.74 -21.23
C GLU A 487 3.66 46.83 -19.85
N ALA A 488 3.76 45.71 -19.12
CA ALA A 488 4.24 45.67 -17.71
C ALA A 488 5.73 45.98 -17.73
N TYR A 489 6.41 45.49 -18.76
CA TYR A 489 7.85 45.69 -18.97
C TYR A 489 8.13 47.20 -19.12
N LEU A 490 7.24 47.91 -19.78
CA LEU A 490 7.33 49.37 -20.04
C LEU A 490 7.02 50.10 -18.75
N LEU A 491 6.06 49.59 -18.00
CA LEU A 491 5.52 50.27 -16.79
C LEU A 491 6.52 50.16 -15.61
N THR A 492 7.39 49.15 -15.61
CA THR A 492 8.49 48.95 -14.65
C THR A 492 9.81 49.48 -15.24
N GLY A 493 9.73 50.35 -16.26
CA GLY A 493 10.86 51.20 -16.67
C GLY A 493 11.78 50.61 -17.73
N ARG A 494 11.33 49.59 -18.45
CA ARG A 494 12.15 48.97 -19.53
C ARG A 494 11.55 49.34 -20.90
N HIS A 495 12.18 48.81 -21.96
CA HIS A 495 11.89 49.13 -23.38
C HIS A 495 11.61 47.85 -24.18
N GLY A 496 10.92 48.00 -25.30
CA GLY A 496 10.79 46.87 -26.25
C GLY A 496 9.91 47.16 -27.45
N ILE A 497 9.69 46.09 -28.17
CA ILE A 497 8.82 46.06 -29.36
C ILE A 497 8.14 44.69 -29.41
N TRP A 498 6.95 44.66 -30.01
CA TRP A 498 6.42 43.35 -30.45
C TRP A 498 5.89 43.50 -31.87
N SER A 499 5.91 42.40 -32.62
CA SER A 499 5.38 42.32 -34.00
C SER A 499 4.17 41.39 -34.04
N SER A 500 3.17 41.75 -34.86
CA SER A 500 2.02 40.88 -35.20
C SER A 500 1.72 40.99 -36.69
N TYR A 501 1.19 39.93 -37.27
CA TYR A 501 0.37 40.00 -38.50
C TYR A 501 -0.74 41.01 -38.28
N GLU A 502 -0.95 41.91 -39.25
CA GLU A 502 -1.86 43.07 -39.16
C GLU A 502 -3.29 42.66 -38.79
N SER A 503 -3.84 41.59 -39.35
CA SER A 503 -5.28 41.23 -39.11
C SER A 503 -5.44 40.86 -37.62
N PHE A 504 -4.47 40.15 -37.07
CA PHE A 504 -4.54 39.62 -35.69
C PHE A 504 -4.13 40.67 -34.63
N VAL A 505 -3.74 41.90 -34.98
CA VAL A 505 -3.66 43.03 -34.01
C VAL A 505 -5.04 43.21 -33.37
N HIS A 506 -6.11 42.97 -34.10
CA HIS A 506 -7.50 43.22 -33.61
C HIS A 506 -7.80 42.33 -32.40
N VAL A 507 -7.17 41.16 -32.28
CA VAL A 507 -7.35 40.32 -31.05
C VAL A 507 -7.18 41.22 -29.82
N ILE A 508 -6.25 42.17 -29.87
CA ILE A 508 -5.92 42.99 -28.67
C ILE A 508 -6.33 44.45 -28.88
N ASP A 509 -7.29 44.73 -29.76
CA ASP A 509 -7.83 46.11 -29.88
C ASP A 509 -8.10 46.67 -28.48
N SER A 510 -8.71 45.89 -27.59
CA SER A 510 -9.26 46.39 -26.30
C SER A 510 -8.11 46.67 -25.30
N MET A 511 -6.99 45.99 -25.43
CA MET A 511 -5.79 46.24 -24.60
C MET A 511 -5.13 47.56 -25.02
N LEU A 512 -4.98 47.82 -26.31
CA LEU A 512 -4.52 49.13 -26.83
C LEU A 512 -5.45 50.24 -26.33
N ASN A 513 -6.74 49.95 -26.23
CA ASN A 513 -7.74 50.92 -25.72
C ASN A 513 -7.36 51.28 -24.26
N GLN A 514 -7.23 50.27 -23.41
CA GLN A 514 -7.00 50.42 -21.96
C GLN A 514 -5.63 51.12 -21.71
N HIS A 515 -4.58 50.73 -22.43
CA HIS A 515 -3.22 51.33 -22.31
C HIS A 515 -3.31 52.78 -22.80
N ALA A 516 -4.01 53.02 -23.89
CA ALA A 516 -4.16 54.37 -24.44
C ALA A 516 -4.79 55.21 -23.32
N LYS A 517 -5.83 54.69 -22.68
CA LYS A 517 -6.60 55.44 -21.67
C LYS A 517 -5.74 55.71 -20.42
N TRP A 518 -4.86 54.78 -20.10
CA TRP A 518 -3.88 54.87 -19.00
C TRP A 518 -2.96 56.07 -19.30
N LEU A 519 -2.40 56.08 -20.49
CA LEU A 519 -1.52 57.17 -20.96
C LEU A 519 -2.28 58.49 -21.04
N GLU A 520 -3.53 58.45 -21.50
CA GLU A 520 -4.40 59.65 -21.64
C GLU A 520 -4.58 60.30 -20.27
N ALA A 521 -4.92 59.51 -19.25
CA ALA A 521 -5.08 59.98 -17.84
C ALA A 521 -3.76 60.58 -17.32
N THR A 522 -2.64 59.97 -17.69
CA THR A 522 -1.30 60.32 -17.14
C THR A 522 -0.88 61.69 -17.67
N VAL A 523 -0.90 61.93 -18.98
CA VAL A 523 -0.36 63.18 -19.59
C VAL A 523 -1.29 64.32 -19.21
N ARG A 524 -2.53 64.02 -18.91
CA ARG A 524 -3.51 65.08 -18.60
C ARG A 524 -3.39 65.53 -17.15
N GLU A 525 -3.35 64.61 -16.19
CA GLU A 525 -3.55 65.02 -14.79
C GLU A 525 -2.70 64.23 -13.80
N ILE A 526 -1.61 63.57 -14.20
CA ILE A 526 -0.77 62.80 -13.23
C ILE A 526 0.70 63.14 -13.47
N PRO A 527 1.11 64.39 -13.18
CA PRO A 527 2.47 64.84 -13.45
C PRO A 527 3.53 64.12 -12.59
N TRP A 528 3.17 63.56 -11.43
CA TRP A 528 4.10 62.73 -10.59
C TRP A 528 4.38 61.35 -11.17
N ARG A 529 3.62 60.88 -12.15
CA ARG A 529 3.88 59.59 -12.83
C ARG A 529 4.79 59.94 -14.00
N LYS A 530 6.07 59.61 -13.90
CA LYS A 530 7.12 59.98 -14.88
C LYS A 530 6.89 59.23 -16.21
N PRO A 531 7.30 59.78 -17.36
CA PRO A 531 7.00 59.15 -18.62
C PRO A 531 7.64 57.76 -18.70
N ILE A 532 6.93 56.79 -19.29
CA ILE A 532 7.47 55.42 -19.55
C ILE A 532 7.83 55.34 -21.03
N ALA A 533 8.64 54.35 -21.38
CA ALA A 533 8.95 53.98 -22.77
C ALA A 533 7.65 53.66 -23.50
N SER A 534 7.73 53.70 -24.81
CA SER A 534 6.55 53.61 -25.68
C SER A 534 6.31 52.14 -26.06
N MET A 535 5.03 51.80 -26.16
CA MET A 535 4.54 50.50 -26.69
C MET A 535 4.70 50.60 -28.21
N ASN A 536 5.77 49.99 -28.71
CA ASN A 536 6.14 49.96 -30.14
C ASN A 536 5.66 48.64 -30.76
N LEU A 537 4.65 48.71 -31.63
CA LEU A 537 4.04 47.54 -32.29
C LEU A 537 4.36 47.57 -33.78
N LEU A 538 5.26 46.67 -34.23
CA LEU A 538 5.49 46.36 -35.66
C LEU A 538 4.31 45.60 -36.22
N VAL A 539 3.48 46.29 -37.00
CA VAL A 539 2.29 45.77 -37.74
C VAL A 539 2.79 45.41 -39.11
N SER A 540 3.07 44.12 -39.36
CA SER A 540 3.60 43.62 -40.66
C SER A 540 2.69 42.51 -41.23
N SER A 541 3.21 41.76 -42.22
CA SER A 541 2.47 40.71 -42.98
C SER A 541 1.09 41.26 -43.31
N HIS A 542 1.02 42.47 -43.87
CA HIS A 542 -0.22 43.28 -44.00
C HIS A 542 -1.12 42.79 -45.14
N VAL A 543 -2.26 43.45 -45.28
CA VAL A 543 -3.42 43.07 -46.13
C VAL A 543 -3.00 42.79 -47.57
N TRP A 544 -2.23 43.68 -48.16
CA TRP A 544 -1.87 43.65 -49.59
C TRP A 544 -1.02 42.41 -49.88
N ARG A 545 -0.42 41.80 -48.86
CA ARG A 545 0.50 40.65 -49.06
C ARG A 545 0.15 39.50 -48.10
N GLN A 546 -1.13 39.41 -47.74
CA GLN A 546 -1.82 38.22 -47.19
C GLN A 546 -2.62 37.58 -48.34
N ASP A 547 -1.96 37.40 -49.48
CA ASP A 547 -2.48 36.74 -50.70
C ASP A 547 -2.16 35.23 -50.61
N HIS A 548 -1.15 34.83 -49.84
CA HIS A 548 -0.78 33.42 -49.55
C HIS A 548 -1.64 32.81 -48.43
N ASN A 549 -2.47 33.58 -47.72
CA ASN A 549 -3.25 33.07 -46.56
C ASN A 549 -4.75 33.36 -46.69
N GLY A 550 -5.14 34.49 -47.31
CA GLY A 550 -6.53 34.69 -47.73
C GLY A 550 -7.27 35.68 -46.86
N PHE A 551 -8.60 35.71 -47.05
CA PHE A 551 -9.51 36.81 -46.63
C PHE A 551 -9.48 36.99 -45.10
N SER A 552 -9.31 35.88 -44.36
CA SER A 552 -9.18 35.82 -42.88
C SER A 552 -8.05 36.75 -42.41
N HIS A 553 -6.95 36.84 -43.16
CA HIS A 553 -5.74 37.61 -42.77
C HIS A 553 -5.81 39.05 -43.31
N GLN A 554 -6.94 39.48 -43.85
CA GLN A 554 -6.97 40.78 -44.58
C GLN A 554 -7.87 41.75 -43.83
N ASP A 555 -7.32 42.41 -42.79
CA ASP A 555 -8.03 43.50 -42.07
C ASP A 555 -7.01 44.48 -41.51
N PRO A 556 -6.78 45.64 -42.17
CA PRO A 556 -5.86 46.67 -41.66
C PRO A 556 -6.46 47.70 -40.70
N GLY A 557 -7.64 47.44 -40.15
CA GLY A 557 -8.47 48.41 -39.42
C GLY A 557 -8.01 48.69 -38.00
N VAL A 558 -6.86 48.20 -37.55
CA VAL A 558 -6.20 48.73 -36.33
C VAL A 558 -6.07 50.27 -36.47
N THR A 559 -5.82 50.77 -37.67
CA THR A 559 -5.75 52.25 -37.96
C THR A 559 -7.01 52.97 -37.47
N SER A 560 -8.19 52.47 -37.83
CA SER A 560 -9.50 53.08 -37.46
C SER A 560 -9.63 53.12 -35.93
N VAL A 561 -9.18 52.05 -35.28
CA VAL A 561 -9.31 51.88 -33.80
C VAL A 561 -8.36 52.88 -33.13
N LEU A 562 -7.12 52.93 -33.55
CA LEU A 562 -6.16 53.90 -32.95
C LEU A 562 -6.66 55.34 -33.14
N LEU A 563 -7.32 55.66 -34.27
CA LEU A 563 -7.77 57.07 -34.52
C LEU A 563 -8.78 57.48 -33.44
N ASN A 564 -9.40 56.53 -32.74
CA ASN A 564 -10.37 56.83 -31.67
C ASN A 564 -9.64 57.20 -30.36
N LYS A 565 -8.30 57.28 -30.35
CA LYS A 565 -7.53 57.77 -29.18
C LYS A 565 -6.67 58.98 -29.53
N CYS A 566 -7.18 59.90 -30.36
CA CYS A 566 -6.41 61.05 -30.89
C CYS A 566 -7.15 62.39 -30.64
N PHE A 567 -7.32 62.75 -29.38
CA PHE A 567 -7.98 64.00 -28.91
C PHE A 567 -7.11 64.84 -27.94
N HIS A 568 -7.60 66.05 -27.60
N HIS A 568 -7.57 66.09 -27.76
CA HIS A 568 -7.16 66.90 -26.45
CA HIS A 568 -7.23 67.05 -26.68
C HIS A 568 -5.65 67.23 -26.51
C HIS A 568 -5.70 67.20 -26.55
N ASN A 569 -5.03 67.13 -27.70
CA ASN A 569 -3.54 67.18 -27.84
C ASN A 569 -2.82 66.34 -26.78
N ASP A 570 -3.34 65.15 -26.43
CA ASP A 570 -2.66 64.14 -25.57
C ASP A 570 -1.35 63.67 -26.25
N HIS A 571 -1.39 63.38 -27.54
CA HIS A 571 -0.26 62.84 -28.37
C HIS A 571 0.24 61.53 -27.76
N VAL A 572 -0.65 60.58 -27.49
CA VAL A 572 -0.27 59.25 -26.92
C VAL A 572 -0.37 58.15 -27.98
N ILE A 573 -0.75 58.50 -29.20
CA ILE A 573 -0.82 57.53 -30.32
C ILE A 573 0.08 58.02 -31.44
N GLY A 574 0.84 57.11 -32.01
CA GLY A 574 1.56 57.25 -33.29
C GLY A 574 1.05 56.21 -34.26
N ILE A 575 0.62 56.65 -35.44
CA ILE A 575 0.35 55.77 -36.61
C ILE A 575 1.29 56.13 -37.76
N TYR A 576 2.19 55.24 -38.12
CA TYR A 576 3.22 55.49 -39.14
C TYR A 576 3.18 54.40 -40.21
N PHE A 577 3.48 54.80 -41.44
CA PHE A 577 3.59 53.91 -42.61
C PHE A 577 5.03 53.98 -43.10
N ALA A 578 5.81 52.93 -42.83
CA ALA A 578 7.14 52.69 -43.41
C ALA A 578 7.04 52.54 -44.94
N THR A 579 7.29 53.65 -45.63
CA THR A 579 7.38 53.74 -47.11
C THR A 579 8.40 52.72 -47.64
N ASP A 580 9.47 52.49 -46.91
CA ASP A 580 10.60 51.58 -47.25
C ASP A 580 11.48 51.38 -46.00
N ALA A 581 12.57 50.62 -46.09
CA ALA A 581 13.47 50.33 -44.96
C ALA A 581 14.04 51.62 -44.35
N ASN A 582 14.48 52.58 -45.17
CA ASN A 582 15.02 53.86 -44.65
C ASN A 582 13.92 54.56 -43.83
N MET A 583 12.69 54.62 -44.30
CA MET A 583 11.65 55.40 -43.60
C MET A 583 11.32 54.62 -42.32
N LEU A 584 11.55 53.31 -42.36
CA LEU A 584 11.31 52.45 -41.19
C LEU A 584 12.34 52.79 -40.09
N LEU A 585 13.62 52.87 -40.43
CA LEU A 585 14.71 53.40 -39.55
C LEU A 585 14.34 54.79 -39.03
N ALA A 586 13.95 55.73 -39.89
CA ALA A 586 13.50 57.08 -39.47
C ALA A 586 12.43 56.96 -38.38
N ILE A 587 11.42 56.10 -38.59
CA ILE A 587 10.29 55.89 -37.63
C ILE A 587 10.76 55.16 -36.37
N ALA A 588 11.61 54.15 -36.50
CA ALA A 588 12.12 53.36 -35.34
C ALA A 588 12.87 54.30 -34.37
N GLU A 589 13.84 55.06 -34.87
CA GLU A 589 14.60 56.02 -34.04
C GLU A 589 13.60 56.85 -33.21
N LYS A 590 12.61 57.43 -33.88
CA LYS A 590 11.69 58.39 -33.26
C LYS A 590 10.90 57.65 -32.19
N CYS A 591 10.43 56.46 -32.54
CA CYS A 591 9.57 55.62 -31.69
C CYS A 591 10.40 55.15 -30.48
N TYR A 592 11.64 54.73 -30.73
CA TYR A 592 12.54 54.25 -29.65
C TYR A 592 13.00 55.40 -28.72
N LYS A 593 12.89 56.68 -29.13
CA LYS A 593 13.29 57.82 -28.26
C LYS A 593 12.07 58.43 -27.56
N SER A 594 10.87 57.97 -27.87
CA SER A 594 9.62 58.58 -27.43
C SER A 594 9.18 57.96 -26.10
N THR A 595 8.21 58.58 -25.43
CA THR A 595 7.68 58.11 -24.14
C THR A 595 6.17 58.33 -24.15
N ASN A 596 5.47 57.54 -23.38
CA ASN A 596 4.02 57.77 -23.15
C ASN A 596 3.23 57.64 -24.45
N LYS A 597 3.69 56.79 -25.38
CA LYS A 597 2.94 56.57 -26.65
C LYS A 597 2.69 55.07 -26.88
N ILE A 598 1.58 54.80 -27.55
CA ILE A 598 1.43 53.60 -28.40
C ILE A 598 1.84 54.02 -29.80
N ASN A 599 2.80 53.36 -30.40
CA ASN A 599 3.27 53.58 -31.78
C ASN A 599 2.96 52.32 -32.62
N ALA A 600 2.05 52.48 -33.59
CA ALA A 600 1.73 51.47 -34.62
C ALA A 600 2.60 51.78 -35.83
N ILE A 601 3.51 50.88 -36.15
CA ILE A 601 4.45 51.04 -37.28
C ILE A 601 4.04 50.02 -38.34
N ILE A 602 3.42 50.47 -39.42
CA ILE A 602 2.92 49.59 -40.50
C ILE A 602 3.99 49.51 -41.60
N ALA A 603 4.56 48.32 -41.79
CA ALA A 603 5.74 48.07 -42.65
C ALA A 603 5.56 46.71 -43.31
N GLY A 604 5.88 46.62 -44.60
CA GLY A 604 5.86 45.36 -45.36
C GLY A 604 7.12 44.56 -45.12
N LYS A 605 6.98 43.23 -45.04
CA LYS A 605 8.11 42.26 -45.02
C LYS A 605 8.28 41.65 -46.42
N GLN A 606 7.40 41.98 -47.38
CA GLN A 606 7.55 41.44 -48.77
C GLN A 606 8.68 42.18 -49.47
N PRO A 607 9.35 41.53 -50.46
CA PRO A 607 10.33 42.21 -51.31
C PRO A 607 9.72 43.49 -51.92
N ALA A 608 10.43 44.59 -51.81
CA ALA A 608 9.93 45.92 -52.22
C ALA A 608 11.06 46.89 -52.47
N ALA A 609 10.73 47.93 -53.24
CA ALA A 609 11.59 49.06 -53.64
C ALA A 609 11.94 49.91 -52.41
N THR A 610 13.11 50.56 -52.46
CA THR A 610 13.48 51.66 -51.53
C THR A 610 13.38 53.01 -52.27
N TRP A 611 12.55 53.91 -51.79
CA TRP A 611 12.25 55.21 -52.44
C TRP A 611 13.12 56.36 -51.92
N LEU A 612 13.42 56.38 -50.62
CA LEU A 612 13.99 57.54 -49.89
C LEU A 612 15.38 57.18 -49.37
N THR A 613 16.28 58.17 -49.32
CA THR A 613 17.48 58.09 -48.44
C THR A 613 17.04 58.26 -46.98
N LEU A 614 17.89 57.87 -46.04
CA LEU A 614 17.65 58.15 -44.61
C LEU A 614 17.41 59.65 -44.41
N ASP A 615 18.24 60.50 -45.02
CA ASP A 615 18.05 61.97 -44.91
C ASP A 615 16.67 62.35 -45.40
N GLU A 616 16.22 61.96 -46.61
CA GLU A 616 14.90 62.44 -47.09
C GLU A 616 13.80 61.83 -46.21
N ALA A 617 14.02 60.61 -45.73
CA ALA A 617 13.07 59.89 -44.86
C ALA A 617 12.87 60.69 -43.57
N ARG A 618 13.98 61.05 -42.91
CA ARG A 618 13.97 61.80 -41.63
C ARG A 618 13.29 63.16 -41.86
N ALA A 619 13.58 63.84 -42.98
CA ALA A 619 12.99 65.18 -43.22
C ALA A 619 11.48 65.02 -43.50
N GLU A 620 11.09 64.08 -44.34
CA GLU A 620 9.64 63.77 -44.59
C GLU A 620 8.91 63.47 -43.27
N LEU A 621 9.50 62.63 -42.41
CA LEU A 621 8.84 62.16 -41.16
C LEU A 621 8.56 63.31 -40.21
N GLU A 622 9.46 64.29 -40.15
CA GLU A 622 9.34 65.44 -39.21
C GLU A 622 8.05 66.21 -39.51
N LYS A 623 7.70 66.38 -40.77
CA LYS A 623 6.47 67.10 -41.19
C LYS A 623 5.31 66.11 -41.19
N GLY A 624 5.58 64.84 -41.49
CA GLY A 624 4.60 63.73 -41.58
C GLY A 624 4.27 63.38 -43.02
N ALA A 625 4.33 64.35 -43.93
CA ALA A 625 4.08 64.21 -45.38
C ALA A 625 5.07 65.10 -46.14
N ALA A 626 5.36 64.76 -47.39
CA ALA A 626 6.30 65.50 -48.24
C ALA A 626 5.95 65.26 -49.71
N ALA A 627 5.86 66.34 -50.48
CA ALA A 627 6.14 66.35 -51.94
C ALA A 627 7.46 65.58 -52.22
N TRP A 628 7.45 64.74 -53.27
CA TRP A 628 8.65 64.11 -53.88
C TRP A 628 8.95 64.82 -55.20
N ASP A 629 9.73 65.89 -55.16
CA ASP A 629 10.08 66.79 -56.30
C ASP A 629 10.78 65.96 -57.39
N TRP A 630 11.64 65.02 -57.01
CA TRP A 630 12.33 64.08 -57.97
C TRP A 630 11.33 63.18 -58.74
N ALA A 631 10.07 63.08 -58.31
CA ALA A 631 9.08 62.19 -58.93
C ALA A 631 8.01 63.02 -59.65
N SER A 632 7.64 64.17 -59.10
CA SER A 632 6.75 65.18 -59.74
C SER A 632 7.27 65.57 -61.14
N THR A 633 6.36 65.83 -62.06
CA THR A 633 6.61 66.42 -63.41
C THR A 633 6.21 67.90 -63.37
N ALA A 634 5.11 68.23 -62.70
CA ALA A 634 4.76 69.64 -62.39
C ALA A 634 5.88 70.22 -61.54
N LYS A 635 6.25 71.48 -61.71
CA LYS A 635 7.40 72.09 -60.98
C LYS A 635 6.86 73.08 -59.96
N ASN A 636 5.58 73.44 -60.07
CA ASN A 636 4.79 74.11 -59.00
C ASN A 636 3.35 73.58 -59.08
N ASN A 637 2.48 74.03 -58.17
CA ASN A 637 1.11 73.54 -57.98
C ASN A 637 0.18 74.07 -59.07
N ASP A 638 0.37 75.33 -59.51
CA ASP A 638 -0.49 75.96 -60.55
C ASP A 638 -0.36 75.08 -61.80
N GLU A 639 0.84 74.58 -62.08
CA GLU A 639 1.21 73.79 -63.30
C GLU A 639 0.69 72.33 -63.16
N ALA A 640 0.30 71.90 -61.96
CA ALA A 640 -0.09 70.49 -61.66
C ALA A 640 -1.51 70.23 -62.16
N GLU A 641 -1.76 69.06 -62.74
CA GLU A 641 -3.11 68.68 -63.25
C GLU A 641 -3.78 67.75 -62.24
N VAL A 642 -3.01 66.81 -61.68
CA VAL A 642 -3.46 65.85 -60.64
C VAL A 642 -2.36 65.73 -59.60
N VAL A 643 -2.75 65.49 -58.33
CA VAL A 643 -1.84 65.07 -57.22
C VAL A 643 -2.01 63.57 -56.96
N LEU A 644 -0.91 62.83 -57.02
CA LEU A 644 -0.80 61.40 -56.60
C LEU A 644 -0.23 61.36 -55.16
N ALA A 645 -1.05 60.95 -54.19
CA ALA A 645 -0.67 60.71 -52.78
C ALA A 645 -0.77 59.22 -52.43
N ALA A 646 0.05 58.77 -51.50
CA ALA A 646 0.11 57.38 -51.00
C ALA A 646 0.57 57.41 -49.54
N ALA A 647 0.04 56.45 -48.78
CA ALA A 647 0.41 56.08 -47.41
C ALA A 647 0.54 54.55 -47.40
N GLY A 648 1.74 54.02 -47.33
CA GLY A 648 1.92 52.56 -47.29
C GLY A 648 2.87 52.11 -48.35
N ASP A 649 3.72 51.14 -48.04
CA ASP A 649 4.69 50.60 -49.01
C ASP A 649 3.94 50.19 -50.29
N VAL A 650 2.79 49.52 -50.21
CA VAL A 650 2.16 48.99 -51.46
C VAL A 650 1.41 50.09 -52.21
N PRO A 651 0.55 50.91 -51.57
CA PRO A 651 0.01 52.07 -52.25
C PRO A 651 1.10 52.94 -52.90
N THR A 652 2.21 53.12 -52.22
CA THR A 652 3.33 53.96 -52.74
C THR A 652 3.81 53.33 -54.05
N GLN A 653 4.08 52.03 -54.04
CA GLN A 653 4.52 51.22 -55.19
C GLN A 653 3.54 51.42 -56.36
N GLU A 654 2.25 51.27 -56.13
CA GLU A 654 1.26 51.33 -57.24
C GLU A 654 1.13 52.80 -57.71
N ILE A 655 1.28 53.79 -56.82
CA ILE A 655 1.18 55.23 -57.21
C ILE A 655 2.41 55.59 -58.08
N MET A 656 3.60 55.11 -57.73
CA MET A 656 4.87 55.40 -58.43
C MET A 656 4.88 54.71 -59.80
N ALA A 657 4.20 53.57 -59.96
CA ALA A 657 4.04 52.86 -61.26
C ALA A 657 3.07 53.63 -62.16
N ALA A 658 1.94 54.06 -61.59
CA ALA A 658 0.96 54.92 -62.30
C ALA A 658 1.65 56.21 -62.76
N SER A 659 2.49 56.80 -61.90
CA SER A 659 3.22 58.07 -62.18
C SER A 659 4.04 57.87 -63.46
N ASP A 660 4.71 56.74 -63.57
CA ASP A 660 5.52 56.39 -64.76
C ASP A 660 4.60 56.20 -65.96
N LYS A 661 3.36 55.75 -65.77
CA LYS A 661 2.39 55.56 -66.90
C LYS A 661 1.87 56.92 -67.35
N LEU A 662 1.66 57.86 -66.42
CA LEU A 662 1.17 59.24 -66.69
C LEU A 662 2.30 60.13 -67.20
N LYS A 663 3.55 59.72 -66.97
CA LYS A 663 4.72 60.44 -67.50
C LYS A 663 4.77 60.16 -69.00
N GLU A 664 4.52 58.92 -69.41
CA GLU A 664 4.55 58.48 -70.82
C GLU A 664 3.54 59.29 -71.65
N LEU A 665 2.42 59.71 -71.03
CA LEU A 665 1.37 60.53 -71.66
C LEU A 665 1.61 62.02 -71.41
N GLY A 666 2.76 62.39 -70.83
CA GLY A 666 3.10 63.79 -70.52
C GLY A 666 2.03 64.51 -69.70
N VAL A 667 1.53 63.89 -68.64
CA VAL A 667 0.67 64.60 -67.65
C VAL A 667 1.59 65.27 -66.60
N LYS A 668 1.16 66.41 -66.07
CA LYS A 668 1.90 67.23 -65.08
C LYS A 668 1.28 66.95 -63.70
N PHE A 669 1.98 66.16 -62.91
CA PHE A 669 1.48 65.63 -61.62
C PHE A 669 2.50 65.89 -60.50
N LYS A 670 1.97 66.21 -59.33
CA LYS A 670 2.73 66.15 -58.05
C LYS A 670 2.61 64.73 -57.45
N VAL A 671 3.71 64.19 -56.92
CA VAL A 671 3.74 62.99 -56.03
C VAL A 671 3.91 63.47 -54.57
N VAL A 672 3.00 63.06 -53.69
CA VAL A 672 3.06 63.25 -52.22
C VAL A 672 3.16 61.86 -51.55
N ASN A 673 4.06 61.67 -50.58
CA ASN A 673 4.11 60.47 -49.70
C ASN A 673 3.64 60.88 -48.30
N VAL A 674 2.89 60.03 -47.61
CA VAL A 674 2.43 60.27 -46.20
C VAL A 674 2.95 59.13 -45.31
N ALA A 675 3.68 59.50 -44.26
CA ALA A 675 4.40 58.58 -43.35
C ALA A 675 3.74 58.59 -41.97
N ASP A 676 3.06 59.69 -41.62
CA ASP A 676 2.47 59.94 -40.29
C ASP A 676 1.03 60.31 -40.55
N LEU A 677 0.13 59.33 -40.37
CA LEU A 677 -1.32 59.53 -40.62
C LEU A 677 -1.81 60.81 -39.94
N LEU A 678 -1.33 61.12 -38.74
CA LEU A 678 -1.97 62.13 -37.87
C LEU A 678 -1.53 63.52 -38.29
N SER A 679 -0.54 63.64 -39.17
CA SER A 679 -0.16 64.95 -39.75
C SER A 679 -1.34 65.52 -40.53
N LEU A 680 -2.32 64.68 -40.95
CA LEU A 680 -3.46 65.12 -41.79
C LEU A 680 -4.61 65.59 -40.89
N GLN A 681 -4.56 65.25 -39.61
CA GLN A 681 -5.64 65.59 -38.65
C GLN A 681 -5.88 67.11 -38.68
N SER A 682 -7.14 67.54 -38.63
CA SER A 682 -7.53 68.98 -38.50
C SER A 682 -6.49 69.69 -37.63
N ALA A 683 -6.07 70.88 -38.05
CA ALA A 683 -5.11 71.72 -37.30
C ALA A 683 -5.80 72.24 -36.05
N LYS A 684 -7.10 72.47 -36.12
CA LYS A 684 -7.90 72.86 -34.92
C LYS A 684 -7.88 71.75 -33.86
N GLU A 685 -7.65 70.48 -34.21
CA GLU A 685 -7.75 69.33 -33.28
C GLU A 685 -6.35 68.95 -32.76
N ASN A 686 -5.36 68.95 -33.65
CA ASN A 686 -4.02 68.37 -33.38
C ASN A 686 -2.93 69.41 -33.67
N ASP A 687 -2.27 69.91 -32.62
CA ASP A 687 -1.34 71.07 -32.72
C ASP A 687 0.00 70.62 -33.31
N GLU A 688 0.21 69.32 -33.52
CA GLU A 688 1.44 68.81 -34.18
C GLU A 688 1.16 68.55 -35.67
N ALA A 689 -0.09 68.72 -36.09
CA ALA A 689 -0.46 68.39 -37.47
C ALA A 689 0.01 69.51 -38.39
N LEU A 690 0.18 69.19 -39.66
CA LEU A 690 0.40 70.22 -40.72
C LEU A 690 -0.63 71.31 -40.50
N THR A 691 -0.22 72.56 -40.69
CA THR A 691 -1.11 73.76 -40.73
C THR A 691 -1.90 73.67 -42.04
N ASP A 692 -3.02 74.38 -42.13
CA ASP A 692 -3.81 74.54 -43.38
C ASP A 692 -2.87 75.04 -44.49
N GLU A 693 -2.03 76.05 -44.19
CA GLU A 693 -0.92 76.56 -45.06
C GLU A 693 -0.14 75.38 -45.66
N GLU A 694 0.55 74.62 -44.80
CA GLU A 694 1.46 73.49 -45.16
C GLU A 694 0.69 72.40 -45.93
N PHE A 695 -0.56 72.15 -45.51
CA PHE A 695 -1.49 71.19 -46.16
C PHE A 695 -1.79 71.61 -47.61
N ALA A 696 -2.30 72.83 -47.78
CA ALA A 696 -2.62 73.44 -49.10
C ALA A 696 -1.35 73.55 -49.94
N ASP A 697 -0.21 73.83 -49.34
CA ASP A 697 1.06 73.82 -50.09
C ASP A 697 1.33 72.41 -50.61
N ILE A 698 1.16 71.34 -49.80
CA ILE A 698 1.55 69.94 -50.19
C ILE A 698 0.53 69.36 -51.17
N PHE A 699 -0.76 69.44 -50.86
CA PHE A 699 -1.86 68.78 -51.61
C PHE A 699 -2.51 69.75 -52.62
N THR A 700 -2.07 71.02 -52.68
CA THR A 700 -2.62 72.11 -53.52
C THR A 700 -3.96 72.58 -52.94
N ALA A 701 -4.43 73.75 -53.39
CA ALA A 701 -5.65 74.40 -52.85
C ALA A 701 -6.91 73.96 -53.60
N ASP A 702 -6.76 73.35 -54.78
CA ASP A 702 -7.80 73.47 -55.84
C ASP A 702 -7.65 72.41 -56.95
N LYS A 703 -6.65 71.54 -56.90
CA LYS A 703 -6.47 70.49 -57.93
C LYS A 703 -6.90 69.13 -57.38
N PRO A 704 -7.18 68.14 -58.28
CA PRO A 704 -7.70 66.85 -57.86
C PRO A 704 -6.59 66.00 -57.24
N VAL A 705 -6.90 65.37 -56.09
CA VAL A 705 -5.96 64.50 -55.31
C VAL A 705 -6.46 63.06 -55.38
N LEU A 706 -5.66 62.21 -56.04
CA LEU A 706 -5.81 60.74 -56.02
C LEU A 706 -4.94 60.18 -54.88
N PHE A 707 -5.57 59.82 -53.77
CA PHE A 707 -4.94 59.32 -52.54
C PHE A 707 -5.11 57.80 -52.50
N ALA A 708 -4.05 57.03 -52.66
CA ALA A 708 -4.08 55.58 -52.42
C ALA A 708 -3.66 55.26 -50.97
N TYR A 709 -4.59 54.78 -50.15
CA TYR A 709 -4.41 54.58 -48.70
C TYR A 709 -4.25 53.09 -48.41
N HIS A 710 -3.37 52.78 -47.44
CA HIS A 710 -3.10 51.41 -46.92
C HIS A 710 -4.36 50.72 -46.42
N SER A 711 -5.18 51.43 -45.66
CA SER A 711 -6.25 50.82 -44.84
C SER A 711 -7.58 51.24 -45.44
N TYR A 712 -8.60 51.52 -44.63
CA TYR A 712 -9.97 51.81 -45.12
C TYR A 712 -10.13 53.32 -45.35
N ALA A 713 -10.49 53.71 -46.58
CA ALA A 713 -10.56 55.11 -47.07
C ALA A 713 -11.30 56.00 -46.07
N HIS A 714 -12.27 55.44 -45.34
CA HIS A 714 -13.04 56.17 -44.32
C HIS A 714 -12.07 56.84 -43.31
N ASP A 715 -10.91 56.25 -43.06
CA ASP A 715 -9.92 56.81 -42.10
C ASP A 715 -9.60 58.23 -42.53
N VAL A 716 -9.06 58.38 -43.73
CA VAL A 716 -8.67 59.69 -44.32
C VAL A 716 -9.89 60.60 -44.48
N ARG A 717 -10.99 60.07 -45.03
CA ARG A 717 -12.16 60.91 -45.34
C ARG A 717 -12.55 61.63 -44.05
N GLY A 718 -12.53 60.94 -42.91
CA GLY A 718 -12.87 61.53 -41.59
C GLY A 718 -11.80 62.48 -41.04
N LEU A 719 -10.52 62.27 -41.37
CA LEU A 719 -9.41 63.07 -40.80
C LEU A 719 -9.44 64.49 -41.38
N ILE A 720 -9.72 64.60 -42.67
CA ILE A 720 -9.49 65.82 -43.49
C ILE A 720 -10.80 66.59 -43.71
N TYR A 721 -11.86 66.29 -42.97
CA TYR A 721 -13.21 66.91 -43.15
C TYR A 721 -13.11 68.44 -43.32
N ASP A 722 -12.22 69.14 -42.58
CA ASP A 722 -12.12 70.64 -42.61
C ASP A 722 -10.80 71.07 -43.21
N ARG A 723 -10.11 70.23 -43.96
CA ARG A 723 -8.90 70.65 -44.69
C ARG A 723 -9.31 71.34 -45.99
N PRO A 724 -8.53 72.34 -46.44
CA PRO A 724 -8.81 72.97 -47.74
C PRO A 724 -8.64 71.92 -48.84
N ASN A 725 -9.48 72.00 -49.88
CA ASN A 725 -9.45 71.11 -51.07
C ASN A 725 -9.86 69.67 -50.68
N HIS A 726 -10.46 69.46 -49.48
CA HIS A 726 -10.89 68.13 -49.04
C HIS A 726 -11.84 67.48 -50.06
N ASP A 727 -12.79 68.24 -50.65
CA ASP A 727 -13.79 67.74 -51.64
C ASP A 727 -13.11 67.17 -52.91
N ASN A 728 -11.85 67.51 -53.20
CA ASN A 728 -11.15 66.99 -54.40
C ASN A 728 -10.29 65.77 -54.07
N PHE A 729 -10.41 65.24 -52.85
CA PHE A 729 -9.73 63.98 -52.48
C PHE A 729 -10.54 62.83 -53.06
N ASN A 730 -9.90 62.04 -53.92
CA ASN A 730 -10.43 60.74 -54.35
C ASN A 730 -9.61 59.68 -53.61
N VAL A 731 -10.19 59.09 -52.57
CA VAL A 731 -9.45 58.15 -51.68
C VAL A 731 -9.85 56.70 -51.96
N HIS A 732 -8.89 55.91 -52.41
CA HIS A 732 -8.96 54.45 -52.55
C HIS A 732 -8.16 53.82 -51.41
N GLY A 733 -8.70 52.74 -50.84
CA GLY A 733 -8.03 51.91 -49.81
C GLY A 733 -8.56 50.49 -49.89
N TYR A 734 -8.31 49.68 -48.86
CA TYR A 734 -8.80 48.30 -48.75
C TYR A 734 -10.32 48.28 -48.63
N GLU A 735 -10.99 47.33 -49.30
CA GLU A 735 -12.46 47.39 -49.58
C GLU A 735 -13.11 46.02 -49.37
N GLU A 736 -12.51 45.21 -48.51
CA GLU A 736 -13.07 43.90 -48.10
C GLU A 736 -13.20 43.08 -49.38
N GLU A 737 -12.19 43.15 -50.23
CA GLU A 737 -12.04 42.28 -51.43
C GLU A 737 -10.68 41.60 -51.31
N GLY A 738 -10.62 40.36 -51.73
CA GLY A 738 -9.38 39.56 -51.71
C GLY A 738 -9.75 38.12 -51.61
N SER A 739 -8.75 37.26 -51.53
CA SER A 739 -8.86 35.79 -51.60
C SER A 739 -7.43 35.34 -51.46
N THR A 740 -7.15 34.08 -51.70
CA THR A 740 -5.75 33.59 -51.72
C THR A 740 -5.40 33.55 -53.21
N THR A 741 -4.52 34.46 -53.64
CA THR A 741 -4.42 34.90 -55.05
C THR A 741 -3.02 35.46 -55.23
N THR A 742 -2.84 36.45 -56.12
CA THR A 742 -1.52 37.02 -56.46
C THR A 742 -1.45 38.43 -55.92
N PRO A 743 -0.23 38.96 -55.67
CA PRO A 743 -0.09 40.37 -55.34
C PRO A 743 -0.89 41.29 -56.28
N TYR A 744 -0.77 41.08 -57.61
CA TYR A 744 -1.50 41.93 -58.59
C TYR A 744 -3.00 41.84 -58.30
N ASP A 745 -3.51 40.63 -58.08
CA ASP A 745 -4.98 40.43 -57.94
C ASP A 745 -5.48 41.20 -56.70
N MET A 746 -4.72 41.10 -55.58
CA MET A 746 -4.98 41.78 -54.29
C MET A 746 -5.18 43.29 -54.50
N VAL A 747 -4.32 43.97 -55.27
CA VAL A 747 -4.51 45.44 -55.51
C VAL A 747 -5.60 45.64 -56.56
N ARG A 748 -5.68 44.77 -57.55
CA ARG A 748 -6.70 44.89 -58.63
C ARG A 748 -8.09 44.91 -58.00
N VAL A 749 -8.38 43.93 -57.15
CA VAL A 749 -9.78 43.68 -56.72
C VAL A 749 -10.20 44.76 -55.71
N ASN A 750 -9.25 45.56 -55.22
CA ASN A 750 -9.51 46.69 -54.27
C ASN A 750 -9.37 48.04 -55.00
N ARG A 751 -9.06 48.04 -56.31
CA ARG A 751 -9.12 49.25 -57.18
C ARG A 751 -7.98 50.19 -56.77
N ILE A 752 -6.82 49.60 -56.49
CA ILE A 752 -5.60 50.34 -56.06
C ILE A 752 -4.41 49.84 -56.86
N ASP A 753 -4.61 48.97 -57.86
CA ASP A 753 -3.55 48.53 -58.81
C ASP A 753 -3.12 49.74 -59.64
N ARG A 754 -1.87 49.76 -60.13
CA ARG A 754 -1.27 50.89 -60.91
C ARG A 754 -2.21 51.32 -62.07
N TYR A 755 -2.81 50.34 -62.76
CA TYR A 755 -3.61 50.58 -63.99
C TYR A 755 -4.86 51.36 -63.58
N GLU A 756 -5.56 50.89 -62.56
CA GLU A 756 -6.82 51.56 -62.13
C GLU A 756 -6.49 52.99 -61.65
N LEU A 757 -5.30 53.17 -61.08
CA LEU A 757 -4.92 54.45 -60.43
C LEU A 757 -4.58 55.46 -61.53
N THR A 758 -3.82 55.01 -62.55
CA THR A 758 -3.68 55.77 -63.84
C THR A 758 -5.04 56.12 -64.45
N ALA A 759 -5.93 55.14 -64.61
CA ALA A 759 -7.25 55.40 -65.22
C ALA A 759 -7.92 56.50 -64.44
N GLU A 760 -7.91 56.40 -63.11
CA GLU A 760 -8.67 57.29 -62.17
C GLU A 760 -8.08 58.68 -62.26
N ALA A 761 -6.77 58.78 -62.52
CA ALA A 761 -6.08 60.07 -62.64
C ALA A 761 -6.60 60.72 -63.92
N LEU A 762 -6.57 59.95 -65.02
CA LEU A 762 -7.09 60.37 -66.35
C LEU A 762 -8.55 60.80 -66.19
N ARG A 763 -9.42 59.98 -65.57
CA ARG A 763 -10.85 60.34 -65.36
C ARG A 763 -10.94 61.72 -64.70
N MET A 764 -10.03 62.05 -63.77
CA MET A 764 -10.16 63.25 -62.90
C MET A 764 -9.61 64.50 -63.59
N ILE A 765 -8.75 64.32 -64.58
CA ILE A 765 -8.26 65.45 -65.42
C ILE A 765 -9.26 65.75 -66.54
N ASP A 766 -9.76 64.73 -67.24
CA ASP A 766 -10.80 64.84 -68.31
C ASP A 766 -11.10 63.44 -68.88
N ALA A 767 -12.27 62.90 -68.55
CA ALA A 767 -12.73 61.54 -68.94
C ALA A 767 -12.83 61.41 -70.47
N ASP A 768 -13.23 62.47 -71.19
CA ASP A 768 -13.39 62.46 -72.67
C ASP A 768 -12.00 62.43 -73.33
N LYS A 769 -11.14 63.38 -73.01
CA LYS A 769 -9.81 63.50 -73.69
C LYS A 769 -9.18 62.11 -73.72
N TYR A 770 -9.19 61.41 -72.59
CA TYR A 770 -8.36 60.19 -72.40
C TYR A 770 -9.23 58.92 -72.52
N ALA A 771 -10.56 59.05 -72.63
CA ALA A 771 -11.55 57.94 -72.71
C ALA A 771 -10.94 56.73 -73.42
N ASP A 772 -10.23 56.95 -74.52
CA ASP A 772 -9.62 55.84 -75.32
C ASP A 772 -8.61 55.13 -74.42
N LYS A 773 -7.81 55.89 -73.68
CA LYS A 773 -6.63 55.40 -72.89
C LYS A 773 -7.11 54.84 -71.56
N ILE A 774 -8.11 55.47 -70.95
CA ILE A 774 -8.85 54.91 -69.79
C ILE A 774 -9.29 53.48 -70.15
N ASP A 775 -10.09 53.35 -71.18
CA ASP A 775 -10.70 52.08 -71.68
C ASP A 775 -9.60 51.01 -71.91
N GLU A 776 -8.43 51.39 -72.42
CA GLU A 776 -7.33 50.44 -72.73
C GLU A 776 -6.81 49.85 -71.41
N LEU A 777 -6.57 50.73 -70.42
CA LEU A 777 -6.16 50.38 -69.04
C LEU A 777 -7.12 49.35 -68.46
N GLU A 778 -8.42 49.65 -68.46
CA GLU A 778 -9.47 48.74 -67.93
C GLU A 778 -9.34 47.33 -68.56
N LYS A 779 -9.09 47.23 -69.86
CA LYS A 779 -8.96 45.90 -70.54
C LYS A 779 -7.66 45.23 -70.07
N PHE A 780 -6.62 45.99 -69.78
CA PHE A 780 -5.32 45.38 -69.38
C PHE A 780 -5.45 44.78 -67.98
N ARG A 781 -6.28 45.39 -67.13
CA ARG A 781 -6.60 44.84 -65.80
C ARG A 781 -7.10 43.41 -66.00
N ASP A 782 -8.18 43.25 -66.79
CA ASP A 782 -8.76 41.90 -67.09
C ASP A 782 -7.67 41.05 -67.74
N GLU A 783 -6.93 41.60 -68.68
CA GLU A 783 -5.87 40.82 -69.37
C GLU A 783 -4.88 40.33 -68.30
N ALA A 784 -4.48 41.17 -67.35
CA ALA A 784 -3.45 40.84 -66.35
C ALA A 784 -3.96 39.76 -65.39
N PHE A 785 -5.24 39.84 -65.01
CA PHE A 785 -5.88 38.83 -64.13
C PHE A 785 -5.83 37.48 -64.84
N GLN A 786 -6.34 37.47 -66.08
CA GLN A 786 -6.45 36.27 -66.92
C GLN A 786 -5.07 35.64 -67.03
N PHE A 787 -4.03 36.46 -67.19
CA PHE A 787 -2.62 35.97 -67.30
C PHE A 787 -2.33 35.07 -66.10
N ALA A 788 -2.68 35.56 -64.92
CA ALA A 788 -2.33 34.95 -63.61
C ALA A 788 -3.10 33.63 -63.45
N VAL A 789 -4.40 33.62 -63.80
CA VAL A 789 -5.23 32.38 -63.86
C VAL A 789 -4.54 31.32 -64.77
N ASP A 790 -4.12 31.68 -65.98
CA ASP A 790 -3.51 30.74 -66.95
C ASP A 790 -2.20 30.21 -66.39
N ASN A 791 -1.31 31.09 -65.94
CA ASN A 791 0.12 30.82 -65.68
C ASN A 791 0.43 30.51 -64.20
N GLY A 792 -0.25 31.20 -63.26
CA GLY A 792 -0.15 30.97 -61.81
C GLY A 792 0.86 31.89 -61.16
N TYR A 793 1.29 32.90 -61.91
CA TYR A 793 2.17 34.02 -61.47
C TYR A 793 1.73 35.21 -62.32
N ASP A 794 2.14 36.41 -61.92
CA ASP A 794 1.57 37.69 -62.40
C ASP A 794 2.21 38.09 -63.74
N HIS A 795 1.51 38.92 -64.51
CA HIS A 795 1.97 39.51 -65.79
C HIS A 795 3.27 40.28 -65.59
N PRO A 796 4.31 40.08 -66.44
CA PRO A 796 5.59 40.79 -66.29
C PRO A 796 5.53 42.35 -66.35
N ASP A 797 4.50 42.93 -66.97
CA ASP A 797 4.34 44.40 -66.87
C ASP A 797 4.21 44.75 -65.38
N TYR A 798 3.55 43.90 -64.60
CA TYR A 798 3.41 44.06 -63.14
C TYR A 798 4.70 43.58 -62.49
N THR A 799 5.01 42.31 -62.62
CA THR A 799 6.18 41.68 -61.96
C THR A 799 7.46 42.52 -62.21
N ASP A 800 7.74 42.91 -63.45
CA ASP A 800 9.11 43.25 -63.90
C ASP A 800 9.33 44.77 -63.85
N TRP A 801 8.31 45.56 -63.63
CA TRP A 801 8.44 47.03 -63.53
C TRP A 801 9.49 47.45 -62.51
N VAL A 802 10.15 48.56 -62.84
CA VAL A 802 11.16 49.31 -62.03
C VAL A 802 11.01 50.79 -62.39
N TYR A 803 11.01 51.67 -61.40
CA TYR A 803 10.82 53.13 -61.59
C TYR A 803 11.87 53.61 -62.60
N SER A 804 11.41 54.36 -63.62
CA SER A 804 12.25 55.09 -64.61
C SER A 804 13.47 55.74 -63.95
N GLY A 805 13.27 56.34 -62.76
CA GLY A 805 14.29 56.93 -61.86
C GLY A 805 15.49 56.04 -61.54
N VAL A 806 15.47 54.73 -61.79
CA VAL A 806 16.60 53.78 -61.47
C VAL A 806 17.49 53.59 -62.71
N ASN A 807 18.78 53.30 -62.46
CA ASN A 807 19.77 52.84 -63.45
C ASN A 807 19.78 51.30 -63.46
N THR A 808 19.13 50.68 -64.46
CA THR A 808 18.91 49.20 -64.58
C THR A 808 19.95 48.56 -65.53
N ASP A 809 21.07 49.25 -65.79
CA ASP A 809 22.08 48.88 -66.82
C ASP A 809 23.22 48.13 -66.14
N THR B 2 -36.16 23.54 -34.45
CA THR B 2 -35.24 22.84 -33.54
C THR B 2 -34.31 21.97 -34.37
N SER B 3 -33.23 21.49 -33.76
CA SER B 3 -32.26 20.58 -34.41
C SER B 3 -32.98 19.28 -34.73
N PRO B 4 -32.75 18.72 -35.93
CA PRO B 4 -33.31 17.43 -36.29
C PRO B 4 -32.50 16.32 -35.64
N VAL B 5 -33.11 15.16 -35.42
CA VAL B 5 -32.38 13.92 -35.02
C VAL B 5 -31.96 13.21 -36.31
N ILE B 6 -30.67 12.83 -36.42
CA ILE B 6 -30.11 12.26 -37.66
C ILE B 6 -29.40 10.95 -37.30
N GLY B 7 -29.67 9.91 -38.07
CA GLY B 7 -29.03 8.60 -37.90
C GLY B 7 -29.47 8.00 -36.58
N THR B 8 -28.59 7.16 -36.03
CA THR B 8 -28.79 6.36 -34.79
C THR B 8 -27.77 6.81 -33.77
N PRO B 9 -28.14 7.79 -32.91
CA PRO B 9 -27.17 8.43 -32.02
C PRO B 9 -26.72 7.53 -30.85
N TRP B 10 -25.46 7.67 -30.50
CA TRP B 10 -24.91 7.16 -29.21
C TRP B 10 -25.04 5.63 -29.17
N LYS B 11 -24.72 4.95 -30.27
CA LYS B 11 -24.72 3.47 -30.38
C LYS B 11 -23.31 2.94 -30.30
N LYS B 12 -23.10 2.00 -29.39
CA LYS B 12 -21.88 1.17 -29.27
C LYS B 12 -21.87 0.13 -30.39
N LEU B 13 -20.68 -0.29 -30.80
CA LEU B 13 -20.49 -1.21 -31.94
C LEU B 13 -20.75 -2.66 -31.48
N ASN B 14 -20.49 -2.93 -30.21
CA ASN B 14 -20.57 -4.28 -29.59
C ASN B 14 -20.03 -5.32 -30.60
N ALA B 15 -18.76 -5.17 -31.01
CA ALA B 15 -17.99 -5.97 -32.01
C ALA B 15 -16.68 -5.24 -32.27
N PRO B 16 -15.57 -5.92 -32.61
CA PRO B 16 -14.34 -5.22 -32.94
C PRO B 16 -14.48 -4.61 -34.35
N VAL B 17 -13.75 -3.54 -34.61
CA VAL B 17 -13.68 -2.88 -35.95
C VAL B 17 -13.13 -3.90 -36.93
N SER B 18 -13.76 -4.05 -38.11
CA SER B 18 -13.35 -5.08 -39.11
C SER B 18 -12.00 -4.71 -39.68
N GLU B 19 -11.14 -5.72 -39.84
CA GLU B 19 -9.87 -5.58 -40.61
C GLU B 19 -10.15 -4.91 -41.98
N GLU B 20 -11.23 -5.24 -42.68
CA GLU B 20 -11.51 -4.75 -44.07
C GLU B 20 -11.71 -3.23 -44.03
N ALA B 21 -12.35 -2.73 -42.97
CA ALA B 21 -12.66 -1.29 -42.79
C ALA B 21 -11.38 -0.56 -42.41
N LEU B 22 -10.53 -1.17 -41.59
CA LEU B 22 -9.24 -0.53 -41.24
C LEU B 22 -8.43 -0.35 -42.53
N GLU B 23 -8.48 -1.31 -43.45
CA GLU B 23 -7.76 -1.27 -44.74
C GLU B 23 -8.25 -0.06 -45.51
N GLY B 24 -9.56 0.18 -45.51
CA GLY B 24 -10.15 1.39 -46.09
C GLY B 24 -9.56 2.69 -45.52
N VAL B 25 -9.39 2.72 -44.21
CA VAL B 25 -8.90 3.92 -43.49
C VAL B 25 -7.48 4.18 -43.98
N ASP B 26 -6.61 3.16 -43.95
CA ASP B 26 -5.21 3.31 -44.41
C ASP B 26 -5.17 3.88 -45.83
N LYS B 27 -6.09 3.43 -46.70
CA LYS B 27 -6.20 3.86 -48.11
C LYS B 27 -6.71 5.31 -48.19
N TYR B 28 -7.82 5.64 -47.51
CA TYR B 28 -8.28 7.05 -47.33
C TYR B 28 -7.08 7.91 -46.95
N TRP B 29 -6.32 7.47 -45.91
CA TRP B 29 -5.19 8.23 -45.34
C TRP B 29 -4.19 8.56 -46.46
N ARG B 30 -3.81 7.54 -47.21
CA ARG B 30 -2.82 7.61 -48.30
C ARG B 30 -3.35 8.51 -49.42
N VAL B 31 -4.60 8.33 -49.85
CA VAL B 31 -5.12 9.13 -50.99
C VAL B 31 -5.33 10.57 -50.50
N ALA B 32 -5.79 10.77 -49.26
CA ALA B 32 -6.02 12.14 -48.73
C ALA B 32 -4.67 12.87 -48.65
N ASN B 33 -3.60 12.18 -48.26
CA ASN B 33 -2.25 12.79 -48.26
C ASN B 33 -1.88 13.15 -49.68
N TYR B 34 -2.02 12.22 -50.63
CA TYR B 34 -1.71 12.45 -52.06
C TYR B 34 -2.46 13.71 -52.55
N LEU B 35 -3.75 13.82 -52.28
CA LEU B 35 -4.58 14.95 -52.78
C LEU B 35 -4.16 16.26 -52.12
N SER B 36 -3.62 16.14 -50.91
CA SER B 36 -3.20 17.27 -50.06
C SER B 36 -1.91 17.86 -50.66
N ILE B 37 -0.90 17.01 -50.84
CA ILE B 37 0.38 17.35 -51.50
C ILE B 37 0.06 17.88 -52.90
N GLY B 38 -0.89 17.24 -53.59
CA GLY B 38 -1.26 17.61 -54.97
C GLY B 38 -1.78 19.03 -55.03
N GLN B 39 -2.67 19.40 -54.11
CA GLN B 39 -3.26 20.77 -54.13
C GLN B 39 -2.18 21.83 -53.88
N ILE B 40 -1.15 21.51 -53.11
CA ILE B 40 -0.10 22.50 -52.74
C ILE B 40 0.83 22.66 -53.97
N TYR B 41 1.34 21.53 -54.51
CA TYR B 41 2.48 21.47 -55.45
C TYR B 41 2.09 21.46 -56.96
N LEU B 42 1.09 20.69 -57.42
CA LEU B 42 0.86 20.41 -58.87
C LEU B 42 -0.15 21.39 -59.51
N ARG B 43 0.26 22.11 -60.56
CA ARG B 43 -0.65 22.89 -61.44
C ARG B 43 -1.24 21.98 -62.53
N SER B 44 -0.60 20.85 -62.82
CA SER B 44 -1.00 19.96 -63.93
C SER B 44 -0.48 18.57 -63.65
N ASN B 45 -1.07 17.56 -64.28
CA ASN B 45 -0.57 16.16 -64.35
C ASN B 45 -0.75 15.52 -62.98
N PRO B 46 -2.02 15.41 -62.54
CA PRO B 46 -2.34 14.95 -61.19
C PRO B 46 -1.89 13.53 -60.88
N LEU B 47 -1.84 12.66 -61.88
CA LEU B 47 -1.45 11.23 -61.67
C LEU B 47 -0.01 10.95 -62.07
N MET B 48 0.80 11.96 -62.45
CA MET B 48 2.28 11.80 -62.61
C MET B 48 2.57 10.87 -63.78
N LYS B 49 1.92 11.07 -64.93
CA LYS B 49 2.14 10.26 -66.17
C LYS B 49 3.30 10.86 -66.97
N GLU B 50 4.17 10.03 -67.54
CA GLU B 50 5.32 10.48 -68.39
C GLU B 50 4.78 11.46 -69.43
N PRO B 51 5.37 12.66 -69.62
CA PRO B 51 6.53 13.11 -68.86
C PRO B 51 6.07 13.86 -67.58
N PHE B 52 6.60 13.48 -66.43
CA PHE B 52 6.36 14.15 -65.12
C PHE B 52 7.55 15.04 -64.77
N THR B 53 7.34 16.36 -64.77
CA THR B 53 8.43 17.37 -64.84
C THR B 53 8.19 18.54 -63.90
N ARG B 54 9.20 19.39 -63.77
CA ARG B 54 9.13 20.63 -62.97
C ARG B 54 8.07 21.56 -63.56
N GLU B 55 7.61 21.31 -64.78
CA GLU B 55 6.65 22.24 -65.44
C GLU B 55 5.26 22.00 -64.81
N ASP B 56 5.08 20.79 -64.26
CA ASP B 56 3.83 20.31 -63.62
C ASP B 56 3.63 20.95 -62.22
N VAL B 57 4.72 21.40 -61.58
CA VAL B 57 4.74 22.02 -60.24
C VAL B 57 4.29 23.49 -60.32
N LYS B 58 3.60 24.00 -59.30
CA LYS B 58 3.14 25.41 -59.26
C LYS B 58 4.34 26.32 -59.03
N HIS B 59 4.25 27.58 -59.44
CA HIS B 59 5.40 28.53 -59.43
C HIS B 59 5.65 29.01 -58.00
N ARG B 60 4.59 29.41 -57.28
CA ARG B 60 4.59 29.72 -55.83
C ARG B 60 3.86 28.62 -55.05
N LEU B 61 4.52 28.09 -54.03
CA LEU B 61 3.93 27.11 -53.08
C LEU B 61 3.13 27.88 -52.02
N VAL B 62 1.86 27.56 -51.88
CA VAL B 62 0.93 28.23 -50.95
C VAL B 62 0.12 27.16 -50.26
N GLY B 63 0.12 27.14 -48.94
CA GLY B 63 -0.67 26.16 -48.17
C GLY B 63 0.21 25.46 -47.17
N HIS B 64 -0.38 24.60 -46.35
CA HIS B 64 0.29 24.08 -45.14
C HIS B 64 0.26 22.54 -45.06
N TRP B 65 1.43 21.94 -45.06
CA TRP B 65 1.57 20.49 -44.93
C TRP B 65 1.43 20.05 -43.47
N GLY B 66 2.19 20.67 -42.56
CA GLY B 66 2.56 20.06 -41.26
C GLY B 66 1.36 19.41 -40.54
N THR B 67 0.27 20.15 -40.37
CA THR B 67 -0.93 19.71 -39.66
C THR B 67 -1.67 18.65 -40.51
N THR B 68 -1.65 18.80 -41.83
CA THR B 68 -2.52 18.06 -42.78
C THR B 68 -2.48 16.54 -42.61
N PRO B 69 -1.35 15.84 -42.57
CA PRO B 69 -1.38 14.38 -42.44
C PRO B 69 -2.01 13.88 -41.14
N GLY B 70 -1.78 14.61 -40.05
CA GLY B 70 -2.48 14.42 -38.79
C GLY B 70 -3.97 14.48 -39.01
N LEU B 71 -4.44 15.55 -39.65
CA LEU B 71 -5.89 15.79 -39.79
C LEU B 71 -6.46 14.68 -40.68
N ASN B 72 -5.69 14.23 -41.66
CA ASN B 72 -6.19 13.30 -42.70
C ASN B 72 -6.35 11.95 -42.03
N PHE B 73 -5.47 11.64 -41.08
CA PHE B 73 -5.49 10.38 -40.31
C PHE B 73 -6.75 10.35 -39.46
N LEU B 74 -7.06 11.46 -38.78
CA LEU B 74 -8.17 11.53 -37.80
C LEU B 74 -9.49 11.50 -38.58
N ILE B 75 -9.58 12.31 -39.64
CA ILE B 75 -10.80 12.39 -40.48
C ILE B 75 -11.07 11.02 -41.14
N GLY B 76 -10.05 10.31 -41.57
CA GLY B 76 -10.27 8.95 -42.09
C GLY B 76 -10.98 8.10 -41.06
N HIS B 77 -10.46 8.06 -39.83
CA HIS B 77 -10.93 7.22 -38.72
C HIS B 77 -12.31 7.66 -38.19
N ILE B 78 -12.63 8.95 -38.27
CA ILE B 78 -13.97 9.48 -37.93
C ILE B 78 -14.99 9.06 -38.99
N ASN B 79 -14.62 9.08 -40.27
CA ASN B 79 -15.45 8.65 -41.43
C ASN B 79 -15.81 7.18 -41.24
N ARG B 80 -14.82 6.34 -40.91
CA ARG B 80 -15.06 4.91 -40.58
C ARG B 80 -16.09 4.82 -39.47
N PHE B 81 -15.89 5.61 -38.43
CA PHE B 81 -16.73 5.69 -37.21
C PHE B 81 -18.15 6.13 -37.58
N ILE B 82 -18.31 7.16 -38.40
CA ILE B 82 -19.63 7.69 -38.78
C ILE B 82 -20.46 6.57 -39.45
N ALA B 83 -19.85 5.81 -40.36
CA ALA B 83 -20.49 4.76 -41.20
C ALA B 83 -20.85 3.51 -40.39
N ASP B 84 -19.95 3.02 -39.54
CA ASP B 84 -20.18 1.85 -38.66
C ASP B 84 -21.28 2.15 -37.60
N HIS B 85 -21.48 3.40 -37.16
CA HIS B 85 -22.33 3.74 -35.99
C HIS B 85 -23.60 4.48 -36.39
N GLY B 86 -23.64 5.16 -37.53
CA GLY B 86 -24.76 6.06 -37.89
C GLY B 86 -24.80 7.32 -37.03
N GLN B 87 -23.62 7.91 -36.73
CA GLN B 87 -23.52 9.05 -35.78
C GLN B 87 -23.57 10.38 -36.53
N ASN B 88 -24.55 11.21 -36.20
CA ASN B 88 -24.62 12.65 -36.54
C ASN B 88 -23.31 13.35 -36.09
N THR B 89 -22.37 13.61 -36.99
CA THR B 89 -21.02 14.12 -36.69
C THR B 89 -20.73 15.39 -37.50
N VAL B 90 -20.39 16.47 -36.78
CA VAL B 90 -19.78 17.71 -37.34
C VAL B 90 -18.40 17.83 -36.72
N ILE B 91 -17.36 18.03 -37.52
CA ILE B 91 -15.98 18.27 -37.01
C ILE B 91 -15.73 19.77 -36.93
N ILE B 92 -14.79 20.12 -36.06
CA ILE B 92 -14.23 21.48 -35.98
C ILE B 92 -12.75 21.28 -36.22
N MET B 93 -12.27 21.82 -37.33
CA MET B 93 -10.83 21.84 -37.65
C MET B 93 -10.24 23.14 -37.07
N GLY B 94 -9.68 23.03 -35.88
CA GLY B 94 -9.08 24.21 -35.24
C GLY B 94 -8.00 24.75 -36.15
N PRO B 95 -7.06 23.88 -36.56
CA PRO B 95 -6.00 24.25 -37.49
C PRO B 95 -6.59 24.43 -38.91
N GLY B 96 -7.34 25.51 -39.14
CA GLY B 96 -8.07 25.71 -40.40
C GLY B 96 -7.12 25.83 -41.57
N HIS B 97 -5.83 26.01 -41.27
CA HIS B 97 -4.76 26.10 -42.29
C HIS B 97 -4.46 24.71 -42.87
N GLY B 98 -4.97 23.65 -42.28
CA GLY B 98 -4.99 22.32 -42.92
C GLY B 98 -6.18 22.17 -43.87
N GLY B 99 -6.56 23.24 -44.59
CA GLY B 99 -7.67 23.29 -45.56
C GLY B 99 -7.64 22.17 -46.60
N PRO B 100 -6.45 21.72 -47.07
CA PRO B 100 -6.36 20.54 -47.92
C PRO B 100 -7.06 19.28 -47.38
N ALA B 101 -7.02 19.04 -46.07
CA ALA B 101 -7.67 17.85 -45.47
C ALA B 101 -9.17 17.99 -45.66
N GLY B 102 -9.65 19.20 -45.65
CA GLY B 102 -11.10 19.47 -45.67
C GLY B 102 -11.66 19.38 -47.07
N THR B 103 -10.92 19.90 -48.05
CA THR B 103 -11.21 19.75 -49.50
C THR B 103 -11.06 18.28 -49.86
N SER B 104 -10.02 17.61 -49.39
CA SER B 104 -9.82 16.16 -49.66
C SER B 104 -11.01 15.37 -49.12
N GLN B 105 -11.41 15.60 -47.88
CA GLN B 105 -12.58 14.89 -47.30
C GLN B 105 -13.81 15.07 -48.23
N SER B 106 -14.12 16.28 -48.67
CA SER B 106 -15.35 16.59 -49.46
C SER B 106 -15.26 15.95 -50.86
N TYR B 107 -14.07 15.90 -51.46
CA TYR B 107 -13.88 15.27 -52.78
C TYR B 107 -14.12 13.77 -52.67
N LEU B 108 -13.62 13.12 -51.61
CA LEU B 108 -13.67 11.67 -51.39
C LEU B 108 -15.05 11.19 -50.92
N ASP B 109 -15.92 12.07 -50.42
CA ASP B 109 -17.25 11.68 -49.86
C ASP B 109 -18.34 12.05 -50.87
N GLY B 110 -17.99 12.72 -51.97
CA GLY B 110 -18.92 13.02 -53.07
C GLY B 110 -19.42 14.46 -53.07
N THR B 111 -19.33 15.14 -51.94
CA THR B 111 -20.06 16.41 -51.74
C THR B 111 -19.39 17.47 -52.62
N TYR B 112 -18.12 17.29 -52.94
CA TYR B 112 -17.39 18.34 -53.71
C TYR B 112 -17.95 18.36 -55.13
N THR B 113 -17.96 17.19 -55.76
CA THR B 113 -18.51 16.97 -57.12
C THR B 113 -20.00 17.34 -57.18
N GLU B 114 -20.80 17.01 -56.16
CA GLU B 114 -22.25 17.35 -56.09
C GLU B 114 -22.41 18.87 -56.10
N THR B 115 -21.51 19.59 -55.44
CA THR B 115 -21.62 21.05 -55.17
C THR B 115 -20.92 21.84 -56.27
N PHE B 116 -19.77 21.35 -56.73
CA PHE B 116 -19.04 21.88 -57.90
C PHE B 116 -19.01 20.84 -59.02
N PRO B 117 -19.98 20.84 -59.98
CA PRO B 117 -20.06 19.79 -60.99
C PRO B 117 -18.90 19.82 -62.02
N LYS B 118 -18.22 20.95 -62.22
CA LYS B 118 -16.93 21.04 -62.98
C LYS B 118 -15.82 20.14 -62.39
N ILE B 119 -15.90 19.75 -61.13
CA ILE B 119 -14.78 19.02 -60.43
C ILE B 119 -15.16 17.54 -60.34
N THR B 120 -14.90 16.84 -61.43
CA THR B 120 -15.41 15.49 -61.70
C THR B 120 -14.50 14.47 -61.01
N LYS B 121 -14.93 13.22 -60.96
CA LYS B 121 -14.19 12.12 -60.29
C LYS B 121 -13.37 11.39 -61.34
N ASP B 122 -12.41 12.08 -61.95
CA ASP B 122 -11.54 11.54 -63.04
C ASP B 122 -10.31 12.45 -63.23
N GLU B 123 -9.33 11.98 -64.00
CA GLU B 123 -8.02 12.68 -64.20
C GLU B 123 -8.23 14.19 -64.46
N ALA B 124 -9.21 14.57 -65.26
CA ALA B 124 -9.41 15.98 -65.67
C ALA B 124 -9.82 16.78 -64.44
N GLY B 125 -10.83 16.28 -63.69
CA GLY B 125 -11.35 16.82 -62.40
C GLY B 125 -10.25 16.90 -61.35
N LEU B 126 -9.47 15.85 -61.20
CA LEU B 126 -8.33 15.81 -60.25
C LEU B 126 -7.34 16.92 -60.57
N GLN B 127 -7.09 17.18 -61.84
CA GLN B 127 -6.15 18.26 -62.25
C GLN B 127 -6.78 19.63 -61.95
N LYS B 128 -8.05 19.83 -62.30
CA LYS B 128 -8.76 21.09 -61.95
C LYS B 128 -8.62 21.31 -60.44
N PHE B 129 -8.77 20.24 -59.65
CA PHE B 129 -8.85 20.23 -58.17
C PHE B 129 -7.48 20.58 -57.55
N PHE B 130 -6.38 19.94 -57.99
CA PHE B 130 -5.02 20.31 -57.56
C PHE B 130 -4.76 21.79 -57.88
N ARG B 131 -5.05 22.22 -59.11
CA ARG B 131 -4.76 23.60 -59.57
C ARG B 131 -5.47 24.62 -58.67
N GLN B 132 -6.78 24.51 -58.50
CA GLN B 132 -7.64 25.60 -57.97
C GLN B 132 -7.25 25.93 -56.52
N PHE B 133 -6.59 25.02 -55.81
CA PHE B 133 -6.29 25.21 -54.37
C PHE B 133 -5.36 26.43 -54.20
N SER B 134 -5.77 27.42 -53.41
CA SER B 134 -4.99 28.64 -53.11
C SER B 134 -4.43 29.27 -54.40
N TYR B 135 -5.31 29.54 -55.36
CA TYR B 135 -4.89 29.85 -56.75
C TYR B 135 -5.81 30.92 -57.29
N PRO B 136 -5.27 31.95 -57.98
CA PRO B 136 -6.08 33.05 -58.50
C PRO B 136 -7.33 32.51 -59.22
N GLY B 137 -8.51 32.96 -58.81
CA GLY B 137 -9.79 32.51 -59.39
C GLY B 137 -10.26 31.18 -58.86
N GLY B 138 -9.48 30.49 -58.00
CA GLY B 138 -9.83 29.19 -57.36
C GLY B 138 -10.40 29.33 -55.95
N ILE B 139 -9.84 28.56 -55.01
CA ILE B 139 -10.45 28.40 -53.66
C ILE B 139 -9.41 28.63 -52.56
N PRO B 140 -9.87 28.99 -51.34
CA PRO B 140 -8.97 29.40 -50.27
C PRO B 140 -7.99 28.30 -49.82
N SER B 141 -6.96 28.68 -49.06
CA SER B 141 -5.99 27.77 -48.38
C SER B 141 -6.56 27.22 -47.07
N HIS B 142 -7.59 27.84 -46.51
CA HIS B 142 -8.19 27.42 -45.22
C HIS B 142 -9.48 26.63 -45.47
N PHE B 143 -10.03 26.04 -44.41
CA PHE B 143 -11.30 25.29 -44.40
C PHE B 143 -12.39 26.35 -44.41
N ALA B 144 -12.50 27.03 -45.53
CA ALA B 144 -13.35 28.22 -45.71
C ALA B 144 -14.79 27.81 -45.92
N PRO B 145 -15.72 28.77 -45.89
CA PRO B 145 -17.13 28.46 -46.01
C PRO B 145 -17.45 27.93 -47.42
N GLU B 146 -16.57 28.16 -48.39
CA GLU B 146 -16.62 27.58 -49.76
C GLU B 146 -16.49 26.06 -49.69
N THR B 147 -16.16 25.48 -48.53
CA THR B 147 -15.95 24.00 -48.36
C THR B 147 -17.17 23.33 -47.72
N PRO B 148 -17.72 22.28 -48.34
CA PRO B 148 -18.77 21.49 -47.71
C PRO B 148 -18.18 20.87 -46.45
N GLY B 149 -18.93 20.93 -45.36
CA GLY B 149 -18.57 20.35 -44.05
C GLY B 149 -17.95 21.36 -43.10
N SER B 150 -17.75 22.60 -43.50
CA SER B 150 -17.11 23.64 -42.65
C SER B 150 -18.18 24.52 -42.04
N ILE B 151 -18.12 24.70 -40.72
CA ILE B 151 -18.80 25.81 -40.02
C ILE B 151 -17.73 26.59 -39.25
N HIS B 152 -16.46 26.33 -39.54
CA HIS B 152 -15.33 26.91 -38.78
C HIS B 152 -14.08 26.92 -39.66
N GLU B 153 -13.59 28.10 -40.07
CA GLU B 153 -12.48 28.25 -41.03
C GLU B 153 -11.14 28.09 -40.34
N GLY B 154 -11.03 28.53 -39.09
CA GLY B 154 -9.81 28.31 -38.30
C GLY B 154 -8.64 29.16 -38.81
N GLY B 155 -8.94 30.30 -39.43
CA GLY B 155 -7.92 31.26 -39.89
C GLY B 155 -7.31 31.98 -38.70
N GLU B 156 -8.11 32.80 -38.04
CA GLU B 156 -7.84 33.31 -36.68
C GLU B 156 -8.08 32.22 -35.63
N LEU B 157 -7.02 31.73 -35.02
CA LEU B 157 -7.06 30.57 -34.08
C LEU B 157 -7.62 31.02 -32.76
N GLY B 158 -8.28 30.11 -32.06
CA GLY B 158 -8.77 30.33 -30.69
C GLY B 158 -10.18 29.83 -30.47
N TYR B 159 -11.01 29.79 -31.53
CA TYR B 159 -12.49 29.69 -31.43
C TYR B 159 -12.94 28.24 -31.62
N ALA B 160 -12.02 27.30 -31.74
CA ALA B 160 -12.33 25.86 -31.96
C ALA B 160 -13.33 25.35 -30.92
N LEU B 161 -13.06 25.59 -29.63
CA LEU B 161 -13.86 24.95 -28.54
C LEU B 161 -15.13 25.75 -28.26
N SER B 162 -15.10 27.07 -28.33
CA SER B 162 -16.36 27.83 -28.18
C SER B 162 -17.32 27.40 -29.29
N HIS B 163 -16.87 27.30 -30.53
CA HIS B 163 -17.76 26.90 -31.67
C HIS B 163 -18.28 25.46 -31.47
N ALA B 164 -17.42 24.52 -31.07
CA ALA B 164 -17.82 23.12 -30.83
C ALA B 164 -18.95 23.08 -29.79
N TYR B 165 -18.76 23.79 -28.69
CA TYR B 165 -19.73 23.71 -27.58
C TYR B 165 -21.01 24.44 -27.96
N GLY B 166 -20.94 25.54 -28.74
CA GLY B 166 -22.16 26.24 -29.19
C GLY B 166 -23.02 25.36 -30.10
N ALA B 167 -22.39 24.55 -30.94
CA ALA B 167 -23.00 23.68 -31.96
C ALA B 167 -23.84 22.58 -31.29
N ILE B 168 -23.46 22.10 -30.10
CA ILE B 168 -24.13 20.92 -29.49
C ILE B 168 -25.27 21.38 -28.58
N MET B 169 -25.36 22.66 -28.28
CA MET B 169 -26.42 23.16 -27.36
C MET B 169 -27.76 22.92 -28.03
N ASP B 170 -28.72 22.33 -27.29
CA ASP B 170 -30.09 22.07 -27.80
C ASP B 170 -30.01 21.20 -29.06
N ASN B 171 -29.01 20.33 -29.11
CA ASN B 171 -28.64 19.49 -30.27
C ASN B 171 -28.19 18.15 -29.70
N PRO B 172 -29.08 17.42 -29.02
CA PRO B 172 -28.70 16.19 -28.31
C PRO B 172 -28.23 14.96 -29.11
N SER B 173 -28.45 14.95 -30.43
CA SER B 173 -27.94 13.87 -31.35
C SER B 173 -26.56 14.27 -31.88
N LEU B 174 -26.18 15.54 -31.76
CA LEU B 174 -24.92 15.95 -32.44
C LEU B 174 -23.69 15.53 -31.61
N PHE B 175 -22.71 14.96 -32.30
CA PHE B 175 -21.35 14.68 -31.81
C PHE B 175 -20.36 15.55 -32.59
N VAL B 176 -19.46 16.22 -31.87
CA VAL B 176 -18.44 17.14 -32.44
C VAL B 176 -17.07 16.74 -31.94
N PRO B 177 -16.28 15.99 -32.75
CA PRO B 177 -14.86 15.83 -32.52
C PRO B 177 -14.26 17.19 -32.88
N ALA B 178 -13.81 17.93 -31.86
CA ALA B 178 -13.24 19.29 -32.02
C ALA B 178 -11.72 19.19 -32.02
N ILE B 179 -11.10 19.27 -33.20
CA ILE B 179 -9.63 19.13 -33.34
C ILE B 179 -9.01 20.50 -33.04
N VAL B 180 -8.11 20.55 -32.05
CA VAL B 180 -7.51 21.80 -31.50
C VAL B 180 -6.01 21.77 -31.74
N GLY B 181 -5.42 22.79 -32.35
CA GLY B 181 -3.95 22.86 -32.48
C GLY B 181 -3.25 23.04 -31.14
N ASP B 182 -2.03 22.54 -30.96
CA ASP B 182 -1.33 22.68 -29.66
C ASP B 182 -0.76 24.10 -29.54
N GLY B 183 -0.50 24.77 -30.66
CA GLY B 183 -0.27 26.21 -30.75
C GLY B 183 -1.53 27.00 -30.44
N GLU B 184 -2.68 26.60 -30.99
CA GLU B 184 -3.99 27.25 -30.76
C GLU B 184 -4.33 27.17 -29.27
N ALA B 185 -3.88 26.12 -28.60
CA ALA B 185 -4.11 25.94 -27.16
C ALA B 185 -3.39 27.03 -26.34
N GLU B 186 -2.42 27.73 -26.93
CA GLU B 186 -1.67 28.80 -26.23
C GLU B 186 -2.46 30.11 -26.23
N THR B 187 -3.50 30.23 -27.06
CA THR B 187 -4.32 31.46 -27.18
C THR B 187 -5.24 31.53 -25.95
N GLY B 188 -5.66 32.73 -25.61
CA GLY B 188 -6.57 32.98 -24.49
C GLY B 188 -7.93 32.32 -24.72
N PRO B 189 -8.61 32.65 -25.84
CA PRO B 189 -9.96 32.12 -26.10
C PRO B 189 -9.98 30.60 -25.99
N LEU B 190 -8.95 29.92 -26.47
CA LEU B 190 -8.96 28.44 -26.41
C LEU B 190 -8.83 28.04 -24.93
N ALA B 191 -7.93 28.68 -24.17
CA ALA B 191 -7.59 28.24 -22.80
C ALA B 191 -8.87 28.19 -21.96
N THR B 192 -9.71 29.20 -22.08
CA THR B 192 -10.99 29.28 -21.31
C THR B 192 -12.09 28.40 -21.94
N GLY B 193 -12.03 28.12 -23.23
CA GLY B 193 -13.02 27.29 -23.93
C GLY B 193 -13.06 25.87 -23.39
N TRP B 194 -11.94 25.36 -22.85
CA TRP B 194 -11.90 24.02 -22.20
C TRP B 194 -12.97 23.92 -21.12
N GLN B 195 -13.32 25.05 -20.47
CA GLN B 195 -14.14 25.11 -19.23
C GLN B 195 -15.62 25.02 -19.62
N SER B 196 -15.94 24.97 -20.92
CA SER B 196 -17.36 25.00 -21.41
C SER B 196 -18.08 23.73 -20.93
N ASN B 197 -17.38 22.68 -20.53
CA ASN B 197 -18.05 21.41 -20.14
C ASN B 197 -18.87 21.62 -18.86
N LYS B 198 -18.75 22.75 -18.13
CA LYS B 198 -19.63 23.01 -16.95
C LYS B 198 -20.82 23.92 -17.30
N LEU B 199 -21.05 24.21 -18.59
CA LEU B 199 -22.18 25.03 -19.10
C LEU B 199 -23.05 24.26 -20.10
N VAL B 200 -22.84 22.95 -20.25
CA VAL B 200 -23.66 22.05 -21.12
C VAL B 200 -24.17 20.87 -20.31
N ASN B 201 -25.31 20.32 -20.75
CA ASN B 201 -25.97 19.18 -20.08
C ASN B 201 -25.96 17.99 -21.04
N PRO B 202 -25.46 16.81 -20.61
CA PRO B 202 -25.42 15.65 -21.47
C PRO B 202 -26.78 15.09 -21.91
N ARG B 203 -27.90 15.49 -21.34
CA ARG B 203 -29.22 15.06 -21.84
C ARG B 203 -29.76 16.04 -22.90
N THR B 204 -29.84 17.32 -22.61
CA THR B 204 -30.46 18.35 -23.49
C THR B 204 -29.46 18.90 -24.53
N ASP B 205 -28.15 18.75 -24.30
CA ASP B 205 -27.10 19.16 -25.27
C ASP B 205 -26.43 17.91 -25.86
N GLY B 206 -25.72 18.09 -26.97
CA GLY B 206 -24.93 17.01 -27.58
C GLY B 206 -23.61 16.84 -26.84
N ILE B 207 -22.60 16.29 -27.50
CA ILE B 207 -21.31 15.92 -26.88
C ILE B 207 -20.14 16.42 -27.75
N VAL B 208 -19.14 17.02 -27.09
CA VAL B 208 -17.89 17.42 -27.75
C VAL B 208 -16.78 16.47 -27.29
N LEU B 209 -16.01 15.95 -28.25
CA LEU B 209 -14.79 15.19 -27.98
C LEU B 209 -13.65 16.12 -28.38
N PRO B 210 -13.04 16.83 -27.43
CA PRO B 210 -11.84 17.60 -27.71
C PRO B 210 -10.75 16.62 -28.12
N ILE B 211 -10.04 16.95 -29.21
CA ILE B 211 -8.84 16.23 -29.73
C ILE B 211 -7.75 17.28 -29.84
N LEU B 212 -6.67 17.05 -29.10
CA LEU B 212 -5.51 17.95 -29.03
C LEU B 212 -4.50 17.41 -30.04
N HIS B 213 -4.23 18.22 -31.05
CA HIS B 213 -3.33 17.91 -32.18
C HIS B 213 -1.92 18.27 -31.68
N LEU B 214 -1.37 17.36 -30.89
CA LEU B 214 -0.15 17.58 -30.10
C LEU B 214 1.00 17.13 -30.99
N ASN B 215 1.20 17.87 -32.07
CA ASN B 215 2.22 17.53 -33.08
C ASN B 215 3.57 18.13 -32.68
N GLY B 216 3.63 18.82 -31.55
CA GLY B 216 4.90 19.21 -30.91
C GLY B 216 5.32 20.64 -31.22
N TYR B 217 4.66 21.31 -32.18
CA TYR B 217 5.17 22.54 -32.82
C TYR B 217 4.03 23.40 -33.33
N LYS B 218 4.32 24.70 -33.40
CA LYS B 218 3.52 25.74 -34.08
C LYS B 218 4.39 26.20 -35.28
N ILE B 219 4.40 27.47 -35.68
CA ILE B 219 5.15 27.88 -36.91
C ILE B 219 6.65 27.63 -36.75
N ALA B 220 7.24 28.18 -35.69
CA ALA B 220 8.70 28.31 -35.59
C ALA B 220 9.13 28.01 -34.17
N ASN B 221 8.30 27.31 -33.41
CA ASN B 221 8.57 27.08 -31.97
C ASN B 221 7.93 25.77 -31.57
N PRO B 222 8.45 25.12 -30.52
CA PRO B 222 7.70 24.05 -29.85
C PRO B 222 6.42 24.61 -29.21
N THR B 223 5.48 23.74 -28.89
CA THR B 223 4.26 24.11 -28.14
C THR B 223 4.51 23.87 -26.66
N ILE B 224 3.91 24.69 -25.81
CA ILE B 224 4.08 24.56 -24.34
C ILE B 224 3.61 23.17 -23.91
N LEU B 225 2.44 22.76 -24.40
CA LEU B 225 1.72 21.54 -23.93
C LEU B 225 2.47 20.27 -24.36
N SER B 226 3.41 20.34 -25.30
CA SER B 226 4.18 19.14 -25.74
C SER B 226 5.49 18.99 -24.98
N ARG B 227 5.97 20.05 -24.35
CA ARG B 227 7.29 20.09 -23.70
C ARG B 227 7.13 20.20 -22.17
N ILE B 228 5.92 20.13 -21.65
CA ILE B 228 5.72 19.84 -20.20
C ILE B 228 5.61 18.32 -20.03
N SER B 229 5.81 17.85 -18.79
CA SER B 229 5.71 16.42 -18.42
C SER B 229 4.34 15.88 -18.81
N ASP B 230 4.24 14.61 -19.15
CA ASP B 230 2.95 13.95 -19.44
C ASP B 230 2.06 13.96 -18.18
N GLU B 231 2.63 13.90 -16.98
CA GLU B 231 1.81 13.89 -15.73
C GLU B 231 1.13 15.27 -15.59
N GLU B 232 1.87 16.36 -15.75
CA GLU B 232 1.26 17.73 -15.80
C GLU B 232 0.13 17.79 -16.84
N LEU B 233 0.40 17.36 -18.06
CA LEU B 233 -0.61 17.43 -19.14
C LEU B 233 -1.90 16.65 -18.75
N HIS B 234 -1.78 15.47 -18.13
CA HIS B 234 -2.97 14.64 -17.80
C HIS B 234 -3.75 15.33 -16.67
N GLU B 235 -3.00 15.88 -15.71
CA GLU B 235 -3.59 16.56 -14.52
C GLU B 235 -4.40 17.78 -14.99
N PHE B 236 -3.79 18.60 -15.81
CA PHE B 236 -4.39 19.81 -16.37
C PHE B 236 -5.77 19.44 -16.96
N PHE B 237 -5.87 18.37 -17.76
CA PHE B 237 -7.15 18.05 -18.45
C PHE B 237 -8.09 17.44 -17.42
N HIS B 238 -7.58 16.65 -16.49
CA HIS B 238 -8.47 16.08 -15.44
C HIS B 238 -9.03 17.25 -14.61
N GLY B 239 -8.20 18.24 -14.29
CA GLY B 239 -8.62 19.39 -13.47
C GLY B 239 -9.69 20.25 -14.15
N MET B 240 -9.82 20.15 -15.47
CA MET B 240 -10.81 20.92 -16.25
C MET B 240 -12.00 20.04 -16.61
N GLY B 241 -12.04 18.82 -16.06
CA GLY B 241 -13.26 18.00 -15.99
C GLY B 241 -13.39 17.06 -17.17
N TYR B 242 -12.23 16.62 -17.66
CA TYR B 242 -12.03 15.66 -18.77
C TYR B 242 -11.31 14.41 -18.25
N GLU B 243 -11.64 13.26 -18.86
CA GLU B 243 -10.91 11.97 -18.69
C GLU B 243 -9.98 11.88 -19.89
N PRO B 244 -8.69 12.23 -19.73
CA PRO B 244 -7.80 12.32 -20.86
C PRO B 244 -7.28 10.93 -21.26
N TYR B 245 -7.32 10.66 -22.56
CA TYR B 245 -6.73 9.52 -23.27
C TYR B 245 -5.62 10.06 -24.17
N GLU B 246 -4.54 9.31 -24.29
CA GLU B 246 -3.35 9.72 -25.05
C GLU B 246 -3.03 8.62 -26.05
N PHE B 247 -2.87 9.03 -27.29
CA PHE B 247 -2.43 8.18 -28.42
C PHE B 247 -1.10 8.74 -28.92
N VAL B 248 -0.07 7.92 -28.82
CA VAL B 248 1.27 8.24 -29.38
C VAL B 248 1.49 7.31 -30.59
N ALA B 249 1.79 7.87 -31.76
CA ALA B 249 2.17 7.08 -32.96
C ALA B 249 3.08 7.92 -33.86
N GLY B 250 3.95 7.26 -34.61
CA GLY B 250 4.72 7.81 -35.74
C GLY B 250 6.14 8.18 -35.37
N PHE B 251 6.59 7.87 -34.16
CA PHE B 251 7.92 8.29 -33.67
C PHE B 251 8.91 7.15 -33.94
N ASP B 252 8.39 5.98 -34.33
CA ASP B 252 9.18 4.74 -34.54
C ASP B 252 8.72 4.04 -35.81
N ASP B 253 9.05 2.75 -35.96
CA ASP B 253 8.91 1.96 -37.21
C ASP B 253 7.58 1.21 -37.23
N GLU B 254 6.66 1.51 -36.33
CA GLU B 254 5.40 0.73 -36.22
C GLU B 254 4.74 0.74 -37.59
N ASP B 255 4.30 -0.43 -38.08
CA ASP B 255 3.60 -0.54 -39.39
C ASP B 255 2.33 0.28 -39.26
N HIS B 256 1.93 0.94 -40.35
CA HIS B 256 0.69 1.76 -40.46
C HIS B 256 -0.57 0.98 -40.04
N MET B 257 -0.65 -0.34 -40.28
CA MET B 257 -1.88 -1.09 -39.97
C MET B 257 -1.96 -1.31 -38.47
N SER B 258 -0.83 -1.57 -37.81
CA SER B 258 -0.74 -1.62 -36.33
C SER B 258 -1.25 -0.30 -35.70
N ILE B 259 -0.78 0.84 -36.19
CA ILE B 259 -1.25 2.18 -35.73
C ILE B 259 -2.78 2.24 -35.89
N HIS B 260 -3.29 1.93 -37.07
CA HIS B 260 -4.75 1.99 -37.33
C HIS B 260 -5.49 1.09 -36.35
N ARG B 261 -4.95 -0.07 -36.01
CA ARG B 261 -5.70 -1.05 -35.20
C ARG B 261 -5.81 -0.44 -33.82
N ARG B 262 -4.66 -0.02 -33.28
CA ARG B 262 -4.53 0.58 -31.91
C ARG B 262 -5.47 1.78 -31.81
N PHE B 263 -5.45 2.67 -32.81
CA PHE B 263 -6.27 3.89 -32.81
C PHE B 263 -7.77 3.57 -32.85
N ALA B 264 -8.24 2.74 -33.76
CA ALA B 264 -9.68 2.37 -33.82
C ALA B 264 -10.13 1.74 -32.49
N GLU B 265 -9.30 0.91 -31.88
CA GLU B 265 -9.57 0.23 -30.57
C GLU B 265 -9.75 1.28 -29.47
N LEU B 266 -8.78 2.19 -29.32
CA LEU B 266 -8.87 3.36 -28.39
C LEU B 266 -10.15 4.18 -28.65
N TRP B 267 -10.32 4.64 -29.88
CA TRP B 267 -11.50 5.45 -30.28
C TRP B 267 -12.81 4.76 -29.88
N GLU B 268 -12.94 3.46 -30.12
CA GLU B 268 -14.18 2.73 -29.74
C GLU B 268 -14.32 2.74 -28.20
N THR B 269 -13.22 2.60 -27.46
CA THR B 269 -13.22 2.71 -25.96
C THR B 269 -13.71 4.10 -25.55
N ILE B 270 -13.18 5.16 -26.17
CA ILE B 270 -13.66 6.54 -25.87
C ILE B 270 -15.14 6.62 -26.17
N TRP B 271 -15.60 6.04 -27.27
CA TRP B 271 -17.01 6.13 -27.74
C TRP B 271 -17.91 5.36 -26.78
N ASP B 272 -17.45 4.21 -26.31
CA ASP B 272 -18.22 3.39 -25.32
C ASP B 272 -18.48 4.25 -24.09
N GLU B 273 -17.45 4.97 -23.60
CA GLU B 273 -17.55 5.87 -22.43
C GLU B 273 -18.56 6.99 -22.75
N ILE B 274 -18.49 7.60 -23.92
CA ILE B 274 -19.46 8.67 -24.32
C ILE B 274 -20.87 8.09 -24.36
N CYS B 275 -21.04 6.85 -24.82
CA CYS B 275 -22.38 6.19 -24.90
C CYS B 275 -22.89 5.89 -23.48
N ASP B 276 -22.01 5.52 -22.56
CA ASP B 276 -22.41 5.35 -21.14
C ASP B 276 -22.90 6.69 -20.60
N ILE B 277 -22.21 7.77 -20.93
CA ILE B 277 -22.59 9.14 -20.45
C ILE B 277 -23.98 9.51 -20.99
N LYS B 278 -24.23 9.33 -22.26
CA LYS B 278 -25.52 9.67 -22.91
C LYS B 278 -26.64 8.80 -22.32
N ALA B 279 -26.34 7.55 -21.98
CA ALA B 279 -27.34 6.59 -21.45
C ALA B 279 -27.68 7.00 -20.01
N THR B 280 -26.67 7.28 -19.20
CA THR B 280 -26.81 7.71 -17.79
C THR B 280 -27.62 9.00 -17.75
N ALA B 281 -27.34 9.95 -18.66
CA ALA B 281 -27.99 11.28 -18.72
C ALA B 281 -29.52 11.18 -18.94
N GLN B 282 -30.05 10.08 -19.45
CA GLN B 282 -31.53 9.93 -19.62
C GLN B 282 -32.12 9.68 -18.23
N THR B 283 -31.34 9.12 -17.31
CA THR B 283 -31.76 8.87 -15.92
C THR B 283 -31.31 9.99 -14.98
N ASP B 284 -30.02 10.26 -14.94
CA ASP B 284 -29.36 11.26 -14.06
C ASP B 284 -28.60 12.29 -14.90
N ASN B 285 -29.10 13.51 -15.02
CA ASN B 285 -28.37 14.60 -15.73
C ASN B 285 -28.07 15.75 -14.76
N VAL B 286 -27.95 15.49 -13.46
CA VAL B 286 -27.63 16.60 -12.50
C VAL B 286 -26.19 16.40 -11.98
N HIS B 287 -25.54 15.29 -12.32
CA HIS B 287 -24.16 14.95 -11.90
C HIS B 287 -23.29 15.14 -13.13
N ARG B 288 -22.41 16.14 -13.12
CA ARG B 288 -21.47 16.39 -14.23
C ARG B 288 -20.52 15.20 -14.31
N PRO B 289 -20.46 14.52 -15.47
CA PRO B 289 -19.42 13.52 -15.70
C PRO B 289 -18.09 14.12 -16.21
N PHE B 290 -17.03 13.33 -16.10
CA PHE B 290 -15.74 13.58 -16.75
C PHE B 290 -15.91 13.13 -18.20
N TYR B 291 -15.92 14.10 -19.11
CA TYR B 291 -16.00 13.90 -20.57
C TYR B 291 -14.63 13.45 -21.09
N PRO B 292 -14.55 12.40 -21.92
CA PRO B 292 -13.29 11.99 -22.52
C PRO B 292 -12.70 13.13 -23.36
N MET B 293 -11.38 13.16 -23.46
CA MET B 293 -10.71 14.04 -24.44
C MET B 293 -9.51 13.27 -25.00
N LEU B 294 -9.05 13.60 -26.18
CA LEU B 294 -7.97 12.80 -26.80
C LEU B 294 -6.75 13.71 -27.00
N ILE B 295 -5.63 13.28 -26.45
CA ILE B 295 -4.28 13.82 -26.71
C ILE B 295 -3.73 12.97 -27.84
N PHE B 296 -3.65 13.56 -29.03
CA PHE B 296 -3.19 12.90 -30.27
C PHE B 296 -1.76 13.38 -30.53
N ARG B 297 -0.78 12.56 -30.10
CA ARG B 297 0.65 12.91 -30.15
C ARG B 297 1.33 12.24 -31.34
N THR B 298 1.54 13.00 -32.41
CA THR B 298 2.15 12.53 -33.68
C THR B 298 3.15 13.57 -34.20
N PRO B 299 4.16 13.17 -34.99
CA PRO B 299 5.17 14.11 -35.46
C PRO B 299 4.58 15.02 -36.54
N LYS B 300 4.78 16.33 -36.41
CA LYS B 300 4.28 17.33 -37.39
C LYS B 300 4.81 16.96 -38.78
N GLY B 301 3.97 17.04 -39.79
CA GLY B 301 4.30 16.66 -41.18
C GLY B 301 4.35 15.15 -41.42
N TRP B 302 3.93 14.32 -40.45
CA TRP B 302 3.91 12.83 -40.47
C TRP B 302 3.86 12.31 -41.89
N THR B 303 4.87 11.51 -42.30
CA THR B 303 5.00 10.82 -43.63
C THR B 303 5.59 11.70 -44.74
N CYS B 304 6.06 12.92 -44.45
CA CYS B 304 6.96 13.68 -45.36
C CYS B 304 8.37 13.13 -45.17
N PRO B 305 9.32 13.45 -46.08
CA PRO B 305 10.72 13.05 -45.89
C PRO B 305 11.28 13.48 -44.54
N LYS B 306 11.81 12.53 -43.78
CA LYS B 306 12.45 12.75 -42.45
C LYS B 306 13.46 13.90 -42.50
N TYR B 307 14.39 13.91 -43.46
CA TYR B 307 15.39 14.99 -43.64
C TYR B 307 15.36 15.51 -45.08
N ILE B 308 15.43 16.82 -45.23
CA ILE B 308 15.55 17.49 -46.56
C ILE B 308 16.72 18.48 -46.52
N ASP B 309 17.74 18.23 -47.32
CA ASP B 309 18.96 19.08 -47.43
C ASP B 309 19.55 19.18 -46.02
N GLY B 310 19.54 18.05 -45.29
CA GLY B 310 20.23 17.89 -43.99
C GLY B 310 19.48 18.46 -42.80
N LYS B 311 18.27 19.03 -42.96
CA LYS B 311 17.49 19.64 -41.85
C LYS B 311 16.29 18.73 -41.53
N LYS B 312 16.11 18.39 -40.24
CA LYS B 312 15.00 17.53 -39.77
C LYS B 312 13.68 18.20 -40.13
N THR B 313 12.80 17.48 -40.83
CA THR B 313 11.56 18.02 -41.45
C THR B 313 10.33 17.32 -40.88
N GLU B 314 10.33 16.00 -40.79
CA GLU B 314 9.27 15.26 -40.08
C GLU B 314 9.62 15.39 -38.61
N GLY B 315 8.62 15.68 -37.79
CA GLY B 315 8.80 15.89 -36.35
C GLY B 315 9.52 17.20 -36.08
N SER B 316 9.29 18.21 -36.93
CA SER B 316 9.79 19.59 -36.74
C SER B 316 8.83 20.66 -37.26
N TRP B 317 9.06 21.89 -36.80
CA TRP B 317 8.34 23.13 -37.20
C TRP B 317 8.68 23.43 -38.65
N ARG B 318 9.74 22.83 -39.19
CA ARG B 318 10.14 23.07 -40.59
C ARG B 318 9.08 22.51 -41.53
N SER B 319 8.22 21.58 -41.09
CA SER B 319 7.19 20.99 -41.99
C SER B 319 5.92 21.84 -42.03
N HIS B 320 5.89 23.01 -41.39
CA HIS B 320 4.64 23.73 -41.03
C HIS B 320 3.96 24.22 -42.30
N GLN B 321 4.70 24.94 -43.14
CA GLN B 321 4.16 25.48 -44.40
C GLN B 321 4.32 24.34 -45.43
N VAL B 322 5.51 24.19 -46.01
CA VAL B 322 5.89 23.13 -46.99
C VAL B 322 7.25 22.58 -46.59
N PRO B 323 7.41 21.28 -46.34
CA PRO B 323 8.72 20.78 -45.91
C PRO B 323 9.82 20.99 -46.97
N LEU B 324 9.38 21.15 -48.23
CA LEU B 324 10.25 21.24 -49.42
C LEU B 324 9.90 22.51 -50.13
N ALA B 325 10.73 23.54 -50.00
CA ALA B 325 10.42 24.96 -50.28
C ALA B 325 10.30 25.23 -51.80
N SER B 326 10.91 24.39 -52.63
CA SER B 326 10.76 24.46 -54.10
C SER B 326 10.96 23.07 -54.70
N ALA B 327 10.13 22.72 -55.67
CA ALA B 327 10.30 21.51 -56.49
C ALA B 327 10.65 21.90 -57.93
N ARG B 328 10.65 23.20 -58.25
CA ARG B 328 11.09 23.75 -59.56
C ARG B 328 12.59 24.13 -59.56
N ASP B 329 13.17 24.61 -58.46
CA ASP B 329 14.47 25.33 -58.51
C ASP B 329 15.60 24.38 -58.93
N THR B 330 15.50 23.07 -58.65
CA THR B 330 16.55 22.07 -58.99
C THR B 330 15.91 20.71 -59.25
N GLU B 331 16.70 19.77 -59.78
CA GLU B 331 16.25 18.41 -60.15
C GLU B 331 16.17 17.59 -58.85
N ALA B 332 17.13 17.75 -57.95
CA ALA B 332 17.21 16.96 -56.69
C ALA B 332 16.00 17.27 -55.81
N HIS B 333 15.53 18.52 -55.82
CA HIS B 333 14.32 18.96 -55.07
C HIS B 333 13.07 18.33 -55.72
N PHE B 334 12.91 18.42 -57.04
CA PHE B 334 11.86 17.69 -57.80
C PHE B 334 11.89 16.19 -57.46
N GLU B 335 13.06 15.57 -57.53
CA GLU B 335 13.29 14.14 -57.19
C GLU B 335 12.64 13.81 -55.83
N VAL B 336 12.75 14.71 -54.84
CA VAL B 336 12.17 14.51 -53.47
C VAL B 336 10.63 14.57 -53.56
N LEU B 337 10.06 15.55 -54.27
CA LEU B 337 8.60 15.67 -54.40
C LEU B 337 8.05 14.37 -55.00
N LYS B 338 8.66 13.91 -56.08
CA LYS B 338 8.26 12.73 -56.87
C LYS B 338 8.29 11.50 -55.97
N ASN B 339 9.36 11.32 -55.20
CA ASN B 339 9.52 10.12 -54.35
C ASN B 339 8.48 10.18 -53.22
N TRP B 340 8.27 11.38 -52.69
CA TRP B 340 7.30 11.64 -51.61
C TRP B 340 5.90 11.23 -52.08
N LEU B 341 5.44 11.79 -53.21
CA LEU B 341 4.11 11.45 -53.82
C LEU B 341 4.02 9.93 -54.10
N GLU B 342 5.13 9.26 -54.39
CA GLU B 342 5.11 7.86 -54.85
C GLU B 342 4.99 6.96 -53.62
N SER B 343 5.42 7.44 -52.45
CA SER B 343 5.49 6.64 -51.19
C SER B 343 4.10 6.24 -50.77
N TYR B 344 3.08 6.98 -51.24
CA TYR B 344 1.63 6.71 -51.01
C TYR B 344 1.12 5.65 -52.01
N LYS B 345 1.98 5.13 -52.88
CA LYS B 345 1.67 4.08 -53.88
C LYS B 345 0.31 4.37 -54.50
N PRO B 346 0.14 5.53 -55.19
CA PRO B 346 -1.13 5.93 -55.79
C PRO B 346 -1.64 5.09 -56.97
N GLU B 347 -0.75 4.29 -57.56
CA GLU B 347 -1.13 3.28 -58.59
C GLU B 347 -2.13 2.28 -57.97
N GLU B 348 -2.18 2.12 -56.64
CA GLU B 348 -3.16 1.27 -55.92
C GLU B 348 -4.46 2.04 -55.59
N LEU B 349 -4.54 3.35 -55.83
CA LEU B 349 -5.66 4.17 -55.28
C LEU B 349 -6.57 4.70 -56.40
N PHE B 350 -6.05 4.90 -57.61
CA PHE B 350 -6.81 5.47 -58.75
C PHE B 350 -7.00 4.39 -59.80
N ASP B 351 -8.16 4.39 -60.45
CA ASP B 351 -8.37 3.56 -61.66
C ASP B 351 -7.73 4.30 -62.84
N ALA B 352 -7.90 3.82 -64.08
CA ALA B 352 -7.20 4.37 -65.26
C ALA B 352 -7.89 5.67 -65.70
N ASN B 353 -9.15 5.89 -65.32
CA ASN B 353 -9.89 7.16 -65.56
C ASN B 353 -9.35 8.28 -64.64
N GLY B 354 -8.46 7.97 -63.67
CA GLY B 354 -8.15 8.84 -62.53
C GLY B 354 -9.32 9.07 -61.55
N ALA B 355 -10.24 8.13 -61.43
CA ALA B 355 -11.23 8.09 -60.34
C ALA B 355 -10.62 7.32 -59.16
N VAL B 356 -11.02 7.65 -57.94
CA VAL B 356 -10.57 6.88 -56.76
C VAL B 356 -11.29 5.53 -56.83
N LYS B 357 -10.54 4.46 -56.61
CA LYS B 357 -11.10 3.10 -56.63
C LYS B 357 -12.18 2.94 -55.54
N ASP B 358 -13.22 2.17 -55.86
CA ASP B 358 -14.34 1.75 -54.99
C ASP B 358 -13.88 1.15 -53.64
N ASP B 359 -12.77 0.42 -53.57
CA ASP B 359 -12.35 -0.25 -52.29
C ASP B 359 -11.57 0.74 -51.38
N VAL B 360 -11.24 1.93 -51.89
CA VAL B 360 -10.64 3.01 -51.08
C VAL B 360 -11.77 3.66 -50.28
N LEU B 361 -13.01 3.59 -50.76
CA LEU B 361 -14.15 4.34 -50.20
C LEU B 361 -15.29 3.42 -49.75
N ALA B 362 -15.09 2.10 -49.75
CA ALA B 362 -16.19 1.15 -49.43
C ALA B 362 -16.72 1.49 -48.04
N PHE B 363 -15.83 1.85 -47.09
CA PHE B 363 -16.11 2.15 -45.67
C PHE B 363 -16.75 3.53 -45.43
N MET B 364 -16.73 4.45 -46.38
CA MET B 364 -17.20 5.84 -46.16
C MET B 364 -18.67 5.89 -45.77
N PRO B 365 -19.09 6.88 -44.96
CA PRO B 365 -20.50 7.08 -44.72
C PRO B 365 -21.16 7.56 -46.01
N LYS B 366 -22.50 7.70 -45.99
CA LYS B 366 -23.38 7.88 -47.18
C LYS B 366 -24.46 8.88 -46.82
N GLY B 367 -24.94 9.61 -47.81
CA GLY B 367 -26.13 10.46 -47.62
C GLY B 367 -25.82 11.59 -46.67
N GLU B 368 -26.77 11.93 -45.81
CA GLU B 368 -26.71 13.09 -44.90
C GLU B 368 -25.77 12.82 -43.71
N LEU B 369 -25.25 11.60 -43.54
CA LEU B 369 -24.24 11.31 -42.48
C LEU B 369 -22.83 11.74 -42.92
N ARG B 370 -22.64 12.05 -44.19
CA ARG B 370 -21.31 12.43 -44.73
C ARG B 370 -20.96 13.78 -44.15
N ILE B 371 -19.69 13.98 -43.86
CA ILE B 371 -19.20 15.23 -43.21
C ILE B 371 -19.61 16.42 -44.07
N GLY B 372 -19.52 16.29 -45.39
CA GLY B 372 -19.78 17.40 -46.31
C GLY B 372 -21.25 17.70 -46.46
N ALA B 373 -22.12 16.71 -46.17
CA ALA B 373 -23.58 16.80 -46.43
C ALA B 373 -24.43 17.02 -45.18
N ASN B 374 -23.92 16.91 -43.97
CA ASN B 374 -24.75 16.99 -42.72
C ASN B 374 -25.36 18.37 -42.64
N PRO B 375 -26.68 18.53 -42.44
CA PRO B 375 -27.27 19.85 -42.53
C PRO B 375 -26.76 20.75 -41.36
N ASN B 376 -26.18 20.15 -40.32
CA ASN B 376 -25.62 20.91 -39.19
C ASN B 376 -24.51 21.83 -39.72
N ALA B 377 -23.83 21.43 -40.79
CA ALA B 377 -22.72 22.17 -41.44
C ALA B 377 -23.25 23.10 -42.55
N ASN B 378 -24.57 23.30 -42.58
CA ASN B 378 -25.26 24.22 -43.53
C ASN B 378 -26.62 24.55 -42.93
N GLY B 379 -26.57 25.22 -41.80
CA GLY B 379 -27.62 25.24 -40.76
C GLY B 379 -28.81 26.00 -41.25
N GLY B 380 -28.56 26.83 -42.24
CA GLY B 380 -29.62 27.49 -43.03
C GLY B 380 -30.69 26.48 -43.50
N VAL B 381 -30.36 25.23 -43.85
CA VAL B 381 -31.38 24.25 -44.33
C VAL B 381 -32.25 23.84 -43.15
N ILE B 382 -31.76 23.93 -41.91
CA ILE B 382 -32.49 23.54 -40.65
C ILE B 382 -33.32 24.73 -40.12
N ARG B 383 -32.83 25.94 -40.33
CA ARG B 383 -33.36 27.17 -39.70
C ARG B 383 -34.80 27.41 -40.15
N ASN B 384 -35.68 27.77 -39.22
CA ASN B 384 -37.04 28.29 -39.49
C ASN B 384 -37.17 29.70 -38.92
N ASP B 385 -38.09 30.48 -39.47
CA ASP B 385 -38.51 31.77 -38.91
C ASP B 385 -38.97 31.53 -37.47
N LEU B 386 -38.61 32.44 -36.57
CA LEU B 386 -39.14 32.45 -35.20
C LEU B 386 -40.64 32.71 -35.25
N LYS B 387 -41.41 32.13 -34.33
CA LYS B 387 -42.75 32.58 -33.93
C LYS B 387 -42.60 33.82 -33.06
N LEU B 388 -42.73 35.00 -33.66
CA LEU B 388 -42.66 36.31 -32.98
C LEU B 388 -44.02 36.65 -32.40
N PRO B 389 -44.09 37.09 -31.12
CA PRO B 389 -45.33 37.62 -30.59
C PRO B 389 -45.56 38.97 -31.27
N ASN B 390 -46.74 39.54 -31.09
CA ASN B 390 -47.18 40.76 -31.79
C ASN B 390 -46.47 41.93 -31.15
N LEU B 391 -45.75 42.72 -31.92
CA LEU B 391 -44.91 43.81 -31.38
C LEU B 391 -45.77 44.76 -30.54
N GLU B 392 -47.01 45.01 -30.96
CA GLU B 392 -47.93 46.01 -30.35
C GLU B 392 -48.22 45.68 -28.89
N ASP B 393 -48.09 44.43 -28.50
CA ASP B 393 -48.32 43.98 -27.10
C ASP B 393 -47.30 44.62 -26.17
N TYR B 394 -46.15 45.09 -26.66
CA TYR B 394 -45.00 45.55 -25.82
C TYR B 394 -44.79 47.06 -25.98
N GLU B 395 -45.59 47.72 -26.83
CA GLU B 395 -45.44 49.16 -27.16
C GLU B 395 -45.53 49.93 -25.86
N VAL B 396 -44.76 51.02 -25.72
CA VAL B 396 -44.98 51.96 -24.58
C VAL B 396 -46.07 52.92 -25.04
N LYS B 397 -47.27 52.76 -24.49
CA LYS B 397 -48.54 53.38 -24.98
C LYS B 397 -48.64 54.81 -24.43
N GLU B 398 -47.98 55.05 -23.29
CA GLU B 398 -48.02 56.31 -22.50
C GLU B 398 -47.60 57.46 -23.41
N VAL B 399 -46.84 57.21 -24.46
CA VAL B 399 -46.44 58.27 -25.43
C VAL B 399 -47.67 58.80 -26.15
N ALA B 400 -48.58 57.90 -26.56
CA ALA B 400 -49.75 58.24 -27.38
C ALA B 400 -50.69 59.14 -26.57
N GLU B 401 -50.72 58.99 -25.25
CA GLU B 401 -51.71 59.72 -24.40
C GLU B 401 -51.10 60.86 -23.57
N TYR B 402 -49.81 60.83 -23.21
CA TYR B 402 -49.21 61.88 -22.36
C TYR B 402 -48.32 62.78 -23.21
N GLY B 403 -47.83 62.28 -24.35
CA GLY B 403 -47.08 63.09 -25.34
C GLY B 403 -45.65 62.62 -25.51
N HIS B 404 -45.02 63.03 -26.60
CA HIS B 404 -43.62 62.71 -26.92
C HIS B 404 -42.76 63.24 -25.77
N GLY B 405 -41.83 62.41 -25.27
CA GLY B 405 -40.84 62.75 -24.21
C GLY B 405 -41.24 62.23 -22.85
N TRP B 406 -42.28 61.40 -22.78
CA TRP B 406 -42.85 60.98 -21.48
C TRP B 406 -41.92 59.99 -20.76
N GLY B 407 -41.99 59.97 -19.43
CA GLY B 407 -41.59 58.83 -18.59
C GLY B 407 -40.10 58.77 -18.31
N GLN B 408 -39.74 57.86 -17.40
CA GLN B 408 -38.34 57.56 -17.00
C GLN B 408 -38.16 56.03 -17.02
N LEU B 409 -38.39 55.42 -18.19
CA LEU B 409 -38.30 53.95 -18.42
C LEU B 409 -36.87 53.56 -18.81
N GLU B 410 -36.47 52.34 -18.43
CA GLU B 410 -35.25 51.70 -18.94
C GLU B 410 -35.60 50.86 -20.18
N ALA B 411 -35.22 51.35 -21.34
CA ALA B 411 -35.59 50.80 -22.68
C ALA B 411 -35.35 49.28 -22.75
N THR B 412 -34.18 48.78 -22.35
CA THR B 412 -33.78 47.36 -22.46
C THR B 412 -34.78 46.43 -21.75
N ARG B 413 -35.54 46.89 -20.75
CA ARG B 413 -36.56 46.03 -20.07
C ARG B 413 -37.64 45.61 -21.07
N THR B 414 -37.97 46.48 -22.05
CA THR B 414 -38.94 46.21 -23.15
C THR B 414 -38.40 45.08 -24.05
N LEU B 415 -37.15 45.17 -24.51
CA LEU B 415 -36.50 44.08 -25.28
C LEU B 415 -36.47 42.82 -24.42
N GLY B 416 -36.31 42.98 -23.13
CA GLY B 416 -36.33 41.89 -22.14
C GLY B 416 -37.65 41.15 -22.16
N ALA B 417 -38.77 41.86 -22.07
CA ALA B 417 -40.12 41.25 -22.11
C ALA B 417 -40.40 40.60 -23.49
N TYR B 418 -40.10 41.30 -24.57
CA TYR B 418 -40.28 40.79 -25.96
C TYR B 418 -39.48 39.50 -26.17
N THR B 419 -38.22 39.49 -25.77
CA THR B 419 -37.32 38.33 -25.91
C THR B 419 -37.83 37.15 -25.07
N ARG B 420 -38.35 37.43 -23.87
CA ARG B 420 -38.92 36.41 -22.96
C ARG B 420 -39.97 35.60 -23.73
N ASP B 421 -40.92 36.29 -24.32
CA ASP B 421 -42.07 35.66 -25.00
C ASP B 421 -41.55 34.97 -26.28
N ILE B 422 -40.45 35.45 -26.86
CA ILE B 422 -39.83 34.78 -28.03
C ILE B 422 -39.33 33.39 -27.61
N ILE B 423 -38.66 33.28 -26.46
CA ILE B 423 -38.17 32.00 -25.89
C ILE B 423 -39.37 31.09 -25.57
N LYS B 424 -40.45 31.63 -25.02
CA LYS B 424 -41.61 30.80 -24.63
C LYS B 424 -42.20 30.12 -25.88
N ASN B 425 -42.32 30.87 -26.98
CA ASN B 425 -42.99 30.40 -28.24
C ASN B 425 -42.02 29.56 -29.08
N ASN B 426 -40.71 29.69 -28.84
CA ASN B 426 -39.66 29.09 -29.69
C ASN B 426 -38.66 28.36 -28.78
N PRO B 427 -39.09 27.37 -27.97
CA PRO B 427 -38.20 26.69 -27.04
C PRO B 427 -37.19 25.84 -27.83
N ARG B 428 -35.97 25.70 -27.32
CA ARG B 428 -34.88 24.90 -27.97
C ARG B 428 -34.39 25.53 -29.29
N ASP B 429 -34.78 26.76 -29.63
CA ASP B 429 -34.43 27.45 -30.91
C ASP B 429 -33.81 28.84 -30.70
N PHE B 430 -33.95 29.42 -29.50
CA PHE B 430 -33.46 30.76 -29.09
C PHE B 430 -32.66 30.67 -27.79
N ARG B 431 -31.47 31.28 -27.76
CA ARG B 431 -30.62 31.41 -26.54
C ARG B 431 -30.18 32.85 -26.35
N ILE B 432 -30.11 33.27 -25.08
CA ILE B 432 -29.40 34.51 -24.64
C ILE B 432 -28.05 34.12 -24.03
N PHE B 433 -26.99 34.84 -24.40
CA PHE B 433 -25.66 34.67 -23.80
C PHE B 433 -25.30 36.02 -23.18
N GLY B 434 -24.47 36.01 -22.13
CA GLY B 434 -24.17 37.20 -21.32
C GLY B 434 -22.91 36.97 -20.53
N PRO B 435 -21.92 37.89 -20.62
CA PRO B 435 -20.70 37.83 -19.81
C PRO B 435 -20.95 38.34 -18.38
N ASP B 436 -21.84 37.65 -17.66
CA ASP B 436 -22.20 37.95 -16.26
C ASP B 436 -22.88 39.32 -16.25
N GLU B 437 -23.64 39.65 -17.30
CA GLU B 437 -24.20 41.02 -17.51
C GLU B 437 -25.66 40.97 -17.95
N THR B 438 -26.30 39.79 -17.99
CA THR B 438 -27.69 39.70 -18.56
C THR B 438 -28.60 40.58 -17.70
N ALA B 439 -28.59 40.42 -16.38
CA ALA B 439 -29.41 41.24 -15.44
C ALA B 439 -28.87 42.68 -15.40
N SER B 440 -27.57 42.89 -15.49
CA SER B 440 -27.08 44.28 -15.48
C SER B 440 -27.61 45.02 -16.74
N ASN B 441 -27.76 44.35 -17.89
CA ASN B 441 -28.29 45.02 -19.12
C ASN B 441 -29.83 44.96 -19.17
N ARG B 442 -30.47 44.45 -18.11
CA ARG B 442 -31.93 44.48 -17.79
C ARG B 442 -32.76 43.49 -18.67
N LEU B 443 -32.21 42.31 -18.97
CA LEU B 443 -32.82 41.28 -19.84
C LEU B 443 -33.32 40.10 -19.01
N GLN B 444 -33.48 40.26 -17.70
CA GLN B 444 -33.76 39.15 -16.72
C GLN B 444 -35.24 38.73 -16.74
N ALA B 445 -36.09 39.39 -17.53
CA ALA B 445 -37.51 38.97 -17.71
C ALA B 445 -37.54 37.56 -18.29
N SER B 446 -36.48 37.17 -19.00
CA SER B 446 -36.19 35.82 -19.51
C SER B 446 -36.28 34.77 -18.40
N TYR B 447 -35.90 35.12 -17.18
CA TYR B 447 -35.86 34.13 -16.08
C TYR B 447 -37.30 33.72 -15.74
N GLU B 448 -38.29 34.43 -16.27
CA GLU B 448 -39.71 34.11 -15.99
C GLU B 448 -40.14 32.83 -16.71
N VAL B 449 -39.44 32.42 -17.79
CA VAL B 449 -39.81 31.23 -18.61
C VAL B 449 -38.66 30.24 -18.78
N THR B 450 -37.44 30.54 -18.34
CA THR B 450 -36.26 29.63 -18.44
C THR B 450 -35.25 29.98 -17.30
N ASN B 451 -34.07 29.38 -17.35
CA ASN B 451 -33.00 29.54 -16.34
C ASN B 451 -31.65 29.75 -17.02
N LYS B 452 -30.70 30.29 -16.25
CA LYS B 452 -29.28 30.18 -16.58
C LYS B 452 -28.93 28.70 -16.51
N GLN B 453 -28.27 28.20 -17.54
CA GLN B 453 -27.83 26.80 -17.64
C GLN B 453 -26.51 26.70 -16.88
N TRP B 454 -26.44 25.83 -15.88
CA TRP B 454 -25.26 25.71 -14.99
C TRP B 454 -25.07 24.24 -14.59
N ASP B 455 -23.95 23.63 -14.99
CA ASP B 455 -23.65 22.20 -14.75
C ASP B 455 -22.34 22.11 -13.96
N ALA B 456 -22.11 23.08 -13.09
CA ALA B 456 -21.18 22.97 -11.96
C ALA B 456 -22.02 22.81 -10.68
N GLY B 457 -21.42 22.92 -9.50
CA GLY B 457 -22.09 22.68 -8.21
C GLY B 457 -23.14 23.73 -7.85
N TYR B 458 -24.15 23.26 -7.12
CA TYR B 458 -25.22 24.03 -6.44
C TYR B 458 -24.91 23.94 -4.93
N ILE B 459 -25.29 24.93 -4.12
CA ILE B 459 -25.02 24.89 -2.66
C ILE B 459 -26.22 25.35 -1.82
N SER B 460 -27.12 26.20 -2.35
CA SER B 460 -28.11 26.95 -1.54
C SER B 460 -29.09 27.73 -2.41
N ASP B 461 -30.38 27.61 -2.09
CA ASP B 461 -31.47 28.43 -2.67
C ASP B 461 -31.30 29.91 -2.35
N GLU B 462 -30.46 30.31 -1.40
CA GLU B 462 -30.29 31.75 -1.05
C GLU B 462 -29.36 32.47 -2.02
N VAL B 463 -28.62 31.75 -2.85
CA VAL B 463 -27.67 32.35 -3.83
C VAL B 463 -27.85 31.79 -5.27
N ASP B 464 -28.42 30.59 -5.45
CA ASP B 464 -28.42 29.82 -6.71
C ASP B 464 -29.75 30.09 -7.43
N GLU B 465 -30.14 31.35 -7.58
CA GLU B 465 -31.45 31.76 -8.14
C GLU B 465 -31.35 31.69 -9.67
N HIS B 466 -32.40 31.17 -10.32
CA HIS B 466 -32.65 31.23 -11.78
C HIS B 466 -31.59 30.44 -12.53
N MET B 467 -31.06 29.40 -11.91
CA MET B 467 -30.09 28.48 -12.52
C MET B 467 -30.73 27.08 -12.56
N HIS B 468 -30.43 26.26 -13.56
CA HIS B 468 -30.87 24.85 -13.68
C HIS B 468 -29.81 24.18 -14.55
N VAL B 469 -29.65 22.87 -14.49
CA VAL B 469 -28.65 22.13 -15.31
C VAL B 469 -29.01 22.27 -16.80
N SER B 470 -30.22 22.72 -17.13
CA SER B 470 -30.73 23.01 -18.49
C SER B 470 -31.39 24.38 -18.51
N GLY B 471 -31.13 25.20 -19.52
CA GLY B 471 -31.84 26.47 -19.72
C GLY B 471 -31.28 27.24 -20.90
N GLN B 472 -31.97 28.30 -21.33
CA GLN B 472 -31.68 29.00 -22.61
C GLN B 472 -30.89 30.31 -22.38
N VAL B 473 -30.56 30.68 -21.14
CA VAL B 473 -29.55 31.75 -20.82
C VAL B 473 -28.25 31.08 -20.39
N VAL B 474 -27.12 31.52 -20.94
CA VAL B 474 -25.78 31.03 -20.50
C VAL B 474 -24.87 32.22 -20.19
N GLU B 475 -24.23 32.17 -19.03
CA GLU B 475 -23.25 33.19 -18.63
C GLU B 475 -21.94 32.53 -18.20
N GLN B 476 -20.85 33.13 -18.67
CA GLN B 476 -19.44 32.91 -18.27
C GLN B 476 -18.77 34.27 -18.48
N LEU B 477 -17.81 34.65 -17.65
CA LEU B 477 -17.21 36.00 -17.75
C LEU B 477 -16.09 35.85 -18.78
N SER B 478 -16.50 35.89 -20.05
CA SER B 478 -15.67 35.77 -21.27
C SER B 478 -16.53 36.24 -22.43
N GLU B 479 -16.23 37.42 -22.96
CA GLU B 479 -16.85 37.90 -24.19
C GLU B 479 -16.57 36.87 -25.32
N HIS B 480 -15.40 36.23 -25.32
CA HIS B 480 -14.98 35.29 -26.39
C HIS B 480 -15.92 34.07 -26.38
N GLN B 481 -16.24 33.56 -25.20
CA GLN B 481 -17.11 32.37 -25.10
C GLN B 481 -18.52 32.75 -25.58
N MET B 482 -19.05 33.90 -25.18
CA MET B 482 -20.46 34.28 -25.48
C MET B 482 -20.60 34.52 -26.99
N GLU B 483 -19.69 35.26 -27.63
CA GLU B 483 -19.70 35.40 -29.11
C GLU B 483 -19.52 34.03 -29.77
N GLY B 484 -18.52 33.26 -29.35
CA GLY B 484 -18.27 31.89 -29.87
C GLY B 484 -19.52 31.03 -29.82
N PHE B 485 -20.09 30.84 -28.63
CA PHE B 485 -21.24 29.94 -28.44
C PHE B 485 -22.33 30.36 -29.41
N LEU B 486 -22.70 31.63 -29.36
CA LEU B 486 -23.82 32.10 -30.20
C LEU B 486 -23.53 31.86 -31.69
N GLU B 487 -22.37 32.25 -32.18
CA GLU B 487 -21.98 32.07 -33.60
C GLU B 487 -22.26 30.62 -34.01
N ALA B 488 -21.83 29.63 -33.23
CA ALA B 488 -22.01 28.22 -33.61
C ALA B 488 -23.50 27.90 -33.54
N TYR B 489 -24.23 28.53 -32.63
CA TYR B 489 -25.67 28.28 -32.43
C TYR B 489 -26.43 28.71 -33.69
N LEU B 490 -25.99 29.81 -34.30
CA LEU B 490 -26.57 30.42 -35.51
C LEU B 490 -26.21 29.59 -36.72
N LEU B 491 -25.00 29.04 -36.69
CA LEU B 491 -24.40 28.32 -37.85
C LEU B 491 -25.04 26.94 -38.00
N THR B 492 -25.48 26.34 -36.90
CA THR B 492 -26.19 25.05 -36.89
C THR B 492 -27.71 25.30 -36.94
N GLY B 493 -28.15 26.53 -37.21
CA GLY B 493 -29.52 26.78 -37.66
C GLY B 493 -30.48 27.31 -36.62
N ARG B 494 -29.99 27.75 -35.46
CA ARG B 494 -30.83 28.35 -34.39
C ARG B 494 -30.64 29.87 -34.30
N HIS B 495 -31.25 30.48 -33.30
CA HIS B 495 -31.40 31.94 -33.14
C HIS B 495 -30.83 32.39 -31.79
N GLY B 496 -30.65 33.70 -31.60
CA GLY B 496 -30.44 34.25 -30.26
C GLY B 496 -29.91 35.67 -30.26
N ILE B 497 -29.55 36.10 -29.07
CA ILE B 497 -28.92 37.42 -28.80
C ILE B 497 -27.90 37.30 -27.66
N TRP B 498 -26.95 38.23 -27.67
CA TRP B 498 -26.12 38.48 -26.49
C TRP B 498 -25.98 39.97 -26.24
N SER B 499 -25.77 40.33 -24.98
CA SER B 499 -25.56 41.72 -24.55
C SER B 499 -24.16 41.83 -23.97
N SER B 500 -23.57 43.01 -24.09
CA SER B 500 -22.30 43.37 -23.43
C SER B 500 -22.33 44.85 -23.12
N TYR B 501 -21.74 45.23 -22.00
CA TYR B 501 -21.30 46.63 -21.81
C TYR B 501 -20.53 47.01 -23.06
N GLU B 502 -20.75 48.23 -23.53
CA GLU B 502 -20.29 48.72 -24.86
C GLU B 502 -18.77 48.62 -24.97
N SER B 503 -18.04 49.03 -23.94
CA SER B 503 -16.57 49.27 -24.04
C SER B 503 -15.89 47.92 -24.24
N PHE B 504 -16.46 46.87 -23.66
CA PHE B 504 -15.90 45.50 -23.62
C PHE B 504 -16.34 44.67 -24.84
N VAL B 505 -17.21 45.21 -25.70
CA VAL B 505 -17.46 44.59 -27.03
C VAL B 505 -16.11 44.49 -27.73
N HIS B 506 -15.22 45.46 -27.49
CA HIS B 506 -13.91 45.53 -28.18
C HIS B 506 -13.10 44.27 -27.88
N VAL B 507 -13.38 43.60 -26.78
CA VAL B 507 -12.69 42.33 -26.42
C VAL B 507 -12.84 41.41 -27.63
N ILE B 508 -14.01 41.37 -28.22
CA ILE B 508 -14.29 40.44 -29.36
C ILE B 508 -14.38 41.17 -30.71
N ASP B 509 -13.67 42.28 -30.92
CA ASP B 509 -13.67 42.99 -32.23
C ASP B 509 -13.26 42.03 -33.35
N SER B 510 -12.21 41.24 -33.16
CA SER B 510 -11.63 40.35 -34.19
C SER B 510 -12.53 39.13 -34.52
N MET B 511 -13.43 38.75 -33.62
CA MET B 511 -14.43 37.69 -33.86
C MET B 511 -15.55 38.27 -34.72
N LEU B 512 -15.96 39.49 -34.42
CA LEU B 512 -16.92 40.23 -35.27
C LEU B 512 -16.32 40.33 -36.68
N ASN B 513 -15.01 40.55 -36.79
CA ASN B 513 -14.34 40.68 -38.12
C ASN B 513 -14.45 39.33 -38.84
N GLN B 514 -14.13 38.23 -38.15
CA GLN B 514 -14.05 36.88 -38.75
C GLN B 514 -15.46 36.42 -39.19
N HIS B 515 -16.49 36.81 -38.44
CA HIS B 515 -17.87 36.33 -38.66
C HIS B 515 -18.48 37.15 -39.80
N ALA B 516 -18.09 38.42 -39.89
CA ALA B 516 -18.45 39.33 -40.99
C ALA B 516 -17.84 38.76 -42.26
N LYS B 517 -16.59 38.33 -42.22
CA LYS B 517 -15.86 37.90 -43.44
C LYS B 517 -16.46 36.60 -43.97
N TRP B 518 -16.81 35.69 -43.07
CA TRP B 518 -17.58 34.46 -43.33
C TRP B 518 -18.86 34.84 -44.11
N LEU B 519 -19.63 35.81 -43.63
CA LEU B 519 -20.91 36.24 -44.19
C LEU B 519 -20.71 37.00 -45.52
N GLU B 520 -19.60 37.75 -45.66
CA GLU B 520 -19.26 38.52 -46.88
C GLU B 520 -19.07 37.50 -48.01
N ALA B 521 -18.14 36.55 -47.84
CA ALA B 521 -17.88 35.48 -48.83
C ALA B 521 -19.17 34.68 -49.13
N THR B 522 -19.98 34.40 -48.12
CA THR B 522 -21.18 33.55 -48.26
C THR B 522 -22.13 34.26 -49.22
N VAL B 523 -22.51 35.51 -48.93
CA VAL B 523 -23.56 36.24 -49.71
C VAL B 523 -23.04 36.59 -51.10
N ARG B 524 -21.73 36.69 -51.28
CA ARG B 524 -21.12 37.00 -52.60
C ARG B 524 -21.06 35.74 -53.48
N GLU B 525 -20.56 34.61 -52.96
CA GLU B 525 -20.21 33.51 -53.87
C GLU B 525 -20.54 32.14 -53.32
N ILE B 526 -21.41 31.97 -52.32
CA ILE B 526 -21.79 30.61 -51.85
C ILE B 526 -23.31 30.52 -51.80
N PRO B 527 -23.98 30.49 -52.98
CA PRO B 527 -25.44 30.42 -53.02
C PRO B 527 -25.97 29.12 -52.40
N TRP B 528 -25.16 28.05 -52.32
CA TRP B 528 -25.62 26.75 -51.77
C TRP B 528 -25.61 26.75 -50.24
N ARG B 529 -24.98 27.76 -49.63
CA ARG B 529 -24.97 27.93 -48.16
C ARG B 529 -26.18 28.80 -47.85
N LYS B 530 -27.24 28.22 -47.28
CA LYS B 530 -28.53 28.94 -47.11
C LYS B 530 -28.40 29.93 -45.96
N PRO B 531 -29.24 30.99 -45.92
CA PRO B 531 -29.09 32.04 -44.92
C PRO B 531 -29.20 31.48 -43.51
N ILE B 532 -28.30 31.89 -42.62
CA ILE B 532 -28.41 31.63 -41.16
C ILE B 532 -29.00 32.88 -40.49
N ALA B 533 -29.46 32.68 -39.24
CA ALA B 533 -29.98 33.76 -38.39
C ALA B 533 -28.86 34.78 -38.09
N SER B 534 -29.28 36.02 -37.88
CA SER B 534 -28.40 37.16 -37.57
C SER B 534 -27.81 37.00 -36.17
N MET B 535 -26.59 37.53 -36.03
CA MET B 535 -25.86 37.67 -34.76
C MET B 535 -26.33 38.99 -34.14
N ASN B 536 -27.25 38.92 -33.20
CA ASN B 536 -27.86 40.12 -32.56
C ASN B 536 -27.08 40.44 -31.25
N LEU B 537 -26.47 41.62 -31.20
CA LEU B 537 -25.60 42.10 -30.11
C LEU B 537 -26.26 43.34 -29.49
N LEU B 538 -26.88 43.19 -28.31
CA LEU B 538 -27.32 44.34 -27.51
C LEU B 538 -26.09 44.98 -26.85
N VAL B 539 -25.77 46.18 -27.33
CA VAL B 539 -24.67 47.05 -26.86
C VAL B 539 -25.33 48.00 -25.89
N SER B 540 -25.21 47.77 -24.58
CA SER B 540 -25.84 48.65 -23.56
C SER B 540 -24.78 49.14 -22.55
N SER B 541 -25.25 49.70 -21.42
CA SER B 541 -24.39 50.36 -20.41
C SER B 541 -23.34 51.19 -21.14
N HIS B 542 -23.79 52.13 -21.97
CA HIS B 542 -22.95 52.86 -22.96
C HIS B 542 -22.16 54.04 -22.34
N VAL B 543 -21.27 54.63 -23.13
CA VAL B 543 -20.32 55.66 -22.64
C VAL B 543 -21.06 56.67 -21.75
N TRP B 544 -22.12 57.30 -22.26
CA TRP B 544 -22.74 58.49 -21.61
C TRP B 544 -23.24 58.15 -20.21
N ARG B 545 -23.39 56.85 -19.89
CA ARG B 545 -23.88 56.42 -18.57
C ARG B 545 -22.94 55.38 -17.96
N GLN B 546 -21.62 55.51 -18.20
CA GLN B 546 -20.57 54.78 -17.43
C GLN B 546 -19.89 55.83 -16.54
N ASP B 547 -20.67 56.80 -16.08
CA ASP B 547 -20.26 57.79 -15.06
C ASP B 547 -19.90 57.07 -13.75
N HIS B 548 -20.51 55.90 -13.47
CA HIS B 548 -20.37 55.14 -12.18
C HIS B 548 -19.17 54.17 -12.19
N ASN B 549 -18.61 53.84 -13.36
CA ASN B 549 -17.46 52.90 -13.45
C ASN B 549 -16.23 53.66 -13.94
N GLY B 550 -16.43 54.70 -14.76
CA GLY B 550 -15.40 55.66 -15.19
C GLY B 550 -14.73 55.28 -16.50
N PHE B 551 -13.55 55.88 -16.73
CA PHE B 551 -12.88 56.04 -18.05
C PHE B 551 -12.55 54.69 -18.70
N SER B 552 -12.08 53.71 -17.93
CA SER B 552 -11.90 52.32 -18.40
C SER B 552 -13.13 51.85 -19.19
N HIS B 553 -14.35 52.28 -18.83
CA HIS B 553 -15.57 51.72 -19.45
C HIS B 553 -16.16 52.64 -20.53
N GLN B 554 -15.47 53.69 -20.94
CA GLN B 554 -16.06 54.74 -21.81
C GLN B 554 -15.40 54.63 -23.17
N ASP B 555 -15.95 53.78 -24.03
CA ASP B 555 -15.41 53.60 -25.41
C ASP B 555 -16.50 53.06 -26.32
N PRO B 556 -17.19 53.96 -27.07
CA PRO B 556 -18.32 53.57 -27.90
C PRO B 556 -17.94 53.12 -29.31
N GLY B 557 -16.65 52.81 -29.54
CA GLY B 557 -16.06 52.72 -30.89
C GLY B 557 -16.19 51.36 -31.57
N VAL B 558 -17.06 50.44 -31.09
CA VAL B 558 -17.42 49.24 -31.91
C VAL B 558 -18.05 49.74 -33.23
N THR B 559 -18.68 50.91 -33.22
CA THR B 559 -19.32 51.54 -34.40
C THR B 559 -18.30 51.74 -35.53
N SER B 560 -17.11 52.25 -35.19
CA SER B 560 -16.01 52.50 -36.15
C SER B 560 -15.50 51.19 -36.73
N VAL B 561 -15.48 50.11 -35.93
CA VAL B 561 -14.96 48.76 -36.33
C VAL B 561 -15.96 48.06 -37.27
N LEU B 562 -17.24 48.11 -36.92
CA LEU B 562 -18.29 47.57 -37.81
C LEU B 562 -18.34 48.34 -39.15
N LEU B 563 -18.10 49.66 -39.17
CA LEU B 563 -18.15 50.45 -40.45
C LEU B 563 -17.11 49.92 -41.44
N ASN B 564 -16.08 49.22 -40.97
CA ASN B 564 -15.05 48.64 -41.87
C ASN B 564 -15.56 47.32 -42.48
N LYS B 565 -16.84 46.96 -42.38
CA LYS B 565 -17.36 45.73 -43.05
C LYS B 565 -18.66 46.07 -43.79
N CYS B 566 -18.77 47.33 -44.23
CA CYS B 566 -19.95 47.93 -44.89
C CYS B 566 -19.60 48.31 -46.34
N PHE B 567 -19.23 47.32 -47.14
CA PHE B 567 -18.84 47.44 -48.57
C PHE B 567 -19.73 46.58 -49.48
N HIS B 568 -19.62 46.82 -50.81
N HIS B 568 -19.69 46.97 -50.77
CA HIS B 568 -20.02 45.89 -51.92
CA HIS B 568 -20.03 46.22 -52.01
C HIS B 568 -21.52 45.62 -51.96
C HIS B 568 -21.45 45.62 -51.88
N ASN B 569 -22.34 46.40 -51.25
CA ASN B 569 -23.75 46.04 -50.94
C ASN B 569 -23.89 44.58 -50.51
N ASP B 570 -22.98 44.07 -49.68
CA ASP B 570 -23.14 42.76 -49.00
C ASP B 570 -24.31 42.86 -48.01
N HIS B 571 -24.48 44.00 -47.36
CA HIS B 571 -25.52 44.24 -46.32
C HIS B 571 -25.43 43.15 -45.24
N VAL B 572 -24.24 42.87 -44.69
CA VAL B 572 -24.07 41.87 -43.58
C VAL B 572 -23.90 42.59 -42.23
N ILE B 573 -23.85 43.92 -42.22
CA ILE B 573 -23.75 44.71 -40.97
C ILE B 573 -25.00 45.58 -40.87
N GLY B 574 -25.60 45.63 -39.69
CA GLY B 574 -26.57 46.67 -39.30
C GLY B 574 -26.12 47.31 -37.99
N ILE B 575 -26.31 48.63 -37.87
CA ILE B 575 -25.86 49.46 -36.73
C ILE B 575 -27.03 50.34 -36.37
N TYR B 576 -27.74 50.02 -35.30
CA TYR B 576 -29.00 50.71 -34.98
C TYR B 576 -28.80 51.44 -33.65
N PHE B 577 -29.38 52.64 -33.53
CA PHE B 577 -29.43 53.45 -32.30
C PHE B 577 -30.87 53.42 -31.82
N ALA B 578 -31.14 52.69 -30.76
CA ALA B 578 -32.45 52.66 -30.08
C ALA B 578 -32.69 54.03 -29.43
N THR B 579 -33.47 54.89 -30.11
CA THR B 579 -33.87 56.24 -29.64
C THR B 579 -34.60 56.12 -28.31
N ASP B 580 -35.38 55.06 -28.15
CA ASP B 580 -36.22 54.77 -26.95
C ASP B 580 -36.69 53.31 -27.00
N ALA B 581 -37.51 52.89 -26.06
CA ALA B 581 -38.02 51.50 -26.00
C ALA B 581 -38.83 51.17 -27.27
N ASN B 582 -39.65 52.08 -27.78
CA ASN B 582 -40.48 51.75 -28.98
C ASN B 582 -39.56 51.58 -30.20
N MET B 583 -38.56 52.44 -30.38
CA MET B 583 -37.59 52.23 -31.47
C MET B 583 -36.80 50.93 -31.22
N LEU B 584 -36.62 50.53 -29.94
CA LEU B 584 -35.88 49.27 -29.62
C LEU B 584 -36.67 48.06 -30.16
N LEU B 585 -37.99 48.00 -29.91
CA LEU B 585 -38.91 46.99 -30.50
C LEU B 585 -38.81 46.99 -32.03
N ALA B 586 -39.00 48.13 -32.68
CA ALA B 586 -38.87 48.30 -34.14
C ALA B 586 -37.57 47.66 -34.62
N ILE B 587 -36.45 47.96 -33.99
CA ILE B 587 -35.14 47.39 -34.40
C ILE B 587 -35.13 45.89 -34.10
N ALA B 588 -35.66 45.46 -32.96
CA ALA B 588 -35.66 44.04 -32.56
C ALA B 588 -36.46 43.20 -33.58
N GLU B 589 -37.68 43.58 -33.94
CA GLU B 589 -38.47 42.91 -35.01
C GLU B 589 -37.56 42.78 -36.24
N LYS B 590 -36.94 43.86 -36.69
CA LYS B 590 -36.18 43.83 -37.96
C LYS B 590 -35.03 42.81 -37.84
N CYS B 591 -34.27 42.80 -36.74
CA CYS B 591 -33.07 41.94 -36.57
C CYS B 591 -33.49 40.49 -36.30
N TYR B 592 -34.57 40.26 -35.53
CA TYR B 592 -35.06 38.89 -35.24
C TYR B 592 -35.58 38.20 -36.51
N LYS B 593 -36.09 38.98 -37.49
CA LYS B 593 -36.56 38.47 -38.83
C LYS B 593 -35.38 38.38 -39.82
N SER B 594 -34.27 39.08 -39.58
CA SER B 594 -33.16 39.18 -40.57
C SER B 594 -32.30 37.92 -40.58
N THR B 595 -31.51 37.82 -41.64
CA THR B 595 -30.62 36.65 -41.85
C THR B 595 -29.30 37.19 -42.36
N ASN B 596 -28.24 36.43 -42.18
CA ASN B 596 -26.90 36.73 -42.74
C ASN B 596 -26.38 38.10 -42.29
N LYS B 597 -26.68 38.56 -41.07
CA LYS B 597 -26.11 39.84 -40.58
C LYS B 597 -25.40 39.66 -39.22
N ILE B 598 -24.62 40.70 -38.87
CA ILE B 598 -24.28 41.13 -37.50
C ILE B 598 -25.06 42.41 -37.23
N ASN B 599 -26.01 42.37 -36.29
CA ASN B 599 -26.81 43.55 -35.88
C ASN B 599 -26.30 44.03 -34.53
N ALA B 600 -25.76 45.23 -34.52
CA ALA B 600 -25.27 45.94 -33.33
C ALA B 600 -26.36 46.94 -32.98
N ILE B 601 -27.00 46.69 -31.83
CA ILE B 601 -28.18 47.42 -31.31
C ILE B 601 -27.71 48.22 -30.08
N ILE B 602 -27.39 49.50 -30.27
CA ILE B 602 -26.91 50.38 -29.18
C ILE B 602 -28.13 51.00 -28.52
N ALA B 603 -28.28 50.75 -27.23
CA ALA B 603 -29.51 51.03 -26.45
C ALA B 603 -29.11 51.22 -24.99
N GLY B 604 -29.65 52.24 -24.35
CA GLY B 604 -29.39 52.55 -22.93
C GLY B 604 -30.29 51.75 -22.01
N LYS B 605 -29.75 51.32 -20.87
CA LYS B 605 -30.55 50.72 -19.78
C LYS B 605 -30.92 51.79 -18.72
N GLN B 606 -30.41 53.02 -18.81
CA GLN B 606 -30.69 54.06 -17.78
C GLN B 606 -32.11 54.56 -17.99
N PRO B 607 -32.79 55.10 -16.94
CA PRO B 607 -34.07 55.75 -17.15
C PRO B 607 -33.93 56.87 -18.20
N ALA B 608 -34.86 56.90 -19.16
CA ALA B 608 -34.89 57.87 -20.28
C ALA B 608 -36.32 58.04 -20.77
N ALA B 609 -36.58 59.22 -21.36
CA ALA B 609 -37.86 59.62 -21.95
C ALA B 609 -38.13 58.74 -23.16
N THR B 610 -39.40 58.45 -23.46
CA THR B 610 -39.83 57.81 -24.74
C THR B 610 -40.32 58.90 -25.71
N TRP B 611 -39.75 58.93 -26.92
CA TRP B 611 -39.97 60.00 -27.94
C TRP B 611 -41.01 59.61 -29.01
N LEU B 612 -41.02 58.33 -29.40
CA LEU B 612 -41.74 57.83 -30.58
C LEU B 612 -42.81 56.80 -30.18
N THR B 613 -43.97 56.83 -30.83
CA THR B 613 -44.92 55.69 -30.87
C THR B 613 -44.26 54.55 -31.65
N LEU B 614 -44.70 53.30 -31.43
CA LEU B 614 -44.22 52.15 -32.25
C LEU B 614 -44.41 52.45 -33.73
N ASP B 615 -45.54 53.06 -34.14
CA ASP B 615 -45.80 53.35 -35.56
C ASP B 615 -44.74 54.30 -36.07
N GLU B 616 -44.52 55.43 -35.40
CA GLU B 616 -43.55 56.44 -35.89
C GLU B 616 -42.16 55.81 -35.96
N ALA B 617 -41.82 54.95 -35.00
CA ALA B 617 -40.51 54.25 -34.90
C ALA B 617 -40.32 53.29 -36.09
N ARG B 618 -41.33 52.45 -36.35
CA ARG B 618 -41.32 51.50 -37.50
C ARG B 618 -41.12 52.32 -38.78
N ALA B 619 -41.81 53.44 -38.92
CA ALA B 619 -41.73 54.33 -40.11
C ALA B 619 -40.34 54.97 -40.19
N GLU B 620 -39.86 55.59 -39.11
CA GLU B 620 -38.50 56.20 -39.07
C GLU B 620 -37.45 55.13 -39.39
N LEU B 621 -37.59 53.91 -38.85
CA LEU B 621 -36.59 52.84 -39.03
C LEU B 621 -36.50 52.40 -40.49
N GLU B 622 -37.63 52.28 -41.17
CA GLU B 622 -37.70 51.85 -42.60
C GLU B 622 -36.78 52.74 -43.44
N LYS B 623 -36.70 54.05 -43.20
CA LYS B 623 -35.86 54.98 -44.01
C LYS B 623 -34.48 55.13 -43.34
N GLY B 624 -34.45 55.05 -42.01
CA GLY B 624 -33.20 55.07 -41.20
C GLY B 624 -33.07 56.37 -40.41
N ALA B 625 -33.45 57.50 -41.01
CA ALA B 625 -33.63 58.81 -40.37
C ALA B 625 -34.98 59.40 -40.76
N ALA B 626 -35.58 60.12 -39.85
CA ALA B 626 -36.82 60.86 -40.11
C ALA B 626 -36.68 62.24 -39.46
N ALA B 627 -37.28 63.27 -40.07
CA ALA B 627 -37.59 64.57 -39.44
C ALA B 627 -38.73 64.35 -38.47
N TRP B 628 -38.83 65.18 -37.42
CA TRP B 628 -39.83 65.08 -36.31
C TRP B 628 -40.72 66.33 -36.31
N ASP B 629 -41.66 66.42 -37.24
CA ASP B 629 -42.49 67.62 -37.50
C ASP B 629 -43.14 68.14 -36.21
N TRP B 630 -43.46 67.27 -35.25
CA TRP B 630 -44.06 67.66 -33.93
C TRP B 630 -43.06 68.40 -33.03
N ALA B 631 -41.77 68.46 -33.40
CA ALA B 631 -40.68 68.97 -32.53
C ALA B 631 -39.98 70.15 -33.21
N SER B 632 -39.96 70.12 -34.54
CA SER B 632 -39.48 71.20 -35.43
C SER B 632 -40.42 72.39 -35.21
N THR B 633 -39.88 73.62 -35.16
CA THR B 633 -40.66 74.88 -35.16
C THR B 633 -40.69 75.46 -36.57
N ALA B 634 -39.65 75.24 -37.37
CA ALA B 634 -39.65 75.46 -38.84
C ALA B 634 -40.75 74.58 -39.48
N LYS B 635 -41.49 75.12 -40.45
CA LYS B 635 -42.66 74.43 -41.08
C LYS B 635 -42.19 73.72 -42.34
N ASN B 636 -41.13 74.22 -42.97
CA ASN B 636 -40.49 73.61 -44.16
C ASN B 636 -38.98 73.87 -44.05
N ASN B 637 -38.22 73.41 -45.03
CA ASN B 637 -36.75 73.55 -44.98
C ASN B 637 -36.30 75.01 -45.14
N ASP B 638 -37.05 75.88 -45.84
CA ASP B 638 -36.60 77.26 -46.23
C ASP B 638 -36.70 78.24 -45.06
N GLU B 639 -37.56 77.96 -44.10
CA GLU B 639 -37.83 78.76 -42.87
C GLU B 639 -36.76 78.44 -41.78
N ALA B 640 -36.12 77.27 -41.85
CA ALA B 640 -35.27 76.71 -40.77
C ALA B 640 -33.91 77.42 -40.75
N GLU B 641 -33.49 77.88 -39.57
CA GLU B 641 -32.19 78.60 -39.41
C GLU B 641 -31.11 77.59 -38.99
N VAL B 642 -31.49 76.51 -38.31
CA VAL B 642 -30.58 75.39 -37.93
C VAL B 642 -31.34 74.06 -37.97
N VAL B 643 -30.66 72.97 -38.36
CA VAL B 643 -31.14 71.58 -38.12
C VAL B 643 -30.45 70.97 -36.89
N LEU B 644 -31.24 70.49 -35.94
CA LEU B 644 -30.81 69.64 -34.79
C LEU B 644 -31.04 68.15 -35.10
N ALA B 645 -29.96 67.41 -35.24
CA ALA B 645 -29.94 65.96 -35.54
C ALA B 645 -29.30 65.20 -34.36
N ALA B 646 -29.84 64.05 -33.98
CA ALA B 646 -29.25 63.16 -32.97
C ALA B 646 -29.26 61.73 -33.50
N ALA B 647 -28.23 60.96 -33.16
CA ALA B 647 -28.15 59.48 -33.19
C ALA B 647 -27.76 58.99 -31.79
N GLY B 648 -28.72 58.40 -31.06
CA GLY B 648 -28.45 57.79 -29.75
C GLY B 648 -29.36 58.34 -28.69
N ASP B 649 -29.75 57.52 -27.72
CA ASP B 649 -30.74 57.92 -26.69
C ASP B 649 -30.24 59.20 -25.99
N VAL B 650 -28.94 59.30 -25.67
CA VAL B 650 -28.47 60.40 -24.77
C VAL B 650 -28.34 61.66 -25.61
N PRO B 651 -27.73 61.60 -26.81
CA PRO B 651 -27.76 62.74 -27.73
C PRO B 651 -29.17 63.22 -28.13
N THR B 652 -30.13 62.29 -28.24
CA THR B 652 -31.52 62.67 -28.55
C THR B 652 -32.05 63.47 -27.36
N GLN B 653 -31.91 62.94 -26.15
CA GLN B 653 -32.23 63.68 -24.91
C GLN B 653 -31.55 65.05 -24.92
N GLU B 654 -30.24 65.15 -25.09
CA GLU B 654 -29.56 66.46 -24.96
C GLU B 654 -30.01 67.39 -26.09
N ILE B 655 -30.39 66.87 -27.27
CA ILE B 655 -30.82 67.69 -28.46
C ILE B 655 -32.27 68.18 -28.25
N MET B 656 -33.11 67.39 -27.60
CA MET B 656 -34.53 67.75 -27.39
C MET B 656 -34.65 68.79 -26.27
N ALA B 657 -33.70 68.80 -25.31
CA ALA B 657 -33.67 69.79 -24.21
C ALA B 657 -33.08 71.10 -24.75
N ALA B 658 -32.09 71.04 -25.63
CA ALA B 658 -31.63 72.21 -26.43
C ALA B 658 -32.83 72.76 -27.21
N SER B 659 -33.48 71.94 -28.05
CA SER B 659 -34.67 72.33 -28.85
C SER B 659 -35.57 73.21 -28.00
N ASP B 660 -35.83 72.81 -26.75
CA ASP B 660 -36.79 73.54 -25.87
C ASP B 660 -36.22 74.91 -25.52
N LYS B 661 -34.91 75.03 -25.35
CA LYS B 661 -34.23 76.33 -25.06
C LYS B 661 -34.25 77.20 -26.32
N LEU B 662 -34.08 76.64 -27.50
CA LEU B 662 -34.12 77.39 -28.77
C LEU B 662 -35.55 77.90 -29.06
N LYS B 663 -36.58 77.17 -28.64
CA LYS B 663 -38.00 77.48 -28.91
C LYS B 663 -38.37 78.73 -28.10
N GLU B 664 -37.90 78.79 -26.86
CA GLU B 664 -38.13 79.88 -25.88
C GLU B 664 -37.42 81.16 -26.35
N LEU B 665 -36.35 81.06 -27.16
CA LEU B 665 -35.71 82.23 -27.83
C LEU B 665 -36.35 82.49 -29.20
N GLY B 666 -37.36 81.69 -29.60
CA GLY B 666 -38.04 81.80 -30.91
C GLY B 666 -37.14 81.55 -32.11
N VAL B 667 -36.12 80.70 -31.96
CA VAL B 667 -35.38 80.15 -33.13
C VAL B 667 -36.34 79.23 -33.90
N LYS B 668 -36.15 79.13 -35.22
CA LYS B 668 -36.95 78.27 -36.13
C LYS B 668 -36.02 77.12 -36.55
N PHE B 669 -36.26 75.95 -35.95
CA PHE B 669 -35.36 74.77 -36.05
C PHE B 669 -36.14 73.57 -36.63
N LYS B 670 -35.44 72.70 -37.36
CA LYS B 670 -35.88 71.31 -37.71
C LYS B 670 -35.19 70.32 -36.75
N VAL B 671 -35.94 69.33 -36.23
CA VAL B 671 -35.40 68.16 -35.45
C VAL B 671 -35.37 66.90 -36.33
N VAL B 672 -34.18 66.33 -36.55
CA VAL B 672 -33.97 65.03 -37.24
C VAL B 672 -33.51 63.99 -36.19
N ASN B 673 -33.87 62.72 -36.39
CA ASN B 673 -33.45 61.55 -35.57
C ASN B 673 -32.91 60.50 -36.51
N VAL B 674 -31.81 59.84 -36.16
CA VAL B 674 -31.16 58.76 -36.95
C VAL B 674 -31.11 57.49 -36.10
N ALA B 675 -31.85 56.45 -36.52
CA ALA B 675 -31.85 55.12 -35.87
C ALA B 675 -30.91 54.17 -36.60
N ASP B 676 -30.67 54.40 -37.88
CA ASP B 676 -29.87 53.48 -38.75
C ASP B 676 -28.63 54.22 -39.24
N LEU B 677 -27.46 53.93 -38.67
CA LEU B 677 -26.25 54.71 -39.02
C LEU B 677 -26.00 54.61 -40.52
N LEU B 678 -26.20 53.44 -41.12
CA LEU B 678 -25.76 53.19 -42.52
C LEU B 678 -26.71 53.88 -43.53
N SER B 679 -27.84 54.44 -43.10
CA SER B 679 -28.77 55.22 -43.95
C SER B 679 -28.06 56.46 -44.52
N LEU B 680 -27.02 56.96 -43.83
CA LEU B 680 -26.27 58.19 -44.21
C LEU B 680 -25.09 57.80 -45.10
N GLN B 681 -24.78 56.51 -45.25
CA GLN B 681 -23.61 56.09 -46.09
C GLN B 681 -23.83 56.63 -47.51
N SER B 682 -22.75 56.80 -48.26
CA SER B 682 -22.81 57.23 -49.68
C SER B 682 -23.80 56.35 -50.46
N ALA B 683 -24.75 56.95 -51.16
CA ALA B 683 -25.71 56.23 -52.05
C ALA B 683 -24.94 55.57 -53.19
N LYS B 684 -23.79 56.12 -53.58
CA LYS B 684 -22.86 55.44 -54.51
C LYS B 684 -22.36 54.13 -53.88
N GLU B 685 -22.19 54.06 -52.54
CA GLU B 685 -21.55 52.90 -51.86
C GLU B 685 -22.63 51.89 -51.45
N ASN B 686 -23.83 52.36 -51.10
CA ASN B 686 -24.85 51.52 -50.42
C ASN B 686 -26.24 51.83 -50.99
N ASP B 687 -26.83 50.87 -51.69
CA ASP B 687 -28.10 51.01 -52.44
C ASP B 687 -29.28 50.93 -51.48
N GLU B 688 -29.06 50.85 -50.17
CA GLU B 688 -30.15 50.90 -49.16
C GLU B 688 -30.10 52.26 -48.44
N ALA B 689 -29.04 53.04 -48.63
CA ALA B 689 -28.95 54.37 -47.97
C ALA B 689 -30.02 55.27 -48.57
N LEU B 690 -30.52 56.23 -47.79
CA LEU B 690 -31.16 57.46 -48.31
C LEU B 690 -30.45 57.84 -49.62
N THR B 691 -31.21 58.21 -50.66
CA THR B 691 -30.71 58.94 -51.85
C THR B 691 -30.28 60.34 -51.43
N ASP B 692 -29.44 60.99 -52.25
CA ASP B 692 -29.08 62.42 -52.06
C ASP B 692 -30.37 63.24 -52.00
N GLU B 693 -31.38 62.92 -52.82
CA GLU B 693 -32.67 63.65 -52.83
C GLU B 693 -33.26 63.53 -51.43
N GLU B 694 -33.30 62.33 -50.85
CA GLU B 694 -33.93 62.10 -49.52
C GLU B 694 -33.03 62.70 -48.41
N PHE B 695 -31.71 62.57 -48.57
CA PHE B 695 -30.74 63.21 -47.67
C PHE B 695 -31.03 64.70 -47.57
N ALA B 696 -30.99 65.40 -48.72
CA ALA B 696 -31.15 66.87 -48.82
C ALA B 696 -32.48 67.29 -48.18
N ASP B 697 -33.53 66.52 -48.41
CA ASP B 697 -34.87 66.88 -47.89
C ASP B 697 -34.87 66.81 -46.36
N ILE B 698 -34.28 65.77 -45.76
CA ILE B 698 -34.26 65.58 -44.28
C ILE B 698 -33.31 66.64 -43.64
N PHE B 699 -32.06 66.70 -44.10
CA PHE B 699 -30.97 67.51 -43.49
C PHE B 699 -30.89 68.92 -44.07
N THR B 700 -31.68 69.20 -45.11
CA THR B 700 -31.67 70.44 -45.96
C THR B 700 -30.41 70.46 -46.80
N ALA B 701 -30.41 71.30 -47.83
CA ALA B 701 -29.35 71.39 -48.85
C ALA B 701 -28.34 72.51 -48.50
N ASP B 702 -28.69 73.43 -47.60
CA ASP B 702 -27.90 74.68 -47.40
C ASP B 702 -27.84 75.15 -45.93
N LYS B 703 -28.78 74.76 -45.05
CA LYS B 703 -28.82 75.22 -43.64
C LYS B 703 -27.80 74.49 -42.75
N PRO B 704 -27.29 75.14 -41.68
CA PRO B 704 -26.30 74.54 -40.79
C PRO B 704 -26.92 73.36 -40.02
N VAL B 705 -26.16 72.27 -39.90
CA VAL B 705 -26.63 71.01 -39.21
C VAL B 705 -25.78 70.80 -37.94
N LEU B 706 -26.41 70.89 -36.77
CA LEU B 706 -25.83 70.46 -35.50
C LEU B 706 -26.15 68.97 -35.30
N PHE B 707 -25.18 68.09 -35.50
CA PHE B 707 -25.34 66.62 -35.35
C PHE B 707 -24.64 66.13 -34.06
N ALA B 708 -25.41 65.78 -33.03
CA ALA B 708 -24.98 65.12 -31.77
C ALA B 708 -24.98 63.59 -31.91
N TYR B 709 -23.80 62.98 -32.11
CA TYR B 709 -23.62 61.54 -32.37
C TYR B 709 -23.27 60.78 -31.08
N HIS B 710 -23.76 59.53 -30.95
CA HIS B 710 -23.50 58.65 -29.77
C HIS B 710 -22.02 58.33 -29.58
N SER B 711 -21.27 58.11 -30.65
CA SER B 711 -19.88 57.61 -30.62
C SER B 711 -18.92 58.70 -31.14
N TYR B 712 -17.87 58.34 -31.87
CA TYR B 712 -16.82 59.29 -32.35
C TYR B 712 -17.24 59.96 -33.65
N ALA B 713 -17.27 61.29 -33.67
CA ALA B 713 -17.56 62.18 -34.83
C ALA B 713 -16.93 61.63 -36.12
N HIS B 714 -15.69 61.18 -36.06
CA HIS B 714 -14.96 60.56 -37.19
C HIS B 714 -15.93 59.64 -37.96
N ASP B 715 -16.76 58.86 -37.27
CA ASP B 715 -17.71 57.89 -37.90
C ASP B 715 -18.56 58.63 -38.92
N VAL B 716 -19.23 59.69 -38.48
CA VAL B 716 -20.28 60.37 -39.27
C VAL B 716 -19.61 61.16 -40.39
N ARG B 717 -18.54 61.89 -40.05
CA ARG B 717 -17.78 62.74 -41.00
C ARG B 717 -17.29 61.92 -42.19
N GLY B 718 -16.72 60.75 -41.94
CA GLY B 718 -16.25 59.85 -43.03
C GLY B 718 -17.41 59.24 -43.81
N LEU B 719 -18.57 59.08 -43.21
CA LEU B 719 -19.75 58.48 -43.88
C LEU B 719 -20.33 59.45 -44.89
N ILE B 720 -20.42 60.74 -44.52
CA ILE B 720 -21.27 61.73 -45.26
C ILE B 720 -20.40 62.55 -46.22
N TYR B 721 -19.19 62.08 -46.50
CA TYR B 721 -18.17 62.86 -47.24
C TYR B 721 -18.67 63.36 -48.60
N ASP B 722 -19.57 62.62 -49.28
CA ASP B 722 -20.08 63.04 -50.61
C ASP B 722 -21.53 63.50 -50.51
N ARG B 723 -22.07 63.76 -49.32
CA ARG B 723 -23.52 64.09 -49.21
C ARG B 723 -23.75 65.59 -49.44
N PRO B 724 -24.95 65.97 -49.90
CA PRO B 724 -25.31 67.37 -49.98
C PRO B 724 -25.21 68.01 -48.59
N ASN B 725 -24.60 69.21 -48.54
CA ASN B 725 -24.53 70.06 -47.33
C ASN B 725 -23.54 69.44 -46.32
N HIS B 726 -22.65 68.55 -46.72
CA HIS B 726 -21.80 67.82 -45.74
C HIS B 726 -20.88 68.81 -45.02
N ASP B 727 -20.52 69.91 -45.67
CA ASP B 727 -19.59 70.94 -45.08
C ASP B 727 -20.26 71.75 -43.97
N ASN B 728 -21.58 71.64 -43.78
CA ASN B 728 -22.36 72.40 -42.78
C ASN B 728 -22.73 71.48 -41.62
N PHE B 729 -22.23 70.26 -41.61
CA PHE B 729 -22.42 69.33 -40.46
C PHE B 729 -21.41 69.74 -39.37
N ASN B 730 -21.94 70.16 -38.23
CA ASN B 730 -21.19 70.37 -36.95
C ASN B 730 -21.51 69.18 -36.07
N VAL B 731 -20.65 68.15 -36.13
CA VAL B 731 -20.82 66.86 -35.39
C VAL B 731 -20.11 66.93 -34.05
N HIS B 732 -20.87 66.77 -32.97
CA HIS B 732 -20.36 66.48 -31.60
C HIS B 732 -20.51 64.96 -31.31
N GLY B 733 -19.50 64.38 -30.69
CA GLY B 733 -19.57 62.98 -30.24
C GLY B 733 -18.73 62.79 -29.00
N TYR B 734 -18.35 61.56 -28.71
CA TYR B 734 -17.42 61.24 -27.60
C TYR B 734 -15.99 61.62 -28.01
N GLU B 735 -15.25 62.26 -27.10
CA GLU B 735 -13.93 62.89 -27.35
C GLU B 735 -12.90 62.43 -26.31
N GLU B 736 -13.07 61.24 -25.77
CA GLU B 736 -12.11 60.60 -24.82
C GLU B 736 -11.97 61.54 -23.61
N GLU B 737 -13.11 61.93 -23.04
CA GLU B 737 -13.21 62.73 -21.81
C GLU B 737 -14.26 62.14 -20.90
N GLY B 738 -14.10 62.32 -19.60
CA GLY B 738 -15.06 61.80 -18.61
C GLY B 738 -14.28 61.07 -17.56
N SER B 739 -14.96 60.51 -16.57
CA SER B 739 -14.33 60.07 -15.31
C SER B 739 -15.41 59.41 -14.48
N THR B 740 -15.20 59.21 -13.20
CA THR B 740 -16.29 58.80 -12.28
C THR B 740 -16.98 60.11 -11.90
N THR B 741 -18.14 60.41 -12.45
CA THR B 741 -18.76 61.76 -12.31
C THR B 741 -20.28 61.63 -12.37
N THR B 742 -20.99 62.71 -12.72
CA THR B 742 -22.48 62.69 -12.79
C THR B 742 -22.88 62.58 -14.25
N PRO B 743 -24.11 62.11 -14.53
CA PRO B 743 -24.60 62.04 -15.91
C PRO B 743 -24.40 63.35 -16.67
N TYR B 744 -24.67 64.51 -16.05
CA TYR B 744 -24.53 65.83 -16.75
C TYR B 744 -23.07 66.07 -17.07
N ASP B 745 -22.19 65.67 -16.15
CA ASP B 745 -20.74 65.95 -16.31
C ASP B 745 -20.23 65.15 -17.51
N MET B 746 -20.79 63.96 -17.76
CA MET B 746 -20.32 63.09 -18.87
C MET B 746 -20.64 63.79 -20.18
N VAL B 747 -21.81 64.42 -20.28
CA VAL B 747 -22.16 65.08 -21.59
C VAL B 747 -21.39 66.39 -21.69
N ARG B 748 -21.25 67.14 -20.59
CA ARG B 748 -20.55 68.46 -20.55
C ARG B 748 -19.11 68.33 -21.06
N VAL B 749 -18.38 67.40 -20.50
CA VAL B 749 -16.92 67.34 -20.71
C VAL B 749 -16.61 66.86 -22.15
N ASN B 750 -17.59 66.28 -22.86
CA ASN B 750 -17.49 65.89 -24.30
C ASN B 750 -18.27 66.89 -25.20
N ARG B 751 -18.77 67.99 -24.65
CA ARG B 751 -19.25 69.19 -25.39
C ARG B 751 -20.49 68.81 -26.18
N ILE B 752 -21.39 68.05 -25.53
CA ILE B 752 -22.66 67.51 -26.11
C ILE B 752 -23.82 67.73 -25.14
N ASP B 753 -23.60 68.45 -24.05
CA ASP B 753 -24.68 68.73 -23.08
C ASP B 753 -25.65 69.68 -23.77
N ARG B 754 -26.90 69.70 -23.32
CA ARG B 754 -27.99 70.52 -23.88
C ARG B 754 -27.59 72.01 -23.97
N TYR B 755 -26.81 72.52 -23.00
CA TYR B 755 -26.46 73.97 -22.93
C TYR B 755 -25.44 74.30 -24.03
N GLU B 756 -24.43 73.46 -24.22
CA GLU B 756 -23.42 73.69 -25.28
C GLU B 756 -24.10 73.52 -26.65
N LEU B 757 -25.08 72.62 -26.77
CA LEU B 757 -25.75 72.35 -28.05
C LEU B 757 -26.60 73.58 -28.39
N THR B 758 -27.37 74.10 -27.43
CA THR B 758 -28.04 75.42 -27.59
C THR B 758 -27.03 76.49 -28.02
N ALA B 759 -25.94 76.67 -27.27
CA ALA B 759 -24.87 77.65 -27.57
C ALA B 759 -24.39 77.43 -29.00
N GLU B 760 -24.14 76.19 -29.37
CA GLU B 760 -23.54 75.84 -30.68
C GLU B 760 -24.52 76.25 -31.79
N ALA B 761 -25.82 76.13 -31.52
CA ALA B 761 -26.87 76.36 -32.52
C ALA B 761 -26.92 77.87 -32.79
N LEU B 762 -26.85 78.65 -31.72
CA LEU B 762 -26.81 80.14 -31.76
C LEU B 762 -25.55 80.59 -32.50
N ARG B 763 -24.40 80.00 -32.19
CA ARG B 763 -23.13 80.36 -32.87
C ARG B 763 -23.29 80.17 -34.37
N MET B 764 -24.10 79.21 -34.79
CA MET B 764 -24.07 78.73 -36.20
C MET B 764 -25.03 79.60 -37.02
N ILE B 765 -26.03 80.18 -36.33
CA ILE B 765 -27.04 81.13 -36.87
C ILE B 765 -26.42 82.54 -36.90
N ASP B 766 -25.98 83.07 -35.75
CA ASP B 766 -25.38 84.42 -35.62
C ASP B 766 -24.73 84.59 -34.24
N ALA B 767 -23.39 84.53 -34.17
CA ALA B 767 -22.60 84.65 -32.91
C ALA B 767 -22.82 86.03 -32.30
N ASP B 768 -22.68 87.08 -33.12
CA ASP B 768 -22.87 88.52 -32.74
C ASP B 768 -24.27 88.70 -32.16
N LYS B 769 -25.33 88.49 -32.95
CA LYS B 769 -26.75 88.66 -32.51
C LYS B 769 -26.94 87.98 -31.13
N TYR B 770 -26.39 86.77 -30.94
CA TYR B 770 -26.71 85.90 -29.78
C TYR B 770 -25.59 85.88 -28.72
N ALA B 771 -24.52 86.67 -28.88
CA ALA B 771 -23.30 86.69 -28.03
C ALA B 771 -23.65 86.66 -26.52
N ASP B 772 -24.68 87.40 -26.13
CA ASP B 772 -25.15 87.53 -24.72
C ASP B 772 -25.61 86.16 -24.22
N LYS B 773 -26.58 85.54 -24.92
CA LYS B 773 -27.28 84.31 -24.46
C LYS B 773 -26.24 83.19 -24.38
N ILE B 774 -25.33 83.18 -25.34
CA ILE B 774 -24.20 82.20 -25.40
C ILE B 774 -23.42 82.30 -24.09
N ASP B 775 -22.93 83.49 -23.71
CA ASP B 775 -22.18 83.70 -22.46
C ASP B 775 -22.99 83.17 -21.28
N GLU B 776 -24.28 83.48 -21.23
CA GLU B 776 -25.18 83.00 -20.16
C GLU B 776 -25.10 81.46 -20.15
N LEU B 777 -25.20 80.83 -21.34
CA LEU B 777 -25.23 79.36 -21.47
C LEU B 777 -23.92 78.76 -20.96
N GLU B 778 -22.77 79.35 -21.30
CA GLU B 778 -21.44 78.83 -20.87
C GLU B 778 -21.30 78.96 -19.36
N LYS B 779 -21.71 80.08 -18.79
CA LYS B 779 -21.44 80.32 -17.34
C LYS B 779 -22.27 79.28 -16.58
N PHE B 780 -23.47 78.99 -17.07
CA PHE B 780 -24.41 77.99 -16.48
C PHE B 780 -23.80 76.59 -16.51
N ARG B 781 -23.05 76.28 -17.57
CA ARG B 781 -22.37 74.98 -17.65
C ARG B 781 -21.42 74.87 -16.47
N ASP B 782 -20.50 75.83 -16.34
CA ASP B 782 -19.56 75.88 -15.18
C ASP B 782 -20.40 75.82 -13.90
N GLU B 783 -21.54 76.52 -13.85
CA GLU B 783 -22.35 76.61 -12.61
C GLU B 783 -22.99 75.26 -12.30
N ALA B 784 -23.41 74.54 -13.34
CA ALA B 784 -24.09 73.24 -13.20
C ALA B 784 -23.07 72.21 -12.71
N PHE B 785 -21.83 72.31 -13.20
CA PHE B 785 -20.74 71.41 -12.75
C PHE B 785 -20.51 71.61 -11.25
N GLN B 786 -20.39 72.89 -10.86
CA GLN B 786 -20.05 73.31 -9.48
C GLN B 786 -21.18 72.83 -8.56
N PHE B 787 -22.42 72.87 -9.04
CA PHE B 787 -23.58 72.37 -8.26
C PHE B 787 -23.33 70.90 -7.92
N ALA B 788 -22.78 70.13 -8.87
CA ALA B 788 -22.55 68.68 -8.71
C ALA B 788 -21.44 68.48 -7.68
N VAL B 789 -20.34 69.22 -7.83
CA VAL B 789 -19.18 69.10 -6.90
C VAL B 789 -19.66 69.35 -5.48
N ASP B 790 -20.48 70.38 -5.26
CA ASP B 790 -20.91 70.82 -3.92
C ASP B 790 -21.89 69.83 -3.28
N ASN B 791 -22.81 69.30 -4.07
CA ASN B 791 -24.06 68.61 -3.62
C ASN B 791 -23.99 67.09 -3.91
N GLY B 792 -23.31 66.68 -4.97
CA GLY B 792 -23.11 65.27 -5.37
C GLY B 792 -24.33 64.70 -6.06
N TYR B 793 -24.95 65.50 -6.92
CA TYR B 793 -26.03 65.16 -7.86
C TYR B 793 -26.21 66.40 -8.73
N ASP B 794 -27.01 66.30 -9.77
CA ASP B 794 -26.97 67.27 -10.90
C ASP B 794 -27.96 68.41 -10.66
N HIS B 795 -27.69 69.55 -11.30
CA HIS B 795 -28.57 70.74 -11.25
C HIS B 795 -30.01 70.34 -11.56
N PRO B 796 -31.04 70.91 -10.89
CA PRO B 796 -32.42 70.53 -11.18
C PRO B 796 -32.89 71.00 -12.57
N ASP B 797 -32.23 71.98 -13.16
CA ASP B 797 -32.53 72.36 -14.55
C ASP B 797 -32.31 71.15 -15.46
N TYR B 798 -31.25 70.38 -15.19
CA TYR B 798 -30.82 69.21 -16.00
C TYR B 798 -31.68 68.00 -15.58
N THR B 799 -31.88 67.82 -14.28
CA THR B 799 -32.53 66.63 -13.68
C THR B 799 -34.05 66.71 -13.87
N ASP B 800 -34.64 67.87 -13.61
CA ASP B 800 -36.11 68.01 -13.44
C ASP B 800 -36.77 68.30 -14.80
N TRP B 801 -35.97 68.49 -15.86
CA TRP B 801 -36.47 68.77 -17.23
C TRP B 801 -37.34 67.64 -17.76
N VAL B 802 -38.49 68.03 -18.33
CA VAL B 802 -39.41 67.23 -19.19
C VAL B 802 -39.72 68.07 -20.45
N TYR B 803 -39.69 67.45 -21.63
CA TYR B 803 -40.00 68.11 -22.92
C TYR B 803 -41.34 68.82 -22.79
N SER B 804 -41.41 70.06 -23.29
CA SER B 804 -42.59 70.97 -23.29
C SER B 804 -43.83 70.29 -23.88
N GLY B 805 -43.63 69.29 -24.74
CA GLY B 805 -44.68 68.52 -25.44
C GLY B 805 -45.44 67.55 -24.54
N VAL B 806 -45.03 67.38 -23.30
CA VAL B 806 -45.68 66.41 -22.38
C VAL B 806 -46.78 67.14 -21.62
N ASN B 807 -48.01 66.62 -21.67
CA ASN B 807 -49.16 67.15 -20.89
C ASN B 807 -48.95 66.70 -19.42
N THR B 808 -48.22 67.48 -18.63
CA THR B 808 -47.84 67.16 -17.22
C THR B 808 -48.95 67.63 -16.28
N ASP B 809 -49.84 68.53 -16.74
CA ASP B 809 -51.10 68.91 -16.03
C ASP B 809 -51.77 67.62 -15.53
N LYS B 810 -52.10 66.71 -16.47
CA LYS B 810 -52.69 65.35 -16.25
C LYS B 810 -51.77 64.53 -15.34
N LYS B 811 -52.28 64.04 -14.20
CA LYS B 811 -51.51 63.51 -13.05
C LYS B 811 -50.73 62.22 -13.41
N GLY B 812 -50.96 61.63 -14.59
CA GLY B 812 -50.28 60.39 -15.06
C GLY B 812 -48.78 60.41 -14.80
N THR C 2 -8.99 -25.42 47.95
CA THR C 2 -9.35 -24.31 47.00
C THR C 2 -8.41 -23.13 47.25
N SER C 3 -7.74 -22.68 46.17
CA SER C 3 -6.63 -21.68 46.13
C SER C 3 -7.07 -20.38 46.79
N PRO C 4 -6.20 -19.72 47.58
CA PRO C 4 -6.56 -18.42 48.14
C PRO C 4 -6.19 -17.27 47.17
N VAL C 5 -6.99 -16.20 47.22
CA VAL C 5 -6.72 -14.89 46.61
C VAL C 5 -5.75 -14.16 47.53
N ILE C 6 -4.46 -14.18 47.20
CA ILE C 6 -3.40 -13.40 47.92
C ILE C 6 -3.22 -12.05 47.22
N GLY C 7 -3.17 -10.96 47.99
CA GLY C 7 -2.68 -9.66 47.51
C GLY C 7 -3.74 -8.95 46.70
N THR C 8 -3.29 -8.10 45.75
CA THR C 8 -4.12 -7.24 44.86
C THR C 8 -3.81 -7.61 43.43
N PRO C 9 -4.50 -8.64 42.87
CA PRO C 9 -4.09 -9.20 41.59
C PRO C 9 -4.55 -8.34 40.40
N TRP C 10 -3.78 -8.42 39.32
CA TRP C 10 -4.10 -7.91 37.96
C TRP C 10 -4.34 -6.41 38.06
N LYS C 11 -3.35 -5.70 38.60
CA LYS C 11 -3.43 -4.24 38.90
C LYS C 11 -2.37 -3.54 38.07
N LYS C 12 -2.78 -2.46 37.39
CA LYS C 12 -1.89 -1.63 36.55
C LYS C 12 -1.19 -0.62 37.47
N LEU C 13 0.06 -0.30 37.17
CA LEU C 13 0.78 0.73 37.94
C LEU C 13 0.09 2.10 37.76
N ASN C 14 -0.17 2.52 36.51
CA ASN C 14 -0.78 3.85 36.20
C ASN C 14 0.16 4.98 36.64
N ALA C 15 1.44 4.82 36.32
CA ALA C 15 2.57 5.74 36.60
C ALA C 15 3.85 5.01 36.16
N PRO C 16 4.93 5.72 35.74
CA PRO C 16 6.16 5.03 35.33
C PRO C 16 6.84 4.42 36.56
N VAL C 17 7.71 3.43 36.34
CA VAL C 17 8.52 2.79 37.43
C VAL C 17 9.52 3.85 37.89
N SER C 18 9.76 3.94 39.20
CA SER C 18 10.55 5.01 39.87
C SER C 18 12.05 4.80 39.66
N GLU C 19 12.82 5.88 39.62
CA GLU C 19 14.30 5.81 39.48
C GLU C 19 14.88 5.09 40.71
N GLU C 20 14.23 5.28 41.89
CA GLU C 20 14.63 4.67 43.19
C GLU C 20 14.62 3.16 43.04
N ALA C 21 13.46 2.60 42.67
CA ALA C 21 13.23 1.14 42.55
C ALA C 21 14.29 0.50 41.63
N LEU C 22 14.58 1.11 40.47
CA LEU C 22 15.52 0.59 39.45
C LEU C 22 16.95 0.64 40.01
N GLU C 23 17.24 1.66 40.83
CA GLU C 23 18.53 1.78 41.57
C GLU C 23 18.65 0.56 42.48
N GLY C 24 17.57 0.27 43.22
CA GLY C 24 17.42 -0.97 44.01
C GLY C 24 17.77 -2.21 43.20
N VAL C 25 17.07 -2.41 42.08
CA VAL C 25 17.15 -3.63 41.23
C VAL C 25 18.61 -3.84 40.79
N ASP C 26 19.33 -2.80 40.34
CA ASP C 26 20.75 -2.95 39.92
C ASP C 26 21.59 -3.44 41.11
N LYS C 27 21.31 -2.95 42.32
CA LYS C 27 21.97 -3.40 43.56
C LYS C 27 21.63 -4.88 43.77
N TYR C 28 20.34 -5.24 43.73
CA TYR C 28 19.92 -6.65 43.78
C TYR C 28 20.81 -7.42 42.79
N TRP C 29 20.74 -7.04 41.51
CA TRP C 29 21.44 -7.77 40.41
C TRP C 29 22.90 -7.97 40.81
N ARG C 30 23.51 -6.93 41.40
CA ARG C 30 24.96 -6.87 41.72
C ARG C 30 25.22 -7.73 42.96
N VAL C 31 24.49 -7.48 44.04
CA VAL C 31 24.63 -8.26 45.31
C VAL C 31 24.44 -9.77 45.00
N ALA C 32 23.49 -10.10 44.12
CA ALA C 32 22.99 -11.47 43.93
C ALA C 32 23.96 -12.22 43.02
N ASN C 33 24.63 -11.52 42.14
CA ASN C 33 25.73 -12.12 41.32
C ASN C 33 26.95 -12.34 42.22
N TYR C 34 27.15 -11.50 43.24
CA TYR C 34 28.23 -11.67 44.24
C TYR C 34 27.96 -12.94 45.06
N LEU C 35 26.79 -13.02 45.72
CA LEU C 35 26.28 -14.21 46.47
C LEU C 35 26.42 -15.49 45.65
N SER C 36 26.46 -15.38 44.33
CA SER C 36 26.30 -16.53 43.42
C SER C 36 27.69 -17.03 43.03
N ILE C 37 28.60 -16.13 42.69
CA ILE C 37 30.03 -16.49 42.38
C ILE C 37 30.67 -16.91 43.69
N GLY C 38 30.24 -16.28 44.80
CA GLY C 38 30.53 -16.70 46.19
C GLY C 38 30.22 -18.16 46.40
N GLN C 39 28.93 -18.49 46.51
CA GLN C 39 28.42 -19.87 46.67
C GLN C 39 29.26 -20.87 45.87
N ILE C 40 29.70 -20.55 44.65
CA ILE C 40 30.42 -21.54 43.81
C ILE C 40 31.89 -21.65 44.25
N TYR C 41 32.56 -20.52 44.51
CA TYR C 41 34.04 -20.37 44.45
C TYR C 41 34.68 -20.26 45.85
N LEU C 42 33.98 -19.70 46.85
CA LEU C 42 34.60 -19.31 48.14
C LEU C 42 34.33 -20.36 49.23
N ARG C 43 35.41 -21.07 49.59
CA ARG C 43 35.56 -22.01 50.75
C ARG C 43 35.50 -21.22 52.07
N SER C 44 36.07 -20.02 52.12
CA SER C 44 36.10 -19.14 53.33
C SER C 44 36.22 -17.68 52.91
N ASN C 45 35.93 -16.76 53.85
CA ASN C 45 36.26 -15.31 53.77
C ASN C 45 35.38 -14.65 52.70
N PRO C 46 34.08 -14.42 53.03
CA PRO C 46 33.08 -14.06 52.03
C PRO C 46 33.28 -12.65 51.44
N LEU C 47 33.63 -11.66 52.28
CA LEU C 47 33.69 -10.21 51.91
C LEU C 47 35.13 -9.81 51.56
N MET C 48 35.96 -10.75 51.10
CA MET C 48 37.35 -10.50 50.62
C MET C 48 38.07 -9.51 51.56
N LYS C 49 38.19 -9.85 52.84
CA LYS C 49 38.99 -9.08 53.84
C LYS C 49 40.45 -9.56 53.79
N GLU C 50 41.35 -8.80 54.43
CA GLU C 50 42.82 -9.04 54.45
C GLU C 50 43.14 -10.09 55.52
N PRO C 51 43.85 -11.19 55.20
CA PRO C 51 44.25 -11.51 53.81
C PRO C 51 43.16 -12.29 53.07
N PHE C 52 43.11 -12.11 51.74
CA PHE C 52 42.29 -12.86 50.78
C PHE C 52 43.24 -13.56 49.80
N THR C 53 43.26 -14.90 49.78
CA THR C 53 44.25 -15.71 49.01
C THR C 53 43.62 -17.02 48.51
N ARG C 54 44.34 -17.70 47.61
CA ARG C 54 44.01 -19.05 47.09
C ARG C 54 43.50 -19.97 48.20
N GLU C 55 43.90 -19.75 49.46
CA GLU C 55 43.46 -20.58 50.62
C GLU C 55 41.93 -20.53 50.75
N ASP C 56 41.34 -19.38 50.40
CA ASP C 56 39.88 -19.06 50.55
C ASP C 56 39.02 -19.65 49.43
N VAL C 57 39.57 -19.85 48.22
CA VAL C 57 38.93 -20.57 47.05
C VAL C 57 38.72 -22.05 47.42
N LYS C 58 37.54 -22.61 47.10
CA LYS C 58 37.19 -24.05 47.26
C LYS C 58 38.09 -24.94 46.37
N HIS C 59 38.14 -26.23 46.71
CA HIS C 59 39.05 -27.23 46.10
C HIS C 59 38.48 -27.73 44.76
N ARG C 60 37.34 -28.41 44.79
CA ARG C 60 36.59 -28.81 43.56
C ARG C 60 35.52 -27.76 43.30
N LEU C 61 35.60 -27.12 42.12
CA LEU C 61 34.66 -26.07 41.66
C LEU C 61 33.37 -26.73 41.12
N VAL C 62 32.28 -26.55 41.88
CA VAL C 62 30.98 -27.23 41.59
C VAL C 62 29.83 -26.22 41.64
N GLY C 63 28.93 -26.31 40.64
CA GLY C 63 27.80 -25.39 40.38
C GLY C 63 27.85 -24.80 38.97
N HIS C 64 26.86 -24.00 38.59
CA HIS C 64 26.79 -23.39 37.23
C HIS C 64 26.58 -21.88 37.34
N TRP C 65 27.47 -21.13 36.67
CA TRP C 65 27.42 -19.65 36.56
C TRP C 65 26.56 -19.24 35.35
N GLY C 66 26.87 -19.77 34.15
CA GLY C 66 26.27 -19.41 32.83
C GLY C 66 24.90 -18.73 32.87
N THR C 67 23.87 -19.41 33.38
CA THR C 67 22.45 -18.99 33.36
C THR C 67 22.17 -17.94 34.45
N THR C 68 23.02 -17.91 35.48
CA THR C 68 22.77 -17.29 36.81
C THR C 68 22.62 -15.77 36.69
N PRO C 69 23.55 -15.03 36.06
CA PRO C 69 23.40 -13.57 35.97
C PRO C 69 22.06 -13.20 35.32
N GLY C 70 21.77 -13.83 34.19
CA GLY C 70 20.42 -13.88 33.57
C GLY C 70 19.30 -14.03 34.59
N LEU C 71 19.28 -15.16 35.32
CA LEU C 71 18.21 -15.44 36.31
C LEU C 71 18.14 -14.32 37.36
N ASN C 72 19.29 -13.77 37.73
CA ASN C 72 19.42 -12.73 38.78
C ASN C 72 18.78 -11.42 38.27
N PHE C 73 19.06 -11.01 37.03
CA PHE C 73 18.38 -9.90 36.34
C PHE C 73 16.85 -10.07 36.44
N LEU C 74 16.31 -11.22 36.03
CA LEU C 74 14.83 -11.43 35.87
C LEU C 74 14.18 -11.35 37.25
N ILE C 75 14.80 -11.97 38.26
CA ILE C 75 14.20 -12.08 39.62
C ILE C 75 14.28 -10.71 40.31
N GLY C 76 15.41 -10.01 40.22
CA GLY C 76 15.45 -8.62 40.70
C GLY C 76 14.21 -7.87 40.18
N HIS C 77 13.99 -7.94 38.87
CA HIS C 77 12.90 -7.21 38.18
C HIS C 77 11.53 -7.74 38.60
N ILE C 78 11.35 -9.07 38.67
CA ILE C 78 10.09 -9.70 39.19
C ILE C 78 9.83 -9.26 40.64
N ASN C 79 10.86 -9.15 41.48
CA ASN C 79 10.72 -8.75 42.89
C ASN C 79 10.18 -7.32 42.95
N ARG C 80 10.78 -6.40 42.18
CA ARG C 80 10.33 -4.98 42.07
C ARG C 80 8.85 -4.98 41.66
N PHE C 81 8.55 -5.70 40.58
CA PHE C 81 7.19 -5.90 40.05
C PHE C 81 6.25 -6.37 41.17
N ILE C 82 6.63 -7.41 41.93
CA ILE C 82 5.74 -8.02 42.96
C ILE C 82 5.37 -6.95 44.00
N ALA C 83 6.34 -6.18 44.49
CA ALA C 83 6.11 -5.16 45.56
C ALA C 83 5.22 -4.05 45.04
N ASP C 84 5.50 -3.52 43.85
CA ASP C 84 4.77 -2.35 43.28
C ASP C 84 3.32 -2.72 42.96
N HIS C 85 3.05 -3.96 42.52
CA HIS C 85 1.72 -4.39 42.07
C HIS C 85 0.99 -5.16 43.16
N GLY C 86 1.74 -5.81 44.07
CA GLY C 86 1.17 -6.70 45.10
C GLY C 86 0.51 -7.91 44.47
N GLN C 87 1.28 -8.63 43.65
CA GLN C 87 0.78 -9.69 42.74
C GLN C 87 1.20 -11.06 43.28
N ASN C 88 0.22 -11.92 43.57
CA ASN C 88 0.43 -13.37 43.77
C ASN C 88 1.37 -13.86 42.65
N THR C 89 2.62 -14.16 42.97
CA THR C 89 3.63 -14.64 41.98
C THR C 89 4.38 -15.87 42.49
N VAL C 90 4.43 -16.90 41.64
CA VAL C 90 5.34 -18.06 41.72
C VAL C 90 6.14 -18.12 40.42
N ILE C 91 7.46 -18.14 40.52
CA ILE C 91 8.40 -18.26 39.38
C ILE C 91 8.67 -19.76 39.17
N ILE C 92 9.11 -20.13 37.96
CA ILE C 92 9.50 -21.52 37.60
C ILE C 92 10.91 -21.40 37.05
N MET C 93 11.88 -22.06 37.70
CA MET C 93 13.27 -22.01 37.23
C MET C 93 13.51 -23.18 36.26
N GLY C 94 13.18 -22.96 35.01
CA GLY C 94 13.46 -23.90 33.91
C GLY C 94 14.89 -24.40 33.97
N PRO C 95 15.89 -23.49 33.95
CA PRO C 95 17.29 -23.86 34.14
C PRO C 95 17.63 -23.91 35.65
N GLY C 96 17.24 -25.00 36.32
CA GLY C 96 17.42 -25.28 37.76
C GLY C 96 18.89 -25.41 38.20
N HIS C 97 19.80 -25.76 37.31
CA HIS C 97 21.25 -25.72 37.62
C HIS C 97 21.68 -24.32 38.07
N GLY C 98 20.83 -23.30 37.93
CA GLY C 98 21.01 -21.94 38.46
C GLY C 98 20.44 -21.81 39.86
N GLY C 99 20.59 -22.86 40.67
CA GLY C 99 20.25 -22.84 42.10
C GLY C 99 20.76 -21.58 42.81
N PRO C 100 22.02 -21.13 42.59
CA PRO C 100 22.55 -19.96 43.30
C PRO C 100 21.64 -18.73 43.26
N ALA C 101 20.92 -18.55 42.14
CA ALA C 101 19.97 -17.43 41.92
C ALA C 101 18.76 -17.62 42.85
N GLY C 102 18.31 -18.87 43.00
CA GLY C 102 17.19 -19.27 43.86
C GLY C 102 17.48 -19.12 45.35
N THR C 103 18.68 -19.52 45.78
CA THR C 103 19.16 -19.41 47.19
C THR C 103 19.46 -17.93 47.52
N SER C 104 20.24 -17.26 46.66
CA SER C 104 20.56 -15.79 46.74
C SER C 104 19.24 -15.04 46.97
N GLN C 105 18.20 -15.40 46.21
CA GLN C 105 16.87 -14.74 46.28
C GLN C 105 16.31 -14.95 47.67
N SER C 106 16.33 -16.19 48.16
CA SER C 106 15.72 -16.61 49.45
C SER C 106 16.52 -16.05 50.62
N TYR C 107 17.84 -15.92 50.45
CA TYR C 107 18.71 -15.20 51.42
C TYR C 107 18.21 -13.75 51.51
N LEU C 108 18.15 -13.04 50.37
CA LEU C 108 17.90 -11.57 50.26
C LEU C 108 16.46 -11.22 50.63
N ASP C 109 15.50 -12.12 50.42
CA ASP C 109 14.08 -11.83 50.81
C ASP C 109 13.91 -12.15 52.31
N GLY C 110 14.91 -12.82 52.91
CA GLY C 110 14.95 -13.19 54.34
C GLY C 110 14.77 -14.68 54.55
N THR C 111 13.77 -15.26 53.88
CA THR C 111 13.24 -16.64 54.10
C THR C 111 14.37 -17.68 54.26
N TYR C 112 15.55 -17.48 53.69
CA TYR C 112 16.62 -18.50 53.84
C TYR C 112 16.98 -18.60 55.32
N THR C 113 17.13 -17.44 55.98
CA THR C 113 17.43 -17.26 57.42
C THR C 113 16.24 -17.74 58.28
N GLU C 114 15.01 -17.37 57.91
CA GLU C 114 13.77 -17.74 58.63
C GLU C 114 13.48 -19.24 58.55
N THR C 115 14.23 -19.98 57.73
CA THR C 115 14.07 -21.45 57.52
C THR C 115 15.37 -22.19 57.85
N PHE C 116 16.46 -21.43 58.04
CA PHE C 116 17.80 -21.91 58.46
C PHE C 116 18.40 -20.82 59.35
N PRO C 117 17.98 -20.71 60.64
CA PRO C 117 18.49 -19.64 61.52
C PRO C 117 20.02 -19.66 61.76
N LYS C 118 20.68 -20.81 61.62
CA LYS C 118 22.18 -20.97 61.60
C LYS C 118 22.80 -20.07 60.50
N ILE C 119 21.98 -19.53 59.60
CA ILE C 119 22.40 -18.71 58.42
C ILE C 119 21.88 -17.28 58.61
N THR C 120 22.75 -16.43 59.15
CA THR C 120 22.41 -15.08 59.68
C THR C 120 22.82 -14.04 58.64
N LYS C 121 22.16 -12.87 58.66
CA LYS C 121 22.52 -11.73 57.78
C LYS C 121 23.74 -11.04 58.39
N ASP C 122 24.93 -11.64 58.24
CA ASP C 122 26.24 -11.15 58.76
C ASP C 122 27.38 -12.01 58.22
N GLU C 123 28.62 -11.59 58.51
CA GLU C 123 29.87 -12.11 57.90
C GLU C 123 30.00 -13.61 58.19
N ALA C 124 29.74 -14.00 59.44
CA ALA C 124 29.72 -15.41 59.90
C ALA C 124 28.72 -16.20 59.06
N GLY C 125 27.47 -15.71 58.96
CA GLY C 125 26.38 -16.31 58.16
C GLY C 125 26.75 -16.42 56.69
N LEU C 126 27.09 -15.27 56.06
CA LEU C 126 27.55 -15.23 54.65
C LEU C 126 28.66 -16.27 54.45
N GLN C 127 29.45 -16.53 55.50
CA GLN C 127 30.59 -17.48 55.51
C GLN C 127 30.04 -18.90 55.27
N LYS C 128 29.05 -19.29 56.07
CA LYS C 128 28.40 -20.63 56.04
C LYS C 128 27.71 -20.81 54.67
N PHE C 129 26.92 -19.82 54.26
CA PHE C 129 26.12 -19.80 53.01
C PHE C 129 27.00 -20.06 51.77
N PHE C 130 28.18 -19.47 51.68
CA PHE C 130 29.08 -19.71 50.52
C PHE C 130 29.60 -21.15 50.59
N ARG C 131 30.06 -21.55 51.76
CA ARG C 131 30.67 -22.88 52.00
C ARG C 131 29.63 -23.96 51.65
N GLN C 132 28.42 -23.89 52.25
CA GLN C 132 27.37 -24.96 52.22
C GLN C 132 26.89 -25.23 50.79
N PHE C 133 26.97 -24.25 49.87
CA PHE C 133 26.53 -24.47 48.47
C PHE C 133 27.37 -25.61 47.87
N SER C 134 26.68 -26.71 47.55
CA SER C 134 27.25 -27.89 46.84
C SER C 134 28.42 -28.51 47.61
N TYR C 135 28.42 -28.35 48.94
CA TYR C 135 29.42 -28.87 49.87
C TYR C 135 28.84 -30.16 50.46
N PRO C 136 29.68 -31.18 50.74
CA PRO C 136 29.22 -32.37 51.46
C PRO C 136 28.59 -31.91 52.78
N GLY C 137 27.40 -32.42 53.09
CA GLY C 137 26.63 -32.09 54.32
C GLY C 137 26.05 -30.68 54.28
N GLY C 138 26.15 -29.98 53.13
CA GLY C 138 25.44 -28.71 52.87
C GLY C 138 24.14 -28.92 52.10
N ILE C 139 23.98 -28.18 51.00
CA ILE C 139 22.72 -28.08 50.21
C ILE C 139 23.02 -28.36 48.74
N PRO C 140 22.00 -28.65 47.89
CA PRO C 140 22.24 -29.00 46.50
C PRO C 140 22.54 -27.82 45.58
N SER C 141 23.13 -28.16 44.42
CA SER C 141 23.64 -27.28 43.34
C SER C 141 22.52 -26.83 42.39
N HIS C 142 21.29 -27.24 42.67
CA HIS C 142 20.07 -26.97 41.88
C HIS C 142 19.05 -26.28 42.79
N PHE C 143 17.97 -25.76 42.18
CA PHE C 143 16.86 -25.06 42.89
C PHE C 143 15.95 -26.15 43.47
N ALA C 144 16.54 -26.91 44.40
CA ALA C 144 15.97 -28.16 44.95
C ALA C 144 14.84 -27.83 45.95
N PRO C 145 14.04 -28.82 46.41
CA PRO C 145 12.99 -28.53 47.39
C PRO C 145 13.51 -27.95 48.71
N GLU C 146 14.82 -28.07 48.98
CA GLU C 146 15.50 -27.48 50.18
C GLU C 146 15.54 -25.94 50.06
N THR C 147 15.24 -25.38 48.87
CA THR C 147 15.19 -23.92 48.59
C THR C 147 13.76 -23.42 48.71
N PRO C 148 13.46 -22.48 49.63
CA PRO C 148 12.17 -21.81 49.64
C PRO C 148 11.87 -21.07 48.33
N GLY C 149 10.64 -21.19 47.80
CA GLY C 149 10.17 -20.63 46.51
C GLY C 149 10.29 -21.62 45.35
N SER C 150 10.78 -22.84 45.60
CA SER C 150 10.93 -23.89 44.56
C SER C 150 9.75 -24.85 44.62
N ILE C 151 9.01 -24.97 43.52
CA ILE C 151 8.09 -26.11 43.30
C ILE C 151 8.63 -26.89 42.10
N HIS C 152 9.91 -26.68 41.79
CA HIS C 152 10.50 -27.10 40.49
C HIS C 152 12.03 -27.03 40.52
N GLU C 153 12.67 -28.17 40.74
CA GLU C 153 14.15 -28.28 40.87
C GLU C 153 14.79 -27.87 39.55
N GLY C 154 14.26 -28.40 38.44
CA GLY C 154 14.81 -28.20 37.09
C GLY C 154 16.01 -29.09 36.82
N GLY C 155 15.99 -30.31 37.31
CA GLY C 155 17.16 -31.19 37.21
C GLY C 155 17.14 -31.87 35.87
N GLU C 156 16.13 -32.70 35.65
CA GLU C 156 15.74 -33.24 34.33
C GLU C 156 14.93 -32.16 33.62
N LEU C 157 15.42 -31.72 32.46
CA LEU C 157 14.85 -30.54 31.76
C LEU C 157 13.63 -30.97 30.95
N GLY C 158 12.56 -30.17 31.03
CA GLY C 158 11.51 -30.09 29.99
C GLY C 158 10.13 -29.82 30.55
N TYR C 159 10.00 -29.58 31.86
CA TYR C 159 8.73 -29.66 32.62
C TYR C 159 8.38 -28.28 33.14
N ALA C 160 9.02 -27.24 32.62
CA ALA C 160 8.85 -25.85 33.13
C ALA C 160 7.43 -25.39 32.81
N LEU C 161 6.94 -25.69 31.61
CA LEU C 161 5.59 -25.23 31.15
C LEU C 161 4.48 -26.13 31.72
N SER C 162 4.64 -27.47 31.67
CA SER C 162 3.82 -28.47 32.44
C SER C 162 3.45 -27.88 33.81
N HIS C 163 4.49 -27.60 34.61
CA HIS C 163 4.33 -27.23 36.04
C HIS C 163 3.70 -25.85 36.11
N ALA C 164 4.16 -24.93 35.25
CA ALA C 164 3.65 -23.55 35.21
C ALA C 164 2.15 -23.61 34.92
N TYR C 165 1.74 -24.37 33.90
CA TYR C 165 0.33 -24.30 33.44
C TYR C 165 -0.56 -25.04 34.45
N GLY C 166 -0.04 -26.10 35.08
CA GLY C 166 -0.78 -26.87 36.10
C GLY C 166 -1.07 -26.07 37.36
N ALA C 167 -0.09 -25.28 37.81
CA ALA C 167 -0.12 -24.39 39.00
C ALA C 167 -1.23 -23.35 38.92
N ILE C 168 -1.58 -22.88 37.70
CA ILE C 168 -2.60 -21.79 37.51
C ILE C 168 -4.01 -22.37 37.32
N MET C 169 -4.17 -23.67 37.02
CA MET C 169 -5.53 -24.29 36.90
C MET C 169 -6.27 -24.10 38.22
N ASP C 170 -7.45 -23.49 38.17
CA ASP C 170 -8.28 -23.13 39.34
C ASP C 170 -7.51 -22.26 40.34
N ASN C 171 -6.53 -21.49 39.88
CA ASN C 171 -5.79 -20.51 40.72
C ASN C 171 -5.97 -19.12 40.10
N PRO C 172 -7.22 -18.61 40.05
CA PRO C 172 -7.50 -17.34 39.36
C PRO C 172 -6.56 -16.16 39.60
N SER C 173 -6.04 -16.01 40.82
CA SER C 173 -5.23 -14.84 41.25
C SER C 173 -3.74 -15.06 40.96
N LEU C 174 -3.33 -16.28 40.57
CA LEU C 174 -1.89 -16.65 40.53
C LEU C 174 -1.30 -16.27 39.18
N PHE C 175 -0.13 -15.62 39.22
CA PHE C 175 0.68 -15.26 38.03
C PHE C 175 2.01 -16.05 38.08
N VAL C 176 2.52 -16.54 36.94
CA VAL C 176 3.68 -17.48 36.87
C VAL C 176 4.62 -17.09 35.72
N PRO C 177 5.63 -16.24 35.96
CA PRO C 177 6.79 -16.15 35.10
C PRO C 177 7.50 -17.51 35.07
N ALA C 178 7.48 -18.14 33.90
CA ALA C 178 8.02 -19.49 33.66
C ALA C 178 9.28 -19.30 32.84
N ILE C 179 10.40 -19.26 33.53
CA ILE C 179 11.70 -19.05 32.86
C ILE C 179 12.03 -20.38 32.21
N VAL C 180 12.38 -20.39 30.94
CA VAL C 180 12.59 -21.60 30.12
C VAL C 180 13.91 -21.46 29.39
N GLY C 181 14.82 -22.39 29.57
CA GLY C 181 16.13 -22.33 28.90
C GLY C 181 15.95 -22.66 27.43
N ASP C 182 16.83 -22.18 26.57
CA ASP C 182 16.70 -22.35 25.11
C ASP C 182 17.20 -23.75 24.74
N GLY C 183 18.00 -24.36 25.62
CA GLY C 183 18.39 -25.77 25.54
C GLY C 183 17.24 -26.65 25.98
N GLU C 184 16.64 -26.33 27.13
CA GLU C 184 15.40 -26.97 27.63
C GLU C 184 14.34 -26.95 26.51
N ALA C 185 14.29 -25.85 25.74
CA ALA C 185 13.26 -25.61 24.70
C ALA C 185 13.41 -26.63 23.57
N GLU C 186 14.56 -27.31 23.53
CA GLU C 186 14.92 -28.32 22.48
C GLU C 186 14.38 -29.70 22.84
N THR C 187 13.72 -29.83 24.00
CA THR C 187 13.14 -31.11 24.48
C THR C 187 11.70 -31.24 23.96
N GLY C 188 11.25 -32.48 23.71
CA GLY C 188 9.85 -32.83 23.39
C GLY C 188 8.85 -32.29 24.41
N PRO C 189 9.01 -32.58 25.72
CA PRO C 189 8.00 -32.16 26.71
C PRO C 189 7.75 -30.65 26.84
N LEU C 190 8.80 -29.84 26.59
CA LEU C 190 8.74 -28.36 26.63
C LEU C 190 8.03 -27.89 25.34
N ALA C 191 8.46 -28.41 24.19
CA ALA C 191 7.95 -28.09 22.84
C ALA C 191 6.42 -28.23 22.77
N THR C 192 5.82 -29.22 23.45
CA THR C 192 4.35 -29.45 23.50
C THR C 192 3.76 -28.63 24.66
N GLY C 193 4.58 -28.24 25.63
CA GLY C 193 4.09 -27.47 26.79
C GLY C 193 3.56 -26.11 26.39
N TRP C 194 4.17 -25.52 25.34
CA TRP C 194 3.77 -24.25 24.69
C TRP C 194 2.25 -24.23 24.40
N GLN C 195 1.71 -25.37 23.98
CA GLN C 195 0.35 -25.48 23.41
C GLN C 195 -0.68 -25.49 24.52
N SER C 196 -0.27 -25.34 25.78
CA SER C 196 -1.18 -25.47 26.95
C SER C 196 -2.12 -24.24 27.06
N ASN C 197 -1.87 -23.17 26.29
CA ASN C 197 -2.68 -21.93 26.31
C ASN C 197 -4.05 -22.16 25.67
N LYS C 198 -4.27 -23.28 24.95
CA LYS C 198 -5.64 -23.64 24.48
C LYS C 198 -6.38 -24.48 25.52
N LEU C 199 -5.72 -24.91 26.61
CA LEU C 199 -6.27 -25.86 27.62
C LEU C 199 -6.59 -25.15 28.94
N VAL C 200 -6.47 -23.82 28.99
CA VAL C 200 -6.72 -23.02 30.21
C VAL C 200 -7.66 -21.86 29.84
N ASN C 201 -8.34 -21.29 30.83
CA ASN C 201 -9.31 -20.20 30.61
C ASN C 201 -8.89 -18.99 31.45
N PRO C 202 -8.75 -17.80 30.84
CA PRO C 202 -8.30 -16.62 31.59
C PRO C 202 -9.20 -16.15 32.74
N ARG C 203 -10.44 -16.64 32.87
CA ARG C 203 -11.30 -16.23 34.02
C ARG C 203 -11.17 -17.24 35.18
N THR C 204 -11.19 -18.54 34.90
CA THR C 204 -11.26 -19.59 35.95
C THR C 204 -9.85 -20.01 36.35
N ASP C 205 -8.87 -19.82 35.47
CA ASP C 205 -7.46 -20.19 35.75
C ASP C 205 -6.69 -18.87 35.86
N GLY C 206 -5.36 -18.95 35.98
CA GLY C 206 -4.46 -17.77 36.08
C GLY C 206 -3.61 -17.64 34.83
N ILE C 207 -2.47 -16.95 34.91
CA ILE C 207 -1.68 -16.58 33.72
C ILE C 207 -0.27 -17.11 33.89
N VAL C 208 0.19 -17.90 32.92
CA VAL C 208 1.63 -18.15 32.66
C VAL C 208 2.10 -17.05 31.69
N LEU C 209 3.15 -16.35 32.10
CA LEU C 209 4.03 -15.56 31.22
C LEU C 209 5.29 -16.38 30.95
N PRO C 210 5.37 -17.15 29.85
CA PRO C 210 6.60 -17.82 29.48
C PRO C 210 7.70 -16.79 29.21
N ILE C 211 8.90 -17.03 29.75
CA ILE C 211 10.10 -16.19 29.55
C ILE C 211 11.15 -17.13 28.98
N LEU C 212 11.44 -17.02 27.68
CA LEU C 212 12.50 -17.82 27.05
C LEU C 212 13.84 -17.15 27.35
N HIS C 213 14.72 -17.87 28.06
CA HIS C 213 16.11 -17.48 28.38
C HIS C 213 16.98 -17.69 27.16
N LEU C 214 16.82 -16.89 26.10
CA LEU C 214 17.55 -17.09 24.82
C LEU C 214 19.01 -16.61 24.99
N ASN C 215 19.80 -17.36 25.75
CA ASN C 215 21.19 -16.96 26.11
C ASN C 215 22.16 -17.55 25.11
N GLY C 216 21.64 -18.29 24.13
CA GLY C 216 22.34 -18.56 22.85
C GLY C 216 23.03 -19.91 22.83
N TYR C 217 23.05 -20.60 23.97
CA TYR C 217 23.91 -21.80 24.15
C TYR C 217 23.30 -22.74 25.19
N LYS C 218 23.62 -24.03 25.04
CA LYS C 218 23.39 -25.07 26.09
C LYS C 218 24.81 -25.41 26.63
N ILE C 219 25.16 -26.68 26.89
CA ILE C 219 26.48 -27.04 27.54
C ILE C 219 27.63 -26.67 26.61
N ALA C 220 27.66 -27.27 25.41
CA ALA C 220 28.83 -27.34 24.50
C ALA C 220 28.42 -27.04 23.05
N ASN C 221 27.48 -26.11 22.90
CA ASN C 221 26.65 -26.02 21.68
C ASN C 221 25.81 -24.75 21.73
N PRO C 222 25.59 -24.11 20.55
CA PRO C 222 24.55 -23.09 20.42
C PRO C 222 23.17 -23.75 20.44
N THR C 223 22.12 -22.99 20.80
CA THR C 223 20.71 -23.45 20.84
C THR C 223 20.03 -23.15 19.51
N ILE C 224 19.05 -23.97 19.12
CA ILE C 224 18.33 -23.85 17.81
C ILE C 224 17.54 -22.55 17.78
N LEU C 225 16.73 -22.29 18.80
CA LEU C 225 15.86 -21.10 18.83
C LEU C 225 16.69 -19.81 18.73
N SER C 226 18.00 -19.86 19.01
CA SER C 226 18.86 -18.66 19.11
C SER C 226 19.46 -18.39 17.73
N ARG C 227 19.63 -19.42 16.88
CA ARG C 227 20.42 -19.32 15.64
C ARG C 227 19.52 -19.44 14.40
N ILE C 228 18.20 -19.25 14.58
CA ILE C 228 17.23 -19.12 13.44
C ILE C 228 16.93 -17.64 13.34
N SER C 229 16.54 -17.17 12.16
CA SER C 229 16.00 -15.81 11.90
C SER C 229 15.02 -15.40 13.00
N ASP C 230 15.07 -14.13 13.41
CA ASP C 230 14.19 -13.58 14.47
C ASP C 230 12.75 -13.62 13.95
N GLU C 231 12.55 -13.48 12.64
CA GLU C 231 11.20 -13.44 12.01
C GLU C 231 10.55 -14.83 12.21
N GLU C 232 11.30 -15.90 11.93
CA GLU C 232 10.92 -17.30 12.26
C GLU C 232 10.49 -17.40 13.73
N LEU C 233 11.29 -16.88 14.66
CA LEU C 233 11.09 -17.08 16.11
C LEU C 233 9.77 -16.47 16.56
N HIS C 234 9.39 -15.32 16.00
CA HIS C 234 8.17 -14.56 16.37
C HIS C 234 6.95 -15.24 15.74
N GLU C 235 7.14 -15.71 14.51
CA GLU C 235 6.12 -16.52 13.79
C GLU C 235 5.82 -17.78 14.61
N PHE C 236 6.88 -18.46 15.06
CA PHE C 236 6.85 -19.70 15.85
C PHE C 236 5.94 -19.47 17.04
N PHE C 237 6.18 -18.42 17.81
CA PHE C 237 5.40 -18.16 19.05
C PHE C 237 3.99 -17.68 18.70
N HIS C 238 3.80 -16.93 17.61
CA HIS C 238 2.46 -16.37 17.27
C HIS C 238 1.52 -17.52 16.86
N GLY C 239 2.07 -18.51 16.16
CA GLY C 239 1.38 -19.76 15.77
C GLY C 239 0.79 -20.50 16.97
N MET C 240 1.49 -20.45 18.11
CA MET C 240 1.13 -21.21 19.32
C MET C 240 0.27 -20.33 20.21
N GLY C 241 -0.19 -19.18 19.68
CA GLY C 241 -1.15 -18.33 20.41
C GLY C 241 -0.46 -17.39 21.39
N TYR C 242 0.80 -17.01 21.16
CA TYR C 242 1.48 -16.00 21.99
C TYR C 242 1.74 -14.69 21.22
N GLU C 243 1.60 -13.55 21.90
CA GLU C 243 2.09 -12.23 21.44
C GLU C 243 3.53 -12.14 21.94
N PRO C 244 4.51 -12.35 21.05
CA PRO C 244 5.89 -12.37 21.47
C PRO C 244 6.49 -10.97 21.60
N TYR C 245 7.09 -10.69 22.76
CA TYR C 245 7.97 -9.51 23.02
C TYR C 245 9.41 -9.97 23.14
N GLU C 246 10.34 -9.22 22.57
CA GLU C 246 11.78 -9.57 22.64
C GLU C 246 12.53 -8.43 23.32
N PHE C 247 13.37 -8.77 24.28
CA PHE C 247 14.32 -7.85 24.96
C PHE C 247 15.72 -8.28 24.56
N VAL C 248 16.53 -7.37 24.03
CA VAL C 248 17.99 -7.59 23.80
C VAL C 248 18.79 -6.64 24.70
N ALA C 249 19.83 -7.18 25.35
CA ALA C 249 20.76 -6.48 26.28
C ALA C 249 22.06 -7.27 26.43
N GLY C 250 23.14 -6.55 26.75
CA GLY C 250 24.42 -7.08 27.26
C GLY C 250 25.44 -7.27 26.16
N PHE C 251 25.09 -7.00 24.90
CA PHE C 251 25.97 -7.33 23.75
C PHE C 251 26.83 -6.13 23.34
N ASP C 252 26.58 -4.97 23.97
CA ASP C 252 27.20 -3.64 23.72
C ASP C 252 27.55 -2.97 25.06
N ASP C 253 28.06 -1.74 25.00
CA ASP C 253 28.48 -0.94 26.19
C ASP C 253 27.29 -0.21 26.84
N GLU C 254 26.05 -0.56 26.53
CA GLU C 254 24.87 0.07 27.21
C GLU C 254 25.05 0.02 28.74
N ASP C 255 25.08 1.19 29.40
CA ASP C 255 25.11 1.27 30.89
C ASP C 255 23.93 0.44 31.44
N HIS C 256 24.12 -0.15 32.62
CA HIS C 256 23.15 -1.07 33.24
C HIS C 256 21.90 -0.33 33.68
N MET C 257 21.93 0.99 33.86
CA MET C 257 20.71 1.71 34.32
C MET C 257 19.77 1.93 33.13
N SER C 258 20.32 2.03 31.91
CA SER C 258 19.54 2.15 30.65
C SER C 258 18.82 0.81 30.41
N ILE C 259 19.53 -0.30 30.64
CA ILE C 259 18.98 -1.68 30.52
C ILE C 259 17.82 -1.81 31.49
N HIS C 260 18.01 -1.44 32.75
CA HIS C 260 16.96 -1.64 33.77
C HIS C 260 15.72 -0.88 33.35
N ARG C 261 15.89 0.35 32.82
CA ARG C 261 14.78 1.27 32.48
C ARG C 261 14.03 0.69 31.27
N ARG C 262 14.76 0.26 30.24
CA ARG C 262 14.14 -0.37 29.05
C ARG C 262 13.30 -1.56 29.53
N PHE C 263 13.91 -2.50 30.25
CA PHE C 263 13.27 -3.77 30.71
C PHE C 263 12.01 -3.47 31.51
N ALA C 264 12.07 -2.52 32.44
CA ALA C 264 10.96 -2.14 33.33
C ALA C 264 9.80 -1.57 32.49
N GLU C 265 10.10 -0.75 31.48
CA GLU C 265 9.11 -0.22 30.51
C GLU C 265 8.38 -1.43 29.90
N LEU C 266 9.16 -2.35 29.33
CA LEU C 266 8.68 -3.52 28.56
C LEU C 266 7.83 -4.40 29.47
N TRP C 267 8.36 -4.74 30.65
CA TRP C 267 7.69 -5.61 31.66
C TRP C 267 6.29 -5.06 31.91
N GLU C 268 6.19 -3.75 32.04
CA GLU C 268 4.93 -3.09 32.47
C GLU C 268 4.00 -2.98 31.26
N THR C 269 4.54 -2.90 30.03
CA THR C 269 3.72 -2.98 28.79
C THR C 269 3.10 -4.39 28.73
N ILE C 270 3.94 -5.44 28.82
CA ILE C 270 3.48 -6.86 28.95
C ILE C 270 2.46 -6.99 30.08
N TRP C 271 2.67 -6.31 31.21
CA TRP C 271 1.82 -6.47 32.40
C TRP C 271 0.45 -5.85 32.16
N ASP C 272 0.44 -4.62 31.61
CA ASP C 272 -0.76 -3.87 31.14
C ASP C 272 -1.61 -4.80 30.25
N GLU C 273 -0.96 -5.49 29.29
CA GLU C 273 -1.65 -6.39 28.31
C GLU C 273 -2.26 -7.57 29.07
N ILE C 274 -1.52 -8.17 30.03
CA ILE C 274 -2.04 -9.28 30.88
C ILE C 274 -3.27 -8.79 31.68
N CYS C 275 -3.18 -7.59 32.24
CA CYS C 275 -4.28 -7.00 33.05
C CYS C 275 -5.52 -6.76 32.19
N ASP C 276 -5.34 -6.60 30.88
CA ASP C 276 -6.45 -6.35 29.91
C ASP C 276 -7.14 -7.68 29.58
N ILE C 277 -6.32 -8.71 29.36
CA ILE C 277 -6.80 -10.11 29.18
C ILE C 277 -7.68 -10.51 30.36
N LYS C 278 -7.37 -10.05 31.59
CA LYS C 278 -8.02 -10.57 32.81
C LYS C 278 -9.31 -9.80 33.05
N ALA C 279 -9.24 -8.47 32.99
CA ALA C 279 -10.43 -7.59 33.02
C ALA C 279 -11.43 -8.03 31.92
N THR C 280 -10.93 -8.33 30.70
CA THR C 280 -11.77 -8.78 29.56
C THR C 280 -12.47 -10.09 29.96
N ALA C 281 -11.72 -11.06 30.47
CA ALA C 281 -12.19 -12.43 30.78
C ALA C 281 -13.36 -12.42 31.79
N GLN C 282 -13.51 -11.36 32.58
CA GLN C 282 -14.63 -11.19 33.54
C GLN C 282 -15.96 -11.05 32.79
N THR C 283 -15.92 -10.71 31.49
CA THR C 283 -17.11 -10.44 30.64
C THR C 283 -17.18 -11.41 29.46
N ASP C 284 -16.08 -11.56 28.75
CA ASP C 284 -15.96 -12.52 27.64
C ASP C 284 -14.83 -13.48 27.99
N ASN C 285 -15.15 -14.77 28.20
CA ASN C 285 -14.11 -15.81 28.43
C ASN C 285 -14.32 -17.02 27.52
N VAL C 286 -15.06 -16.89 26.40
CA VAL C 286 -15.13 -17.98 25.38
C VAL C 286 -14.12 -17.67 24.26
N HIS C 287 -13.65 -16.43 24.15
CA HIS C 287 -12.72 -15.97 23.08
C HIS C 287 -11.29 -16.02 23.62
N ARG C 288 -10.51 -16.97 23.15
CA ARG C 288 -9.11 -17.18 23.57
C ARG C 288 -8.27 -15.99 23.12
N PRO C 289 -7.60 -15.30 24.07
CA PRO C 289 -6.73 -14.17 23.75
C PRO C 289 -5.35 -14.67 23.33
N PHE C 290 -4.48 -13.78 22.85
CA PHE C 290 -3.05 -14.07 22.62
C PHE C 290 -2.26 -13.65 23.87
N TYR C 291 -1.79 -14.64 24.64
CA TYR C 291 -1.09 -14.44 25.93
C TYR C 291 0.31 -13.95 25.61
N PRO C 292 0.74 -12.79 26.14
CA PRO C 292 2.13 -12.37 25.96
C PRO C 292 3.14 -13.45 26.40
N MET C 293 4.27 -13.50 25.69
CA MET C 293 5.48 -14.23 26.14
C MET C 293 6.70 -13.35 25.84
N LEU C 294 7.79 -13.53 26.61
CA LEU C 294 9.00 -12.67 26.56
C LEU C 294 10.16 -13.50 25.99
N ILE C 295 10.76 -13.05 24.87
CA ILE C 295 12.08 -13.52 24.36
C ILE C 295 13.15 -12.63 25.04
N PHE C 296 13.95 -13.22 25.92
CA PHE C 296 14.97 -12.52 26.76
C PHE C 296 16.35 -12.93 26.25
N ARG C 297 16.90 -12.11 25.35
CA ARG C 297 18.18 -12.35 24.64
C ARG C 297 19.28 -11.58 25.40
N THR C 298 20.16 -12.31 26.10
CA THR C 298 21.30 -11.77 26.88
C THR C 298 22.48 -12.66 26.64
N PRO C 299 23.73 -12.24 26.94
CA PRO C 299 24.88 -13.13 26.79
C PRO C 299 24.84 -14.17 27.92
N LYS C 300 25.32 -15.38 27.62
CA LYS C 300 25.53 -16.45 28.62
C LYS C 300 26.73 -16.02 29.49
N GLY C 301 26.61 -16.17 30.81
CA GLY C 301 27.65 -15.78 31.76
C GLY C 301 27.80 -14.27 31.86
N TRP C 302 26.76 -13.56 31.46
CA TRP C 302 26.69 -12.08 31.40
C TRP C 302 27.28 -11.46 32.68
N THR C 303 28.36 -10.67 32.51
CA THR C 303 29.17 -9.91 33.51
C THR C 303 30.42 -10.69 33.96
N CYS C 304 30.63 -11.91 33.50
CA CYS C 304 31.91 -12.63 33.72
C CYS C 304 32.97 -12.00 32.82
N PRO C 305 34.26 -12.15 33.14
CA PRO C 305 35.31 -11.76 32.22
C PRO C 305 34.97 -12.20 30.80
N LYS C 306 34.99 -11.25 29.88
CA LYS C 306 34.73 -11.48 28.44
C LYS C 306 35.58 -12.66 27.95
N TYR C 307 36.90 -12.53 28.02
CA TYR C 307 37.90 -13.55 27.64
C TYR C 307 38.63 -14.02 28.91
N ILE C 308 39.25 -15.20 28.81
CA ILE C 308 40.00 -15.94 29.88
C ILE C 308 40.91 -16.94 29.17
N ASP C 309 42.23 -16.67 29.17
CA ASP C 309 43.29 -17.48 28.52
C ASP C 309 43.08 -17.47 27.00
N GLY C 310 42.51 -16.38 26.45
CA GLY C 310 42.29 -16.18 24.99
C GLY C 310 41.00 -16.82 24.44
N LYS C 311 40.11 -17.28 25.32
CA LYS C 311 38.85 -17.98 24.96
C LYS C 311 37.65 -17.09 25.32
N LYS C 312 36.74 -16.86 24.37
CA LYS C 312 35.50 -16.11 24.68
C LYS C 312 34.70 -16.94 25.70
N THR C 313 34.13 -16.24 26.68
CA THR C 313 33.62 -16.83 27.93
C THR C 313 32.24 -16.23 28.20
N GLU C 314 32.13 -14.90 28.29
CA GLU C 314 30.82 -14.19 28.27
C GLU C 314 30.24 -14.28 26.84
N GLY C 315 28.98 -14.70 26.71
CA GLY C 315 28.34 -14.96 25.41
C GLY C 315 28.86 -16.24 24.77
N SER C 316 29.16 -17.24 25.59
CA SER C 316 29.76 -18.54 25.18
C SER C 316 29.20 -19.69 26.02
N TRP C 317 29.23 -20.89 25.46
CA TRP C 317 29.04 -22.15 26.22
C TRP C 317 30.13 -22.29 27.30
N ARG C 318 31.36 -21.88 26.99
CA ARG C 318 32.51 -21.94 27.92
C ARG C 318 32.18 -21.33 29.29
N SER C 319 31.06 -20.64 29.46
CA SER C 319 30.70 -20.06 30.78
C SER C 319 29.60 -20.90 31.42
N HIS C 320 29.28 -22.07 30.81
CA HIS C 320 28.12 -22.91 31.21
C HIS C 320 28.29 -23.37 32.65
N GLN C 321 29.42 -24.00 32.95
CA GLN C 321 29.71 -24.57 34.29
C GLN C 321 30.39 -23.48 35.13
N VAL C 322 31.69 -23.29 34.96
CA VAL C 322 32.46 -22.17 35.56
C VAL C 322 33.28 -21.58 34.44
N PRO C 323 33.24 -20.25 34.25
CA PRO C 323 34.03 -19.64 33.18
C PRO C 323 35.53 -19.80 33.47
N LEU C 324 35.88 -19.83 34.76
CA LEU C 324 37.26 -19.96 35.31
C LEU C 324 37.39 -21.32 35.98
N ALA C 325 38.03 -22.26 35.28
CA ALA C 325 38.13 -23.71 35.62
C ALA C 325 38.66 -23.90 37.04
N SER C 326 39.64 -23.10 37.48
CA SER C 326 40.22 -23.11 38.86
C SER C 326 40.81 -21.75 39.21
N ALA C 327 40.77 -21.38 40.50
CA ALA C 327 41.38 -20.14 41.03
C ALA C 327 42.38 -20.52 42.14
N ARG C 328 43.18 -21.55 41.89
CA ARG C 328 44.26 -22.06 42.79
C ARG C 328 45.51 -22.37 41.98
N ASP C 329 45.39 -23.30 41.02
CA ASP C 329 46.49 -23.85 40.19
C ASP C 329 47.58 -22.80 39.93
N THR C 330 47.24 -21.66 39.31
CA THR C 330 48.16 -20.50 39.08
C THR C 330 47.64 -19.30 39.87
N GLU C 331 48.47 -18.27 40.05
CA GLU C 331 48.10 -17.06 40.82
C GLU C 331 47.34 -16.09 39.91
N ALA C 332 47.78 -15.97 38.65
CA ALA C 332 47.07 -15.22 37.58
C ALA C 332 45.59 -15.62 37.55
N HIS C 333 45.24 -16.91 37.67
CA HIS C 333 43.84 -17.42 37.66
C HIS C 333 43.11 -17.05 38.96
N PHE C 334 43.74 -16.37 39.89
CA PHE C 334 43.09 -15.94 41.15
C PHE C 334 42.97 -14.41 41.17
N GLU C 335 43.86 -13.71 40.46
CA GLU C 335 43.67 -12.28 40.05
C GLU C 335 42.33 -12.13 39.30
N VAL C 336 42.06 -13.02 38.33
CA VAL C 336 40.81 -13.08 37.51
C VAL C 336 39.58 -13.21 38.43
N LEU C 337 39.57 -14.22 39.31
CA LEU C 337 38.48 -14.36 40.30
C LEU C 337 38.43 -13.10 41.17
N LYS C 338 39.59 -12.58 41.57
CA LYS C 338 39.70 -11.37 42.44
C LYS C 338 39.05 -10.18 41.72
N ASN C 339 39.51 -9.85 40.50
CA ASN C 339 38.95 -8.75 39.68
C ASN C 339 37.43 -8.92 39.52
N TRP C 340 37.02 -10.11 39.08
CA TRP C 340 35.61 -10.46 38.81
C TRP C 340 34.73 -10.16 40.03
N LEU C 341 35.11 -10.60 41.22
CA LEU C 341 34.27 -10.37 42.41
C LEU C 341 34.18 -8.88 42.73
N GLU C 342 35.24 -8.10 42.43
CA GLU C 342 35.34 -6.66 42.82
C GLU C 342 34.53 -5.78 41.86
N SER C 343 34.34 -6.24 40.63
CA SER C 343 33.58 -5.54 39.56
C SER C 343 32.15 -5.20 40.02
N TYR C 344 31.60 -5.95 40.99
CA TYR C 344 30.22 -5.75 41.51
C TYR C 344 30.17 -4.72 42.66
N LYS C 345 31.30 -4.06 43.01
CA LYS C 345 31.38 -3.01 44.08
C LYS C 345 30.77 -3.54 45.38
N PRO C 346 31.26 -4.68 45.92
CA PRO C 346 30.72 -5.26 47.15
C PRO C 346 30.76 -4.32 48.36
N GLU C 347 31.78 -3.45 48.40
CA GLU C 347 31.94 -2.31 49.35
C GLU C 347 30.66 -1.45 49.38
N GLU C 348 29.88 -1.39 48.29
CA GLU C 348 28.64 -0.58 48.23
C GLU C 348 27.43 -1.37 48.73
N LEU C 349 27.55 -2.69 48.93
CA LEU C 349 26.34 -3.55 49.13
C LEU C 349 26.25 -4.09 50.56
N PHE C 350 27.37 -4.11 51.30
CA PHE C 350 27.45 -4.59 52.70
C PHE C 350 28.03 -3.50 53.61
N ASP C 351 27.41 -3.27 54.78
CA ASP C 351 27.96 -2.38 55.84
C ASP C 351 29.12 -3.11 56.54
N ALA C 352 29.62 -2.58 57.66
CA ALA C 352 30.80 -3.12 58.39
C ALA C 352 30.46 -4.51 58.95
N ASN C 353 29.29 -4.63 59.58
CA ASN C 353 28.67 -5.87 60.15
C ASN C 353 28.64 -7.05 59.15
N GLY C 354 28.77 -6.80 57.83
CA GLY C 354 28.71 -7.82 56.76
C GLY C 354 27.26 -8.19 56.39
N ALA C 355 26.28 -7.42 56.88
CA ALA C 355 24.87 -7.46 56.44
C ALA C 355 24.76 -6.80 55.05
N VAL C 356 23.74 -7.20 54.29
CA VAL C 356 23.25 -6.50 53.07
C VAL C 356 22.68 -5.16 53.53
N LYS C 357 23.13 -4.05 52.91
CA LYS C 357 22.77 -2.67 53.33
C LYS C 357 21.30 -2.42 52.98
N ASP C 358 20.58 -1.62 53.76
CA ASP C 358 19.09 -1.48 53.71
C ASP C 358 18.64 -0.89 52.37
N ASP C 359 19.51 -0.20 51.64
CA ASP C 359 19.14 0.57 50.41
C ASP C 359 19.33 -0.34 49.17
N VAL C 360 19.63 -1.61 49.40
CA VAL C 360 19.68 -2.66 48.35
C VAL C 360 18.33 -3.40 48.30
N LEU C 361 17.61 -3.48 49.44
CA LEU C 361 16.46 -4.42 49.67
C LEU C 361 15.20 -3.62 49.96
N ALA C 362 15.24 -2.29 49.78
CA ALA C 362 14.12 -1.37 50.14
C ALA C 362 12.93 -1.61 49.19
N PHE C 363 13.22 -1.89 47.92
CA PHE C 363 12.22 -2.12 46.84
C PHE C 363 11.56 -3.49 46.97
N MET C 364 12.11 -4.41 47.77
CA MET C 364 11.66 -5.83 47.82
C MET C 364 10.27 -5.93 48.41
N PRO C 365 9.49 -6.97 48.04
CA PRO C 365 8.23 -7.28 48.71
C PRO C 365 8.40 -7.88 50.11
N LYS C 366 7.35 -7.71 50.92
CA LYS C 366 7.24 -8.15 52.33
C LYS C 366 6.16 -9.24 52.38
N GLY C 367 6.22 -10.15 53.37
CA GLY C 367 5.08 -10.99 53.81
C GLY C 367 4.95 -12.24 52.95
N GLU C 368 3.68 -12.61 52.65
CA GLU C 368 3.23 -13.73 51.77
C GLU C 368 3.70 -13.55 50.31
N LEU C 369 3.86 -12.30 49.86
CA LEU C 369 4.16 -11.87 48.47
C LEU C 369 5.57 -12.30 48.07
N ARG C 370 6.47 -12.49 49.05
CA ARG C 370 7.89 -12.87 48.78
C ARG C 370 7.86 -14.23 48.07
N ILE C 371 8.80 -14.42 47.17
CA ILE C 371 8.97 -15.67 46.35
C ILE C 371 9.22 -16.85 47.29
N GLY C 372 9.98 -16.67 48.38
CA GLY C 372 10.38 -17.75 49.32
C GLY C 372 9.26 -18.12 50.28
N ALA C 373 8.25 -17.25 50.42
CA ALA C 373 7.17 -17.32 51.44
C ALA C 373 5.79 -17.61 50.84
N ASN C 374 5.59 -17.53 49.51
CA ASN C 374 4.23 -17.70 48.92
C ASN C 374 3.71 -19.10 49.26
N PRO C 375 2.50 -19.22 49.87
CA PRO C 375 1.83 -20.50 50.10
C PRO C 375 1.92 -21.48 48.91
N ASN C 376 1.70 -20.97 47.70
CA ASN C 376 1.66 -21.75 46.44
C ASN C 376 3.03 -22.39 46.20
N ALA C 377 4.09 -21.88 46.84
CA ALA C 377 5.48 -22.42 46.76
C ALA C 377 5.68 -23.52 47.82
N ASN C 378 4.69 -23.68 48.71
CA ASN C 378 4.64 -24.70 49.77
C ASN C 378 3.20 -25.22 49.88
N GLY C 379 2.69 -25.77 48.78
CA GLY C 379 1.26 -26.13 48.60
C GLY C 379 0.61 -26.72 49.84
N GLY C 380 1.31 -27.62 50.55
CA GLY C 380 0.91 -28.27 51.82
C GLY C 380 0.18 -27.35 52.79
N VAL C 381 0.63 -26.12 52.96
CA VAL C 381 -0.03 -25.12 53.85
C VAL C 381 -1.46 -24.83 53.35
N ILE C 382 -1.73 -25.03 52.04
CA ILE C 382 -3.06 -24.76 51.41
C ILE C 382 -3.89 -26.05 51.45
N ARG C 383 -3.31 -27.19 51.06
CA ARG C 383 -4.02 -28.51 50.98
C ARG C 383 -5.01 -28.65 52.15
N ASN C 384 -6.26 -29.02 51.86
CA ASN C 384 -7.27 -29.51 52.83
C ASN C 384 -7.65 -30.95 52.45
N ASP C 385 -8.06 -31.77 53.42
CA ASP C 385 -8.69 -33.09 53.14
C ASP C 385 -9.90 -32.86 52.24
N LEU C 386 -10.09 -33.76 51.29
CA LEU C 386 -11.32 -33.78 50.46
C LEU C 386 -12.50 -34.22 51.34
N LYS C 387 -13.67 -33.63 51.07
CA LYS C 387 -14.99 -34.12 51.55
C LYS C 387 -15.33 -35.34 50.69
N LEU C 388 -14.89 -36.53 51.11
CA LEU C 388 -15.08 -37.81 50.38
C LEU C 388 -16.46 -38.38 50.72
N PRO C 389 -17.23 -38.88 49.72
CA PRO C 389 -18.56 -39.42 49.98
C PRO C 389 -18.51 -40.86 50.52
N ASN C 390 -19.49 -41.21 51.38
CA ASN C 390 -19.79 -42.59 51.87
C ASN C 390 -19.28 -43.61 50.84
N LEU C 391 -18.22 -44.36 51.14
CA LEU C 391 -17.67 -45.37 50.20
C LEU C 391 -18.68 -46.51 49.99
N GLU C 392 -19.57 -46.73 50.99
CA GLU C 392 -20.61 -47.79 50.98
C GLU C 392 -21.46 -47.63 49.72
N ASP C 393 -21.86 -46.39 49.41
CA ASP C 393 -22.87 -46.06 48.37
C ASP C 393 -22.41 -46.53 46.98
N TYR C 394 -21.12 -46.83 46.79
CA TYR C 394 -20.51 -47.22 45.49
C TYR C 394 -20.09 -48.70 45.50
N GLU C 395 -20.47 -49.48 46.53
CA GLU C 395 -20.21 -50.94 46.70
C GLU C 395 -21.03 -51.80 45.70
N VAL C 396 -20.37 -52.75 45.03
CA VAL C 396 -21.02 -53.89 44.32
C VAL C 396 -21.54 -54.87 45.40
N LYS C 397 -22.82 -54.75 45.78
CA LYS C 397 -23.44 -55.49 46.92
C LYS C 397 -23.76 -56.95 46.55
N GLU C 398 -23.68 -57.29 45.25
CA GLU C 398 -24.14 -58.57 44.64
C GLU C 398 -23.28 -59.76 45.13
N VAL C 399 -22.09 -59.52 45.69
CA VAL C 399 -21.19 -60.60 46.21
C VAL C 399 -21.81 -61.17 47.49
N ALA C 400 -22.35 -60.29 48.35
CA ALA C 400 -23.09 -60.64 49.57
C ALA C 400 -24.28 -61.55 49.21
N GLU C 401 -24.96 -61.28 48.09
CA GLU C 401 -26.27 -61.88 47.74
C GLU C 401 -26.11 -63.14 46.88
N TYR C 402 -25.16 -63.20 45.95
CA TYR C 402 -25.03 -64.32 44.98
C TYR C 402 -23.67 -65.04 45.16
N GLY C 403 -22.76 -64.49 45.98
CA GLY C 403 -21.50 -65.15 46.38
C GLY C 403 -20.28 -64.62 45.64
N HIS C 404 -19.13 -65.28 45.85
CA HIS C 404 -17.80 -64.84 45.39
C HIS C 404 -17.61 -65.24 43.91
N GLY C 405 -17.38 -64.27 43.03
CA GLY C 405 -17.08 -64.48 41.59
C GLY C 405 -18.27 -64.17 40.70
N TRP C 406 -19.13 -63.21 41.12
CA TRP C 406 -20.43 -62.89 40.47
C TRP C 406 -20.30 -61.96 39.26
N GLY C 407 -20.73 -62.43 38.09
CA GLY C 407 -21.16 -61.58 36.97
C GLY C 407 -20.02 -60.86 36.28
N GLN C 408 -20.37 -59.87 35.46
CA GLN C 408 -19.47 -59.22 34.46
C GLN C 408 -19.54 -57.68 34.60
N LEU C 409 -18.70 -57.10 35.47
CA LEU C 409 -18.59 -55.62 35.66
C LEU C 409 -17.28 -55.09 35.07
N GLU C 410 -17.31 -53.83 34.66
CA GLU C 410 -16.12 -53.00 34.34
C GLU C 410 -15.75 -52.29 35.64
N ALA C 411 -14.67 -52.73 36.28
CA ALA C 411 -14.28 -52.34 37.65
C ALA C 411 -14.13 -50.81 37.73
N THR C 412 -13.49 -50.20 36.71
CA THR C 412 -13.18 -48.74 36.63
C THR C 412 -14.46 -47.90 36.81
N ARG C 413 -15.60 -48.37 36.29
CA ARG C 413 -16.87 -47.58 36.25
C ARG C 413 -17.31 -47.14 37.64
N THR C 414 -16.93 -47.87 38.69
CA THR C 414 -17.30 -47.49 40.09
C THR C 414 -16.30 -46.43 40.54
N LEU C 415 -15.00 -46.59 40.23
CA LEU C 415 -13.99 -45.52 40.41
C LEU C 415 -14.45 -44.24 39.70
N GLY C 416 -15.14 -44.38 38.55
CA GLY C 416 -15.77 -43.27 37.80
C GLY C 416 -16.85 -42.58 38.62
N ALA C 417 -17.86 -43.34 39.04
CA ALA C 417 -18.99 -42.78 39.82
C ALA C 417 -18.48 -42.27 41.17
N TYR C 418 -17.41 -42.89 41.72
CA TYR C 418 -16.79 -42.48 43.01
C TYR C 418 -16.13 -41.11 42.81
N THR C 419 -15.22 -41.05 41.83
CA THR C 419 -14.43 -39.85 41.47
C THR C 419 -15.38 -38.75 40.96
N ARG C 420 -16.41 -39.10 40.18
CA ARG C 420 -17.49 -38.15 39.82
C ARG C 420 -17.99 -37.44 41.08
N ASP C 421 -18.39 -38.18 42.11
CA ASP C 421 -19.06 -37.58 43.29
C ASP C 421 -18.04 -36.85 44.19
N ILE C 422 -16.73 -37.09 44.00
CA ILE C 422 -15.63 -36.30 44.64
C ILE C 422 -15.59 -34.89 44.04
N ILE C 423 -15.52 -34.81 42.69
CA ILE C 423 -15.54 -33.54 41.91
C ILE C 423 -16.74 -32.69 42.33
N LYS C 424 -17.91 -33.29 42.53
CA LYS C 424 -19.16 -32.56 42.88
C LYS C 424 -18.99 -31.81 44.22
N ASN C 425 -18.24 -32.40 45.16
CA ASN C 425 -18.14 -31.97 46.59
C ASN C 425 -16.87 -31.12 46.80
N ASN C 426 -15.94 -31.19 45.86
CA ASN C 426 -14.66 -30.44 45.90
C ASN C 426 -14.49 -29.73 44.56
N PRO C 427 -15.37 -28.76 44.24
CA PRO C 427 -15.20 -27.99 43.00
C PRO C 427 -13.88 -27.24 43.22
N ARG C 428 -13.18 -26.91 42.15
CA ARG C 428 -11.99 -26.02 42.21
C ARG C 428 -10.81 -26.74 42.87
N ASP C 429 -10.98 -27.99 43.31
CA ASP C 429 -10.01 -28.71 44.19
C ASP C 429 -9.55 -30.03 43.57
N PHE C 430 -10.44 -30.76 42.93
CA PHE C 430 -10.11 -32.06 42.30
C PHE C 430 -10.11 -31.86 40.78
N ARG C 431 -9.19 -32.53 40.08
CA ARG C 431 -9.13 -32.58 38.61
C ARG C 431 -8.74 -33.98 38.14
N ILE C 432 -9.44 -34.49 37.11
CA ILE C 432 -9.04 -35.67 36.29
C ILE C 432 -8.20 -35.14 35.13
N PHE C 433 -7.16 -35.89 34.77
CA PHE C 433 -6.37 -35.74 33.53
C PHE C 433 -6.39 -37.07 32.80
N GLY C 434 -5.89 -37.07 31.57
CA GLY C 434 -5.97 -38.24 30.68
C GLY C 434 -5.52 -37.88 29.28
N PRO C 435 -4.60 -38.67 28.71
CA PRO C 435 -4.16 -38.45 27.34
C PRO C 435 -5.16 -39.06 26.33
N ASP C 436 -6.40 -38.59 26.36
CA ASP C 436 -7.41 -38.91 25.31
C ASP C 436 -7.91 -40.34 25.56
N GLU C 437 -8.13 -40.63 26.84
CA GLU C 437 -8.21 -42.02 27.37
C GLU C 437 -9.27 -42.11 28.48
N THR C 438 -9.68 -40.99 29.10
CA THR C 438 -10.72 -40.95 30.17
C THR C 438 -11.86 -41.90 29.77
N ALA C 439 -12.45 -41.71 28.60
CA ALA C 439 -13.53 -42.56 28.03
C ALA C 439 -13.06 -44.02 27.94
N SER C 440 -11.85 -44.26 27.44
CA SER C 440 -11.33 -45.63 27.18
C SER C 440 -11.10 -46.40 28.50
N ASN C 441 -10.85 -45.69 29.60
CA ASN C 441 -10.61 -46.23 30.96
C ASN C 441 -11.91 -46.07 31.77
N ARG C 442 -13.00 -45.77 31.08
CA ARG C 442 -14.40 -45.80 31.59
C ARG C 442 -14.58 -44.88 32.81
N LEU C 443 -13.84 -43.76 32.88
CA LEU C 443 -13.93 -42.74 33.97
C LEU C 443 -14.88 -41.59 33.58
N GLN C 444 -15.55 -41.72 32.43
CA GLN C 444 -16.47 -40.74 31.80
C GLN C 444 -17.68 -40.38 32.67
N ALA C 445 -17.83 -40.95 33.87
CA ALA C 445 -18.98 -40.62 34.73
C ALA C 445 -18.83 -39.18 35.25
N SER C 446 -17.65 -38.59 35.14
CA SER C 446 -17.32 -37.21 35.62
C SER C 446 -17.97 -36.14 34.72
N TYR C 447 -18.28 -36.49 33.46
CA TYR C 447 -18.97 -35.63 32.47
C TYR C 447 -20.42 -35.39 32.88
N GLU C 448 -20.86 -35.97 34.00
CA GLU C 448 -22.24 -35.75 34.52
C GLU C 448 -22.27 -34.44 35.30
N VAL C 449 -21.15 -34.03 35.89
CA VAL C 449 -21.10 -32.88 36.86
C VAL C 449 -20.02 -31.88 36.48
N THR C 450 -19.18 -32.18 35.51
CA THR C 450 -18.16 -31.24 34.98
C THR C 450 -18.06 -31.47 33.49
N ASN C 451 -17.14 -30.77 32.81
CA ASN C 451 -16.86 -30.94 31.36
C ASN C 451 -15.36 -31.02 31.12
N LYS C 452 -14.95 -31.53 29.96
CA LYS C 452 -13.57 -31.37 29.47
C LYS C 452 -13.33 -29.87 29.26
N GLN C 453 -12.13 -29.36 29.63
CA GLN C 453 -11.81 -27.93 29.55
C GLN C 453 -11.11 -27.73 28.22
N TRP C 454 -11.71 -26.91 27.35
CA TRP C 454 -11.29 -26.71 25.94
C TRP C 454 -11.49 -25.24 25.57
N ASP C 455 -10.41 -24.59 25.12
CA ASP C 455 -10.33 -23.13 24.87
C ASP C 455 -9.62 -22.96 23.53
N ALA C 456 -9.75 -23.95 22.66
CA ALA C 456 -9.61 -23.78 21.21
C ALA C 456 -11.03 -23.62 20.66
N GLY C 457 -11.22 -23.87 19.36
CA GLY C 457 -12.50 -23.61 18.68
C GLY C 457 -13.52 -24.71 18.89
N TYR C 458 -14.78 -24.32 19.03
CA TYR C 458 -16.02 -25.13 18.97
C TYR C 458 -16.62 -25.04 17.56
N ILE C 459 -17.26 -26.11 17.06
CA ILE C 459 -17.89 -26.15 15.72
C ILE C 459 -19.31 -26.74 15.73
N SER C 460 -19.67 -27.67 16.62
CA SER C 460 -20.99 -28.35 16.50
C SER C 460 -21.31 -29.21 17.70
N ASP C 461 -22.60 -29.26 18.06
CA ASP C 461 -23.14 -30.13 19.15
C ASP C 461 -23.08 -31.61 18.73
N GLU C 462 -22.95 -31.90 17.43
CA GLU C 462 -22.89 -33.28 16.91
C GLU C 462 -21.53 -33.91 17.26
N VAL C 463 -20.54 -33.11 17.70
CA VAL C 463 -19.15 -33.60 17.97
C VAL C 463 -18.59 -33.02 19.28
N ASP C 464 -19.01 -31.84 19.72
CA ASP C 464 -18.38 -31.15 20.88
C ASP C 464 -19.10 -31.54 22.18
N GLU C 465 -19.35 -32.84 22.38
CA GLU C 465 -19.99 -33.36 23.61
C GLU C 465 -19.05 -33.17 24.80
N HIS C 466 -19.57 -32.60 25.90
CA HIS C 466 -18.92 -32.63 27.23
C HIS C 466 -17.66 -31.76 27.23
N MET C 467 -17.66 -30.67 26.49
CA MET C 467 -16.57 -29.68 26.48
C MET C 467 -17.11 -28.31 26.87
N HIS C 468 -16.39 -27.58 27.72
CA HIS C 468 -16.67 -26.17 28.09
C HIS C 468 -15.35 -25.40 28.16
N VAL C 469 -15.40 -24.09 28.18
CA VAL C 469 -14.16 -23.26 28.20
C VAL C 469 -13.48 -23.41 29.56
N SER C 470 -14.25 -23.68 30.62
CA SER C 470 -13.70 -24.10 31.93
C SER C 470 -14.35 -25.42 32.32
N GLY C 471 -13.57 -26.30 32.96
CA GLY C 471 -14.04 -27.61 33.46
C GLY C 471 -12.93 -28.37 34.17
N GLN C 472 -13.28 -29.45 34.89
CA GLN C 472 -12.36 -30.14 35.85
C GLN C 472 -11.57 -31.25 35.14
N VAL C 473 -11.98 -31.67 33.94
CA VAL C 473 -11.22 -32.66 33.11
C VAL C 473 -10.42 -31.92 32.04
N VAL C 474 -9.19 -32.36 31.79
CA VAL C 474 -8.29 -31.83 30.73
C VAL C 474 -7.71 -33.05 30.04
N GLU C 475 -7.89 -33.15 28.73
CA GLU C 475 -7.24 -34.20 27.91
C GLU C 475 -6.31 -33.51 26.91
N GLN C 476 -5.19 -34.16 26.61
CA GLN C 476 -4.25 -33.82 25.53
C GLN C 476 -3.44 -35.09 25.34
N LEU C 477 -3.24 -35.49 24.10
CA LEU C 477 -2.49 -36.73 23.79
C LEU C 477 -1.03 -36.43 24.10
N SER C 478 -0.72 -36.28 25.39
CA SER C 478 0.68 -36.18 25.90
C SER C 478 0.70 -36.56 27.38
N GLU C 479 1.30 -37.72 27.68
CA GLU C 479 1.45 -38.25 29.06
C GLU C 479 2.34 -37.28 29.85
N HIS C 480 3.30 -36.63 29.19
CA HIS C 480 4.18 -35.59 29.80
C HIS C 480 3.31 -34.42 30.32
N GLN C 481 2.37 -33.97 29.50
CA GLN C 481 1.50 -32.82 29.86
C GLN C 481 0.62 -33.21 31.05
N MET C 482 0.12 -34.44 31.03
CA MET C 482 -0.89 -34.95 32.00
C MET C 482 -0.21 -35.18 33.35
N GLU C 483 0.92 -35.88 33.34
CA GLU C 483 1.77 -36.00 34.55
C GLU C 483 2.04 -34.59 35.08
N GLY C 484 2.64 -33.75 34.24
CA GLY C 484 3.23 -32.44 34.57
C GLY C 484 2.21 -31.46 35.09
N PHE C 485 1.01 -31.41 34.50
CA PHE C 485 -0.08 -30.52 34.93
C PHE C 485 -0.45 -30.93 36.35
N LEU C 486 -0.61 -32.24 36.52
CA LEU C 486 -1.11 -32.83 37.79
C LEU C 486 -0.04 -32.66 38.89
N GLU C 487 1.24 -32.96 38.58
CA GLU C 487 2.35 -32.79 39.56
C GLU C 487 2.19 -31.41 40.21
N ALA C 488 2.05 -30.35 39.39
CA ALA C 488 2.11 -28.93 39.80
C ALA C 488 0.81 -28.47 40.45
N TYR C 489 -0.31 -29.11 40.07
CA TYR C 489 -1.67 -28.91 40.66
C TYR C 489 -1.63 -29.40 42.13
N LEU C 490 -0.92 -30.50 42.38
CA LEU C 490 -0.70 -31.06 43.75
C LEU C 490 0.25 -30.15 44.55
N LEU C 491 1.39 -29.79 43.94
CA LEU C 491 2.45 -28.95 44.56
C LEU C 491 1.93 -27.58 45.02
N THR C 492 0.74 -27.16 44.59
CA THR C 492 0.13 -25.82 44.85
C THR C 492 -1.09 -25.98 45.76
N GLY C 493 -1.34 -27.22 46.22
CA GLY C 493 -2.22 -27.56 47.35
C GLY C 493 -3.54 -28.17 46.92
N ARG C 494 -3.58 -28.90 45.79
CA ARG C 494 -4.84 -29.47 45.22
C ARG C 494 -4.68 -30.97 44.87
N HIS C 495 -5.79 -31.62 44.50
CA HIS C 495 -5.93 -33.09 44.36
C HIS C 495 -6.35 -33.46 42.95
N GLY C 496 -6.02 -34.69 42.56
CA GLY C 496 -6.68 -35.34 41.43
C GLY C 496 -5.99 -36.64 41.08
N ILE C 497 -6.10 -37.00 39.80
CA ILE C 497 -5.84 -38.37 39.31
C ILE C 497 -5.78 -38.28 37.80
N TRP C 498 -4.87 -39.00 37.18
CA TRP C 498 -4.93 -39.29 35.72
C TRP C 498 -4.92 -40.79 35.49
N SER C 499 -5.58 -41.22 34.42
CA SER C 499 -5.58 -42.61 33.93
C SER C 499 -4.57 -42.73 32.80
N SER C 500 -4.02 -43.91 32.58
CA SER C 500 -3.25 -44.23 31.34
C SER C 500 -3.25 -45.73 31.10
N TYR C 501 -3.24 -46.06 29.82
CA TYR C 501 -2.92 -47.40 29.28
C TYR C 501 -1.60 -47.79 29.95
N GLU C 502 -1.57 -49.01 30.47
CA GLU C 502 -0.42 -49.55 31.23
C GLU C 502 0.86 -49.25 30.45
N SER C 503 0.93 -49.66 29.18
CA SER C 503 2.21 -49.68 28.41
C SER C 503 2.78 -48.25 28.27
N PHE C 504 1.91 -47.26 28.14
CA PHE C 504 2.25 -45.84 27.83
C PHE C 504 2.56 -45.05 29.10
N VAL C 505 2.44 -45.66 30.28
CA VAL C 505 2.93 -45.03 31.53
C VAL C 505 4.45 -44.82 31.40
N HIS C 506 5.13 -45.68 30.64
CA HIS C 506 6.61 -45.65 30.49
C HIS C 506 7.05 -44.26 29.99
N VAL C 507 6.27 -43.67 29.08
CA VAL C 507 6.60 -42.39 28.41
C VAL C 507 7.03 -41.37 29.49
N ILE C 508 6.43 -41.45 30.70
CA ILE C 508 6.74 -40.52 31.82
C ILE C 508 7.36 -41.24 33.03
N ASP C 509 8.08 -42.35 32.85
CA ASP C 509 8.82 -43.00 33.96
C ASP C 509 9.76 -41.97 34.57
N SER C 510 10.59 -41.35 33.73
CA SER C 510 11.60 -40.32 34.10
C SER C 510 10.97 -39.24 34.98
N MET C 511 9.75 -38.83 34.65
CA MET C 511 9.00 -37.81 35.41
C MET C 511 8.65 -38.36 36.80
N LEU C 512 8.31 -39.65 36.87
CA LEU C 512 7.91 -40.32 38.13
C LEU C 512 9.14 -40.39 39.06
N ASN C 513 10.24 -40.91 38.53
CA ASN C 513 11.60 -40.88 39.14
C ASN C 513 11.73 -39.54 39.86
N GLN C 514 11.68 -38.44 39.09
CA GLN C 514 12.01 -37.06 39.54
C GLN C 514 11.04 -36.61 40.63
N HIS C 515 9.76 -36.96 40.52
CA HIS C 515 8.75 -36.51 41.51
C HIS C 515 8.95 -37.31 42.81
N ALA C 516 9.37 -38.57 42.68
CA ALA C 516 9.69 -39.48 43.81
C ALA C 516 10.91 -38.91 44.56
N LYS C 517 11.98 -38.57 43.84
CA LYS C 517 13.17 -37.86 44.42
C LYS C 517 12.74 -36.56 45.13
N TRP C 518 11.78 -35.80 44.59
CA TRP C 518 11.24 -34.60 45.27
C TRP C 518 10.69 -35.01 46.64
N LEU C 519 9.85 -36.05 46.63
CA LEU C 519 9.09 -36.60 47.78
C LEU C 519 10.04 -37.21 48.82
N GLU C 520 10.96 -38.09 48.36
CA GLU C 520 12.03 -38.75 49.16
C GLU C 520 12.76 -37.68 49.99
N ALA C 521 13.52 -36.81 49.33
CA ALA C 521 14.23 -35.67 49.95
C ALA C 521 13.32 -34.94 50.95
N THR C 522 12.01 -34.84 50.71
CA THR C 522 11.09 -33.95 51.48
C THR C 522 10.84 -34.58 52.86
N VAL C 523 10.53 -35.88 52.90
CA VAL C 523 10.14 -36.61 54.17
C VAL C 523 11.41 -36.78 55.03
N ARG C 524 12.52 -37.15 54.37
CA ARG C 524 13.86 -37.28 55.01
C ARG C 524 14.19 -35.99 55.76
N GLU C 525 14.50 -34.90 55.05
CA GLU C 525 15.21 -33.72 55.65
C GLU C 525 14.54 -32.36 55.36
N ILE C 526 13.21 -32.23 55.23
CA ILE C 526 12.56 -30.90 54.91
C ILE C 526 11.22 -30.76 55.64
N PRO C 527 11.20 -30.66 56.99
CA PRO C 527 9.95 -30.58 57.74
C PRO C 527 9.03 -29.39 57.42
N TRP C 528 9.61 -28.20 57.18
CA TRP C 528 8.91 -26.91 56.94
C TRP C 528 8.06 -27.00 55.67
N ARG C 529 8.46 -27.85 54.72
CA ARG C 529 7.72 -28.16 53.46
C ARG C 529 6.57 -29.15 53.78
N LYS C 530 5.41 -28.62 54.17
CA LYS C 530 4.20 -29.40 54.56
C LYS C 530 3.83 -30.38 53.44
N PRO C 531 3.12 -31.48 53.75
CA PRO C 531 2.91 -32.56 52.79
C PRO C 531 1.81 -32.19 51.77
N ILE C 532 2.01 -32.59 50.52
CA ILE C 532 1.08 -32.33 49.38
C ILE C 532 0.18 -33.57 49.21
N ALA C 533 -1.00 -33.44 48.57
CA ALA C 533 -1.79 -34.61 48.12
C ALA C 533 -0.91 -35.47 47.20
N SER C 534 -1.44 -36.59 46.72
CA SER C 534 -0.62 -37.61 46.01
C SER C 534 -0.95 -37.67 44.51
N MET C 535 0.10 -37.91 43.72
CA MET C 535 0.01 -38.25 42.29
C MET C 535 -0.67 -39.62 42.18
N ASN C 536 -1.89 -39.64 41.61
CA ASN C 536 -2.80 -40.81 41.63
C ASN C 536 -2.97 -41.34 40.21
N LEU C 537 -2.03 -42.16 39.76
CA LEU C 537 -2.04 -42.75 38.40
C LEU C 537 -2.93 -43.99 38.43
N LEU C 538 -4.02 -44.01 37.67
CA LEU C 538 -4.73 -45.26 37.33
C LEU C 538 -4.02 -45.94 36.15
N VAL C 539 -3.36 -47.07 36.39
CA VAL C 539 -2.87 -47.97 35.31
C VAL C 539 -4.01 -48.92 34.92
N SER C 540 -4.39 -48.96 33.63
CA SER C 540 -5.55 -49.71 33.12
C SER C 540 -5.38 -50.01 31.63
N SER C 541 -6.46 -50.35 30.95
CA SER C 541 -6.39 -50.99 29.62
C SER C 541 -5.10 -51.80 29.56
N HIS C 542 -4.97 -52.78 30.47
CA HIS C 542 -3.70 -53.45 30.87
C HIS C 542 -3.35 -54.62 29.96
N VAL C 543 -2.17 -55.19 30.19
CA VAL C 543 -1.43 -56.14 29.28
C VAL C 543 -2.28 -57.36 28.93
N TRP C 544 -3.06 -57.87 29.88
CA TRP C 544 -3.80 -59.14 29.71
C TRP C 544 -4.96 -58.92 28.73
N ARG C 545 -5.45 -57.67 28.64
CA ARG C 545 -6.60 -57.26 27.78
C ARG C 545 -6.19 -56.10 26.87
N GLN C 546 -4.92 -56.10 26.45
CA GLN C 546 -4.52 -55.45 25.17
C GLN C 546 -4.40 -56.59 24.14
N ASP C 547 -5.38 -57.52 24.21
CA ASP C 547 -5.59 -58.61 23.21
C ASP C 547 -5.86 -57.96 21.86
N HIS C 548 -6.58 -56.83 21.88
CA HIS C 548 -7.15 -56.10 20.71
C HIS C 548 -6.16 -55.09 20.08
N ASN C 549 -5.03 -54.77 20.72
CA ASN C 549 -4.03 -53.81 20.15
C ASN C 549 -2.75 -54.54 19.71
N GLY C 550 -2.28 -55.53 20.47
CA GLY C 550 -1.12 -56.35 20.07
C GLY C 550 0.10 -55.99 20.89
N PHE C 551 1.26 -56.49 20.47
CA PHE C 551 2.54 -56.50 21.24
C PHE C 551 2.83 -55.10 21.81
N SER C 552 2.64 -54.06 20.98
CA SER C 552 2.91 -52.62 21.26
C SER C 552 2.39 -52.17 22.64
N HIS C 553 1.20 -52.61 23.06
CA HIS C 553 0.45 -51.96 24.18
C HIS C 553 0.57 -52.78 25.48
N GLN C 554 1.52 -53.74 25.47
CA GLN C 554 1.67 -54.86 26.44
C GLN C 554 2.97 -54.66 27.22
N ASP C 555 2.93 -53.95 28.35
CA ASP C 555 4.14 -53.71 29.18
C ASP C 555 3.72 -53.28 30.58
N PRO C 556 3.64 -54.24 31.52
CA PRO C 556 3.24 -53.94 32.90
C PRO C 556 4.40 -53.35 33.71
N GLY C 557 5.53 -53.10 33.02
CA GLY C 557 6.87 -52.77 33.56
C GLY C 557 6.91 -51.58 34.51
N VAL C 558 5.86 -50.75 34.60
CA VAL C 558 5.88 -49.57 35.50
C VAL C 558 6.16 -50.06 36.93
N THR C 559 5.69 -51.28 37.24
CA THR C 559 5.91 -51.99 38.54
C THR C 559 7.41 -52.03 38.88
N SER C 560 8.22 -52.63 38.00
CA SER C 560 9.70 -52.71 38.07
C SER C 560 10.29 -51.34 38.45
N VAL C 561 9.81 -50.27 37.79
CA VAL C 561 10.44 -48.92 37.78
C VAL C 561 10.24 -48.26 39.15
N LEU C 562 9.06 -48.47 39.73
CA LEU C 562 8.62 -47.84 41.00
C LEU C 562 9.24 -48.58 42.20
N LEU C 563 9.55 -49.87 42.04
CA LEU C 563 10.29 -50.68 43.05
C LEU C 563 11.66 -50.05 43.33
N ASN C 564 12.20 -49.26 42.39
CA ASN C 564 13.52 -48.60 42.56
C ASN C 564 13.37 -47.27 43.32
N LYS C 565 12.23 -46.99 43.98
CA LYS C 565 12.08 -45.79 44.85
C LYS C 565 11.35 -46.18 46.16
N CYS C 566 11.45 -47.46 46.55
CA CYS C 566 10.97 -47.96 47.87
C CYS C 566 12.16 -48.43 48.72
N PHE C 567 12.69 -47.53 49.56
CA PHE C 567 13.95 -47.65 50.35
C PHE C 567 13.86 -46.71 51.54
N HIS C 568 14.84 -46.78 52.46
CA HIS C 568 15.06 -45.89 53.64
C HIS C 568 13.74 -45.69 54.40
N ASN C 569 12.75 -46.56 54.16
CA ASN C 569 11.42 -46.48 54.83
C ASN C 569 10.80 -45.11 54.55
N ASP C 570 10.91 -44.64 53.29
CA ASP C 570 10.41 -43.33 52.82
C ASP C 570 8.87 -43.39 52.69
N HIS C 571 8.34 -44.48 52.10
CA HIS C 571 6.87 -44.75 51.95
C HIS C 571 6.27 -43.67 51.02
N VAL C 572 6.93 -43.45 49.87
CA VAL C 572 6.53 -42.44 48.84
C VAL C 572 6.19 -43.17 47.53
N ILE C 573 5.88 -44.46 47.62
CA ILE C 573 5.41 -45.28 46.47
C ILE C 573 4.38 -46.26 47.00
N GLY C 574 3.36 -46.52 46.19
CA GLY C 574 2.32 -47.53 46.44
C GLY C 574 1.97 -48.19 45.14
N ILE C 575 2.47 -49.39 44.88
CA ILE C 575 1.94 -50.24 43.79
C ILE C 575 0.81 -51.04 44.43
N TYR C 576 -0.43 -50.70 44.10
CA TYR C 576 -1.65 -51.49 44.45
C TYR C 576 -2.21 -52.16 43.20
N PHE C 577 -2.69 -53.40 43.34
CA PHE C 577 -3.52 -54.11 42.32
C PHE C 577 -4.98 -54.13 42.81
N ALA C 578 -5.90 -53.54 42.04
CA ALA C 578 -7.35 -53.63 42.24
C ALA C 578 -7.81 -54.99 41.70
N THR C 579 -8.15 -55.90 42.63
CA THR C 579 -8.53 -57.32 42.39
C THR C 579 -9.89 -57.35 41.68
N ASP C 580 -10.76 -56.41 42.07
CA ASP C 580 -12.13 -56.27 41.54
C ASP C 580 -12.57 -54.83 41.85
N ALA C 581 -13.84 -54.50 41.62
CA ALA C 581 -14.42 -53.14 41.77
C ALA C 581 -14.48 -52.70 43.23
N ASN C 582 -14.44 -53.64 44.18
CA ASN C 582 -14.60 -53.40 45.63
C ASN C 582 -13.22 -53.08 46.26
N MET C 583 -12.18 -53.76 45.75
CA MET C 583 -10.77 -53.48 46.11
C MET C 583 -10.39 -52.10 45.52
N LEU C 584 -10.93 -51.76 44.34
CA LEU C 584 -10.62 -50.49 43.64
C LEU C 584 -11.11 -49.30 44.47
N LEU C 585 -12.33 -49.40 45.02
CA LEU C 585 -12.87 -48.42 46.00
C LEU C 585 -11.96 -48.35 47.21
N ALA C 586 -11.60 -49.51 47.79
CA ALA C 586 -10.77 -49.62 49.01
C ALA C 586 -9.45 -48.87 48.82
N ILE C 587 -8.79 -49.09 47.67
CA ILE C 587 -7.49 -48.45 47.25
C ILE C 587 -7.69 -46.93 47.01
N ALA C 588 -8.62 -46.55 46.13
CA ALA C 588 -8.99 -45.14 45.85
C ALA C 588 -9.05 -44.34 47.16
N GLU C 589 -9.78 -44.84 48.16
CA GLU C 589 -9.96 -44.15 49.47
C GLU C 589 -8.60 -44.03 50.19
N LYS C 590 -7.86 -45.14 50.35
CA LYS C 590 -6.47 -45.13 50.89
C LYS C 590 -5.73 -44.01 50.16
N CYS C 591 -5.77 -44.04 48.81
CA CYS C 591 -5.06 -43.14 47.87
C CYS C 591 -5.53 -41.68 47.99
N TYR C 592 -6.83 -41.37 47.94
CA TYR C 592 -7.36 -39.96 47.97
C TYR C 592 -7.13 -39.30 49.35
N LYS C 593 -7.01 -40.09 50.42
CA LYS C 593 -6.70 -39.61 51.80
C LYS C 593 -5.18 -39.43 51.94
N SER C 594 -4.40 -40.12 51.11
CA SER C 594 -2.93 -40.22 51.24
C SER C 594 -2.26 -38.91 50.83
N THR C 595 -1.00 -38.79 51.20
CA THR C 595 -0.10 -37.65 50.91
C THR C 595 1.31 -38.18 50.57
N ASN C 596 2.17 -37.30 50.07
CA ASN C 596 3.62 -37.52 49.79
C ASN C 596 3.87 -38.94 49.22
N LYS C 597 3.09 -39.38 48.23
CA LYS C 597 3.28 -40.69 47.54
C LYS C 597 3.04 -40.56 46.04
N ILE C 598 3.35 -41.62 45.30
CA ILE C 598 2.99 -41.80 43.86
C ILE C 598 2.26 -43.13 43.76
N ASN C 599 0.93 -43.07 43.79
CA ASN C 599 0.02 -44.24 43.86
C ASN C 599 -0.28 -44.75 42.45
N ALA C 600 0.48 -45.72 41.92
CA ALA C 600 0.03 -46.63 40.83
C ALA C 600 -1.17 -47.46 41.30
N ILE C 601 -2.16 -47.70 40.44
CA ILE C 601 -3.42 -48.44 40.79
C ILE C 601 -3.80 -49.27 39.58
N ILE C 602 -3.39 -50.54 39.54
CA ILE C 602 -3.47 -51.38 38.31
C ILE C 602 -4.81 -52.15 38.29
N ALA C 603 -5.88 -51.48 37.85
CA ALA C 603 -7.27 -51.99 37.74
C ALA C 603 -7.56 -52.37 36.28
N GLY C 604 -8.63 -53.15 36.08
CA GLY C 604 -9.12 -53.57 34.76
C GLY C 604 -10.36 -52.79 34.38
N LYS C 605 -10.57 -52.57 33.09
CA LYS C 605 -11.76 -51.90 32.51
C LYS C 605 -12.67 -52.97 31.88
N GLN C 606 -12.10 -54.12 31.51
CA GLN C 606 -12.77 -55.31 30.86
C GLN C 606 -13.82 -55.90 31.81
N PRO C 607 -14.92 -56.51 31.28
CA PRO C 607 -15.89 -57.23 32.10
C PRO C 607 -15.18 -58.40 32.80
N ALA C 608 -15.18 -58.42 34.12
CA ALA C 608 -14.51 -59.46 34.94
C ALA C 608 -15.26 -59.64 36.26
N ALA C 609 -15.37 -60.89 36.70
CA ALA C 609 -16.05 -61.31 37.95
C ALA C 609 -15.60 -60.45 39.13
N THR C 610 -16.50 -60.17 40.07
CA THR C 610 -16.26 -59.44 41.35
C THR C 610 -16.11 -60.45 42.51
N TRP C 611 -14.97 -60.48 43.22
CA TRP C 611 -14.56 -61.50 44.24
C TRP C 611 -14.87 -61.06 45.67
N LEU C 612 -14.33 -59.94 46.14
CA LEU C 612 -14.40 -59.51 47.57
C LEU C 612 -15.74 -58.79 47.84
N THR C 613 -16.19 -58.76 49.09
CA THR C 613 -17.13 -57.72 49.59
C THR C 613 -16.24 -56.50 49.83
N LEU C 614 -16.83 -55.31 49.98
CA LEU C 614 -16.07 -54.07 50.31
C LEU C 614 -15.32 -54.33 51.62
N ASP C 615 -16.03 -54.82 52.64
CA ASP C 615 -15.49 -55.10 54.00
C ASP C 615 -14.31 -56.07 53.92
N GLU C 616 -14.44 -57.15 53.16
CA GLU C 616 -13.33 -58.12 52.95
C GLU C 616 -12.15 -57.37 52.33
N ALA C 617 -12.43 -56.40 51.46
CA ALA C 617 -11.41 -55.67 50.66
C ALA C 617 -10.66 -54.64 51.52
N ARG C 618 -11.35 -53.89 52.39
CA ARG C 618 -10.72 -52.95 53.37
C ARG C 618 -9.76 -53.72 54.27
N ALA C 619 -10.13 -54.94 54.67
CA ALA C 619 -9.36 -55.81 55.58
C ALA C 619 -8.15 -56.39 54.83
N GLU C 620 -8.34 -56.90 53.61
CA GLU C 620 -7.26 -57.51 52.78
C GLU C 620 -6.25 -56.43 52.41
N LEU C 621 -6.73 -55.18 52.26
CA LEU C 621 -5.86 -54.01 51.98
C LEU C 621 -5.08 -53.66 53.25
N GLU C 622 -5.75 -53.21 54.32
CA GLU C 622 -5.13 -52.79 55.62
C GLU C 622 -3.86 -53.61 55.92
N LYS C 623 -3.83 -54.91 55.60
CA LYS C 623 -2.64 -55.79 55.82
C LYS C 623 -1.79 -55.85 54.54
N GLY C 624 -2.41 -56.16 53.40
CA GLY C 624 -1.76 -56.12 52.08
C GLY C 624 -1.89 -57.44 51.34
N ALA C 625 -1.72 -58.55 52.05
CA ALA C 625 -2.13 -59.90 51.60
C ALA C 625 -3.15 -60.43 52.60
N ALA C 626 -3.92 -61.42 52.13
CA ALA C 626 -4.93 -62.15 52.93
C ALA C 626 -5.23 -63.47 52.21
N ALA C 627 -5.38 -64.54 52.99
CA ALA C 627 -5.85 -65.85 52.51
C ALA C 627 -7.36 -65.76 52.32
N TRP C 628 -7.86 -66.37 51.25
CA TRP C 628 -9.31 -66.52 51.01
C TRP C 628 -9.78 -67.88 51.56
N ASP C 629 -10.14 -67.90 52.86
CA ASP C 629 -10.74 -69.07 53.55
C ASP C 629 -11.79 -69.69 52.62
N TRP C 630 -12.76 -68.87 52.22
CA TRP C 630 -13.98 -69.23 51.44
C TRP C 630 -13.62 -69.88 50.09
N ALA C 631 -12.34 -70.10 49.75
CA ALA C 631 -11.95 -70.77 48.48
C ALA C 631 -10.87 -71.85 48.68
N SER C 632 -10.28 -71.96 49.88
CA SER C 632 -9.24 -72.96 50.23
C SER C 632 -9.93 -74.26 50.68
N THR C 633 -9.60 -75.39 50.06
CA THR C 633 -10.13 -76.73 50.41
C THR C 633 -9.39 -77.27 51.64
N ALA C 634 -8.19 -76.77 51.93
CA ALA C 634 -7.48 -76.97 53.22
C ALA C 634 -8.06 -76.03 54.28
N LYS C 635 -7.94 -76.35 55.57
CA LYS C 635 -8.49 -75.54 56.70
C LYS C 635 -7.36 -75.17 57.68
N ASN C 636 -6.11 -75.31 57.22
CA ASN C 636 -4.85 -75.21 58.01
C ASN C 636 -3.67 -75.38 57.05
N ASN C 637 -2.47 -74.99 57.48
CA ASN C 637 -1.26 -74.81 56.62
C ASN C 637 -0.54 -76.15 56.36
N ASP C 638 -0.56 -77.09 57.31
CA ASP C 638 0.07 -78.44 57.16
C ASP C 638 -0.68 -79.24 56.08
N GLU C 639 -2.03 -79.20 56.11
CA GLU C 639 -2.93 -79.97 55.21
C GLU C 639 -2.70 -79.59 53.75
N ALA C 640 -2.44 -78.30 53.48
CA ALA C 640 -2.44 -77.66 52.13
C ALA C 640 -1.33 -78.22 51.23
N GLU C 641 -1.70 -79.03 50.24
CA GLU C 641 -0.74 -79.69 49.30
C GLU C 641 -0.07 -78.64 48.41
N VAL C 642 -0.64 -77.42 48.35
CA VAL C 642 -0.25 -76.34 47.38
C VAL C 642 -0.91 -75.01 47.79
N VAL C 643 -0.20 -73.89 47.57
CA VAL C 643 -0.69 -72.50 47.77
C VAL C 643 -0.78 -71.81 46.39
N LEU C 644 -1.99 -71.43 45.98
CA LEU C 644 -2.23 -70.63 44.74
C LEU C 644 -2.35 -69.15 45.13
N ALA C 645 -1.39 -68.34 44.66
CA ALA C 645 -1.30 -66.89 44.95
C ALA C 645 -1.57 -66.10 43.66
N ALA C 646 -2.28 -64.98 43.80
CA ALA C 646 -2.60 -64.05 42.69
C ALA C 646 -2.33 -62.60 43.14
N ALA C 647 -1.69 -61.82 42.27
CA ALA C 647 -1.66 -60.33 42.28
C ALA C 647 -2.18 -59.85 40.93
N GLY C 648 -3.40 -59.30 40.90
CA GLY C 648 -3.99 -58.66 39.71
C GLY C 648 -5.28 -59.31 39.24
N ASP C 649 -6.23 -58.48 38.81
CA ASP C 649 -7.64 -58.82 38.47
C ASP C 649 -7.70 -60.05 37.56
N VAL C 650 -6.83 -60.15 36.55
CA VAL C 650 -6.85 -61.29 35.58
C VAL C 650 -6.14 -62.48 36.20
N PRO C 651 -4.83 -62.42 36.56
CA PRO C 651 -4.17 -63.50 37.27
C PRO C 651 -5.10 -64.12 38.33
N THR C 652 -5.80 -63.30 39.10
CA THR C 652 -6.81 -63.76 40.09
C THR C 652 -7.84 -64.67 39.40
N GLN C 653 -8.53 -64.21 38.35
CA GLN C 653 -9.60 -64.99 37.67
C GLN C 653 -9.00 -66.32 37.18
N GLU C 654 -7.71 -66.37 36.86
CA GLU C 654 -7.01 -67.57 36.33
C GLU C 654 -6.59 -68.52 37.47
N ILE C 655 -6.33 -67.99 38.66
CA ILE C 655 -6.11 -68.83 39.89
C ILE C 655 -7.44 -69.51 40.26
N MET C 656 -8.52 -68.73 40.37
CA MET C 656 -9.83 -69.16 40.91
C MET C 656 -10.50 -70.19 39.99
N ALA C 657 -10.20 -70.13 38.70
CA ALA C 657 -10.72 -71.08 37.69
C ALA C 657 -9.91 -72.38 37.82
N ALA C 658 -8.59 -72.24 37.93
CA ALA C 658 -7.64 -73.34 38.20
C ALA C 658 -8.03 -74.02 39.51
N SER C 659 -8.45 -73.26 40.53
CA SER C 659 -8.81 -73.77 41.88
C SER C 659 -10.09 -74.63 41.83
N ASP C 660 -11.08 -74.28 40.99
CA ASP C 660 -12.30 -75.10 40.76
C ASP C 660 -11.94 -76.37 40.00
N LYS C 661 -10.95 -76.32 39.11
CA LYS C 661 -10.46 -77.52 38.38
C LYS C 661 -9.80 -78.47 39.40
N LEU C 662 -9.19 -77.94 40.45
CA LEU C 662 -8.47 -78.71 41.50
C LEU C 662 -9.44 -79.18 42.58
N LYS C 663 -10.56 -78.46 42.80
CA LYS C 663 -11.65 -78.88 43.74
C LYS C 663 -12.38 -80.10 43.13
N GLU C 664 -12.64 -80.05 41.82
CA GLU C 664 -13.18 -81.17 40.99
C GLU C 664 -12.30 -82.42 41.16
N LEU C 665 -11.05 -82.26 41.63
CA LEU C 665 -10.09 -83.39 41.87
C LEU C 665 -9.79 -83.53 43.36
N GLY C 666 -10.53 -82.82 44.22
CA GLY C 666 -10.45 -82.94 45.69
C GLY C 666 -9.08 -82.60 46.27
N VAL C 667 -8.15 -82.04 45.48
CA VAL C 667 -6.82 -81.54 45.95
C VAL C 667 -7.08 -80.48 47.04
N LYS C 668 -6.26 -80.47 48.09
CA LYS C 668 -6.44 -79.63 49.31
C LYS C 668 -5.50 -78.42 49.23
N PHE C 669 -6.00 -77.21 48.90
CA PHE C 669 -5.18 -76.01 48.54
C PHE C 669 -5.54 -74.78 49.39
N LYS C 670 -4.53 -73.94 49.67
CA LYS C 670 -4.72 -72.59 50.27
C LYS C 670 -4.65 -71.54 49.16
N VAL C 671 -5.67 -70.69 49.03
CA VAL C 671 -5.74 -69.61 47.99
C VAL C 671 -5.52 -68.24 48.64
N VAL C 672 -4.48 -67.53 48.19
CA VAL C 672 -4.06 -66.21 48.74
C VAL C 672 -4.21 -65.13 47.68
N ASN C 673 -4.53 -63.91 48.09
CA ASN C 673 -4.58 -62.73 47.19
C ASN C 673 -3.71 -61.60 47.75
N VAL C 674 -3.00 -60.89 46.85
CA VAL C 674 -2.10 -59.73 47.14
C VAL C 674 -2.64 -58.47 46.46
N ALA C 675 -2.89 -57.44 47.25
CA ALA C 675 -3.30 -56.09 46.79
C ALA C 675 -2.08 -55.15 46.86
N ASP C 676 -1.65 -54.82 48.08
CA ASP C 676 -0.49 -53.93 48.38
C ASP C 676 0.79 -54.71 48.07
N LEU C 677 1.47 -54.38 46.98
CA LEU C 677 2.63 -55.18 46.47
C LEU C 677 3.85 -54.98 47.38
N LEU C 678 3.91 -53.86 48.09
CA LEU C 678 5.08 -53.54 48.93
C LEU C 678 5.00 -54.34 50.25
N SER C 679 3.88 -55.02 50.50
CA SER C 679 3.65 -55.90 51.68
C SER C 679 4.61 -57.11 51.69
N LEU C 680 5.00 -57.63 50.52
CA LEU C 680 5.90 -58.80 50.34
C LEU C 680 7.37 -58.39 50.33
N GLN C 681 7.67 -57.18 50.82
CA GLN C 681 9.06 -56.65 50.85
C GLN C 681 9.66 -57.07 52.19
N SER C 682 10.88 -57.61 52.14
CA SER C 682 11.77 -57.89 53.30
C SER C 682 11.40 -56.92 54.44
N ALA C 683 10.96 -57.44 55.58
CA ALA C 683 10.56 -56.63 56.76
C ALA C 683 11.79 -55.89 57.31
N LYS C 684 12.98 -56.27 56.85
CA LYS C 684 14.26 -55.56 57.11
C LYS C 684 14.20 -54.18 56.44
N GLU C 685 13.95 -54.14 55.13
CA GLU C 685 13.94 -52.90 54.30
C GLU C 685 12.67 -52.07 54.57
N ASN C 686 11.53 -52.70 54.90
CA ASN C 686 10.18 -52.06 54.90
C ASN C 686 9.44 -52.31 56.23
N ASP C 687 9.23 -51.26 57.04
CA ASP C 687 8.63 -51.34 58.41
C ASP C 687 7.09 -51.23 58.35
N GLU C 688 6.48 -51.21 57.16
CA GLU C 688 5.00 -51.21 56.96
C GLU C 688 4.52 -52.60 56.53
N ALA C 689 5.44 -53.39 55.97
CA ALA C 689 5.20 -54.70 55.32
C ALA C 689 4.61 -55.73 56.31
N LEU C 690 4.40 -56.95 55.83
CA LEU C 690 4.12 -58.16 56.67
C LEU C 690 5.39 -58.51 57.44
N THR C 691 5.29 -58.73 58.75
CA THR C 691 6.35 -59.36 59.59
C THR C 691 6.73 -60.70 58.95
N ASP C 692 7.93 -61.23 59.24
CA ASP C 692 8.31 -62.60 58.82
C ASP C 692 7.23 -63.58 59.32
N GLU C 693 6.70 -63.32 60.53
CA GLU C 693 5.57 -64.06 61.17
C GLU C 693 4.34 -64.05 60.24
N GLU C 694 3.72 -62.88 60.07
CA GLU C 694 2.46 -62.69 59.29
C GLU C 694 2.64 -63.32 57.90
N PHE C 695 3.81 -63.15 57.29
CA PHE C 695 4.13 -63.67 55.93
C PHE C 695 4.01 -65.19 55.95
N ALA C 696 4.86 -65.85 56.76
CA ALA C 696 5.08 -67.31 56.84
C ALA C 696 3.75 -68.01 57.15
N ASP C 697 2.98 -67.43 58.08
CA ASP C 697 1.52 -67.69 58.29
C ASP C 697 0.85 -67.80 56.91
N ILE C 698 0.74 -66.72 56.13
CA ILE C 698 -0.13 -66.60 54.92
C ILE C 698 0.33 -67.57 53.79
N PHE C 699 1.64 -67.73 53.57
CA PHE C 699 2.19 -68.44 52.39
C PHE C 699 2.68 -69.86 52.74
N THR C 700 2.76 -70.20 54.04
CA THR C 700 3.37 -71.43 54.63
C THR C 700 4.90 -71.26 54.70
N ALA C 701 5.58 -72.17 55.42
CA ALA C 701 7.07 -72.21 55.57
C ALA C 701 7.67 -73.34 54.72
N ASP C 702 6.84 -74.29 54.25
CA ASP C 702 7.29 -75.58 53.64
C ASP C 702 6.66 -75.84 52.26
N LYS C 703 5.37 -75.49 52.06
CA LYS C 703 4.58 -75.93 50.87
C LYS C 703 4.98 -75.15 49.62
N PRO C 704 4.89 -75.77 48.41
CA PRO C 704 5.05 -75.04 47.14
C PRO C 704 4.01 -73.91 46.97
N VAL C 705 4.40 -72.81 46.30
CA VAL C 705 3.53 -71.63 46.00
C VAL C 705 3.55 -71.33 44.49
N LEU C 706 2.44 -71.61 43.81
CA LEU C 706 2.13 -71.18 42.42
C LEU C 706 1.68 -69.71 42.46
N PHE C 707 2.47 -68.80 41.89
CA PHE C 707 2.22 -67.32 41.95
C PHE C 707 2.02 -66.77 40.52
N ALA C 708 0.78 -66.43 40.17
CA ALA C 708 0.41 -65.72 38.93
C ALA C 708 0.46 -64.21 39.21
N TYR C 709 1.44 -63.51 38.63
CA TYR C 709 1.74 -62.08 38.89
C TYR C 709 1.33 -61.28 37.67
N HIS C 710 0.58 -60.20 37.89
CA HIS C 710 0.21 -59.21 36.83
C HIS C 710 1.43 -58.87 35.97
N SER C 711 2.52 -58.42 36.60
CA SER C 711 3.72 -57.85 35.91
C SER C 711 4.77 -58.93 35.66
N TYR C 712 5.99 -58.51 35.31
CA TYR C 712 7.16 -59.41 35.10
C TYR C 712 7.48 -60.13 36.41
N ALA C 713 7.72 -61.45 36.33
CA ALA C 713 8.01 -62.36 37.47
C ALA C 713 9.16 -61.78 38.32
N HIS C 714 10.23 -61.39 37.64
CA HIS C 714 11.46 -60.77 38.21
C HIS C 714 11.10 -59.87 39.41
N ASP C 715 9.98 -59.15 39.34
CA ASP C 715 9.64 -58.14 40.38
C ASP C 715 9.48 -58.84 41.71
N VAL C 716 8.83 -60.01 41.69
CA VAL C 716 8.37 -60.73 42.91
C VAL C 716 9.58 -61.42 43.54
N ARG C 717 10.30 -62.20 42.73
CA ARG C 717 11.56 -62.94 43.07
C ARG C 717 12.48 -62.05 43.91
N GLY C 718 13.11 -61.03 43.31
CA GLY C 718 14.02 -60.08 44.01
C GLY C 718 13.36 -59.40 45.21
N LEU C 719 12.03 -59.41 45.29
CA LEU C 719 11.26 -58.76 46.40
C LEU C 719 11.20 -59.68 47.64
N ILE C 720 11.28 -61.01 47.43
CA ILE C 720 11.18 -62.07 48.48
C ILE C 720 12.51 -62.83 48.58
N TYR C 721 13.64 -62.12 48.43
CA TYR C 721 15.00 -62.72 48.41
C TYR C 721 15.29 -63.33 49.79
N ASP C 722 14.85 -62.66 50.87
CA ASP C 722 15.17 -62.98 52.29
C ASP C 722 13.93 -63.54 52.99
N ARG C 723 12.99 -64.11 52.23
CA ARG C 723 11.65 -64.40 52.77
C ARG C 723 11.53 -65.89 53.08
N PRO C 724 10.71 -66.27 54.10
CA PRO C 724 10.25 -67.64 54.30
C PRO C 724 9.71 -68.36 53.05
N ASN C 725 10.30 -69.51 52.72
CA ASN C 725 9.76 -70.49 51.74
C ASN C 725 10.18 -70.06 50.33
N HIS C 726 10.89 -68.94 50.23
CA HIS C 726 11.10 -68.21 48.96
C HIS C 726 11.51 -69.17 47.83
N ASP C 727 12.27 -70.25 48.12
CA ASP C 727 12.80 -71.19 47.08
C ASP C 727 11.68 -72.03 46.46
N ASN C 728 10.53 -72.12 47.12
CA ASN C 728 9.38 -72.93 46.64
C ASN C 728 8.59 -72.14 45.59
N PHE C 729 8.30 -70.86 45.87
CA PHE C 729 7.48 -69.93 45.03
C PHE C 729 7.79 -70.14 43.55
N ASN C 730 6.87 -70.73 42.79
CA ASN C 730 6.98 -70.92 41.32
C ASN C 730 6.12 -69.82 40.67
N VAL C 731 6.77 -68.71 40.29
CA VAL C 731 6.13 -67.45 39.82
C VAL C 731 6.04 -67.45 38.28
N HIS C 732 4.81 -67.31 37.76
CA HIS C 732 4.50 -66.95 36.35
C HIS C 732 4.08 -65.47 36.30
N GLY C 733 4.47 -64.77 35.23
CA GLY C 733 3.95 -63.42 34.96
C GLY C 733 3.91 -63.16 33.46
N TYR C 734 3.98 -61.89 33.07
CA TYR C 734 4.12 -61.53 31.64
C TYR C 734 5.55 -61.92 31.25
N GLU C 735 5.72 -62.55 30.09
CA GLU C 735 7.01 -63.12 29.63
C GLU C 735 7.23 -62.72 28.18
N GLU C 736 7.01 -61.43 27.86
CA GLU C 736 7.18 -60.78 26.53
C GLU C 736 6.53 -61.67 25.46
N GLU C 737 5.29 -62.07 25.72
CA GLU C 737 4.53 -62.96 24.83
C GLU C 737 3.15 -62.34 24.57
N GLY C 738 2.67 -62.48 23.33
CA GLY C 738 1.32 -62.06 22.95
C GLY C 738 1.31 -61.53 21.53
N SER C 739 0.13 -61.20 21.04
CA SER C 739 -0.06 -60.44 19.78
C SER C 739 -1.46 -59.86 19.82
N THR C 740 -2.03 -59.55 18.65
CA THR C 740 -3.46 -59.20 18.49
C THR C 740 -4.18 -60.56 18.44
N THR C 741 -5.05 -60.87 19.41
CA THR C 741 -5.59 -62.25 19.60
C THR C 741 -6.82 -62.24 20.51
N THR C 742 -7.15 -63.38 21.12
CA THR C 742 -8.33 -63.51 22.04
C THR C 742 -7.86 -63.34 23.48
N PRO C 743 -8.77 -62.99 24.42
CA PRO C 743 -8.34 -62.76 25.81
C PRO C 743 -7.58 -63.97 26.36
N TYR C 744 -8.09 -65.19 26.10
CA TYR C 744 -7.51 -66.47 26.58
C TYR C 744 -6.12 -66.66 25.98
N ASP C 745 -5.97 -66.44 24.68
CA ASP C 745 -4.69 -66.73 24.00
C ASP C 745 -3.58 -65.91 24.65
N MET C 746 -3.95 -64.87 25.42
CA MET C 746 -3.00 -63.90 26.03
C MET C 746 -2.44 -64.49 27.31
N VAL C 747 -3.31 -64.99 28.17
CA VAL C 747 -2.89 -65.77 29.38
C VAL C 747 -2.23 -67.08 28.93
N ARG C 748 -2.69 -67.66 27.81
CA ARG C 748 -2.13 -68.94 27.32
C ARG C 748 -0.64 -68.76 27.06
N VAL C 749 -0.32 -68.00 26.01
CA VAL C 749 1.01 -67.94 25.34
C VAL C 749 2.07 -67.40 26.33
N ASN C 750 1.64 -66.93 27.51
CA ASN C 750 2.49 -66.43 28.63
C ASN C 750 2.54 -67.45 29.78
N ARG C 751 1.87 -68.60 29.64
CA ARG C 751 1.90 -69.71 30.62
C ARG C 751 1.35 -69.25 31.98
N ILE C 752 0.20 -68.58 31.95
CA ILE C 752 -0.56 -68.11 33.14
C ILE C 752 -2.06 -68.42 32.95
N ASP C 753 -2.46 -69.09 31.87
CA ASP C 753 -3.88 -69.55 31.69
C ASP C 753 -4.31 -70.44 32.86
N ARG C 754 -5.61 -70.69 33.01
CA ARG C 754 -6.21 -71.51 34.12
C ARG C 754 -5.76 -72.99 34.00
N TYR C 755 -5.64 -73.49 32.76
CA TYR C 755 -5.29 -74.90 32.46
C TYR C 755 -3.80 -75.16 32.74
N GLU C 756 -2.92 -74.25 32.32
CA GLU C 756 -1.46 -74.31 32.58
C GLU C 756 -1.15 -74.01 34.06
N LEU C 757 -2.05 -73.35 34.77
CA LEU C 757 -1.87 -73.07 36.23
C LEU C 757 -2.27 -74.32 37.02
N THR C 758 -3.29 -75.04 36.56
CA THR C 758 -3.70 -76.38 37.05
C THR C 758 -2.50 -77.32 36.93
N ALA C 759 -2.04 -77.53 35.69
CA ALA C 759 -1.05 -78.56 35.30
C ALA C 759 0.36 -78.18 35.80
N GLU C 760 0.46 -77.21 36.70
CA GLU C 760 1.73 -76.85 37.38
C GLU C 760 1.54 -77.18 38.87
N ALA C 761 0.39 -76.81 39.43
CA ALA C 761 -0.07 -77.24 40.78
C ALA C 761 0.17 -78.76 40.90
N LEU C 762 -0.15 -79.50 39.83
CA LEU C 762 0.07 -80.96 39.74
C LEU C 762 1.58 -81.21 39.72
N ARG C 763 2.30 -80.72 38.71
CA ARG C 763 3.76 -80.98 38.54
C ARG C 763 4.53 -80.69 39.83
N MET C 764 4.01 -79.85 40.73
CA MET C 764 4.68 -79.48 42.01
C MET C 764 4.34 -80.48 43.12
N ILE C 765 3.23 -81.21 43.03
CA ILE C 765 2.81 -82.25 44.04
C ILE C 765 3.41 -83.60 43.64
N ASP C 766 2.98 -84.19 42.52
CA ASP C 766 3.56 -85.44 41.94
C ASP C 766 3.30 -85.44 40.43
N ALA C 767 4.36 -85.28 39.63
CA ALA C 767 4.34 -85.31 38.14
C ALA C 767 3.92 -86.69 37.63
N ASP C 768 4.34 -87.75 38.34
CA ASP C 768 4.13 -89.18 37.98
C ASP C 768 2.68 -89.59 38.30
N LYS C 769 2.19 -89.23 39.49
CA LYS C 769 0.82 -89.53 39.98
C LYS C 769 -0.23 -89.05 38.96
N TYR C 770 -0.01 -87.87 38.35
CA TYR C 770 -1.01 -87.11 37.54
C TYR C 770 -0.69 -87.06 36.03
N ALA C 771 0.46 -87.58 35.56
CA ALA C 771 0.93 -87.53 34.15
C ALA C 771 -0.21 -87.70 33.14
N ASP C 772 -1.24 -88.51 33.43
CA ASP C 772 -2.44 -88.68 32.55
C ASP C 772 -3.34 -87.43 32.65
N LYS C 773 -3.59 -86.92 33.87
CA LYS C 773 -4.48 -85.76 34.16
C LYS C 773 -3.87 -84.48 33.55
N ILE C 774 -2.60 -84.22 33.87
CA ILE C 774 -1.74 -83.20 33.21
C ILE C 774 -1.90 -83.29 31.69
N ASP C 775 -1.34 -84.32 31.06
CA ASP C 775 -1.24 -84.46 29.58
C ASP C 775 -2.59 -84.10 28.94
N GLU C 776 -3.70 -84.26 29.67
CA GLU C 776 -5.07 -83.87 29.20
C GLU C 776 -5.16 -82.34 29.11
N LEU C 777 -4.91 -81.63 30.23
CA LEU C 777 -4.88 -80.15 30.26
C LEU C 777 -4.03 -79.63 29.09
N GLU C 778 -2.80 -80.11 28.95
CA GLU C 778 -1.83 -79.62 27.92
C GLU C 778 -2.35 -79.93 26.52
N LYS C 779 -3.25 -80.91 26.34
CA LYS C 779 -3.87 -81.24 25.03
C LYS C 779 -5.08 -80.34 24.78
N PHE C 780 -5.71 -79.86 25.87
CA PHE C 780 -6.84 -78.92 25.83
C PHE C 780 -6.33 -77.52 25.41
N ARG C 781 -5.37 -76.96 26.16
CA ARG C 781 -4.66 -75.72 25.80
C ARG C 781 -4.52 -75.66 24.27
N ASP C 782 -3.91 -76.66 23.65
CA ASP C 782 -3.80 -76.75 22.17
C ASP C 782 -5.19 -76.67 21.53
N GLU C 783 -6.24 -77.26 22.13
CA GLU C 783 -7.60 -77.39 21.54
C GLU C 783 -8.32 -76.03 21.56
N ALA C 784 -8.27 -75.29 22.68
CA ALA C 784 -9.02 -74.03 22.94
C ALA C 784 -8.43 -72.84 22.19
N PHE C 785 -7.16 -72.94 21.77
CA PHE C 785 -6.50 -72.01 20.82
C PHE C 785 -6.98 -72.35 19.41
N GLN C 786 -6.78 -73.59 18.94
CA GLN C 786 -7.21 -74.10 17.61
C GLN C 786 -8.73 -73.91 17.48
N PHE C 787 -9.44 -73.74 18.60
CA PHE C 787 -10.84 -73.26 18.62
C PHE C 787 -10.87 -71.87 17.98
N ALA C 788 -10.19 -70.91 18.61
CA ALA C 788 -10.12 -69.48 18.22
C ALA C 788 -9.69 -69.36 16.76
N VAL C 789 -8.58 -69.97 16.39
CA VAL C 789 -8.12 -70.02 14.97
C VAL C 789 -9.31 -70.43 14.06
N ASP C 790 -10.21 -71.30 14.52
CA ASP C 790 -11.27 -71.91 13.67
C ASP C 790 -12.59 -71.14 13.83
N ASN C 791 -12.90 -70.61 15.03
CA ASN C 791 -14.25 -70.10 15.43
C ASN C 791 -14.25 -68.59 15.81
N GLY C 792 -13.08 -67.96 15.99
CA GLY C 792 -12.95 -66.50 16.15
C GLY C 792 -13.43 -65.98 17.50
N TYR C 793 -13.66 -66.85 18.47
CA TYR C 793 -13.83 -66.49 19.91
C TYR C 793 -13.22 -67.61 20.75
N ASP C 794 -13.45 -67.59 22.07
CA ASP C 794 -12.81 -68.53 23.04
C ASP C 794 -13.78 -69.67 23.40
N HIS C 795 -13.21 -70.83 23.76
CA HIS C 795 -13.92 -72.08 24.14
C HIS C 795 -14.93 -71.78 25.23
N PRO C 796 -16.19 -72.26 25.11
CA PRO C 796 -17.23 -71.89 26.05
C PRO C 796 -16.82 -72.32 27.48
N ASP C 797 -15.84 -73.23 27.61
CA ASP C 797 -15.25 -73.59 28.93
C ASP C 797 -14.51 -72.38 29.53
N TYR C 798 -13.98 -71.48 28.68
CA TYR C 798 -13.27 -70.22 29.05
C TYR C 798 -14.28 -69.07 29.19
N THR C 799 -14.98 -68.76 28.10
CA THR C 799 -15.90 -67.59 27.98
C THR C 799 -16.96 -67.69 29.07
N ASP C 800 -17.81 -68.73 28.96
CA ASP C 800 -18.95 -68.97 29.87
C ASP C 800 -18.52 -70.02 30.91
N TRP C 801 -17.53 -69.66 31.73
CA TRP C 801 -17.20 -70.32 33.02
C TRP C 801 -17.66 -69.35 34.13
N VAL C 802 -17.97 -69.86 35.32
CA VAL C 802 -18.28 -69.06 36.56
C VAL C 802 -17.71 -69.83 37.76
N TYR C 803 -17.38 -69.13 38.85
CA TYR C 803 -16.88 -69.77 40.09
C TYR C 803 -17.95 -70.72 40.66
N SER C 804 -17.49 -71.86 41.20
CA SER C 804 -18.28 -72.92 41.90
C SER C 804 -19.21 -72.31 42.97
N GLY C 805 -18.80 -71.24 43.67
CA GLY C 805 -19.51 -70.69 44.84
C GLY C 805 -20.52 -69.61 44.51
N VAL C 806 -21.04 -69.56 43.28
CA VAL C 806 -22.12 -68.62 42.82
C VAL C 806 -23.48 -69.34 42.89
N ASN C 807 -24.58 -68.59 43.07
CA ASN C 807 -25.95 -69.12 43.36
C ASN C 807 -26.36 -70.14 42.28
N THR D 2 26.56 -48.33 3.46
CA THR D 2 26.43 -46.95 2.87
C THR D 2 25.27 -46.97 1.86
N SER D 3 24.18 -46.24 2.16
CA SER D 3 22.87 -46.30 1.45
C SER D 3 23.04 -46.44 -0.05
N PRO D 4 22.23 -47.28 -0.72
CA PRO D 4 22.25 -47.31 -2.18
C PRO D 4 21.51 -46.10 -2.77
N VAL D 5 21.84 -45.77 -4.02
CA VAL D 5 21.14 -44.80 -4.90
C VAL D 5 20.19 -45.60 -5.81
N ILE D 6 18.91 -45.57 -5.48
CA ILE D 6 17.79 -46.29 -6.16
C ILE D 6 17.08 -45.35 -7.15
N GLY D 7 16.77 -45.88 -8.33
CA GLY D 7 15.97 -45.21 -9.37
C GLY D 7 16.58 -43.89 -9.83
N THR D 8 15.74 -42.94 -10.22
CA THR D 8 16.09 -41.58 -10.71
C THR D 8 15.52 -40.57 -9.73
N PRO D 9 16.29 -40.14 -8.71
CA PRO D 9 15.77 -39.24 -7.69
C PRO D 9 15.70 -37.77 -8.12
N TRP D 10 14.75 -37.05 -7.51
CA TRP D 10 14.56 -35.58 -7.61
C TRP D 10 14.38 -35.17 -9.07
N LYS D 11 13.49 -35.89 -9.78
CA LYS D 11 13.10 -35.66 -11.19
C LYS D 11 11.75 -34.92 -11.24
N LYS D 12 11.69 -33.82 -11.99
CA LYS D 12 10.41 -33.13 -12.24
C LYS D 12 9.64 -33.96 -13.25
N LEU D 13 8.32 -33.92 -13.18
CA LEU D 13 7.44 -34.49 -14.22
C LEU D 13 7.49 -33.65 -15.51
N ASN D 14 7.28 -32.34 -15.42
CA ASN D 14 7.29 -31.40 -16.58
C ASN D 14 6.17 -31.77 -17.56
N ALA D 15 5.08 -32.33 -17.03
CA ALA D 15 3.80 -32.55 -17.73
C ALA D 15 2.72 -32.64 -16.65
N PRO D 16 1.43 -32.38 -16.97
CA PRO D 16 0.36 -32.62 -16.00
C PRO D 16 0.21 -34.13 -15.75
N VAL D 17 -0.23 -34.54 -14.56
CA VAL D 17 -0.56 -35.97 -14.29
C VAL D 17 -1.67 -36.41 -15.26
N SER D 18 -1.44 -37.49 -16.02
CA SER D 18 -2.41 -38.03 -17.02
C SER D 18 -3.74 -38.38 -16.34
N GLU D 19 -4.86 -38.22 -17.05
CA GLU D 19 -6.23 -38.45 -16.51
C GLU D 19 -6.40 -39.96 -16.23
N GLU D 20 -5.62 -40.79 -16.92
CA GLU D 20 -5.65 -42.26 -16.81
C GLU D 20 -5.04 -42.67 -15.48
N ALA D 21 -4.03 -41.93 -15.01
CA ALA D 21 -3.35 -42.21 -13.72
C ALA D 21 -4.31 -41.96 -12.55
N LEU D 22 -5.02 -40.84 -12.58
CA LEU D 22 -5.93 -40.42 -11.49
C LEU D 22 -7.10 -41.41 -11.38
N GLU D 23 -7.56 -41.95 -12.50
CA GLU D 23 -8.57 -43.04 -12.49
C GLU D 23 -7.96 -44.24 -11.77
N GLY D 24 -6.70 -44.55 -12.04
CA GLY D 24 -5.95 -45.61 -11.33
C GLY D 24 -5.95 -45.38 -9.83
N VAL D 25 -5.73 -44.12 -9.44
CA VAL D 25 -5.64 -43.68 -8.03
C VAL D 25 -7.01 -43.84 -7.38
N ASP D 26 -8.10 -43.53 -8.12
CA ASP D 26 -9.46 -43.59 -7.54
C ASP D 26 -9.79 -45.07 -7.31
N LYS D 27 -9.50 -45.90 -8.32
CA LYS D 27 -9.73 -47.37 -8.24
C LYS D 27 -8.95 -47.85 -7.02
N TYR D 28 -7.65 -47.50 -6.98
CA TYR D 28 -6.74 -47.85 -5.84
C TYR D 28 -7.43 -47.55 -4.52
N TRP D 29 -8.02 -46.36 -4.44
CA TRP D 29 -8.51 -45.81 -3.17
C TRP D 29 -9.72 -46.65 -2.75
N ARG D 30 -10.63 -46.90 -3.69
CA ARG D 30 -11.87 -47.72 -3.49
C ARG D 30 -11.47 -49.13 -3.04
N VAL D 31 -10.53 -49.76 -3.76
CA VAL D 31 -10.13 -51.17 -3.50
C VAL D 31 -9.35 -51.23 -2.17
N ALA D 32 -8.56 -50.24 -1.81
CA ALA D 32 -7.82 -50.23 -0.52
C ALA D 32 -8.82 -49.96 0.63
N ASN D 33 -9.88 -49.21 0.38
CA ASN D 33 -10.94 -49.02 1.42
C ASN D 33 -11.75 -50.32 1.53
N TYR D 34 -11.98 -51.03 0.40
CA TYR D 34 -12.71 -52.33 0.41
C TYR D 34 -11.91 -53.34 1.27
N LEU D 35 -10.67 -53.62 0.85
CA LEU D 35 -9.72 -54.53 1.53
C LEU D 35 -9.57 -54.17 3.01
N SER D 36 -9.64 -52.88 3.34
CA SER D 36 -9.42 -52.39 4.72
C SER D 36 -10.67 -52.73 5.54
N ILE D 37 -11.86 -52.46 5.00
CA ILE D 37 -13.13 -52.77 5.74
C ILE D 37 -13.21 -54.30 5.85
N GLY D 38 -13.04 -54.98 4.71
CA GLY D 38 -12.84 -56.43 4.62
C GLY D 38 -12.05 -56.97 5.80
N GLN D 39 -10.82 -56.47 5.98
CA GLN D 39 -9.91 -56.91 7.06
C GLN D 39 -10.57 -56.70 8.42
N ILE D 40 -11.33 -55.65 8.64
CA ILE D 40 -11.84 -55.41 10.02
C ILE D 40 -13.03 -56.33 10.31
N TYR D 41 -13.89 -56.54 9.31
CA TYR D 41 -15.32 -56.90 9.50
C TYR D 41 -15.62 -58.37 9.16
N LEU D 42 -14.82 -59.02 8.31
CA LEU D 42 -15.26 -60.26 7.63
C LEU D 42 -14.36 -61.45 8.02
N ARG D 43 -15.00 -62.56 8.46
CA ARG D 43 -14.33 -63.88 8.68
C ARG D 43 -14.31 -64.67 7.36
N SER D 44 -15.28 -64.44 6.46
CA SER D 44 -15.37 -65.19 5.17
C SER D 44 -16.31 -64.48 4.18
N ASN D 45 -16.32 -64.97 2.94
CA ASN D 45 -17.16 -64.47 1.82
C ASN D 45 -16.67 -63.07 1.46
N PRO D 46 -15.36 -62.94 1.13
CA PRO D 46 -14.73 -61.64 0.90
C PRO D 46 -15.42 -60.80 -0.18
N LEU D 47 -16.04 -61.43 -1.18
CA LEU D 47 -16.63 -60.69 -2.33
C LEU D 47 -18.16 -60.53 -2.20
N MET D 48 -18.73 -60.73 -1.01
CA MET D 48 -20.19 -60.58 -0.76
C MET D 48 -21.01 -61.38 -1.79
N LYS D 49 -20.71 -62.68 -1.94
CA LYS D 49 -21.46 -63.59 -2.86
C LYS D 49 -22.75 -64.06 -2.17
N GLU D 50 -23.78 -64.35 -2.97
CA GLU D 50 -25.04 -64.99 -2.53
C GLU D 50 -24.71 -66.35 -1.91
N PRO D 51 -25.12 -66.66 -0.65
CA PRO D 51 -25.65 -65.64 0.27
C PRO D 51 -24.54 -64.92 1.07
N PHE D 52 -24.67 -63.58 1.21
CA PHE D 52 -23.86 -62.73 2.14
C PHE D 52 -24.68 -62.50 3.41
N THR D 53 -24.16 -62.89 4.58
CA THR D 53 -24.96 -62.94 5.83
C THR D 53 -24.13 -62.52 7.02
N ARG D 54 -24.80 -62.27 8.16
CA ARG D 54 -24.15 -62.01 9.46
C ARG D 54 -23.10 -63.07 9.79
N GLU D 55 -23.24 -64.29 9.27
CA GLU D 55 -22.36 -65.45 9.60
C GLU D 55 -20.97 -65.21 8.99
N ASP D 56 -20.90 -64.34 7.98
CA ASP D 56 -19.65 -63.96 7.24
C ASP D 56 -18.88 -62.84 7.96
N VAL D 57 -19.35 -62.37 9.12
CA VAL D 57 -18.89 -61.15 9.85
C VAL D 57 -18.24 -61.52 11.19
N LYS D 58 -16.93 -61.25 11.37
CA LYS D 58 -16.13 -61.46 12.63
C LYS D 58 -16.95 -61.15 13.88
N HIS D 59 -16.75 -61.91 14.96
CA HIS D 59 -17.58 -61.89 16.21
C HIS D 59 -17.22 -60.66 17.04
N ARG D 60 -15.92 -60.44 17.27
CA ARG D 60 -15.32 -59.20 17.82
C ARG D 60 -14.74 -58.39 16.66
N LEU D 61 -15.02 -57.08 16.62
CA LEU D 61 -14.53 -56.16 15.56
C LEU D 61 -13.28 -55.44 16.08
N VAL D 62 -12.14 -55.65 15.42
CA VAL D 62 -10.84 -55.14 15.90
C VAL D 62 -10.07 -54.53 14.73
N GLY D 63 -9.26 -53.51 15.02
CA GLY D 63 -8.68 -52.61 14.01
C GLY D 63 -9.27 -51.22 14.15
N HIS D 64 -8.89 -50.31 13.24
CA HIS D 64 -9.27 -48.87 13.31
C HIS D 64 -9.53 -48.34 11.90
N TRP D 65 -10.77 -47.92 11.65
CA TRP D 65 -11.18 -47.34 10.34
C TRP D 65 -10.77 -45.86 10.24
N GLY D 66 -11.15 -45.04 11.23
CA GLY D 66 -10.91 -43.58 11.32
C GLY D 66 -9.88 -43.05 10.34
N THR D 67 -8.60 -43.41 10.52
CA THR D 67 -7.45 -42.83 9.81
C THR D 67 -7.38 -43.32 8.35
N THR D 68 -7.88 -44.52 8.10
CA THR D 68 -7.48 -45.42 6.99
C THR D 68 -7.86 -44.87 5.62
N PRO D 69 -9.08 -44.35 5.43
CA PRO D 69 -9.44 -43.79 4.13
C PRO D 69 -8.52 -42.60 3.77
N GLY D 70 -8.15 -41.77 4.75
CA GLY D 70 -7.04 -40.79 4.69
C GLY D 70 -5.75 -41.41 4.18
N LEU D 71 -5.26 -42.44 4.86
CA LEU D 71 -3.94 -43.06 4.54
C LEU D 71 -4.01 -43.71 3.15
N ASN D 72 -5.13 -44.37 2.85
CA ASN D 72 -5.32 -45.04 1.53
C ASN D 72 -5.31 -44.00 0.43
N PHE D 73 -5.96 -42.86 0.65
CA PHE D 73 -5.90 -41.68 -0.27
C PHE D 73 -4.43 -41.27 -0.46
N LEU D 74 -3.71 -41.04 0.64
CA LEU D 74 -2.29 -40.57 0.55
C LEU D 74 -1.43 -41.62 -0.18
N ILE D 75 -1.57 -42.91 0.15
CA ILE D 75 -0.69 -43.97 -0.42
C ILE D 75 -1.05 -44.13 -1.89
N GLY D 76 -2.32 -44.09 -2.23
CA GLY D 76 -2.74 -44.13 -3.65
C GLY D 76 -1.96 -43.10 -4.45
N HIS D 77 -1.93 -41.84 -3.99
CA HIS D 77 -1.21 -40.75 -4.72
C HIS D 77 0.31 -40.91 -4.64
N ILE D 78 0.88 -41.25 -3.48
CA ILE D 78 2.33 -41.54 -3.34
C ILE D 78 2.74 -42.67 -4.32
N ASN D 79 1.97 -43.78 -4.37
CA ASN D 79 2.26 -44.91 -5.30
C ASN D 79 2.28 -44.35 -6.73
N ARG D 80 1.30 -43.52 -7.10
CA ARG D 80 1.21 -42.90 -8.46
C ARG D 80 2.48 -42.09 -8.71
N PHE D 81 2.75 -41.15 -7.82
CA PHE D 81 4.01 -40.35 -7.79
C PHE D 81 5.24 -41.26 -8.05
N ILE D 82 5.49 -42.24 -7.15
CA ILE D 82 6.70 -43.12 -7.22
C ILE D 82 6.86 -43.69 -8.63
N ALA D 83 5.80 -44.25 -9.21
CA ALA D 83 5.90 -44.90 -10.55
C ALA D 83 6.21 -43.87 -11.63
N ASP D 84 5.68 -42.65 -11.56
CA ASP D 84 5.85 -41.60 -12.60
C ASP D 84 7.26 -40.99 -12.55
N HIS D 85 7.85 -40.85 -11.38
CA HIS D 85 9.14 -40.13 -11.18
C HIS D 85 10.27 -41.15 -11.07
N GLY D 86 9.98 -42.33 -10.55
CA GLY D 86 11.00 -43.32 -10.16
C GLY D 86 11.78 -42.85 -8.96
N GLN D 87 11.05 -42.40 -7.93
CA GLN D 87 11.64 -41.81 -6.71
C GLN D 87 11.79 -42.90 -5.66
N ASN D 88 13.02 -43.11 -5.17
CA ASN D 88 13.34 -43.92 -3.98
C ASN D 88 12.52 -43.36 -2.81
N THR D 89 11.36 -43.94 -2.52
CA THR D 89 10.44 -43.51 -1.44
C THR D 89 10.30 -44.61 -0.39
N VAL D 90 10.28 -44.18 0.86
CA VAL D 90 9.93 -44.92 2.11
C VAL D 90 8.95 -44.02 2.87
N ILE D 91 7.77 -44.53 3.24
CA ILE D 91 6.75 -43.77 4.02
C ILE D 91 6.92 -44.12 5.49
N ILE D 92 6.32 -43.32 6.37
CA ILE D 92 6.29 -43.47 7.85
C ILE D 92 4.83 -43.29 8.27
N MET D 93 4.19 -44.36 8.70
CA MET D 93 2.77 -44.30 9.10
C MET D 93 2.70 -43.82 10.57
N GLY D 94 2.70 -42.52 10.75
CA GLY D 94 2.52 -41.89 12.07
C GLY D 94 1.40 -42.59 12.80
N PRO D 95 0.20 -42.64 12.18
CA PRO D 95 -0.95 -43.35 12.77
C PRO D 95 -0.91 -44.84 12.34
N GLY D 96 -0.13 -45.62 13.11
CA GLY D 96 0.16 -47.05 12.88
C GLY D 96 -1.07 -47.93 13.07
N HIS D 97 -1.97 -47.54 13.97
CA HIS D 97 -3.30 -48.18 14.13
C HIS D 97 -4.03 -48.27 12.77
N GLY D 98 -3.59 -47.49 11.78
CA GLY D 98 -4.07 -47.60 10.39
C GLY D 98 -3.42 -48.76 9.66
N GLY D 99 -3.04 -49.82 10.40
CA GLY D 99 -2.45 -51.06 9.85
C GLY D 99 -3.10 -51.49 8.54
N PRO D 100 -4.46 -51.56 8.50
CA PRO D 100 -5.17 -52.02 7.31
C PRO D 100 -4.74 -51.36 5.99
N ALA D 101 -4.31 -50.09 6.03
CA ALA D 101 -3.81 -49.35 4.83
C ALA D 101 -2.46 -49.93 4.39
N GLY D 102 -1.62 -50.31 5.36
CA GLY D 102 -0.27 -50.86 5.11
C GLY D 102 -0.33 -52.25 4.51
N THR D 103 -1.10 -53.16 5.12
CA THR D 103 -1.34 -54.53 4.59
C THR D 103 -1.97 -54.44 3.19
N SER D 104 -3.06 -53.68 3.04
CA SER D 104 -3.74 -53.49 1.72
C SER D 104 -2.69 -53.05 0.68
N GLN D 105 -1.81 -52.12 1.07
CA GLN D 105 -0.76 -51.56 0.18
C GLN D 105 0.11 -52.71 -0.31
N SER D 106 0.62 -53.52 0.62
CA SER D 106 1.54 -54.64 0.29
C SER D 106 0.81 -55.65 -0.61
N TYR D 107 -0.39 -56.08 -0.18
CA TYR D 107 -1.26 -56.96 -1.01
C TYR D 107 -1.35 -56.41 -2.44
N LEU D 108 -1.48 -55.10 -2.62
CA LEU D 108 -1.79 -54.54 -3.96
C LEU D 108 -0.51 -54.34 -4.77
N ASP D 109 0.62 -54.01 -4.12
CA ASP D 109 1.92 -53.82 -4.85
C ASP D 109 2.44 -55.22 -5.22
N GLY D 110 1.95 -56.28 -4.57
CA GLY D 110 2.26 -57.69 -4.90
C GLY D 110 3.39 -58.25 -4.04
N THR D 111 3.77 -57.56 -2.95
CA THR D 111 4.92 -57.96 -2.09
C THR D 111 4.39 -58.84 -0.96
N TYR D 112 3.09 -58.76 -0.67
CA TYR D 112 2.45 -59.62 0.36
C TYR D 112 2.45 -61.07 -0.14
N THR D 113 1.84 -61.34 -1.29
CA THR D 113 1.87 -62.68 -1.93
C THR D 113 3.31 -63.16 -2.01
N GLU D 114 4.23 -62.25 -2.32
CA GLU D 114 5.68 -62.56 -2.52
C GLU D 114 6.34 -62.99 -1.21
N THR D 115 5.81 -62.59 -0.05
CA THR D 115 6.42 -62.79 1.29
C THR D 115 5.66 -63.85 2.06
N PHE D 116 4.33 -63.79 2.01
CA PHE D 116 3.39 -64.81 2.55
C PHE D 116 2.69 -65.47 1.35
N PRO D 117 3.34 -66.44 0.63
CA PRO D 117 2.78 -67.00 -0.61
C PRO D 117 1.50 -67.84 -0.42
N LYS D 118 1.15 -68.18 0.82
CA LYS D 118 -0.17 -68.72 1.25
C LYS D 118 -1.28 -67.76 0.75
N ILE D 119 -1.11 -66.48 1.02
CA ILE D 119 -2.13 -65.41 0.78
C ILE D 119 -2.08 -65.03 -0.71
N THR D 120 -2.96 -65.63 -1.52
CA THR D 120 -2.91 -65.65 -3.00
C THR D 120 -3.77 -64.50 -3.56
N LYS D 121 -3.67 -64.27 -4.88
CA LYS D 121 -4.33 -63.15 -5.59
C LYS D 121 -5.61 -63.67 -6.26
N ASP D 122 -6.56 -64.08 -5.42
CA ASP D 122 -7.81 -64.79 -5.83
C ASP D 122 -8.77 -64.77 -4.63
N GLU D 123 -9.99 -65.27 -4.83
CA GLU D 123 -11.05 -65.21 -3.79
C GLU D 123 -10.61 -66.01 -2.56
N ALA D 124 -9.94 -67.17 -2.75
CA ALA D 124 -9.41 -68.01 -1.65
C ALA D 124 -8.40 -67.20 -0.85
N GLY D 125 -7.56 -66.42 -1.55
CA GLY D 125 -6.61 -65.44 -1.00
C GLY D 125 -7.28 -64.38 -0.13
N LEU D 126 -8.12 -63.51 -0.72
CA LEU D 126 -8.91 -62.49 0.02
C LEU D 126 -9.51 -63.10 1.30
N GLN D 127 -10.10 -64.30 1.20
CA GLN D 127 -10.81 -64.97 2.32
C GLN D 127 -9.84 -65.01 3.51
N LYS D 128 -8.62 -65.49 3.25
CA LYS D 128 -7.55 -65.73 4.25
C LYS D 128 -7.03 -64.38 4.72
N PHE D 129 -6.83 -63.44 3.79
CA PHE D 129 -6.25 -62.09 4.02
C PHE D 129 -7.13 -61.28 4.98
N PHE D 130 -8.44 -61.32 4.79
CA PHE D 130 -9.42 -60.62 5.65
C PHE D 130 -9.41 -61.29 7.02
N ARG D 131 -9.61 -62.62 7.05
CA ARG D 131 -9.83 -63.33 8.34
C ARG D 131 -8.59 -63.11 9.21
N GLN D 132 -7.40 -63.15 8.60
CA GLN D 132 -6.10 -63.19 9.33
C GLN D 132 -5.85 -61.89 10.11
N PHE D 133 -6.40 -60.76 9.63
CA PHE D 133 -6.15 -59.41 10.19
C PHE D 133 -6.67 -59.35 11.62
N SER D 134 -5.77 -59.13 12.59
CA SER D 134 -6.12 -58.86 14.02
C SER D 134 -6.82 -60.08 14.64
N TYR D 135 -6.40 -61.26 14.19
CA TYR D 135 -7.07 -62.56 14.39
C TYR D 135 -6.08 -63.50 15.08
N PRO D 136 -6.55 -64.49 15.88
CA PRO D 136 -5.63 -65.37 16.59
C PRO D 136 -4.80 -66.20 15.60
N GLY D 137 -3.49 -66.28 15.85
CA GLY D 137 -2.51 -66.91 14.95
C GLY D 137 -2.53 -66.29 13.56
N GLY D 138 -2.88 -65.00 13.46
CA GLY D 138 -2.73 -64.22 12.22
C GLY D 138 -1.75 -63.07 12.43
N ILE D 139 -1.96 -61.97 11.70
CA ILE D 139 -1.07 -60.79 11.67
C ILE D 139 -1.60 -59.72 12.65
N PRO D 140 -0.80 -58.66 12.93
CA PRO D 140 -1.21 -57.65 13.90
C PRO D 140 -2.11 -56.54 13.28
N SER D 141 -2.71 -55.74 14.18
CA SER D 141 -3.71 -54.68 13.88
C SER D 141 -3.05 -53.33 13.53
N HIS D 142 -1.73 -53.22 13.72
CA HIS D 142 -0.88 -52.06 13.34
C HIS D 142 0.06 -52.40 12.19
N PHE D 143 0.74 -51.38 11.65
CA PHE D 143 1.69 -51.45 10.50
C PHE D 143 3.01 -52.01 11.03
N ALA D 144 2.90 -53.21 11.60
CA ALA D 144 3.90 -53.90 12.43
C ALA D 144 5.01 -54.41 11.51
N PRO D 145 6.18 -54.84 12.05
CA PRO D 145 7.29 -55.31 11.21
C PRO D 145 6.97 -56.53 10.33
N GLU D 146 5.87 -57.23 10.62
CA GLU D 146 5.37 -58.36 9.79
C GLU D 146 4.94 -57.83 8.41
N THR D 147 4.81 -56.51 8.26
CA THR D 147 4.19 -55.82 7.11
C THR D 147 5.29 -55.28 6.20
N PRO D 148 5.42 -55.76 4.95
CA PRO D 148 6.46 -55.26 4.06
C PRO D 148 6.24 -53.78 3.71
N GLY D 149 7.25 -52.95 3.96
CA GLY D 149 7.21 -51.48 3.78
C GLY D 149 7.35 -50.74 5.10
N SER D 150 7.05 -51.40 6.23
CA SER D 150 7.14 -50.79 7.57
C SER D 150 8.58 -50.81 8.10
N ILE D 151 9.04 -49.68 8.64
CA ILE D 151 10.22 -49.52 9.55
C ILE D 151 9.73 -48.77 10.80
N HIS D 152 8.41 -48.55 10.87
CA HIS D 152 7.74 -47.76 11.94
C HIS D 152 6.35 -48.36 12.14
N GLU D 153 6.06 -48.83 13.35
CA GLU D 153 4.79 -49.51 13.70
C GLU D 153 3.75 -48.43 13.96
N GLY D 154 4.17 -47.37 14.64
CA GLY D 154 3.26 -46.28 15.07
C GLY D 154 2.27 -46.77 16.09
N GLY D 155 2.71 -47.67 16.96
CA GLY D 155 1.90 -48.13 18.11
C GLY D 155 1.92 -47.07 19.17
N GLU D 156 3.12 -46.79 19.69
CA GLU D 156 3.38 -45.69 20.66
C GLU D 156 3.70 -44.43 19.85
N LEU D 157 2.76 -43.47 19.88
CA LEU D 157 2.75 -42.30 18.97
C LEU D 157 3.78 -41.30 19.49
N GLY D 158 4.66 -40.84 18.60
CA GLY D 158 5.43 -39.59 18.79
C GLY D 158 6.75 -39.55 18.05
N TYR D 159 7.12 -40.61 17.31
CA TYR D 159 8.50 -40.87 16.85
C TYR D 159 8.50 -40.87 15.33
N ALA D 160 7.40 -40.37 14.74
CA ALA D 160 7.23 -40.30 13.28
C ALA D 160 8.35 -39.48 12.67
N LEU D 161 8.65 -38.31 13.26
CA LEU D 161 9.62 -37.34 12.65
C LEU D 161 11.07 -37.68 13.04
N SER D 162 11.30 -38.04 14.31
CA SER D 162 12.45 -38.90 14.78
C SER D 162 12.89 -39.84 13.66
N HIS D 163 12.04 -40.81 13.35
CA HIS D 163 12.41 -41.92 12.44
C HIS D 163 12.57 -41.34 11.04
N ALA D 164 11.72 -40.38 10.66
CA ALA D 164 11.64 -39.87 9.28
C ALA D 164 12.95 -39.15 8.98
N TYR D 165 13.42 -38.37 9.94
CA TYR D 165 14.68 -37.57 9.78
C TYR D 165 15.92 -38.48 9.89
N GLY D 166 15.93 -39.49 10.78
CA GLY D 166 17.05 -40.45 10.91
C GLY D 166 17.31 -41.19 9.60
N ALA D 167 16.24 -41.55 8.89
CA ALA D 167 16.28 -42.44 7.72
C ALA D 167 16.96 -41.74 6.56
N ILE D 168 16.83 -40.41 6.49
CA ILE D 168 17.38 -39.60 5.35
C ILE D 168 18.85 -39.22 5.63
N MET D 169 19.27 -39.19 6.89
CA MET D 169 20.72 -39.01 7.22
C MET D 169 21.59 -39.91 6.33
N ASP D 170 22.53 -39.29 5.61
CA ASP D 170 23.51 -39.95 4.73
C ASP D 170 22.79 -40.71 3.62
N ASN D 171 21.55 -40.32 3.35
CA ASN D 171 20.71 -41.02 2.35
C ASN D 171 20.27 -40.00 1.31
N PRO D 172 21.17 -39.49 0.46
CA PRO D 172 20.85 -38.39 -0.44
C PRO D 172 19.75 -38.69 -1.47
N SER D 173 19.45 -39.96 -1.77
CA SER D 173 18.48 -40.30 -2.85
C SER D 173 17.10 -40.59 -2.27
N LEU D 174 16.97 -40.66 -0.95
CA LEU D 174 15.75 -41.18 -0.29
C LEU D 174 14.81 -40.02 -0.07
N PHE D 175 13.53 -40.23 -0.36
CA PHE D 175 12.42 -39.30 -0.03
C PHE D 175 11.51 -39.99 0.99
N VAL D 176 11.19 -39.32 2.10
CA VAL D 176 10.34 -39.89 3.18
C VAL D 176 9.10 -39.00 3.38
N PRO D 177 7.93 -39.34 2.79
CA PRO D 177 6.66 -38.73 3.20
C PRO D 177 6.33 -39.23 4.61
N ALA D 178 6.39 -38.34 5.59
CA ALA D 178 6.20 -38.70 7.01
C ALA D 178 4.77 -38.34 7.35
N ILE D 179 3.87 -39.31 7.30
CA ILE D 179 2.46 -39.01 7.66
C ILE D 179 2.43 -38.86 9.18
N VAL D 180 2.20 -37.64 9.66
CA VAL D 180 2.03 -37.36 11.11
C VAL D 180 0.55 -37.23 11.41
N GLY D 181 0.11 -37.82 12.51
CA GLY D 181 -1.27 -37.71 12.98
C GLY D 181 -1.46 -36.46 13.81
N ASP D 182 -2.66 -35.87 13.77
CA ASP D 182 -2.93 -34.55 14.37
C ASP D 182 -2.98 -34.74 15.88
N GLY D 183 -3.27 -35.96 16.34
CA GLY D 183 -3.23 -36.32 17.78
C GLY D 183 -1.79 -36.66 18.18
N GLU D 184 -1.12 -37.43 17.34
CA GLU D 184 0.33 -37.70 17.47
C GLU D 184 1.04 -36.36 17.71
N ALA D 185 0.56 -35.28 17.06
CA ALA D 185 1.26 -33.98 17.03
C ALA D 185 1.16 -33.27 18.40
N GLU D 186 0.26 -33.71 19.29
CA GLU D 186 0.10 -33.19 20.67
C GLU D 186 1.17 -33.77 21.64
N THR D 187 2.01 -34.72 21.21
CA THR D 187 3.01 -35.39 22.08
C THR D 187 4.34 -34.63 22.05
N GLY D 188 4.96 -34.48 23.22
CA GLY D 188 6.28 -33.89 23.33
C GLY D 188 7.16 -34.42 22.20
N PRO D 189 7.42 -35.73 22.15
CA PRO D 189 8.39 -36.24 21.19
C PRO D 189 8.14 -35.69 19.78
N LEU D 190 6.88 -35.55 19.35
CA LEU D 190 6.54 -35.16 17.96
C LEU D 190 6.83 -33.66 17.79
N ALA D 191 6.37 -32.86 18.74
CA ALA D 191 6.44 -31.39 18.78
C ALA D 191 7.89 -30.92 18.52
N THR D 192 8.89 -31.61 19.05
CA THR D 192 10.33 -31.20 18.95
C THR D 192 10.88 -31.76 17.64
N GLY D 193 10.31 -32.88 17.19
CA GLY D 193 10.74 -33.58 15.97
C GLY D 193 10.61 -32.70 14.74
N TRP D 194 9.64 -31.79 14.79
CA TRP D 194 9.47 -30.67 13.83
C TRP D 194 10.81 -29.94 13.61
N GLN D 195 11.58 -29.67 14.68
CA GLN D 195 12.80 -28.81 14.63
C GLN D 195 14.00 -29.49 13.92
N SER D 196 13.85 -30.67 13.32
CA SER D 196 14.96 -31.51 12.80
C SER D 196 15.52 -30.97 11.50
N ASN D 197 14.76 -30.10 10.78
CA ASN D 197 15.17 -29.43 9.49
C ASN D 197 16.39 -28.51 9.65
N LYS D 198 16.80 -28.15 10.87
CA LYS D 198 18.08 -27.43 11.14
C LYS D 198 19.24 -28.42 11.34
N LEU D 199 18.99 -29.75 11.43
CA LEU D 199 20.01 -30.77 11.82
C LEU D 199 20.33 -31.70 10.65
N VAL D 200 19.84 -31.34 9.47
CA VAL D 200 20.07 -32.13 8.24
C VAL D 200 20.48 -31.17 7.13
N ASN D 201 20.94 -31.72 6.02
CA ASN D 201 21.57 -30.92 4.95
C ASN D 201 21.05 -31.42 3.61
N PRO D 202 20.57 -30.54 2.72
CA PRO D 202 19.95 -30.97 1.48
C PRO D 202 20.91 -31.62 0.48
N ARG D 203 22.23 -31.59 0.72
CA ARG D 203 23.19 -32.21 -0.23
C ARG D 203 23.51 -33.61 0.25
N THR D 204 23.85 -33.74 1.53
CA THR D 204 24.44 -34.97 2.11
C THR D 204 23.32 -35.84 2.71
N ASP D 205 22.14 -35.27 2.96
CA ASP D 205 20.94 -36.02 3.44
C ASP D 205 19.82 -35.96 2.40
N GLY D 206 18.79 -36.79 2.55
CA GLY D 206 17.59 -36.77 1.68
C GLY D 206 16.54 -35.78 2.19
N ILE D 207 15.31 -35.88 1.69
CA ILE D 207 14.22 -34.94 2.06
C ILE D 207 13.13 -35.68 2.83
N VAL D 208 12.75 -35.16 3.99
CA VAL D 208 11.46 -35.45 4.67
C VAL D 208 10.39 -34.44 4.21
N LEU D 209 9.24 -34.95 3.74
CA LEU D 209 7.99 -34.17 3.51
C LEU D 209 6.98 -34.51 4.60
N PRO D 210 6.85 -33.70 5.67
CA PRO D 210 5.84 -33.95 6.68
C PRO D 210 4.45 -33.75 6.04
N ILE D 211 3.56 -34.69 6.31
CA ILE D 211 2.12 -34.65 5.93
C ILE D 211 1.34 -34.67 7.23
N LEU D 212 0.74 -33.55 7.62
CA LEU D 212 -0.05 -33.50 8.86
C LEU D 212 -1.45 -34.04 8.52
N HIS D 213 -1.77 -35.22 9.04
CA HIS D 213 -3.07 -35.88 8.80
C HIS D 213 -4.08 -35.21 9.71
N LEU D 214 -4.43 -33.97 9.37
CA LEU D 214 -5.32 -33.10 10.17
C LEU D 214 -6.78 -33.48 9.90
N ASN D 215 -7.23 -34.59 10.50
CA ASN D 215 -8.59 -35.13 10.31
C ASN D 215 -9.46 -34.66 11.46
N GLY D 216 -8.95 -33.76 12.30
CA GLY D 216 -9.78 -32.96 13.23
C GLY D 216 -9.94 -33.62 14.58
N TYR D 217 -9.57 -34.90 14.70
CA TYR D 217 -9.94 -35.73 15.88
C TYR D 217 -8.82 -36.71 16.21
N LYS D 218 -8.82 -37.04 17.50
CA LYS D 218 -8.08 -38.14 18.17
C LYS D 218 -9.10 -39.27 18.40
N ILE D 219 -9.11 -39.86 19.60
CA ILE D 219 -10.01 -41.00 19.92
C ILE D 219 -11.39 -40.43 20.24
N ALA D 220 -11.46 -39.46 21.17
CA ALA D 220 -12.69 -38.99 21.84
C ALA D 220 -12.69 -37.47 21.96
N ASN D 221 -11.95 -36.79 21.09
CA ASN D 221 -11.66 -35.33 21.26
C ASN D 221 -11.30 -34.70 19.92
N PRO D 222 -11.50 -33.36 19.81
CA PRO D 222 -10.92 -32.57 18.73
C PRO D 222 -9.39 -32.56 18.85
N THR D 223 -8.66 -32.14 17.82
CA THR D 223 -7.20 -31.90 17.88
C THR D 223 -6.94 -30.41 17.97
N ILE D 224 -5.98 -30.00 18.80
CA ILE D 224 -5.62 -28.58 19.02
C ILE D 224 -5.35 -27.93 17.65
N LEU D 225 -4.48 -28.54 16.85
CA LEU D 225 -4.07 -28.01 15.53
C LEU D 225 -5.26 -27.88 14.56
N SER D 226 -6.35 -28.63 14.73
CA SER D 226 -7.51 -28.58 13.81
C SER D 226 -8.46 -27.45 14.24
N ARG D 227 -8.36 -27.00 15.48
CA ARG D 227 -9.35 -26.08 16.09
C ARG D 227 -8.72 -24.73 16.45
N ILE D 228 -7.50 -24.46 15.98
CA ILE D 228 -6.90 -23.10 16.06
C ILE D 228 -7.07 -22.46 14.67
N SER D 229 -7.03 -21.12 14.64
CA SER D 229 -7.15 -20.32 13.42
C SER D 229 -6.20 -20.95 12.42
N ASP D 230 -6.58 -20.94 11.14
CA ASP D 230 -5.72 -21.50 10.08
C ASP D 230 -4.46 -20.62 9.97
N GLU D 231 -4.57 -19.32 10.27
CA GLU D 231 -3.44 -18.34 10.21
C GLU D 231 -2.38 -18.77 11.26
N GLU D 232 -2.82 -19.02 12.50
CA GLU D 232 -1.97 -19.64 13.57
C GLU D 232 -1.26 -20.89 13.03
N LEU D 233 -2.01 -21.82 12.43
CA LEU D 233 -1.43 -23.10 11.97
C LEU D 233 -0.33 -22.79 10.95
N HIS D 234 -0.54 -21.83 10.04
CA HIS D 234 0.46 -21.56 8.95
C HIS D 234 1.68 -20.86 9.54
N GLU D 235 1.49 -19.93 10.46
CA GLU D 235 2.62 -19.21 11.09
C GLU D 235 3.52 -20.25 11.75
N PHE D 236 2.90 -21.09 12.59
CA PHE D 236 3.52 -22.17 13.42
C PHE D 236 4.52 -22.96 12.59
N PHE D 237 4.16 -23.34 11.38
CA PHE D 237 4.99 -24.26 10.56
C PHE D 237 6.10 -23.47 9.89
N HIS D 238 5.79 -22.23 9.46
CA HIS D 238 6.75 -21.26 8.84
C HIS D 238 7.79 -20.88 9.91
N GLY D 239 7.34 -20.66 11.14
CA GLY D 239 8.20 -20.44 12.33
C GLY D 239 9.25 -21.51 12.53
N MET D 240 8.91 -22.77 12.21
CA MET D 240 9.79 -23.95 12.42
C MET D 240 10.50 -24.30 11.11
N GLY D 241 10.37 -23.46 10.10
CA GLY D 241 11.21 -23.51 8.88
C GLY D 241 10.64 -24.38 7.79
N TYR D 242 9.33 -24.53 7.76
CA TYR D 242 8.59 -25.20 6.65
C TYR D 242 7.79 -24.15 5.85
N GLU D 243 7.62 -24.41 4.55
CA GLU D 243 6.60 -23.76 3.67
C GLU D 243 5.32 -24.61 3.77
N PRO D 244 4.35 -24.19 4.61
CA PRO D 244 3.10 -24.90 4.72
C PRO D 244 2.21 -24.77 3.48
N TYR D 245 1.75 -25.92 2.96
CA TYR D 245 0.68 -26.02 1.94
C TYR D 245 -0.49 -26.76 2.54
N GLU D 246 -1.71 -26.27 2.34
CA GLU D 246 -2.92 -26.86 2.95
C GLU D 246 -3.90 -27.40 1.89
N PHE D 247 -4.30 -28.68 2.00
CA PHE D 247 -5.32 -29.32 1.13
C PHE D 247 -6.56 -29.62 1.97
N VAL D 248 -7.73 -29.15 1.54
CA VAL D 248 -9.05 -29.50 2.15
C VAL D 248 -9.87 -30.25 1.10
N ALA D 249 -10.42 -31.40 1.49
CA ALA D 249 -11.35 -32.22 0.66
C ALA D 249 -12.29 -33.02 1.58
N GLY D 250 -13.47 -33.42 1.06
CA GLY D 250 -14.40 -34.36 1.72
C GLY D 250 -15.50 -33.71 2.57
N PHE D 251 -15.44 -32.41 2.84
CA PHE D 251 -16.45 -31.72 3.70
C PHE D 251 -17.69 -31.27 2.87
N ASP D 252 -17.70 -31.55 1.58
CA ASP D 252 -18.79 -31.16 0.66
C ASP D 252 -19.02 -32.30 -0.34
N ASP D 253 -19.71 -32.00 -1.44
CA ASP D 253 -20.15 -32.98 -2.47
C ASP D 253 -19.22 -32.94 -3.68
N GLU D 254 -18.05 -32.33 -3.56
CA GLU D 254 -17.07 -32.34 -4.67
C GLU D 254 -16.89 -33.80 -5.14
N ASP D 255 -17.05 -34.09 -6.43
CA ASP D 255 -16.85 -35.47 -6.92
C ASP D 255 -15.36 -35.83 -6.72
N HIS D 256 -15.08 -37.13 -6.63
CA HIS D 256 -13.81 -37.71 -6.19
C HIS D 256 -12.75 -37.43 -7.26
N MET D 257 -13.12 -37.51 -8.53
CA MET D 257 -12.15 -37.29 -9.64
C MET D 257 -11.58 -35.87 -9.56
N SER D 258 -12.41 -34.89 -9.24
CA SER D 258 -12.04 -33.46 -9.08
C SER D 258 -11.02 -33.34 -7.92
N ILE D 259 -11.29 -34.07 -6.83
CA ILE D 259 -10.42 -34.13 -5.62
C ILE D 259 -9.04 -34.67 -6.01
N HIS D 260 -8.98 -35.71 -6.83
CA HIS D 260 -7.70 -36.36 -7.24
C HIS D 260 -6.95 -35.43 -8.18
N ARG D 261 -7.64 -34.69 -9.06
CA ARG D 261 -7.02 -33.66 -9.93
C ARG D 261 -6.36 -32.58 -9.04
N ARG D 262 -7.13 -31.92 -8.16
CA ARG D 262 -6.61 -30.85 -7.26
C ARG D 262 -5.41 -31.39 -6.45
N PHE D 263 -5.52 -32.58 -5.84
CA PHE D 263 -4.47 -33.14 -4.95
C PHE D 263 -3.21 -33.49 -5.76
N ALA D 264 -3.37 -34.15 -6.89
CA ALA D 264 -2.25 -34.45 -7.82
C ALA D 264 -1.48 -33.16 -8.12
N GLU D 265 -2.17 -32.12 -8.59
CA GLU D 265 -1.62 -30.81 -9.04
C GLU D 265 -0.78 -30.18 -7.91
N LEU D 266 -1.30 -30.18 -6.67
CA LEU D 266 -0.62 -29.64 -5.47
C LEU D 266 0.61 -30.50 -5.17
N TRP D 267 0.43 -31.82 -5.17
CA TRP D 267 1.49 -32.80 -4.87
C TRP D 267 2.70 -32.48 -5.75
N GLU D 268 2.46 -32.34 -7.05
CA GLU D 268 3.52 -32.07 -8.05
C GLU D 268 4.13 -30.67 -7.82
N THR D 269 3.35 -29.71 -7.35
CA THR D 269 3.77 -28.31 -7.03
C THR D 269 4.79 -28.41 -5.89
N ILE D 270 4.43 -29.07 -4.79
CA ILE D 270 5.36 -29.35 -3.66
C ILE D 270 6.63 -30.06 -4.19
N TRP D 271 6.46 -31.02 -5.09
CA TRP D 271 7.57 -31.86 -5.60
C TRP D 271 8.54 -31.02 -6.45
N ASP D 272 8.03 -30.16 -7.34
CA ASP D 272 8.84 -29.16 -8.07
C ASP D 272 9.67 -28.32 -7.10
N GLU D 273 9.07 -27.91 -5.96
CA GLU D 273 9.68 -27.15 -4.85
C GLU D 273 10.84 -27.97 -4.29
N ILE D 274 10.58 -29.21 -3.88
CA ILE D 274 11.61 -30.14 -3.27
C ILE D 274 12.76 -30.36 -4.27
N CYS D 275 12.45 -30.55 -5.54
CA CYS D 275 13.43 -30.81 -6.62
C CYS D 275 14.32 -29.58 -6.80
N ASP D 276 13.76 -28.40 -6.57
CA ASP D 276 14.51 -27.12 -6.66
C ASP D 276 15.55 -27.10 -5.55
N ILE D 277 15.11 -27.32 -4.31
CA ILE D 277 15.94 -27.41 -3.09
C ILE D 277 17.12 -28.34 -3.38
N LYS D 278 16.83 -29.56 -3.84
CA LYS D 278 17.85 -30.59 -4.14
C LYS D 278 18.80 -30.07 -5.22
N ALA D 279 18.29 -29.47 -6.31
CA ALA D 279 19.13 -28.87 -7.38
C ALA D 279 20.01 -27.71 -6.83
N THR D 280 19.47 -26.92 -5.89
CA THR D 280 20.17 -25.77 -5.27
C THR D 280 21.30 -26.31 -4.40
N ALA D 281 21.04 -27.38 -3.61
CA ALA D 281 21.98 -28.01 -2.66
C ALA D 281 23.30 -28.44 -3.34
N GLN D 282 23.25 -28.78 -4.63
CA GLN D 282 24.44 -29.20 -5.42
C GLN D 282 25.43 -28.02 -5.46
N THR D 283 24.93 -26.79 -5.49
CA THR D 283 25.73 -25.54 -5.67
C THR D 283 25.94 -24.88 -4.30
N ASP D 284 24.85 -24.64 -3.57
CA ASP D 284 24.83 -23.94 -2.25
C ASP D 284 24.06 -24.81 -1.27
N ASN D 285 24.73 -25.39 -0.27
CA ASN D 285 24.11 -26.17 0.82
C ASN D 285 24.47 -25.60 2.17
N VAL D 286 24.81 -24.31 2.29
CA VAL D 286 25.11 -23.70 3.62
C VAL D 286 23.91 -22.86 4.06
N HIS D 287 23.00 -22.55 3.12
CA HIS D 287 21.77 -21.75 3.35
C HIS D 287 20.57 -22.70 3.49
N ARG D 288 20.09 -22.85 4.73
CA ARG D 288 18.96 -23.73 5.07
C ARG D 288 17.74 -23.26 4.27
N PRO D 289 17.21 -24.06 3.32
CA PRO D 289 15.98 -23.73 2.61
C PRO D 289 14.78 -23.95 3.51
N PHE D 290 13.62 -23.42 3.10
CA PHE D 290 12.31 -23.63 3.78
C PHE D 290 11.68 -24.88 3.17
N TYR D 291 11.58 -25.97 3.94
CA TYR D 291 11.13 -27.30 3.42
C TYR D 291 9.62 -27.26 3.30
N PRO D 292 9.04 -27.64 2.14
CA PRO D 292 7.61 -27.89 2.07
C PRO D 292 7.12 -28.89 3.13
N MET D 293 5.97 -28.59 3.72
CA MET D 293 5.14 -29.53 4.51
C MET D 293 3.66 -29.43 4.03
N LEU D 294 2.93 -30.54 4.18
CA LEU D 294 1.51 -30.64 3.74
C LEU D 294 0.58 -30.71 4.95
N ILE D 295 -0.40 -29.81 5.00
CA ILE D 295 -1.57 -29.87 5.92
C ILE D 295 -2.71 -30.53 5.15
N PHE D 296 -3.00 -31.80 5.47
CA PHE D 296 -4.01 -32.68 4.82
C PHE D 296 -5.25 -32.69 5.71
N ARG D 297 -6.24 -31.85 5.37
CA ARG D 297 -7.46 -31.57 6.17
C ARG D 297 -8.62 -32.34 5.51
N THR D 298 -9.03 -33.44 6.13
CA THR D 298 -10.01 -34.42 5.57
C THR D 298 -10.95 -34.82 6.70
N PRO D 299 -12.18 -35.30 6.41
CA PRO D 299 -13.07 -35.77 7.47
C PRO D 299 -12.52 -37.09 8.01
N LYS D 300 -12.52 -37.27 9.33
CA LYS D 300 -12.14 -38.58 9.91
C LYS D 300 -13.22 -39.59 9.52
N GLY D 301 -12.81 -40.76 9.02
CA GLY D 301 -13.69 -41.88 8.62
C GLY D 301 -14.15 -41.73 7.18
N TRP D 302 -13.59 -40.75 6.50
CA TRP D 302 -13.94 -40.31 5.13
C TRP D 302 -14.41 -41.51 4.27
N THR D 303 -15.66 -41.40 3.78
CA THR D 303 -16.38 -42.24 2.77
C THR D 303 -17.24 -43.30 3.49
N CYS D 304 -17.19 -43.36 4.81
CA CYS D 304 -18.11 -44.19 5.62
C CYS D 304 -19.47 -43.48 5.68
N PRO D 305 -20.52 -44.18 6.15
CA PRO D 305 -21.83 -43.57 6.34
C PRO D 305 -21.65 -42.33 7.22
N LYS D 306 -22.36 -41.26 6.84
CA LYS D 306 -22.30 -39.93 7.49
C LYS D 306 -22.88 -40.06 8.89
N TYR D 307 -24.12 -40.55 9.01
CA TYR D 307 -24.84 -40.76 10.29
C TYR D 307 -25.15 -42.25 10.39
N ILE D 308 -25.22 -42.74 11.61
CA ILE D 308 -25.46 -44.15 12.00
C ILE D 308 -26.14 -44.08 13.37
N ASP D 309 -27.42 -44.43 13.42
CA ASP D 309 -28.25 -44.43 14.65
C ASP D 309 -28.27 -43.00 15.23
N GLY D 310 -28.35 -42.02 14.34
CA GLY D 310 -28.58 -40.60 14.70
C GLY D 310 -27.30 -39.85 15.09
N LYS D 311 -26.14 -40.46 14.90
CA LYS D 311 -24.86 -39.94 15.45
C LYS D 311 -23.89 -39.74 14.29
N LYS D 312 -23.28 -38.55 14.21
CA LYS D 312 -22.34 -38.19 13.12
C LYS D 312 -21.13 -39.09 13.30
N THR D 313 -20.75 -39.77 12.23
CA THR D 313 -19.70 -40.81 12.20
C THR D 313 -18.57 -40.32 11.29
N GLU D 314 -18.91 -39.95 10.05
CA GLU D 314 -17.97 -39.26 9.12
C GLU D 314 -17.73 -37.82 9.61
N GLY D 315 -16.47 -37.41 9.77
CA GLY D 315 -16.13 -36.06 10.29
C GLY D 315 -16.33 -36.00 11.79
N SER D 316 -16.10 -37.13 12.45
CA SER D 316 -16.23 -37.27 13.93
C SER D 316 -15.26 -38.32 14.44
N TRP D 317 -14.85 -38.12 15.68
CA TRP D 317 -14.11 -39.10 16.51
C TRP D 317 -14.85 -40.45 16.62
N ARG D 318 -16.19 -40.44 16.62
CA ARG D 318 -17.03 -41.67 16.63
C ARG D 318 -16.55 -42.66 15.56
N SER D 319 -15.76 -42.23 14.57
CA SER D 319 -15.24 -43.12 13.50
C SER D 319 -13.82 -43.61 13.84
N HIS D 320 -13.32 -43.34 15.04
CA HIS D 320 -11.90 -43.64 15.36
C HIS D 320 -11.66 -45.14 15.22
N GLN D 321 -12.34 -45.97 16.02
CA GLN D 321 -12.15 -47.45 15.98
C GLN D 321 -13.02 -47.99 14.83
N VAL D 322 -14.33 -48.10 15.06
CA VAL D 322 -15.31 -48.56 14.03
C VAL D 322 -16.50 -47.63 14.11
N PRO D 323 -16.97 -47.06 12.98
CA PRO D 323 -18.14 -46.18 12.99
C PRO D 323 -19.41 -47.03 13.20
N LEU D 324 -19.38 -48.29 12.78
CA LEU D 324 -20.47 -49.28 13.00
C LEU D 324 -20.01 -50.31 14.04
N ALA D 325 -20.59 -50.22 15.24
CA ALA D 325 -20.12 -50.87 16.50
C ALA D 325 -20.33 -52.39 16.45
N SER D 326 -21.24 -52.86 15.59
CA SER D 326 -21.49 -54.30 15.32
C SER D 326 -22.37 -54.43 14.07
N ALA D 327 -22.03 -55.40 13.21
CA ALA D 327 -22.81 -55.78 12.00
C ALA D 327 -23.49 -57.15 12.20
N ARG D 328 -23.54 -57.67 13.44
CA ARG D 328 -24.16 -58.97 13.81
C ARG D 328 -25.44 -58.76 14.65
N ASP D 329 -25.36 -57.92 15.66
CA ASP D 329 -26.41 -57.69 16.69
C ASP D 329 -27.81 -57.60 16.06
N THR D 330 -28.00 -56.79 15.01
CA THR D 330 -29.35 -56.52 14.44
C THR D 330 -29.32 -56.65 12.92
N GLU D 331 -30.51 -56.61 12.32
CA GLU D 331 -30.74 -56.78 10.87
C GLU D 331 -30.22 -55.53 10.16
N ALA D 332 -30.73 -54.36 10.55
CA ALA D 332 -30.50 -53.07 9.86
C ALA D 332 -29.00 -52.76 9.86
N HIS D 333 -28.29 -53.05 10.98
CA HIS D 333 -26.84 -52.78 11.13
C HIS D 333 -26.06 -53.56 10.05
N PHE D 334 -26.45 -54.79 9.71
CA PHE D 334 -25.76 -55.57 8.66
C PHE D 334 -26.01 -54.93 7.29
N GLU D 335 -27.21 -54.35 7.10
CA GLU D 335 -27.60 -53.59 5.89
C GLU D 335 -26.67 -52.36 5.77
N VAL D 336 -26.43 -51.65 6.88
CA VAL D 336 -25.52 -50.46 6.94
C VAL D 336 -24.15 -50.87 6.38
N LEU D 337 -23.60 -51.98 6.89
CA LEU D 337 -22.31 -52.53 6.41
C LEU D 337 -22.37 -52.98 4.94
N LYS D 338 -23.52 -53.45 4.45
CA LYS D 338 -23.66 -53.99 3.06
C LYS D 338 -23.66 -52.83 2.04
N ASN D 339 -24.50 -51.82 2.22
CA ASN D 339 -24.54 -50.59 1.37
C ASN D 339 -23.17 -49.89 1.42
N TRP D 340 -22.54 -49.84 2.61
CA TRP D 340 -21.19 -49.26 2.81
C TRP D 340 -20.21 -50.03 1.92
N LEU D 341 -20.08 -51.35 2.11
CA LEU D 341 -19.12 -52.16 1.31
C LEU D 341 -19.44 -52.01 -0.19
N GLU D 342 -20.72 -51.92 -0.56
CA GLU D 342 -21.15 -51.84 -1.98
C GLU D 342 -20.71 -50.49 -2.56
N SER D 343 -20.66 -49.43 -1.75
CA SER D 343 -20.49 -48.03 -2.24
C SER D 343 -19.14 -47.85 -2.96
N TYR D 344 -18.18 -48.77 -2.77
CA TYR D 344 -16.87 -48.79 -3.50
C TYR D 344 -16.99 -49.50 -4.85
N LYS D 345 -18.15 -50.09 -5.17
CA LYS D 345 -18.45 -50.82 -6.44
C LYS D 345 -17.41 -51.93 -6.68
N PRO D 346 -17.39 -52.97 -5.82
CA PRO D 346 -16.39 -54.03 -5.93
C PRO D 346 -16.48 -54.68 -7.32
N GLU D 347 -17.69 -54.74 -7.86
CA GLU D 347 -18.04 -55.36 -9.18
C GLU D 347 -17.16 -54.80 -10.32
N GLU D 348 -16.44 -53.71 -10.12
CA GLU D 348 -15.56 -53.08 -11.14
C GLU D 348 -14.09 -53.29 -10.79
N LEU D 349 -13.82 -53.80 -9.58
CA LEU D 349 -12.47 -53.86 -8.97
C LEU D 349 -11.87 -55.26 -9.09
N PHE D 350 -12.69 -56.31 -8.98
CA PHE D 350 -12.26 -57.73 -9.04
C PHE D 350 -12.79 -58.38 -10.33
N ASP D 351 -12.02 -59.33 -10.90
CA ASP D 351 -12.45 -60.29 -11.96
C ASP D 351 -13.28 -61.42 -11.31
N ALA D 352 -13.78 -62.36 -12.11
CA ALA D 352 -14.57 -63.54 -11.66
C ALA D 352 -13.89 -64.23 -10.47
N ASN D 353 -12.60 -64.59 -10.59
CA ASN D 353 -11.83 -65.40 -9.60
C ASN D 353 -11.50 -64.63 -8.31
N GLY D 354 -11.74 -63.31 -8.24
CA GLY D 354 -11.53 -62.49 -7.03
C GLY D 354 -10.15 -61.86 -6.93
N ALA D 355 -9.45 -61.73 -8.06
CA ALA D 355 -8.14 -61.04 -8.20
C ALA D 355 -8.41 -59.59 -8.63
N VAL D 356 -7.69 -58.63 -8.06
CA VAL D 356 -7.86 -57.20 -8.43
C VAL D 356 -7.60 -57.06 -9.94
N LYS D 357 -8.42 -56.28 -10.67
CA LYS D 357 -8.27 -56.12 -12.14
C LYS D 357 -6.97 -55.39 -12.45
N ASP D 358 -6.59 -55.32 -13.72
CA ASP D 358 -5.28 -54.81 -14.21
C ASP D 358 -5.33 -53.29 -14.34
N ASP D 359 -6.48 -52.76 -14.80
CA ASP D 359 -6.74 -51.30 -14.94
C ASP D 359 -6.73 -50.65 -13.54
N VAL D 360 -6.85 -51.44 -12.48
CA VAL D 360 -6.80 -50.92 -11.08
C VAL D 360 -5.33 -50.62 -10.71
N LEU D 361 -4.35 -51.36 -11.22
CA LEU D 361 -2.95 -51.34 -10.71
C LEU D 361 -1.93 -50.99 -11.82
N ALA D 362 -2.39 -50.65 -13.02
CA ALA D 362 -1.56 -50.25 -14.17
C ALA D 362 -0.64 -49.09 -13.76
N PHE D 363 -1.13 -48.21 -12.88
CA PHE D 363 -0.44 -46.94 -12.54
C PHE D 363 0.74 -47.24 -11.60
N MET D 364 0.66 -48.35 -10.84
CA MET D 364 1.49 -48.68 -9.63
C MET D 364 2.97 -48.86 -9.98
N PRO D 365 3.90 -48.66 -9.01
CA PRO D 365 5.33 -48.88 -9.25
C PRO D 365 5.68 -50.38 -9.35
N LYS D 366 6.72 -50.71 -10.11
CA LYS D 366 7.27 -52.07 -10.22
C LYS D 366 8.65 -52.13 -9.55
N GLY D 367 9.05 -53.32 -9.08
CA GLY D 367 10.43 -53.65 -8.72
C GLY D 367 10.80 -53.18 -7.33
N GLU D 368 11.99 -52.62 -7.17
CA GLU D 368 12.59 -52.28 -5.84
C GLU D 368 11.98 -50.97 -5.32
N LEU D 369 11.41 -50.17 -6.25
CA LEU D 369 10.70 -48.88 -6.01
C LEU D 369 9.45 -49.06 -5.14
N ARG D 370 8.73 -50.18 -5.31
CA ARG D 370 7.50 -50.52 -4.58
C ARG D 370 7.75 -50.31 -3.09
N ILE D 371 6.74 -49.81 -2.39
CA ILE D 371 6.86 -49.45 -0.95
C ILE D 371 7.27 -50.70 -0.19
N GLY D 372 6.71 -51.88 -0.51
CA GLY D 372 6.89 -53.10 0.29
C GLY D 372 8.25 -53.74 0.04
N ALA D 373 8.79 -53.51 -1.15
CA ALA D 373 10.00 -54.10 -1.76
C ALA D 373 11.26 -53.24 -1.53
N ASN D 374 11.12 -51.98 -1.13
CA ASN D 374 12.29 -51.05 -1.16
C ASN D 374 13.26 -51.45 -0.04
N PRO D 375 14.55 -51.66 -0.37
CA PRO D 375 15.56 -52.10 0.60
C PRO D 375 15.61 -51.27 1.89
N ASN D 376 15.27 -49.98 1.79
CA ASN D 376 15.28 -49.04 2.94
C ASN D 376 14.25 -49.53 3.97
N ALA D 377 13.21 -50.22 3.52
CA ALA D 377 12.13 -50.68 4.42
C ALA D 377 12.62 -51.93 5.18
N ASN D 378 13.70 -52.55 4.69
CA ASN D 378 14.26 -53.84 5.15
C ASN D 378 15.78 -53.68 5.31
N GLY D 379 16.20 -52.67 6.06
CA GLY D 379 17.60 -52.19 6.14
C GLY D 379 18.64 -53.30 6.04
N GLY D 380 18.39 -54.45 6.70
CA GLY D 380 19.31 -55.59 6.76
C GLY D 380 20.02 -55.85 5.44
N VAL D 381 19.32 -55.82 4.32
CA VAL D 381 19.86 -56.25 2.98
C VAL D 381 20.89 -55.23 2.44
N ILE D 382 20.98 -54.03 3.01
CA ILE D 382 21.99 -52.99 2.63
C ILE D 382 23.17 -53.11 3.58
N ARG D 383 22.87 -53.32 4.87
CA ARG D 383 23.84 -53.36 6.00
C ARG D 383 25.10 -54.13 5.56
N ASN D 384 26.28 -53.52 5.75
CA ASN D 384 27.62 -54.13 5.58
C ASN D 384 28.21 -54.24 6.98
N ASP D 385 29.13 -55.16 7.18
CA ASP D 385 29.90 -55.21 8.46
C ASP D 385 30.81 -53.98 8.45
N LEU D 386 30.93 -53.30 9.59
CA LEU D 386 31.90 -52.19 9.78
C LEU D 386 33.33 -52.70 9.49
N LYS D 387 34.13 -51.91 8.77
CA LYS D 387 35.62 -51.96 8.82
C LYS D 387 36.05 -51.49 10.22
N LEU D 388 36.32 -52.44 11.12
CA LEU D 388 36.77 -52.14 12.50
C LEU D 388 38.30 -52.15 12.54
N PRO D 389 38.94 -51.21 13.28
CA PRO D 389 40.40 -51.15 13.35
C PRO D 389 40.97 -52.05 14.45
N ASN D 390 42.13 -52.67 14.21
CA ASN D 390 42.84 -53.60 15.14
C ASN D 390 42.74 -53.04 16.56
N LEU D 391 42.00 -53.71 17.45
CA LEU D 391 41.65 -53.21 18.82
C LEU D 391 42.90 -53.03 19.69
N GLU D 392 44.01 -53.74 19.40
CA GLU D 392 45.27 -53.74 20.18
C GLU D 392 45.98 -52.38 20.10
N ASP D 393 45.66 -51.57 19.08
CA ASP D 393 46.23 -50.20 18.89
C ASP D 393 45.64 -49.25 19.94
N TYR D 394 44.54 -49.62 20.61
CA TYR D 394 43.81 -48.79 21.63
C TYR D 394 43.94 -49.39 23.03
N GLU D 395 44.53 -50.60 23.15
CA GLU D 395 44.78 -51.29 24.44
C GLU D 395 45.63 -50.39 25.36
N VAL D 396 45.20 -50.19 26.60
CA VAL D 396 46.08 -49.68 27.69
C VAL D 396 47.19 -50.73 27.88
N LYS D 397 48.42 -50.37 27.53
CA LYS D 397 49.61 -51.27 27.62
C LYS D 397 50.10 -51.37 29.08
N GLU D 398 49.70 -50.43 29.94
CA GLU D 398 50.35 -50.18 31.26
C GLU D 398 49.70 -51.03 32.38
N VAL D 399 49.18 -52.21 32.05
CA VAL D 399 48.82 -53.25 33.07
C VAL D 399 49.85 -54.40 32.98
N ALA D 400 50.30 -54.74 31.76
CA ALA D 400 51.42 -55.66 31.46
C ALA D 400 52.71 -55.15 32.14
N GLU D 401 53.04 -53.88 31.89
CA GLU D 401 54.21 -53.17 32.46
C GLU D 401 54.11 -53.13 34.00
N TYR D 402 53.21 -52.32 34.56
CA TYR D 402 53.22 -51.89 35.99
C TYR D 402 52.21 -52.65 36.86
N GLY D 403 51.34 -53.48 36.26
CA GLY D 403 50.46 -54.40 37.01
C GLY D 403 49.01 -53.97 37.01
N HIS D 404 48.22 -54.51 37.94
CA HIS D 404 46.73 -54.46 38.02
C HIS D 404 46.28 -53.36 38.99
N GLY D 405 45.52 -52.37 38.50
CA GLY D 405 44.96 -51.27 39.31
C GLY D 405 45.73 -49.97 39.09
N TRP D 406 46.55 -49.95 38.05
CA TRP D 406 47.45 -48.82 37.72
C TRP D 406 46.67 -47.69 37.04
N GLY D 407 47.11 -46.45 37.26
CA GLY D 407 46.73 -45.30 36.42
C GLY D 407 45.50 -44.58 36.94
N GLN D 408 45.23 -43.39 36.37
CA GLN D 408 44.01 -42.58 36.57
C GLN D 408 43.47 -42.13 35.20
N LEU D 409 43.27 -43.09 34.28
CA LEU D 409 42.66 -42.89 32.93
C LEU D 409 41.13 -42.70 33.05
N GLU D 410 40.59 -41.81 32.23
CA GLU D 410 39.13 -41.61 32.01
C GLU D 410 38.72 -42.67 30.99
N ALA D 411 37.95 -43.66 31.43
CA ALA D 411 37.70 -44.89 30.66
C ALA D 411 37.15 -44.55 29.26
N THR D 412 36.17 -43.62 29.20
CA THR D 412 35.37 -43.30 27.97
C THR D 412 36.29 -42.82 26.84
N ARG D 413 37.35 -42.08 27.16
CA ARG D 413 38.24 -41.45 26.14
C ARG D 413 38.80 -42.53 25.22
N THR D 414 38.86 -43.77 25.74
CA THR D 414 39.47 -44.92 25.00
C THR D 414 38.46 -45.31 23.92
N LEU D 415 37.19 -45.41 24.30
CA LEU D 415 36.06 -45.64 23.36
C LEU D 415 36.06 -44.51 22.32
N GLY D 416 36.29 -43.26 22.76
CA GLY D 416 36.38 -42.03 21.93
C GLY D 416 37.22 -42.21 20.67
N ALA D 417 38.49 -42.57 20.86
CA ALA D 417 39.50 -42.67 19.79
C ALA D 417 39.25 -43.92 18.95
N TYR D 418 38.78 -44.99 19.59
CA TYR D 418 38.36 -46.25 18.90
C TYR D 418 37.29 -45.87 17.87
N THR D 419 36.20 -45.28 18.37
CA THR D 419 35.02 -44.85 17.59
C THR D 419 35.47 -43.87 16.49
N ARG D 420 36.29 -42.87 16.86
CA ARG D 420 36.90 -41.88 15.93
C ARG D 420 37.43 -42.57 14.68
N ASP D 421 38.08 -43.73 14.84
CA ASP D 421 38.75 -44.41 13.69
C ASP D 421 37.74 -45.27 12.91
N ILE D 422 36.65 -45.68 13.56
CA ILE D 422 35.52 -46.37 12.87
C ILE D 422 34.93 -45.38 11.85
N ILE D 423 34.58 -44.18 12.30
CA ILE D 423 34.11 -43.07 11.42
C ILE D 423 35.12 -42.90 10.27
N LYS D 424 36.41 -42.79 10.58
CA LYS D 424 37.42 -42.45 9.53
C LYS D 424 37.39 -43.58 8.50
N ASN D 425 37.22 -44.83 8.95
CA ASN D 425 37.29 -46.04 8.10
C ASN D 425 36.01 -46.15 7.28
N ASN D 426 34.85 -45.96 7.93
CA ASN D 426 33.49 -45.99 7.32
C ASN D 426 32.92 -44.56 7.28
N PRO D 427 33.32 -43.73 6.30
CA PRO D 427 32.63 -42.45 6.11
C PRO D 427 31.19 -42.80 5.70
N ARG D 428 30.20 -41.97 6.07
CA ARG D 428 28.85 -42.00 5.47
C ARG D 428 28.08 -43.24 5.93
N ASP D 429 28.43 -43.80 7.11
CA ASP D 429 28.01 -45.18 7.50
C ASP D 429 27.87 -45.35 9.02
N PHE D 430 28.48 -44.49 9.80
CA PHE D 430 28.50 -44.55 11.27
C PHE D 430 28.20 -43.13 11.74
N ARG D 431 27.35 -42.99 12.74
CA ARG D 431 27.03 -41.66 13.32
C ARG D 431 27.04 -41.76 14.83
N ILE D 432 27.57 -40.74 15.48
CA ILE D 432 27.41 -40.53 16.94
C ILE D 432 26.21 -39.59 17.08
N PHE D 433 25.44 -39.79 18.15
CA PHE D 433 24.33 -38.90 18.58
C PHE D 433 24.55 -38.64 20.06
N GLY D 434 24.06 -37.51 20.56
CA GLY D 434 24.16 -37.17 21.98
C GLY D 434 23.30 -35.95 22.28
N PRO D 435 22.57 -35.96 23.40
CA PRO D 435 21.80 -34.80 23.84
C PRO D 435 22.66 -33.73 24.53
N ASP D 436 23.62 -33.17 23.80
CA ASP D 436 24.48 -32.05 24.29
C ASP D 436 25.57 -32.54 25.25
N GLU D 437 26.01 -33.81 25.09
CA GLU D 437 26.78 -34.59 26.12
C GLU D 437 27.96 -35.36 25.49
N THR D 438 28.10 -35.42 24.16
CA THR D 438 29.28 -36.04 23.52
C THR D 438 30.60 -35.63 24.20
N ALA D 439 30.90 -34.33 24.33
CA ALA D 439 32.16 -33.84 24.98
C ALA D 439 32.18 -34.21 26.47
N SER D 440 31.06 -34.05 27.17
CA SER D 440 30.93 -34.31 28.64
C SER D 440 31.13 -35.81 28.98
N ASN D 441 30.87 -36.70 28.01
CA ASN D 441 30.97 -38.18 28.13
C ASN D 441 32.28 -38.54 27.40
N ARG D 442 33.22 -37.60 27.47
CA ARG D 442 34.58 -37.64 26.87
C ARG D 442 34.62 -38.45 25.56
N LEU D 443 33.76 -38.13 24.58
CA LEU D 443 33.71 -38.82 23.25
C LEU D 443 34.24 -37.91 22.14
N GLN D 444 34.88 -36.80 22.50
CA GLN D 444 35.17 -35.65 21.59
C GLN D 444 36.28 -36.03 20.59
N ALA D 445 37.03 -37.08 20.85
CA ALA D 445 38.09 -37.57 19.94
C ALA D 445 37.56 -37.58 18.49
N SER D 446 36.25 -37.79 18.28
CA SER D 446 35.60 -37.88 16.93
C SER D 446 35.74 -36.57 16.16
N TYR D 447 35.80 -35.42 16.86
CA TYR D 447 35.94 -34.05 16.31
C TYR D 447 37.23 -33.94 15.49
N GLU D 448 38.13 -34.94 15.57
CA GLU D 448 39.43 -34.93 14.86
C GLU D 448 39.25 -35.35 13.40
N VAL D 449 38.11 -35.93 13.04
CA VAL D 449 37.85 -36.47 11.66
C VAL D 449 36.49 -35.98 11.12
N THR D 450 35.59 -35.51 11.99
CA THR D 450 34.23 -35.06 11.59
C THR D 450 33.87 -33.86 12.47
N ASN D 451 32.78 -33.16 12.15
CA ASN D 451 32.21 -32.08 13.00
C ASN D 451 30.79 -32.48 13.38
N LYS D 452 30.15 -31.70 14.24
CA LYS D 452 28.70 -31.78 14.47
C LYS D 452 27.98 -31.21 13.23
N GLN D 453 27.05 -31.97 12.65
CA GLN D 453 25.97 -31.51 11.72
C GLN D 453 25.23 -30.36 12.38
N TRP D 454 25.28 -29.15 11.77
CA TRP D 454 24.54 -27.93 12.19
C TRP D 454 24.17 -27.11 10.95
N ASP D 455 22.87 -26.95 10.69
CA ASP D 455 22.29 -26.22 9.54
C ASP D 455 21.33 -25.13 10.04
N ALA D 456 21.53 -24.61 11.26
CA ALA D 456 21.05 -23.26 11.65
C ALA D 456 22.17 -22.23 11.36
N GLY D 457 22.13 -21.07 12.02
CA GLY D 457 23.09 -19.98 11.75
C GLY D 457 24.41 -20.18 12.48
N TYR D 458 25.52 -19.88 11.79
CA TYR D 458 26.90 -19.62 12.32
C TYR D 458 27.02 -18.13 12.67
N ILE D 459 27.86 -17.76 13.64
CA ILE D 459 28.11 -16.32 14.00
C ILE D 459 29.61 -16.00 14.19
N SER D 460 30.39 -16.86 14.85
CA SER D 460 31.80 -16.56 15.20
C SER D 460 32.61 -17.84 15.48
N ASP D 461 33.80 -17.88 14.89
CA ASP D 461 34.84 -18.91 15.17
C ASP D 461 35.24 -18.96 16.67
N GLU D 462 34.85 -18.00 17.50
CA GLU D 462 35.20 -18.03 18.94
C GLU D 462 34.19 -18.90 19.69
N VAL D 463 33.09 -19.32 19.02
CA VAL D 463 32.04 -20.17 19.65
C VAL D 463 31.70 -21.40 18.81
N ASP D 464 31.81 -21.36 17.48
CA ASP D 464 31.33 -22.43 16.57
C ASP D 464 32.43 -23.45 16.29
N GLU D 465 33.03 -24.05 17.32
CA GLU D 465 34.12 -25.04 17.16
C GLU D 465 33.52 -26.40 16.75
N HIS D 466 34.15 -27.08 15.78
CA HIS D 466 33.81 -28.45 15.33
C HIS D 466 32.32 -28.49 14.97
N MET D 467 31.91 -27.59 14.06
CA MET D 467 30.55 -27.56 13.47
C MET D 467 30.69 -27.36 11.97
N HIS D 468 29.86 -28.02 11.21
CA HIS D 468 29.81 -27.89 9.73
C HIS D 468 28.37 -28.22 9.36
N VAL D 469 27.97 -27.84 8.15
CA VAL D 469 26.59 -28.10 7.68
C VAL D 469 26.42 -29.61 7.50
N SER D 470 27.51 -30.34 7.20
CA SER D 470 27.58 -31.83 7.07
C SER D 470 28.63 -32.43 8.01
N GLY D 471 28.22 -33.36 8.86
CA GLY D 471 29.13 -34.15 9.73
C GLY D 471 28.44 -35.38 10.29
N GLN D 472 29.16 -36.21 11.05
CA GLN D 472 28.71 -37.56 11.46
C GLN D 472 28.26 -37.53 12.92
N VAL D 473 28.52 -36.44 13.63
CA VAL D 473 27.99 -36.22 15.02
C VAL D 473 26.78 -35.29 14.95
N VAL D 474 25.78 -35.54 15.77
CA VAL D 474 24.54 -34.72 15.79
C VAL D 474 24.13 -34.60 17.25
N GLU D 475 23.92 -33.38 17.70
CA GLU D 475 23.39 -33.08 19.06
C GLU D 475 22.22 -32.10 18.94
N GLN D 476 21.22 -32.32 19.78
CA GLN D 476 20.08 -31.43 20.13
C GLN D 476 19.80 -31.83 21.54
N LEU D 477 19.12 -31.05 22.36
CA LEU D 477 18.89 -31.43 23.77
C LEU D 477 17.56 -32.15 23.79
N SER D 478 17.48 -33.31 23.11
CA SER D 478 16.33 -34.26 23.17
C SER D 478 16.86 -35.71 23.15
N GLU D 479 16.63 -36.44 24.24
CA GLU D 479 16.95 -37.89 24.30
C GLU D 479 16.09 -38.60 23.26
N HIS D 480 14.82 -38.16 23.10
CA HIS D 480 13.82 -38.70 22.12
C HIS D 480 14.34 -38.59 20.69
N GLN D 481 14.91 -37.44 20.36
CA GLN D 481 15.48 -37.17 19.01
C GLN D 481 16.70 -38.08 18.78
N MET D 482 17.56 -38.23 19.79
CA MET D 482 18.84 -38.98 19.64
C MET D 482 18.53 -40.47 19.46
N GLU D 483 17.75 -41.05 20.38
CA GLU D 483 17.25 -42.44 20.25
C GLU D 483 16.62 -42.61 18.86
N GLY D 484 15.66 -41.73 18.55
CA GLY D 484 14.83 -41.76 17.32
C GLY D 484 15.65 -41.73 16.04
N PHE D 485 16.63 -40.84 15.96
CA PHE D 485 17.47 -40.66 14.76
C PHE D 485 18.21 -41.98 14.53
N LEU D 486 18.81 -42.48 15.61
CA LEU D 486 19.67 -43.70 15.54
C LEU D 486 18.80 -44.90 15.13
N GLU D 487 17.71 -45.15 15.86
CA GLU D 487 16.76 -46.26 15.51
C GLU D 487 16.61 -46.30 13.97
N ALA D 488 16.20 -45.19 13.36
CA ALA D 488 15.86 -45.10 11.91
C ALA D 488 17.09 -45.34 11.06
N TYR D 489 18.24 -44.82 11.52
CA TYR D 489 19.58 -44.90 10.88
C TYR D 489 20.02 -46.37 10.88
N LEU D 490 19.82 -47.10 11.98
CA LEU D 490 20.05 -48.58 12.05
C LEU D 490 19.11 -49.27 11.08
N LEU D 491 17.80 -49.04 11.27
CA LEU D 491 16.71 -49.64 10.47
C LEU D 491 16.93 -49.44 8.98
N THR D 492 17.75 -48.48 8.56
CA THR D 492 17.97 -48.18 7.10
C THR D 492 19.30 -48.76 6.61
N GLY D 493 20.01 -49.48 7.49
CA GLY D 493 21.14 -50.37 7.13
C GLY D 493 22.50 -49.75 7.40
N ARG D 494 22.62 -49.00 8.50
CA ARG D 494 23.82 -48.21 8.88
C ARG D 494 24.03 -48.41 10.38
N HIS D 495 25.13 -47.91 10.93
CA HIS D 495 25.54 -48.15 12.34
C HIS D 495 25.78 -46.82 13.03
N GLY D 496 25.63 -46.83 14.35
CA GLY D 496 26.23 -45.79 15.18
C GLY D 496 26.10 -46.14 16.63
N ILE D 497 26.07 -45.09 17.45
CA ILE D 497 26.05 -45.14 18.93
C ILE D 497 25.51 -43.79 19.40
N TRP D 498 24.98 -43.73 20.62
CA TRP D 498 24.72 -42.45 21.31
C TRP D 498 25.05 -42.62 22.79
N SER D 499 25.69 -41.60 23.34
CA SER D 499 26.03 -41.42 24.76
C SER D 499 24.81 -40.82 25.44
N SER D 500 24.74 -40.87 26.76
CA SER D 500 23.79 -40.12 27.61
C SER D 500 24.19 -40.31 29.07
N TYR D 501 24.25 -39.22 29.83
CA TYR D 501 24.13 -39.23 31.30
C TYR D 501 23.15 -40.36 31.67
N GLU D 502 23.43 -41.10 32.76
CA GLU D 502 22.72 -42.34 33.16
C GLU D 502 21.27 -42.05 33.55
N SER D 503 21.01 -41.11 34.48
CA SER D 503 19.65 -40.86 35.06
C SER D 503 18.63 -40.51 33.97
N PHE D 504 19.08 -39.87 32.89
CA PHE D 504 18.22 -39.32 31.80
C PHE D 504 18.03 -40.35 30.69
N VAL D 505 18.56 -41.57 30.81
CA VAL D 505 18.25 -42.62 29.81
C VAL D 505 16.77 -42.98 30.01
N HIS D 506 16.26 -42.81 31.24
CA HIS D 506 14.84 -43.02 31.63
C HIS D 506 13.89 -42.22 30.72
N VAL D 507 14.38 -41.17 30.05
CA VAL D 507 13.56 -40.26 29.18
C VAL D 507 12.98 -41.10 28.04
N ILE D 508 13.75 -42.07 27.59
CA ILE D 508 13.44 -42.84 26.37
C ILE D 508 13.34 -44.33 26.68
N ASP D 509 12.99 -44.74 27.93
CA ASP D 509 12.68 -46.16 28.29
C ASP D 509 11.66 -46.72 27.27
N SER D 510 10.54 -46.02 27.15
CA SER D 510 9.43 -46.30 26.20
C SER D 510 9.98 -46.67 24.83
N MET D 511 10.90 -45.88 24.29
CA MET D 511 11.41 -46.11 22.92
C MET D 511 12.23 -47.40 22.94
N LEU D 512 12.98 -47.63 24.03
CA LEU D 512 13.77 -48.88 24.25
C LEU D 512 12.78 -50.05 24.24
N ASN D 513 11.73 -49.98 25.05
CA ASN D 513 10.63 -51.01 25.04
C ASN D 513 10.22 -51.28 23.60
N GLN D 514 9.91 -50.23 22.82
CA GLN D 514 9.24 -50.42 21.50
C GLN D 514 10.25 -50.96 20.49
N HIS D 515 11.53 -50.58 20.60
CA HIS D 515 12.59 -51.08 19.69
C HIS D 515 12.93 -52.53 20.08
N ALA D 516 12.86 -52.86 21.37
CA ALA D 516 12.97 -54.25 21.88
C ALA D 516 11.90 -55.11 21.17
N LYS D 517 10.63 -54.74 21.37
CA LYS D 517 9.44 -55.48 20.85
C LYS D 517 9.51 -55.64 19.33
N TRP D 518 10.12 -54.69 18.64
CA TRP D 518 10.29 -54.71 17.17
C TRP D 518 11.29 -55.83 16.83
N LEU D 519 12.37 -55.88 17.60
CA LEU D 519 13.43 -56.91 17.50
C LEU D 519 12.86 -58.26 17.96
N GLU D 520 12.23 -58.32 19.15
CA GLU D 520 11.61 -59.56 19.66
C GLU D 520 10.76 -60.20 18.56
N ALA D 521 9.63 -59.58 18.20
CA ALA D 521 8.77 -60.08 17.11
C ALA D 521 9.65 -60.55 15.95
N THR D 522 10.75 -59.85 15.68
CA THR D 522 11.52 -60.02 14.41
C THR D 522 12.28 -61.36 14.42
N VAL D 523 13.09 -61.60 15.48
CA VAL D 523 14.00 -62.78 15.60
C VAL D 523 13.12 -64.03 15.60
N ARG D 524 11.95 -63.94 16.23
CA ARG D 524 10.96 -65.04 16.34
C ARG D 524 10.47 -65.48 14.96
N GLU D 525 9.64 -64.64 14.31
CA GLU D 525 8.78 -65.08 13.17
C GLU D 525 9.06 -64.26 11.90
N ILE D 526 10.08 -63.41 11.85
CA ILE D 526 10.31 -62.59 10.63
C ILE D 526 11.69 -62.91 10.06
N PRO D 527 11.84 -64.09 9.45
CA PRO D 527 13.09 -64.45 8.79
C PRO D 527 13.45 -63.54 7.61
N TRP D 528 12.45 -63.09 6.84
CA TRP D 528 12.63 -62.30 5.59
C TRP D 528 13.15 -60.88 5.92
N ARG D 529 12.88 -60.38 7.13
CA ARG D 529 13.36 -59.09 7.71
C ARG D 529 14.75 -59.30 8.32
N LYS D 530 15.80 -59.01 7.54
CA LYS D 530 17.18 -59.46 7.82
C LYS D 530 17.73 -58.72 9.03
N PRO D 531 18.93 -59.06 9.54
CA PRO D 531 19.42 -58.41 10.75
C PRO D 531 19.88 -56.98 10.42
N ILE D 532 19.53 -56.04 11.31
CA ILE D 532 19.91 -54.59 11.31
C ILE D 532 20.97 -54.40 12.40
N ALA D 533 21.93 -53.47 12.21
CA ALA D 533 22.90 -53.10 13.26
C ALA D 533 22.16 -52.85 14.59
N SER D 534 22.89 -52.87 15.68
CA SER D 534 22.31 -52.84 17.04
C SER D 534 22.30 -51.40 17.52
N MET D 535 21.36 -51.11 18.41
CA MET D 535 21.26 -49.82 19.11
C MET D 535 22.25 -49.84 20.29
N ASN D 536 23.47 -49.43 19.98
CA ASN D 536 24.58 -49.28 20.95
C ASN D 536 24.40 -47.94 21.65
N LEU D 537 24.21 -47.95 22.97
CA LEU D 537 23.97 -46.78 23.85
C LEU D 537 25.04 -46.75 24.96
N LEU D 538 26.09 -45.95 24.84
CA LEU D 538 27.01 -45.68 25.98
C LEU D 538 26.24 -44.94 27.07
N VAL D 539 26.35 -45.38 28.33
CA VAL D 539 25.52 -44.94 29.50
C VAL D 539 26.41 -44.36 30.60
N SER D 540 27.20 -43.33 30.32
CA SER D 540 28.24 -42.78 31.25
C SER D 540 27.65 -41.77 32.25
N SER D 541 28.52 -40.94 32.83
CA SER D 541 28.22 -40.00 33.96
C SER D 541 27.19 -40.65 34.86
N HIS D 542 27.59 -41.77 35.47
CA HIS D 542 26.72 -42.72 36.22
C HIS D 542 26.62 -42.32 37.69
N VAL D 543 25.75 -42.99 38.43
CA VAL D 543 25.21 -42.53 39.75
C VAL D 543 26.36 -42.22 40.71
N TRP D 544 27.50 -42.90 40.59
CA TRP D 544 28.58 -42.88 41.62
C TRP D 544 29.39 -41.60 41.46
N ARG D 545 29.74 -41.25 40.21
CA ARG D 545 30.43 -39.99 39.85
C ARG D 545 29.41 -38.96 39.32
N GLN D 546 28.43 -38.67 40.18
CA GLN D 546 27.36 -37.67 40.00
C GLN D 546 27.20 -36.98 41.36
N ASP D 547 28.33 -36.79 42.02
CA ASP D 547 28.47 -36.01 43.29
C ASP D 547 28.29 -34.52 42.95
N HIS D 548 28.77 -34.14 41.74
CA HIS D 548 28.81 -32.76 41.17
C HIS D 548 27.42 -32.22 40.81
N ASN D 549 26.48 -33.06 40.34
CA ASN D 549 25.16 -32.59 39.84
C ASN D 549 24.08 -32.82 40.91
N GLY D 550 24.03 -33.98 41.57
CA GLY D 550 23.14 -34.20 42.74
C GLY D 550 22.13 -35.32 42.56
N PHE D 551 21.14 -35.39 43.45
CA PHE D 551 20.15 -36.50 43.62
C PHE D 551 19.40 -36.75 42.30
N SER D 552 18.92 -35.68 41.67
CA SER D 552 18.26 -35.64 40.34
C SER D 552 19.02 -36.49 39.33
N HIS D 553 20.35 -36.53 39.38
CA HIS D 553 21.17 -37.16 38.31
C HIS D 553 21.54 -38.60 38.69
N GLN D 554 20.98 -39.09 39.79
CA GLN D 554 21.34 -40.38 40.44
C GLN D 554 20.24 -41.42 40.19
N ASP D 555 20.38 -42.26 39.16
CA ASP D 555 19.36 -43.32 38.92
C ASP D 555 19.85 -44.29 37.85
N PRO D 556 20.49 -45.42 38.26
CA PRO D 556 20.93 -46.44 37.29
C PRO D 556 19.79 -47.36 36.83
N GLY D 557 18.52 -46.99 37.13
CA GLY D 557 17.27 -47.77 36.90
C GLY D 557 17.19 -48.43 35.54
N VAL D 558 17.92 -47.98 34.52
CA VAL D 558 17.68 -48.46 33.13
C VAL D 558 17.93 -49.96 33.10
N THR D 559 18.86 -50.43 33.95
CA THR D 559 19.22 -51.87 34.12
C THR D 559 17.96 -52.71 34.32
N SER D 560 17.16 -52.41 35.35
CA SER D 560 15.83 -53.02 35.63
C SER D 560 15.00 -53.10 34.34
N VAL D 561 14.90 -51.96 33.63
CA VAL D 561 13.88 -51.76 32.54
C VAL D 561 14.24 -52.72 31.39
N LEU D 562 15.54 -52.93 31.15
CA LEU D 562 16.06 -53.78 30.03
C LEU D 562 15.92 -55.28 30.35
N LEU D 563 15.94 -55.67 31.64
CA LEU D 563 15.77 -57.08 32.12
C LEU D 563 14.36 -57.58 31.81
N ASN D 564 13.39 -56.67 31.74
CA ASN D 564 11.97 -56.94 31.35
C ASN D 564 11.91 -57.25 29.86
N LYS D 565 13.05 -57.48 29.18
CA LYS D 565 13.11 -57.80 27.73
C LYS D 565 14.15 -58.90 27.44
N CYS D 566 14.53 -59.70 28.46
CA CYS D 566 15.44 -60.88 28.32
C CYS D 566 14.66 -62.18 28.58
N PHE D 567 13.98 -62.67 27.55
CA PHE D 567 13.02 -63.80 27.63
C PHE D 567 13.13 -64.62 26.36
N HIS D 568 12.62 -65.85 26.42
CA HIS D 568 12.28 -66.69 25.23
C HIS D 568 13.54 -66.86 24.36
N ASN D 569 14.73 -66.73 24.95
CA ASN D 569 16.05 -66.87 24.27
C ASN D 569 16.11 -65.97 23.02
N ASP D 570 15.53 -64.77 23.13
CA ASP D 570 15.45 -63.76 22.04
C ASP D 570 16.86 -63.21 21.79
N HIS D 571 17.54 -62.78 22.86
CA HIS D 571 18.91 -62.20 22.84
C HIS D 571 18.92 -60.92 22.00
N VAL D 572 18.02 -59.98 22.33
CA VAL D 572 17.91 -58.63 21.69
C VAL D 572 18.38 -57.56 22.68
N ILE D 573 18.81 -57.97 23.86
CA ILE D 573 19.34 -57.09 24.92
C ILE D 573 20.75 -57.56 25.29
N GLY D 574 21.72 -56.66 25.11
CA GLY D 574 23.00 -56.62 25.84
C GLY D 574 22.91 -55.68 27.04
N ILE D 575 23.33 -56.14 28.21
CA ILE D 575 23.82 -55.26 29.31
C ILE D 575 25.29 -55.65 29.52
N TYR D 576 26.11 -54.67 29.88
CA TYR D 576 27.58 -54.76 29.97
C TYR D 576 28.03 -53.72 30.99
N PHE D 577 29.13 -53.98 31.70
CA PHE D 577 29.80 -53.01 32.61
C PHE D 577 31.30 -53.03 32.31
N ALA D 578 31.73 -52.18 31.38
CA ALA D 578 33.14 -51.83 31.15
C ALA D 578 33.76 -51.53 32.52
N THR D 579 34.57 -52.48 33.01
CA THR D 579 35.24 -52.46 34.35
C THR D 579 36.39 -51.44 34.27
N ASP D 580 37.06 -51.45 33.13
CA ASP D 580 38.14 -50.48 32.80
C ASP D 580 38.11 -50.23 31.29
N ALA D 581 38.95 -49.31 30.84
CA ALA D 581 39.20 -48.98 29.42
C ALA D 581 39.37 -50.25 28.57
N ASN D 582 40.04 -51.28 29.11
CA ASN D 582 40.40 -52.53 28.35
C ASN D 582 39.18 -53.47 28.24
N MET D 583 38.30 -53.48 29.25
CA MET D 583 36.98 -54.17 29.16
C MET D 583 36.08 -53.40 28.17
N LEU D 584 35.90 -52.09 28.37
CA LEU D 584 35.15 -51.20 27.44
C LEU D 584 35.46 -51.59 25.99
N LEU D 585 36.73 -51.66 25.62
CA LEU D 585 37.14 -51.95 24.24
C LEU D 585 36.59 -53.32 23.86
N ALA D 586 36.71 -54.29 24.77
CA ALA D 586 36.33 -55.71 24.53
C ALA D 586 34.83 -55.80 24.23
N ILE D 587 34.03 -55.06 25.00
CA ILE D 587 32.56 -54.89 24.78
C ILE D 587 32.29 -54.23 23.41
N ALA D 588 32.82 -53.01 23.23
CA ALA D 588 32.57 -52.12 22.06
C ALA D 588 32.76 -52.90 20.75
N GLU D 589 33.73 -53.83 20.69
CA GLU D 589 34.01 -54.64 19.48
C GLU D 589 32.92 -55.70 19.29
N LYS D 590 32.38 -56.21 20.41
CA LYS D 590 31.28 -57.20 20.40
C LYS D 590 30.06 -56.50 19.82
N CYS D 591 29.64 -55.42 20.52
CA CYS D 591 28.48 -54.55 20.22
C CYS D 591 28.50 -54.09 18.74
N TYR D 592 29.60 -53.55 18.21
CA TYR D 592 29.69 -53.00 16.83
C TYR D 592 29.72 -54.10 15.75
N LYS D 593 30.01 -55.34 16.17
CA LYS D 593 29.99 -56.52 15.27
C LYS D 593 28.63 -57.21 15.40
N SER D 594 27.91 -56.96 16.50
CA SER D 594 26.58 -57.54 16.81
C SER D 594 25.49 -56.96 15.91
N THR D 595 24.43 -57.76 15.69
CA THR D 595 23.17 -57.41 15.00
C THR D 595 21.95 -57.71 15.89
N ASN D 596 20.86 -56.98 15.68
CA ASN D 596 19.50 -57.27 16.22
C ASN D 596 19.52 -57.14 17.74
N LYS D 597 20.40 -56.34 18.31
CA LYS D 597 20.48 -56.14 19.78
C LYS D 597 20.27 -54.67 20.17
N ILE D 598 19.81 -54.43 21.41
CA ILE D 598 19.94 -53.14 22.15
C ILE D 598 21.03 -53.31 23.20
N ASN D 599 22.23 -52.73 22.99
CA ASN D 599 23.43 -52.94 23.84
C ASN D 599 23.62 -51.78 24.82
N ALA D 600 23.22 -51.90 26.09
CA ALA D 600 23.41 -50.85 27.11
C ALA D 600 24.78 -51.04 27.79
N ILE D 601 25.80 -50.31 27.30
CA ILE D 601 27.20 -50.26 27.79
C ILE D 601 27.32 -49.26 28.95
N ILE D 602 27.70 -49.68 30.16
CA ILE D 602 27.86 -48.75 31.31
C ILE D 602 29.35 -48.58 31.68
N ALA D 603 29.91 -47.40 31.42
CA ALA D 603 31.32 -47.02 31.64
C ALA D 603 31.36 -45.73 32.47
N GLY D 604 32.47 -45.46 33.17
CA GLY D 604 32.71 -44.18 33.86
C GLY D 604 33.53 -43.24 32.99
N LYS D 605 33.37 -41.93 33.19
CA LYS D 605 34.18 -40.87 32.52
C LYS D 605 35.22 -40.31 33.51
N GLN D 606 35.11 -40.71 34.79
CA GLN D 606 36.01 -40.27 35.88
C GLN D 606 37.36 -40.96 35.75
N PRO D 607 38.40 -40.45 36.47
CA PRO D 607 39.63 -41.22 36.67
C PRO D 607 39.39 -42.50 37.49
N ALA D 608 39.88 -43.62 36.97
CA ALA D 608 39.74 -44.95 37.57
C ALA D 608 40.96 -45.79 37.18
N ALA D 609 41.24 -46.83 37.97
CA ALA D 609 42.31 -47.82 37.69
C ALA D 609 41.95 -48.58 36.41
N THR D 610 42.97 -49.13 35.75
CA THR D 610 42.83 -50.12 34.65
C THR D 610 43.23 -51.50 35.19
N TRP D 611 42.24 -52.40 35.34
CA TRP D 611 42.33 -53.66 36.14
C TRP D 611 42.79 -54.84 35.27
N LEU D 612 42.36 -54.95 34.03
CA LEU D 612 42.71 -56.11 33.17
C LEU D 612 43.60 -55.63 32.04
N THR D 613 44.36 -56.55 31.42
CA THR D 613 44.93 -56.37 30.05
C THR D 613 43.75 -56.52 29.09
N LEU D 614 43.95 -56.30 27.78
CA LEU D 614 42.91 -56.57 26.75
C LEU D 614 42.50 -58.04 26.79
N ASP D 615 43.49 -58.95 26.89
CA ASP D 615 43.28 -60.42 26.80
C ASP D 615 42.59 -60.96 28.06
N GLU D 616 42.93 -60.45 29.24
CA GLU D 616 42.21 -60.81 30.49
C GLU D 616 40.74 -60.39 30.36
N ALA D 617 40.47 -59.28 29.68
CA ALA D 617 39.12 -58.68 29.50
C ALA D 617 38.32 -59.44 28.44
N ARG D 618 38.92 -59.71 27.27
CA ARG D 618 38.34 -60.56 26.19
C ARG D 618 37.93 -61.92 26.78
N ALA D 619 38.83 -62.52 27.57
CA ALA D 619 38.64 -63.77 28.35
C ALA D 619 37.38 -63.66 29.21
N GLU D 620 37.35 -62.68 30.12
CA GLU D 620 36.23 -62.43 31.07
C GLU D 620 34.93 -62.18 30.32
N LEU D 621 35.00 -61.49 29.18
CA LEU D 621 33.78 -61.09 28.42
C LEU D 621 33.04 -62.34 27.92
N GLU D 622 33.66 -63.14 27.04
CA GLU D 622 33.00 -64.24 26.27
C GLU D 622 32.24 -65.20 27.18
N LYS D 623 32.48 -65.21 28.51
CA LYS D 623 31.69 -65.97 29.50
C LYS D 623 30.90 -65.03 30.43
N GLY D 624 31.38 -63.79 30.64
CA GLY D 624 30.56 -62.71 31.24
C GLY D 624 30.87 -62.50 32.72
N ALA D 625 31.33 -63.54 33.39
CA ALA D 625 32.03 -63.44 34.69
C ALA D 625 33.35 -64.20 34.58
N ALA D 626 34.25 -63.97 35.53
CA ALA D 626 35.56 -64.66 35.63
C ALA D 626 36.13 -64.47 37.04
N ALA D 627 37.00 -65.41 37.42
CA ALA D 627 37.79 -65.37 38.66
C ALA D 627 39.08 -64.59 38.40
N TRP D 628 39.35 -63.57 39.22
CA TRP D 628 40.63 -62.83 39.23
C TRP D 628 41.63 -63.55 40.14
N ASP D 629 42.30 -64.59 39.64
CA ASP D 629 43.21 -65.45 40.44
C ASP D 629 44.24 -64.55 41.13
N TRP D 630 44.90 -63.70 40.33
CA TRP D 630 46.03 -62.80 40.70
C TRP D 630 45.73 -61.96 41.96
N ALA D 631 44.46 -61.70 42.31
CA ALA D 631 44.10 -60.79 43.45
C ALA D 631 43.37 -61.53 44.58
N SER D 632 43.12 -62.83 44.41
CA SER D 632 42.47 -63.71 45.42
C SER D 632 43.54 -64.37 46.31
N THR D 633 43.46 -64.13 47.62
CA THR D 633 44.36 -64.68 48.68
C THR D 633 44.17 -66.19 48.80
N ALA D 634 42.93 -66.67 48.94
CA ALA D 634 42.54 -68.09 48.77
C ALA D 634 43.01 -68.57 47.38
N LYS D 635 43.54 -69.78 47.28
CA LYS D 635 43.99 -70.31 45.96
C LYS D 635 43.05 -71.43 45.50
N ASN D 636 41.93 -71.64 46.21
CA ASN D 636 40.85 -72.54 45.71
C ASN D 636 39.51 -72.25 46.42
N ASN D 637 38.43 -72.75 45.81
CA ASN D 637 37.02 -72.61 46.24
C ASN D 637 36.87 -73.03 47.71
N ASP D 638 37.46 -74.19 48.07
CA ASP D 638 37.35 -74.90 49.38
C ASP D 638 37.97 -74.07 50.52
N GLU D 639 39.14 -73.47 50.27
CA GLU D 639 39.88 -72.61 51.22
C GLU D 639 39.05 -71.36 51.56
N ALA D 640 38.57 -70.63 50.55
CA ALA D 640 38.10 -69.21 50.59
C ALA D 640 37.06 -69.01 51.69
N GLU D 641 37.30 -68.08 52.61
CA GLU D 641 36.40 -67.78 53.75
C GLU D 641 35.19 -66.98 53.24
N VAL D 642 35.42 -66.09 52.25
CA VAL D 642 34.37 -65.25 51.58
C VAL D 642 34.74 -65.05 50.10
N VAL D 643 33.74 -64.81 49.26
CA VAL D 643 33.95 -64.38 47.84
C VAL D 643 33.44 -62.94 47.74
N LEU D 644 34.33 -61.99 47.39
CA LEU D 644 33.92 -60.62 47.00
C LEU D 644 33.91 -60.56 45.47
N ALA D 645 32.76 -60.20 44.91
CA ALA D 645 32.57 -60.00 43.46
C ALA D 645 31.95 -58.61 43.24
N ALA D 646 32.17 -58.04 42.05
CA ALA D 646 31.67 -56.71 41.67
C ALA D 646 31.21 -56.74 40.20
N ALA D 647 30.13 -56.00 39.92
CA ALA D 647 29.71 -55.62 38.54
C ALA D 647 29.70 -54.09 38.47
N GLY D 648 30.46 -53.54 37.50
CA GLY D 648 30.65 -52.09 37.28
C GLY D 648 32.11 -51.69 37.34
N ASP D 649 32.40 -50.39 37.21
CA ASP D 649 33.78 -49.84 37.16
C ASP D 649 34.16 -49.36 38.57
N VAL D 650 33.26 -48.61 39.19
CA VAL D 650 33.42 -48.08 40.59
C VAL D 650 33.22 -49.24 41.55
N PRO D 651 32.09 -49.99 41.48
CA PRO D 651 31.80 -51.04 42.46
C PRO D 651 32.97 -52.02 42.57
N THR D 652 33.65 -52.31 41.44
CA THR D 652 34.96 -53.00 41.39
C THR D 652 35.93 -52.27 42.33
N GLN D 653 36.57 -51.20 41.84
CA GLN D 653 37.51 -50.34 42.62
C GLN D 653 37.28 -50.47 44.14
N GLU D 654 36.06 -50.27 44.66
CA GLU D 654 35.80 -50.26 46.12
C GLU D 654 35.92 -51.68 46.73
N ILE D 655 35.69 -52.72 45.92
CA ILE D 655 35.79 -54.15 46.34
C ILE D 655 37.28 -54.56 46.38
N MET D 656 38.12 -54.08 45.45
CA MET D 656 39.59 -54.31 45.49
C MET D 656 40.18 -53.59 46.70
N ALA D 657 39.92 -52.30 46.84
CA ALA D 657 40.29 -51.51 48.04
C ALA D 657 39.78 -52.24 49.30
N ALA D 658 38.82 -53.16 49.17
CA ALA D 658 38.36 -54.03 50.28
C ALA D 658 39.33 -55.21 50.43
N SER D 659 39.72 -55.84 49.30
CA SER D 659 40.77 -56.89 49.21
C SER D 659 42.03 -56.51 50.02
N ASP D 660 42.66 -55.37 49.72
CA ASP D 660 43.90 -54.90 50.40
C ASP D 660 43.64 -54.72 51.89
N LYS D 661 42.50 -54.18 52.26
CA LYS D 661 42.10 -53.98 53.69
C LYS D 661 42.07 -55.34 54.39
N LEU D 662 41.76 -56.41 53.65
CA LEU D 662 41.61 -57.80 54.15
C LEU D 662 42.98 -58.49 54.15
N LYS D 663 43.82 -58.28 53.13
CA LYS D 663 45.17 -58.87 53.04
C LYS D 663 46.04 -58.44 54.24
N GLU D 664 45.66 -57.35 54.93
CA GLU D 664 46.26 -56.88 56.21
C GLU D 664 45.89 -57.83 57.35
N LEU D 665 44.74 -58.52 57.25
CA LEU D 665 44.19 -59.41 58.32
C LEU D 665 44.32 -60.88 57.88
N GLY D 666 45.03 -61.14 56.77
CA GLY D 666 45.37 -62.50 56.27
C GLY D 666 44.15 -63.38 56.00
N VAL D 667 42.98 -62.80 55.70
CA VAL D 667 41.73 -63.53 55.28
C VAL D 667 41.98 -64.13 53.88
N LYS D 668 41.47 -65.34 53.64
CA LYS D 668 41.62 -66.07 52.34
C LYS D 668 40.33 -65.91 51.53
N PHE D 669 40.29 -64.94 50.58
CA PHE D 669 39.07 -64.51 49.83
C PHE D 669 39.26 -64.71 48.32
N LYS D 670 38.16 -65.00 47.61
CA LYS D 670 38.13 -65.06 46.12
C LYS D 670 37.61 -63.72 45.59
N VAL D 671 38.11 -63.25 44.45
CA VAL D 671 37.70 -61.96 43.82
C VAL D 671 37.21 -62.21 42.38
N VAL D 672 35.91 -62.00 42.16
CA VAL D 672 35.20 -62.25 40.87
C VAL D 672 34.67 -60.92 40.31
N ASN D 673 34.68 -60.78 38.98
CA ASN D 673 34.23 -59.56 38.27
C ASN D 673 33.15 -59.95 37.25
N VAL D 674 32.12 -59.10 37.08
CA VAL D 674 31.00 -59.36 36.13
C VAL D 674 30.90 -58.20 35.14
N ALA D 675 31.26 -58.47 33.87
CA ALA D 675 31.08 -57.56 32.71
C ALA D 675 29.65 -57.70 32.17
N ASP D 676 29.32 -58.87 31.61
CA ASP D 676 27.96 -59.27 31.18
C ASP D 676 27.06 -59.45 32.42
N LEU D 677 25.73 -59.31 32.30
CA LEU D 677 24.79 -59.45 33.45
C LEU D 677 23.71 -60.48 33.12
N LEU D 678 23.68 -60.92 31.87
CA LEU D 678 22.77 -62.00 31.41
C LEU D 678 23.50 -63.33 31.57
N SER D 679 24.79 -63.29 31.92
CA SER D 679 25.60 -64.45 32.37
C SER D 679 25.02 -65.03 33.68
N LEU D 680 24.37 -64.22 34.52
CA LEU D 680 23.80 -64.67 35.83
C LEU D 680 22.30 -64.96 35.72
N GLN D 681 21.73 -65.01 34.51
CA GLN D 681 20.29 -65.35 34.27
C GLN D 681 20.18 -66.88 34.38
N SER D 682 19.13 -67.41 35.01
CA SER D 682 18.87 -68.87 35.13
C SER D 682 19.13 -69.52 33.78
N ALA D 683 19.74 -70.71 33.74
CA ALA D 683 20.15 -71.40 32.49
C ALA D 683 18.92 -72.08 31.87
N LYS D 684 17.80 -72.16 32.61
CA LYS D 684 16.50 -72.64 32.08
C LYS D 684 16.00 -71.65 31.02
N GLU D 685 16.24 -70.34 31.25
CA GLU D 685 15.74 -69.18 30.48
C GLU D 685 16.74 -68.76 29.39
N ASN D 686 18.04 -68.65 29.73
CA ASN D 686 19.08 -68.03 28.88
C ASN D 686 20.13 -69.08 28.48
N ASP D 687 19.97 -69.67 27.29
CA ASP D 687 20.86 -70.72 26.74
C ASP D 687 22.26 -70.15 26.41
N GLU D 688 22.54 -68.89 26.78
CA GLU D 688 23.84 -68.19 26.59
C GLU D 688 24.54 -67.97 27.93
N ALA D 689 23.85 -68.24 29.04
CA ALA D 689 24.35 -67.95 30.40
C ALA D 689 25.38 -69.01 30.84
N LEU D 690 26.17 -68.68 31.87
CA LEU D 690 26.93 -69.68 32.66
C LEU D 690 25.95 -70.81 33.01
N THR D 691 26.33 -72.08 32.75
CA THR D 691 25.60 -73.28 33.27
C THR D 691 25.63 -73.22 34.80
N ASP D 692 24.81 -74.01 35.51
CA ASP D 692 24.82 -74.05 37.00
C ASP D 692 26.18 -74.57 37.46
N GLU D 693 26.73 -75.53 36.71
CA GLU D 693 28.12 -76.04 36.83
C GLU D 693 29.09 -74.85 36.76
N GLU D 694 29.15 -74.15 35.61
CA GLU D 694 30.05 -72.98 35.35
C GLU D 694 29.91 -71.93 36.45
N PHE D 695 28.69 -71.70 36.96
CA PHE D 695 28.34 -70.66 37.98
C PHE D 695 28.70 -71.12 39.40
N ALA D 696 28.40 -72.39 39.74
CA ALA D 696 28.76 -73.02 41.04
C ALA D 696 30.28 -72.90 41.23
N ASP D 697 31.02 -73.24 40.18
CA ASP D 697 32.51 -73.17 40.08
C ASP D 697 33.03 -71.81 40.55
N ILE D 698 32.57 -70.73 39.89
CA ILE D 698 33.07 -69.32 40.02
C ILE D 698 32.74 -68.76 41.40
N PHE D 699 31.46 -68.67 41.77
CA PHE D 699 30.99 -67.93 42.98
C PHE D 699 31.01 -68.84 44.21
N THR D 700 31.40 -70.12 44.03
CA THR D 700 31.35 -71.23 45.02
C THR D 700 29.93 -71.81 45.11
N ALA D 701 29.76 -72.84 45.94
CA ALA D 701 28.47 -73.54 46.17
C ALA D 701 28.08 -73.52 47.65
N ASP D 702 28.94 -72.99 48.53
CA ASP D 702 28.73 -73.00 50.01
C ASP D 702 29.24 -71.71 50.67
N LYS D 703 30.10 -70.94 50.00
CA LYS D 703 30.79 -69.77 50.60
C LYS D 703 29.86 -68.56 50.53
N PRO D 704 29.90 -67.65 51.54
CA PRO D 704 29.15 -66.39 51.48
C PRO D 704 29.76 -65.37 50.48
N VAL D 705 28.90 -64.75 49.67
CA VAL D 705 29.32 -63.84 48.56
C VAL D 705 28.92 -62.39 48.90
N LEU D 706 29.89 -61.48 48.88
CA LEU D 706 29.67 -60.01 48.86
C LEU D 706 29.67 -59.52 47.41
N PHE D 707 28.46 -59.25 46.89
CA PHE D 707 28.25 -58.71 45.54
C PHE D 707 28.00 -57.21 45.67
N ALA D 708 28.98 -56.40 45.29
CA ALA D 708 28.87 -54.93 45.12
C ALA D 708 28.38 -54.66 43.70
N TYR D 709 27.20 -54.04 43.58
CA TYR D 709 26.46 -53.85 42.31
C TYR D 709 26.36 -52.36 41.94
N HIS D 710 26.74 -52.01 40.71
CA HIS D 710 26.58 -50.66 40.11
C HIS D 710 25.16 -50.09 40.29
N SER D 711 24.11 -50.86 39.94
CA SER D 711 22.70 -50.41 39.93
C SER D 711 21.97 -50.83 41.19
N TYR D 712 20.67 -51.14 41.10
CA TYR D 712 19.78 -51.43 42.25
C TYR D 712 19.91 -52.91 42.63
N ALA D 713 20.11 -53.17 43.92
CA ALA D 713 20.34 -54.51 44.53
C ALA D 713 19.37 -55.54 43.92
N HIS D 714 18.07 -55.17 43.99
CA HIS D 714 16.90 -55.92 43.45
C HIS D 714 17.26 -56.61 42.13
N ASP D 715 18.01 -55.94 41.25
CA ASP D 715 18.30 -56.47 39.90
C ASP D 715 18.82 -57.90 40.02
N VAL D 716 19.83 -58.11 40.88
CA VAL D 716 20.68 -59.34 40.90
C VAL D 716 19.88 -60.44 41.59
N ARG D 717 19.32 -60.11 42.76
CA ARG D 717 18.36 -60.94 43.53
C ARG D 717 17.31 -61.63 42.63
N GLY D 718 17.05 -61.13 41.42
CA GLY D 718 15.96 -61.64 40.55
C GLY D 718 16.42 -62.67 39.52
N LEU D 719 17.70 -62.69 39.17
CA LEU D 719 18.29 -63.69 38.23
C LEU D 719 18.77 -64.91 39.06
N ILE D 720 19.41 -64.63 40.21
CA ILE D 720 19.84 -65.62 41.26
C ILE D 720 18.63 -65.90 42.18
N TYR D 721 17.59 -66.53 41.63
CA TYR D 721 16.41 -67.02 42.40
C TYR D 721 16.45 -68.57 42.38
N ASP D 722 17.24 -69.15 41.47
CA ASP D 722 17.26 -70.61 41.18
C ASP D 722 18.71 -71.12 41.08
N ARG D 723 19.70 -70.29 41.43
CA ARG D 723 21.13 -70.62 41.15
C ARG D 723 21.73 -71.30 42.38
N PRO D 724 22.80 -72.10 42.17
CA PRO D 724 23.65 -72.54 43.29
C PRO D 724 24.00 -71.39 44.25
N ASN D 725 23.93 -71.63 45.57
CA ASN D 725 24.57 -70.77 46.61
C ASN D 725 23.71 -69.53 46.88
N HIS D 726 22.70 -69.29 46.05
CA HIS D 726 22.00 -67.98 45.89
C HIS D 726 21.63 -67.35 47.25
N ASP D 727 21.24 -68.15 48.24
CA ASP D 727 20.80 -67.65 49.57
C ASP D 727 21.94 -66.89 50.28
N ASN D 728 23.17 -67.01 49.77
CA ASN D 728 24.42 -66.57 50.45
C ASN D 728 24.92 -65.21 49.94
N PHE D 729 24.56 -64.83 48.71
CA PHE D 729 24.82 -63.49 48.12
C PHE D 729 24.24 -62.44 49.08
N ASN D 730 25.12 -61.56 49.59
CA ASN D 730 24.77 -60.34 50.38
C ASN D 730 25.10 -59.12 49.51
N VAL D 731 24.11 -58.64 48.75
CA VAL D 731 24.27 -57.74 47.58
C VAL D 731 24.09 -56.29 48.03
N HIS D 732 25.09 -55.46 47.70
CA HIS D 732 25.06 -53.99 47.80
C HIS D 732 25.09 -53.35 46.40
N GLY D 733 24.22 -52.37 46.19
CA GLY D 733 24.26 -51.45 45.03
C GLY D 733 23.67 -50.11 45.40
N TYR D 734 23.30 -49.30 44.40
CA TYR D 734 22.64 -48.00 44.65
C TYR D 734 21.31 -48.27 45.35
N GLU D 735 20.95 -47.46 46.35
CA GLU D 735 19.67 -47.58 47.08
C GLU D 735 19.21 -46.19 47.56
N GLU D 736 19.00 -45.29 46.59
CA GLU D 736 18.27 -43.97 46.67
C GLU D 736 18.82 -43.05 47.76
N GLU D 737 20.15 -42.86 47.78
CA GLU D 737 20.86 -42.02 48.77
C GLU D 737 21.93 -41.17 48.05
N GLY D 738 22.05 -39.90 48.45
CA GLY D 738 23.10 -39.00 47.91
C GLY D 738 22.73 -37.52 48.06
N SER D 739 23.43 -36.68 47.31
CA SER D 739 23.27 -35.20 47.25
C SER D 739 24.41 -34.67 46.40
N THR D 740 24.66 -33.36 46.46
CA THR D 740 25.90 -32.80 45.89
C THR D 740 26.98 -32.98 46.97
N THR D 741 27.96 -33.84 46.75
CA THR D 741 28.89 -34.29 47.82
C THR D 741 30.23 -34.70 47.19
N THR D 742 30.99 -35.59 47.85
CA THR D 742 32.31 -36.08 47.34
C THR D 742 32.14 -37.51 46.83
N PRO D 743 33.01 -37.98 45.92
CA PRO D 743 32.95 -39.35 45.41
C PRO D 743 32.91 -40.43 46.51
N TYR D 744 33.57 -40.19 47.65
CA TYR D 744 33.61 -41.15 48.80
C TYR D 744 32.22 -41.21 49.43
N ASP D 745 31.71 -40.07 49.89
CA ASP D 745 30.35 -39.92 50.49
C ASP D 745 29.34 -40.64 49.58
N MET D 746 29.62 -40.73 48.27
CA MET D 746 28.60 -41.27 47.34
C MET D 746 28.45 -42.77 47.64
N VAL D 747 29.57 -43.47 47.71
CA VAL D 747 29.59 -44.93 47.99
C VAL D 747 29.31 -45.15 49.48
N ARG D 748 29.66 -44.19 50.35
CA ARG D 748 29.41 -44.29 51.82
C ARG D 748 27.94 -44.52 52.07
N VAL D 749 27.14 -43.45 52.03
CA VAL D 749 25.70 -43.37 52.43
C VAL D 749 24.88 -44.49 51.74
N ASN D 750 25.39 -45.04 50.62
CA ASN D 750 24.85 -46.20 49.87
C ASN D 750 25.55 -47.50 50.30
N ARG D 751 26.22 -47.52 51.47
CA ARG D 751 26.74 -48.75 52.13
C ARG D 751 27.54 -49.61 51.13
N ILE D 752 28.39 -48.99 50.32
CA ILE D 752 29.21 -49.72 49.29
C ILE D 752 30.64 -49.14 49.20
N ASP D 753 31.02 -48.26 50.13
CA ASP D 753 32.42 -47.81 50.34
C ASP D 753 33.31 -49.00 50.69
N ARG D 754 34.59 -48.92 50.31
CA ARG D 754 35.66 -49.92 50.61
C ARG D 754 35.64 -50.35 52.09
N TYR D 755 35.30 -49.44 53.02
CA TYR D 755 35.24 -49.73 54.48
C TYR D 755 34.07 -50.69 54.76
N GLU D 756 32.82 -50.28 54.51
CA GLU D 756 31.62 -51.13 54.78
C GLU D 756 31.72 -52.46 54.04
N LEU D 757 32.29 -52.47 52.84
CA LEU D 757 32.50 -53.71 52.03
C LEU D 757 33.47 -54.64 52.76
N THR D 758 34.51 -54.07 53.39
CA THR D 758 35.49 -54.84 54.20
C THR D 758 34.71 -55.48 55.36
N ALA D 759 33.98 -54.67 56.14
CA ALA D 759 33.18 -55.10 57.32
C ALA D 759 32.05 -56.07 56.90
N GLU D 760 31.24 -55.73 55.90
CA GLU D 760 30.11 -56.60 55.48
C GLU D 760 30.68 -57.83 54.75
N ALA D 761 31.98 -58.08 54.88
CA ALA D 761 32.61 -59.39 54.54
C ALA D 761 32.95 -60.12 55.84
N LEU D 762 33.70 -59.47 56.73
CA LEU D 762 34.05 -59.98 58.09
C LEU D 762 32.77 -60.43 58.79
N ARG D 763 31.88 -59.50 59.15
CA ARG D 763 30.68 -59.75 60.00
C ARG D 763 29.82 -60.84 59.36
N MET D 764 30.04 -61.15 58.07
CA MET D 764 29.52 -62.38 57.45
C MET D 764 30.26 -63.58 58.05
N ILE D 765 31.56 -63.78 57.75
CA ILE D 765 32.42 -64.92 58.18
C ILE D 765 32.28 -65.18 59.69
N ASP D 766 32.74 -64.23 60.53
CA ASP D 766 32.73 -64.32 62.01
C ASP D 766 32.66 -62.89 62.61
N ALA D 767 31.48 -62.49 63.11
CA ALA D 767 31.19 -61.15 63.67
C ALA D 767 31.91 -60.95 65.01
N ASP D 768 31.61 -61.85 65.97
CA ASP D 768 32.11 -61.86 67.38
C ASP D 768 33.65 -61.85 67.37
N LYS D 769 34.26 -62.78 66.62
CA LYS D 769 35.72 -62.87 66.37
C LYS D 769 36.29 -61.48 66.09
N TYR D 770 35.93 -60.90 64.92
CA TYR D 770 36.50 -59.64 64.36
C TYR D 770 35.71 -58.40 64.81
N ALA D 771 34.85 -58.51 65.84
CA ALA D 771 34.08 -57.38 66.42
C ALA D 771 34.99 -56.20 66.81
N ASP D 772 36.30 -56.42 66.92
CA ASP D 772 37.32 -55.36 67.14
C ASP D 772 37.51 -54.53 65.85
N LYS D 773 38.04 -55.15 64.78
CA LYS D 773 38.42 -54.43 63.53
C LYS D 773 37.16 -54.07 62.73
N ILE D 774 35.96 -54.38 63.23
CA ILE D 774 34.67 -54.04 62.58
C ILE D 774 34.16 -52.73 63.20
N ASP D 775 34.06 -52.67 64.53
CA ASP D 775 33.66 -51.45 65.28
C ASP D 775 34.67 -50.33 64.98
N GLU D 776 35.91 -50.70 64.62
CA GLU D 776 37.00 -49.78 64.18
C GLU D 776 36.59 -49.08 62.88
N LEU D 777 36.05 -49.84 61.92
CA LEU D 777 35.68 -49.39 60.55
C LEU D 777 34.45 -48.46 60.59
N GLU D 778 33.34 -48.87 61.23
CA GLU D 778 32.06 -48.11 61.29
C GLU D 778 32.28 -46.71 61.89
N LYS D 779 33.39 -46.48 62.60
CA LYS D 779 33.69 -45.18 63.24
C LYS D 779 34.72 -44.40 62.40
N PHE D 780 35.50 -45.09 61.54
CA PHE D 780 36.42 -44.45 60.56
C PHE D 780 35.58 -43.81 59.44
N ARG D 781 34.62 -44.56 58.90
CA ARG D 781 33.70 -44.09 57.84
C ARG D 781 33.15 -42.70 58.19
N ASP D 782 32.82 -42.44 59.45
CA ASP D 782 32.21 -41.16 59.90
C ASP D 782 33.31 -40.11 60.08
N GLU D 783 34.57 -40.55 60.08
CA GLU D 783 35.79 -39.70 60.22
C GLU D 783 36.13 -39.12 58.85
N ALA D 784 36.23 -39.98 57.83
CA ALA D 784 36.56 -39.66 56.41
C ALA D 784 35.46 -38.78 55.78
N PHE D 785 34.28 -38.74 56.41
CA PHE D 785 33.16 -37.82 56.10
C PHE D 785 33.43 -36.48 56.81
N GLN D 786 33.50 -36.51 58.15
CA GLN D 786 33.83 -35.30 58.97
C GLN D 786 35.08 -34.62 58.37
N PHE D 787 35.98 -35.43 57.82
CA PHE D 787 37.23 -34.98 57.16
C PHE D 787 36.87 -34.09 55.97
N ALA D 788 35.99 -34.62 55.09
CA ALA D 788 35.49 -33.97 53.86
C ALA D 788 34.68 -32.71 54.21
N VAL D 789 33.80 -32.79 55.22
CA VAL D 789 32.97 -31.63 55.70
C VAL D 789 33.86 -30.46 56.17
N ASP D 790 35.09 -30.71 56.63
CA ASP D 790 35.95 -29.65 57.21
C ASP D 790 37.01 -29.19 56.21
N ASN D 791 37.31 -29.98 55.18
CA ASN D 791 38.46 -29.72 54.25
C ASN D 791 37.98 -29.49 52.80
N GLY D 792 36.87 -30.14 52.41
CA GLY D 792 36.28 -30.04 51.06
C GLY D 792 37.00 -30.91 50.03
N TYR D 793 37.66 -31.99 50.47
CA TYR D 793 38.08 -33.11 49.58
C TYR D 793 38.00 -34.40 50.41
N ASP D 794 38.27 -35.55 49.77
CA ASP D 794 38.19 -36.90 50.39
C ASP D 794 39.48 -37.24 51.14
N HIS D 795 39.39 -38.16 52.13
CA HIS D 795 40.49 -38.67 52.98
C HIS D 795 41.58 -39.29 52.11
N PRO D 796 42.88 -39.08 52.44
CA PRO D 796 43.96 -39.43 51.51
C PRO D 796 44.12 -40.94 51.40
N ASP D 797 43.53 -41.69 52.34
CA ASP D 797 43.43 -43.16 52.29
C ASP D 797 42.57 -43.56 51.07
N TYR D 798 41.54 -42.77 50.77
CA TYR D 798 40.58 -42.95 49.65
C TYR D 798 41.20 -42.40 48.36
N THR D 799 41.71 -41.17 48.42
CA THR D 799 42.33 -40.44 47.29
C THR D 799 43.55 -41.20 46.81
N ASP D 800 44.57 -41.25 47.69
CA ASP D 800 45.99 -41.59 47.38
C ASP D 800 46.17 -43.11 47.33
N TRP D 801 45.22 -43.89 47.88
CA TRP D 801 45.25 -45.38 47.83
C TRP D 801 45.60 -45.85 46.42
N VAL D 802 46.47 -46.86 46.34
CA VAL D 802 46.79 -47.63 45.11
C VAL D 802 46.74 -49.11 45.49
N TYR D 803 46.40 -49.98 44.55
CA TYR D 803 46.34 -51.45 44.76
C TYR D 803 47.79 -51.92 44.98
N SER D 804 47.99 -52.63 46.10
CA SER D 804 49.23 -53.36 46.49
C SER D 804 49.89 -54.04 45.27
N GLY D 805 49.08 -54.48 44.29
CA GLY D 805 49.50 -55.30 43.13
C GLY D 805 50.23 -54.49 42.08
N VAL D 806 50.45 -53.19 42.30
CA VAL D 806 51.19 -52.28 41.38
C VAL D 806 52.50 -51.82 42.05
N ASN D 807 53.66 -52.24 41.52
CA ASN D 807 54.99 -51.81 42.01
C ASN D 807 55.18 -50.34 41.61
N THR D 808 55.26 -49.44 42.59
CA THR D 808 55.51 -47.99 42.41
C THR D 808 57.01 -47.77 42.19
N THR E 2 52.58 -5.89 16.12
CA THR E 2 51.13 -5.77 15.85
C THR E 2 50.68 -4.32 16.11
N SER E 3 49.58 -3.87 15.54
CA SER E 3 49.12 -2.48 15.69
C SER E 3 48.78 -2.23 17.16
N PRO E 4 49.12 -1.04 17.70
CA PRO E 4 48.76 -0.69 19.08
C PRO E 4 47.29 -0.28 19.20
N VAL E 5 46.71 -0.51 20.38
CA VAL E 5 45.37 -0.03 20.78
C VAL E 5 45.55 1.32 21.49
N ILE E 6 45.11 2.40 20.83
CA ILE E 6 45.23 3.83 21.25
C ILE E 6 43.84 4.34 21.65
N GLY E 7 43.76 4.92 22.83
CA GLY E 7 42.56 5.64 23.30
C GLY E 7 41.40 4.71 23.50
N THR E 8 40.18 5.26 23.52
CA THR E 8 38.94 4.51 23.79
C THR E 8 38.18 4.29 22.48
N PRO E 9 38.37 3.13 21.80
CA PRO E 9 37.83 2.92 20.46
C PRO E 9 36.32 2.66 20.53
N TRP E 10 35.59 3.06 19.48
CA TRP E 10 34.18 2.69 19.18
C TRP E 10 33.24 3.07 20.32
N LYS E 11 33.40 4.27 20.87
CA LYS E 11 32.62 4.80 22.02
C LYS E 11 31.61 5.81 21.48
N LYS E 12 30.36 5.69 21.93
CA LYS E 12 29.24 6.60 21.60
C LYS E 12 29.35 7.77 22.55
N LEU E 13 28.77 8.91 22.20
CA LEU E 13 28.83 10.15 23.01
C LEU E 13 27.73 10.16 24.08
N ASN E 14 26.54 9.64 23.77
CA ASN E 14 25.38 9.54 24.71
C ASN E 14 24.99 10.92 25.28
N ALA E 15 25.20 11.99 24.51
CA ALA E 15 24.91 13.39 24.88
C ALA E 15 24.90 14.18 23.58
N PRO E 16 24.12 15.27 23.49
CA PRO E 16 24.24 16.18 22.35
C PRO E 16 25.60 16.88 22.33
N VAL E 17 26.10 17.19 21.13
CA VAL E 17 27.39 17.90 20.90
C VAL E 17 27.22 19.33 21.39
N SER E 18 28.13 19.78 22.26
CA SER E 18 28.02 21.09 22.97
C SER E 18 28.12 22.25 21.98
N GLU E 19 27.39 23.32 22.29
CA GLU E 19 27.48 24.64 21.60
C GLU E 19 28.95 25.07 21.56
N GLU E 20 29.64 25.08 22.72
CA GLU E 20 31.04 25.56 22.89
C GLU E 20 31.98 24.88 21.88
N ALA E 21 31.81 23.58 21.65
CA ALA E 21 32.68 22.77 20.78
C ALA E 21 32.38 23.13 19.32
N LEU E 22 31.11 23.39 19.02
CA LEU E 22 30.70 23.84 17.65
C LEU E 22 31.23 25.25 17.34
N GLU E 23 31.20 26.15 18.32
CA GLU E 23 31.88 27.47 18.23
C GLU E 23 33.36 27.26 17.88
N GLY E 24 34.05 26.42 18.62
CA GLY E 24 35.46 26.07 18.35
C GLY E 24 35.67 25.63 16.91
N VAL E 25 34.84 24.71 16.43
CA VAL E 25 34.94 24.15 15.05
C VAL E 25 34.85 25.32 14.05
N ASP E 26 33.91 26.23 14.25
CA ASP E 26 33.73 27.39 13.35
C ASP E 26 35.01 28.23 13.36
N LYS E 27 35.58 28.53 14.53
CA LYS E 27 36.85 29.27 14.64
C LYS E 27 37.95 28.43 13.99
N TYR E 28 37.99 27.12 14.21
CA TYR E 28 38.96 26.23 13.52
C TYR E 28 38.86 26.43 12.02
N TRP E 29 37.66 26.24 11.46
CA TRP E 29 37.38 26.37 10.01
C TRP E 29 37.87 27.73 9.46
N ARG E 30 37.55 28.81 10.16
CA ARG E 30 37.91 30.18 9.74
C ARG E 30 39.44 30.37 9.80
N VAL E 31 40.11 29.92 10.85
CA VAL E 31 41.58 30.10 10.97
C VAL E 31 42.29 29.20 9.95
N ALA E 32 41.77 27.98 9.73
CA ALA E 32 42.36 27.04 8.74
C ALA E 32 42.21 27.63 7.33
N ASN E 33 41.07 28.29 7.04
CA ASN E 33 40.80 28.89 5.70
C ASN E 33 41.79 30.05 5.54
N TYR E 34 41.87 30.92 6.55
CA TYR E 34 42.83 32.04 6.61
C TYR E 34 44.26 31.52 6.40
N LEU E 35 44.70 30.53 7.19
CA LEU E 35 46.08 29.94 7.08
C LEU E 35 46.32 29.41 5.66
N SER E 36 45.31 28.76 5.08
CA SER E 36 45.43 28.15 3.75
C SER E 36 45.60 29.24 2.70
N ILE E 37 44.78 30.28 2.71
CA ILE E 37 44.92 31.43 1.77
C ILE E 37 46.29 32.10 1.99
N GLY E 38 46.70 32.29 3.25
CA GLY E 38 48.02 32.86 3.56
C GLY E 38 49.14 32.11 2.86
N GLN E 39 49.14 30.78 3.01
CA GLN E 39 50.18 29.92 2.41
C GLN E 39 50.18 30.13 0.89
N ILE E 40 49.03 30.34 0.27
CA ILE E 40 49.00 30.38 -1.21
C ILE E 40 49.53 31.75 -1.68
N TYR E 41 49.08 32.83 -1.05
CA TYR E 41 49.15 34.22 -1.55
C TYR E 41 50.27 35.04 -0.90
N LEU E 42 50.53 34.92 0.40
CA LEU E 42 51.31 35.94 1.16
C LEU E 42 52.79 35.53 1.39
N ARG E 43 53.72 36.31 0.84
CA ARG E 43 55.18 36.18 1.09
C ARG E 43 55.56 36.86 2.39
N SER E 44 54.72 37.74 2.94
CA SER E 44 55.03 38.47 4.20
C SER E 44 53.78 39.18 4.74
N ASN E 45 53.86 39.64 5.98
CA ASN E 45 52.83 40.47 6.65
C ASN E 45 51.63 39.57 6.84
N PRO E 46 51.79 38.42 7.53
CA PRO E 46 50.74 37.41 7.63
C PRO E 46 49.43 37.95 8.19
N LEU E 47 49.50 38.95 9.08
CA LEU E 47 48.32 39.49 9.81
C LEU E 47 47.91 40.87 9.23
N MET E 48 48.28 41.17 7.98
CA MET E 48 47.79 42.38 7.28
C MET E 48 47.98 43.62 8.18
N LYS E 49 49.14 43.80 8.82
CA LYS E 49 49.51 45.07 9.52
C LYS E 49 49.77 46.19 8.50
N GLU E 50 49.22 47.38 8.75
CA GLU E 50 49.35 48.53 7.83
C GLU E 50 50.80 48.98 7.76
N PRO E 51 51.32 49.31 6.57
CA PRO E 51 50.56 49.14 5.33
C PRO E 51 50.60 47.68 4.89
N PHE E 52 49.42 47.14 4.61
CA PHE E 52 49.25 45.86 3.87
C PHE E 52 49.05 46.21 2.39
N THR E 53 49.97 45.74 1.54
CA THR E 53 49.99 46.11 0.11
C THR E 53 50.31 44.87 -0.70
N ARG E 54 50.28 45.02 -2.03
CA ARG E 54 50.61 43.96 -3.01
C ARG E 54 52.05 43.52 -2.85
N GLU E 55 52.89 44.25 -2.13
CA GLU E 55 54.30 43.83 -1.96
C GLU E 55 54.37 42.65 -0.97
N ASP E 56 53.33 42.47 -0.16
CA ASP E 56 53.20 41.29 0.74
C ASP E 56 52.66 40.05 0.02
N VAL E 57 52.29 40.16 -1.26
CA VAL E 57 51.75 39.02 -2.07
C VAL E 57 52.91 38.39 -2.83
N LYS E 58 52.93 37.05 -2.89
CA LYS E 58 53.95 36.24 -3.62
C LYS E 58 53.86 36.52 -5.13
N HIS E 59 55.02 36.59 -5.78
CA HIS E 59 55.19 36.90 -7.23
C HIS E 59 54.37 35.93 -8.09
N ARG E 60 54.42 34.63 -7.79
CA ARG E 60 53.61 33.63 -8.50
C ARG E 60 52.91 32.73 -7.49
N LEU E 61 51.65 32.45 -7.79
CA LEU E 61 50.68 31.74 -6.92
C LEU E 61 50.72 30.27 -7.28
N VAL E 62 51.12 29.44 -6.30
CA VAL E 62 51.26 27.97 -6.43
C VAL E 62 50.41 27.34 -5.34
N GLY E 63 49.49 26.49 -5.75
CA GLY E 63 48.62 25.79 -4.79
C GLY E 63 47.18 25.83 -5.25
N HIS E 64 46.35 25.13 -4.48
CA HIS E 64 44.98 24.68 -4.87
C HIS E 64 44.01 25.07 -3.75
N TRP E 65 43.16 26.04 -4.03
CA TRP E 65 42.13 26.49 -3.07
C TRP E 65 40.89 25.56 -3.08
N GLY E 66 40.46 25.05 -4.24
CA GLY E 66 39.07 24.61 -4.44
C GLY E 66 38.60 23.57 -3.44
N THR E 67 39.33 22.47 -3.33
CA THR E 67 39.05 21.36 -2.37
C THR E 67 39.23 21.78 -0.92
N THR E 68 40.11 22.78 -0.69
CA THR E 68 40.72 23.09 0.63
C THR E 68 39.67 23.48 1.67
N PRO E 69 38.79 24.49 1.43
CA PRO E 69 37.83 24.91 2.45
C PRO E 69 36.86 23.77 2.80
N GLY E 70 36.68 22.83 1.87
CA GLY E 70 35.90 21.61 2.14
C GLY E 70 36.63 20.74 3.15
N LEU E 71 37.91 20.50 2.87
CA LEU E 71 38.80 19.72 3.79
C LEU E 71 38.86 20.41 5.15
N ASN E 72 39.00 21.74 5.19
CA ASN E 72 39.18 22.43 6.49
C ASN E 72 37.91 22.17 7.30
N PHE E 73 36.75 22.18 6.63
CA PHE E 73 35.42 21.94 7.25
C PHE E 73 35.42 20.58 7.92
N LEU E 74 35.78 19.56 7.17
CA LEU E 74 35.70 18.14 7.60
C LEU E 74 36.70 17.90 8.74
N ILE E 75 37.97 18.28 8.54
CA ILE E 75 39.09 17.97 9.45
C ILE E 75 38.77 18.65 10.78
N GLY E 76 38.21 19.86 10.70
CA GLY E 76 37.65 20.54 11.87
C GLY E 76 36.61 19.68 12.58
N HIS E 77 35.64 19.13 11.86
CA HIS E 77 34.56 18.32 12.49
C HIS E 77 35.19 17.06 13.08
N ILE E 78 36.12 16.46 12.35
CA ILE E 78 36.90 15.24 12.73
C ILE E 78 37.75 15.49 14.00
N ASN E 79 38.42 16.64 14.13
CA ASN E 79 39.26 16.97 15.33
C ASN E 79 38.33 17.09 16.55
N ARG E 80 37.20 17.79 16.38
CA ARG E 80 36.16 17.84 17.42
C ARG E 80 35.80 16.40 17.82
N PHE E 81 35.49 15.56 16.84
CA PHE E 81 35.05 14.15 17.06
C PHE E 81 36.10 13.41 17.89
N ILE E 82 37.37 13.45 17.46
CA ILE E 82 38.48 12.68 18.07
C ILE E 82 38.57 13.03 19.56
N ALA E 83 38.60 14.33 19.88
CA ALA E 83 38.75 14.79 21.28
C ALA E 83 37.60 14.24 22.11
N ASP E 84 36.39 14.28 21.58
CA ASP E 84 35.15 14.00 22.35
C ASP E 84 35.04 12.52 22.68
N HIS E 85 35.60 11.65 21.82
CA HIS E 85 35.39 10.18 21.76
C HIS E 85 36.67 9.40 22.12
N GLY E 86 37.83 10.04 22.09
CA GLY E 86 39.10 9.36 22.38
C GLY E 86 39.44 8.40 21.25
N GLN E 87 39.00 8.67 20.02
CA GLN E 87 39.04 7.68 18.92
C GLN E 87 40.35 7.74 18.13
N ASN E 88 41.02 6.60 18.04
CA ASN E 88 42.26 6.41 17.24
C ASN E 88 41.90 6.57 15.75
N THR E 89 42.13 7.78 15.22
CA THR E 89 41.77 8.17 13.84
C THR E 89 43.03 8.43 13.02
N VAL E 90 42.95 8.14 11.73
CA VAL E 90 43.93 8.50 10.66
C VAL E 90 43.10 8.94 9.46
N ILE E 91 43.44 10.06 8.83
CA ILE E 91 42.67 10.53 7.66
C ILE E 91 43.47 10.13 6.43
N ILE E 92 42.78 9.92 5.32
CA ILE E 92 43.31 9.82 3.94
C ILE E 92 42.80 11.02 3.16
N MET E 93 43.69 11.89 2.70
CA MET E 93 43.32 13.11 1.97
C MET E 93 43.42 12.76 0.49
N GLY E 94 42.36 12.16 -0.02
CA GLY E 94 42.30 11.78 -1.43
C GLY E 94 42.74 12.95 -2.28
N PRO E 95 42.09 14.12 -2.13
CA PRO E 95 42.47 15.32 -2.87
C PRO E 95 43.69 15.93 -2.14
N GLY E 96 44.87 15.40 -2.47
CA GLY E 96 46.14 15.73 -1.80
C GLY E 96 46.66 17.09 -2.23
N HIS E 97 46.19 17.61 -3.38
CA HIS E 97 46.39 19.03 -3.78
C HIS E 97 45.88 19.98 -2.70
N GLY E 98 45.07 19.50 -1.77
CA GLY E 98 44.59 20.30 -0.63
C GLY E 98 45.61 20.33 0.48
N GLY E 99 46.90 20.33 0.11
CA GLY E 99 48.05 20.43 1.05
C GLY E 99 47.85 21.43 2.17
N PRO E 100 47.41 22.68 1.89
CA PRO E 100 47.30 23.71 2.93
C PRO E 100 46.31 23.33 4.03
N ALA E 101 45.35 22.46 3.71
CA ALA E 101 44.44 21.91 4.73
C ALA E 101 45.23 21.08 5.74
N GLY E 102 46.21 20.31 5.27
CA GLY E 102 47.01 19.38 6.09
C GLY E 102 48.12 20.08 6.84
N THR E 103 48.81 21.04 6.20
CA THR E 103 49.81 21.89 6.88
C THR E 103 49.06 22.70 7.93
N SER E 104 47.92 23.29 7.60
CA SER E 104 47.12 24.07 8.60
C SER E 104 46.77 23.16 9.79
N GLN E 105 46.40 21.91 9.51
CA GLN E 105 45.90 21.00 10.59
C GLN E 105 47.07 20.79 11.55
N SER E 106 48.26 20.51 11.02
CA SER E 106 49.51 20.20 11.78
C SER E 106 49.95 21.43 12.57
N TYR E 107 49.92 22.61 11.94
CA TYR E 107 50.31 23.88 12.60
C TYR E 107 49.36 24.15 13.76
N LEU E 108 48.10 23.74 13.61
CA LEU E 108 47.05 24.07 14.60
C LEU E 108 46.99 23.03 15.72
N ASP E 109 47.31 21.76 15.47
CA ASP E 109 47.29 20.71 16.53
C ASP E 109 48.59 20.76 17.35
N GLY E 110 49.67 21.34 16.82
CA GLY E 110 50.89 21.65 17.58
C GLY E 110 52.10 20.87 17.11
N THR E 111 51.85 19.89 16.26
CA THR E 111 52.85 18.91 15.77
C THR E 111 53.77 19.63 14.78
N TYR E 112 53.30 20.68 14.10
CA TYR E 112 54.14 21.35 13.08
C TYR E 112 55.34 22.03 13.78
N THR E 113 55.09 22.69 14.91
CA THR E 113 56.13 23.35 15.73
C THR E 113 56.99 22.29 16.45
N GLU E 114 56.40 21.22 16.97
CA GLU E 114 57.19 20.15 17.63
C GLU E 114 58.19 19.55 16.64
N THR E 115 57.82 19.39 15.37
CA THR E 115 58.63 18.66 14.35
C THR E 115 59.68 19.58 13.71
N PHE E 116 59.31 20.85 13.49
CA PHE E 116 60.14 21.93 12.90
C PHE E 116 60.12 23.14 13.84
N PRO E 117 61.07 23.26 14.81
CA PRO E 117 60.93 24.24 15.90
C PRO E 117 61.15 25.70 15.49
N LYS E 118 61.66 25.96 14.28
CA LYS E 118 61.76 27.33 13.72
C LYS E 118 60.34 27.91 13.46
N ILE E 119 59.36 27.08 13.09
CA ILE E 119 57.98 27.51 12.70
C ILE E 119 57.18 27.74 13.97
N THR E 120 57.36 28.91 14.58
CA THR E 120 56.90 29.26 15.95
C THR E 120 55.40 29.63 15.91
N LYS E 121 54.77 29.64 17.08
CA LYS E 121 53.36 29.99 17.30
C LYS E 121 53.28 31.49 17.58
N ASP E 122 53.69 32.30 16.62
CA ASP E 122 53.73 33.78 16.73
C ASP E 122 53.75 34.37 15.32
N GLU E 123 53.66 35.69 15.20
CA GLU E 123 53.72 36.42 13.92
C GLU E 123 54.91 35.97 13.07
N ALA E 124 56.07 35.79 13.69
CA ALA E 124 57.32 35.42 12.98
C ALA E 124 57.17 34.01 12.37
N GLY E 125 56.69 33.05 13.16
CA GLY E 125 56.47 31.68 12.68
C GLY E 125 55.40 31.66 11.60
N LEU E 126 54.30 32.40 11.81
CA LEU E 126 53.22 32.62 10.83
C LEU E 126 53.81 33.13 9.49
N GLN E 127 54.75 34.07 9.55
CA GLN E 127 55.34 34.63 8.33
C GLN E 127 56.12 33.55 7.57
N LYS E 128 56.91 32.72 8.26
CA LYS E 128 57.77 31.69 7.62
C LYS E 128 56.87 30.60 7.02
N PHE E 129 55.82 30.27 7.77
CA PHE E 129 54.79 29.25 7.45
C PHE E 129 54.10 29.57 6.12
N PHE E 130 53.67 30.82 5.92
CA PHE E 130 53.04 31.28 4.66
C PHE E 130 54.07 31.23 3.53
N ARG E 131 55.25 31.79 3.79
CA ARG E 131 56.25 31.98 2.72
C ARG E 131 56.63 30.60 2.15
N GLN E 132 56.88 29.63 3.03
CA GLN E 132 57.55 28.35 2.66
C GLN E 132 56.65 27.45 1.82
N PHE E 133 55.33 27.60 1.90
CA PHE E 133 54.43 26.66 1.19
C PHE E 133 54.69 26.83 -0.31
N SER E 134 55.11 25.77 -0.99
CA SER E 134 55.27 25.69 -2.47
C SER E 134 56.32 26.69 -2.98
N TYR E 135 57.30 26.99 -2.15
CA TYR E 135 58.31 28.05 -2.35
C TYR E 135 59.68 27.37 -2.39
N PRO E 136 60.64 27.86 -3.21
CA PRO E 136 61.98 27.30 -3.22
C PRO E 136 62.54 27.22 -1.79
N GLY E 137 63.05 26.04 -1.46
CA GLY E 137 63.70 25.74 -0.18
C GLY E 137 62.70 25.56 0.91
N GLY E 138 61.43 25.36 0.54
CA GLY E 138 60.30 25.30 1.48
C GLY E 138 59.75 23.89 1.58
N ILE E 139 58.42 23.77 1.60
CA ILE E 139 57.70 22.48 1.69
C ILE E 139 56.83 22.29 0.44
N PRO E 140 56.35 21.05 0.18
CA PRO E 140 55.58 20.78 -1.03
C PRO E 140 54.14 21.35 -1.04
N SER E 141 53.52 21.42 -2.22
CA SER E 141 52.14 21.94 -2.45
C SER E 141 51.08 20.91 -2.01
N HIS E 142 51.40 19.62 -2.12
CA HIS E 142 50.51 18.50 -1.72
C HIS E 142 50.78 18.11 -0.26
N PHE E 143 50.02 17.15 0.27
CA PHE E 143 50.04 16.66 1.67
C PHE E 143 51.12 15.59 1.74
N ALA E 144 52.36 16.07 1.62
CA ALA E 144 53.55 15.26 1.36
C ALA E 144 53.97 14.57 2.65
N PRO E 145 54.89 13.57 2.57
CA PRO E 145 55.45 12.92 3.76
C PRO E 145 56.22 13.86 4.70
N GLU E 146 56.64 15.02 4.18
CA GLU E 146 57.17 16.14 5.01
C GLU E 146 56.10 16.61 6.01
N THR E 147 54.82 16.31 5.80
CA THR E 147 53.69 16.78 6.68
C THR E 147 53.30 15.73 7.71
N PRO E 148 53.33 16.03 9.01
CA PRO E 148 52.84 15.08 10.00
C PRO E 148 51.36 14.80 9.68
N GLY E 149 50.91 13.58 9.98
CA GLY E 149 49.54 13.09 9.76
C GLY E 149 49.40 12.43 8.40
N SER E 150 50.37 12.59 7.49
CA SER E 150 50.24 12.07 6.10
C SER E 150 50.80 10.64 6.03
N ILE E 151 49.99 9.66 5.62
CA ILE E 151 50.46 8.36 5.06
C ILE E 151 50.12 8.29 3.57
N HIS E 152 49.57 9.37 3.01
CA HIS E 152 48.97 9.38 1.65
C HIS E 152 49.03 10.82 1.13
N GLU E 153 49.76 11.03 0.02
CA GLU E 153 50.07 12.36 -0.59
C GLU E 153 48.95 12.79 -1.55
N GLY E 154 48.37 11.88 -2.31
CA GLY E 154 47.20 12.22 -3.14
C GLY E 154 47.61 13.13 -4.28
N GLY E 155 48.82 12.95 -4.78
CA GLY E 155 49.26 13.64 -6.00
C GLY E 155 48.77 12.89 -7.22
N GLU E 156 49.08 11.59 -7.27
CA GLU E 156 48.47 10.65 -8.24
C GLU E 156 47.18 10.11 -7.60
N LEU E 157 46.03 10.51 -8.13
CA LEU E 157 44.68 10.21 -7.57
C LEU E 157 44.32 8.75 -7.88
N GLY E 158 43.65 8.08 -6.93
CA GLY E 158 43.02 6.77 -7.15
C GLY E 158 43.17 5.81 -5.98
N TYR E 159 44.15 6.02 -5.10
CA TYR E 159 44.62 5.00 -4.13
C TYR E 159 44.11 5.35 -2.73
N ALA E 160 43.19 6.31 -2.65
CA ALA E 160 42.62 6.72 -1.34
C ALA E 160 42.04 5.48 -0.66
N LEU E 161 41.31 4.65 -1.39
CA LEU E 161 40.48 3.59 -0.76
C LEU E 161 41.35 2.35 -0.46
N SER E 162 42.16 1.89 -1.42
CA SER E 162 43.17 0.84 -1.18
C SER E 162 43.99 1.20 0.06
N HIS E 163 44.56 2.41 0.15
CA HIS E 163 45.40 2.80 1.32
C HIS E 163 44.54 2.84 2.57
N ALA E 164 43.31 3.34 2.46
CA ALA E 164 42.35 3.41 3.58
C ALA E 164 42.11 2.01 4.17
N TYR E 165 41.76 1.04 3.31
CA TYR E 165 41.35 -0.35 3.69
C TYR E 165 42.58 -1.13 4.16
N GLY E 166 43.75 -0.96 3.51
CA GLY E 166 45.04 -1.57 3.92
C GLY E 166 45.43 -1.19 5.34
N ALA E 167 45.26 0.10 5.66
CA ALA E 167 45.61 0.69 6.97
C ALA E 167 44.85 0.01 8.11
N ILE E 168 43.67 -0.55 7.86
CA ILE E 168 42.75 -0.98 8.95
C ILE E 168 42.81 -2.50 9.14
N MET E 169 43.38 -3.22 8.18
CA MET E 169 43.62 -4.67 8.30
C MET E 169 44.48 -4.96 9.54
N ASP E 170 44.06 -5.94 10.34
CA ASP E 170 44.73 -6.37 11.62
C ASP E 170 44.79 -5.19 12.60
N ASN E 171 44.00 -4.14 12.41
CA ASN E 171 44.08 -2.90 13.23
C ASN E 171 42.70 -2.56 13.80
N PRO E 172 42.10 -3.42 14.66
CA PRO E 172 40.74 -3.21 15.16
C PRO E 172 40.38 -1.87 15.81
N SER E 173 41.36 -1.12 16.32
CA SER E 173 41.16 0.15 17.10
C SER E 173 40.99 1.36 16.16
N LEU E 174 41.45 1.26 14.91
CA LEU E 174 41.68 2.41 13.99
C LEU E 174 40.43 2.70 13.15
N PHE E 175 39.88 3.90 13.35
CA PHE E 175 38.88 4.53 12.45
C PHE E 175 39.64 5.28 11.35
N VAL E 176 39.31 5.07 10.08
CA VAL E 176 39.88 5.85 8.93
C VAL E 176 38.79 6.56 8.10
N PRO E 177 38.52 7.86 8.36
CA PRO E 177 37.81 8.71 7.42
C PRO E 177 38.63 8.88 6.13
N ALA E 178 38.14 8.31 5.04
CA ALA E 178 38.83 8.36 3.73
C ALA E 178 38.10 9.38 2.87
N ILE E 179 38.72 10.53 2.66
CA ILE E 179 38.12 11.64 1.88
C ILE E 179 38.49 11.38 0.42
N VAL E 180 37.48 11.20 -0.44
CA VAL E 180 37.67 10.83 -1.86
C VAL E 180 37.24 12.03 -2.71
N GLY E 181 38.07 12.45 -3.64
CA GLY E 181 37.65 13.46 -4.64
C GLY E 181 36.56 12.88 -5.52
N ASP E 182 35.54 13.66 -5.86
CA ASP E 182 34.47 13.19 -6.76
C ASP E 182 35.07 13.08 -8.15
N GLY E 183 36.15 13.80 -8.47
CA GLY E 183 36.95 13.56 -9.68
C GLY E 183 37.82 12.30 -9.56
N GLU E 184 38.48 12.11 -8.43
CA GLU E 184 39.28 10.88 -8.17
C GLU E 184 38.37 9.66 -8.32
N ALA E 185 37.10 9.79 -7.98
CA ALA E 185 36.11 8.69 -8.05
C ALA E 185 35.92 8.22 -9.51
N GLU E 186 36.36 9.00 -10.49
CA GLU E 186 36.24 8.65 -11.93
C GLU E 186 37.43 7.81 -12.39
N THR E 187 38.43 7.62 -11.53
CA THR E 187 39.61 6.76 -11.82
C THR E 187 39.21 5.28 -11.62
N GLY E 188 39.73 4.39 -12.46
CA GLY E 188 39.66 2.92 -12.27
C GLY E 188 40.02 2.49 -10.85
N PRO E 189 41.24 2.79 -10.39
CA PRO E 189 41.67 2.34 -9.08
C PRO E 189 40.68 2.68 -7.96
N LEU E 190 40.06 3.86 -7.99
CA LEU E 190 39.13 4.28 -6.90
C LEU E 190 37.83 3.48 -7.10
N ALA E 191 37.38 3.33 -8.35
CA ALA E 191 36.09 2.66 -8.68
C ALA E 191 36.11 1.27 -8.06
N THR E 192 37.17 0.47 -8.25
CA THR E 192 37.26 -0.90 -7.68
C THR E 192 37.49 -0.78 -6.16
N GLY E 193 38.16 0.27 -5.70
CA GLY E 193 38.41 0.52 -4.27
C GLY E 193 37.16 0.38 -3.40
N TRP E 194 36.00 0.73 -3.92
CA TRP E 194 34.72 0.73 -3.15
C TRP E 194 34.40 -0.69 -2.64
N GLN E 195 34.70 -1.72 -3.42
CA GLN E 195 34.31 -3.14 -3.14
C GLN E 195 35.15 -3.75 -2.03
N SER E 196 36.20 -3.05 -1.59
CA SER E 196 37.13 -3.51 -0.54
C SER E 196 36.36 -4.01 0.68
N ASN E 197 35.12 -3.59 0.89
CA ASN E 197 34.34 -3.90 2.12
C ASN E 197 33.84 -5.37 2.12
N LYS E 198 34.08 -6.17 1.07
CA LYS E 198 33.89 -7.66 1.12
C LYS E 198 35.22 -8.36 1.41
N LEU E 199 36.30 -7.62 1.69
CA LEU E 199 37.64 -8.22 1.90
C LEU E 199 38.16 -7.87 3.29
N VAL E 200 37.31 -7.31 4.11
CA VAL E 200 37.68 -6.93 5.50
C VAL E 200 36.61 -7.49 6.39
N ASN E 201 36.96 -7.71 7.64
CA ASN E 201 36.05 -8.23 8.68
C ASN E 201 36.03 -7.15 9.73
N PRO E 202 34.86 -6.80 10.27
CA PRO E 202 34.79 -5.78 11.32
C PRO E 202 35.20 -6.20 12.73
N ARG E 203 35.54 -7.48 13.01
CA ARG E 203 36.04 -7.85 14.36
C ARG E 203 37.57 -7.67 14.38
N THR E 204 38.25 -8.21 13.37
CA THR E 204 39.72 -8.35 13.28
C THR E 204 40.35 -7.11 12.62
N ASP E 205 39.59 -6.43 11.74
CA ASP E 205 40.04 -5.17 11.08
C ASP E 205 39.36 -3.96 11.74
N GLY E 206 39.81 -2.76 11.34
CA GLY E 206 39.17 -1.47 11.69
C GLY E 206 38.00 -1.11 10.77
N ILE E 207 37.56 0.16 10.84
CA ILE E 207 36.48 0.76 9.99
C ILE E 207 37.05 1.91 9.14
N VAL E 208 36.85 1.80 7.83
CA VAL E 208 36.84 2.94 6.90
C VAL E 208 35.42 3.51 6.82
N LEU E 209 35.35 4.82 6.84
CA LEU E 209 34.18 5.63 6.45
C LEU E 209 34.60 6.41 5.21
N PRO E 210 34.18 6.00 3.99
CA PRO E 210 34.45 6.79 2.79
C PRO E 210 33.62 8.06 2.87
N ILE E 211 34.23 9.20 2.55
CA ILE E 211 33.55 10.53 2.47
C ILE E 211 33.74 11.01 1.04
N LEU E 212 32.69 10.97 0.23
CA LEU E 212 32.76 11.46 -1.17
C LEU E 212 32.70 12.99 -1.11
N HIS E 213 33.83 13.63 -1.36
CA HIS E 213 33.96 15.12 -1.38
C HIS E 213 33.33 15.62 -2.67
N LEU E 214 32.00 15.60 -2.72
CA LEU E 214 31.22 15.83 -3.96
C LEU E 214 31.02 17.34 -4.14
N ASN E 215 32.06 18.03 -4.61
CA ASN E 215 32.08 19.52 -4.66
C ASN E 215 31.62 19.90 -6.05
N GLY E 216 31.27 18.91 -6.86
CA GLY E 216 30.57 19.09 -8.14
C GLY E 216 31.50 19.23 -9.32
N TYR E 217 32.81 19.31 -9.09
CA TYR E 217 33.81 19.73 -10.12
C TYR E 217 35.13 19.04 -9.81
N LYS E 218 35.88 18.83 -10.90
CA LYS E 218 37.32 18.46 -10.94
C LYS E 218 38.03 19.70 -11.50
N ILE E 219 38.91 19.62 -12.50
CA ILE E 219 39.73 20.81 -12.89
C ILE E 219 38.91 21.77 -13.75
N ALA E 220 38.49 21.34 -14.94
CA ALA E 220 37.76 22.18 -15.92
C ALA E 220 36.41 21.54 -16.32
N ASN E 221 35.82 20.70 -15.47
CA ASN E 221 34.60 19.91 -15.80
C ASN E 221 33.82 19.60 -14.53
N PRO E 222 32.52 19.29 -14.69
CA PRO E 222 31.71 18.78 -13.58
C PRO E 222 32.15 17.34 -13.37
N THR E 223 31.71 16.71 -12.31
CA THR E 223 31.99 15.28 -12.08
C THR E 223 30.74 14.45 -12.38
N ILE E 224 30.99 13.24 -12.84
CA ILE E 224 29.94 12.25 -13.24
C ILE E 224 28.98 12.03 -12.08
N LEU E 225 29.49 11.82 -10.87
CA LEU E 225 28.68 11.42 -9.69
C LEU E 225 27.86 12.61 -9.15
N SER E 226 28.18 13.86 -9.49
CA SER E 226 27.40 15.05 -9.04
C SER E 226 26.29 15.37 -10.04
N ARG E 227 26.39 14.93 -11.29
CA ARG E 227 25.43 15.32 -12.37
C ARG E 227 24.46 14.19 -12.74
N ILE E 228 24.48 13.07 -12.02
CA ILE E 228 23.48 11.97 -12.13
C ILE E 228 22.40 12.21 -11.08
N SER E 229 21.28 11.50 -11.18
CA SER E 229 20.18 11.62 -10.20
C SER E 229 20.78 11.26 -8.85
N ASP E 230 20.26 11.86 -7.78
CA ASP E 230 20.54 11.49 -6.37
C ASP E 230 20.09 10.04 -6.11
N GLU E 231 19.06 9.53 -6.78
CA GLU E 231 18.58 8.13 -6.57
C GLU E 231 19.69 7.21 -7.10
N GLU E 232 20.20 7.48 -8.30
CA GLU E 232 21.24 6.59 -8.87
C GLU E 232 22.41 6.58 -7.89
N LEU E 233 22.76 7.76 -7.37
CA LEU E 233 23.97 7.91 -6.53
C LEU E 233 23.77 7.08 -5.25
N HIS E 234 22.61 7.15 -4.62
CA HIS E 234 22.29 6.34 -3.40
C HIS E 234 22.26 4.83 -3.71
N GLU E 235 21.81 4.45 -4.91
CA GLU E 235 21.67 3.02 -5.30
C GLU E 235 23.06 2.43 -5.53
N PHE E 236 23.92 3.16 -6.22
CA PHE E 236 25.32 2.80 -6.52
C PHE E 236 26.02 2.33 -5.24
N PHE E 237 25.94 3.13 -4.18
CA PHE E 237 26.69 2.93 -2.91
C PHE E 237 26.02 1.81 -2.13
N HIS E 238 24.68 1.73 -2.20
CA HIS E 238 23.90 0.69 -1.49
C HIS E 238 24.32 -0.66 -2.09
N GLY E 239 24.44 -0.73 -3.40
CA GLY E 239 24.80 -1.98 -4.10
C GLY E 239 26.24 -2.39 -3.88
N MET E 240 27.08 -1.48 -3.39
CA MET E 240 28.51 -1.76 -3.12
C MET E 240 28.66 -2.10 -1.63
N GLY E 241 27.52 -2.19 -0.94
CA GLY E 241 27.47 -2.67 0.46
C GLY E 241 27.66 -1.56 1.46
N TYR E 242 27.21 -0.34 1.15
CA TYR E 242 27.30 0.83 2.06
C TYR E 242 25.87 1.36 2.33
N GLU E 243 25.70 2.03 3.46
CA GLU E 243 24.46 2.76 3.83
C GLU E 243 24.76 4.24 3.60
N PRO E 244 24.33 4.82 2.45
CA PRO E 244 24.69 6.20 2.12
C PRO E 244 23.90 7.25 2.91
N TYR E 245 24.64 8.17 3.53
CA TYR E 245 24.16 9.42 4.16
C TYR E 245 24.61 10.58 3.28
N GLU E 246 23.73 11.55 3.09
CA GLU E 246 24.05 12.75 2.32
C GLU E 246 23.91 13.97 3.22
N PHE E 247 24.90 14.86 3.17
CA PHE E 247 24.87 16.19 3.77
C PHE E 247 25.01 17.21 2.64
N VAL E 248 24.18 18.25 2.63
CA VAL E 248 24.26 19.35 1.63
C VAL E 248 24.34 20.68 2.37
N ALA E 249 25.24 21.57 1.98
CA ALA E 249 25.37 22.87 2.68
C ALA E 249 26.13 23.84 1.78
N GLY E 250 25.87 25.14 1.98
CA GLY E 250 26.67 26.22 1.37
C GLY E 250 26.12 26.66 0.05
N PHE E 251 24.95 26.17 -0.39
CA PHE E 251 24.29 26.67 -1.63
C PHE E 251 23.24 27.72 -1.33
N ASP E 252 22.81 27.88 -0.08
CA ASP E 252 21.78 28.87 0.31
C ASP E 252 22.42 29.86 1.30
N ASP E 253 21.63 30.60 2.08
CA ASP E 253 22.12 31.66 3.00
C ASP E 253 22.11 31.07 4.42
N GLU E 254 21.98 29.77 4.55
CA GLU E 254 21.99 29.11 5.87
C GLU E 254 23.24 29.57 6.60
N ASP E 255 23.06 29.93 7.86
CA ASP E 255 24.12 30.47 8.73
C ASP E 255 25.04 29.31 9.16
N HIS E 256 26.34 29.57 9.23
CA HIS E 256 27.40 28.57 9.52
C HIS E 256 27.11 27.80 10.81
N MET E 257 26.65 28.44 11.88
CA MET E 257 26.45 27.68 13.14
C MET E 257 25.37 26.61 12.88
N SER E 258 24.30 26.95 12.20
CA SER E 258 23.25 26.00 11.76
C SER E 258 23.91 24.83 11.01
N ILE E 259 24.82 25.13 10.08
CA ILE E 259 25.49 24.09 9.25
C ILE E 259 26.27 23.14 10.18
N HIS E 260 27.07 23.69 11.10
CA HIS E 260 27.93 22.93 12.05
C HIS E 260 27.04 22.01 12.89
N ARG E 261 25.89 22.53 13.34
CA ARG E 261 24.93 21.79 14.17
C ARG E 261 24.41 20.59 13.38
N ARG E 262 23.98 20.81 12.14
CA ARG E 262 23.41 19.75 11.26
C ARG E 262 24.48 18.69 10.96
N PHE E 263 25.70 19.10 10.65
CA PHE E 263 26.76 18.13 10.24
C PHE E 263 27.17 17.28 11.45
N ALA E 264 27.24 17.87 12.64
CA ALA E 264 27.69 17.20 13.86
C ALA E 264 26.62 16.21 14.33
N GLU E 265 25.34 16.54 14.17
CA GLU E 265 24.24 15.56 14.44
C GLU E 265 24.36 14.38 13.47
N LEU E 266 24.53 14.66 12.18
CA LEU E 266 24.65 13.58 11.19
C LEU E 266 25.90 12.72 11.50
N TRP E 267 27.01 13.37 11.80
CA TRP E 267 28.29 12.67 12.07
C TRP E 267 28.11 11.73 13.27
N GLU E 268 27.52 12.24 14.35
CA GLU E 268 27.27 11.44 15.59
C GLU E 268 26.36 10.26 15.24
N THR E 269 25.24 10.49 14.54
CA THR E 269 24.30 9.45 14.04
C THR E 269 25.09 8.42 13.25
N ILE E 270 25.97 8.86 12.35
CA ILE E 270 26.81 7.90 11.55
C ILE E 270 27.69 7.10 12.49
N TRP E 271 28.22 7.74 13.53
CA TRP E 271 29.23 7.12 14.42
C TRP E 271 28.52 6.09 15.29
N ASP E 272 27.33 6.40 15.79
CA ASP E 272 26.44 5.43 16.47
C ASP E 272 26.26 4.14 15.63
N GLU E 273 26.07 4.21 14.31
CA GLU E 273 25.91 2.98 13.49
C GLU E 273 27.20 2.16 13.50
N ILE E 274 28.33 2.80 13.19
CA ILE E 274 29.71 2.21 13.25
C ILE E 274 29.97 1.57 14.63
N CYS E 275 29.55 2.20 15.73
CA CYS E 275 29.75 1.63 17.08
C CYS E 275 28.91 0.36 17.26
N ASP E 276 27.62 0.42 16.89
CA ASP E 276 26.72 -0.77 16.76
C ASP E 276 27.40 -1.86 15.91
N ILE E 277 27.96 -1.51 14.75
CA ILE E 277 28.63 -2.52 13.88
C ILE E 277 29.80 -3.15 14.63
N LYS E 278 30.49 -2.42 15.49
CA LYS E 278 31.71 -2.91 16.19
C LYS E 278 31.30 -3.75 17.40
N ALA E 279 30.24 -3.36 18.11
CA ALA E 279 29.65 -4.16 19.21
C ALA E 279 29.19 -5.52 18.64
N THR E 280 28.22 -5.50 17.70
CA THR E 280 27.66 -6.67 16.99
C THR E 280 28.81 -7.62 16.60
N ALA E 281 29.91 -7.10 16.06
CA ALA E 281 30.97 -7.92 15.42
C ALA E 281 31.75 -8.74 16.47
N GLN E 282 31.65 -8.36 17.75
CA GLN E 282 32.17 -9.15 18.90
C GLN E 282 31.36 -10.45 19.07
N THR E 283 30.13 -10.52 18.58
CA THR E 283 29.27 -11.74 18.63
C THR E 283 29.19 -12.43 17.26
N ASP E 284 28.76 -11.67 16.26
CA ASP E 284 28.57 -12.13 14.86
C ASP E 284 29.55 -11.35 14.01
N ASN E 285 30.53 -12.00 13.41
CA ASN E 285 31.42 -11.37 12.41
C ASN E 285 31.42 -12.25 11.16
N VAL E 286 30.41 -13.12 10.99
CA VAL E 286 30.32 -13.93 9.74
C VAL E 286 29.42 -13.19 8.77
N HIS E 287 28.46 -12.41 9.28
CA HIS E 287 27.48 -11.61 8.48
C HIS E 287 27.99 -10.19 8.23
N ARG E 288 28.20 -9.88 6.95
CA ARG E 288 28.74 -8.59 6.44
C ARG E 288 27.71 -7.50 6.61
N PRO E 289 28.02 -6.37 7.29
CA PRO E 289 27.07 -5.28 7.45
C PRO E 289 27.14 -4.37 6.21
N PHE E 290 26.18 -3.46 6.13
CA PHE E 290 26.23 -2.26 5.25
C PHE E 290 26.95 -1.14 6.05
N TYR E 291 28.16 -0.79 5.61
CA TYR E 291 29.03 0.20 6.27
C TYR E 291 28.55 1.59 5.85
N PRO E 292 28.33 2.53 6.79
CA PRO E 292 28.03 3.91 6.43
C PRO E 292 29.08 4.47 5.48
N MET E 293 28.64 5.40 4.65
CA MET E 293 29.53 6.23 3.81
C MET E 293 28.85 7.57 3.66
N LEU E 294 29.60 8.66 3.52
CA LEU E 294 29.04 10.05 3.61
C LEU E 294 29.26 10.70 2.25
N ILE E 295 28.16 11.15 1.65
CA ILE E 295 28.19 12.04 0.45
C ILE E 295 28.15 13.46 0.99
N PHE E 296 29.24 14.20 0.82
CA PHE E 296 29.45 15.56 1.34
C PHE E 296 29.34 16.52 0.15
N ARG E 297 28.15 17.11 -0.04
CA ARG E 297 27.80 17.97 -1.21
C ARG E 297 27.87 19.44 -0.79
N THR E 298 28.94 20.14 -1.16
CA THR E 298 29.22 21.56 -0.81
C THR E 298 29.79 22.25 -2.04
N PRO E 299 29.72 23.59 -2.13
CA PRO E 299 30.25 24.29 -3.29
C PRO E 299 31.79 24.28 -3.31
N LYS E 300 32.37 23.91 -4.45
CA LYS E 300 33.83 23.97 -4.67
C LYS E 300 34.26 25.42 -4.39
N GLY E 301 35.40 25.61 -3.72
CA GLY E 301 35.93 26.94 -3.35
C GLY E 301 35.14 27.61 -2.23
N TRP E 302 34.26 26.87 -1.54
CA TRP E 302 33.33 27.37 -0.49
C TRP E 302 33.95 28.50 0.32
N THR E 303 33.29 29.68 0.38
CA THR E 303 33.58 30.88 1.23
C THR E 303 34.51 31.88 0.55
N CYS E 304 34.91 31.59 -0.69
CA CYS E 304 35.66 32.49 -1.59
C CYS E 304 34.62 33.39 -2.25
N PRO E 305 35.03 34.51 -2.88
CA PRO E 305 34.05 35.43 -3.45
C PRO E 305 33.20 34.69 -4.50
N LYS E 306 31.89 34.86 -4.40
CA LYS E 306 30.90 34.16 -5.25
C LYS E 306 31.25 34.38 -6.71
N TYR E 307 31.58 35.61 -7.11
CA TYR E 307 31.94 36.02 -8.48
C TYR E 307 33.21 36.89 -8.45
N ILE E 308 34.11 36.67 -9.39
CA ILE E 308 35.31 37.53 -9.59
C ILE E 308 35.37 37.86 -11.08
N ASP E 309 35.36 39.15 -11.42
CA ASP E 309 35.45 39.62 -12.83
C ASP E 309 34.26 39.08 -13.63
N GLY E 310 33.07 39.08 -13.01
CA GLY E 310 31.78 38.65 -13.60
C GLY E 310 31.70 37.15 -13.87
N LYS E 311 32.67 36.34 -13.44
CA LYS E 311 32.65 34.86 -13.59
C LYS E 311 32.35 34.18 -12.26
N LYS E 312 31.44 33.22 -12.25
CA LYS E 312 31.07 32.43 -11.03
C LYS E 312 32.29 31.65 -10.55
N THR E 313 32.66 31.77 -9.27
CA THR E 313 33.94 31.20 -8.77
C THR E 313 33.69 30.16 -7.65
N GLU E 314 32.99 30.53 -6.58
CA GLU E 314 32.41 29.60 -5.59
C GLU E 314 31.42 28.72 -6.37
N GLY E 315 31.40 27.41 -6.13
CA GLY E 315 30.48 26.47 -6.82
C GLY E 315 30.77 26.34 -8.32
N SER E 316 32.04 26.47 -8.70
CA SER E 316 32.56 26.24 -10.07
C SER E 316 33.94 25.59 -9.99
N TRP E 317 34.31 24.93 -11.08
CA TRP E 317 35.66 24.45 -11.40
C TRP E 317 36.69 25.60 -11.42
N ARG E 318 36.26 26.84 -11.65
CA ARG E 318 37.18 28.01 -11.71
C ARG E 318 37.92 28.26 -10.40
N SER E 319 37.44 27.69 -9.30
CA SER E 319 38.03 27.82 -7.95
C SER E 319 39.12 26.77 -7.78
N HIS E 320 39.31 25.90 -8.77
CA HIS E 320 40.15 24.68 -8.58
C HIS E 320 41.55 25.08 -8.07
N GLN E 321 42.30 25.87 -8.85
CA GLN E 321 43.68 26.34 -8.55
C GLN E 321 43.53 27.57 -7.63
N VAL E 322 43.45 28.76 -8.20
CA VAL E 322 43.22 30.00 -7.41
C VAL E 322 42.05 30.78 -8.02
N PRO E 323 41.03 31.14 -7.23
CA PRO E 323 39.86 31.85 -7.75
C PRO E 323 40.25 33.25 -8.27
N LEU E 324 41.24 33.83 -7.62
CA LEU E 324 41.81 35.15 -7.98
C LEU E 324 43.23 34.90 -8.52
N ALA E 325 43.43 35.04 -9.84
CA ALA E 325 44.61 34.56 -10.61
C ALA E 325 45.86 35.40 -10.30
N SER E 326 45.68 36.68 -9.95
CA SER E 326 46.75 37.63 -9.57
C SER E 326 46.15 38.59 -8.56
N ALA E 327 46.89 38.91 -7.50
CA ALA E 327 46.50 39.94 -6.50
C ALA E 327 47.51 41.11 -6.59
N ARG E 328 48.43 41.05 -7.57
CA ARG E 328 49.52 42.04 -7.78
C ARG E 328 49.26 42.91 -9.01
N ASP E 329 48.46 42.47 -9.98
CA ASP E 329 48.30 43.14 -11.31
C ASP E 329 47.49 44.43 -11.22
N THR E 330 46.40 44.50 -10.43
CA THR E 330 45.53 45.70 -10.35
C THR E 330 45.11 45.95 -8.90
N GLU E 331 44.85 47.22 -8.56
CA GLU E 331 44.32 47.60 -7.23
C GLU E 331 43.12 46.69 -6.89
N ALA E 332 42.08 46.66 -7.72
CA ALA E 332 40.81 45.89 -7.54
C ALA E 332 41.10 44.42 -7.20
N HIS E 333 42.02 43.77 -7.91
CA HIS E 333 42.33 42.35 -7.61
C HIS E 333 42.87 42.29 -6.17
N PHE E 334 43.77 43.21 -5.82
CA PHE E 334 44.34 43.31 -4.45
C PHE E 334 43.23 43.54 -3.43
N GLU E 335 42.26 44.39 -3.75
CA GLU E 335 41.12 44.73 -2.85
C GLU E 335 40.31 43.45 -2.57
N VAL E 336 40.09 42.61 -3.60
CA VAL E 336 39.31 41.35 -3.47
C VAL E 336 40.06 40.38 -2.54
N LEU E 337 41.39 40.25 -2.68
CA LEU E 337 42.20 39.41 -1.77
C LEU E 337 42.01 39.90 -0.33
N LYS E 338 42.18 41.20 -0.12
CA LYS E 338 42.08 41.83 1.23
C LYS E 338 40.70 41.47 1.79
N ASN E 339 39.62 41.78 1.07
CA ASN E 339 38.25 41.60 1.61
C ASN E 339 38.04 40.12 1.89
N TRP E 340 38.61 39.25 1.06
CA TRP E 340 38.50 37.78 1.20
C TRP E 340 39.12 37.44 2.56
N LEU E 341 40.40 37.77 2.76
CA LEU E 341 41.12 37.47 4.02
C LEU E 341 40.36 38.04 5.22
N GLU E 342 39.86 39.27 5.11
CA GLU E 342 39.12 39.94 6.22
C GLU E 342 37.81 39.18 6.51
N SER E 343 37.23 38.50 5.53
CA SER E 343 35.89 37.87 5.73
C SER E 343 35.94 36.83 6.85
N TYR E 344 37.09 36.26 7.19
CA TYR E 344 37.23 35.24 8.26
C TYR E 344 37.37 35.91 9.63
N LYS E 345 37.36 37.25 9.65
CA LYS E 345 37.52 38.08 10.87
C LYS E 345 38.72 37.57 11.66
N PRO E 346 39.94 37.66 11.11
CA PRO E 346 41.13 37.14 11.79
C PRO E 346 41.54 37.93 13.03
N GLU E 347 41.05 39.15 13.16
CA GLU E 347 41.31 40.02 14.35
C GLU E 347 40.74 39.29 15.58
N GLU E 348 39.76 38.41 15.41
CA GLU E 348 39.15 37.59 16.50
C GLU E 348 39.90 36.27 16.76
N LEU E 349 40.73 35.79 15.82
CA LEU E 349 41.34 34.43 15.83
C LEU E 349 42.78 34.45 16.34
N PHE E 350 43.48 35.57 16.18
CA PHE E 350 44.92 35.72 16.54
C PHE E 350 45.09 36.76 17.64
N ASP E 351 46.01 36.51 18.58
CA ASP E 351 46.30 37.45 19.70
C ASP E 351 47.34 38.43 19.18
N ALA E 352 47.73 39.39 20.02
CA ALA E 352 48.62 40.54 19.65
C ALA E 352 50.01 40.04 19.23
N ASN E 353 50.51 38.94 19.83
CA ASN E 353 51.77 38.23 19.43
C ASN E 353 51.63 37.46 18.11
N GLY E 354 50.44 37.37 17.52
CA GLY E 354 50.17 36.60 16.28
C GLY E 354 50.04 35.10 16.55
N ALA E 355 49.67 34.73 17.77
CA ALA E 355 49.40 33.34 18.16
C ALA E 355 47.90 33.12 18.06
N VAL E 356 47.52 31.90 17.69
CA VAL E 356 46.09 31.53 17.63
C VAL E 356 45.55 31.51 19.07
N LYS E 357 44.57 32.39 19.31
CA LYS E 357 43.83 32.50 20.61
C LYS E 357 43.52 31.09 21.14
N ASP E 358 43.62 30.90 22.46
CA ASP E 358 43.36 29.60 23.15
C ASP E 358 41.95 29.07 22.80
N ASP E 359 40.95 29.95 22.71
CA ASP E 359 39.52 29.60 22.54
C ASP E 359 39.26 29.02 21.13
N VAL E 360 40.12 29.33 20.15
CA VAL E 360 40.08 28.74 18.78
C VAL E 360 40.39 27.24 18.85
N LEU E 361 41.25 26.83 19.78
CA LEU E 361 41.89 25.48 19.78
C LEU E 361 41.47 24.61 20.99
N ALA E 362 40.57 25.07 21.85
CA ALA E 362 40.27 24.44 23.16
C ALA E 362 39.64 23.07 22.95
N PHE E 363 38.99 22.84 21.82
CA PHE E 363 38.15 21.63 21.55
C PHE E 363 39.01 20.51 20.97
N MET E 364 40.32 20.75 20.75
CA MET E 364 41.18 19.89 19.89
C MET E 364 41.67 18.68 20.67
N PRO E 365 42.05 17.61 19.96
CA PRO E 365 42.63 16.46 20.62
C PRO E 365 44.02 16.79 21.18
N LYS E 366 44.40 16.11 22.26
CA LYS E 366 45.73 16.22 22.90
C LYS E 366 46.51 14.94 22.62
N GLY E 367 47.83 15.05 22.73
CA GLY E 367 48.79 13.94 22.74
C GLY E 367 48.77 13.14 21.45
N GLU E 368 48.63 11.80 21.60
CA GLU E 368 48.85 10.81 20.53
C GLU E 368 47.62 10.74 19.62
N LEU E 369 46.47 11.23 20.09
CA LEU E 369 45.20 11.21 19.32
C LEU E 369 45.25 12.27 18.20
N ARG E 370 46.05 13.32 18.41
CA ARG E 370 46.25 14.41 17.42
C ARG E 370 46.53 13.74 16.08
N ILE E 371 46.01 14.34 15.01
CA ILE E 371 46.12 13.76 13.64
C ILE E 371 47.60 13.65 13.34
N GLY E 372 48.40 14.64 13.76
CA GLY E 372 49.82 14.74 13.35
C GLY E 372 50.75 13.83 14.15
N ALA E 373 50.33 13.43 15.36
CA ALA E 373 51.11 12.69 16.40
C ALA E 373 50.86 11.17 16.31
N ASN E 374 49.66 10.76 15.91
CA ASN E 374 49.19 9.35 15.91
C ASN E 374 50.31 8.47 15.31
N PRO E 375 50.81 7.44 16.03
CA PRO E 375 51.88 6.60 15.53
C PRO E 375 51.50 5.86 14.26
N ASN E 376 50.20 5.66 14.01
CA ASN E 376 49.73 5.02 12.74
C ASN E 376 50.16 5.88 11.53
N ALA E 377 50.28 7.21 11.69
CA ALA E 377 50.74 8.14 10.63
C ALA E 377 52.27 8.19 10.50
N ASN E 378 52.98 7.68 11.51
CA ASN E 378 54.45 7.50 11.51
C ASN E 378 54.77 6.03 11.87
N GLY E 379 54.42 5.12 10.96
CA GLY E 379 54.27 3.68 11.22
C GLY E 379 55.56 2.95 11.60
N GLY E 380 56.73 3.53 11.32
CA GLY E 380 58.05 3.01 11.71
C GLY E 380 58.24 2.97 13.23
N VAL E 381 57.55 3.81 14.00
CA VAL E 381 57.63 3.79 15.50
C VAL E 381 56.95 2.52 16.00
N ILE E 382 56.14 1.89 15.12
CA ILE E 382 55.27 0.73 15.47
C ILE E 382 55.98 -0.55 15.05
N ARG E 383 56.50 -0.60 13.81
CA ARG E 383 57.30 -1.70 13.19
C ARG E 383 58.17 -2.36 14.25
N ASN E 384 58.01 -3.68 14.47
CA ASN E 384 59.02 -4.60 15.05
C ASN E 384 59.67 -5.38 13.91
N ASP E 385 60.93 -5.79 14.07
CA ASP E 385 61.55 -6.82 13.21
C ASP E 385 60.65 -8.05 13.28
N LEU E 386 60.48 -8.73 12.14
CA LEU E 386 59.85 -10.06 12.09
C LEU E 386 60.70 -11.05 12.91
N LYS E 387 60.07 -11.81 13.79
CA LYS E 387 60.60 -13.10 14.34
C LYS E 387 60.75 -14.08 13.18
N LEU E 388 61.87 -14.04 12.45
CA LEU E 388 62.11 -14.94 11.28
C LEU E 388 62.50 -16.34 11.77
N PRO E 389 62.29 -17.37 10.93
CA PRO E 389 62.80 -18.71 11.21
C PRO E 389 64.18 -18.96 10.57
N ASN E 390 64.86 -20.06 10.98
CA ASN E 390 66.21 -20.45 10.51
C ASN E 390 66.15 -20.80 9.03
N LEU E 391 66.84 -20.00 8.21
CA LEU E 391 66.85 -20.13 6.73
C LEU E 391 67.35 -21.53 6.32
N GLU E 392 68.21 -22.18 7.14
CA GLU E 392 68.79 -23.52 6.88
C GLU E 392 67.68 -24.55 6.67
N ASP E 393 66.66 -24.57 7.56
CA ASP E 393 65.54 -25.56 7.58
C ASP E 393 64.88 -25.69 6.21
N TYR E 394 64.99 -24.67 5.35
CA TYR E 394 64.28 -24.56 4.04
C TYR E 394 65.28 -24.88 2.92
N GLU E 395 66.58 -24.97 3.26
CA GLU E 395 67.71 -25.14 2.29
C GLU E 395 67.46 -26.36 1.38
N VAL E 396 67.62 -26.22 0.05
CA VAL E 396 67.67 -27.38 -0.90
C VAL E 396 68.99 -28.12 -0.62
N LYS E 397 68.96 -29.02 0.36
CA LYS E 397 70.12 -29.72 0.98
C LYS E 397 70.78 -30.67 -0.06
N GLU E 398 70.03 -31.07 -1.09
CA GLU E 398 70.46 -32.05 -2.14
C GLU E 398 71.50 -31.46 -3.11
N VAL E 399 72.17 -30.33 -2.82
CA VAL E 399 73.17 -29.74 -3.76
C VAL E 399 74.57 -30.21 -3.33
N ALA E 400 74.86 -30.14 -2.03
CA ALA E 400 76.07 -30.69 -1.40
C ALA E 400 76.20 -32.17 -1.82
N GLU E 401 75.18 -32.98 -1.48
CA GLU E 401 75.13 -34.46 -1.67
C GLU E 401 75.40 -34.86 -3.13
N TYR E 402 74.55 -34.45 -4.08
CA TYR E 402 74.55 -34.95 -5.50
C TYR E 402 75.28 -33.98 -6.45
N GLY E 403 75.42 -32.70 -6.08
CA GLY E 403 76.17 -31.69 -6.86
C GLY E 403 75.37 -30.46 -7.27
N HIS E 404 76.05 -29.54 -7.96
CA HIS E 404 75.52 -28.25 -8.48
C HIS E 404 74.80 -28.52 -9.81
N GLY E 405 73.49 -28.21 -9.86
CA GLY E 405 72.58 -28.41 -11.01
C GLY E 405 71.54 -29.49 -10.74
N TRP E 406 71.35 -29.90 -9.48
CA TRP E 406 70.55 -31.10 -9.13
C TRP E 406 69.05 -30.80 -9.24
N GLY E 407 68.28 -31.83 -9.58
CA GLY E 407 66.84 -31.88 -9.32
C GLY E 407 66.06 -31.05 -10.32
N GLN E 408 64.75 -31.21 -10.28
CA GLN E 408 63.76 -30.35 -10.97
C GLN E 408 62.73 -29.95 -9.93
N LEU E 409 63.07 -28.90 -9.18
CA LEU E 409 62.18 -28.28 -8.16
C LEU E 409 61.55 -27.01 -8.73
N GLU E 410 60.45 -26.60 -8.09
CA GLU E 410 59.70 -25.35 -8.32
C GLU E 410 60.20 -24.36 -7.25
N ALA E 411 60.96 -23.35 -7.68
CA ALA E 411 61.79 -22.52 -6.78
C ALA E 411 60.86 -21.89 -5.73
N THR E 412 59.73 -21.32 -6.17
CA THR E 412 58.81 -20.46 -5.37
C THR E 412 58.16 -21.22 -4.19
N ARG E 413 58.24 -22.54 -4.15
CA ARG E 413 57.55 -23.38 -3.14
C ARG E 413 58.29 -23.31 -1.81
N THR E 414 59.61 -23.08 -1.84
CA THR E 414 60.47 -22.94 -0.62
C THR E 414 60.25 -21.51 -0.08
N LEU E 415 60.06 -20.52 -0.96
CA LEU E 415 59.60 -19.16 -0.55
C LEU E 415 58.24 -19.29 0.13
N GLY E 416 57.31 -20.02 -0.49
CA GLY E 416 56.03 -20.39 0.14
C GLY E 416 56.22 -20.99 1.53
N ALA E 417 57.09 -22.02 1.62
CA ALA E 417 57.37 -22.75 2.86
C ALA E 417 57.94 -21.77 3.90
N TYR E 418 58.92 -20.98 3.48
CA TYR E 418 59.57 -19.92 4.31
C TYR E 418 58.46 -18.98 4.82
N THR E 419 57.75 -18.35 3.87
CA THR E 419 56.71 -17.32 4.17
C THR E 419 55.69 -17.91 5.16
N ARG E 420 55.17 -19.10 4.87
CA ARG E 420 54.18 -19.78 5.77
C ARG E 420 54.65 -19.71 7.23
N ASP E 421 55.93 -19.99 7.53
CA ASP E 421 56.37 -20.11 8.95
C ASP E 421 56.61 -18.70 9.53
N ILE E 422 56.89 -17.70 8.69
CA ILE E 422 56.92 -16.26 9.13
C ILE E 422 55.53 -15.92 9.66
N ILE E 423 54.49 -16.16 8.84
CA ILE E 423 53.06 -15.94 9.20
C ILE E 423 52.76 -16.64 10.53
N LYS E 424 53.29 -17.86 10.74
CA LYS E 424 53.04 -18.66 11.98
C LYS E 424 53.71 -17.97 13.18
N ASN E 425 54.94 -17.49 13.03
CA ASN E 425 55.74 -16.81 14.09
C ASN E 425 55.21 -15.38 14.32
N ASN E 426 54.59 -14.76 13.29
CA ASN E 426 54.25 -13.31 13.25
C ASN E 426 52.77 -13.08 12.94
N PRO E 427 51.83 -13.53 13.81
CA PRO E 427 50.41 -13.42 13.48
C PRO E 427 50.09 -11.93 13.56
N ARG E 428 49.21 -11.43 12.69
CA ARG E 428 48.64 -10.04 12.76
C ARG E 428 49.70 -9.00 12.36
N ASP E 429 50.76 -9.43 11.67
CA ASP E 429 51.94 -8.58 11.36
C ASP E 429 52.50 -8.88 9.98
N PHE E 430 52.00 -9.92 9.33
CA PHE E 430 52.47 -10.34 8.00
C PHE E 430 51.22 -10.71 7.19
N ARG E 431 51.18 -10.29 5.93
CA ARG E 431 50.04 -10.54 5.03
C ARG E 431 50.59 -10.87 3.63
N ILE E 432 50.01 -11.88 2.99
CA ILE E 432 50.19 -12.10 1.53
C ILE E 432 48.99 -11.47 0.84
N PHE E 433 49.29 -10.77 -0.25
CA PHE E 433 48.30 -10.24 -1.21
C PHE E 433 48.64 -10.94 -2.51
N GLY E 434 47.64 -11.22 -3.34
CA GLY E 434 47.86 -11.69 -4.72
C GLY E 434 46.61 -11.54 -5.53
N PRO E 435 46.69 -11.06 -6.79
CA PRO E 435 45.50 -10.85 -7.60
C PRO E 435 45.05 -12.21 -8.12
N ASP E 436 44.48 -13.03 -7.24
CA ASP E 436 43.92 -14.35 -7.65
C ASP E 436 45.02 -15.17 -8.31
N GLU E 437 46.23 -15.14 -7.74
CA GLU E 437 47.44 -15.79 -8.29
C GLU E 437 48.30 -16.40 -7.17
N THR E 438 47.95 -16.25 -5.88
CA THR E 438 48.76 -16.75 -4.73
C THR E 438 49.15 -18.22 -5.00
N ALA E 439 48.17 -19.08 -5.31
CA ALA E 439 48.39 -20.53 -5.57
C ALA E 439 49.03 -20.71 -6.95
N SER E 440 48.63 -19.94 -7.95
CA SER E 440 49.21 -20.06 -9.30
C SER E 440 50.74 -19.78 -9.30
N ASN E 441 51.26 -18.99 -8.36
CA ASN E 441 52.70 -18.68 -8.15
C ASN E 441 53.27 -19.57 -7.04
N ARG E 442 52.46 -20.52 -6.55
CA ARG E 442 52.89 -21.66 -5.71
C ARG E 442 53.27 -21.20 -4.29
N LEU E 443 52.55 -20.24 -3.69
CA LEU E 443 52.76 -19.83 -2.27
C LEU E 443 51.70 -20.44 -1.37
N GLN E 444 51.01 -21.50 -1.84
CA GLN E 444 49.81 -22.08 -1.18
C GLN E 444 50.18 -22.73 0.15
N ALA E 445 51.46 -23.01 0.38
CA ALA E 445 51.99 -23.53 1.66
C ALA E 445 51.38 -22.74 2.84
N SER E 446 51.03 -21.46 2.61
CA SER E 446 50.50 -20.51 3.63
C SER E 446 49.11 -20.93 4.10
N TYR E 447 48.33 -21.63 3.25
CA TYR E 447 46.96 -22.11 3.60
C TYR E 447 47.04 -23.20 4.69
N GLU E 448 48.24 -23.71 5.01
CA GLU E 448 48.43 -24.65 6.15
C GLU E 448 48.25 -23.87 7.47
N VAL E 449 48.57 -22.57 7.52
CA VAL E 449 48.64 -21.82 8.82
C VAL E 449 47.56 -20.73 8.91
N THR E 450 47.05 -20.26 7.77
CA THR E 450 46.07 -19.12 7.69
C THR E 450 45.14 -19.36 6.50
N ASN E 451 44.18 -18.45 6.28
CA ASN E 451 43.17 -18.52 5.19
C ASN E 451 43.22 -17.25 4.33
N LYS E 452 42.73 -17.35 3.10
CA LYS E 452 42.23 -16.22 2.31
C LYS E 452 41.09 -15.53 3.08
N GLN E 453 41.14 -14.19 3.19
CA GLN E 453 40.09 -13.40 3.89
C GLN E 453 38.95 -13.11 2.89
N TRP E 454 37.72 -13.35 3.32
CA TRP E 454 36.53 -13.34 2.43
C TRP E 454 35.27 -13.08 3.26
N ASP E 455 34.65 -11.91 3.06
CA ASP E 455 33.48 -11.39 3.81
C ASP E 455 32.34 -11.13 2.83
N ALA E 456 32.41 -11.66 1.61
CA ALA E 456 31.24 -12.03 0.79
C ALA E 456 30.70 -13.42 1.22
N GLY E 457 29.73 -13.95 0.46
CA GLY E 457 28.95 -15.13 0.84
C GLY E 457 29.72 -16.42 0.62
N TYR E 458 29.38 -17.41 1.43
CA TYR E 458 29.87 -18.82 1.38
C TYR E 458 28.76 -19.69 0.77
N ILE E 459 29.08 -20.73 -0.02
CA ILE E 459 28.06 -21.64 -0.59
C ILE E 459 28.35 -23.15 -0.37
N SER E 460 29.60 -23.65 -0.26
CA SER E 460 29.88 -25.11 -0.39
C SER E 460 31.34 -25.48 -0.10
N ASP E 461 31.58 -26.46 0.77
CA ASP E 461 32.94 -27.00 1.11
C ASP E 461 33.63 -27.68 -0.09
N GLU E 462 33.00 -27.81 -1.26
CA GLU E 462 33.65 -28.39 -2.47
C GLU E 462 34.37 -27.32 -3.30
N VAL E 463 34.22 -26.04 -2.94
CA VAL E 463 34.68 -24.86 -3.73
C VAL E 463 35.26 -23.77 -2.81
N ASP E 464 34.72 -23.56 -1.60
CA ASP E 464 35.17 -22.52 -0.65
C ASP E 464 36.39 -22.98 0.17
N GLU E 465 37.41 -23.52 -0.48
CA GLU E 465 38.62 -24.07 0.20
C GLU E 465 39.49 -22.88 0.63
N HIS E 466 39.97 -22.90 1.89
CA HIS E 466 41.07 -22.03 2.38
C HIS E 466 40.57 -20.59 2.39
N MET E 467 39.38 -20.41 2.95
CA MET E 467 38.66 -19.12 2.98
C MET E 467 38.05 -19.02 4.38
N HIS E 468 38.24 -17.91 5.05
CA HIS E 468 37.66 -17.66 6.38
C HIS E 468 37.34 -16.18 6.42
N VAL E 469 36.43 -15.75 7.28
CA VAL E 469 36.10 -14.30 7.33
C VAL E 469 37.36 -13.49 7.71
N SER E 470 38.26 -14.11 8.48
CA SER E 470 39.61 -13.59 8.84
C SER E 470 40.66 -14.47 8.21
N GLY E 471 41.83 -13.90 7.95
CA GLY E 471 42.97 -14.63 7.39
C GLY E 471 44.00 -13.65 6.86
N GLN E 472 45.25 -14.08 6.84
CA GLN E 472 46.38 -13.21 6.50
C GLN E 472 46.63 -13.27 5.00
N VAL E 473 45.77 -13.94 4.23
CA VAL E 473 45.85 -13.91 2.74
C VAL E 473 44.62 -13.19 2.20
N VAL E 474 44.82 -12.41 1.12
CA VAL E 474 43.77 -11.54 0.51
C VAL E 474 43.98 -11.52 -1.00
N GLU E 475 42.93 -11.87 -1.71
CA GLU E 475 42.96 -11.81 -3.19
C GLU E 475 41.72 -11.07 -3.69
N GLN E 476 41.93 -10.38 -4.81
CA GLN E 476 40.93 -9.74 -5.70
C GLN E 476 41.65 -9.53 -7.03
N LEU E 477 41.01 -9.81 -8.15
CA LEU E 477 41.64 -9.59 -9.46
C LEU E 477 41.79 -8.08 -9.69
N SER E 478 42.65 -7.43 -8.88
CA SER E 478 43.10 -6.03 -9.04
C SER E 478 44.52 -5.88 -8.49
N GLU E 479 45.48 -5.78 -9.40
CA GLU E 479 46.86 -5.37 -9.07
C GLU E 479 46.82 -4.09 -8.21
N HIS E 480 46.01 -3.10 -8.61
CA HIS E 480 45.91 -1.78 -7.91
C HIS E 480 45.62 -2.05 -6.44
N GLN E 481 44.59 -2.87 -6.18
CA GLN E 481 44.03 -3.11 -4.82
C GLN E 481 45.13 -3.72 -3.95
N MET E 482 45.92 -4.65 -4.54
CA MET E 482 46.96 -5.46 -3.84
C MET E 482 48.19 -4.56 -3.52
N GLU E 483 48.78 -3.87 -4.53
CA GLU E 483 49.81 -2.82 -4.31
C GLU E 483 49.35 -1.85 -3.21
N GLY E 484 48.17 -1.25 -3.41
CA GLY E 484 47.59 -0.26 -2.49
C GLY E 484 47.44 -0.76 -1.07
N PHE E 485 46.96 -2.01 -0.91
CA PHE E 485 46.60 -2.60 0.41
C PHE E 485 47.90 -2.79 1.19
N LEU E 486 48.91 -3.30 0.51
CA LEU E 486 50.23 -3.57 1.13
C LEU E 486 50.91 -2.24 1.49
N GLU E 487 50.96 -1.29 0.56
CA GLU E 487 51.53 0.07 0.82
C GLU E 487 51.14 0.53 2.22
N ALA E 488 49.86 0.46 2.56
CA ALA E 488 49.32 1.06 3.81
C ALA E 488 49.53 0.11 4.99
N TYR E 489 49.62 -1.18 4.73
CA TYR E 489 49.94 -2.19 5.77
C TYR E 489 51.36 -1.82 6.26
N LEU E 490 52.27 -1.61 5.30
CA LEU E 490 53.67 -1.19 5.62
C LEU E 490 53.62 0.17 6.34
N LEU E 491 53.02 1.19 5.70
CA LEU E 491 53.01 2.61 6.16
C LEU E 491 52.44 2.70 7.58
N THR E 492 51.69 1.69 7.99
CA THR E 492 51.04 1.59 9.32
C THR E 492 51.87 0.71 10.26
N GLY E 493 52.97 0.13 9.76
CA GLY E 493 54.04 -0.50 10.57
C GLY E 493 53.95 -2.02 10.62
N ARG E 494 53.69 -2.66 9.49
CA ARG E 494 53.59 -4.13 9.36
C ARG E 494 54.26 -4.56 8.05
N HIS E 495 54.27 -5.86 7.79
CA HIS E 495 55.14 -6.50 6.79
C HIS E 495 54.26 -7.26 5.81
N GLY E 496 54.81 -7.57 4.63
CA GLY E 496 54.13 -8.51 3.75
C GLY E 496 54.86 -8.70 2.45
N ILE E 497 54.12 -9.28 1.54
CA ILE E 497 54.58 -9.58 0.16
C ILE E 497 53.33 -9.85 -0.68
N TRP E 498 53.40 -9.57 -1.97
CA TRP E 498 52.38 -9.97 -2.94
C TRP E 498 53.07 -10.48 -4.21
N SER E 499 52.40 -11.38 -4.94
CA SER E 499 52.94 -12.07 -6.13
C SER E 499 52.24 -11.52 -7.37
N SER E 500 52.84 -11.65 -8.54
CA SER E 500 52.18 -11.24 -9.79
C SER E 500 52.87 -11.83 -10.99
N TYR E 501 52.09 -12.46 -11.84
CA TYR E 501 52.47 -12.69 -13.25
C TYR E 501 53.28 -11.46 -13.69
N GLU E 502 54.54 -11.71 -14.03
CA GLU E 502 55.55 -10.66 -14.21
C GLU E 502 54.95 -9.54 -15.05
N SER E 503 54.36 -9.84 -16.22
CA SER E 503 53.94 -8.85 -17.25
C SER E 503 52.83 -7.89 -16.77
N PHE E 504 52.07 -8.28 -15.74
CA PHE E 504 50.91 -7.52 -15.23
C PHE E 504 51.35 -6.65 -14.06
N VAL E 505 52.60 -6.77 -13.64
CA VAL E 505 53.20 -5.83 -12.65
C VAL E 505 53.12 -4.44 -13.29
N HIS E 506 53.27 -4.37 -14.61
CA HIS E 506 53.16 -3.13 -15.43
C HIS E 506 51.86 -2.35 -15.11
N VAL E 507 50.80 -3.02 -14.67
CA VAL E 507 49.49 -2.40 -14.33
C VAL E 507 49.68 -1.35 -13.21
N ILE E 508 50.61 -1.58 -12.29
CA ILE E 508 50.86 -0.71 -11.10
C ILE E 508 52.25 -0.09 -11.14
N ASP E 509 52.83 0.12 -12.34
CA ASP E 509 54.10 0.88 -12.50
C ASP E 509 54.02 2.20 -11.75
N SER E 510 52.92 2.93 -11.95
CA SER E 510 52.67 4.29 -11.41
C SER E 510 52.70 4.22 -9.89
N MET E 511 52.09 3.20 -9.30
CA MET E 511 52.05 3.04 -7.82
C MET E 511 53.45 2.77 -7.30
N LEU E 512 54.27 2.06 -8.08
CA LEU E 512 55.68 1.79 -7.71
C LEU E 512 56.45 3.11 -7.65
N ASN E 513 56.24 3.98 -8.63
CA ASN E 513 56.85 5.32 -8.76
C ASN E 513 56.50 6.20 -7.56
N GLN E 514 55.26 6.19 -7.10
CA GLN E 514 54.82 7.08 -5.99
C GLN E 514 55.27 6.47 -4.65
N HIS E 515 55.40 5.15 -4.52
CA HIS E 515 55.97 4.57 -3.29
C HIS E 515 57.50 4.80 -3.28
N ALA E 516 58.18 4.64 -4.41
CA ALA E 516 59.60 5.02 -4.57
C ALA E 516 59.81 6.46 -4.07
N LYS E 517 59.14 7.46 -4.69
CA LYS E 517 59.28 8.92 -4.42
C LYS E 517 58.98 9.22 -2.94
N TRP E 518 58.05 8.46 -2.35
CA TRP E 518 57.70 8.63 -0.92
C TRP E 518 58.96 8.29 -0.11
N LEU E 519 59.53 7.13 -0.39
CA LEU E 519 60.71 6.59 0.34
C LEU E 519 61.92 7.47 0.03
N GLU E 520 62.12 7.83 -1.24
CA GLU E 520 63.16 8.77 -1.73
C GLU E 520 63.20 10.01 -0.82
N ALA E 521 62.16 10.84 -0.86
CA ALA E 521 62.08 12.08 -0.07
C ALA E 521 62.22 11.77 1.42
N THR E 522 61.85 10.58 1.88
CA THR E 522 61.89 10.26 3.33
C THR E 522 63.34 10.05 3.82
N VAL E 523 64.11 9.25 3.06
CA VAL E 523 65.49 8.83 3.45
C VAL E 523 66.40 10.05 3.30
N ARG E 524 66.13 10.91 2.31
CA ARG E 524 66.84 12.20 2.08
C ARG E 524 66.58 13.20 3.23
N GLU E 525 65.34 13.62 3.49
CA GLU E 525 65.12 14.88 4.27
C GLU E 525 64.07 14.70 5.39
N ILE E 526 63.71 13.49 5.81
CA ILE E 526 62.59 13.30 6.80
C ILE E 526 63.03 12.33 7.91
N PRO E 527 64.03 12.71 8.74
CA PRO E 527 64.58 11.78 9.71
C PRO E 527 63.60 11.41 10.85
N TRP E 528 62.64 12.29 11.17
CA TRP E 528 61.58 12.08 12.21
C TRP E 528 60.62 10.94 11.79
N ARG E 529 60.59 10.59 10.50
CA ARG E 529 59.75 9.51 9.93
C ARG E 529 60.61 8.25 9.98
N LYS E 530 60.52 7.49 11.08
CA LYS E 530 61.22 6.19 11.27
C LYS E 530 61.00 5.33 10.03
N PRO E 531 61.93 4.39 9.73
CA PRO E 531 61.78 3.56 8.53
C PRO E 531 60.69 2.50 8.70
N ILE E 532 60.12 2.09 7.56
CA ILE E 532 58.94 1.19 7.45
C ILE E 532 59.41 -0.09 6.74
N ALA E 533 58.66 -1.20 6.87
CA ALA E 533 59.00 -2.47 6.21
C ALA E 533 59.03 -2.22 4.71
N SER E 534 59.84 -2.99 3.99
CA SER E 534 59.94 -2.85 2.52
C SER E 534 58.70 -3.47 1.84
N MET E 535 58.46 -3.00 0.64
CA MET E 535 57.42 -3.48 -0.27
C MET E 535 58.02 -4.66 -1.05
N ASN E 536 57.75 -5.86 -0.55
CA ASN E 536 58.27 -7.16 -1.08
C ASN E 536 57.31 -7.67 -2.16
N LEU E 537 57.77 -7.69 -3.43
CA LEU E 537 56.98 -8.03 -4.63
C LEU E 537 57.62 -9.21 -5.37
N LEU E 538 57.17 -10.45 -5.10
CA LEU E 538 57.61 -11.64 -5.88
C LEU E 538 57.08 -11.51 -7.30
N VAL E 539 57.96 -11.20 -8.26
CA VAL E 539 57.68 -11.26 -9.73
C VAL E 539 57.96 -12.68 -10.25
N SER E 540 56.93 -13.42 -10.65
CA SER E 540 57.07 -14.85 -11.08
C SER E 540 56.31 -15.09 -12.38
N SER E 541 56.21 -16.35 -12.80
CA SER E 541 55.45 -16.75 -14.01
C SER E 541 55.87 -15.80 -15.13
N HIS E 542 57.15 -15.89 -15.51
CA HIS E 542 57.90 -14.84 -16.25
C HIS E 542 58.01 -15.16 -17.74
N VAL E 543 58.59 -14.25 -18.50
CA VAL E 543 58.54 -14.20 -20.00
C VAL E 543 58.97 -15.56 -20.60
N TRP E 544 59.76 -16.33 -19.85
CA TRP E 544 60.43 -17.56 -20.37
C TRP E 544 59.49 -18.76 -20.16
N ARG E 545 58.68 -18.73 -19.10
CA ARG E 545 57.64 -19.75 -18.83
C ARG E 545 56.22 -19.13 -18.96
N GLN E 546 55.99 -18.39 -20.06
CA GLN E 546 54.66 -17.89 -20.52
C GLN E 546 54.48 -18.37 -21.96
N ASP E 547 54.82 -19.64 -22.12
CA ASP E 547 54.67 -20.48 -23.33
C ASP E 547 53.20 -20.89 -23.42
N HIS E 548 52.52 -21.05 -22.26
CA HIS E 548 51.08 -21.45 -22.18
C HIS E 548 50.14 -20.26 -22.50
N ASN E 549 50.41 -19.07 -21.97
CA ASN E 549 49.48 -17.91 -22.06
C ASN E 549 49.79 -17.15 -23.35
N GLY E 550 51.06 -16.89 -23.65
CA GLY E 550 51.44 -16.31 -24.95
C GLY E 550 51.89 -14.86 -24.86
N PHE E 551 51.96 -14.21 -26.03
CA PHE E 551 52.66 -12.92 -26.29
C PHE E 551 52.19 -11.84 -25.30
N SER E 552 50.85 -11.66 -25.22
CA SER E 552 50.14 -10.84 -24.20
C SER E 552 50.83 -10.92 -22.83
N HIS E 553 51.29 -12.10 -22.39
CA HIS E 553 51.82 -12.32 -21.01
C HIS E 553 53.36 -12.19 -20.94
N GLN E 554 54.01 -11.76 -22.04
CA GLN E 554 55.50 -11.75 -22.18
C GLN E 554 56.04 -10.31 -22.10
N ASP E 555 56.34 -9.80 -20.89
CA ASP E 555 56.98 -8.46 -20.70
C ASP E 555 57.66 -8.40 -19.33
N PRO E 556 59.01 -8.53 -19.27
CA PRO E 556 59.75 -8.43 -18.02
C PRO E 556 60.22 -6.99 -17.75
N GLY E 557 59.69 -6.05 -18.53
CA GLY E 557 60.10 -4.63 -18.57
C GLY E 557 59.93 -3.87 -17.26
N VAL E 558 59.58 -4.51 -16.14
CA VAL E 558 59.43 -3.84 -14.80
C VAL E 558 60.83 -3.47 -14.31
N THR E 559 61.87 -4.15 -14.81
CA THR E 559 63.28 -3.87 -14.47
C THR E 559 63.64 -2.49 -15.06
N SER E 560 63.33 -2.24 -16.33
CA SER E 560 63.54 -0.92 -16.99
C SER E 560 62.93 0.22 -16.14
N VAL E 561 61.79 -0.04 -15.46
CA VAL E 561 61.00 0.99 -14.71
C VAL E 561 61.62 1.23 -13.34
N LEU E 562 61.92 0.18 -12.56
CA LEU E 562 62.59 0.32 -11.23
C LEU E 562 64.03 0.90 -11.34
N LEU E 563 64.61 0.92 -12.54
CA LEU E 563 65.99 1.47 -12.75
C LEU E 563 65.93 3.00 -12.74
N ASN E 564 64.73 3.57 -12.89
CA ASN E 564 64.52 5.04 -12.95
C ASN E 564 64.24 5.56 -11.53
N LYS E 565 64.35 4.72 -10.49
CA LYS E 565 64.31 5.14 -9.07
C LYS E 565 65.59 4.72 -8.34
N CYS E 566 66.73 4.73 -9.04
CA CYS E 566 68.04 4.30 -8.50
C CYS E 566 69.09 5.41 -8.65
N PHE E 567 69.02 6.45 -7.79
CA PHE E 567 69.90 7.64 -7.85
C PHE E 567 70.30 8.05 -6.42
N HIS E 568 71.31 8.94 -6.30
CA HIS E 568 71.77 9.65 -5.06
C HIS E 568 71.94 8.70 -3.86
N ASN E 569 72.25 7.42 -4.07
CA ASN E 569 72.51 6.48 -2.94
C ASN E 569 71.31 6.48 -1.98
N ASP E 570 70.09 6.58 -2.54
CA ASP E 570 68.81 6.48 -1.80
C ASP E 570 68.64 5.05 -1.31
N HIS E 571 68.93 4.09 -2.19
CA HIS E 571 68.94 2.62 -1.90
C HIS E 571 67.55 2.25 -1.37
N VAL E 572 66.54 2.57 -2.19
CA VAL E 572 65.08 2.33 -1.89
C VAL E 572 64.52 1.29 -2.88
N ILE E 573 65.34 0.80 -3.82
CA ILE E 573 65.01 -0.26 -4.80
C ILE E 573 65.89 -1.50 -4.54
N GLY E 574 65.28 -2.67 -4.41
CA GLY E 574 65.91 -3.98 -4.70
C GLY E 574 65.44 -4.55 -6.03
N ILE E 575 66.36 -4.94 -6.91
CA ILE E 575 66.13 -5.81 -8.10
C ILE E 575 67.03 -7.06 -7.99
N TYR E 576 66.40 -8.21 -7.71
CA TYR E 576 67.02 -9.51 -7.34
C TYR E 576 66.51 -10.58 -8.29
N PHE E 577 67.40 -11.22 -9.05
CA PHE E 577 67.12 -12.50 -9.72
C PHE E 577 67.48 -13.66 -8.77
N ALA E 578 66.49 -14.45 -8.36
CA ALA E 578 66.71 -15.72 -7.64
C ALA E 578 67.12 -16.77 -8.69
N THR E 579 68.39 -17.16 -8.68
CA THR E 579 69.03 -18.10 -9.62
C THR E 579 68.38 -19.49 -9.44
N ASP E 580 67.97 -19.83 -8.22
CA ASP E 580 67.35 -21.12 -7.86
C ASP E 580 66.73 -20.95 -6.48
N ALA E 581 66.18 -22.04 -5.92
CA ALA E 581 65.46 -22.05 -4.62
C ALA E 581 66.36 -21.53 -3.48
N ASN E 582 67.68 -21.68 -3.61
CA ASN E 582 68.63 -21.39 -2.50
C ASN E 582 68.98 -19.91 -2.56
N MET E 583 69.27 -19.37 -3.74
CA MET E 583 69.44 -17.90 -3.94
C MET E 583 68.19 -17.19 -3.40
N LEU E 584 67.00 -17.61 -3.87
CA LEU E 584 65.64 -17.11 -3.49
C LEU E 584 65.48 -17.04 -1.97
N LEU E 585 65.96 -18.04 -1.23
CA LEU E 585 65.87 -18.08 0.25
C LEU E 585 66.70 -16.93 0.83
N ALA E 586 67.84 -16.63 0.22
CA ALA E 586 68.81 -15.66 0.76
C ALA E 586 68.27 -14.26 0.49
N ILE E 587 67.77 -14.05 -0.74
CA ILE E 587 67.14 -12.78 -1.22
C ILE E 587 65.95 -12.45 -0.31
N ALA E 588 65.09 -13.42 -0.04
CA ALA E 588 63.91 -13.26 0.85
C ALA E 588 64.32 -12.81 2.26
N GLU E 589 65.34 -13.40 2.89
CA GLU E 589 65.77 -13.01 4.27
C GLU E 589 66.24 -11.54 4.29
N LYS E 590 67.03 -11.14 3.29
CA LYS E 590 67.54 -9.75 3.11
C LYS E 590 66.32 -8.82 3.07
N CYS E 591 65.38 -9.10 2.15
CA CYS E 591 64.14 -8.31 1.89
C CYS E 591 63.25 -8.20 3.15
N TYR E 592 62.93 -9.31 3.81
CA TYR E 592 62.08 -9.30 5.04
C TYR E 592 62.82 -8.60 6.19
N LYS E 593 64.12 -8.33 6.05
CA LYS E 593 64.98 -7.66 7.08
C LYS E 593 65.12 -6.18 6.73
N SER E 594 65.13 -5.88 5.43
CA SER E 594 65.22 -4.52 4.84
C SER E 594 64.06 -3.62 5.31
N THR E 595 64.31 -2.31 5.24
CA THR E 595 63.30 -1.25 5.43
C THR E 595 63.43 -0.27 4.26
N ASN E 596 62.43 0.58 4.05
CA ASN E 596 62.46 1.78 3.16
C ASN E 596 62.89 1.40 1.74
N LYS E 597 62.46 0.24 1.24
CA LYS E 597 62.70 -0.12 -0.18
C LYS E 597 61.47 -0.81 -0.79
N ILE E 598 61.50 -0.90 -2.11
CA ILE E 598 60.68 -1.75 -3.00
C ILE E 598 61.58 -2.86 -3.53
N ASN E 599 61.52 -4.06 -2.94
CA ASN E 599 62.28 -5.27 -3.37
C ASN E 599 61.49 -6.02 -4.46
N ALA E 600 62.00 -6.03 -5.71
CA ALA E 600 61.42 -6.74 -6.87
C ALA E 600 62.13 -8.10 -7.11
N ILE E 601 61.75 -9.13 -6.34
CA ILE E 601 62.33 -10.51 -6.29
C ILE E 601 61.83 -11.36 -7.47
N ILE E 602 62.58 -11.45 -8.56
CA ILE E 602 62.21 -12.22 -9.80
C ILE E 602 62.64 -13.70 -9.71
N ALA E 603 61.67 -14.62 -9.79
CA ALA E 603 61.84 -16.07 -9.52
C ALA E 603 60.83 -16.88 -10.36
N GLY E 604 61.30 -17.88 -11.08
CA GLY E 604 60.47 -18.88 -11.77
C GLY E 604 59.78 -19.84 -10.81
N LYS E 605 58.62 -20.34 -11.23
CA LYS E 605 57.79 -21.29 -10.45
C LYS E 605 57.86 -22.67 -11.11
N GLN E 606 58.53 -22.76 -12.27
CA GLN E 606 58.63 -23.97 -13.12
C GLN E 606 59.64 -24.94 -12.50
N PRO E 607 59.63 -26.22 -12.90
CA PRO E 607 60.73 -27.13 -12.55
C PRO E 607 62.04 -26.67 -13.22
N ALA E 608 63.13 -26.61 -12.45
CA ALA E 608 64.50 -26.32 -12.94
C ALA E 608 65.55 -26.63 -11.86
N ALA E 609 66.82 -26.60 -12.28
CA ALA E 609 68.00 -27.00 -11.49
C ALA E 609 68.21 -26.09 -10.25
N THR E 610 68.62 -26.67 -9.12
CA THR E 610 69.20 -25.95 -7.94
C THR E 610 70.74 -25.93 -8.03
N TRP E 611 71.34 -24.77 -8.33
CA TRP E 611 72.78 -24.60 -8.65
C TRP E 611 73.64 -24.30 -7.41
N LEU E 612 73.13 -23.70 -6.33
CA LEU E 612 74.00 -23.28 -5.20
C LEU E 612 73.47 -23.79 -3.88
N THR E 613 74.34 -23.83 -2.86
CA THR E 613 73.98 -24.06 -1.44
C THR E 613 73.56 -22.70 -0.85
N LEU E 614 73.07 -22.72 0.39
CA LEU E 614 72.69 -21.48 1.11
C LEU E 614 73.95 -20.62 1.30
N ASP E 615 74.97 -21.17 2.00
CA ASP E 615 76.26 -20.50 2.34
C ASP E 615 76.89 -19.91 1.07
N GLU E 616 76.80 -20.62 -0.06
CA GLU E 616 77.30 -20.18 -1.40
C GLU E 616 76.46 -19.01 -1.92
N ALA E 617 75.14 -19.05 -1.74
CA ALA E 617 74.19 -18.00 -2.18
C ALA E 617 74.35 -16.78 -1.26
N ARG E 618 74.35 -16.97 0.07
CA ARG E 618 74.60 -15.87 1.04
C ARG E 618 75.86 -15.10 0.62
N ALA E 619 76.79 -15.74 -0.10
CA ALA E 619 78.08 -15.14 -0.51
C ALA E 619 77.94 -14.43 -1.87
N GLU E 620 77.30 -15.05 -2.87
CA GLU E 620 77.09 -14.41 -4.21
C GLU E 620 76.24 -13.14 -4.06
N LEU E 621 75.14 -13.22 -3.31
CA LEU E 621 74.21 -12.10 -3.06
C LEU E 621 74.99 -10.93 -2.45
N GLU E 622 75.59 -11.17 -1.28
CA GLU E 622 76.14 -10.11 -0.41
C GLU E 622 77.23 -9.32 -1.15
N LYS E 623 77.77 -9.82 -2.26
CA LYS E 623 78.71 -9.04 -3.12
C LYS E 623 77.99 -8.63 -4.41
N GLY E 624 76.89 -9.29 -4.76
CA GLY E 624 76.01 -8.93 -5.88
C GLY E 624 76.15 -9.85 -7.07
N ALA E 625 77.37 -10.21 -7.42
CA ALA E 625 77.69 -11.24 -8.44
C ALA E 625 78.82 -12.11 -7.88
N ALA E 626 79.13 -13.24 -8.52
CA ALA E 626 80.33 -14.08 -8.23
C ALA E 626 80.76 -14.84 -9.49
N ALA E 627 82.03 -15.23 -9.52
CA ALA E 627 82.59 -16.26 -10.43
C ALA E 627 82.23 -17.62 -9.83
N TRP E 628 81.90 -18.57 -10.72
CA TRP E 628 81.63 -19.98 -10.36
C TRP E 628 82.88 -20.83 -10.66
N ASP E 629 83.65 -21.11 -9.61
CA ASP E 629 84.96 -21.80 -9.71
C ASP E 629 84.69 -23.28 -9.95
N TRP E 630 83.73 -23.86 -9.23
CA TRP E 630 83.27 -25.27 -9.39
C TRP E 630 82.80 -25.53 -10.83
N ALA E 631 82.51 -24.49 -11.62
CA ALA E 631 81.92 -24.58 -12.97
C ALA E 631 82.85 -24.02 -14.04
N SER E 632 83.90 -23.30 -13.63
CA SER E 632 84.90 -22.70 -14.56
C SER E 632 85.95 -23.77 -14.90
N THR E 633 86.24 -23.96 -16.20
CA THR E 633 87.44 -24.72 -16.65
C THR E 633 88.67 -23.83 -16.38
N ALA E 634 88.76 -22.68 -17.06
CA ALA E 634 89.76 -21.60 -16.82
C ALA E 634 89.94 -21.40 -15.31
N LYS E 635 91.17 -21.46 -14.80
CA LYS E 635 91.51 -21.41 -13.33
C LYS E 635 91.99 -19.99 -12.95
N ASN E 636 92.11 -19.09 -13.92
CA ASN E 636 92.29 -17.63 -13.68
C ASN E 636 91.92 -16.88 -14.96
N ASN E 637 91.84 -15.54 -14.87
CA ASN E 637 91.28 -14.64 -15.92
C ASN E 637 92.16 -14.64 -17.18
N ASP E 638 93.41 -15.08 -17.08
CA ASP E 638 94.41 -15.06 -18.19
C ASP E 638 94.13 -16.22 -19.16
N GLU E 639 93.88 -17.43 -18.65
CA GLU E 639 93.53 -18.62 -19.49
C GLU E 639 92.26 -18.28 -20.29
N ALA E 640 91.24 -17.77 -19.59
CA ALA E 640 89.81 -17.62 -20.01
C ALA E 640 89.69 -17.04 -21.43
N GLU E 641 89.15 -17.83 -22.36
CA GLU E 641 88.98 -17.47 -23.78
C GLU E 641 87.68 -16.68 -23.96
N VAL E 642 86.80 -16.75 -22.94
CA VAL E 642 85.43 -16.20 -22.97
C VAL E 642 84.84 -16.25 -21.55
N VAL E 643 83.96 -15.30 -21.23
CA VAL E 643 83.24 -15.22 -19.92
C VAL E 643 81.73 -15.42 -20.16
N LEU E 644 81.17 -16.44 -19.51
CA LEU E 644 79.72 -16.77 -19.55
C LEU E 644 79.07 -16.21 -18.28
N ALA E 645 78.41 -15.05 -18.44
CA ALA E 645 77.65 -14.35 -17.40
C ALA E 645 76.16 -14.50 -17.71
N ALA E 646 75.35 -14.71 -16.66
CA ALA E 646 73.90 -14.90 -16.78
C ALA E 646 73.21 -14.33 -15.54
N ALA E 647 72.13 -13.57 -15.74
CA ALA E 647 71.23 -13.10 -14.65
C ALA E 647 69.83 -13.71 -14.89
N GLY E 648 69.31 -14.44 -13.89
CA GLY E 648 67.95 -15.02 -13.93
C GLY E 648 67.94 -16.53 -14.10
N ASP E 649 67.13 -17.21 -13.29
CA ASP E 649 66.92 -18.69 -13.19
C ASP E 649 67.07 -19.40 -14.55
N VAL E 650 66.44 -18.90 -15.62
CA VAL E 650 66.42 -19.57 -16.96
C VAL E 650 67.64 -19.16 -17.76
N PRO E 651 67.95 -17.85 -17.95
CA PRO E 651 69.18 -17.47 -18.69
C PRO E 651 70.43 -18.19 -18.15
N THR E 652 70.47 -18.42 -16.82
CA THR E 652 71.47 -19.27 -16.11
C THR E 652 71.49 -20.69 -16.71
N GLN E 653 70.40 -21.44 -16.55
CA GLN E 653 70.19 -22.80 -17.11
C GLN E 653 70.75 -22.86 -18.54
N GLU E 654 70.37 -21.96 -19.46
CA GLU E 654 70.75 -22.03 -20.91
C GLU E 654 72.24 -21.72 -21.10
N ILE E 655 72.82 -20.91 -20.21
CA ILE E 655 74.30 -20.62 -20.15
C ILE E 655 75.04 -21.89 -19.65
N MET E 656 74.66 -22.42 -18.47
CA MET E 656 75.23 -23.65 -17.83
C MET E 656 75.11 -24.91 -18.70
N ALA E 657 74.41 -24.85 -19.83
CA ALA E 657 74.18 -25.98 -20.75
C ALA E 657 74.97 -25.75 -22.04
N ALA E 658 75.18 -24.49 -22.43
CA ALA E 658 76.29 -24.08 -23.31
C ALA E 658 77.63 -24.34 -22.58
N SER E 659 77.66 -24.24 -21.25
CA SER E 659 78.87 -24.43 -20.40
C SER E 659 79.35 -25.89 -20.43
N ASP E 660 78.46 -26.84 -20.73
CA ASP E 660 78.83 -28.28 -20.91
C ASP E 660 79.24 -28.49 -22.36
N LYS E 661 78.56 -27.87 -23.34
CA LYS E 661 78.84 -28.06 -24.79
C LYS E 661 80.12 -27.33 -25.22
N LEU E 662 80.67 -26.46 -24.36
CA LEU E 662 81.97 -25.76 -24.60
C LEU E 662 83.08 -26.44 -23.80
N LYS E 663 82.76 -27.21 -22.76
CA LYS E 663 83.73 -28.04 -21.97
C LYS E 663 84.14 -29.26 -22.82
N GLU E 664 83.15 -29.98 -23.37
CA GLU E 664 83.34 -31.13 -24.31
C GLU E 664 83.67 -30.60 -25.70
N LEU E 665 84.21 -29.38 -25.80
CA LEU E 665 85.02 -28.88 -26.95
C LEU E 665 86.35 -28.34 -26.39
N GLY E 666 86.69 -28.75 -25.15
CA GLY E 666 87.85 -28.28 -24.37
C GLY E 666 88.11 -26.81 -24.64
N VAL E 667 87.22 -25.94 -24.17
CA VAL E 667 87.42 -24.46 -24.22
C VAL E 667 87.50 -23.97 -22.77
N LYS E 668 88.37 -22.97 -22.57
CA LYS E 668 88.71 -22.36 -21.26
C LYS E 668 87.79 -21.15 -21.10
N PHE E 669 86.85 -21.23 -20.15
CA PHE E 669 85.79 -20.21 -19.89
C PHE E 669 85.70 -19.97 -18.38
N LYS E 670 85.30 -18.74 -18.02
CA LYS E 670 84.86 -18.34 -16.66
C LYS E 670 83.33 -18.24 -16.70
N VAL E 671 82.65 -18.72 -15.66
CA VAL E 671 81.17 -18.64 -15.53
C VAL E 671 80.84 -17.69 -14.38
N VAL E 672 79.96 -16.73 -14.64
CA VAL E 672 79.47 -15.74 -13.64
C VAL E 672 77.94 -15.73 -13.65
N ASN E 673 77.37 -15.68 -12.45
CA ASN E 673 75.92 -15.45 -12.22
C ASN E 673 75.75 -14.09 -11.54
N VAL E 674 74.73 -13.33 -11.93
CA VAL E 674 74.36 -12.02 -11.28
C VAL E 674 72.99 -12.20 -10.62
N ALA E 675 72.92 -11.89 -9.32
CA ALA E 675 71.74 -12.08 -8.43
C ALA E 675 71.09 -10.74 -8.05
N ASP E 676 71.89 -9.68 -7.90
CA ASP E 676 71.48 -8.31 -7.52
C ASP E 676 71.90 -7.38 -8.66
N LEU E 677 70.96 -6.86 -9.44
CA LEU E 677 71.26 -6.14 -10.70
C LEU E 677 72.04 -4.85 -10.40
N LEU E 678 71.93 -4.33 -9.18
CA LEU E 678 72.35 -2.95 -8.81
C LEU E 678 73.81 -2.94 -8.37
N SER E 679 74.36 -4.12 -8.04
CA SER E 679 75.81 -4.41 -7.98
C SER E 679 76.49 -3.88 -9.25
N LEU E 680 75.92 -4.14 -10.44
CA LEU E 680 76.56 -3.79 -11.75
C LEU E 680 76.48 -2.30 -12.01
N GLN E 681 75.88 -1.51 -11.10
CA GLN E 681 75.73 -0.05 -11.31
C GLN E 681 77.08 0.64 -11.06
N SER E 682 77.39 1.61 -11.93
CA SER E 682 78.63 2.43 -11.91
C SER E 682 78.98 2.84 -10.48
N ALA E 683 80.24 2.70 -10.08
CA ALA E 683 80.69 2.99 -8.71
C ALA E 683 80.47 4.47 -8.40
N LYS E 684 80.52 5.34 -9.43
CA LYS E 684 80.14 6.78 -9.34
C LYS E 684 78.82 6.95 -8.57
N GLU E 685 77.75 6.28 -9.03
CA GLU E 685 76.33 6.51 -8.65
C GLU E 685 75.89 5.69 -7.43
N ASN E 686 76.54 4.55 -7.18
CA ASN E 686 76.06 3.50 -6.24
C ASN E 686 77.19 3.13 -5.26
N ASP E 687 77.08 3.57 -4.01
CA ASP E 687 78.13 3.48 -2.94
C ASP E 687 78.14 2.05 -2.37
N GLU E 688 77.24 1.20 -2.87
CA GLU E 688 77.01 -0.21 -2.41
C GLU E 688 77.38 -1.20 -3.51
N ALA E 689 77.61 -0.74 -4.76
CA ALA E 689 77.89 -1.56 -5.96
C ALA E 689 79.32 -2.16 -5.89
N LEU E 690 79.72 -2.88 -6.94
CA LEU E 690 81.10 -3.41 -7.12
C LEU E 690 82.04 -2.24 -7.42
N THR E 691 83.20 -2.19 -6.77
CA THR E 691 84.32 -1.29 -7.12
C THR E 691 84.66 -1.55 -8.59
N ASP E 692 85.11 -0.54 -9.34
CA ASP E 692 85.56 -0.73 -10.75
C ASP E 692 86.56 -1.91 -10.80
N GLU E 693 87.21 -2.22 -9.66
CA GLU E 693 88.22 -3.29 -9.54
C GLU E 693 87.51 -4.65 -9.43
N GLU E 694 86.83 -4.93 -8.31
CA GLU E 694 86.07 -6.19 -8.03
C GLU E 694 85.29 -6.67 -9.26
N PHE E 695 84.90 -5.74 -10.15
CA PHE E 695 84.12 -5.97 -11.40
C PHE E 695 85.04 -6.58 -12.46
N ALA E 696 86.13 -5.90 -12.81
CA ALA E 696 87.14 -6.37 -13.80
C ALA E 696 87.71 -7.72 -13.34
N ASP E 697 88.00 -7.84 -12.04
CA ASP E 697 88.46 -9.08 -11.35
C ASP E 697 87.44 -10.20 -11.60
N ILE E 698 86.13 -9.91 -11.67
CA ILE E 698 85.02 -10.90 -11.84
C ILE E 698 84.70 -11.11 -13.33
N PHE E 699 84.56 -10.03 -14.10
CA PHE E 699 84.14 -10.09 -15.53
C PHE E 699 85.37 -10.09 -16.45
N THR E 700 86.59 -10.10 -15.89
CA THR E 700 87.89 -9.94 -16.62
C THR E 700 88.03 -8.49 -17.14
N ALA E 701 89.28 -8.02 -17.21
CA ALA E 701 89.63 -6.63 -17.58
C ALA E 701 89.60 -6.44 -19.10
N ASP E 702 89.73 -7.54 -19.87
CA ASP E 702 89.92 -7.49 -21.36
C ASP E 702 89.37 -8.71 -22.13
N LYS E 703 88.84 -9.75 -21.47
CA LYS E 703 88.32 -10.97 -22.16
C LYS E 703 86.84 -10.80 -22.51
N PRO E 704 86.38 -11.30 -23.69
CA PRO E 704 84.97 -11.16 -24.11
C PRO E 704 83.95 -11.83 -23.19
N VAL E 705 82.83 -11.14 -22.93
CA VAL E 705 81.73 -11.58 -22.01
C VAL E 705 80.50 -11.82 -22.87
N LEU E 706 79.94 -13.03 -22.79
CA LEU E 706 78.54 -13.32 -23.21
C LEU E 706 77.66 -13.23 -21.96
N PHE E 707 76.73 -12.26 -21.95
CA PHE E 707 75.73 -12.02 -20.88
C PHE E 707 74.35 -12.52 -21.34
N ALA E 708 73.77 -13.45 -20.57
CA ALA E 708 72.38 -13.95 -20.74
C ALA E 708 71.50 -13.31 -19.67
N TYR E 709 70.60 -12.41 -20.10
CA TYR E 709 69.79 -11.53 -19.22
C TYR E 709 68.31 -11.94 -19.27
N HIS E 710 67.71 -12.04 -18.09
CA HIS E 710 66.25 -12.26 -17.90
C HIS E 710 65.39 -11.29 -18.74
N SER E 711 65.59 -9.98 -18.52
CA SER E 711 64.72 -8.90 -19.08
C SER E 711 65.33 -8.36 -20.38
N TYR E 712 65.10 -7.10 -20.69
CA TYR E 712 65.55 -6.46 -21.95
C TYR E 712 67.02 -6.14 -21.81
N ALA E 713 67.80 -6.31 -22.89
CA ALA E 713 69.28 -6.18 -22.89
C ALA E 713 69.65 -4.74 -22.55
N HIS E 714 68.87 -3.80 -23.08
CA HIS E 714 68.96 -2.33 -22.83
C HIS E 714 69.33 -2.05 -21.37
N ASP E 715 68.76 -2.79 -20.41
CA ASP E 715 68.90 -2.51 -18.95
C ASP E 715 70.37 -2.55 -18.60
N VAL E 716 71.09 -3.58 -19.04
CA VAL E 716 72.52 -3.83 -18.71
C VAL E 716 73.37 -2.88 -19.56
N ARG E 717 73.22 -2.89 -20.88
CA ARG E 717 73.97 -1.98 -21.81
C ARG E 717 74.09 -0.57 -21.17
N GLY E 718 72.97 0.07 -20.79
CA GLY E 718 73.00 1.43 -20.21
C GLY E 718 73.42 1.49 -18.74
N LEU E 719 73.65 0.35 -18.08
CA LEU E 719 73.95 0.25 -16.61
C LEU E 719 75.48 0.32 -16.37
N ILE E 720 76.27 -0.07 -17.37
CA ILE E 720 77.74 -0.38 -17.31
C ILE E 720 78.52 0.59 -18.22
N TYR E 721 77.87 1.64 -18.72
CA TYR E 721 78.40 2.58 -19.77
C TYR E 721 79.82 3.09 -19.41
N ASP E 722 80.23 2.96 -18.15
CA ASP E 722 81.49 3.52 -17.59
C ASP E 722 82.30 2.40 -16.93
N ARG E 723 81.92 1.13 -17.11
CA ARG E 723 82.56 -0.02 -16.44
C ARG E 723 83.76 -0.52 -17.26
N PRO E 724 84.76 -1.15 -16.62
CA PRO E 724 85.85 -1.78 -17.34
C PRO E 724 85.36 -3.02 -18.11
N ASN E 725 85.70 -3.06 -19.40
CA ASN E 725 85.51 -4.23 -20.30
C ASN E 725 84.18 -4.04 -21.02
N HIS E 726 83.58 -2.85 -20.87
CA HIS E 726 82.13 -2.65 -21.13
C HIS E 726 81.82 -2.91 -22.61
N ASP E 727 82.75 -2.59 -23.52
CA ASP E 727 82.54 -2.75 -24.99
C ASP E 727 82.63 -4.23 -25.38
N ASN E 728 83.08 -5.11 -24.48
CA ASN E 728 83.35 -6.56 -24.74
C ASN E 728 82.15 -7.44 -24.35
N PHE E 729 81.13 -6.85 -23.72
CA PHE E 729 79.86 -7.53 -23.34
C PHE E 729 79.08 -7.77 -24.63
N ASN E 730 78.66 -9.02 -24.85
CA ASN E 730 77.57 -9.39 -25.81
C ASN E 730 76.35 -9.67 -24.92
N VAL E 731 75.29 -8.86 -25.07
CA VAL E 731 74.11 -8.96 -24.16
C VAL E 731 72.92 -9.54 -24.92
N HIS E 732 72.42 -10.68 -24.45
CA HIS E 732 71.20 -11.35 -24.94
C HIS E 732 70.16 -11.27 -23.81
N GLY E 733 68.94 -10.88 -24.17
CA GLY E 733 67.74 -10.89 -23.29
C GLY E 733 66.47 -11.03 -24.11
N TYR E 734 65.31 -10.74 -23.52
CA TYR E 734 64.02 -10.79 -24.26
C TYR E 734 64.03 -9.72 -25.37
N GLU E 735 63.50 -10.06 -26.55
CA GLU E 735 63.58 -9.23 -27.77
C GLU E 735 62.22 -9.06 -28.43
N GLU E 736 61.13 -9.21 -27.67
CA GLU E 736 59.73 -9.03 -28.15
C GLU E 736 59.41 -10.15 -29.16
N GLU E 737 59.79 -11.38 -28.82
CA GLU E 737 59.62 -12.57 -29.70
C GLU E 737 59.05 -13.70 -28.85
N GLY E 738 58.04 -14.38 -29.35
CA GLY E 738 57.31 -15.38 -28.57
C GLY E 738 55.89 -15.54 -29.06
N SER E 739 55.25 -16.61 -28.56
CA SER E 739 53.85 -17.00 -28.85
C SER E 739 53.43 -18.02 -27.80
N THR E 740 52.28 -18.65 -28.04
CA THR E 740 51.91 -19.92 -27.39
C THR E 740 52.79 -21.00 -28.07
N THR E 741 53.65 -21.67 -27.31
CA THR E 741 54.80 -22.44 -27.86
C THR E 741 55.37 -23.34 -26.76
N THR E 742 56.59 -23.87 -26.95
CA THR E 742 57.29 -24.81 -26.02
C THR E 742 58.42 -24.06 -25.30
N PRO E 743 58.87 -24.54 -24.11
CA PRO E 743 59.89 -23.83 -23.33
C PRO E 743 61.15 -23.46 -24.14
N TYR E 744 61.60 -24.35 -25.02
CA TYR E 744 62.79 -24.15 -25.88
C TYR E 744 62.47 -23.05 -26.92
N ASP E 745 61.33 -23.11 -27.62
CA ASP E 745 61.02 -22.16 -28.73
C ASP E 745 61.00 -20.73 -28.16
N MET E 746 60.83 -20.64 -26.84
CA MET E 746 60.67 -19.36 -26.12
C MET E 746 62.04 -18.69 -26.11
N VAL E 747 63.02 -19.38 -25.54
CA VAL E 747 64.45 -18.95 -25.52
C VAL E 747 64.98 -18.92 -26.97
N ARG E 748 64.65 -19.90 -27.80
CA ARG E 748 65.20 -20.02 -29.17
C ARG E 748 65.02 -18.70 -29.91
N VAL E 749 63.78 -18.26 -30.07
CA VAL E 749 63.39 -17.15 -31.00
C VAL E 749 63.85 -15.79 -30.39
N ASN E 750 64.20 -15.77 -29.10
CA ASN E 750 64.90 -14.63 -28.40
C ASN E 750 66.43 -14.79 -28.46
N ARG E 751 66.93 -15.76 -29.23
CA ARG E 751 68.38 -15.97 -29.50
C ARG E 751 69.10 -16.07 -28.15
N ILE E 752 68.63 -16.93 -27.25
CA ILE E 752 69.18 -17.08 -25.87
C ILE E 752 69.09 -18.56 -25.41
N ASP E 753 68.83 -19.47 -26.37
CA ASP E 753 68.86 -20.94 -26.17
C ASP E 753 70.31 -21.39 -25.95
N ARG E 754 70.51 -22.43 -25.15
CA ARG E 754 71.84 -23.03 -24.83
C ARG E 754 72.67 -23.28 -26.09
N TYR E 755 72.03 -23.47 -27.25
CA TYR E 755 72.70 -23.68 -28.56
C TYR E 755 73.25 -22.36 -29.10
N GLU E 756 72.40 -21.38 -29.43
CA GLU E 756 72.79 -20.05 -29.98
C GLU E 756 73.69 -19.29 -28.99
N LEU E 757 73.65 -19.62 -27.69
CA LEU E 757 74.61 -19.09 -26.66
C LEU E 757 76.01 -19.61 -26.96
N THR E 758 76.11 -20.95 -27.09
CA THR E 758 77.29 -21.74 -27.55
C THR E 758 77.84 -21.13 -28.86
N ALA E 759 77.02 -21.14 -29.92
CA ALA E 759 77.33 -20.58 -31.27
C ALA E 759 77.78 -19.10 -31.20
N GLU E 760 77.33 -18.37 -30.18
CA GLU E 760 77.75 -16.96 -29.97
C GLU E 760 79.14 -16.97 -29.33
N ALA E 761 79.35 -17.77 -28.26
CA ALA E 761 80.65 -17.81 -27.52
C ALA E 761 81.80 -18.03 -28.52
N LEU E 762 81.64 -18.98 -29.44
CA LEU E 762 82.64 -19.38 -30.46
C LEU E 762 82.89 -18.21 -31.41
N ARG E 763 81.85 -17.48 -31.83
CA ARG E 763 81.93 -16.34 -32.80
C ARG E 763 82.72 -15.16 -32.20
N MET E 764 82.89 -15.12 -30.87
CA MET E 764 83.62 -14.04 -30.17
C MET E 764 85.10 -14.43 -30.06
N ILE E 765 85.39 -15.74 -30.05
CA ILE E 765 86.77 -16.30 -29.92
C ILE E 765 87.44 -16.30 -31.31
N ASP E 766 86.90 -17.09 -32.24
CA ASP E 766 87.44 -17.24 -33.62
C ASP E 766 86.28 -17.74 -34.50
N ALA E 767 85.73 -16.83 -35.29
CA ALA E 767 84.61 -17.06 -36.24
C ALA E 767 85.03 -18.12 -37.28
N ASP E 768 86.32 -18.15 -37.63
CA ASP E 768 86.91 -19.00 -38.71
C ASP E 768 87.46 -20.31 -38.12
N LYS E 769 88.10 -20.26 -36.93
CA LYS E 769 88.76 -21.42 -36.25
C LYS E 769 87.70 -22.37 -35.65
N TYR E 770 86.43 -21.96 -35.60
CA TYR E 770 85.29 -22.80 -35.15
C TYR E 770 84.18 -22.79 -36.20
N ALA E 771 84.41 -22.10 -37.33
CA ALA E 771 83.43 -21.70 -38.37
C ALA E 771 82.39 -22.79 -38.68
N ASP E 772 82.72 -24.07 -38.47
CA ASP E 772 81.83 -25.21 -38.85
C ASP E 772 80.98 -25.67 -37.66
N LYS E 773 81.57 -25.96 -36.51
CA LYS E 773 80.79 -26.36 -35.29
C LYS E 773 79.66 -25.33 -35.13
N ILE E 774 79.90 -24.06 -35.52
CA ILE E 774 78.90 -22.94 -35.58
C ILE E 774 77.74 -23.35 -36.50
N ASP E 775 77.96 -23.39 -37.81
CA ASP E 775 76.92 -23.64 -38.86
C ASP E 775 76.23 -25.00 -38.63
N GLU E 776 76.75 -25.82 -37.72
CA GLU E 776 76.13 -27.07 -37.21
C GLU E 776 75.10 -26.71 -36.13
N LEU E 777 75.56 -26.11 -35.02
CA LEU E 777 74.70 -25.64 -33.89
C LEU E 777 73.44 -24.93 -34.43
N GLU E 778 73.57 -24.09 -35.46
CA GLU E 778 72.43 -23.38 -36.13
C GLU E 778 71.40 -24.41 -36.61
N LYS E 779 71.79 -25.34 -37.48
CA LYS E 779 70.88 -26.35 -38.09
C LYS E 779 70.23 -27.23 -36.99
N PHE E 780 70.83 -27.36 -35.79
CA PHE E 780 70.24 -28.14 -34.67
C PHE E 780 69.23 -27.31 -33.87
N ARG E 781 69.18 -25.99 -34.13
CA ARG E 781 68.12 -25.09 -33.60
C ARG E 781 66.88 -25.28 -34.48
N ASP E 782 67.01 -25.16 -35.80
CA ASP E 782 65.93 -25.37 -36.81
C ASP E 782 65.43 -26.82 -36.78
N GLU E 783 66.16 -27.70 -36.08
CA GLU E 783 65.78 -29.12 -35.89
C GLU E 783 64.88 -29.20 -34.66
N ALA E 784 65.44 -28.99 -33.46
CA ALA E 784 64.72 -29.09 -32.15
C ALA E 784 63.38 -28.32 -32.20
N PHE E 785 63.24 -27.36 -33.12
CA PHE E 785 61.98 -26.63 -33.42
C PHE E 785 61.09 -27.55 -34.25
N GLN E 786 61.48 -27.79 -35.51
CA GLN E 786 60.76 -28.69 -36.45
C GLN E 786 60.47 -30.01 -35.72
N PHE E 787 61.27 -30.38 -34.73
CA PHE E 787 60.99 -31.54 -33.84
C PHE E 787 59.66 -31.32 -33.14
N ALA E 788 59.53 -30.20 -32.41
CA ALA E 788 58.40 -29.89 -31.51
C ALA E 788 57.11 -29.69 -32.33
N VAL E 789 57.19 -29.04 -33.50
CA VAL E 789 56.05 -28.89 -34.45
C VAL E 789 55.54 -30.27 -34.90
N ASP E 790 56.45 -31.20 -35.18
CA ASP E 790 56.14 -32.61 -35.54
C ASP E 790 55.57 -33.33 -34.31
N ASN E 791 56.25 -33.25 -33.16
CA ASN E 791 56.03 -34.17 -32.02
C ASN E 791 55.06 -33.59 -31.00
N GLY E 792 55.05 -32.25 -30.82
CA GLY E 792 54.22 -31.52 -29.84
C GLY E 792 54.80 -31.55 -28.43
N TYR E 793 56.13 -31.68 -28.33
CA TYR E 793 56.94 -31.52 -27.09
C TYR E 793 58.39 -31.22 -27.51
N ASP E 794 59.28 -31.05 -26.55
CA ASP E 794 60.65 -30.54 -26.82
C ASP E 794 61.62 -31.71 -27.09
N HIS E 795 62.71 -31.42 -27.81
CA HIS E 795 63.80 -32.38 -28.17
C HIS E 795 64.45 -32.90 -26.90
N PRO E 796 64.70 -34.23 -26.79
CA PRO E 796 65.20 -34.81 -25.53
C PRO E 796 66.62 -34.36 -25.14
N ASP E 797 67.39 -33.79 -26.07
CA ASP E 797 68.67 -33.10 -25.73
C ASP E 797 68.37 -32.01 -24.70
N TYR E 798 67.40 -31.13 -25.01
CA TYR E 798 66.91 -29.97 -24.19
C TYR E 798 66.22 -30.45 -22.90
N THR E 799 65.23 -31.34 -23.01
CA THR E 799 64.36 -31.78 -21.88
C THR E 799 65.14 -32.67 -20.91
N ASP E 800 65.99 -33.54 -21.43
CA ASP E 800 66.66 -34.60 -20.63
C ASP E 800 67.98 -34.08 -20.07
N TRP E 801 68.65 -33.13 -20.76
CA TRP E 801 69.97 -32.54 -20.39
C TRP E 801 70.11 -32.35 -18.87
N VAL E 802 71.32 -32.57 -18.38
CA VAL E 802 71.75 -32.33 -16.97
C VAL E 802 73.19 -31.82 -17.05
N TYR E 803 73.59 -30.96 -16.10
CA TYR E 803 74.98 -30.44 -15.98
C TYR E 803 75.93 -31.57 -15.55
N SER E 804 77.16 -31.58 -16.10
CA SER E 804 78.26 -32.50 -15.75
C SER E 804 78.26 -32.79 -14.25
N GLY E 805 78.50 -31.75 -13.44
CA GLY E 805 78.77 -31.84 -11.99
C GLY E 805 77.72 -32.62 -11.21
N VAL E 806 76.65 -33.06 -11.90
CA VAL E 806 75.57 -33.87 -11.26
C VAL E 806 76.03 -35.33 -11.23
N ASN E 807 76.26 -35.87 -10.03
CA ASN E 807 76.69 -37.27 -9.78
C ASN E 807 75.46 -38.18 -9.87
N THR E 808 75.08 -38.55 -11.10
CA THR E 808 73.80 -39.24 -11.45
C THR E 808 73.82 -40.67 -10.88
N ASP E 809 74.77 -41.50 -11.32
CA ASP E 809 74.95 -42.92 -10.89
C ASP E 809 74.75 -43.04 -9.37
N LYS E 810 75.44 -42.19 -8.60
CA LYS E 810 75.43 -42.16 -7.10
C LYS E 810 74.09 -42.71 -6.58
N THR F 2 34.58 7.91 -41.81
CA THR F 2 33.15 7.86 -41.47
C THR F 2 32.74 6.41 -41.47
N SER F 3 32.43 5.87 -40.29
CA SER F 3 31.87 4.51 -40.07
C SER F 3 30.67 4.26 -41.00
N PRO F 4 30.62 3.12 -41.70
CA PRO F 4 29.49 2.86 -42.60
C PRO F 4 28.32 2.30 -41.79
N VAL F 5 27.12 2.59 -42.31
CA VAL F 5 25.80 2.00 -41.93
C VAL F 5 25.74 0.63 -42.59
N ILE F 6 25.82 -0.43 -41.79
CA ILE F 6 25.78 -1.84 -42.25
C ILE F 6 24.44 -2.44 -41.84
N GLY F 7 23.81 -3.11 -42.78
CA GLY F 7 22.61 -3.94 -42.53
C GLY F 7 21.40 -3.06 -42.38
N THR F 8 20.45 -3.52 -41.58
CA THR F 8 19.19 -2.84 -41.20
C THR F 8 19.20 -2.68 -39.68
N PRO F 9 19.67 -1.53 -39.14
CA PRO F 9 20.02 -1.45 -37.73
C PRO F 9 18.79 -1.10 -36.86
N TRP F 10 18.77 -1.60 -35.62
CA TRP F 10 17.74 -1.27 -34.59
C TRP F 10 16.33 -1.67 -35.09
N LYS F 11 16.18 -2.89 -35.64
CA LYS F 11 14.91 -3.48 -36.15
C LYS F 11 14.35 -4.45 -35.12
N LYS F 12 13.09 -4.27 -34.73
CA LYS F 12 12.34 -5.26 -33.91
C LYS F 12 12.01 -6.49 -34.77
N LEU F 13 12.11 -7.65 -34.15
CA LEU F 13 11.47 -8.91 -34.65
C LEU F 13 9.98 -8.81 -34.29
N ASN F 14 9.08 -8.82 -35.26
CA ASN F 14 7.64 -8.72 -34.87
C ASN F 14 7.03 -10.12 -34.96
N ALA F 15 7.49 -11.01 -34.10
CA ALA F 15 7.25 -12.48 -34.16
C ALA F 15 8.03 -13.15 -33.03
N PRO F 16 7.61 -14.33 -32.51
CA PRO F 16 8.44 -15.06 -31.57
C PRO F 16 9.57 -15.73 -32.38
N VAL F 17 10.66 -16.09 -31.72
CA VAL F 17 11.83 -16.71 -32.40
C VAL F 17 11.46 -18.14 -32.82
N SER F 18 11.81 -18.53 -34.06
CA SER F 18 11.32 -19.79 -34.67
C SER F 18 11.95 -21.00 -33.95
N GLU F 19 11.29 -22.16 -33.97
CA GLU F 19 11.79 -23.43 -33.37
C GLU F 19 13.08 -23.85 -34.09
N GLU F 20 13.10 -23.78 -35.43
CA GLU F 20 14.25 -24.18 -36.29
C GLU F 20 15.47 -23.33 -35.93
N ALA F 21 15.26 -22.04 -35.70
CA ALA F 21 16.35 -21.09 -35.36
C ALA F 21 17.02 -21.58 -34.07
N LEU F 22 16.21 -21.88 -33.04
CA LEU F 22 16.72 -22.36 -31.74
C LEU F 22 17.33 -23.75 -31.89
N GLU F 23 16.77 -24.59 -32.77
CA GLU F 23 17.29 -25.94 -33.05
C GLU F 23 18.77 -25.78 -33.43
N GLY F 24 19.05 -24.85 -34.34
CA GLY F 24 20.40 -24.51 -34.83
C GLY F 24 21.30 -23.93 -33.74
N VAL F 25 20.76 -23.16 -32.82
CA VAL F 25 21.58 -22.52 -31.76
C VAL F 25 22.05 -23.63 -30.82
N ASP F 26 21.21 -24.64 -30.56
CA ASP F 26 21.64 -25.80 -29.73
C ASP F 26 22.75 -26.52 -30.46
N LYS F 27 22.60 -26.71 -31.78
CA LYS F 27 23.60 -27.44 -32.63
C LYS F 27 24.91 -26.65 -32.68
N TYR F 28 24.83 -25.33 -32.95
CA TYR F 28 25.96 -24.37 -32.83
C TYR F 28 26.68 -24.58 -31.49
N TRP F 29 25.97 -24.46 -30.38
CA TRP F 29 26.53 -24.62 -29.01
C TRP F 29 27.29 -25.94 -28.88
N ARG F 30 26.69 -27.05 -29.34
CA ARG F 30 27.22 -28.43 -29.12
C ARG F 30 28.53 -28.60 -29.91
N VAL F 31 28.53 -28.27 -31.20
CA VAL F 31 29.73 -28.38 -32.10
C VAL F 31 30.79 -27.36 -31.72
N ALA F 32 30.39 -26.17 -31.25
CA ALA F 32 31.32 -25.12 -30.79
C ALA F 32 31.99 -25.59 -29.50
N ASN F 33 31.27 -26.27 -28.61
CA ASN F 33 31.84 -26.92 -27.41
C ASN F 33 32.83 -28.01 -27.85
N TYR F 34 32.47 -28.76 -28.90
CA TYR F 34 33.26 -29.91 -29.44
C TYR F 34 34.55 -29.38 -30.10
N LEU F 35 34.41 -28.53 -31.11
CA LEU F 35 35.55 -27.83 -31.76
C LEU F 35 36.48 -27.24 -30.68
N SER F 36 35.94 -26.83 -29.54
CA SER F 36 36.71 -26.08 -28.51
C SER F 36 37.53 -27.09 -27.67
N ILE F 37 36.92 -28.16 -27.19
CA ILE F 37 37.64 -29.23 -26.46
C ILE F 37 38.64 -29.89 -27.42
N GLY F 38 38.25 -30.05 -28.68
CA GLY F 38 39.11 -30.55 -29.78
C GLY F 38 40.41 -29.76 -29.91
N GLN F 39 40.33 -28.44 -29.78
CA GLN F 39 41.47 -27.50 -29.96
C GLN F 39 42.40 -27.62 -28.77
N ILE F 40 41.88 -28.00 -27.61
CA ILE F 40 42.70 -28.08 -26.36
C ILE F 40 43.49 -29.38 -26.35
N TYR F 41 42.78 -30.47 -26.62
CA TYR F 41 43.10 -31.86 -26.18
C TYR F 41 43.73 -32.67 -27.32
N LEU F 42 43.29 -32.49 -28.57
CA LEU F 42 43.55 -33.47 -29.67
C LEU F 42 44.64 -32.95 -30.60
N ARG F 43 45.67 -33.78 -30.81
CA ARG F 43 46.70 -33.59 -31.87
C ARG F 43 46.24 -34.27 -33.15
N SER F 44 45.50 -35.39 -33.03
CA SER F 44 45.06 -36.22 -34.20
C SER F 44 43.69 -36.86 -33.96
N ASN F 45 42.99 -37.17 -35.06
CA ASN F 45 41.74 -37.98 -35.10
C ASN F 45 40.60 -37.08 -34.65
N PRO F 46 40.27 -36.05 -35.46
CA PRO F 46 39.27 -35.06 -35.07
C PRO F 46 37.95 -35.72 -34.63
N LEU F 47 37.41 -36.62 -35.48
CA LEU F 47 36.04 -37.18 -35.34
C LEU F 47 36.03 -38.53 -34.62
N MET F 48 37.13 -38.90 -33.93
CA MET F 48 37.26 -40.13 -33.09
C MET F 48 37.01 -41.42 -33.89
N LYS F 49 37.38 -41.46 -35.18
CA LYS F 49 37.28 -42.68 -36.05
C LYS F 49 38.19 -43.78 -35.47
N GLU F 50 37.74 -45.04 -35.57
CA GLU F 50 38.29 -46.19 -34.78
C GLU F 50 39.63 -46.61 -35.36
N PRO F 51 40.68 -46.84 -34.54
CA PRO F 51 40.58 -46.72 -33.08
C PRO F 51 40.84 -45.27 -32.65
N PHE F 52 40.44 -44.95 -31.41
CA PHE F 52 40.65 -43.63 -30.76
C PHE F 52 41.36 -43.89 -29.43
N THR F 53 42.60 -43.39 -29.30
CA THR F 53 43.52 -43.69 -28.16
C THR F 53 44.27 -42.44 -27.67
N ARG F 54 45.03 -42.64 -26.59
CA ARG F 54 45.96 -41.66 -25.97
C ARG F 54 46.83 -41.00 -27.06
N GLU F 55 47.21 -41.71 -28.12
CA GLU F 55 48.22 -41.19 -29.08
C GLU F 55 47.57 -40.08 -29.92
N ASP F 56 46.26 -39.86 -29.78
CA ASP F 56 45.51 -38.77 -30.49
C ASP F 56 45.51 -37.48 -29.66
N VAL F 57 45.75 -37.59 -28.33
CA VAL F 57 45.75 -36.51 -27.30
C VAL F 57 47.06 -35.70 -27.33
N LYS F 58 46.96 -34.36 -27.28
CA LYS F 58 48.12 -33.44 -27.21
C LYS F 58 48.97 -33.77 -25.97
N HIS F 59 50.30 -33.78 -26.12
CA HIS F 59 51.25 -34.21 -25.06
C HIS F 59 51.10 -33.26 -23.87
N ARG F 60 51.03 -31.95 -24.18
CA ARG F 60 50.93 -30.83 -23.21
C ARG F 60 49.60 -30.10 -23.44
N LEU F 61 48.81 -30.00 -22.36
CA LEU F 61 47.42 -29.48 -22.33
C LEU F 61 47.40 -27.97 -22.05
N VAL F 62 47.00 -27.18 -23.05
CA VAL F 62 47.17 -25.69 -23.04
C VAL F 62 45.93 -25.04 -23.65
N GLY F 63 45.36 -24.07 -22.92
CA GLY F 63 44.12 -23.35 -23.24
C GLY F 63 43.19 -23.30 -22.04
N HIS F 64 42.06 -22.59 -22.16
CA HIS F 64 41.13 -22.33 -21.04
C HIS F 64 39.72 -22.80 -21.43
N TRP F 65 39.15 -23.70 -20.62
CA TRP F 65 37.84 -24.35 -20.90
C TRP F 65 36.72 -23.66 -20.11
N GLY F 66 36.91 -23.43 -18.81
CA GLY F 66 35.92 -22.85 -17.89
C GLY F 66 34.99 -21.80 -18.50
N THR F 67 35.53 -20.80 -19.22
CA THR F 67 34.74 -19.66 -19.74
C THR F 67 34.01 -20.02 -21.04
N THR F 68 34.58 -20.99 -21.77
CA THR F 68 34.32 -21.27 -23.20
C THR F 68 32.87 -21.71 -23.48
N PRO F 69 32.29 -22.70 -22.73
CA PRO F 69 30.93 -23.16 -23.02
C PRO F 69 29.92 -22.00 -22.87
N GLY F 70 30.13 -21.17 -21.83
CA GLY F 70 29.47 -19.86 -21.64
C GLY F 70 29.59 -18.95 -22.86
N LEU F 71 30.80 -18.71 -23.37
CA LEU F 71 30.94 -17.81 -24.54
C LEU F 71 30.27 -18.47 -25.75
N ASN F 72 30.31 -19.79 -25.80
CA ASN F 72 29.79 -20.58 -26.94
C ASN F 72 28.26 -20.46 -26.96
N PHE F 73 27.62 -20.54 -25.80
CA PHE F 73 26.18 -20.24 -25.65
C PHE F 73 25.89 -18.84 -26.21
N LEU F 74 26.52 -17.80 -25.63
CA LEU F 74 26.20 -16.38 -25.95
C LEU F 74 26.48 -16.12 -27.43
N ILE F 75 27.60 -16.62 -27.96
CA ILE F 75 27.96 -16.28 -29.36
C ILE F 75 26.94 -16.94 -30.29
N GLY F 76 26.51 -18.16 -29.92
CA GLY F 76 25.50 -18.92 -30.67
C GLY F 76 24.22 -18.11 -30.78
N HIS F 77 23.73 -17.60 -29.66
CA HIS F 77 22.48 -16.82 -29.61
C HIS F 77 22.65 -15.48 -30.32
N ILE F 78 23.83 -14.87 -30.22
CA ILE F 78 24.15 -13.57 -30.90
C ILE F 78 24.09 -13.80 -32.42
N ASN F 79 24.59 -14.92 -32.92
CA ASN F 79 24.63 -15.23 -34.38
C ASN F 79 23.21 -15.40 -34.92
N ARG F 80 22.35 -16.04 -34.13
CA ARG F 80 20.90 -16.13 -34.41
C ARG F 80 20.33 -14.71 -34.56
N PHE F 81 20.60 -13.89 -33.53
CA PHE F 81 20.16 -12.49 -33.43
C PHE F 81 20.56 -11.72 -34.71
N ILE F 82 21.82 -11.79 -35.10
CA ILE F 82 22.36 -10.95 -36.19
C ILE F 82 21.61 -11.27 -37.48
N ALA F 83 21.38 -12.55 -37.74
CA ALA F 83 20.75 -13.09 -38.97
C ALA F 83 19.30 -12.63 -39.06
N ASP F 84 18.51 -12.83 -38.00
CA ASP F 84 17.07 -12.47 -38.00
C ASP F 84 16.94 -10.94 -38.14
N HIS F 85 17.85 -10.15 -37.57
CA HIS F 85 17.66 -8.68 -37.42
C HIS F 85 18.40 -7.90 -38.48
N GLY F 86 19.51 -8.44 -38.97
CA GLY F 86 20.38 -7.75 -39.94
C GLY F 86 21.15 -6.65 -39.23
N GLN F 87 21.60 -6.94 -38.00
CA GLN F 87 22.19 -5.95 -37.07
C GLN F 87 23.71 -5.93 -37.17
N ASN F 88 24.25 -4.80 -37.62
CA ASN F 88 25.69 -4.46 -37.50
C ASN F 88 26.10 -4.73 -36.04
N THR F 89 26.98 -5.71 -35.83
CA THR F 89 27.38 -6.25 -34.51
C THR F 89 28.87 -6.61 -34.43
N VAL F 90 29.50 -6.27 -33.31
CA VAL F 90 30.93 -6.54 -32.95
C VAL F 90 30.94 -7.02 -31.52
N ILE F 91 31.62 -8.12 -31.20
CA ILE F 91 31.63 -8.58 -29.78
C ILE F 91 32.97 -8.15 -29.20
N ILE F 92 32.99 -7.89 -27.89
CA ILE F 92 34.22 -7.80 -27.07
C ILE F 92 34.25 -9.04 -26.19
N MET F 93 35.26 -9.88 -26.38
CA MET F 93 35.43 -11.08 -25.54
C MET F 93 36.19 -10.66 -24.29
N GLY F 94 35.45 -10.32 -23.24
CA GLY F 94 36.07 -9.95 -21.96
C GLY F 94 37.09 -10.99 -21.58
N PRO F 95 36.65 -12.22 -21.23
CA PRO F 95 37.56 -13.30 -20.86
C PRO F 95 38.17 -13.86 -22.16
N GLY F 96 39.27 -13.25 -22.65
CA GLY F 96 39.84 -13.48 -23.99
C GLY F 96 40.68 -14.75 -24.07
N HIS F 97 40.95 -15.33 -22.90
CA HIS F 97 41.57 -16.66 -22.72
C HIS F 97 40.64 -17.77 -23.23
N GLY F 98 39.34 -17.50 -23.34
CA GLY F 98 38.36 -18.37 -24.00
C GLY F 98 38.42 -18.19 -25.51
N GLY F 99 39.64 -18.11 -26.07
CA GLY F 99 39.93 -18.01 -27.51
C GLY F 99 39.33 -19.14 -28.35
N PRO F 100 39.31 -20.41 -27.87
CA PRO F 100 38.61 -21.49 -28.57
C PRO F 100 37.27 -21.04 -29.17
N ALA F 101 36.44 -20.37 -28.37
CA ALA F 101 35.10 -19.89 -28.78
C ALA F 101 35.25 -18.94 -29.97
N GLY F 102 36.33 -18.15 -29.98
CA GLY F 102 36.55 -17.14 -31.03
C GLY F 102 36.98 -17.76 -32.36
N THR F 103 37.93 -18.69 -32.27
CA THR F 103 38.34 -19.59 -33.39
C THR F 103 37.16 -20.45 -33.83
N SER F 104 36.52 -21.17 -32.90
CA SER F 104 35.31 -21.97 -33.21
C SER F 104 34.35 -21.10 -34.03
N GLN F 105 33.98 -19.92 -33.52
CA GLN F 105 33.07 -18.99 -34.24
C GLN F 105 33.56 -18.87 -35.67
N SER F 106 34.86 -18.56 -35.85
CA SER F 106 35.44 -18.15 -37.16
C SER F 106 35.36 -19.34 -38.14
N TYR F 107 35.70 -20.54 -37.65
CA TYR F 107 35.61 -21.82 -38.40
C TYR F 107 34.15 -22.04 -38.86
N LEU F 108 33.16 -21.93 -37.97
CA LEU F 108 31.72 -22.21 -38.27
C LEU F 108 31.13 -21.13 -39.20
N ASP F 109 31.54 -19.87 -39.07
CA ASP F 109 30.95 -18.77 -39.90
C ASP F 109 31.74 -18.67 -41.21
N GLY F 110 32.86 -19.41 -41.28
CA GLY F 110 33.61 -19.68 -42.53
C GLY F 110 34.53 -18.54 -42.89
N THR F 111 34.83 -17.64 -41.95
CA THR F 111 35.91 -16.62 -42.11
C THR F 111 37.26 -17.33 -41.98
N TYR F 112 37.39 -18.32 -41.09
CA TYR F 112 38.69 -18.97 -40.81
C TYR F 112 39.22 -19.67 -42.06
N THR F 113 38.35 -20.20 -42.93
CA THR F 113 38.77 -20.87 -44.19
C THR F 113 39.02 -19.80 -45.26
N GLU F 114 38.19 -18.76 -45.36
CA GLU F 114 38.45 -17.60 -46.28
C GLU F 114 39.82 -16.99 -45.95
N THR F 115 40.19 -16.87 -44.68
CA THR F 115 41.46 -16.24 -44.27
C THR F 115 42.59 -17.23 -44.55
N PHE F 116 42.43 -18.45 -44.06
CA PHE F 116 43.44 -19.54 -44.03
C PHE F 116 42.95 -20.72 -44.86
N PRO F 117 43.17 -20.76 -46.20
CA PRO F 117 42.56 -21.79 -47.05
C PRO F 117 43.05 -23.22 -46.76
N LYS F 118 44.23 -23.37 -46.15
CA LYS F 118 44.82 -24.67 -45.75
C LYS F 118 44.08 -25.24 -44.53
N ILE F 119 43.12 -24.50 -43.96
CA ILE F 119 42.28 -24.96 -42.81
C ILE F 119 40.87 -25.20 -43.35
N THR F 120 40.70 -26.32 -44.07
CA THR F 120 39.52 -26.68 -44.91
C THR F 120 38.38 -27.11 -44.00
N LYS F 121 37.14 -27.10 -44.53
CA LYS F 121 35.89 -27.57 -43.84
C LYS F 121 35.68 -29.08 -44.10
N ASP F 122 36.49 -29.94 -43.48
CA ASP F 122 36.49 -31.42 -43.67
C ASP F 122 37.44 -32.07 -42.65
N GLU F 123 37.52 -33.40 -42.64
CA GLU F 123 38.31 -34.18 -41.63
C GLU F 123 39.75 -33.65 -41.61
N ALA F 124 40.39 -33.56 -42.78
CA ALA F 124 41.81 -33.18 -42.94
C ALA F 124 42.05 -31.82 -42.24
N GLY F 125 41.35 -30.76 -42.71
CA GLY F 125 41.39 -29.38 -42.19
C GLY F 125 41.03 -29.28 -40.70
N LEU F 126 40.18 -30.18 -40.20
CA LEU F 126 39.79 -30.29 -38.78
C LEU F 126 40.90 -30.94 -37.95
N GLN F 127 41.78 -31.74 -38.58
CA GLN F 127 43.02 -32.30 -37.96
C GLN F 127 43.95 -31.12 -37.65
N LYS F 128 44.18 -30.29 -38.66
CA LYS F 128 45.09 -29.12 -38.66
C LYS F 128 44.55 -28.07 -37.69
N PHE F 129 43.24 -27.80 -37.74
CA PHE F 129 42.50 -26.91 -36.80
C PHE F 129 42.74 -27.31 -35.34
N PHE F 130 42.39 -28.52 -34.93
CA PHE F 130 42.56 -28.95 -33.51
C PHE F 130 44.03 -28.81 -33.13
N ARG F 131 44.91 -29.24 -34.03
CA ARG F 131 46.38 -29.34 -33.77
C ARG F 131 46.94 -27.95 -33.49
N GLN F 132 46.67 -26.97 -34.36
CA GLN F 132 47.34 -25.63 -34.42
C GLN F 132 47.04 -24.80 -33.17
N PHE F 133 45.91 -25.03 -32.50
CA PHE F 133 45.53 -24.22 -31.33
C PHE F 133 46.60 -24.36 -30.25
N SER F 134 47.23 -23.25 -29.86
CA SER F 134 48.15 -23.20 -28.68
C SER F 134 49.22 -24.28 -28.82
N TYR F 135 50.04 -24.17 -29.87
CA TYR F 135 50.93 -25.25 -30.37
C TYR F 135 52.03 -24.62 -31.23
N PRO F 136 53.29 -25.08 -31.05
CA PRO F 136 54.42 -24.55 -31.81
C PRO F 136 54.12 -24.46 -33.30
N GLY F 137 54.41 -23.30 -33.90
CA GLY F 137 54.21 -22.97 -35.32
C GLY F 137 52.74 -22.73 -35.61
N GLY F 138 51.91 -22.74 -34.57
CA GLY F 138 50.44 -22.67 -34.65
C GLY F 138 49.91 -21.25 -34.44
N ILE F 139 48.88 -21.12 -33.61
CA ILE F 139 48.16 -19.84 -33.30
C ILE F 139 48.02 -19.75 -31.79
N PRO F 140 47.72 -18.55 -31.24
CA PRO F 140 47.70 -18.33 -29.78
C PRO F 140 46.49 -18.89 -29.00
N SER F 141 46.55 -18.80 -27.66
CA SER F 141 45.58 -19.43 -26.71
C SER F 141 44.45 -18.45 -26.31
N HIS F 142 44.54 -17.19 -26.80
CA HIS F 142 43.58 -16.08 -26.55
C HIS F 142 42.97 -15.65 -27.88
N PHE F 143 41.97 -14.76 -27.84
CA PHE F 143 41.26 -14.18 -29.01
C PHE F 143 42.15 -13.07 -29.59
N ALA F 144 43.31 -13.51 -30.08
CA ALA F 144 44.42 -12.66 -30.56
C ALA F 144 44.06 -12.08 -31.92
N PRO F 145 44.80 -11.05 -32.40
CA PRO F 145 44.49 -10.42 -33.67
C PRO F 145 44.63 -11.31 -34.91
N GLU F 146 45.20 -12.51 -34.75
CA GLU F 146 45.22 -13.61 -35.75
C GLU F 146 43.78 -14.05 -36.07
N THR F 147 42.88 -13.94 -35.10
CA THR F 147 41.47 -14.42 -35.23
C THR F 147 40.64 -13.38 -35.99
N PRO F 148 39.90 -13.73 -37.07
CA PRO F 148 38.87 -12.83 -37.60
C PRO F 148 37.79 -12.61 -36.53
N GLY F 149 37.32 -11.37 -36.36
CA GLY F 149 36.35 -10.96 -35.33
C GLY F 149 36.97 -10.28 -34.10
N SER F 150 38.27 -10.42 -33.83
CA SER F 150 38.95 -9.80 -32.66
C SER F 150 39.29 -8.32 -32.93
N ILE F 151 39.01 -7.44 -31.95
CA ILE F 151 39.62 -6.08 -31.75
C ILE F 151 40.06 -5.95 -30.28
N HIS F 152 40.08 -7.08 -29.59
CA HIS F 152 40.25 -7.15 -28.14
C HIS F 152 40.67 -8.59 -27.85
N GLU F 153 41.81 -8.79 -27.20
CA GLU F 153 42.42 -10.11 -26.91
C GLU F 153 42.00 -10.57 -25.51
N GLY F 154 41.95 -9.69 -24.52
CA GLY F 154 41.57 -10.04 -23.15
C GLY F 154 42.65 -10.87 -22.48
N GLY F 155 43.90 -10.68 -22.92
CA GLY F 155 45.03 -11.21 -22.16
C GLY F 155 45.12 -10.50 -20.83
N GLU F 156 45.36 -9.18 -20.92
CA GLU F 156 45.39 -8.30 -19.73
C GLU F 156 43.97 -7.78 -19.53
N LEU F 157 43.31 -8.23 -18.47
CA LEU F 157 41.86 -8.02 -18.27
C LEU F 157 41.62 -6.58 -17.81
N GLY F 158 40.48 -6.01 -18.23
CA GLY F 158 39.93 -4.77 -17.66
C GLY F 158 39.53 -3.75 -18.72
N TYR F 159 39.92 -3.93 -19.97
CA TYR F 159 39.71 -2.94 -21.06
C TYR F 159 38.48 -3.33 -21.88
N ALA F 160 37.61 -4.17 -21.31
CA ALA F 160 36.46 -4.72 -22.08
C ALA F 160 35.52 -3.57 -22.45
N LEU F 161 35.18 -2.76 -21.45
CA LEU F 161 34.12 -1.73 -21.53
C LEU F 161 34.63 -0.41 -22.16
N SER F 162 35.87 0.00 -21.90
CA SER F 162 36.51 1.17 -22.56
C SER F 162 36.59 0.91 -24.07
N HIS F 163 37.00 -0.29 -24.48
CA HIS F 163 37.01 -0.70 -25.91
C HIS F 163 35.58 -0.74 -26.45
N ALA F 164 34.64 -1.33 -25.70
CA ALA F 164 33.24 -1.45 -26.17
C ALA F 164 32.71 -0.05 -26.49
N TYR F 165 32.91 0.87 -25.55
CA TYR F 165 32.25 2.19 -25.58
C TYR F 165 32.98 3.11 -26.55
N GLY F 166 34.28 2.89 -26.79
CA GLY F 166 35.03 3.60 -27.85
C GLY F 166 34.56 3.21 -29.24
N ALA F 167 34.27 1.93 -29.46
CA ALA F 167 33.85 1.36 -30.77
C ALA F 167 32.62 2.09 -31.33
N ILE F 168 31.68 2.49 -30.47
CA ILE F 168 30.31 2.95 -30.86
C ILE F 168 30.30 4.47 -31.07
N MET F 169 31.27 5.17 -30.51
CA MET F 169 31.41 6.62 -30.71
C MET F 169 31.45 6.91 -32.22
N ASP F 170 30.63 7.85 -32.66
CA ASP F 170 30.45 8.22 -34.07
C ASP F 170 30.10 6.99 -34.89
N ASN F 171 29.44 6.01 -34.30
CA ASN F 171 29.13 4.73 -34.98
C ASN F 171 27.66 4.39 -34.72
N PRO F 172 26.70 5.22 -35.20
CA PRO F 172 25.27 5.07 -34.86
C PRO F 172 24.63 3.72 -35.16
N SER F 173 25.03 3.04 -36.24
CA SER F 173 24.46 1.72 -36.66
C SER F 173 25.15 0.58 -35.91
N LEU F 174 26.14 0.82 -35.04
CA LEU F 174 26.91 -0.31 -34.42
C LEU F 174 26.30 -0.71 -33.08
N PHE F 175 26.00 -2.01 -32.94
CA PHE F 175 25.64 -2.68 -31.67
C PHE F 175 26.87 -3.46 -31.21
N VAL F 176 27.12 -3.54 -29.91
CA VAL F 176 28.34 -4.16 -29.32
C VAL F 176 27.95 -4.91 -28.06
N PRO F 177 27.62 -6.21 -28.18
CA PRO F 177 27.60 -7.07 -27.00
C PRO F 177 29.00 -7.08 -26.39
N ALA F 178 29.14 -6.63 -25.15
CA ALA F 178 30.44 -6.52 -24.44
C ALA F 178 30.48 -7.56 -23.29
N ILE F 179 31.04 -8.73 -23.57
CA ILE F 179 31.07 -9.85 -22.59
C ILE F 179 32.17 -9.52 -21.57
N VAL F 180 31.84 -9.44 -20.29
CA VAL F 180 32.75 -9.01 -19.18
C VAL F 180 32.87 -10.13 -18.16
N GLY F 181 34.07 -10.60 -17.87
CA GLY F 181 34.28 -11.60 -16.80
C GLY F 181 33.84 -11.08 -15.44
N ASP F 182 33.30 -11.93 -14.58
CA ASP F 182 32.99 -11.50 -13.19
C ASP F 182 34.31 -11.23 -12.47
N GLY F 183 35.40 -11.84 -12.91
CA GLY F 183 36.75 -11.67 -12.33
C GLY F 183 37.36 -10.39 -12.86
N GLU F 184 37.26 -10.17 -14.17
CA GLU F 184 37.68 -8.93 -14.85
C GLU F 184 37.04 -7.73 -14.15
N ALA F 185 35.78 -7.87 -13.72
CA ALA F 185 35.00 -6.78 -13.10
C ALA F 185 35.58 -6.35 -11.74
N GLU F 186 36.51 -7.13 -11.16
CA GLU F 186 37.25 -6.74 -9.92
C GLU F 186 38.36 -5.71 -10.22
N THR F 187 38.77 -5.58 -11.48
CA THR F 187 39.82 -4.62 -11.89
C THR F 187 39.29 -3.19 -11.87
N GLY F 188 40.15 -2.24 -11.51
CA GLY F 188 39.82 -0.81 -11.50
C GLY F 188 39.36 -0.35 -12.87
N PRO F 189 40.10 -0.67 -13.95
CA PRO F 189 39.78 -0.11 -15.25
C PRO F 189 38.38 -0.52 -15.70
N LEU F 190 37.94 -1.74 -15.32
CA LEU F 190 36.59 -2.25 -15.65
C LEU F 190 35.61 -1.47 -14.77
N ALA F 191 35.82 -1.54 -13.47
CA ALA F 191 34.92 -0.87 -12.49
C ALA F 191 34.59 0.55 -12.98
N THR F 192 35.53 1.31 -13.54
CA THR F 192 35.23 2.70 -14.00
C THR F 192 34.54 2.69 -15.37
N GLY F 193 34.85 1.71 -16.23
CA GLY F 193 34.24 1.55 -17.57
C GLY F 193 32.72 1.52 -17.52
N TRP F 194 32.12 0.95 -16.48
CA TRP F 194 30.65 0.94 -16.34
C TRP F 194 30.12 2.36 -16.55
N GLN F 195 30.89 3.37 -16.17
CA GLN F 195 30.39 4.77 -16.06
C GLN F 195 30.40 5.46 -17.43
N SER F 196 30.88 4.79 -18.47
CA SER F 196 31.04 5.32 -19.85
C SER F 196 29.70 5.81 -20.40
N ASN F 197 28.57 5.40 -19.82
CA ASN F 197 27.23 5.66 -20.41
C ASN F 197 26.80 7.12 -20.21
N LYS F 198 27.49 7.92 -19.38
CA LYS F 198 27.17 9.38 -19.29
C LYS F 198 28.01 10.16 -20.30
N LEU F 199 28.82 9.48 -21.12
CA LEU F 199 29.78 10.12 -22.07
C LEU F 199 29.42 9.73 -23.50
N VAL F 200 28.31 9.03 -23.73
CA VAL F 200 27.85 8.65 -25.11
C VAL F 200 26.42 9.11 -25.29
N ASN F 201 26.03 9.31 -26.55
CA ASN F 201 24.70 9.82 -26.92
C ASN F 201 24.04 8.79 -27.83
N PRO F 202 22.82 8.32 -27.51
CA PRO F 202 22.18 7.26 -28.28
C PRO F 202 21.75 7.65 -29.68
N ARG F 203 21.83 8.92 -30.10
CA ARG F 203 21.57 9.30 -31.52
C ARG F 203 22.86 9.30 -32.34
N THR F 204 23.92 9.88 -31.81
CA THR F 204 25.19 10.12 -32.54
C THR F 204 26.10 8.91 -32.32
N ASP F 205 25.91 8.18 -31.22
CA ASP F 205 26.74 6.97 -30.97
C ASP F 205 25.86 5.74 -31.12
N GLY F 206 26.47 4.57 -31.11
CA GLY F 206 25.77 3.29 -31.15
C GLY F 206 25.42 2.87 -29.75
N ILE F 207 25.36 1.55 -29.52
CA ILE F 207 24.83 0.97 -28.26
C ILE F 207 25.75 -0.15 -27.84
N VAL F 208 26.10 -0.16 -26.57
CA VAL F 208 26.79 -1.28 -25.90
C VAL F 208 25.78 -1.97 -25.01
N LEU F 209 25.65 -3.28 -25.15
CA LEU F 209 24.96 -4.14 -24.17
C LEU F 209 26.05 -4.82 -23.36
N PRO F 210 26.30 -4.37 -22.13
CA PRO F 210 27.24 -5.07 -21.26
C PRO F 210 26.61 -6.41 -20.92
N ILE F 211 27.43 -7.45 -20.93
CA ILE F 211 27.02 -8.81 -20.49
C ILE F 211 27.98 -9.24 -19.40
N LEU F 212 27.51 -9.27 -18.16
CA LEU F 212 28.29 -9.83 -17.07
C LEU F 212 28.25 -11.37 -17.18
N HIS F 213 29.38 -11.99 -17.48
CA HIS F 213 29.59 -13.46 -17.51
C HIS F 213 29.80 -13.92 -16.07
N LEU F 214 28.73 -13.92 -15.30
CA LEU F 214 28.80 -14.17 -13.85
C LEU F 214 28.86 -15.68 -13.61
N ASN F 215 30.00 -16.29 -13.89
CA ASN F 215 30.14 -17.77 -13.78
C ASN F 215 30.60 -18.12 -12.36
N GLY F 216 30.66 -17.14 -11.46
CA GLY F 216 30.75 -17.40 -10.02
C GLY F 216 32.20 -17.44 -9.52
N TYR F 217 33.18 -17.47 -10.42
CA TYR F 217 34.61 -17.80 -10.14
C TYR F 217 35.57 -17.12 -11.11
N LYS F 218 36.79 -16.90 -10.64
CA LYS F 218 37.97 -16.59 -11.49
C LYS F 218 38.86 -17.86 -11.45
N ILE F 219 40.18 -17.72 -11.29
CA ILE F 219 41.17 -18.83 -11.34
C ILE F 219 40.94 -19.78 -10.16
N ALA F 220 41.12 -19.28 -8.94
CA ALA F 220 41.25 -20.12 -7.73
C ALA F 220 40.36 -19.55 -6.62
N ASN F 221 39.38 -18.74 -7.00
CA ASN F 221 38.54 -17.95 -6.06
C ASN F 221 37.14 -17.72 -6.62
N PRO F 222 36.16 -17.51 -5.71
CA PRO F 222 34.90 -16.92 -6.12
C PRO F 222 35.09 -15.44 -6.49
N THR F 223 34.16 -14.91 -7.28
CA THR F 223 34.08 -13.51 -7.73
C THR F 223 33.10 -12.77 -6.83
N ILE F 224 33.38 -11.49 -6.57
CA ILE F 224 32.75 -10.68 -5.49
C ILE F 224 31.29 -10.42 -5.88
N LEU F 225 31.06 -10.15 -7.16
CA LEU F 225 29.72 -9.81 -7.72
C LEU F 225 28.78 -11.04 -7.72
N SER F 226 29.30 -12.29 -7.65
CA SER F 226 28.49 -13.53 -7.60
C SER F 226 28.20 -13.98 -6.17
N ARG F 227 28.86 -13.42 -5.15
CA ARG F 227 28.64 -13.85 -3.75
C ARG F 227 28.12 -12.70 -2.90
N ILE F 228 27.75 -11.56 -3.50
CA ILE F 228 26.93 -10.51 -2.85
C ILE F 228 25.45 -10.80 -3.16
N SER F 229 24.52 -10.22 -2.39
CA SER F 229 23.06 -10.41 -2.61
C SER F 229 22.71 -9.98 -4.03
N ASP F 230 21.80 -10.69 -4.68
CA ASP F 230 21.23 -10.33 -6.00
C ASP F 230 20.65 -8.91 -5.92
N GLU F 231 19.99 -8.58 -4.81
CA GLU F 231 19.41 -7.21 -4.61
C GLU F 231 20.60 -6.23 -4.70
N GLU F 232 21.73 -6.45 -3.98
CA GLU F 232 22.91 -5.55 -4.09
C GLU F 232 23.33 -5.44 -5.56
N LEU F 233 23.49 -6.57 -6.23
CA LEU F 233 23.95 -6.60 -7.65
C LEU F 233 23.03 -5.75 -8.55
N HIS F 234 21.72 -5.75 -8.32
CA HIS F 234 20.75 -5.05 -9.20
C HIS F 234 20.82 -3.52 -8.95
N GLU F 235 20.74 -3.10 -7.68
CA GLU F 235 20.94 -1.72 -7.21
C GLU F 235 22.22 -1.15 -7.85
N PHE F 236 23.30 -1.93 -7.81
CA PHE F 236 24.65 -1.51 -8.30
C PHE F 236 24.54 -1.04 -9.73
N PHE F 237 24.02 -1.92 -10.61
CA PHE F 237 23.96 -1.69 -12.09
C PHE F 237 22.98 -0.57 -12.37
N HIS F 238 21.93 -0.45 -11.57
CA HIS F 238 20.88 0.57 -11.79
C HIS F 238 21.49 1.93 -11.39
N GLY F 239 22.25 1.95 -10.30
CA GLY F 239 22.88 3.18 -9.81
C GLY F 239 23.87 3.73 -10.82
N MET F 240 24.37 2.89 -11.73
CA MET F 240 25.37 3.28 -12.76
C MET F 240 24.63 3.49 -14.09
N GLY F 241 23.31 3.59 -14.06
CA GLY F 241 22.50 4.06 -15.20
C GLY F 241 22.10 2.94 -16.16
N TYR F 242 22.05 1.69 -15.68
CA TYR F 242 21.69 0.50 -16.50
C TYR F 242 20.40 -0.12 -15.97
N GLU F 243 19.58 -0.66 -16.87
CA GLU F 243 18.41 -1.49 -16.52
C GLU F 243 18.91 -2.91 -16.50
N PRO F 244 19.08 -3.56 -15.32
CA PRO F 244 19.60 -4.91 -15.28
C PRO F 244 18.56 -6.03 -15.52
N TYR F 245 18.86 -6.91 -16.49
CA TYR F 245 18.19 -8.22 -16.70
C TYR F 245 19.09 -9.35 -16.25
N GLU F 246 18.55 -10.26 -15.45
CA GLU F 246 19.29 -11.47 -15.01
C GLU F 246 18.65 -12.72 -15.62
N PHE F 247 19.50 -13.54 -16.22
CA PHE F 247 19.23 -14.91 -16.73
C PHE F 247 20.04 -15.89 -15.90
N VAL F 248 19.37 -16.85 -15.29
CA VAL F 248 19.98 -17.97 -14.53
C VAL F 248 19.59 -19.28 -15.23
N ALA F 249 20.55 -20.18 -15.42
CA ALA F 249 20.41 -21.39 -16.26
C ALA F 249 21.57 -22.37 -16.03
N GLY F 250 21.26 -23.64 -15.79
CA GLY F 250 22.24 -24.74 -15.81
C GLY F 250 22.63 -25.23 -14.43
N PHE F 251 22.00 -24.76 -13.36
CA PHE F 251 22.31 -25.25 -11.98
C PHE F 251 21.51 -26.52 -11.71
N ASP F 252 20.46 -26.74 -12.52
CA ASP F 252 19.53 -27.90 -12.45
C ASP F 252 19.44 -28.60 -13.82
N ASP F 253 18.50 -29.53 -13.96
CA ASP F 253 18.37 -30.51 -15.08
C ASP F 253 17.53 -29.93 -16.23
N GLU F 254 17.03 -28.71 -16.11
CA GLU F 254 16.27 -28.06 -17.22
C GLU F 254 16.90 -28.49 -18.54
N ASP F 255 16.08 -28.91 -19.52
CA ASP F 255 16.62 -29.41 -20.81
C ASP F 255 17.13 -28.20 -21.61
N HIS F 256 18.19 -28.41 -22.38
CA HIS F 256 18.88 -27.38 -23.18
C HIS F 256 17.93 -26.57 -24.08
N MET F 257 16.82 -27.15 -24.57
CA MET F 257 15.96 -26.47 -25.58
C MET F 257 15.02 -25.50 -24.87
N SER F 258 14.63 -25.81 -23.63
CA SER F 258 13.91 -24.87 -22.73
C SER F 258 14.83 -23.64 -22.46
N ILE F 259 16.10 -23.90 -22.12
CA ILE F 259 17.13 -22.86 -21.84
C ILE F 259 17.21 -21.90 -23.03
N HIS F 260 17.47 -22.43 -24.22
CA HIS F 260 17.53 -21.63 -25.46
C HIS F 260 16.22 -20.84 -25.63
N ARG F 261 15.07 -21.43 -25.33
CA ARG F 261 13.78 -20.76 -25.54
C ARG F 261 13.73 -19.54 -24.60
N ARG F 262 13.98 -19.77 -23.31
CA ARG F 262 13.91 -18.74 -22.24
C ARG F 262 14.86 -17.58 -22.55
N PHE F 263 16.07 -17.88 -23.03
CA PHE F 263 17.10 -16.89 -23.35
C PHE F 263 16.68 -16.05 -24.57
N ALA F 264 16.25 -16.69 -25.64
CA ALA F 264 15.88 -15.99 -26.90
C ALA F 264 14.81 -14.95 -26.59
N GLU F 265 13.94 -15.27 -25.65
CA GLU F 265 12.78 -14.42 -25.28
C GLU F 265 13.34 -13.21 -24.53
N LEU F 266 14.17 -13.44 -23.51
CA LEU F 266 14.83 -12.36 -22.75
C LEU F 266 15.64 -11.45 -23.70
N TRP F 267 16.49 -12.05 -24.52
CA TRP F 267 17.32 -11.32 -25.49
C TRP F 267 16.46 -10.38 -26.35
N GLU F 268 15.32 -10.85 -26.85
CA GLU F 268 14.44 -10.08 -27.77
C GLU F 268 13.67 -9.00 -26.98
N THR F 269 13.44 -9.20 -25.67
CA THR F 269 12.88 -8.19 -24.77
C THR F 269 13.91 -7.07 -24.62
N ILE F 270 15.12 -7.41 -24.15
CA ILE F 270 16.28 -6.49 -24.18
C ILE F 270 16.35 -5.78 -25.55
N TRP F 271 16.22 -6.50 -26.66
CA TRP F 271 16.45 -5.89 -28.00
C TRP F 271 15.34 -4.87 -28.32
N ASP F 272 14.09 -5.20 -28.01
CA ASP F 272 12.94 -4.28 -28.20
C ASP F 272 13.26 -2.96 -27.49
N GLU F 273 13.84 -3.04 -26.31
CA GLU F 273 14.12 -1.90 -25.42
C GLU F 273 15.21 -1.03 -26.05
N ILE F 274 16.26 -1.65 -26.59
CA ILE F 274 17.37 -0.92 -27.27
C ILE F 274 16.80 -0.24 -28.52
N CYS F 275 15.88 -0.91 -29.22
CA CYS F 275 15.25 -0.33 -30.42
C CYS F 275 14.40 0.87 -30.02
N ASP F 276 13.75 0.82 -28.85
CA ASP F 276 12.94 1.96 -28.32
C ASP F 276 13.89 3.13 -28.00
N ILE F 277 15.04 2.84 -27.39
CA ILE F 277 16.06 3.86 -27.01
C ILE F 277 16.48 4.56 -28.30
N LYS F 278 16.69 3.79 -29.37
CA LYS F 278 17.25 4.35 -30.62
C LYS F 278 16.21 5.17 -31.40
N ALA F 279 14.95 4.79 -31.33
CA ALA F 279 13.83 5.48 -32.00
C ALA F 279 13.50 6.78 -31.23
N THR F 280 13.43 6.66 -29.91
CA THR F 280 13.27 7.79 -28.97
C THR F 280 14.37 8.81 -29.31
N ALA F 281 15.63 8.38 -29.34
CA ALA F 281 16.83 9.25 -29.49
C ALA F 281 16.80 10.06 -30.82
N GLN F 282 15.94 9.70 -31.77
CA GLN F 282 15.80 10.42 -33.07
C GLN F 282 15.03 11.70 -32.78
N THR F 283 14.28 11.72 -31.67
CA THR F 283 13.39 12.86 -31.31
C THR F 283 13.97 13.57 -30.08
N ASP F 284 14.41 12.82 -29.09
CA ASP F 284 14.89 13.34 -27.79
C ASP F 284 16.22 12.66 -27.48
N ASN F 285 17.33 13.35 -27.65
CA ASN F 285 18.66 12.76 -27.37
C ASN F 285 19.33 13.60 -26.28
N VAL F 286 18.57 14.42 -25.54
CA VAL F 286 19.12 15.24 -24.43
C VAL F 286 18.89 14.46 -23.14
N HIS F 287 17.87 13.61 -23.06
CA HIS F 287 17.54 12.79 -21.86
C HIS F 287 18.23 11.43 -21.95
N ARG F 288 19.03 11.10 -20.96
CA ARG F 288 19.84 9.86 -20.97
C ARG F 288 18.91 8.75 -20.50
N PRO F 289 18.78 7.66 -21.27
CA PRO F 289 17.98 6.52 -20.86
C PRO F 289 18.79 5.60 -19.94
N PHE F 290 18.13 4.64 -19.30
CA PHE F 290 18.81 3.50 -18.64
C PHE F 290 19.06 2.45 -19.72
N TYR F 291 20.32 2.16 -20.00
CA TYR F 291 20.70 1.21 -21.06
C TYR F 291 20.52 -0.18 -20.46
N PRO F 292 19.93 -1.15 -21.19
CA PRO F 292 19.87 -2.51 -20.70
C PRO F 292 21.29 -3.07 -20.44
N MET F 293 21.41 -3.94 -19.43
CA MET F 293 22.63 -4.77 -19.25
C MET F 293 22.19 -6.16 -18.81
N LEU F 294 22.89 -7.19 -19.26
CA LEU F 294 22.53 -8.60 -19.01
C LEU F 294 23.50 -9.17 -17.97
N ILE F 295 22.97 -9.65 -16.86
CA ILE F 295 23.66 -10.54 -15.90
C ILE F 295 23.41 -11.99 -16.34
N PHE F 296 24.44 -12.61 -16.92
CA PHE F 296 24.42 -14.00 -17.47
C PHE F 296 25.05 -14.93 -16.44
N ARG F 297 24.23 -15.58 -15.63
CA ARG F 297 24.68 -16.41 -14.48
C ARG F 297 24.51 -17.89 -14.87
N THR F 298 25.55 -18.48 -15.47
CA THR F 298 25.68 -19.91 -15.83
C THR F 298 26.86 -20.46 -15.07
N PRO F 299 27.00 -21.80 -14.87
CA PRO F 299 28.12 -22.36 -14.11
C PRO F 299 29.40 -22.41 -14.94
N LYS F 300 30.55 -22.28 -14.29
CA LYS F 300 31.86 -22.30 -14.99
C LYS F 300 32.07 -23.74 -15.43
N GLY F 301 32.53 -23.93 -16.66
CA GLY F 301 32.82 -25.27 -17.21
C GLY F 301 31.59 -25.90 -17.83
N TRP F 302 30.45 -25.20 -17.75
CA TRP F 302 29.09 -25.66 -18.15
C TRP F 302 29.22 -26.76 -19.20
N THR F 303 28.71 -27.97 -18.92
CA THR F 303 28.54 -29.16 -19.80
C THR F 303 29.76 -30.08 -19.68
N CYS F 304 30.60 -29.87 -18.69
CA CYS F 304 31.78 -30.73 -18.41
C CYS F 304 31.37 -31.73 -17.34
N PRO F 305 32.12 -32.83 -17.17
CA PRO F 305 31.88 -33.73 -16.05
C PRO F 305 31.70 -32.89 -14.78
N LYS F 306 30.58 -33.09 -14.10
CA LYS F 306 30.20 -32.42 -12.85
C LYS F 306 31.25 -32.71 -11.79
N TYR F 307 31.76 -33.94 -11.75
CA TYR F 307 32.90 -34.33 -10.86
C TYR F 307 33.92 -35.12 -11.64
N ILE F 308 35.17 -34.98 -11.21
CA ILE F 308 36.36 -35.70 -11.73
C ILE F 308 37.23 -36.01 -10.49
N ASP F 309 37.57 -37.29 -10.32
CA ASP F 309 38.39 -37.78 -9.18
C ASP F 309 37.86 -37.16 -7.88
N GLY F 310 36.54 -37.19 -7.67
CA GLY F 310 35.92 -36.79 -6.39
C GLY F 310 35.81 -35.28 -6.21
N LYS F 311 36.33 -34.48 -7.16
CA LYS F 311 36.43 -32.99 -7.07
C LYS F 311 35.38 -32.35 -7.98
N LYS F 312 34.50 -31.49 -7.41
CA LYS F 312 33.52 -30.66 -8.16
C LYS F 312 34.23 -29.76 -9.18
N THR F 313 33.71 -29.74 -10.41
CA THR F 313 34.45 -29.36 -11.65
C THR F 313 33.59 -28.43 -12.51
N GLU F 314 32.43 -28.90 -12.98
CA GLU F 314 31.33 -28.00 -13.41
C GLU F 314 30.90 -27.19 -12.18
N GLY F 315 30.75 -25.86 -12.35
CA GLY F 315 30.38 -24.90 -11.29
C GLY F 315 31.47 -24.73 -10.23
N SER F 316 32.74 -24.75 -10.65
CA SER F 316 33.90 -24.57 -9.75
C SER F 316 35.04 -23.88 -10.50
N TRP F 317 35.97 -23.34 -9.71
CA TRP F 317 37.23 -22.70 -10.18
C TRP F 317 38.09 -23.75 -10.87
N ARG F 318 37.99 -24.99 -10.36
CA ARG F 318 38.74 -26.18 -10.84
C ARG F 318 38.58 -26.32 -12.36
N SER F 319 37.48 -25.87 -12.96
CA SER F 319 37.31 -25.92 -14.44
C SER F 319 37.95 -24.71 -15.12
N HIS F 320 38.62 -23.81 -14.39
CA HIS F 320 39.13 -22.52 -14.96
C HIS F 320 39.85 -22.78 -16.28
N GLN F 321 40.83 -23.68 -16.26
CA GLN F 321 41.87 -23.92 -17.32
C GLN F 321 41.48 -25.17 -18.13
N VAL F 322 41.77 -26.37 -17.59
CA VAL F 322 41.25 -27.71 -18.06
C VAL F 322 40.69 -28.49 -16.88
N PRO F 323 39.44 -28.99 -16.98
CA PRO F 323 38.78 -29.67 -15.85
C PRO F 323 39.47 -31.00 -15.51
N LEU F 324 40.04 -31.59 -16.56
CA LEU F 324 40.72 -32.90 -16.59
C LEU F 324 42.19 -32.64 -16.97
N ALA F 325 43.10 -32.77 -16.00
CA ALA F 325 44.51 -32.27 -16.03
C ALA F 325 45.37 -33.03 -17.05
N SER F 326 45.04 -34.29 -17.31
CA SER F 326 45.72 -35.17 -18.31
C SER F 326 44.75 -36.28 -18.73
N ALA F 327 44.68 -36.56 -20.03
CA ALA F 327 43.87 -37.65 -20.61
C ALA F 327 44.78 -38.82 -21.03
N ARG F 328 46.10 -38.70 -20.80
CA ARG F 328 47.18 -39.64 -21.25
C ARG F 328 47.68 -40.49 -20.07
N ASP F 329 47.76 -39.93 -18.86
CA ASP F 329 48.40 -40.58 -17.68
C ASP F 329 47.73 -41.93 -17.39
N THR F 330 46.40 -42.03 -17.48
CA THR F 330 45.65 -43.31 -17.28
C THR F 330 44.68 -43.52 -18.46
N GLU F 331 44.01 -44.67 -18.47
CA GLU F 331 42.92 -45.02 -19.41
C GLU F 331 41.61 -44.49 -18.82
N ALA F 332 41.49 -44.53 -17.49
CA ALA F 332 40.38 -43.92 -16.70
C ALA F 332 40.16 -42.48 -17.16
N HIS F 333 41.21 -41.66 -17.16
CA HIS F 333 41.16 -40.23 -17.56
C HIS F 333 40.80 -40.18 -19.05
N PHE F 334 41.27 -41.12 -19.85
CA PHE F 334 41.02 -41.12 -21.31
C PHE F 334 39.51 -41.26 -21.60
N GLU F 335 38.84 -42.25 -20.98
CA GLU F 335 37.41 -42.57 -21.30
C GLU F 335 36.54 -41.40 -20.78
N VAL F 336 37.02 -40.70 -19.74
CA VAL F 336 36.36 -39.48 -19.20
C VAL F 336 36.33 -38.40 -20.29
N LEU F 337 37.47 -38.06 -20.87
CA LEU F 337 37.56 -37.23 -22.09
C LEU F 337 36.64 -37.76 -23.20
N LYS F 338 36.69 -39.07 -23.47
CA LYS F 338 35.96 -39.70 -24.61
C LYS F 338 34.45 -39.49 -24.43
N ASN F 339 33.92 -39.82 -23.25
CA ASN F 339 32.48 -39.69 -22.88
C ASN F 339 32.06 -38.23 -23.08
N TRP F 340 32.91 -37.33 -22.60
CA TRP F 340 32.70 -35.86 -22.67
C TRP F 340 32.59 -35.46 -24.15
N LEU F 341 33.60 -35.76 -24.97
CA LEU F 341 33.59 -35.42 -26.43
C LEU F 341 32.35 -36.02 -27.12
N GLU F 342 31.87 -37.17 -26.63
CA GLU F 342 30.70 -37.90 -27.20
C GLU F 342 29.42 -37.18 -26.78
N SER F 343 29.37 -36.67 -25.54
CA SER F 343 28.13 -36.14 -24.91
C SER F 343 27.48 -35.07 -25.80
N TYR F 344 28.20 -34.43 -26.73
CA TYR F 344 27.69 -33.43 -27.71
C TYR F 344 27.10 -34.10 -28.97
N LYS F 345 27.16 -35.44 -29.08
CA LYS F 345 26.66 -36.25 -30.23
C LYS F 345 27.31 -35.74 -31.52
N PRO F 346 28.65 -35.79 -31.62
CA PRO F 346 29.39 -35.33 -32.81
C PRO F 346 28.85 -35.89 -34.13
N GLU F 347 28.35 -37.12 -34.06
CA GLU F 347 27.79 -37.91 -35.20
C GLU F 347 26.59 -37.19 -35.82
N GLU F 348 25.82 -36.40 -35.06
CA GLU F 348 24.69 -35.59 -35.61
C GLU F 348 25.22 -34.33 -36.32
N LEU F 349 26.45 -33.90 -36.00
CA LEU F 349 26.98 -32.53 -36.29
C LEU F 349 27.84 -32.53 -37.56
N PHE F 350 28.58 -33.61 -37.79
CA PHE F 350 29.43 -33.74 -39.01
C PHE F 350 28.85 -34.82 -39.94
N ASP F 351 29.02 -34.61 -41.23
CA ASP F 351 28.86 -35.66 -42.27
C ASP F 351 30.06 -36.62 -42.12
N ALA F 352 30.07 -37.73 -42.88
CA ALA F 352 31.12 -38.77 -42.89
C ALA F 352 32.39 -38.20 -43.55
N ASN F 353 32.20 -37.33 -44.54
CA ASN F 353 33.21 -36.45 -45.20
C ASN F 353 33.96 -35.58 -44.16
N GLY F 354 33.31 -35.19 -43.05
CA GLY F 354 33.94 -34.51 -41.89
C GLY F 354 33.71 -33.00 -41.88
N ALA F 355 33.00 -32.46 -42.88
CA ALA F 355 32.45 -31.09 -42.89
C ALA F 355 31.43 -30.99 -41.75
N VAL F 356 30.92 -29.77 -41.51
CA VAL F 356 29.83 -29.50 -40.54
C VAL F 356 28.52 -29.47 -41.31
N LYS F 357 27.52 -30.22 -40.83
CA LYS F 357 26.21 -30.40 -41.51
C LYS F 357 25.57 -29.04 -41.76
N ASP F 358 25.15 -28.78 -43.00
CA ASP F 358 24.30 -27.64 -43.49
C ASP F 358 23.24 -27.16 -42.48
N ASP F 359 22.65 -28.05 -41.67
CA ASP F 359 21.52 -27.71 -40.75
C ASP F 359 22.04 -27.34 -39.35
N VAL F 360 23.35 -27.37 -39.12
CA VAL F 360 23.94 -26.82 -37.88
C VAL F 360 24.12 -25.33 -38.10
N LEU F 361 24.17 -24.85 -39.34
CA LEU F 361 24.62 -23.47 -39.67
C LEU F 361 23.61 -22.76 -40.56
N ALA F 362 22.39 -23.28 -40.71
CA ALA F 362 21.39 -22.71 -41.64
C ALA F 362 20.94 -21.35 -41.07
N PHE F 363 21.00 -21.21 -39.73
CA PHE F 363 20.51 -20.04 -38.95
C PHE F 363 21.54 -18.90 -38.95
N MET F 364 22.70 -19.09 -39.56
CA MET F 364 23.88 -18.23 -39.33
C MET F 364 23.78 -17.02 -40.23
N PRO F 365 24.44 -15.90 -39.84
CA PRO F 365 24.53 -14.74 -40.72
C PRO F 365 25.50 -15.02 -41.87
N LYS F 366 25.34 -14.26 -42.97
CA LYS F 366 26.16 -14.30 -44.20
C LYS F 366 26.83 -12.93 -44.42
N GLY F 367 27.83 -12.87 -45.30
CA GLY F 367 28.43 -11.61 -45.77
C GLY F 367 29.00 -10.78 -44.64
N GLU F 368 28.93 -9.46 -44.82
CA GLU F 368 29.57 -8.40 -43.99
C GLU F 368 29.04 -8.46 -42.55
N LEU F 369 27.81 -8.93 -42.36
CA LEU F 369 27.10 -9.08 -41.04
C LEU F 369 27.70 -10.19 -40.19
N ARG F 370 28.59 -11.03 -40.73
CA ARG F 370 29.14 -12.20 -39.98
C ARG F 370 30.11 -11.65 -38.94
N ILE F 371 30.29 -12.35 -37.82
CA ILE F 371 31.18 -11.84 -36.73
C ILE F 371 32.59 -11.64 -37.30
N GLY F 372 33.13 -12.59 -38.06
CA GLY F 372 34.53 -12.58 -38.50
C GLY F 372 34.78 -11.61 -39.66
N ALA F 373 33.74 -11.16 -40.34
CA ALA F 373 33.86 -10.42 -41.62
C ALA F 373 33.46 -8.94 -41.46
N ASN F 374 33.02 -8.52 -40.27
CA ASN F 374 32.52 -7.14 -40.04
C ASN F 374 33.69 -6.17 -40.23
N PRO F 375 33.58 -5.16 -41.13
CA PRO F 375 34.63 -4.17 -41.33
C PRO F 375 35.16 -3.60 -40.00
N ASN F 376 34.27 -3.40 -39.03
CA ASN F 376 34.58 -2.84 -37.69
C ASN F 376 35.51 -3.79 -36.91
N ALA F 377 35.68 -5.05 -37.33
CA ALA F 377 36.66 -6.00 -36.72
C ALA F 377 37.97 -6.02 -37.53
N ASN F 378 38.10 -5.09 -38.48
CA ASN F 378 39.26 -4.91 -39.36
C ASN F 378 39.25 -3.44 -39.79
N GLY F 379 39.39 -2.55 -38.81
CA GLY F 379 39.18 -1.09 -38.93
C GLY F 379 39.79 -0.51 -40.19
N GLY F 380 40.99 -0.94 -40.55
CA GLY F 380 41.76 -0.45 -41.71
C GLY F 380 40.94 -0.42 -43.00
N VAL F 381 39.97 -1.32 -43.16
CA VAL F 381 39.19 -1.43 -44.42
C VAL F 381 38.33 -0.16 -44.54
N ILE F 382 38.06 0.49 -43.41
CA ILE F 382 37.19 1.70 -43.25
C ILE F 382 38.05 2.99 -43.26
N ARG F 383 39.16 2.98 -42.51
CA ARG F 383 40.17 4.08 -42.41
C ARG F 383 40.32 4.85 -43.72
N ASN F 384 40.01 6.14 -43.72
CA ASN F 384 40.48 7.09 -44.75
C ASN F 384 41.60 7.96 -44.17
N ASP F 385 42.51 8.39 -45.02
CA ASP F 385 43.41 9.52 -44.76
C ASP F 385 42.55 10.71 -44.30
N LEU F 386 43.01 11.43 -43.27
CA LEU F 386 42.49 12.75 -42.83
C LEU F 386 42.75 13.78 -43.95
N LYS F 387 41.77 14.64 -44.27
CA LYS F 387 41.99 15.96 -44.93
C LYS F 387 42.71 16.89 -43.94
N LEU F 388 44.05 16.87 -43.92
CA LEU F 388 44.88 17.77 -43.07
C LEU F 388 44.96 19.13 -43.75
N PRO F 389 44.97 20.23 -43.00
CA PRO F 389 45.20 21.55 -43.61
C PRO F 389 46.72 21.74 -43.76
N ASN F 390 47.13 22.80 -44.48
CA ASN F 390 48.56 23.09 -44.73
C ASN F 390 49.23 23.42 -43.40
N LEU F 391 50.42 22.87 -43.17
CA LEU F 391 51.20 23.09 -41.92
C LEU F 391 51.68 24.56 -41.88
N GLU F 392 51.61 25.28 -43.00
CA GLU F 392 52.24 26.64 -43.18
C GLU F 392 51.42 27.70 -42.46
N ASP F 393 50.12 27.45 -42.24
CA ASP F 393 49.18 28.45 -41.68
C ASP F 393 49.35 28.54 -40.16
N TYR F 394 49.98 27.53 -39.55
CA TYR F 394 50.18 27.37 -38.09
C TYR F 394 51.65 27.66 -37.77
N GLU F 395 52.46 27.94 -38.80
CA GLU F 395 53.93 28.10 -38.62
C GLU F 395 54.15 29.37 -37.80
N VAL F 396 55.10 29.31 -36.85
CA VAL F 396 55.66 30.50 -36.17
C VAL F 396 56.60 31.20 -37.16
N LYS F 397 56.13 32.26 -37.82
CA LYS F 397 56.84 32.97 -38.92
C LYS F 397 57.89 33.94 -38.36
N GLU F 398 57.96 34.11 -37.03
CA GLU F 398 58.79 35.16 -36.38
C GLU F 398 60.26 34.73 -36.25
N VAL F 399 60.60 33.49 -36.63
CA VAL F 399 61.99 32.95 -36.49
C VAL F 399 62.80 33.42 -37.71
N ALA F 400 62.16 33.51 -38.87
CA ALA F 400 62.68 34.20 -40.07
C ALA F 400 62.84 35.70 -39.77
N GLU F 401 61.81 36.37 -39.23
CA GLU F 401 61.80 37.84 -39.03
C GLU F 401 62.89 38.28 -38.02
N TYR F 402 62.97 37.64 -36.85
CA TYR F 402 63.81 38.12 -35.71
C TYR F 402 64.98 37.17 -35.42
N GLY F 403 64.93 35.93 -35.88
CA GLY F 403 66.05 34.99 -35.66
C GLY F 403 65.75 33.90 -34.64
N HIS F 404 66.59 32.85 -34.66
CA HIS F 404 66.51 31.63 -33.82
C HIS F 404 66.53 32.07 -32.36
N GLY F 405 65.65 31.51 -31.52
CA GLY F 405 65.56 31.74 -30.07
C GLY F 405 64.50 32.79 -29.69
N TRP F 406 63.62 33.17 -30.62
CA TRP F 406 62.59 34.22 -30.37
C TRP F 406 61.41 33.74 -29.50
N GLY F 407 60.86 34.67 -28.70
CA GLY F 407 59.47 34.65 -28.21
C GLY F 407 59.31 33.82 -26.94
N GLN F 408 58.13 33.92 -26.33
CA GLN F 408 57.69 33.14 -25.14
C GLN F 408 56.32 32.53 -25.47
N LEU F 409 56.22 31.78 -26.58
CA LEU F 409 55.02 30.99 -26.95
C LEU F 409 54.92 29.69 -26.13
N GLU F 410 53.67 29.28 -25.93
CA GLU F 410 53.28 27.95 -25.43
C GLU F 410 53.11 27.04 -26.65
N ALA F 411 54.00 26.05 -26.81
CA ALA F 411 54.12 25.26 -28.05
C ALA F 411 52.80 24.55 -28.35
N THR F 412 52.21 23.88 -27.36
CA THR F 412 51.02 23.00 -27.51
C THR F 412 49.88 23.82 -28.09
N ARG F 413 49.80 25.09 -27.69
CA ARG F 413 48.76 26.05 -28.13
C ARG F 413 48.66 26.08 -29.67
N THR F 414 49.76 25.87 -30.38
CA THR F 414 49.84 25.78 -31.88
C THR F 414 49.24 24.45 -32.33
N LEU F 415 49.64 23.35 -31.67
CA LEU F 415 49.14 21.97 -31.96
C LEU F 415 47.61 21.94 -31.85
N GLY F 416 47.08 22.68 -30.87
CA GLY F 416 45.63 22.91 -30.64
C GLY F 416 44.94 23.56 -31.83
N ALA F 417 45.52 24.61 -32.42
CA ALA F 417 44.93 25.30 -33.60
C ALA F 417 44.96 24.36 -34.81
N TYR F 418 46.02 23.57 -34.94
CA TYR F 418 46.19 22.56 -36.02
C TYR F 418 45.06 21.52 -35.88
N THR F 419 45.04 20.82 -34.74
CA THR F 419 44.04 19.77 -34.40
C THR F 419 42.60 20.30 -34.48
N ARG F 420 42.35 21.56 -34.10
CA ARG F 420 41.04 22.24 -34.23
C ARG F 420 40.56 22.09 -35.68
N ASP F 421 41.42 22.39 -36.66
CA ASP F 421 40.99 22.51 -38.07
C ASP F 421 40.96 21.13 -38.73
N ILE F 422 41.59 20.13 -38.12
CA ILE F 422 41.44 18.68 -38.46
C ILE F 422 40.01 18.24 -38.14
N ILE F 423 39.48 18.63 -36.98
CA ILE F 423 38.09 18.26 -36.55
C ILE F 423 37.12 18.97 -37.50
N LYS F 424 37.32 20.26 -37.77
CA LYS F 424 36.41 21.06 -38.63
C LYS F 424 36.32 20.35 -39.98
N ASN F 425 37.45 19.82 -40.45
CA ASN F 425 37.60 19.24 -41.81
C ASN F 425 37.28 17.73 -41.81
N ASN F 426 37.29 17.09 -40.65
CA ASN F 426 37.12 15.62 -40.47
C ASN F 426 36.10 15.39 -39.37
N PRO F 427 34.86 15.89 -39.56
CA PRO F 427 33.80 15.65 -38.60
C PRO F 427 33.50 14.13 -38.55
N ARG F 428 33.22 13.59 -37.37
CA ARG F 428 32.74 12.20 -37.19
C ARG F 428 33.92 11.21 -37.28
N ASP F 429 35.14 11.67 -37.55
CA ASP F 429 36.28 10.77 -37.85
C ASP F 429 37.45 11.01 -36.89
N PHE F 430 37.43 12.11 -36.14
CA PHE F 430 38.56 12.54 -35.29
C PHE F 430 38.02 12.88 -33.90
N ARG F 431 38.63 12.36 -32.82
CA ARG F 431 38.29 12.62 -31.39
C ARG F 431 39.53 12.99 -30.55
N ILE F 432 39.42 14.02 -29.72
CA ILE F 432 40.41 14.32 -28.64
C ILE F 432 39.89 13.69 -27.37
N PHE F 433 40.73 12.98 -26.61
CA PHE F 433 40.40 12.51 -25.25
C PHE F 433 41.37 13.21 -24.31
N GLY F 434 40.94 13.40 -23.07
CA GLY F 434 41.79 14.03 -22.04
C GLY F 434 41.29 13.71 -20.65
N PRO F 435 42.17 13.28 -19.72
CA PRO F 435 41.77 13.05 -18.33
C PRO F 435 41.62 14.37 -17.56
N ASP F 436 40.69 15.22 -18.01
CA ASP F 436 40.34 16.51 -17.37
C ASP F 436 41.53 17.46 -17.57
N GLU F 437 42.25 17.33 -18.69
CA GLU F 437 43.56 18.01 -18.89
C GLU F 437 43.66 18.67 -20.27
N THR F 438 42.58 18.72 -21.05
CA THR F 438 42.63 19.22 -22.44
C THR F 438 43.11 20.67 -22.38
N ALA F 439 42.43 21.50 -21.59
CA ALA F 439 42.69 22.95 -21.46
C ALA F 439 44.02 23.18 -20.75
N SER F 440 44.34 22.35 -19.77
CA SER F 440 45.63 22.40 -19.01
C SER F 440 46.82 22.19 -19.97
N ASN F 441 46.67 21.33 -20.98
CA ASN F 441 47.75 21.05 -21.94
C ASN F 441 47.59 22.00 -23.13
N ARG F 442 46.51 22.77 -23.15
CA ARG F 442 46.33 23.96 -24.02
C ARG F 442 45.82 23.54 -25.39
N LEU F 443 44.96 22.50 -25.45
CA LEU F 443 44.31 22.02 -26.72
C LEU F 443 42.86 22.51 -26.85
N GLN F 444 42.51 23.62 -26.20
CA GLN F 444 41.11 24.08 -26.01
C GLN F 444 40.63 24.86 -27.23
N ALA F 445 41.51 25.19 -28.16
CA ALA F 445 41.09 25.86 -29.41
C ALA F 445 40.07 24.96 -30.15
N SER F 446 40.06 23.67 -29.84
CA SER F 446 39.06 22.68 -30.32
C SER F 446 37.63 23.16 -30.07
N TYR F 447 37.43 23.87 -28.95
CA TYR F 447 36.09 24.26 -28.46
C TYR F 447 35.47 25.32 -29.39
N GLU F 448 36.21 25.83 -30.38
CA GLU F 448 35.66 26.78 -31.39
C GLU F 448 34.84 26.03 -32.45
N VAL F 449 35.05 24.72 -32.66
CA VAL F 449 34.33 23.96 -33.72
C VAL F 449 33.59 22.76 -33.11
N THR F 450 33.83 22.39 -31.86
CA THR F 450 33.11 21.26 -31.24
C THR F 450 32.92 21.52 -29.74
N ASN F 451 32.41 20.53 -29.02
CA ASN F 451 32.17 20.63 -27.57
C ASN F 451 32.72 19.38 -26.91
N LYS F 452 32.87 19.41 -25.59
CA LYS F 452 33.07 18.19 -24.78
C LYS F 452 31.72 17.47 -24.74
N GLN F 453 31.66 16.24 -25.24
CA GLN F 453 30.47 15.34 -25.19
C GLN F 453 30.20 14.99 -23.72
N TRP F 454 29.02 15.39 -23.25
CA TRP F 454 28.54 15.17 -21.87
C TRP F 454 27.06 14.81 -21.90
N ASP F 455 26.70 13.66 -21.31
CA ASP F 455 25.31 13.13 -21.25
C ASP F 455 24.97 12.74 -19.81
N ALA F 456 25.52 13.44 -18.82
CA ALA F 456 24.90 13.59 -17.48
C ALA F 456 24.24 14.96 -17.46
N GLY F 457 23.93 15.45 -16.27
CA GLY F 457 23.12 16.64 -16.10
C GLY F 457 23.87 17.94 -16.34
N TYR F 458 23.11 18.90 -16.87
CA TYR F 458 23.41 20.32 -17.09
C TYR F 458 22.69 21.08 -15.99
N ILE F 459 23.27 22.17 -15.47
CA ILE F 459 22.67 22.99 -14.39
C ILE F 459 22.68 24.50 -14.70
N SER F 460 23.70 25.07 -15.35
CA SER F 460 23.82 26.55 -15.43
C SER F 460 24.76 26.98 -16.55
N ASP F 461 24.38 27.99 -17.34
CA ASP F 461 25.26 28.58 -18.39
C ASP F 461 26.52 29.21 -17.75
N GLU F 462 26.59 29.34 -16.42
CA GLU F 462 27.77 29.96 -15.76
C GLU F 462 28.88 28.93 -15.54
N VAL F 463 28.62 27.63 -15.76
CA VAL F 463 29.61 26.56 -15.44
C VAL F 463 29.67 25.51 -16.57
N ASP F 464 28.57 25.28 -17.28
CA ASP F 464 28.51 24.32 -18.41
C ASP F 464 28.98 25.01 -19.70
N GLU F 465 30.28 25.26 -19.82
CA GLU F 465 30.88 25.96 -20.98
C GLU F 465 31.45 24.85 -21.85
N HIS F 466 31.27 24.97 -23.17
CA HIS F 466 31.90 24.08 -24.19
C HIS F 466 31.48 22.63 -23.97
N MET F 467 30.22 22.40 -23.56
CA MET F 467 29.66 21.04 -23.37
C MET F 467 28.37 20.89 -24.16
N HIS F 468 28.22 19.77 -24.83
CA HIS F 468 27.00 19.43 -25.59
C HIS F 468 26.76 17.92 -25.39
N VAL F 469 25.56 17.41 -25.63
CA VAL F 469 25.28 15.95 -25.54
C VAL F 469 26.08 15.20 -26.61
N SER F 470 26.49 15.90 -27.68
CA SER F 470 27.31 15.43 -28.83
C SER F 470 28.57 16.30 -29.01
N GLY F 471 29.74 15.68 -29.08
CA GLY F 471 31.00 16.41 -29.33
C GLY F 471 32.16 15.47 -29.59
N GLN F 472 33.23 15.99 -30.16
CA GLN F 472 34.41 15.22 -30.61
C GLN F 472 35.45 15.18 -29.50
N VAL F 473 35.25 15.89 -28.40
CA VAL F 473 36.18 15.90 -27.23
C VAL F 473 35.46 15.20 -26.08
N VAL F 474 36.16 14.36 -25.32
CA VAL F 474 35.57 13.59 -24.21
C VAL F 474 36.56 13.67 -23.08
N GLU F 475 36.12 14.02 -21.87
CA GLU F 475 37.01 14.08 -20.70
C GLU F 475 36.38 13.25 -19.60
N GLN F 476 37.17 12.37 -18.99
CA GLN F 476 36.86 11.69 -17.71
C GLN F 476 38.21 11.65 -16.98
N LEU F 477 38.23 11.71 -15.66
CA LEU F 477 39.49 11.63 -14.89
C LEU F 477 39.82 10.16 -14.68
N SER F 478 40.17 9.53 -15.81
CA SER F 478 40.71 8.15 -15.89
C SER F 478 41.54 8.01 -17.17
N GLU F 479 42.81 7.67 -17.00
CA GLU F 479 43.75 7.49 -18.13
C GLU F 479 43.37 6.16 -18.80
N HIS F 480 43.01 5.14 -18.03
CA HIS F 480 42.45 3.89 -18.60
C HIS F 480 41.29 4.18 -19.56
N GLN F 481 40.38 5.09 -19.20
CA GLN F 481 39.21 5.38 -20.05
C GLN F 481 39.67 6.07 -21.34
N MET F 482 40.55 7.05 -21.23
CA MET F 482 40.94 7.86 -22.40
C MET F 482 41.77 7.00 -23.36
N GLU F 483 42.69 6.20 -22.82
CA GLU F 483 43.51 5.23 -23.62
C GLU F 483 42.55 4.26 -24.31
N GLY F 484 41.80 3.48 -23.51
CA GLY F 484 40.76 2.53 -23.97
C GLY F 484 39.87 3.09 -25.08
N PHE F 485 39.22 4.22 -24.87
CA PHE F 485 38.29 4.78 -25.88
C PHE F 485 39.06 4.97 -27.19
N LEU F 486 40.25 5.56 -27.10
CA LEU F 486 40.99 5.92 -28.33
C LEU F 486 41.40 4.64 -29.06
N GLU F 487 41.91 3.62 -28.34
CA GLU F 487 42.32 2.30 -28.94
C GLU F 487 41.16 1.80 -29.82
N ALA F 488 39.97 1.65 -29.25
CA ALA F 488 38.81 1.06 -29.97
C ALA F 488 38.40 1.97 -31.13
N TYR F 489 38.50 3.29 -30.96
CA TYR F 489 38.11 4.31 -31.98
C TYR F 489 39.00 4.14 -33.22
N LEU F 490 40.28 3.81 -33.01
CA LEU F 490 41.28 3.53 -34.08
C LEU F 490 41.06 2.15 -34.72
N LEU F 491 40.87 1.10 -33.90
CA LEU F 491 40.64 -0.31 -34.34
C LEU F 491 39.40 -0.41 -35.24
N THR F 492 38.48 0.56 -35.16
CA THR F 492 37.18 0.61 -35.89
C THR F 492 37.26 1.62 -37.03
N GLY F 493 38.47 2.15 -37.30
CA GLY F 493 38.80 2.84 -38.55
C GLY F 493 38.70 4.35 -38.44
N ARG F 494 38.96 4.90 -37.25
CA ARG F 494 38.92 6.37 -37.04
C ARG F 494 40.22 6.84 -36.39
N HIS F 495 40.34 8.16 -36.27
CA HIS F 495 41.56 8.90 -35.87
C HIS F 495 41.30 9.58 -34.54
N GLY F 496 42.34 9.77 -33.75
CA GLY F 496 42.28 10.76 -32.66
C GLY F 496 43.64 11.04 -32.06
N ILE F 497 43.60 11.71 -30.90
CA ILE F 497 44.76 12.07 -30.04
C ILE F 497 44.21 12.24 -28.64
N TRP F 498 44.95 11.82 -27.65
CA TRP F 498 44.67 12.25 -26.27
C TRP F 498 45.93 12.87 -25.69
N SER F 499 45.82 13.51 -24.52
CA SER F 499 46.95 14.21 -23.86
C SER F 499 46.92 13.86 -22.38
N SER F 500 48.10 13.83 -21.76
CA SER F 500 48.26 13.56 -20.32
C SER F 500 49.44 14.36 -19.75
N TYR F 501 49.33 14.77 -18.51
CA TYR F 501 50.50 15.07 -17.65
C TYR F 501 51.42 13.85 -17.76
N GLU F 502 52.65 14.14 -18.16
CA GLU F 502 53.68 13.15 -18.50
C GLU F 502 53.74 12.11 -17.38
N SER F 503 53.83 12.53 -16.12
CA SER F 503 54.11 11.56 -15.04
C SER F 503 53.00 10.53 -14.97
N PHE F 504 51.77 10.93 -15.35
CA PHE F 504 50.55 10.11 -15.17
C PHE F 504 50.30 9.30 -16.45
N VAL F 505 51.19 9.35 -17.43
CA VAL F 505 51.16 8.40 -18.57
C VAL F 505 51.47 7.00 -18.03
N HIS F 506 52.14 6.92 -16.91
CA HIS F 506 52.57 5.65 -16.28
C HIS F 506 51.37 4.85 -15.75
N VAL F 507 50.20 5.47 -15.65
CA VAL F 507 48.96 4.79 -15.14
C VAL F 507 48.57 3.64 -16.10
N ILE F 508 48.92 3.79 -17.38
CA ILE F 508 48.46 2.99 -18.56
C ILE F 508 49.69 2.45 -19.33
N ASP F 509 50.81 2.28 -18.63
CA ASP F 509 52.00 1.62 -19.19
C ASP F 509 51.54 0.27 -19.76
N SER F 510 50.86 -0.53 -18.94
CA SER F 510 50.37 -1.90 -19.25
C SER F 510 49.42 -1.91 -20.45
N MET F 511 48.80 -0.77 -20.81
CA MET F 511 47.90 -0.70 -21.99
C MET F 511 48.73 -0.33 -23.20
N LEU F 512 49.76 0.47 -23.00
CA LEU F 512 50.66 0.80 -24.12
C LEU F 512 51.33 -0.52 -24.52
N ASN F 513 51.74 -1.32 -23.53
CA ASN F 513 52.36 -2.67 -23.73
C ASN F 513 51.42 -3.47 -24.65
N GLN F 514 50.17 -3.71 -24.22
CA GLN F 514 49.22 -4.58 -24.96
C GLN F 514 48.94 -4.05 -26.37
N HIS F 515 48.83 -2.74 -26.56
CA HIS F 515 48.47 -2.17 -27.89
C HIS F 515 49.72 -2.23 -28.80
N ALA F 516 50.92 -2.20 -28.19
CA ALA F 516 52.19 -2.37 -28.92
C ALA F 516 52.26 -3.83 -29.42
N LYS F 517 52.03 -4.82 -28.56
CA LYS F 517 52.01 -6.27 -28.91
C LYS F 517 50.96 -6.56 -29.99
N TRP F 518 49.77 -5.97 -29.87
CA TRP F 518 48.71 -6.05 -30.91
C TRP F 518 49.34 -5.70 -32.26
N LEU F 519 50.06 -4.57 -32.29
CA LEU F 519 50.57 -3.96 -33.54
C LEU F 519 51.77 -4.78 -34.05
N GLU F 520 52.64 -5.22 -33.13
CA GLU F 520 53.83 -6.09 -33.39
C GLU F 520 53.36 -7.34 -34.16
N ALA F 521 52.60 -8.24 -33.51
CA ALA F 521 51.94 -9.41 -34.13
C ALA F 521 51.33 -9.01 -35.48
N THR F 522 50.66 -7.88 -35.57
CA THR F 522 49.92 -7.47 -36.79
C THR F 522 50.90 -7.28 -37.95
N VAL F 523 51.96 -6.47 -37.76
CA VAL F 523 52.89 -6.06 -38.87
C VAL F 523 53.76 -7.25 -39.27
N ARG F 524 54.15 -8.10 -38.31
CA ARG F 524 54.86 -9.38 -38.55
C ARG F 524 53.99 -10.37 -39.37
N GLU F 525 53.01 -11.05 -38.77
CA GLU F 525 52.40 -12.30 -39.33
C GLU F 525 50.89 -12.17 -39.62
N ILE F 526 50.32 -10.96 -39.79
CA ILE F 526 48.84 -10.82 -40.01
C ILE F 526 48.58 -9.78 -41.08
N PRO F 527 48.80 -10.10 -42.36
CA PRO F 527 48.63 -9.10 -43.42
C PRO F 527 47.21 -8.77 -43.88
N TRP F 528 46.23 -9.64 -43.62
CA TRP F 528 44.81 -9.43 -44.04
C TRP F 528 44.17 -8.32 -43.18
N ARG F 529 44.75 -8.08 -42.01
CA ARG F 529 44.39 -7.00 -41.06
C ARG F 529 45.02 -5.68 -41.54
N LYS F 530 44.29 -4.95 -42.39
CA LYS F 530 44.70 -3.65 -42.96
C LYS F 530 45.17 -2.71 -41.85
N PRO F 531 46.02 -1.70 -42.17
CA PRO F 531 46.61 -0.84 -41.14
C PRO F 531 45.63 0.19 -40.56
N ILE F 532 45.65 0.35 -39.24
CA ILE F 532 44.81 1.30 -38.44
C ILE F 532 45.55 2.64 -38.25
N ALA F 533 44.85 3.71 -37.86
CA ALA F 533 45.44 5.01 -37.47
C ALA F 533 46.31 4.83 -36.22
N SER F 534 47.20 5.77 -35.98
CA SER F 534 48.16 5.65 -34.87
C SER F 534 47.51 6.19 -33.58
N MET F 535 47.85 5.54 -32.47
CA MET F 535 47.52 6.02 -31.11
C MET F 535 48.45 7.21 -30.81
N ASN F 536 47.97 8.43 -31.09
CA ASN F 536 48.73 9.69 -30.89
C ASN F 536 48.54 10.19 -29.46
N LEU F 537 49.63 10.33 -28.69
CA LEU F 537 49.62 10.72 -27.26
C LEU F 537 50.52 11.95 -27.08
N LEU F 538 49.94 13.12 -26.79
CA LEU F 538 50.70 14.35 -26.47
C LEU F 538 51.08 14.26 -25.01
N VAL F 539 52.37 14.19 -24.70
CA VAL F 539 52.92 14.12 -23.32
C VAL F 539 53.43 15.51 -22.96
N SER F 540 52.79 16.19 -22.02
CA SER F 540 53.11 17.60 -21.71
C SER F 540 52.93 17.85 -20.21
N SER F 541 52.91 19.11 -19.81
CA SER F 541 53.02 19.45 -18.38
C SER F 541 54.11 18.53 -17.84
N HIS F 542 55.28 18.59 -18.47
CA HIS F 542 56.40 17.62 -18.30
C HIS F 542 57.29 18.02 -17.11
N VAL F 543 58.21 17.13 -16.75
CA VAL F 543 58.96 17.08 -15.45
C VAL F 543 59.69 18.40 -15.17
N TRP F 544 60.16 19.09 -16.21
CA TRP F 544 61.00 20.31 -16.02
C TRP F 544 60.12 21.46 -15.49
N ARG F 545 58.86 21.55 -15.91
CA ARG F 545 57.92 22.63 -15.49
C ARG F 545 56.79 22.03 -14.62
N GLN F 546 57.09 21.02 -13.79
CA GLN F 546 56.19 20.54 -12.71
C GLN F 546 56.76 21.06 -11.39
N ASP F 547 57.33 22.27 -11.44
CA ASP F 547 57.78 23.03 -10.24
C ASP F 547 56.58 23.50 -9.44
N HIS F 548 55.43 23.78 -10.10
CA HIS F 548 54.15 24.18 -9.42
C HIS F 548 53.48 22.97 -8.73
N ASN F 549 53.67 21.75 -9.21
CA ASN F 549 52.94 20.57 -8.67
C ASN F 549 53.87 19.70 -7.82
N GLY F 550 55.15 19.56 -8.19
CA GLY F 550 56.16 19.02 -7.28
C GLY F 550 56.53 17.60 -7.63
N PHE F 551 57.17 16.89 -6.69
CA PHE F 551 57.91 15.61 -6.88
C PHE F 551 56.99 14.50 -7.47
N SER F 552 55.82 14.26 -6.84
CA SER F 552 54.79 13.28 -7.27
C SER F 552 54.52 13.35 -8.78
N HIS F 553 54.69 14.54 -9.40
CA HIS F 553 54.33 14.85 -10.81
C HIS F 553 55.51 14.78 -11.79
N GLN F 554 56.70 14.42 -11.30
CA GLN F 554 58.00 14.59 -12.00
C GLN F 554 58.55 13.20 -12.37
N ASP F 555 58.20 12.65 -13.53
CA ASP F 555 58.64 11.26 -13.91
C ASP F 555 58.54 11.07 -15.42
N PRO F 556 59.61 11.35 -16.19
CA PRO F 556 59.55 11.25 -17.65
C PRO F 556 59.78 9.81 -18.17
N GLY F 557 59.70 8.82 -17.26
CA GLY F 557 60.01 7.38 -17.48
C GLY F 557 59.25 6.65 -18.60
N VAL F 558 58.22 7.23 -19.22
CA VAL F 558 57.42 6.53 -20.27
C VAL F 558 58.38 6.22 -21.43
N THR F 559 59.34 7.10 -21.69
CA THR F 559 60.40 6.93 -22.73
C THR F 559 61.06 5.56 -22.53
N SER F 560 61.51 5.23 -21.31
CA SER F 560 62.16 3.93 -20.97
C SER F 560 61.26 2.77 -21.39
N VAL F 561 59.95 2.91 -21.15
CA VAL F 561 58.92 1.83 -21.34
C VAL F 561 58.64 1.62 -22.83
N LEU F 562 58.71 2.69 -23.63
CA LEU F 562 58.46 2.65 -25.10
C LEU F 562 59.63 2.00 -25.83
N LEU F 563 60.85 2.07 -25.27
CA LEU F 563 62.10 1.52 -25.87
C LEU F 563 62.01 -0.01 -25.92
N ASN F 564 61.34 -0.62 -24.92
CA ASN F 564 61.10 -2.08 -24.82
C ASN F 564 60.09 -2.59 -25.87
N LYS F 565 59.69 -1.78 -26.86
CA LYS F 565 58.85 -2.17 -28.03
C LYS F 565 59.42 -1.59 -29.36
N CYS F 566 60.74 -1.45 -29.45
CA CYS F 566 61.47 -1.16 -30.72
C CYS F 566 62.41 -2.34 -31.00
N PHE F 567 61.95 -3.30 -31.79
CA PHE F 567 62.68 -4.55 -32.09
C PHE F 567 62.38 -4.99 -33.52
N HIS F 568 63.07 -6.02 -34.01
CA HIS F 568 62.73 -6.83 -35.22
C HIS F 568 62.32 -5.90 -36.38
N ASN F 569 62.70 -4.62 -36.34
CA ASN F 569 62.25 -3.58 -37.31
C ASN F 569 60.73 -3.58 -37.46
N ASP F 570 59.97 -3.73 -36.36
CA ASP F 570 58.48 -3.65 -36.34
C ASP F 570 58.08 -2.20 -36.68
N HIS F 571 58.74 -1.22 -36.06
CA HIS F 571 58.51 0.24 -36.28
C HIS F 571 57.09 0.62 -35.87
N VAL F 572 56.64 0.20 -34.68
CA VAL F 572 55.28 0.48 -34.15
C VAL F 572 55.36 1.64 -33.14
N ILE F 573 56.52 1.88 -32.52
CA ILE F 573 56.76 3.04 -31.60
C ILE F 573 57.37 4.22 -32.37
N GLY F 574 56.80 5.41 -32.14
CA GLY F 574 57.40 6.74 -32.34
C GLY F 574 57.75 7.35 -30.99
N ILE F 575 58.88 8.03 -30.87
CA ILE F 575 59.20 8.88 -29.68
C ILE F 575 59.79 10.18 -30.21
N TYR F 576 59.09 11.27 -29.96
CA TYR F 576 59.44 12.60 -30.52
C TYR F 576 59.62 13.56 -29.36
N PHE F 577 60.58 14.48 -29.49
CA PHE F 577 60.76 15.65 -28.60
C PHE F 577 60.44 16.85 -29.46
N ALA F 578 59.32 17.53 -29.18
CA ALA F 578 58.96 18.83 -29.79
C ALA F 578 59.86 19.87 -29.15
N THR F 579 60.83 20.36 -29.92
CA THR F 579 61.88 21.30 -29.42
C THR F 579 61.24 22.70 -29.37
N ASP F 580 60.30 22.95 -30.28
CA ASP F 580 59.55 24.22 -30.34
C ASP F 580 58.21 23.96 -31.04
N ALA F 581 57.37 24.99 -31.18
CA ALA F 581 56.05 24.91 -31.84
C ALA F 581 56.22 24.36 -33.25
N ASN F 582 57.28 24.79 -33.95
CA ASN F 582 57.46 24.54 -35.39
C ASN F 582 57.81 23.05 -35.60
N MET F 583 58.61 22.48 -34.70
CA MET F 583 58.95 21.03 -34.69
C MET F 583 57.70 20.22 -34.34
N LEU F 584 56.90 20.71 -33.38
CA LEU F 584 55.63 20.06 -32.94
C LEU F 584 54.73 19.82 -34.17
N LEU F 585 54.57 20.84 -35.02
CA LEU F 585 53.75 20.76 -36.25
C LEU F 585 54.30 19.66 -37.18
N ALA F 586 55.60 19.63 -37.41
CA ALA F 586 56.25 18.64 -38.30
C ALA F 586 56.09 17.21 -37.73
N ILE F 587 56.27 17.03 -36.41
CA ILE F 587 56.08 15.74 -35.68
C ILE F 587 54.60 15.35 -35.77
N ALA F 588 53.73 16.34 -35.53
CA ALA F 588 52.27 16.17 -35.53
C ALA F 588 51.83 15.66 -36.91
N GLU F 589 52.05 16.43 -37.97
CA GLU F 589 51.65 16.07 -39.37
C GLU F 589 52.08 14.64 -39.63
N LYS F 590 53.33 14.31 -39.28
CA LYS F 590 53.93 12.97 -39.54
C LYS F 590 53.10 11.92 -38.81
N CYS F 591 52.96 12.08 -37.48
CA CYS F 591 52.15 11.20 -36.58
C CYS F 591 50.72 10.98 -37.13
N TYR F 592 50.07 12.02 -37.65
CA TYR F 592 48.64 11.99 -38.07
C TYR F 592 48.47 11.28 -39.42
N LYS F 593 49.54 11.26 -40.23
CA LYS F 593 49.59 10.58 -41.55
C LYS F 593 50.00 9.12 -41.34
N SER F 594 50.68 8.82 -40.23
CA SER F 594 51.21 7.48 -39.88
C SER F 594 50.08 6.51 -39.55
N THR F 595 50.39 5.22 -39.56
CA THR F 595 49.49 4.07 -39.26
C THR F 595 50.27 3.03 -38.46
N ASN F 596 49.56 2.15 -37.80
CA ASN F 596 50.12 1.03 -37.01
C ASN F 596 51.24 1.50 -36.09
N LYS F 597 51.20 2.73 -35.59
CA LYS F 597 52.15 3.23 -34.55
C LYS F 597 51.45 3.59 -33.24
N ILE F 598 52.18 3.53 -32.14
CA ILE F 598 51.96 4.35 -30.91
C ILE F 598 52.98 5.51 -30.95
N ASN F 599 52.55 6.74 -31.25
CA ASN F 599 53.40 7.97 -31.23
C ASN F 599 53.32 8.67 -29.87
N ALA F 600 54.42 8.77 -29.11
CA ALA F 600 54.54 9.67 -27.93
C ALA F 600 55.14 11.00 -28.41
N ILE F 601 54.38 12.08 -28.32
CA ILE F 601 54.85 13.45 -28.67
C ILE F 601 55.06 14.22 -27.38
N ILE F 602 56.31 14.36 -26.94
CA ILE F 602 56.73 15.07 -25.71
C ILE F 602 56.95 16.55 -26.01
N ALA F 603 56.10 17.42 -25.45
CA ALA F 603 56.04 18.85 -25.80
C ALA F 603 55.73 19.67 -24.55
N GLY F 604 56.46 20.77 -24.36
CA GLY F 604 56.22 21.73 -23.28
C GLY F 604 55.03 22.62 -23.60
N LYS F 605 54.27 23.01 -22.58
CA LYS F 605 53.14 23.98 -22.69
C LYS F 605 53.56 25.32 -22.07
N GLN F 606 54.69 25.33 -21.34
CA GLN F 606 55.25 26.53 -20.68
C GLN F 606 55.70 27.52 -21.75
N PRO F 607 55.74 28.84 -21.43
CA PRO F 607 56.26 29.83 -22.37
C PRO F 607 57.76 29.55 -22.61
N ALA F 608 58.15 29.42 -23.88
CA ALA F 608 59.53 29.06 -24.29
C ALA F 608 59.88 29.60 -25.68
N ALA F 609 61.19 29.72 -25.92
CA ALA F 609 61.81 30.16 -27.19
C ALA F 609 61.42 29.19 -28.33
N THR F 610 61.28 29.73 -29.54
CA THR F 610 61.10 29.02 -30.84
C THR F 610 62.44 29.04 -31.63
N TRP F 611 63.05 27.86 -31.86
CA TRP F 611 64.43 27.70 -32.43
C TRP F 611 64.44 27.51 -33.94
N LEU F 612 63.40 26.92 -34.53
CA LEU F 612 63.48 26.38 -35.91
C LEU F 612 62.40 27.00 -36.80
N THR F 613 62.63 27.09 -38.12
CA THR F 613 61.55 27.34 -39.11
C THR F 613 60.86 25.99 -39.32
N LEU F 614 59.73 26.01 -40.04
CA LEU F 614 59.02 24.75 -40.38
C LEU F 614 59.95 23.87 -41.26
N ASP F 615 60.53 24.47 -42.32
CA ASP F 615 61.47 23.82 -43.28
C ASP F 615 62.66 23.17 -42.55
N GLU F 616 63.32 23.91 -41.67
CA GLU F 616 64.45 23.43 -40.81
C GLU F 616 63.95 22.29 -39.93
N ALA F 617 62.71 22.39 -39.44
CA ALA F 617 62.12 21.41 -38.50
C ALA F 617 61.85 20.09 -39.23
N ARG F 618 61.20 20.15 -40.39
CA ARG F 618 60.90 18.95 -41.23
C ARG F 618 62.23 18.24 -41.55
N ALA F 619 63.16 19.00 -42.13
CA ALA F 619 64.58 18.62 -42.31
C ALA F 619 65.09 17.85 -41.08
N GLU F 620 65.19 18.50 -39.92
CA GLU F 620 65.81 17.84 -38.75
C GLU F 620 65.10 16.50 -38.51
N LEU F 621 63.79 16.45 -38.75
CA LEU F 621 62.91 15.34 -38.31
C LEU F 621 63.08 14.12 -39.22
N GLU F 622 63.20 14.34 -40.54
CA GLU F 622 63.23 13.29 -41.59
C GLU F 622 64.50 12.44 -41.41
N LYS F 623 65.54 12.97 -40.75
CA LYS F 623 66.74 12.19 -40.28
C LYS F 623 66.56 11.82 -38.80
N GLY F 624 66.01 12.74 -37.99
CA GLY F 624 65.76 12.56 -36.55
C GLY F 624 66.75 13.34 -35.70
N ALA F 625 67.77 13.92 -36.32
CA ALA F 625 68.82 14.72 -35.65
C ALA F 625 69.53 15.60 -36.70
N ALA F 626 69.97 16.76 -36.25
CA ALA F 626 70.80 17.68 -37.05
C ALA F 626 71.83 18.37 -36.15
N ALA F 627 72.87 18.87 -36.78
CA ALA F 627 73.69 19.97 -36.25
C ALA F 627 72.99 21.27 -36.66
N TRP F 628 73.10 22.25 -35.76
CA TRP F 628 72.64 23.64 -35.99
C TRP F 628 73.88 24.46 -36.36
N ASP F 629 74.08 24.63 -37.67
CA ASP F 629 75.22 25.36 -38.27
C ASP F 629 75.17 26.79 -37.76
N TRP F 630 74.06 27.48 -38.03
CA TRP F 630 73.72 28.82 -37.49
C TRP F 630 74.10 28.96 -36.00
N ALA F 631 74.25 27.86 -35.26
CA ALA F 631 74.45 27.83 -33.79
C ALA F 631 75.88 27.43 -33.43
N SER F 632 76.56 26.66 -34.29
CA SER F 632 77.93 26.15 -34.04
C SER F 632 78.93 27.30 -34.27
N THR F 633 79.99 27.39 -33.45
CA THR F 633 81.13 28.32 -33.69
C THR F 633 82.19 27.61 -34.55
N ALA F 634 82.42 26.30 -34.34
CA ALA F 634 83.23 25.41 -35.20
C ALA F 634 82.59 25.28 -36.58
N LYS F 635 83.38 25.22 -37.66
CA LYS F 635 82.88 25.04 -39.06
C LYS F 635 83.10 23.59 -39.51
N ASN F 636 83.70 22.74 -38.69
CA ASN F 636 83.77 21.27 -38.95
C ASN F 636 84.12 20.56 -37.65
N ASN F 637 84.08 19.23 -37.66
CA ASN F 637 84.19 18.35 -36.46
C ASN F 637 85.61 18.45 -35.89
N ASP F 638 86.58 18.90 -36.71
CA ASP F 638 88.03 18.91 -36.38
C ASP F 638 88.33 20.13 -35.51
N GLU F 639 87.82 21.30 -35.90
CA GLU F 639 87.94 22.59 -35.15
C GLU F 639 87.17 22.47 -33.82
N ALA F 640 86.09 21.68 -33.82
CA ALA F 640 85.15 21.47 -32.70
C ALA F 640 85.83 20.89 -31.44
N GLU F 641 85.83 21.64 -30.35
CA GLU F 641 86.49 21.27 -29.07
C GLU F 641 85.56 20.44 -28.19
N VAL F 642 84.25 20.49 -28.45
CA VAL F 642 83.18 19.80 -27.66
C VAL F 642 81.87 19.91 -28.44
N VAL F 643 81.04 18.87 -28.35
CA VAL F 643 79.72 18.80 -29.07
C VAL F 643 78.63 18.97 -28.02
N LEU F 644 77.72 19.93 -28.24
CA LEU F 644 76.54 20.18 -27.36
C LEU F 644 75.29 19.59 -28.02
N ALA F 645 74.76 18.52 -27.43
CA ALA F 645 73.57 17.81 -27.94
C ALA F 645 72.43 17.89 -26.91
N ALA F 646 71.22 18.17 -27.41
CA ALA F 646 69.99 18.27 -26.60
C ALA F 646 68.86 17.44 -27.23
N ALA F 647 68.09 16.72 -26.41
CA ALA F 647 66.75 16.17 -26.74
C ALA F 647 65.74 16.72 -25.74
N GLY F 648 64.77 17.52 -26.21
CA GLY F 648 63.67 18.06 -25.40
C GLY F 648 63.79 19.57 -25.16
N ASP F 649 62.64 20.27 -25.20
CA ASP F 649 62.52 21.75 -25.26
C ASP F 649 63.33 22.46 -24.17
N VAL F 650 63.50 21.87 -22.99
CA VAL F 650 64.14 22.54 -21.82
C VAL F 650 65.64 22.26 -21.80
N PRO F 651 66.07 20.99 -21.97
CA PRO F 651 67.45 20.69 -22.34
C PRO F 651 67.98 21.54 -23.52
N THR F 652 67.18 21.70 -24.57
CA THR F 652 67.55 22.51 -25.76
C THR F 652 67.75 23.98 -25.32
N GLN F 653 66.84 24.49 -24.51
CA GLN F 653 66.94 25.85 -23.92
C GLN F 653 68.23 25.98 -23.08
N GLU F 654 68.47 25.10 -22.11
CA GLU F 654 69.63 25.19 -21.18
C GLU F 654 70.95 24.87 -21.90
N ILE F 655 70.90 24.18 -23.05
CA ILE F 655 72.08 23.91 -23.91
C ILE F 655 72.40 25.17 -24.73
N MET F 656 71.41 25.78 -25.37
CA MET F 656 71.59 27.03 -26.16
C MET F 656 72.11 28.17 -25.28
N ALA F 657 71.79 28.16 -23.99
CA ALA F 657 72.18 29.22 -23.04
C ALA F 657 73.64 29.01 -22.65
N ALA F 658 73.98 27.78 -22.25
CA ALA F 658 75.36 27.34 -21.97
C ALA F 658 76.23 27.70 -23.17
N SER F 659 75.66 27.63 -24.38
CA SER F 659 76.33 27.88 -25.69
C SER F 659 76.64 29.36 -25.90
N ASP F 660 75.94 30.27 -25.21
CA ASP F 660 76.21 31.72 -25.27
C ASP F 660 77.28 32.05 -24.23
N LYS F 661 77.44 31.21 -23.20
CA LYS F 661 78.56 31.38 -22.25
C LYS F 661 79.85 30.90 -22.90
N LEU F 662 79.80 29.86 -23.75
CA LEU F 662 80.99 29.26 -24.40
C LEU F 662 81.47 30.22 -25.48
N LYS F 663 80.53 30.86 -26.21
CA LYS F 663 80.83 31.82 -27.30
C LYS F 663 81.74 32.94 -26.75
N GLU F 664 81.30 33.63 -25.69
CA GLU F 664 82.01 34.75 -25.01
C GLU F 664 83.41 34.30 -24.55
N LEU F 665 83.59 33.00 -24.31
CA LEU F 665 84.88 32.41 -23.86
C LEU F 665 85.64 31.86 -25.08
N GLY F 666 85.23 32.24 -26.29
CA GLY F 666 85.85 31.83 -27.56
C GLY F 666 86.10 30.33 -27.67
N VAL F 667 85.22 29.50 -27.09
CA VAL F 667 85.29 28.02 -27.24
C VAL F 667 84.64 27.65 -28.57
N LYS F 668 85.14 26.60 -29.21
CA LYS F 668 84.65 26.18 -30.54
C LYS F 668 83.80 24.91 -30.31
N PHE F 669 82.50 24.97 -30.61
CA PHE F 669 81.49 23.91 -30.29
C PHE F 669 80.57 23.71 -31.49
N LYS F 670 80.24 22.43 -31.77
CA LYS F 670 79.11 22.02 -32.65
C LYS F 670 77.86 21.91 -31.77
N VAL F 671 76.73 22.43 -32.27
CA VAL F 671 75.42 22.28 -31.59
C VAL F 671 74.57 21.26 -32.37
N VAL F 672 74.12 20.23 -31.65
CA VAL F 672 73.30 19.11 -32.17
C VAL F 672 71.95 19.09 -31.44
N ASN F 673 70.89 18.79 -32.18
CA ASN F 673 69.51 18.68 -31.65
C ASN F 673 68.87 17.36 -32.13
N VAL F 674 68.04 16.76 -31.30
CA VAL F 674 67.41 15.42 -31.52
C VAL F 674 65.89 15.55 -31.40
N ALA F 675 65.16 15.38 -32.50
CA ALA F 675 63.69 15.23 -32.54
C ALA F 675 63.29 13.77 -32.22
N ASP F 676 63.83 12.83 -32.98
CA ASP F 676 63.48 11.39 -32.97
C ASP F 676 64.44 10.59 -32.08
N LEU F 677 64.02 10.12 -30.94
CA LEU F 677 64.90 9.33 -30.04
C LEU F 677 65.41 8.07 -30.74
N LEU F 678 64.69 7.55 -31.74
CA LEU F 678 64.98 6.20 -32.32
C LEU F 678 65.89 6.31 -33.56
N SER F 679 66.36 7.52 -33.88
CA SER F 679 67.42 7.78 -34.88
C SER F 679 68.80 7.53 -34.24
N LEU F 680 68.90 7.44 -32.91
CA LEU F 680 70.18 7.10 -32.20
C LEU F 680 70.24 5.61 -31.87
N GLN F 681 69.34 4.77 -32.37
CA GLN F 681 69.31 3.33 -32.01
C GLN F 681 70.28 2.60 -32.94
N SER F 682 71.06 1.65 -32.39
CA SER F 682 72.00 0.77 -33.14
C SER F 682 71.46 0.52 -34.55
N ALA F 683 72.18 0.93 -35.60
CA ALA F 683 71.70 0.85 -37.00
C ALA F 683 71.63 -0.62 -37.47
N LYS F 684 72.05 -1.57 -36.62
CA LYS F 684 71.91 -3.03 -36.85
C LYS F 684 70.54 -3.53 -36.35
N GLU F 685 69.92 -2.87 -35.36
CA GLU F 685 68.58 -3.21 -34.79
C GLU F 685 67.46 -2.50 -35.58
N ASN F 686 67.73 -1.34 -36.17
CA ASN F 686 66.70 -0.42 -36.73
C ASN F 686 67.14 0.01 -38.14
N ASP F 687 66.42 -0.44 -39.17
CA ASP F 687 66.76 -0.16 -40.60
C ASP F 687 66.29 1.26 -40.98
N GLU F 688 66.14 2.15 -40.01
CA GLU F 688 65.54 3.51 -40.20
C GLU F 688 66.39 4.56 -39.46
N ALA F 689 67.14 4.14 -38.44
CA ALA F 689 68.02 5.01 -37.64
C ALA F 689 69.15 5.54 -38.51
N LEU F 690 69.86 6.55 -38.00
CA LEU F 690 71.11 7.06 -38.62
C LEU F 690 72.04 5.86 -38.85
N THR F 691 72.73 5.88 -39.99
CA THR F 691 73.94 5.06 -40.29
C THR F 691 75.08 5.55 -39.39
N ASP F 692 76.03 4.68 -39.03
CA ASP F 692 77.20 5.04 -38.19
C ASP F 692 78.00 6.16 -38.88
N GLU F 693 77.84 6.35 -40.19
CA GLU F 693 78.39 7.48 -40.99
C GLU F 693 77.66 8.75 -40.54
N GLU F 694 76.38 8.89 -40.92
CA GLU F 694 75.48 10.04 -40.59
C GLU F 694 75.63 10.36 -39.10
N PHE F 695 75.67 9.34 -38.24
CA PHE F 695 75.81 9.47 -36.77
C PHE F 695 77.14 10.14 -36.43
N ALA F 696 78.26 9.50 -36.78
CA ALA F 696 79.63 9.95 -36.49
C ALA F 696 79.88 11.34 -37.11
N ASP F 697 79.26 11.65 -38.25
CA ASP F 697 79.26 12.99 -38.91
C ASP F 697 78.70 14.06 -37.96
N ILE F 698 77.48 13.84 -37.45
CA ILE F 698 76.72 14.77 -36.55
C ILE F 698 77.42 14.86 -35.19
N PHE F 699 77.75 13.73 -34.56
CA PHE F 699 78.28 13.69 -33.17
C PHE F 699 79.81 13.59 -33.09
N THR F 700 80.53 13.66 -34.22
CA THR F 700 82.00 13.41 -34.33
C THR F 700 82.35 11.99 -33.82
N ALA F 701 83.63 11.61 -34.03
CA ALA F 701 84.17 10.26 -33.81
C ALA F 701 85.19 10.24 -32.67
N ASP F 702 85.74 11.41 -32.33
CA ASP F 702 86.92 11.59 -31.44
C ASP F 702 86.57 12.57 -30.31
N LYS F 703 85.80 13.65 -30.62
CA LYS F 703 85.56 14.83 -29.73
C LYS F 703 84.47 14.52 -28.71
N PRO F 704 84.55 15.07 -27.48
CA PRO F 704 83.63 14.69 -26.41
C PRO F 704 82.24 15.30 -26.65
N VAL F 705 81.19 14.66 -26.14
CA VAL F 705 79.77 15.03 -26.42
C VAL F 705 79.01 15.22 -25.11
N LEU F 706 78.57 16.45 -24.89
CA LEU F 706 77.67 16.82 -23.77
C LEU F 706 76.24 16.67 -24.26
N PHE F 707 75.52 15.65 -23.77
CA PHE F 707 74.13 15.33 -24.20
C PHE F 707 73.19 15.71 -23.06
N ALA F 708 72.42 16.78 -23.25
CA ALA F 708 71.30 17.16 -22.35
C ALA F 708 69.97 16.56 -22.87
N TYR F 709 69.41 15.65 -22.06
CA TYR F 709 68.28 14.74 -22.36
C TYR F 709 67.08 15.04 -21.47
N HIS F 710 65.90 15.19 -22.09
CA HIS F 710 64.59 15.39 -21.41
C HIS F 710 64.36 14.40 -20.25
N SER F 711 64.53 13.10 -20.50
CA SER F 711 64.15 12.03 -19.53
C SER F 711 65.39 11.50 -18.80
N TYR F 712 65.35 10.23 -18.40
CA TYR F 712 66.40 9.50 -17.65
C TYR F 712 67.55 9.13 -18.58
N ALA F 713 68.78 9.35 -18.10
CA ALA F 713 70.04 9.25 -18.86
C ALA F 713 70.16 7.81 -19.38
N HIS F 714 69.98 6.86 -18.46
CA HIS F 714 69.91 5.41 -18.76
C HIS F 714 69.28 5.18 -20.15
N ASP F 715 68.19 5.86 -20.51
CA ASP F 715 67.66 5.76 -21.88
C ASP F 715 68.82 5.76 -22.87
N VAL F 716 69.51 6.90 -23.05
CA VAL F 716 70.39 7.12 -24.24
C VAL F 716 71.73 6.39 -24.05
N ARG F 717 72.12 6.07 -22.83
CA ARG F 717 73.36 5.29 -22.59
C ARG F 717 73.18 3.90 -23.22
N GLY F 718 72.07 3.21 -22.91
CA GLY F 718 71.69 1.91 -23.49
C GLY F 718 71.45 1.94 -25.00
N LEU F 719 71.12 3.10 -25.59
CA LEU F 719 70.73 3.24 -27.02
C LEU F 719 71.96 3.33 -27.95
N ILE F 720 73.16 3.59 -27.42
CA ILE F 720 74.40 3.88 -28.22
C ILE F 720 75.54 2.90 -27.90
N TYR F 721 75.33 1.86 -27.08
CA TYR F 721 76.37 0.89 -26.61
C TYR F 721 77.38 0.57 -27.72
N ASP F 722 76.98 0.66 -28.99
CA ASP F 722 77.70 0.16 -30.19
C ASP F 722 77.95 1.27 -31.22
N ARG F 723 77.95 2.55 -30.81
CA ARG F 723 77.96 3.69 -31.77
C ARG F 723 79.31 4.41 -31.75
N PRO F 724 79.73 5.00 -32.91
CA PRO F 724 80.84 5.94 -32.97
C PRO F 724 80.92 6.97 -31.82
N ASN F 725 81.99 6.91 -31.04
CA ASN F 725 82.42 7.99 -30.11
C ASN F 725 81.77 7.72 -28.75
N HIS F 726 80.98 6.65 -28.69
CA HIS F 726 79.93 6.48 -27.66
C HIS F 726 80.49 6.59 -26.24
N ASP F 727 81.78 6.26 -26.03
CA ASP F 727 82.43 6.29 -24.69
C ASP F 727 82.70 7.75 -24.26
N ASN F 728 82.66 8.68 -25.22
CA ASN F 728 82.91 10.13 -25.02
C ASN F 728 81.62 10.90 -24.73
N PHE F 729 80.45 10.27 -24.81
CA PHE F 729 79.14 10.90 -24.59
C PHE F 729 79.00 11.15 -23.09
N ASN F 730 78.79 12.42 -22.67
CA ASN F 730 78.43 12.78 -21.27
C ASN F 730 76.95 13.13 -21.25
N VAL F 731 76.12 12.21 -20.74
CA VAL F 731 74.63 12.35 -20.79
C VAL F 731 74.14 12.82 -19.44
N HIS F 732 73.47 13.98 -19.45
CA HIS F 732 72.71 14.55 -18.31
C HIS F 732 71.20 14.47 -18.59
N GLY F 733 70.44 13.97 -17.61
CA GLY F 733 68.97 13.92 -17.68
C GLY F 733 68.36 13.94 -16.30
N TYR F 734 67.07 13.64 -16.21
CA TYR F 734 66.35 13.71 -14.93
C TYR F 734 66.93 12.62 -14.01
N GLU F 735 67.05 12.94 -12.72
CA GLU F 735 67.87 12.19 -11.76
C GLU F 735 67.12 12.01 -10.43
N GLU F 736 65.79 12.07 -10.45
CA GLU F 736 64.90 11.88 -9.25
C GLU F 736 65.30 12.88 -8.18
N GLU F 737 65.52 14.11 -8.62
CA GLU F 737 65.77 15.28 -7.76
C GLU F 737 64.74 16.31 -8.22
N GLY F 738 64.11 17.00 -7.25
CA GLY F 738 63.06 18.00 -7.53
C GLY F 738 62.18 18.24 -6.32
N SER F 739 61.37 19.27 -6.42
CA SER F 739 60.43 19.69 -5.35
C SER F 739 59.42 20.66 -5.94
N THR F 740 58.68 21.36 -5.09
CA THR F 740 57.85 22.50 -5.52
C THR F 740 58.71 23.76 -5.30
N THR F 741 59.13 24.34 -6.41
CA THR F 741 60.29 25.26 -6.53
C THR F 741 60.12 26.12 -7.78
N THR F 742 61.24 26.59 -8.36
CA THR F 742 61.26 27.51 -9.52
C THR F 742 61.80 26.77 -10.74
N PRO F 743 61.47 27.26 -11.95
CA PRO F 743 61.96 26.62 -13.17
C PRO F 743 63.48 26.29 -13.05
N TYR F 744 64.31 27.24 -12.62
CA TYR F 744 65.79 27.10 -12.66
C TYR F 744 66.24 26.04 -11.64
N ASP F 745 65.65 26.02 -10.44
CA ASP F 745 66.07 25.05 -9.40
C ASP F 745 65.81 23.62 -9.92
N MET F 746 64.80 23.44 -10.78
CA MET F 746 64.42 22.11 -11.30
C MET F 746 65.55 21.56 -12.17
N VAL F 747 66.09 22.38 -13.08
CA VAL F 747 67.28 22.05 -13.92
C VAL F 747 68.56 21.97 -13.07
N ARG F 748 68.68 22.79 -12.01
CA ARG F 748 69.89 22.87 -11.16
C ARG F 748 70.08 21.53 -10.45
N VAL F 749 69.15 21.25 -9.58
CA VAL F 749 69.07 20.02 -8.75
C VAL F 749 69.25 18.75 -9.59
N ASN F 750 69.11 18.78 -10.92
CA ASN F 750 69.34 17.64 -11.84
C ASN F 750 70.52 17.94 -12.77
N ARG F 751 71.38 18.87 -12.37
CA ARG F 751 72.69 19.15 -13.03
C ARG F 751 72.50 19.24 -14.54
N ILE F 752 71.53 20.03 -14.99
CA ILE F 752 71.28 20.27 -16.44
C ILE F 752 70.95 21.77 -16.66
N ASP F 753 71.00 22.56 -15.59
CA ASP F 753 70.97 24.04 -15.69
C ASP F 753 72.13 24.50 -16.56
N ARG F 754 71.93 25.59 -17.29
CA ARG F 754 72.89 26.22 -18.22
C ARG F 754 74.28 26.35 -17.58
N TYR F 755 74.36 26.60 -16.27
CA TYR F 755 75.65 26.82 -15.56
C TYR F 755 76.45 25.51 -15.53
N GLU F 756 75.86 24.41 -15.06
CA GLU F 756 76.57 23.11 -14.88
C GLU F 756 76.95 22.58 -16.26
N LEU F 757 76.18 22.91 -17.28
CA LEU F 757 76.38 22.39 -18.64
C LEU F 757 77.64 23.05 -19.21
N THR F 758 77.80 24.37 -19.00
CA THR F 758 79.03 25.13 -19.31
C THR F 758 80.19 24.56 -18.49
N ALA F 759 80.03 24.41 -17.18
CA ALA F 759 81.00 23.80 -16.25
C ALA F 759 81.34 22.35 -16.60
N GLU F 760 80.51 21.62 -17.34
CA GLU F 760 80.85 20.22 -17.71
C GLU F 760 81.58 20.28 -19.07
N ALA F 761 81.13 21.17 -19.97
CA ALA F 761 81.72 21.35 -21.32
C ALA F 761 83.18 21.80 -21.20
N LEU F 762 83.55 22.44 -20.08
CA LEU F 762 84.91 22.99 -19.83
C LEU F 762 85.77 21.93 -19.12
N ARG F 763 85.24 21.27 -18.08
CA ARG F 763 85.83 20.04 -17.48
C ARG F 763 86.22 19.06 -18.58
N MET F 764 85.44 19.01 -19.66
CA MET F 764 85.59 18.05 -20.79
C MET F 764 86.58 18.57 -21.83
N ILE F 765 86.98 19.84 -21.75
CA ILE F 765 88.01 20.44 -22.64
C ILE F 765 89.32 20.46 -21.84
N ASP F 766 89.29 21.01 -20.64
CA ASP F 766 90.50 21.25 -19.80
C ASP F 766 90.08 21.70 -18.40
N ALA F 767 89.93 20.73 -17.49
CA ALA F 767 89.70 20.97 -16.05
C ALA F 767 90.66 22.05 -15.56
N ASP F 768 91.97 21.87 -15.78
CA ASP F 768 93.06 22.66 -15.13
C ASP F 768 93.08 24.06 -15.73
N LYS F 769 93.00 24.18 -17.06
CA LYS F 769 93.05 25.47 -17.82
C LYS F 769 91.94 26.40 -17.34
N TYR F 770 90.74 25.84 -17.11
CA TYR F 770 89.46 26.55 -16.90
C TYR F 770 88.96 26.45 -15.46
N ALA F 771 89.76 25.90 -14.54
CA ALA F 771 89.35 25.56 -13.16
C ALA F 771 88.98 26.81 -12.37
N ASP F 772 89.06 28.00 -12.99
CA ASP F 772 88.70 29.30 -12.36
C ASP F 772 87.25 29.66 -12.74
N LYS F 773 86.91 29.52 -14.03
CA LYS F 773 85.55 29.81 -14.59
C LYS F 773 84.58 28.70 -14.15
N ILE F 774 85.08 27.50 -13.89
CA ILE F 774 84.35 26.30 -13.37
C ILE F 774 84.14 26.47 -11.87
N ASP F 775 85.05 27.12 -11.15
CA ASP F 775 84.88 27.37 -9.69
C ASP F 775 83.86 28.51 -9.56
N GLU F 776 83.82 29.40 -10.56
CA GLU F 776 82.99 30.64 -10.59
C GLU F 776 81.52 30.26 -10.87
N LEU F 777 81.33 29.34 -11.82
CA LEU F 777 80.01 28.86 -12.29
C LEU F 777 79.32 28.02 -11.20
N GLU F 778 80.03 27.13 -10.50
CA GLU F 778 79.47 26.38 -9.34
C GLU F 778 79.08 27.33 -8.21
N LYS F 779 79.79 28.44 -8.05
CA LYS F 779 79.53 29.45 -6.98
C LYS F 779 78.21 30.16 -7.33
N PHE F 780 78.06 30.54 -8.60
CA PHE F 780 76.90 31.30 -9.11
C PHE F 780 75.64 30.42 -9.10
N ARG F 781 75.78 29.11 -9.34
CA ARG F 781 74.68 28.12 -9.21
C ARG F 781 74.06 28.22 -7.81
N ASP F 782 74.88 28.22 -6.76
CA ASP F 782 74.39 28.30 -5.36
C ASP F 782 73.85 29.72 -5.16
N GLU F 783 74.49 30.74 -5.75
CA GLU F 783 74.14 32.16 -5.51
C GLU F 783 72.74 32.42 -6.12
N ALA F 784 72.51 31.93 -7.34
CA ALA F 784 71.23 32.06 -8.06
C ALA F 784 70.09 31.26 -7.39
N PHE F 785 70.43 30.24 -6.59
CA PHE F 785 69.43 29.44 -5.84
C PHE F 785 68.98 30.29 -4.66
N GLN F 786 69.95 30.68 -3.83
CA GLN F 786 69.77 31.53 -2.62
C GLN F 786 68.96 32.79 -3.01
N PHE F 787 69.11 33.28 -4.23
CA PHE F 787 68.35 34.47 -4.72
C PHE F 787 66.85 34.13 -4.78
N ALA F 788 66.50 33.03 -5.47
CA ALA F 788 65.14 32.44 -5.50
C ALA F 788 64.62 32.26 -4.07
N VAL F 789 65.35 31.58 -3.18
CA VAL F 789 64.86 31.44 -1.77
C VAL F 789 64.50 32.84 -1.26
N ASP F 790 65.37 33.82 -1.48
CA ASP F 790 65.27 35.17 -0.85
C ASP F 790 64.15 35.99 -1.49
N ASN F 791 63.88 35.84 -2.79
CA ASN F 791 63.00 36.81 -3.51
C ASN F 791 61.78 36.18 -4.17
N GLY F 792 61.69 34.85 -4.22
CA GLY F 792 60.49 34.14 -4.70
C GLY F 792 60.39 34.08 -6.21
N TYR F 793 61.41 34.57 -6.92
CA TYR F 793 61.55 34.41 -8.39
C TYR F 793 63.03 34.18 -8.73
N ASP F 794 63.34 33.76 -9.97
CA ASP F 794 64.67 33.27 -10.40
C ASP F 794 65.57 34.45 -10.74
N HIS F 795 66.88 34.30 -10.52
CA HIS F 795 67.93 35.32 -10.82
C HIS F 795 67.74 35.90 -12.23
N PRO F 796 67.88 37.22 -12.42
CA PRO F 796 67.77 37.85 -13.75
C PRO F 796 68.59 37.22 -14.89
N ASP F 797 69.79 36.71 -14.59
CA ASP F 797 70.69 36.12 -15.61
C ASP F 797 70.00 34.91 -16.26
N TYR F 798 69.08 34.28 -15.54
CA TYR F 798 68.29 33.10 -16.00
C TYR F 798 67.05 33.59 -16.75
N THR F 799 66.23 34.44 -16.11
CA THR F 799 64.89 34.88 -16.61
C THR F 799 65.03 35.75 -17.86
N ASP F 800 65.95 36.71 -17.84
CA ASP F 800 66.01 37.81 -18.85
C ASP F 800 66.90 37.40 -20.05
N TRP F 801 67.51 36.21 -20.05
CA TRP F 801 68.41 35.73 -21.15
C TRP F 801 67.62 35.56 -22.45
N VAL F 802 68.21 35.93 -23.59
CA VAL F 802 67.71 35.66 -24.96
C VAL F 802 68.92 35.20 -25.77
N TYR F 803 68.75 34.22 -26.65
CA TYR F 803 69.83 33.73 -27.55
C TYR F 803 70.41 34.95 -28.29
N SER F 804 71.75 35.01 -28.31
CA SER F 804 72.55 36.09 -28.93
C SER F 804 72.10 36.27 -30.38
N GLY F 805 71.80 35.17 -31.07
CA GLY F 805 71.46 35.16 -32.50
C GLY F 805 70.05 35.62 -32.77
N VAL F 806 69.45 36.39 -31.86
CA VAL F 806 68.10 37.05 -32.02
C VAL F 806 68.36 38.52 -32.29
N ASN F 807 67.67 39.08 -33.28
CA ASN F 807 67.72 40.50 -33.69
C ASN F 807 66.79 41.30 -32.77
N THR F 808 67.32 41.96 -31.72
CA THR F 808 66.55 42.70 -30.68
C THR F 808 66.03 44.04 -31.28
N ASP F 809 66.87 44.72 -32.07
CA ASP F 809 66.57 46.05 -32.70
C ASP F 809 65.24 45.95 -33.46
N LYS F 810 65.18 45.09 -34.48
CA LYS F 810 63.95 44.81 -35.29
C LYS F 810 63.04 43.88 -34.49
N THR G 2 -43.11 -32.95 10.43
CA THR G 2 -42.10 -31.91 10.11
C THR G 2 -42.13 -31.57 8.62
N SER G 3 -41.48 -30.45 8.25
CA SER G 3 -41.20 -30.07 6.85
C SER G 3 -40.60 -31.27 6.13
N PRO G 4 -41.15 -31.68 4.97
CA PRO G 4 -40.51 -32.73 4.17
C PRO G 4 -39.27 -32.19 3.41
N VAL G 5 -38.35 -33.09 3.05
CA VAL G 5 -37.22 -32.81 2.13
C VAL G 5 -37.74 -32.99 0.71
N ILE G 6 -37.60 -31.97 -0.14
CA ILE G 6 -38.06 -31.97 -1.56
C ILE G 6 -36.88 -31.77 -2.49
N GLY G 7 -36.77 -32.62 -3.49
CA GLY G 7 -35.79 -32.50 -4.57
C GLY G 7 -34.39 -32.71 -4.04
N THR G 8 -33.43 -32.04 -4.66
CA THR G 8 -31.99 -32.18 -4.41
C THR G 8 -31.49 -30.84 -3.87
N PRO G 9 -31.54 -30.62 -2.53
CA PRO G 9 -31.37 -29.29 -1.96
C PRO G 9 -29.90 -28.88 -2.01
N TRP G 10 -29.61 -27.63 -2.31
CA TRP G 10 -28.25 -27.05 -2.14
C TRP G 10 -27.25 -27.72 -3.07
N LYS G 11 -27.60 -27.89 -4.34
CA LYS G 11 -26.79 -28.59 -5.37
C LYS G 11 -26.20 -27.53 -6.30
N LYS G 12 -24.88 -27.51 -6.46
CA LYS G 12 -24.23 -26.65 -7.48
C LYS G 12 -24.58 -27.20 -8.86
N LEU G 13 -24.57 -26.35 -9.88
CA LEU G 13 -24.84 -26.72 -11.30
C LEU G 13 -23.57 -27.32 -11.92
N ASN G 14 -22.38 -26.83 -11.51
CA ASN G 14 -21.06 -27.31 -11.97
C ASN G 14 -20.99 -27.24 -13.50
N ALA G 15 -21.65 -26.25 -14.10
CA ALA G 15 -21.79 -26.07 -15.57
C ALA G 15 -22.29 -24.65 -15.85
N PRO G 16 -21.89 -24.04 -16.99
CA PRO G 16 -22.57 -22.85 -17.48
C PRO G 16 -24.07 -23.11 -17.69
N VAL G 17 -24.86 -22.09 -17.39
CA VAL G 17 -26.31 -22.11 -17.69
C VAL G 17 -26.42 -22.22 -19.20
N SER G 18 -27.22 -23.16 -19.70
CA SER G 18 -27.41 -23.40 -21.15
C SER G 18 -28.02 -22.16 -21.82
N GLU G 19 -27.63 -21.90 -23.07
CA GLU G 19 -28.19 -20.86 -23.96
C GLU G 19 -29.66 -21.15 -24.22
N GLU G 20 -30.08 -22.41 -24.25
CA GLU G 20 -31.49 -22.78 -24.48
C GLU G 20 -32.34 -22.34 -23.28
N ALA G 21 -31.85 -22.57 -22.08
CA ALA G 21 -32.56 -22.15 -20.86
C ALA G 21 -32.75 -20.62 -20.91
N LEU G 22 -31.72 -19.85 -21.26
CA LEU G 22 -31.84 -18.35 -21.26
C LEU G 22 -32.85 -17.86 -22.33
N GLU G 23 -32.95 -18.56 -23.46
CA GLU G 23 -33.96 -18.30 -24.51
C GLU G 23 -35.34 -18.51 -23.90
N GLY G 24 -35.53 -19.59 -23.14
CA GLY G 24 -36.79 -19.85 -22.41
C GLY G 24 -37.13 -18.75 -21.41
N VAL G 25 -36.18 -18.36 -20.56
CA VAL G 25 -36.40 -17.29 -19.56
C VAL G 25 -36.89 -16.05 -20.31
N ASP G 26 -36.29 -15.78 -21.48
CA ASP G 26 -36.61 -14.53 -22.23
C ASP G 26 -38.03 -14.61 -22.77
N LYS G 27 -38.39 -15.76 -23.33
CA LYS G 27 -39.78 -16.03 -23.78
C LYS G 27 -40.75 -15.98 -22.60
N TYR G 28 -40.36 -16.55 -21.46
CA TYR G 28 -41.16 -16.53 -20.20
C TYR G 28 -41.42 -15.07 -19.83
N TRP G 29 -40.35 -14.30 -19.74
CA TRP G 29 -40.44 -12.88 -19.29
C TRP G 29 -41.46 -12.16 -20.18
N ARG G 30 -41.32 -12.34 -21.48
CA ARG G 30 -42.15 -11.65 -22.49
C ARG G 30 -43.61 -12.08 -22.42
N VAL G 31 -43.91 -13.37 -22.30
CA VAL G 31 -45.34 -13.83 -22.18
C VAL G 31 -45.91 -13.44 -20.82
N ALA G 32 -45.12 -13.56 -19.75
CA ALA G 32 -45.56 -13.14 -18.40
C ALA G 32 -45.97 -11.66 -18.49
N ASN G 33 -45.25 -10.84 -19.26
CA ASN G 33 -45.51 -9.38 -19.38
C ASN G 33 -46.78 -9.18 -20.22
N TYR G 34 -46.93 -9.97 -21.27
CA TYR G 34 -48.13 -9.95 -22.12
C TYR G 34 -49.33 -10.34 -21.28
N LEU G 35 -49.26 -11.46 -20.55
CA LEU G 35 -50.36 -11.92 -19.64
C LEU G 35 -50.64 -10.88 -18.56
N SER G 36 -49.61 -10.17 -18.07
CA SER G 36 -49.76 -9.15 -17.01
C SER G 36 -50.52 -7.94 -17.57
N ILE G 37 -50.11 -7.41 -18.71
CA ILE G 37 -50.79 -6.26 -19.39
C ILE G 37 -52.22 -6.69 -19.74
N GLY G 38 -52.38 -7.92 -20.23
CA GLY G 38 -53.71 -8.41 -20.63
C GLY G 38 -54.70 -8.32 -19.49
N GLN G 39 -54.30 -8.89 -18.36
CA GLN G 39 -55.10 -8.88 -17.10
C GLN G 39 -55.53 -7.44 -16.77
N ILE G 40 -54.68 -6.43 -16.95
CA ILE G 40 -55.02 -5.06 -16.48
C ILE G 40 -55.98 -4.44 -17.49
N TYR G 41 -55.73 -4.62 -18.78
CA TYR G 41 -56.38 -3.81 -19.86
C TYR G 41 -57.53 -4.50 -20.59
N LEU G 42 -57.52 -5.83 -20.76
CA LEU G 42 -58.36 -6.47 -21.80
C LEU G 42 -59.57 -7.21 -21.21
N ARG G 43 -60.77 -6.84 -21.65
CA ARG G 43 -62.03 -7.57 -21.33
C ARG G 43 -62.21 -8.69 -22.37
N SER G 44 -61.69 -8.54 -23.58
CA SER G 44 -61.90 -9.54 -24.66
C SER G 44 -60.76 -9.50 -25.66
N ASN G 45 -60.64 -10.55 -26.46
CA ASN G 45 -59.78 -10.53 -27.67
C ASN G 45 -58.35 -10.60 -27.19
N PRO G 46 -58.00 -11.59 -26.34
CA PRO G 46 -56.65 -11.69 -25.76
C PRO G 46 -55.52 -11.76 -26.80
N LEU G 47 -55.76 -12.32 -27.97
CA LEU G 47 -54.67 -12.48 -28.98
C LEU G 47 -54.78 -11.39 -30.05
N MET G 48 -55.53 -10.32 -29.82
CA MET G 48 -55.55 -9.12 -30.69
C MET G 48 -55.96 -9.49 -32.13
N LYS G 49 -56.87 -10.46 -32.31
CA LYS G 49 -57.43 -10.78 -33.64
C LYS G 49 -58.26 -9.59 -34.18
N GLU G 50 -58.10 -9.30 -35.47
CA GLU G 50 -58.79 -8.19 -36.18
C GLU G 50 -60.28 -8.48 -36.22
N PRO G 51 -61.15 -7.49 -35.97
CA PRO G 51 -60.71 -6.18 -35.50
C PRO G 51 -60.44 -6.10 -33.98
N PHE G 52 -59.32 -5.49 -33.60
CA PHE G 52 -58.96 -5.19 -32.18
C PHE G 52 -59.16 -3.69 -31.97
N THR G 53 -60.07 -3.32 -31.07
CA THR G 53 -60.55 -1.92 -30.92
C THR G 53 -60.59 -1.56 -29.43
N ARG G 54 -60.89 -0.31 -29.12
CA ARG G 54 -61.12 0.18 -27.72
C ARG G 54 -62.17 -0.69 -27.00
N GLU G 55 -63.07 -1.34 -27.72
CA GLU G 55 -64.18 -2.15 -27.16
C GLU G 55 -63.66 -3.44 -26.50
N ASP G 56 -62.43 -3.85 -26.83
CA ASP G 56 -61.76 -5.01 -26.21
C ASP G 56 -61.06 -4.61 -24.89
N VAL G 57 -60.99 -3.30 -24.61
CA VAL G 57 -60.33 -2.75 -23.40
C VAL G 57 -61.39 -2.63 -22.31
N LYS G 58 -61.01 -2.92 -21.06
CA LYS G 58 -61.83 -2.71 -19.82
C LYS G 58 -62.20 -1.23 -19.59
N HIS G 59 -63.39 -1.04 -19.06
CA HIS G 59 -63.99 0.29 -18.82
C HIS G 59 -63.22 1.04 -17.73
N ARG G 60 -62.79 0.32 -16.71
CA ARG G 60 -62.04 0.86 -15.56
C ARG G 60 -60.78 0.02 -15.47
N LEU G 61 -59.61 0.69 -15.49
CA LEU G 61 -58.28 0.04 -15.42
C LEU G 61 -57.87 -0.11 -13.96
N VAL G 62 -57.71 -1.34 -13.50
CA VAL G 62 -57.44 -1.69 -12.10
C VAL G 62 -56.25 -2.66 -12.08
N GLY G 63 -55.19 -2.28 -11.34
CA GLY G 63 -54.01 -3.11 -11.10
C GLY G 63 -52.72 -2.31 -11.21
N HIS G 64 -51.59 -2.98 -11.07
CA HIS G 64 -50.26 -2.31 -10.91
C HIS G 64 -49.26 -2.88 -11.92
N TRP G 65 -48.78 -2.03 -12.82
CA TRP G 65 -47.75 -2.40 -13.81
C TRP G 65 -46.33 -2.25 -13.22
N GLY G 66 -46.07 -1.15 -12.49
CA GLY G 66 -44.71 -0.64 -12.20
C GLY G 66 -43.76 -1.75 -11.75
N THR G 67 -44.15 -2.53 -10.75
CA THR G 67 -43.28 -3.57 -10.12
C THR G 67 -43.20 -4.81 -11.01
N THR G 68 -44.25 -5.04 -11.80
CA THR G 68 -44.61 -6.35 -12.40
C THR G 68 -43.54 -6.88 -13.35
N PRO G 69 -43.05 -6.12 -14.37
CA PRO G 69 -41.98 -6.58 -15.24
C PRO G 69 -40.69 -6.98 -14.51
N GLY G 70 -40.33 -6.19 -13.51
CA GLY G 70 -39.31 -6.56 -12.52
C GLY G 70 -39.57 -7.95 -11.99
N LEU G 71 -40.73 -8.17 -11.35
CA LEU G 71 -41.07 -9.51 -10.80
C LEU G 71 -41.03 -10.59 -11.89
N ASN G 72 -41.58 -10.32 -13.08
CA ASN G 72 -41.68 -11.35 -14.13
C ASN G 72 -40.25 -11.78 -14.46
N PHE G 73 -39.34 -10.84 -14.57
CA PHE G 73 -37.90 -11.12 -14.83
C PHE G 73 -37.38 -12.09 -13.75
N LEU G 74 -37.58 -11.76 -12.47
CA LEU G 74 -36.94 -12.52 -11.36
C LEU G 74 -37.52 -13.93 -11.34
N ILE G 75 -38.86 -14.01 -11.40
CA ILE G 75 -39.59 -15.29 -11.26
C ILE G 75 -39.16 -16.23 -12.40
N GLY G 76 -38.95 -15.67 -13.59
CA GLY G 76 -38.50 -16.44 -14.76
C GLY G 76 -37.13 -17.04 -14.52
N HIS G 77 -36.22 -16.27 -13.95
CA HIS G 77 -34.84 -16.74 -13.62
C HIS G 77 -34.91 -17.73 -12.47
N ILE G 78 -35.81 -17.53 -11.50
CA ILE G 78 -35.96 -18.49 -10.38
C ILE G 78 -36.54 -19.81 -10.94
N ASN G 79 -37.54 -19.73 -11.82
CA ASN G 79 -38.11 -20.95 -12.44
C ASN G 79 -36.96 -21.73 -13.10
N ARG G 80 -36.15 -21.07 -13.93
CA ARG G 80 -34.99 -21.72 -14.61
C ARG G 80 -34.14 -22.46 -13.58
N PHE G 81 -33.78 -21.78 -12.50
CA PHE G 81 -32.92 -22.25 -11.40
C PHE G 81 -33.55 -23.48 -10.73
N ILE G 82 -34.81 -23.34 -10.27
CA ILE G 82 -35.58 -24.46 -9.63
C ILE G 82 -35.43 -25.72 -10.51
N ALA G 83 -35.66 -25.58 -11.82
CA ALA G 83 -35.68 -26.72 -12.75
C ALA G 83 -34.30 -27.37 -12.74
N ASP G 84 -33.25 -26.56 -12.93
CA ASP G 84 -31.87 -27.05 -13.22
C ASP G 84 -31.23 -27.70 -12.00
N HIS G 85 -31.60 -27.22 -10.81
CA HIS G 85 -31.02 -27.62 -9.49
C HIS G 85 -31.95 -28.59 -8.74
N GLY G 86 -33.22 -28.68 -9.16
CA GLY G 86 -34.24 -29.40 -8.40
C GLY G 86 -34.32 -28.86 -6.98
N GLN G 87 -34.35 -27.53 -6.83
CA GLN G 87 -34.33 -26.85 -5.51
C GLN G 87 -35.74 -26.53 -5.01
N ASN G 88 -36.05 -27.04 -3.81
CA ASN G 88 -37.25 -26.75 -3.00
C ASN G 88 -37.23 -25.25 -2.73
N THR G 89 -38.18 -24.52 -3.32
CA THR G 89 -38.22 -23.03 -3.40
C THR G 89 -39.66 -22.52 -3.21
N VAL G 90 -39.82 -21.50 -2.36
CA VAL G 90 -41.04 -20.70 -2.05
C VAL G 90 -40.63 -19.23 -2.18
N ILE G 91 -41.34 -18.42 -2.95
CA ILE G 91 -40.99 -16.98 -3.10
C ILE G 91 -41.86 -16.20 -2.11
N ILE G 92 -41.38 -15.03 -1.68
CA ILE G 92 -42.18 -13.99 -0.99
C ILE G 92 -42.22 -12.79 -1.94
N MET G 93 -43.42 -12.43 -2.37
CA MET G 93 -43.62 -11.29 -3.25
C MET G 93 -43.93 -10.10 -2.34
N GLY G 94 -42.90 -9.46 -1.84
CA GLY G 94 -43.04 -8.23 -1.05
C GLY G 94 -44.00 -7.25 -1.72
N PRO G 95 -43.73 -6.82 -2.97
CA PRO G 95 -44.65 -5.90 -3.64
C PRO G 95 -45.81 -6.78 -4.11
N GLY G 96 -46.70 -7.17 -3.19
CA GLY G 96 -47.87 -8.01 -3.48
C GLY G 96 -48.84 -7.34 -4.45
N HIS G 97 -48.69 -6.03 -4.73
CA HIS G 97 -49.51 -5.31 -5.75
C HIS G 97 -49.15 -5.78 -7.17
N GLY G 98 -48.01 -6.45 -7.33
CA GLY G 98 -47.59 -7.15 -8.57
C GLY G 98 -48.34 -8.44 -8.80
N GLY G 99 -49.61 -8.50 -8.41
CA GLY G 99 -50.46 -9.71 -8.50
C GLY G 99 -50.42 -10.36 -9.87
N PRO G 100 -50.47 -9.58 -10.96
CA PRO G 100 -50.38 -10.16 -12.30
C PRO G 100 -49.18 -11.10 -12.52
N ALA G 101 -48.04 -10.81 -11.91
CA ALA G 101 -46.84 -11.65 -12.04
C ALA G 101 -47.09 -13.02 -11.39
N GLY G 102 -47.94 -13.04 -10.37
CA GLY G 102 -48.22 -14.24 -9.54
C GLY G 102 -49.21 -15.16 -10.21
N THR G 103 -50.26 -14.59 -10.76
CA THR G 103 -51.30 -15.31 -11.53
C THR G 103 -50.65 -15.84 -12.82
N SER G 104 -49.93 -14.96 -13.52
CA SER G 104 -49.19 -15.32 -14.74
C SER G 104 -48.30 -16.53 -14.43
N GLN G 105 -47.67 -16.57 -13.26
CA GLN G 105 -46.73 -17.65 -12.93
C GLN G 105 -47.50 -18.97 -12.85
N SER G 106 -48.66 -18.97 -12.17
CA SER G 106 -49.50 -20.18 -11.94
C SER G 106 -50.15 -20.62 -13.26
N TYR G 107 -50.63 -19.67 -14.07
CA TYR G 107 -51.14 -19.97 -15.44
C TYR G 107 -50.03 -20.69 -16.20
N LEU G 108 -48.79 -20.20 -16.12
CA LEU G 108 -47.65 -20.68 -16.94
C LEU G 108 -47.06 -22.00 -16.41
N ASP G 109 -47.05 -22.24 -15.10
CA ASP G 109 -46.47 -23.51 -14.56
C ASP G 109 -47.54 -24.61 -14.57
N GLY G 110 -48.78 -24.27 -14.89
CA GLY G 110 -49.85 -25.25 -15.16
C GLY G 110 -50.73 -25.48 -13.94
N THR G 111 -50.38 -24.88 -12.81
CA THR G 111 -51.10 -25.08 -11.53
C THR G 111 -52.43 -24.34 -11.61
N TYR G 112 -52.47 -23.23 -12.34
CA TYR G 112 -53.71 -22.41 -12.38
C TYR G 112 -54.85 -23.26 -12.99
N THR G 113 -54.56 -24.02 -14.03
CA THR G 113 -55.57 -24.81 -14.79
C THR G 113 -55.91 -26.08 -13.98
N GLU G 114 -54.93 -26.70 -13.30
CA GLU G 114 -55.18 -27.83 -12.38
C GLU G 114 -56.19 -27.43 -11.29
N THR G 115 -56.12 -26.19 -10.82
CA THR G 115 -56.84 -25.73 -9.61
C THR G 115 -58.16 -25.09 -10.00
N PHE G 116 -58.19 -24.41 -11.15
CA PHE G 116 -59.35 -23.68 -11.71
C PHE G 116 -59.59 -24.17 -13.13
N PRO G 117 -60.30 -25.31 -13.31
CA PRO G 117 -60.32 -26.01 -14.60
C PRO G 117 -61.01 -25.26 -15.76
N LYS G 118 -61.87 -24.28 -15.46
CA LYS G 118 -62.53 -23.45 -16.50
C LYS G 118 -61.51 -22.53 -17.19
N ILE G 119 -60.38 -22.25 -16.54
CA ILE G 119 -59.29 -21.37 -17.08
C ILE G 119 -58.29 -22.24 -17.86
N THR G 120 -58.70 -22.60 -19.06
CA THR G 120 -58.04 -23.56 -19.97
C THR G 120 -56.81 -22.92 -20.62
N LYS G 121 -55.89 -23.78 -21.08
CA LYS G 121 -54.66 -23.39 -21.80
C LYS G 121 -55.01 -23.24 -23.28
N ASP G 122 -55.86 -22.28 -23.62
CA ASP G 122 -56.31 -22.02 -25.01
C ASP G 122 -56.86 -20.59 -25.06
N GLU G 123 -57.43 -20.18 -26.19
CA GLU G 123 -57.78 -18.75 -26.35
C GLU G 123 -58.94 -18.39 -25.40
N ALA G 124 -59.89 -19.28 -25.20
CA ALA G 124 -61.09 -18.94 -24.42
C ALA G 124 -60.69 -18.88 -22.94
N GLY G 125 -59.85 -19.82 -22.49
CA GLY G 125 -59.19 -19.72 -21.16
C GLY G 125 -58.46 -18.39 -21.05
N LEU G 126 -57.62 -18.07 -22.02
CA LEU G 126 -56.89 -16.78 -22.05
C LEU G 126 -57.87 -15.64 -21.80
N GLN G 127 -58.98 -15.63 -22.51
CA GLN G 127 -59.96 -14.52 -22.49
C GLN G 127 -60.52 -14.38 -21.08
N LYS G 128 -60.79 -15.51 -20.41
CA LYS G 128 -61.39 -15.53 -19.04
C LYS G 128 -60.35 -15.12 -18.00
N PHE G 129 -59.12 -15.59 -18.15
CA PHE G 129 -57.95 -15.18 -17.33
C PHE G 129 -57.77 -13.66 -17.35
N PHE G 130 -57.82 -13.00 -18.51
CA PHE G 130 -57.64 -11.52 -18.59
C PHE G 130 -58.82 -10.85 -17.93
N ARG G 131 -60.02 -11.33 -18.24
CA ARG G 131 -61.24 -10.64 -17.78
C ARG G 131 -61.32 -10.70 -16.25
N GLN G 132 -61.03 -11.86 -15.64
CA GLN G 132 -61.35 -12.10 -14.22
C GLN G 132 -60.46 -11.21 -13.34
N PHE G 133 -59.35 -10.68 -13.87
CA PHE G 133 -58.36 -9.99 -13.02
C PHE G 133 -58.97 -8.68 -12.48
N SER G 134 -59.09 -8.56 -11.17
CA SER G 134 -59.56 -7.34 -10.47
C SER G 134 -60.93 -6.94 -10.97
N TYR G 135 -61.75 -7.92 -11.30
CA TYR G 135 -63.05 -7.73 -12.02
C TYR G 135 -64.16 -8.26 -11.12
N PRO G 136 -65.35 -7.63 -11.07
CA PRO G 136 -66.44 -8.17 -10.26
C PRO G 136 -66.68 -9.64 -10.59
N GLY G 137 -66.71 -10.51 -9.57
CA GLY G 137 -66.90 -11.96 -9.70
C GLY G 137 -65.60 -12.68 -9.99
N GLY G 138 -64.54 -11.94 -10.24
CA GLY G 138 -63.22 -12.50 -10.59
C GLY G 138 -62.32 -12.72 -9.38
N ILE G 139 -61.02 -12.46 -9.53
CA ILE G 139 -59.96 -12.75 -8.51
C ILE G 139 -59.35 -11.42 -8.08
N PRO G 140 -58.63 -11.34 -6.93
CA PRO G 140 -58.10 -10.07 -6.45
C PRO G 140 -56.93 -9.48 -7.27
N SER G 141 -56.54 -8.23 -6.97
CA SER G 141 -55.45 -7.49 -7.68
C SER G 141 -54.08 -7.83 -7.08
N HIS G 142 -54.02 -8.53 -5.95
CA HIS G 142 -52.77 -8.80 -5.22
C HIS G 142 -52.48 -10.28 -5.31
N PHE G 143 -51.34 -10.72 -4.77
CA PHE G 143 -50.89 -12.13 -4.77
C PHE G 143 -51.65 -12.82 -3.63
N ALA G 144 -52.97 -12.89 -3.82
CA ALA G 144 -53.96 -13.26 -2.80
C ALA G 144 -53.81 -14.75 -2.50
N PRO G 145 -54.41 -15.23 -1.39
CA PRO G 145 -54.42 -16.67 -1.10
C PRO G 145 -55.19 -17.46 -2.17
N GLU G 146 -56.00 -16.79 -3.02
CA GLU G 146 -56.71 -17.45 -4.16
C GLU G 146 -55.72 -17.91 -5.23
N THR G 147 -54.43 -17.53 -5.12
CA THR G 147 -53.38 -17.82 -6.11
C THR G 147 -52.52 -18.97 -5.62
N PRO G 148 -52.34 -20.05 -6.40
CA PRO G 148 -51.32 -21.03 -6.07
C PRO G 148 -49.93 -20.39 -6.08
N GLY G 149 -49.13 -20.73 -5.05
CA GLY G 149 -47.77 -20.23 -4.82
C GLY G 149 -47.69 -19.12 -3.78
N SER G 150 -48.82 -18.57 -3.31
CA SER G 150 -48.81 -17.45 -2.33
C SER G 150 -48.90 -18.01 -0.92
N ILE G 151 -47.97 -17.60 -0.03
CA ILE G 151 -48.15 -17.66 1.45
C ILE G 151 -48.14 -16.23 1.98
N HIS G 152 -48.22 -15.23 1.09
CA HIS G 152 -48.01 -13.79 1.45
C HIS G 152 -48.53 -12.91 0.32
N GLU G 153 -49.45 -12.01 0.63
CA GLU G 153 -50.26 -11.24 -0.31
C GLU G 153 -49.61 -9.87 -0.56
N GLY G 154 -48.82 -9.37 0.38
CA GLY G 154 -48.12 -8.08 0.22
C GLY G 154 -49.05 -6.92 -0.14
N GLY G 155 -50.24 -6.90 0.43
CA GLY G 155 -51.12 -5.72 0.36
C GLY G 155 -50.76 -4.76 1.46
N GLU G 156 -50.64 -5.27 2.70
CA GLU G 156 -50.01 -4.47 3.78
C GLU G 156 -48.53 -4.78 3.77
N LEU G 157 -47.72 -3.79 3.40
CA LEU G 157 -46.27 -3.96 3.23
C LEU G 157 -45.58 -3.97 4.58
N GLY G 158 -44.49 -4.73 4.70
CA GLY G 158 -43.54 -4.66 5.81
C GLY G 158 -43.04 -6.04 6.24
N TYR G 159 -43.79 -7.10 5.89
CA TYR G 159 -43.71 -8.42 6.54
C TYR G 159 -43.06 -9.45 5.61
N ALA G 160 -42.47 -8.99 4.51
CA ALA G 160 -41.72 -9.83 3.55
C ALA G 160 -40.71 -10.69 4.30
N LEU G 161 -39.93 -10.06 5.18
CA LEU G 161 -38.73 -10.72 5.76
C LEU G 161 -39.14 -11.57 6.98
N SER G 162 -40.03 -11.10 7.86
CA SER G 162 -40.58 -11.96 8.93
C SER G 162 -41.04 -13.27 8.30
N HIS G 163 -41.93 -13.18 7.31
CA HIS G 163 -42.55 -14.37 6.69
C HIS G 163 -41.47 -15.24 6.08
N ALA G 164 -40.54 -14.63 5.34
CA ALA G 164 -39.43 -15.33 4.68
C ALA G 164 -38.68 -16.16 5.73
N TYR G 165 -38.32 -15.53 6.86
CA TYR G 165 -37.43 -16.16 7.87
C TYR G 165 -38.23 -17.20 8.69
N GLY G 166 -39.49 -16.90 8.98
CA GLY G 166 -40.40 -17.89 9.60
C GLY G 166 -40.42 -19.19 8.82
N ALA G 167 -40.49 -19.11 7.49
CA ALA G 167 -40.75 -20.26 6.59
C ALA G 167 -39.57 -21.24 6.62
N ILE G 168 -38.35 -20.74 6.84
CA ILE G 168 -37.13 -21.57 6.70
C ILE G 168 -36.75 -22.14 8.06
N MET G 169 -37.37 -21.66 9.14
CA MET G 169 -37.18 -22.29 10.48
C MET G 169 -37.62 -23.76 10.43
N ASP G 170 -36.71 -24.65 10.85
CA ASP G 170 -36.94 -26.11 10.97
C ASP G 170 -37.18 -26.71 9.58
N ASN G 171 -36.60 -26.09 8.54
CA ASN G 171 -36.97 -26.36 7.13
C ASN G 171 -35.69 -26.36 6.30
N PRO G 172 -34.72 -27.23 6.64
CA PRO G 172 -33.35 -27.11 6.15
C PRO G 172 -33.11 -27.25 4.63
N SER G 173 -34.05 -27.82 3.88
CA SER G 173 -34.06 -27.92 2.38
C SER G 173 -34.81 -26.74 1.75
N LEU G 174 -35.44 -25.85 2.50
CA LEU G 174 -36.23 -24.75 1.87
C LEU G 174 -35.32 -23.55 1.61
N PHE G 175 -35.35 -23.06 0.38
CA PHE G 175 -34.68 -21.83 -0.08
C PHE G 175 -35.80 -20.84 -0.30
N VAL G 176 -35.68 -19.62 0.23
CA VAL G 176 -36.70 -18.57 0.03
C VAL G 176 -36.06 -17.31 -0.52
N PRO G 177 -36.22 -17.03 -1.84
CA PRO G 177 -35.99 -15.69 -2.36
C PRO G 177 -37.12 -14.80 -1.85
N ALA G 178 -36.80 -13.81 -1.02
CA ALA G 178 -37.75 -12.80 -0.52
C ALA G 178 -37.57 -11.52 -1.32
N ILE G 179 -38.58 -11.15 -2.07
CA ILE G 179 -38.49 -9.93 -2.90
C ILE G 179 -39.09 -8.79 -2.09
N VAL G 180 -38.24 -7.85 -1.73
CA VAL G 180 -38.55 -6.66 -0.90
C VAL G 180 -38.69 -5.43 -1.84
N GLY G 181 -39.80 -4.72 -1.76
CA GLY G 181 -39.93 -3.42 -2.41
C GLY G 181 -38.96 -2.43 -1.81
N ASP G 182 -38.49 -1.46 -2.57
CA ASP G 182 -37.51 -0.50 -2.04
C ASP G 182 -38.32 0.52 -1.19
N GLY G 183 -39.60 0.68 -1.50
CA GLY G 183 -40.54 1.47 -0.69
C GLY G 183 -40.89 0.72 0.58
N GLU G 184 -41.26 -0.54 0.40
CA GLU G 184 -41.51 -1.47 1.53
C GLU G 184 -40.35 -1.32 2.52
N ALA G 185 -39.10 -1.25 2.07
CA ALA G 185 -37.88 -1.21 2.90
C ALA G 185 -37.85 0.02 3.81
N GLU G 186 -38.65 1.04 3.52
CA GLU G 186 -38.78 2.27 4.36
C GLU G 186 -39.71 2.03 5.54
N THR G 187 -40.43 0.91 5.57
CA THR G 187 -41.34 0.57 6.70
C THR G 187 -40.55 0.06 7.90
N GLY G 188 -41.05 0.32 9.11
CA GLY G 188 -40.49 -0.17 10.39
C GLY G 188 -40.33 -1.68 10.41
N PRO G 189 -41.41 -2.46 10.21
CA PRO G 189 -41.29 -3.91 10.24
C PRO G 189 -40.23 -4.46 9.27
N LEU G 190 -40.03 -3.84 8.09
CA LEU G 190 -39.05 -4.42 7.15
C LEU G 190 -37.67 -4.10 7.69
N ALA G 191 -37.49 -2.86 8.13
CA ALA G 191 -36.16 -2.37 8.55
C ALA G 191 -35.60 -3.36 9.56
N THR G 192 -36.41 -3.86 10.50
CA THR G 192 -35.89 -4.77 11.55
C THR G 192 -35.81 -6.19 11.00
N GLY G 193 -36.66 -6.52 10.03
CA GLY G 193 -36.67 -7.83 9.33
C GLY G 193 -35.28 -8.25 8.89
N TRP G 194 -34.45 -7.29 8.47
CA TRP G 194 -33.08 -7.53 7.98
C TRP G 194 -32.29 -8.31 9.05
N GLN G 195 -32.47 -8.02 10.35
CA GLN G 195 -31.58 -8.55 11.45
C GLN G 195 -31.88 -10.02 11.80
N SER G 196 -32.94 -10.60 11.23
CA SER G 196 -33.38 -12.01 11.46
C SER G 196 -32.22 -13.01 11.27
N ASN G 197 -31.15 -12.59 10.60
CA ASN G 197 -30.05 -13.51 10.25
C ASN G 197 -29.22 -13.86 11.51
N LYS G 198 -29.31 -13.13 12.64
CA LYS G 198 -28.61 -13.63 13.88
C LYS G 198 -29.52 -14.59 14.66
N LEU G 199 -30.69 -14.98 14.11
CA LEU G 199 -31.69 -15.82 14.83
C LEU G 199 -32.04 -17.09 14.06
N VAL G 200 -31.25 -17.48 13.05
CA VAL G 200 -31.45 -18.72 12.24
C VAL G 200 -30.12 -19.43 12.17
N ASN G 201 -30.15 -20.74 11.97
CA ASN G 201 -28.93 -21.57 11.89
C ASN G 201 -28.87 -22.17 10.49
N PRO G 202 -27.74 -22.05 9.78
CA PRO G 202 -27.67 -22.60 8.44
C PRO G 202 -27.67 -24.14 8.34
N ARG G 203 -27.69 -24.88 9.46
CA ARG G 203 -27.73 -26.37 9.41
C ARG G 203 -29.15 -26.86 9.73
N THR G 204 -29.80 -26.31 10.73
CA THR G 204 -31.12 -26.81 11.17
C THR G 204 -32.28 -26.04 10.51
N ASP G 205 -32.00 -24.81 10.06
CA ASP G 205 -32.93 -23.93 9.29
C ASP G 205 -32.49 -23.90 7.82
N GLY G 206 -33.35 -23.35 6.95
CA GLY G 206 -33.05 -23.16 5.53
C GLY G 206 -32.29 -21.86 5.29
N ILE G 207 -32.44 -21.29 4.09
CA ILE G 207 -31.74 -20.06 3.63
C ILE G 207 -32.78 -19.11 3.03
N VAL G 208 -32.85 -17.89 3.53
CA VAL G 208 -33.47 -16.75 2.83
C VAL G 208 -32.39 -16.02 2.03
N LEU G 209 -32.74 -15.66 0.80
CA LEU G 209 -32.01 -14.70 -0.05
C LEU G 209 -32.90 -13.47 -0.18
N PRO G 210 -32.63 -12.38 0.55
CA PRO G 210 -33.34 -11.12 0.31
C PRO G 210 -33.03 -10.58 -1.10
N ILE G 211 -34.05 -10.13 -1.82
CA ILE G 211 -33.85 -9.45 -3.12
C ILE G 211 -34.51 -8.09 -2.98
N LEU G 212 -33.71 -7.03 -2.88
CA LEU G 212 -34.22 -5.65 -2.82
C LEU G 212 -34.63 -5.24 -4.25
N HIS G 213 -35.92 -5.11 -4.49
CA HIS G 213 -36.46 -4.72 -5.81
C HIS G 213 -36.25 -3.21 -5.91
N LEU G 214 -35.01 -2.79 -6.15
CA LEU G 214 -34.60 -1.37 -6.17
C LEU G 214 -34.94 -0.75 -7.53
N ASN G 215 -36.21 -0.47 -7.77
CA ASN G 215 -36.71 0.09 -9.04
C ASN G 215 -36.79 1.63 -8.93
N GLY G 216 -36.25 2.20 -7.84
CA GLY G 216 -35.98 3.64 -7.70
C GLY G 216 -37.13 4.41 -7.08
N TYR G 217 -38.32 3.82 -6.94
CA TYR G 217 -39.60 4.58 -6.78
C TYR G 217 -40.60 3.78 -5.96
N LYS G 218 -41.46 4.50 -5.24
CA LYS G 218 -42.68 3.95 -4.60
C LYS G 218 -43.84 4.57 -5.40
N ILE G 219 -44.88 5.12 -4.79
CA ILE G 219 -46.07 5.54 -5.55
C ILE G 219 -45.73 6.81 -6.31
N ALA G 220 -45.35 7.86 -5.58
CA ALA G 220 -45.27 9.24 -6.08
C ALA G 220 -43.96 9.89 -5.57
N ASN G 221 -42.93 9.08 -5.38
CA ASN G 221 -41.67 9.54 -4.74
C ASN G 221 -40.57 8.56 -5.07
N PRO G 222 -39.29 9.02 -5.04
CA PRO G 222 -38.15 8.12 -5.08
C PRO G 222 -38.11 7.37 -3.75
N THR G 223 -37.29 6.32 -3.69
CA THR G 223 -37.00 5.58 -2.45
C THR G 223 -35.62 5.97 -1.90
N ILE G 224 -35.54 6.04 -0.57
CA ILE G 224 -34.31 6.44 0.18
C ILE G 224 -33.15 5.56 -0.24
N LEU G 225 -33.34 4.25 -0.35
CA LEU G 225 -32.19 3.34 -0.59
C LEU G 225 -31.68 3.50 -2.03
N SER G 226 -32.49 4.01 -2.95
CA SER G 226 -32.09 4.19 -4.38
C SER G 226 -31.41 5.53 -4.56
N ARG G 227 -31.61 6.52 -3.69
CA ARG G 227 -31.03 7.88 -3.83
C ARG G 227 -29.90 8.17 -2.81
N ILE G 228 -29.34 7.16 -2.16
CA ILE G 228 -28.14 7.29 -1.30
C ILE G 228 -26.96 6.71 -2.07
N SER G 229 -25.73 7.03 -1.65
CA SER G 229 -24.51 6.53 -2.33
C SER G 229 -24.61 5.01 -2.34
N ASP G 230 -24.11 4.39 -3.40
CA ASP G 230 -24.01 2.92 -3.51
C ASP G 230 -23.09 2.41 -2.36
N GLU G 231 -22.08 3.17 -1.96
CA GLU G 231 -21.11 2.70 -0.94
C GLU G 231 -21.89 2.58 0.37
N GLU G 232 -22.74 3.57 0.65
CA GLU G 232 -23.62 3.51 1.84
C GLU G 232 -24.48 2.23 1.80
N LEU G 233 -25.11 1.99 0.67
CA LEU G 233 -26.10 0.90 0.55
C LEU G 233 -25.39 -0.43 0.84
N HIS G 234 -24.20 -0.66 0.31
CA HIS G 234 -23.43 -1.92 0.53
C HIS G 234 -23.00 -2.00 1.99
N GLU G 235 -22.53 -0.90 2.57
CA GLU G 235 -22.11 -0.83 3.99
C GLU G 235 -23.30 -1.24 4.86
N PHE G 236 -24.45 -0.67 4.60
CA PHE G 236 -25.70 -0.94 5.33
C PHE G 236 -25.91 -2.45 5.42
N PHE G 237 -25.83 -3.13 4.28
CA PHE G 237 -26.18 -4.57 4.18
C PHE G 237 -25.02 -5.41 4.73
N HIS G 238 -23.79 -4.94 4.58
CA HIS G 238 -22.64 -5.70 5.13
C HIS G 238 -22.72 -5.62 6.66
N GLY G 239 -23.18 -4.50 7.20
CA GLY G 239 -23.29 -4.27 8.66
C GLY G 239 -24.40 -5.12 9.28
N MET G 240 -25.36 -5.58 8.48
CA MET G 240 -26.53 -6.37 8.95
C MET G 240 -26.26 -7.85 8.69
N GLY G 241 -25.06 -8.19 8.22
CA GLY G 241 -24.57 -9.57 8.16
C GLY G 241 -24.77 -10.21 6.79
N TYR G 242 -24.96 -9.39 5.75
CA TYR G 242 -25.09 -9.87 4.34
C TYR G 242 -23.84 -9.56 3.53
N GLU G 243 -23.55 -10.43 2.57
CA GLU G 243 -22.64 -10.19 1.43
C GLU G 243 -23.55 -9.58 0.36
N PRO G 244 -23.55 -8.24 0.18
CA PRO G 244 -24.37 -7.62 -0.85
C PRO G 244 -23.74 -7.77 -2.23
N TYR G 245 -24.52 -8.29 -3.19
CA TYR G 245 -24.27 -8.28 -4.65
C TYR G 245 -25.24 -7.33 -5.33
N GLU G 246 -24.80 -6.65 -6.37
CA GLU G 246 -25.66 -5.67 -7.06
C GLU G 246 -25.78 -6.01 -8.52
N PHE G 247 -26.98 -5.98 -9.06
CA PHE G 247 -27.27 -6.23 -10.49
C PHE G 247 -27.97 -4.98 -11.01
N VAL G 248 -27.39 -4.35 -12.03
CA VAL G 248 -27.99 -3.20 -12.75
C VAL G 248 -28.27 -3.61 -14.20
N ALA G 249 -29.46 -3.30 -14.70
CA ALA G 249 -29.87 -3.60 -16.07
C ALA G 249 -31.02 -2.70 -16.48
N GLY G 250 -31.12 -2.38 -17.78
CA GLY G 250 -32.32 -1.76 -18.38
C GLY G 250 -32.23 -0.25 -18.43
N PHE G 251 -31.09 0.34 -18.02
CA PHE G 251 -30.90 1.80 -18.08
C PHE G 251 -30.25 2.23 -19.40
N ASP G 252 -29.66 1.30 -20.13
CA ASP G 252 -29.03 1.52 -21.45
C ASP G 252 -29.73 0.63 -22.47
N ASP G 253 -29.09 0.37 -23.61
CA ASP G 253 -29.62 -0.39 -24.78
C ASP G 253 -29.09 -1.82 -24.76
N GLU G 254 -28.53 -2.28 -23.65
CA GLU G 254 -28.01 -3.66 -23.61
C GLU G 254 -29.17 -4.57 -24.02
N ASP G 255 -28.93 -5.50 -24.95
CA ASP G 255 -30.07 -6.35 -25.40
C ASP G 255 -30.38 -7.34 -24.26
N HIS G 256 -31.63 -7.81 -24.26
CA HIS G 256 -32.24 -8.67 -23.23
C HIS G 256 -31.37 -9.92 -23.09
N MET G 257 -30.91 -10.50 -24.18
CA MET G 257 -30.16 -11.77 -24.03
C MET G 257 -28.87 -11.50 -23.23
N SER G 258 -28.24 -10.35 -23.41
CA SER G 258 -26.97 -10.08 -22.69
C SER G 258 -27.30 -9.92 -21.19
N ILE G 259 -28.45 -9.30 -20.89
CA ILE G 259 -28.96 -9.09 -19.51
C ILE G 259 -29.23 -10.44 -18.84
N HIS G 260 -29.87 -11.39 -19.55
CA HIS G 260 -30.20 -12.69 -18.97
C HIS G 260 -28.89 -13.43 -18.64
N ARG G 261 -27.87 -13.36 -19.50
CA ARG G 261 -26.60 -14.13 -19.32
C ARG G 261 -25.87 -13.61 -18.07
N ARG G 262 -25.73 -12.27 -17.96
CA ARG G 262 -25.07 -11.64 -16.79
C ARG G 262 -25.81 -12.06 -15.53
N PHE G 263 -27.15 -12.00 -15.53
CA PHE G 263 -27.99 -12.32 -14.35
C PHE G 263 -27.79 -13.79 -13.96
N ALA G 264 -27.97 -14.69 -14.91
CA ALA G 264 -27.89 -16.14 -14.64
C ALA G 264 -26.49 -16.45 -14.10
N GLU G 265 -25.48 -15.74 -14.58
CA GLU G 265 -24.09 -15.93 -14.12
C GLU G 265 -24.03 -15.52 -12.65
N LEU G 266 -24.49 -14.30 -12.37
CA LEU G 266 -24.46 -13.73 -11.01
C LEU G 266 -25.25 -14.65 -10.09
N TRP G 267 -26.44 -15.02 -10.51
CA TRP G 267 -27.38 -15.84 -9.70
C TRP G 267 -26.70 -17.14 -9.26
N GLU G 268 -26.05 -17.83 -10.19
CA GLU G 268 -25.33 -19.10 -9.93
C GLU G 268 -24.16 -18.87 -8.97
N THR G 269 -23.37 -17.81 -9.16
CA THR G 269 -22.30 -17.36 -8.21
C THR G 269 -22.86 -17.22 -6.78
N ILE G 270 -24.02 -16.59 -6.65
CA ILE G 270 -24.68 -16.40 -5.33
C ILE G 270 -25.07 -17.76 -4.80
N TRP G 271 -25.61 -18.60 -5.67
CA TRP G 271 -26.05 -19.96 -5.30
C TRP G 271 -24.84 -20.79 -4.83
N ASP G 272 -23.71 -20.68 -5.51
CA ASP G 272 -22.46 -21.38 -5.11
C ASP G 272 -22.09 -20.98 -3.68
N GLU G 273 -22.22 -19.70 -3.33
CA GLU G 273 -21.88 -19.23 -1.96
C GLU G 273 -22.85 -19.91 -1.00
N ILE G 274 -24.15 -19.87 -1.30
CA ILE G 274 -25.22 -20.48 -0.48
C ILE G 274 -24.98 -22.01 -0.32
N CYS G 275 -24.56 -22.70 -1.37
CA CYS G 275 -24.29 -24.15 -1.28
C CYS G 275 -23.08 -24.36 -0.35
N ASP G 276 -22.07 -23.50 -0.50
CA ASP G 276 -20.83 -23.54 0.34
C ASP G 276 -21.22 -23.30 1.79
N ILE G 277 -22.18 -22.41 2.06
CA ILE G 277 -22.60 -22.06 3.45
C ILE G 277 -23.24 -23.31 4.06
N LYS G 278 -24.14 -23.94 3.29
CA LYS G 278 -24.88 -25.16 3.68
C LYS G 278 -23.93 -26.35 3.87
N ALA G 279 -22.97 -26.58 2.97
CA ALA G 279 -21.98 -27.66 3.16
C ALA G 279 -21.16 -27.38 4.44
N THR G 280 -20.59 -26.18 4.57
CA THR G 280 -19.75 -25.79 5.74
C THR G 280 -20.54 -26.05 7.01
N ALA G 281 -21.87 -25.88 7.01
CA ALA G 281 -22.71 -25.91 8.23
C ALA G 281 -22.89 -27.35 8.75
N GLN G 282 -22.72 -28.37 7.91
CA GLN G 282 -22.76 -29.79 8.34
C GLN G 282 -21.57 -30.07 9.30
N THR G 283 -20.45 -29.37 9.18
CA THR G 283 -19.29 -29.50 10.11
C THR G 283 -19.34 -28.47 11.23
N ASP G 284 -19.51 -27.19 10.87
CA ASP G 284 -19.42 -25.97 11.73
C ASP G 284 -20.69 -25.14 11.59
N ASN G 285 -21.50 -25.02 12.64
CA ASN G 285 -22.74 -24.23 12.64
C ASN G 285 -22.77 -23.33 13.89
N VAL G 286 -21.62 -23.05 14.50
CA VAL G 286 -21.55 -22.05 15.60
C VAL G 286 -21.12 -20.68 15.00
N HIS G 287 -20.28 -20.67 13.98
CA HIS G 287 -19.77 -19.44 13.29
C HIS G 287 -20.78 -18.98 12.25
N ARG G 288 -21.40 -17.83 12.48
CA ARG G 288 -22.44 -17.25 11.61
C ARG G 288 -21.81 -16.85 10.29
N PRO G 289 -22.28 -17.35 9.12
CA PRO G 289 -21.78 -16.84 7.84
C PRO G 289 -22.39 -15.48 7.49
N PHE G 290 -21.80 -14.78 6.54
CA PHE G 290 -22.44 -13.63 5.85
C PHE G 290 -23.33 -14.19 4.73
N TYR G 291 -24.65 -14.04 4.85
CA TYR G 291 -25.62 -14.52 3.83
C TYR G 291 -25.63 -13.51 2.69
N PRO G 292 -25.44 -13.98 1.42
CA PRO G 292 -25.62 -13.15 0.25
C PRO G 292 -26.99 -12.50 0.28
N MET G 293 -27.10 -11.27 -0.20
CA MET G 293 -28.40 -10.69 -0.58
C MET G 293 -28.17 -9.99 -1.91
N LEU G 294 -29.22 -9.75 -2.68
CA LEU G 294 -29.13 -9.25 -4.07
C LEU G 294 -29.84 -7.90 -4.13
N ILE G 295 -29.12 -6.86 -4.52
CA ILE G 295 -29.69 -5.52 -4.86
C ILE G 295 -29.97 -5.57 -6.34
N PHE G 296 -31.23 -5.49 -6.74
CA PHE G 296 -31.64 -5.70 -8.15
C PHE G 296 -32.10 -4.34 -8.62
N ARG G 297 -31.22 -3.56 -9.29
CA ARG G 297 -31.46 -2.15 -9.65
C ARG G 297 -31.91 -2.10 -11.12
N THR G 298 -33.20 -1.88 -11.36
CA THR G 298 -33.85 -1.92 -12.70
C THR G 298 -34.87 -0.79 -12.75
N PRO G 299 -35.27 -0.31 -13.93
CA PRO G 299 -36.18 0.83 -13.98
C PRO G 299 -37.63 0.41 -13.68
N LYS G 300 -38.35 1.21 -12.90
CA LYS G 300 -39.75 0.90 -12.61
C LYS G 300 -40.53 0.92 -13.95
N GLY G 301 -41.44 -0.05 -14.14
CA GLY G 301 -42.26 -0.21 -15.37
C GLY G 301 -41.44 -0.73 -16.55
N TRP G 302 -40.25 -1.29 -16.29
CA TRP G 302 -39.32 -1.83 -17.31
C TRP G 302 -40.10 -2.46 -18.46
N THR G 303 -39.90 -1.95 -19.69
CA THR G 303 -40.33 -2.46 -21.03
C THR G 303 -41.61 -1.75 -21.48
N CYS G 304 -42.22 -0.93 -20.65
CA CYS G 304 -43.42 -0.13 -21.02
C CYS G 304 -42.89 1.08 -21.79
N PRO G 305 -43.76 1.83 -22.47
CA PRO G 305 -43.30 2.94 -23.30
C PRO G 305 -42.48 3.89 -22.45
N LYS G 306 -41.34 4.33 -22.99
CA LYS G 306 -40.38 5.22 -22.28
C LYS G 306 -41.04 6.55 -21.91
N TYR G 307 -41.93 7.06 -22.75
CA TYR G 307 -42.59 8.38 -22.61
C TYR G 307 -44.03 8.26 -23.12
N ILE G 308 -45.01 8.78 -22.38
CA ILE G 308 -46.44 8.86 -22.77
C ILE G 308 -46.92 10.29 -22.49
N ASP G 309 -47.51 10.94 -23.48
CA ASP G 309 -47.92 12.37 -23.45
C ASP G 309 -46.78 13.22 -22.88
N GLY G 310 -45.55 13.01 -23.35
CA GLY G 310 -44.39 13.81 -22.94
C GLY G 310 -43.92 13.59 -21.50
N LYS G 311 -44.59 12.77 -20.70
CA LYS G 311 -44.20 12.52 -19.29
C LYS G 311 -43.36 11.24 -19.24
N LYS G 312 -42.19 11.31 -18.62
CA LYS G 312 -41.30 10.12 -18.43
C LYS G 312 -42.03 9.07 -17.59
N THR G 313 -42.02 7.81 -18.04
CA THR G 313 -42.92 6.74 -17.55
C THR G 313 -42.12 5.48 -17.17
N GLU G 314 -41.29 4.94 -18.04
CA GLU G 314 -40.30 3.91 -17.65
C GLU G 314 -39.27 4.61 -16.78
N GLY G 315 -38.87 4.00 -15.66
CA GLY G 315 -37.96 4.59 -14.67
C GLY G 315 -38.54 5.82 -14.00
N SER G 316 -39.84 5.78 -13.74
CA SER G 316 -40.56 6.82 -12.99
C SER G 316 -41.61 6.16 -12.11
N TRP G 317 -42.02 6.87 -11.08
CA TRP G 317 -43.18 6.59 -10.22
C TRP G 317 -44.46 6.62 -11.06
N ARG G 318 -44.49 7.40 -12.14
CA ARG G 318 -45.65 7.49 -13.07
C ARG G 318 -46.11 6.12 -13.55
N SER G 319 -45.24 5.10 -13.54
CA SER G 319 -45.57 3.75 -14.05
C SER G 319 -46.21 2.92 -12.93
N HIS G 320 -46.45 3.51 -11.75
CA HIS G 320 -46.71 2.72 -10.52
C HIS G 320 -48.00 1.91 -10.70
N GLN G 321 -49.10 2.56 -11.03
CA GLN G 321 -50.39 1.85 -11.28
C GLN G 321 -50.42 1.47 -12.75
N VAL G 322 -50.96 2.34 -13.61
CA VAL G 322 -50.85 2.12 -15.09
C VAL G 322 -50.12 3.29 -15.71
N PRO G 323 -49.16 3.02 -16.60
CA PRO G 323 -48.36 4.06 -17.24
C PRO G 323 -49.21 4.84 -18.25
N LEU G 324 -50.25 4.16 -18.74
CA LEU G 324 -51.21 4.69 -19.75
C LEU G 324 -52.60 4.65 -19.11
N ALA G 325 -53.16 5.84 -18.89
CA ALA G 325 -54.22 6.05 -17.89
C ALA G 325 -55.57 5.62 -18.45
N SER G 326 -55.82 5.86 -19.74
CA SER G 326 -56.97 5.36 -20.54
C SER G 326 -56.45 4.90 -21.89
N ALA G 327 -56.88 3.75 -22.40
CA ALA G 327 -56.68 3.30 -23.80
C ALA G 327 -57.99 3.42 -24.59
N ARG G 328 -58.99 4.09 -24.02
CA ARG G 328 -60.37 4.20 -24.60
C ARG G 328 -60.72 5.65 -24.95
N ASP G 329 -60.00 6.63 -24.44
CA ASP G 329 -60.48 8.03 -24.51
C ASP G 329 -60.12 8.63 -25.87
N THR G 330 -58.97 8.27 -26.43
CA THR G 330 -58.45 8.80 -27.73
C THR G 330 -57.88 7.62 -28.54
N GLU G 331 -57.90 7.76 -29.86
CA GLU G 331 -57.25 6.81 -30.79
C GLU G 331 -55.76 6.71 -30.42
N ALA G 332 -55.08 7.82 -30.21
CA ALA G 332 -53.62 7.84 -29.93
C ALA G 332 -53.34 6.98 -28.69
N HIS G 333 -54.20 7.02 -27.69
CA HIS G 333 -53.96 6.23 -26.44
C HIS G 333 -54.10 4.74 -26.74
N PHE G 334 -55.14 4.37 -27.49
CA PHE G 334 -55.35 2.97 -27.93
C PHE G 334 -54.12 2.51 -28.71
N GLU G 335 -53.60 3.32 -29.62
CA GLU G 335 -52.41 2.98 -30.46
C GLU G 335 -51.24 2.63 -29.54
N VAL G 336 -50.98 3.41 -28.50
CA VAL G 336 -49.86 3.16 -27.55
C VAL G 336 -50.05 1.77 -26.91
N LEU G 337 -51.27 1.39 -26.46
CA LEU G 337 -51.52 0.05 -25.87
C LEU G 337 -51.22 -1.05 -26.87
N LYS G 338 -51.73 -0.91 -28.10
CA LYS G 338 -51.51 -1.87 -29.22
C LYS G 338 -49.99 -2.07 -29.44
N ASN G 339 -49.25 -0.97 -29.69
CA ASN G 339 -47.79 -1.05 -29.96
C ASN G 339 -47.12 -1.71 -28.76
N TRP G 340 -47.57 -1.37 -27.55
CA TRP G 340 -46.97 -1.87 -26.30
C TRP G 340 -47.14 -3.39 -26.28
N LEU G 341 -48.38 -3.87 -26.44
CA LEU G 341 -48.65 -5.33 -26.44
C LEU G 341 -47.90 -5.97 -27.61
N GLU G 342 -47.72 -5.28 -28.73
CA GLU G 342 -47.09 -5.92 -29.93
C GLU G 342 -45.58 -6.11 -29.67
N SER G 343 -44.95 -5.22 -28.91
CA SER G 343 -43.49 -5.17 -28.70
C SER G 343 -42.97 -6.49 -28.10
N TYR G 344 -43.80 -7.31 -27.42
CA TYR G 344 -43.39 -8.61 -26.83
C TYR G 344 -43.45 -9.69 -27.88
N LYS G 345 -44.07 -9.34 -29.01
CA LYS G 345 -44.19 -10.23 -30.20
C LYS G 345 -44.99 -11.46 -29.79
N PRO G 346 -46.29 -11.32 -29.44
CA PRO G 346 -47.09 -12.47 -28.99
C PRO G 346 -47.27 -13.61 -30.00
N GLU G 347 -47.24 -13.28 -31.29
CA GLU G 347 -47.38 -14.22 -32.43
C GLU G 347 -46.25 -15.26 -32.37
N GLU G 348 -45.20 -15.05 -31.59
CA GLU G 348 -44.12 -16.04 -31.38
C GLU G 348 -44.37 -16.90 -30.14
N LEU G 349 -45.31 -16.51 -29.29
CA LEU G 349 -45.46 -17.04 -27.92
C LEU G 349 -46.68 -17.98 -27.84
N PHE G 350 -47.71 -17.71 -28.64
CA PHE G 350 -48.99 -18.46 -28.64
C PHE G 350 -49.15 -19.25 -29.94
N ASP G 351 -49.50 -20.54 -29.84
CA ASP G 351 -49.88 -21.36 -31.04
C ASP G 351 -51.28 -20.91 -31.52
N ALA G 352 -51.80 -21.51 -32.59
CA ALA G 352 -53.08 -21.13 -33.25
C ALA G 352 -54.28 -21.25 -32.30
N ASN G 353 -54.31 -22.28 -31.42
CA ASN G 353 -55.36 -22.50 -30.39
C ASN G 353 -55.35 -21.44 -29.28
N GLY G 354 -54.34 -20.57 -29.25
CA GLY G 354 -54.12 -19.59 -28.18
C GLY G 354 -53.40 -20.21 -26.98
N ALA G 355 -52.75 -21.37 -27.15
CA ALA G 355 -51.89 -22.00 -26.13
C ALA G 355 -50.47 -21.45 -26.21
N VAL G 356 -49.85 -21.22 -25.06
CA VAL G 356 -48.41 -20.90 -24.97
C VAL G 356 -47.67 -22.10 -25.58
N LYS G 357 -46.70 -21.83 -26.45
CA LYS G 357 -45.94 -22.86 -27.20
C LYS G 357 -45.03 -23.64 -26.26
N ASP G 358 -44.74 -24.90 -26.58
CA ASP G 358 -43.83 -25.79 -25.80
C ASP G 358 -42.46 -25.13 -25.58
N ASP G 359 -41.91 -24.43 -26.58
CA ASP G 359 -40.52 -23.86 -26.59
C ASP G 359 -40.39 -22.76 -25.53
N VAL G 360 -41.53 -22.20 -25.11
CA VAL G 360 -41.59 -21.13 -24.08
C VAL G 360 -41.43 -21.74 -22.69
N LEU G 361 -41.97 -22.95 -22.48
CA LEU G 361 -42.18 -23.54 -21.13
C LEU G 361 -41.29 -24.75 -20.89
N ALA G 362 -40.34 -25.05 -21.78
CA ALA G 362 -39.59 -26.32 -21.75
C ALA G 362 -38.58 -26.27 -20.60
N PHE G 363 -38.09 -25.08 -20.24
CA PHE G 363 -37.10 -24.91 -19.14
C PHE G 363 -37.76 -25.00 -17.75
N MET G 364 -39.10 -24.94 -17.67
CA MET G 364 -39.86 -24.79 -16.39
C MET G 364 -39.75 -26.03 -15.51
N PRO G 365 -39.87 -25.88 -14.18
CA PRO G 365 -39.90 -27.04 -13.28
C PRO G 365 -41.18 -27.86 -13.49
N LYS G 366 -41.11 -29.14 -13.11
CA LYS G 366 -42.25 -30.10 -13.19
C LYS G 366 -42.63 -30.49 -11.77
N GLY G 367 -43.91 -30.78 -11.58
CA GLY G 367 -44.42 -31.48 -10.41
C GLY G 367 -44.36 -30.57 -9.21
N GLU G 368 -43.77 -31.07 -8.13
CA GLU G 368 -43.86 -30.51 -6.77
C GLU G 368 -42.88 -29.32 -6.68
N LEU G 369 -41.82 -29.31 -7.50
CA LEU G 369 -40.82 -28.20 -7.53
C LEU G 369 -41.45 -26.91 -8.06
N ARG G 370 -42.53 -26.99 -8.86
CA ARG G 370 -43.25 -25.80 -9.39
C ARG G 370 -43.65 -24.89 -8.23
N ILE G 371 -43.40 -23.60 -8.37
CA ILE G 371 -43.73 -22.55 -7.37
C ILE G 371 -45.19 -22.75 -6.96
N GLY G 372 -46.05 -23.08 -7.93
CA GLY G 372 -47.50 -23.22 -7.72
C GLY G 372 -47.90 -24.48 -6.97
N ALA G 373 -47.09 -25.53 -7.03
CA ALA G 373 -47.43 -26.88 -6.53
C ALA G 373 -46.80 -27.15 -5.16
N ASN G 374 -45.69 -26.48 -4.83
CA ASN G 374 -44.86 -26.77 -3.63
C ASN G 374 -45.76 -26.91 -2.40
N PRO G 375 -45.72 -28.04 -1.67
CA PRO G 375 -46.58 -28.21 -0.51
C PRO G 375 -46.28 -27.13 0.53
N ASN G 376 -45.07 -26.56 0.53
CA ASN G 376 -44.74 -25.47 1.50
C ASN G 376 -45.63 -24.25 1.24
N ALA G 377 -46.24 -24.08 0.06
CA ALA G 377 -47.12 -22.93 -0.24
C ALA G 377 -48.59 -23.29 -0.01
N ASN G 378 -48.82 -24.51 0.48
CA ASN G 378 -50.16 -25.04 0.86
C ASN G 378 -49.96 -25.92 2.11
N GLY G 379 -49.47 -25.28 3.17
CA GLY G 379 -48.89 -25.91 4.36
C GLY G 379 -49.82 -26.92 5.02
N GLY G 380 -51.14 -26.71 4.97
CA GLY G 380 -52.12 -27.73 5.40
C GLY G 380 -51.76 -29.13 4.92
N VAL G 381 -51.21 -29.28 3.72
CA VAL G 381 -50.93 -30.63 3.14
C VAL G 381 -49.86 -31.31 3.98
N ILE G 382 -48.99 -30.51 4.64
CA ILE G 382 -47.80 -30.94 5.42
C ILE G 382 -48.20 -31.11 6.90
N ARG G 383 -48.96 -30.14 7.41
CA ARG G 383 -49.48 -30.13 8.80
C ARG G 383 -49.89 -31.55 9.23
N ASN G 384 -49.25 -32.05 10.29
CA ASN G 384 -49.71 -33.20 11.10
C ASN G 384 -50.28 -32.62 12.40
N ASP G 385 -51.36 -33.20 12.88
CA ASP G 385 -51.86 -33.12 14.29
C ASP G 385 -50.68 -33.29 15.26
N LEU G 386 -50.55 -32.38 16.23
CA LEU G 386 -49.59 -32.49 17.34
C LEU G 386 -49.90 -33.74 18.18
N LYS G 387 -48.90 -34.57 18.47
CA LYS G 387 -48.97 -35.60 19.54
C LYS G 387 -48.98 -34.86 20.88
N LEU G 388 -50.16 -34.64 21.48
CA LEU G 388 -50.36 -33.88 22.75
C LEU G 388 -50.18 -34.81 23.94
N PRO G 389 -49.62 -34.36 25.08
CA PRO G 389 -49.55 -35.19 26.28
C PRO G 389 -50.92 -35.16 26.97
N ASN G 390 -51.21 -36.21 27.74
CA ASN G 390 -52.49 -36.42 28.48
C ASN G 390 -52.68 -35.17 29.34
N LEU G 391 -53.77 -34.43 29.16
CA LEU G 391 -54.00 -33.12 29.81
C LEU G 391 -54.04 -33.27 31.35
N GLU G 392 -54.59 -34.36 31.88
CA GLU G 392 -54.77 -34.63 33.34
C GLU G 392 -53.45 -34.39 34.10
N ASP G 393 -52.33 -34.83 33.54
CA ASP G 393 -50.97 -34.79 34.15
C ASP G 393 -50.55 -33.37 34.55
N TYR G 394 -51.33 -32.32 34.26
CA TYR G 394 -50.98 -30.88 34.48
C TYR G 394 -52.06 -30.22 35.33
N GLU G 395 -53.20 -30.89 35.55
CA GLU G 395 -54.37 -30.33 36.28
C GLU G 395 -53.95 -29.86 37.67
N VAL G 396 -54.46 -28.70 38.12
CA VAL G 396 -54.44 -28.31 39.56
C VAL G 396 -55.38 -29.27 40.31
N LYS G 397 -54.79 -30.30 40.93
CA LYS G 397 -55.47 -31.39 41.68
C LYS G 397 -56.14 -30.80 42.92
N GLU G 398 -55.55 -29.73 43.49
CA GLU G 398 -55.84 -29.17 44.83
C GLU G 398 -57.22 -28.50 44.88
N VAL G 399 -58.17 -28.86 44.02
CA VAL G 399 -59.47 -28.14 43.95
C VAL G 399 -60.58 -29.14 44.29
N ALA G 400 -60.42 -30.39 43.86
CA ALA G 400 -61.22 -31.54 44.34
C ALA G 400 -60.98 -31.68 45.84
N GLU G 401 -59.70 -31.76 46.25
CA GLU G 401 -59.27 -32.03 47.65
C GLU G 401 -59.68 -30.87 48.56
N TYR G 402 -59.16 -29.65 48.34
CA TYR G 402 -59.24 -28.50 49.28
C TYR G 402 -60.42 -27.57 48.94
N GLY G 403 -61.05 -27.73 47.77
CA GLY G 403 -62.23 -26.94 47.34
C GLY G 403 -61.92 -25.84 46.32
N HIS G 404 -62.98 -25.16 45.83
CA HIS G 404 -62.99 -24.02 44.87
C HIS G 404 -62.39 -22.77 45.55
N GLY G 405 -61.41 -22.12 44.94
CA GLY G 405 -60.84 -20.84 45.41
C GLY G 405 -59.46 -21.04 46.00
N TRP G 406 -58.92 -22.27 45.92
CA TRP G 406 -57.67 -22.71 46.60
C TRP G 406 -56.44 -22.06 45.95
N GLY G 407 -55.37 -21.91 46.73
CA GLY G 407 -54.00 -21.73 46.23
C GLY G 407 -53.73 -20.29 45.82
N GLN G 408 -52.46 -20.04 45.50
CA GLN G 408 -51.89 -18.73 45.03
C GLN G 408 -50.88 -19.08 43.92
N LEU G 409 -51.35 -19.81 42.90
CA LEU G 409 -50.59 -20.27 41.70
C LEU G 409 -50.53 -19.17 40.62
N GLU G 410 -49.45 -19.20 39.84
CA GLU G 410 -49.26 -18.39 38.60
C GLU G 410 -49.74 -19.27 37.43
N ALA G 411 -50.80 -18.86 36.75
CA ALA G 411 -51.60 -19.77 35.88
C ALA G 411 -50.77 -20.16 34.66
N THR G 412 -50.05 -19.18 34.12
CA THR G 412 -49.23 -19.31 32.88
C THR G 412 -48.18 -20.40 33.09
N ARG G 413 -47.73 -20.64 34.32
CA ARG G 413 -46.63 -21.62 34.60
C ARG G 413 -47.09 -23.04 34.23
N THR G 414 -48.41 -23.28 34.24
CA THR G 414 -49.04 -24.57 33.91
C THR G 414 -49.07 -24.70 32.37
N LEU G 415 -49.54 -23.65 31.68
CA LEU G 415 -49.44 -23.54 30.20
C LEU G 415 -47.99 -23.77 29.80
N GLY G 416 -47.05 -23.15 30.52
CA GLY G 416 -45.59 -23.40 30.46
C GLY G 416 -45.22 -24.88 30.35
N ALA G 417 -45.61 -25.68 31.35
CA ALA G 417 -45.17 -27.08 31.50
C ALA G 417 -45.86 -27.95 30.45
N TYR G 418 -47.16 -27.68 30.26
CA TYR G 418 -47.95 -28.29 29.16
C TYR G 418 -47.17 -28.13 27.85
N THR G 419 -46.70 -26.90 27.56
CA THR G 419 -46.11 -26.55 26.25
C THR G 419 -44.71 -27.16 26.13
N ARG G 420 -43.94 -27.14 27.22
CA ARG G 420 -42.64 -27.85 27.30
C ARG G 420 -42.77 -29.29 26.80
N ASP G 421 -43.82 -30.00 27.24
CA ASP G 421 -43.99 -31.42 26.85
C ASP G 421 -44.52 -31.53 25.41
N ILE G 422 -45.32 -30.57 24.93
CA ILE G 422 -45.69 -30.44 23.48
C ILE G 422 -44.40 -30.41 22.67
N ILE G 423 -43.45 -29.54 23.06
CA ILE G 423 -42.14 -29.42 22.34
C ILE G 423 -41.39 -30.74 22.44
N LYS G 424 -41.38 -31.40 23.61
CA LYS G 424 -40.66 -32.69 23.82
C LYS G 424 -41.17 -33.74 22.83
N ASN G 425 -42.49 -33.83 22.63
CA ASN G 425 -43.14 -34.90 21.82
C ASN G 425 -43.15 -34.55 20.33
N ASN G 426 -43.22 -33.26 19.97
CA ASN G 426 -43.23 -32.79 18.56
C ASN G 426 -42.02 -31.90 18.32
N PRO G 427 -40.77 -32.44 18.37
CA PRO G 427 -39.59 -31.60 18.18
C PRO G 427 -39.65 -31.13 16.72
N ARG G 428 -39.21 -29.90 16.43
CA ARG G 428 -39.13 -29.42 15.02
C ARG G 428 -40.52 -29.31 14.38
N ASP G 429 -41.58 -29.17 15.17
CA ASP G 429 -42.97 -28.97 14.71
C ASP G 429 -43.69 -27.94 15.57
N PHE G 430 -42.97 -27.31 16.49
CA PHE G 430 -43.55 -26.39 17.49
C PHE G 430 -42.45 -25.41 17.97
N ARG G 431 -42.79 -24.13 18.00
CA ARG G 431 -41.87 -23.04 18.34
C ARG G 431 -42.66 -22.07 19.22
N ILE G 432 -41.97 -21.58 20.26
CA ILE G 432 -42.43 -20.39 21.05
C ILE G 432 -41.64 -19.21 20.51
N PHE G 433 -42.32 -18.07 20.45
CA PHE G 433 -41.71 -16.79 20.06
C PHE G 433 -42.06 -15.82 21.18
N GLY G 434 -41.14 -14.94 21.56
CA GLY G 434 -41.50 -13.90 22.53
C GLY G 434 -40.65 -12.68 22.33
N PRO G 435 -41.23 -11.47 22.48
CA PRO G 435 -40.47 -10.24 22.31
C PRO G 435 -39.75 -9.95 23.63
N ASP G 436 -38.75 -10.77 23.95
CA ASP G 436 -37.94 -10.61 25.19
C ASP G 436 -38.77 -10.88 26.45
N GLU G 437 -39.76 -11.77 26.40
CA GLU G 437 -40.84 -11.83 27.43
C GLU G 437 -41.27 -13.26 27.78
N THR G 438 -40.75 -14.28 27.10
CA THR G 438 -41.07 -15.68 27.39
C THR G 438 -40.95 -15.93 28.90
N ALA G 439 -39.91 -15.45 29.58
CA ALA G 439 -39.64 -15.79 31.01
C ALA G 439 -40.58 -14.98 31.91
N SER G 440 -40.83 -13.74 31.54
CA SER G 440 -41.69 -12.79 32.28
C SER G 440 -43.17 -13.22 32.25
N ASN G 441 -43.62 -13.89 31.19
CA ASN G 441 -45.01 -14.41 31.06
C ASN G 441 -45.03 -15.83 31.66
N ARG G 442 -43.88 -16.34 32.09
CA ARG G 442 -43.69 -17.55 32.92
C ARG G 442 -43.76 -18.86 32.09
N LEU G 443 -43.17 -18.88 30.87
CA LEU G 443 -43.13 -20.07 29.98
C LEU G 443 -41.72 -20.70 29.97
N GLN G 444 -40.84 -20.30 30.88
CA GLN G 444 -39.41 -20.75 30.96
C GLN G 444 -39.27 -22.27 31.18
N ALA G 445 -40.36 -22.97 31.49
CA ALA G 445 -40.33 -24.43 31.73
C ALA G 445 -39.82 -25.10 30.45
N SER G 446 -40.02 -24.42 29.32
CA SER G 446 -39.59 -24.86 27.96
C SER G 446 -38.06 -25.01 27.89
N TYR G 447 -37.32 -24.23 28.70
CA TYR G 447 -35.83 -24.21 28.72
C TYR G 447 -35.33 -25.57 29.25
N GLU G 448 -36.21 -26.39 29.84
CA GLU G 448 -35.88 -27.76 30.32
C GLU G 448 -35.61 -28.71 29.15
N VAL G 449 -36.28 -28.56 27.99
CA VAL G 449 -36.14 -29.52 26.83
C VAL G 449 -35.46 -28.90 25.62
N THR G 450 -35.47 -27.57 25.48
CA THR G 450 -34.91 -26.82 24.31
C THR G 450 -34.22 -25.55 24.85
N ASN G 451 -33.78 -24.66 23.95
CA ASN G 451 -33.11 -23.37 24.24
C ASN G 451 -33.66 -22.27 23.34
N LYS G 452 -33.30 -21.04 23.68
CA LYS G 452 -33.49 -19.81 22.87
C LYS G 452 -32.47 -19.87 21.74
N GLN G 453 -32.97 -19.80 20.51
CA GLN G 453 -32.14 -19.89 19.28
C GLN G 453 -31.41 -18.56 19.18
N TRP G 454 -30.07 -18.61 19.06
CA TRP G 454 -29.15 -17.45 19.10
C TRP G 454 -27.92 -17.73 18.24
N ASP G 455 -27.75 -16.95 17.18
CA ASP G 455 -26.67 -17.13 16.19
C ASP G 455 -25.93 -15.81 16.01
N ALA G 456 -25.94 -14.93 16.99
CA ALA G 456 -24.90 -13.91 17.19
C ALA G 456 -23.90 -14.46 18.21
N GLY G 457 -23.21 -13.58 18.93
CA GLY G 457 -22.02 -13.94 19.71
C GLY G 457 -22.33 -14.45 21.11
N TYR G 458 -21.55 -15.45 21.52
CA TYR G 458 -21.48 -16.02 22.89
C TYR G 458 -20.34 -15.29 23.61
N ILE G 459 -20.49 -14.98 24.89
CA ILE G 459 -19.34 -14.43 25.68
C ILE G 459 -19.10 -15.16 27.03
N SER G 460 -20.12 -15.68 27.73
CA SER G 460 -19.95 -16.17 29.12
C SER G 460 -21.14 -17.04 29.60
N ASP G 461 -20.85 -18.23 30.17
CA ASP G 461 -21.82 -19.09 30.91
C ASP G 461 -22.51 -18.35 32.07
N GLU G 462 -21.95 -17.23 32.55
CA GLU G 462 -22.53 -16.41 33.65
C GLU G 462 -23.72 -15.57 33.13
N VAL G 463 -23.88 -15.40 31.82
CA VAL G 463 -24.97 -14.54 31.25
C VAL G 463 -25.74 -15.27 30.15
N ASP G 464 -25.12 -16.18 29.38
CA ASP G 464 -25.71 -16.82 28.16
C ASP G 464 -26.46 -18.14 28.50
N GLU G 465 -27.34 -18.14 29.47
CA GLU G 465 -28.07 -19.35 29.92
C GLU G 465 -29.17 -19.69 28.90
N HIS G 466 -29.48 -20.96 28.69
CA HIS G 466 -30.69 -21.42 27.95
C HIS G 466 -30.65 -20.92 26.50
N MET G 467 -29.44 -20.66 25.99
CA MET G 467 -29.21 -20.13 24.63
C MET G 467 -28.35 -21.13 23.88
N HIS G 468 -28.70 -21.41 22.63
CA HIS G 468 -27.94 -22.33 21.76
C HIS G 468 -28.18 -21.87 20.32
N VAL G 469 -27.30 -22.26 19.41
CA VAL G 469 -27.38 -21.79 18.00
C VAL G 469 -28.62 -22.37 17.31
N SER G 470 -29.10 -23.52 17.78
CA SER G 470 -30.37 -24.20 17.40
C SER G 470 -31.24 -24.34 18.64
N GLY G 471 -32.55 -24.15 18.49
CA GLY G 471 -33.51 -24.26 19.59
C GLY G 471 -34.89 -23.87 19.16
N GLN G 472 -35.90 -24.22 19.96
CA GLN G 472 -37.30 -24.05 19.53
C GLN G 472 -37.93 -22.84 20.21
N VAL G 473 -37.15 -22.04 20.96
CA VAL G 473 -37.60 -20.70 21.47
C VAL G 473 -36.79 -19.63 20.72
N VAL G 474 -37.43 -18.53 20.36
CA VAL G 474 -36.80 -17.45 19.54
C VAL G 474 -37.34 -16.18 20.11
N GLU G 475 -36.44 -15.26 20.46
CA GLU G 475 -36.80 -13.97 21.10
C GLU G 475 -36.03 -12.83 20.42
N GLN G 476 -36.75 -11.75 20.13
CA GLN G 476 -36.21 -10.46 19.68
C GLN G 476 -37.19 -9.43 20.21
N LEU G 477 -36.69 -8.25 20.56
CA LEU G 477 -37.56 -7.14 20.99
C LEU G 477 -38.23 -6.55 19.74
N SER G 478 -39.17 -7.29 19.15
CA SER G 478 -40.02 -6.79 18.04
C SER G 478 -41.27 -7.66 17.93
N GLU G 479 -42.45 -7.07 18.16
CA GLU G 479 -43.72 -7.82 18.10
C GLU G 479 -43.96 -8.27 16.64
N HIS G 480 -43.61 -7.41 15.68
CA HIS G 480 -43.71 -7.69 14.23
C HIS G 480 -42.92 -8.96 13.91
N GLN G 481 -41.68 -9.05 14.43
CA GLN G 481 -40.80 -10.21 14.12
C GLN G 481 -41.45 -11.49 14.65
N MET G 482 -42.13 -11.42 15.79
CA MET G 482 -42.67 -12.61 16.48
C MET G 482 -44.00 -13.02 15.82
N GLU G 483 -44.88 -12.05 15.53
CA GLU G 483 -46.12 -12.32 14.74
C GLU G 483 -45.75 -12.91 13.38
N GLY G 484 -44.78 -12.26 12.72
CA GLY G 484 -44.31 -12.58 11.37
C GLY G 484 -43.75 -13.98 11.25
N PHE G 485 -42.79 -14.32 12.12
CA PHE G 485 -42.12 -15.65 12.13
C PHE G 485 -43.20 -16.75 12.27
N LEU G 486 -44.14 -16.56 13.18
CA LEU G 486 -45.10 -17.63 13.52
C LEU G 486 -46.09 -17.75 12.36
N GLU G 487 -46.60 -16.62 11.88
CA GLU G 487 -47.55 -16.64 10.74
C GLU G 487 -46.95 -17.58 9.67
N ALA G 488 -45.67 -17.41 9.35
CA ALA G 488 -45.01 -18.19 8.25
C ALA G 488 -44.75 -19.62 8.68
N TYR G 489 -44.47 -19.85 9.95
CA TYR G 489 -44.16 -21.20 10.49
C TYR G 489 -45.45 -22.03 10.34
N LEU G 490 -46.58 -21.40 10.66
CA LEU G 490 -47.94 -21.95 10.51
C LEU G 490 -48.27 -22.18 9.04
N LEU G 491 -48.01 -21.19 8.15
CA LEU G 491 -48.43 -21.23 6.71
C LEU G 491 -47.67 -22.32 5.97
N THR G 492 -46.52 -22.75 6.51
CA THR G 492 -45.69 -23.89 6.02
C THR G 492 -45.95 -25.20 6.79
N GLY G 493 -47.02 -25.27 7.59
CA GLY G 493 -47.60 -26.52 8.11
C GLY G 493 -46.95 -27.01 9.41
N ARG G 494 -46.54 -26.08 10.27
CA ARG G 494 -46.05 -26.36 11.65
C ARG G 494 -46.92 -25.55 12.61
N HIS G 495 -46.57 -25.59 13.90
CA HIS G 495 -47.44 -25.17 15.03
C HIS G 495 -46.64 -24.27 15.96
N GLY G 496 -47.34 -23.48 16.77
CA GLY G 496 -46.67 -22.80 17.87
C GLY G 496 -47.55 -21.81 18.61
N ILE G 497 -46.88 -20.90 19.34
CA ILE G 497 -47.48 -19.90 20.25
C ILE G 497 -46.43 -18.78 20.45
N TRP G 498 -46.91 -17.58 20.68
CA TRP G 498 -46.10 -16.48 21.19
C TRP G 498 -46.90 -15.80 22.32
N SER G 499 -46.21 -15.09 23.20
CA SER G 499 -46.79 -14.34 24.32
C SER G 499 -46.38 -12.89 24.15
N SER G 500 -47.20 -11.98 24.66
CA SER G 500 -46.92 -10.53 24.68
C SER G 500 -47.64 -9.98 25.89
N TYR G 501 -47.01 -9.03 26.59
CA TYR G 501 -47.74 -8.08 27.45
C TYR G 501 -48.94 -7.63 26.64
N GLU G 502 -50.08 -7.52 27.30
CA GLU G 502 -51.40 -7.22 26.70
C GLU G 502 -51.31 -5.93 25.88
N SER G 503 -50.76 -4.84 26.42
CA SER G 503 -50.97 -3.50 25.82
C SER G 503 -50.23 -3.40 24.47
N PHE G 504 -49.18 -4.19 24.31
CA PHE G 504 -48.24 -4.09 23.19
C PHE G 504 -48.63 -5.13 22.16
N VAL G 505 -49.70 -5.85 22.42
CA VAL G 505 -50.30 -6.68 21.36
C VAL G 505 -50.70 -5.71 20.27
N HIS G 506 -51.05 -4.47 20.65
CA HIS G 506 -51.62 -3.42 19.76
C HIS G 506 -50.61 -3.06 18.66
N VAL G 507 -49.32 -3.05 18.99
CA VAL G 507 -48.19 -2.88 18.02
C VAL G 507 -48.49 -3.70 16.75
N ILE G 508 -49.00 -4.92 16.87
CA ILE G 508 -49.25 -5.82 15.71
C ILE G 508 -50.75 -5.99 15.37
N ASP G 509 -51.60 -5.00 15.71
CA ASP G 509 -53.05 -5.08 15.44
C ASP G 509 -53.24 -5.37 13.94
N SER G 510 -52.61 -4.52 13.12
CA SER G 510 -52.70 -4.52 11.64
C SER G 510 -52.32 -5.90 11.09
N MET G 511 -51.29 -6.55 11.65
CA MET G 511 -50.85 -7.90 11.21
C MET G 511 -51.93 -8.95 11.52
N LEU G 512 -52.74 -8.75 12.56
CA LEU G 512 -53.83 -9.70 12.93
C LEU G 512 -54.95 -9.56 11.91
N ASN G 513 -55.27 -8.30 11.58
CA ASN G 513 -56.28 -7.95 10.56
C ASN G 513 -55.95 -8.71 9.27
N GLN G 514 -54.70 -8.64 8.84
CA GLN G 514 -54.25 -9.23 7.58
C GLN G 514 -54.36 -10.74 7.68
N HIS G 515 -53.87 -11.38 8.75
CA HIS G 515 -53.97 -12.88 8.91
C HIS G 515 -55.44 -13.29 9.08
N ALA G 516 -56.24 -12.48 9.78
CA ALA G 516 -57.70 -12.72 9.87
C ALA G 516 -58.26 -12.82 8.44
N LYS G 517 -57.95 -11.82 7.61
CA LYS G 517 -58.49 -11.71 6.23
C LYS G 517 -57.98 -12.86 5.36
N TRP G 518 -56.76 -13.32 5.61
CA TRP G 518 -56.25 -14.50 4.88
C TRP G 518 -57.16 -15.69 5.19
N LEU G 519 -57.42 -15.92 6.46
CA LEU G 519 -58.22 -17.08 6.93
C LEU G 519 -59.66 -16.90 6.47
N GLU G 520 -60.23 -15.68 6.55
CA GLU G 520 -61.64 -15.38 6.15
C GLU G 520 -61.86 -15.86 4.71
N ALA G 521 -61.05 -15.33 3.79
CA ALA G 521 -61.05 -15.65 2.34
C ALA G 521 -60.91 -17.15 2.11
N THR G 522 -59.99 -17.78 2.83
CA THR G 522 -59.64 -19.20 2.65
C THR G 522 -60.85 -20.10 2.98
N VAL G 523 -61.51 -19.84 4.11
CA VAL G 523 -62.55 -20.76 4.64
C VAL G 523 -63.79 -20.53 3.80
N ARG G 524 -63.93 -19.31 3.29
CA ARG G 524 -65.08 -18.94 2.43
C ARG G 524 -64.99 -19.61 1.05
N GLU G 525 -63.89 -19.42 0.32
CA GLU G 525 -63.91 -19.72 -1.13
C GLU G 525 -62.61 -20.35 -1.61
N ILE G 526 -61.78 -20.96 -0.75
CA ILE G 526 -60.51 -21.57 -1.22
C ILE G 526 -60.36 -22.99 -0.68
N PRO G 527 -61.25 -23.92 -1.05
CA PRO G 527 -61.22 -25.28 -0.50
C PRO G 527 -59.93 -26.09 -0.77
N TRP G 528 -59.24 -25.82 -1.89
CA TRP G 528 -57.96 -26.51 -2.28
C TRP G 528 -56.84 -26.12 -1.31
N ARG G 529 -57.03 -25.04 -0.54
CA ARG G 529 -56.06 -24.55 0.46
C ARG G 529 -56.40 -25.22 1.79
N LYS G 530 -55.68 -26.30 2.11
CA LYS G 530 -55.97 -27.16 3.28
C LYS G 530 -55.77 -26.38 4.59
N PRO G 531 -56.46 -26.77 5.68
CA PRO G 531 -56.36 -26.05 6.95
C PRO G 531 -54.94 -26.09 7.55
N ILE G 532 -54.54 -24.97 8.15
CA ILE G 532 -53.24 -24.77 8.85
C ILE G 532 -53.53 -24.65 10.35
N ALA G 533 -52.51 -24.88 11.18
CA ALA G 533 -52.54 -24.65 12.64
C ALA G 533 -52.98 -23.22 12.91
N SER G 534 -53.70 -23.01 13.99
CA SER G 534 -54.14 -21.67 14.43
C SER G 534 -52.93 -20.89 14.95
N MET G 535 -53.06 -19.57 14.93
CA MET G 535 -52.08 -18.60 15.46
C MET G 535 -52.43 -18.41 16.94
N ASN G 536 -51.66 -19.05 17.83
CA ASN G 536 -51.98 -19.07 19.28
C ASN G 536 -51.21 -17.90 19.93
N LEU G 537 -51.95 -16.90 20.45
CA LEU G 537 -51.36 -15.71 21.12
C LEU G 537 -51.79 -15.71 22.59
N LEU G 538 -50.87 -16.08 23.49
CA LEU G 538 -51.06 -15.90 24.96
C LEU G 538 -50.84 -14.43 25.30
N VAL G 539 -51.92 -13.72 25.63
CA VAL G 539 -52.00 -12.29 26.10
C VAL G 539 -51.97 -12.28 27.63
N SER G 540 -50.84 -11.91 28.23
CA SER G 540 -50.59 -12.00 29.69
C SER G 540 -50.11 -10.65 30.18
N SER G 541 -49.57 -10.62 31.40
CA SER G 541 -49.09 -9.40 32.11
C SER G 541 -50.08 -8.27 31.81
N HIS G 542 -51.35 -8.50 32.15
CA HIS G 542 -52.54 -7.78 31.60
C HIS G 542 -52.85 -6.55 32.43
N VAL G 543 -53.92 -5.83 32.09
CA VAL G 543 -54.16 -4.43 32.54
C VAL G 543 -54.21 -4.35 34.07
N TRP G 544 -54.83 -5.35 34.70
CA TRP G 544 -55.20 -5.33 36.13
C TRP G 544 -53.96 -5.53 36.99
N ARG G 545 -52.96 -6.22 36.48
CA ARG G 545 -51.66 -6.41 37.15
C ARG G 545 -50.56 -5.71 36.35
N GLN G 546 -50.83 -4.50 35.81
CA GLN G 546 -49.78 -3.57 35.26
C GLN G 546 -49.76 -2.33 36.14
N ASP G 547 -49.68 -2.59 37.44
CA ASP G 547 -49.64 -1.61 38.53
C ASP G 547 -48.16 -1.24 38.71
N HIS G 548 -47.29 -2.23 38.47
CA HIS G 548 -45.81 -2.10 38.52
C HIS G 548 -45.25 -1.30 37.33
N ASN G 549 -45.93 -1.20 36.16
CA ASN G 549 -45.34 -0.49 34.97
C ASN G 549 -46.09 0.82 34.68
N GLY G 550 -47.35 0.96 35.04
CA GLY G 550 -48.03 2.27 34.89
C GLY G 550 -48.99 2.35 33.70
N PHE G 551 -49.60 3.52 33.54
CA PHE G 551 -50.70 3.81 32.58
C PHE G 551 -50.36 3.29 31.16
N SER G 552 -49.19 3.64 30.65
CA SER G 552 -48.65 3.19 29.33
C SER G 552 -48.93 1.70 29.09
N HIS G 553 -48.93 0.87 30.14
CA HIS G 553 -48.99 -0.62 29.99
C HIS G 553 -50.41 -1.15 30.20
N GLN G 554 -51.39 -0.24 30.31
CA GLN G 554 -52.79 -0.60 30.64
C GLN G 554 -53.67 -0.40 29.39
N ASP G 555 -53.85 -1.45 28.58
CA ASP G 555 -54.75 -1.43 27.38
C ASP G 555 -55.10 -2.86 26.96
N PRO G 556 -56.28 -3.37 27.37
CA PRO G 556 -56.73 -4.71 26.95
C PRO G 556 -57.55 -4.72 25.64
N GLY G 557 -57.47 -3.62 24.86
CA GLY G 557 -58.33 -3.29 23.71
C GLY G 557 -58.15 -4.20 22.49
N VAL G 558 -57.12 -5.05 22.45
CA VAL G 558 -57.01 -6.07 21.37
C VAL G 558 -58.34 -6.82 21.21
N THR G 559 -59.09 -6.99 22.29
CA THR G 559 -60.42 -7.67 22.29
C THR G 559 -61.33 -6.92 21.33
N SER G 560 -61.43 -5.59 21.48
CA SER G 560 -62.23 -4.72 20.60
C SER G 560 -61.87 -5.08 19.15
N VAL G 561 -60.58 -5.02 18.86
CA VAL G 561 -60.02 -5.20 17.49
C VAL G 561 -60.45 -6.57 16.93
N LEU G 562 -60.27 -7.64 17.69
CA LEU G 562 -60.55 -9.02 17.19
C LEU G 562 -62.07 -9.20 16.95
N LEU G 563 -62.94 -8.44 17.65
CA LEU G 563 -64.42 -8.51 17.46
C LEU G 563 -64.77 -8.08 16.02
N ASN G 564 -63.95 -7.23 15.42
CA ASN G 564 -64.17 -6.71 14.05
C ASN G 564 -63.74 -7.76 12.99
N LYS G 565 -63.37 -8.98 13.38
CA LYS G 565 -63.12 -10.07 12.40
C LYS G 565 -63.96 -11.30 12.77
N CYS G 566 -65.21 -11.07 13.19
CA CYS G 566 -66.11 -12.13 13.71
C CYS G 566 -67.45 -12.07 12.96
N PHE G 567 -67.50 -12.46 11.68
CA PHE G 567 -68.72 -12.36 10.84
C PHE G 567 -68.91 -13.63 9.98
N HIS G 568 -70.05 -13.76 9.28
N HIS G 568 -70.11 -13.71 9.38
CA HIS G 568 -70.27 -14.77 8.21
CA HIS G 568 -70.63 -14.73 8.41
C HIS G 568 -70.16 -16.23 8.73
C HIS G 568 -70.19 -16.16 8.75
N ASN G 569 -70.04 -16.46 10.04
CA ASN G 569 -69.77 -17.83 10.58
C ASN G 569 -68.44 -18.32 10.01
N ASP G 570 -67.45 -17.42 9.97
CA ASP G 570 -66.08 -17.73 9.52
C ASP G 570 -65.40 -18.54 10.61
N HIS G 571 -65.59 -18.11 11.86
CA HIS G 571 -65.04 -18.80 13.05
C HIS G 571 -63.53 -18.91 12.85
N VAL G 572 -62.88 -17.76 12.63
CA VAL G 572 -61.40 -17.69 12.44
C VAL G 572 -60.77 -16.97 13.65
N ILE G 573 -61.59 -16.42 14.53
CA ILE G 573 -61.18 -15.75 15.79
C ILE G 573 -61.64 -16.62 16.96
N GLY G 574 -60.76 -16.83 17.93
CA GLY G 574 -61.08 -17.20 19.32
C GLY G 574 -60.70 -16.08 20.28
N ILE G 575 -61.63 -15.67 21.17
CA ILE G 575 -61.35 -14.83 22.36
C ILE G 575 -61.73 -15.62 23.64
N TYR G 576 -60.72 -16.25 24.25
CA TYR G 576 -60.83 -17.02 25.50
C TYR G 576 -60.19 -16.21 26.66
N PHE G 577 -60.90 -16.14 27.79
CA PHE G 577 -60.39 -15.68 29.11
C PHE G 577 -60.12 -16.90 30.00
N ALA G 578 -58.86 -17.17 30.38
CA ALA G 578 -58.47 -18.27 31.29
C ALA G 578 -58.79 -17.85 32.73
N THR G 579 -59.91 -18.38 33.25
CA THR G 579 -60.43 -18.18 34.63
C THR G 579 -59.35 -18.59 35.64
N ASP G 580 -58.56 -19.62 35.30
CA ASP G 580 -57.44 -20.15 36.14
C ASP G 580 -56.65 -21.22 35.36
N ALA G 581 -55.59 -21.79 35.95
CA ALA G 581 -54.72 -22.76 35.25
C ALA G 581 -55.54 -23.92 34.66
N ASN G 582 -56.66 -24.31 35.27
CA ASN G 582 -57.43 -25.49 34.79
C ASN G 582 -58.25 -25.09 33.54
N MET G 583 -58.88 -23.91 33.58
CA MET G 583 -59.51 -23.33 32.36
C MET G 583 -58.43 -23.09 31.28
N LEU G 584 -57.27 -22.55 31.68
CA LEU G 584 -56.16 -22.24 30.74
C LEU G 584 -55.78 -23.51 29.96
N LEU G 585 -55.62 -24.64 30.67
CA LEU G 585 -55.28 -25.96 30.06
C LEU G 585 -56.38 -26.36 29.08
N ALA G 586 -57.64 -26.14 29.44
CA ALA G 586 -58.81 -26.60 28.65
C ALA G 586 -58.82 -25.80 27.34
N ILE G 587 -58.66 -24.48 27.44
CA ILE G 587 -58.50 -23.57 26.27
C ILE G 587 -57.29 -24.00 25.44
N ALA G 588 -56.13 -24.12 26.08
CA ALA G 588 -54.86 -24.45 25.40
C ALA G 588 -55.09 -25.66 24.50
N GLU G 589 -55.70 -26.72 25.01
CA GLU G 589 -55.86 -28.00 24.28
C GLU G 589 -56.75 -27.80 23.05
N LYS G 590 -57.82 -26.99 23.21
CA LYS G 590 -58.77 -26.64 22.12
C LYS G 590 -58.02 -25.82 21.05
N CYS G 591 -57.33 -24.75 21.45
CA CYS G 591 -56.49 -23.92 20.56
C CYS G 591 -55.45 -24.76 19.80
N TYR G 592 -54.59 -25.52 20.48
CA TYR G 592 -53.57 -26.39 19.85
C TYR G 592 -54.16 -27.46 18.90
N LYS G 593 -55.44 -27.81 19.04
CA LYS G 593 -56.11 -28.80 18.14
C LYS G 593 -56.75 -28.06 16.96
N SER G 594 -57.21 -26.84 17.17
CA SER G 594 -57.89 -26.00 16.15
C SER G 594 -56.97 -25.72 14.96
N THR G 595 -57.60 -25.55 13.79
CA THR G 595 -56.96 -25.13 12.52
C THR G 595 -57.61 -23.81 12.08
N ASN G 596 -56.91 -23.04 11.25
CA ASN G 596 -57.43 -21.84 10.54
C ASN G 596 -57.97 -20.78 11.49
N LYS G 597 -57.35 -20.53 12.65
CA LYS G 597 -57.82 -19.47 13.57
C LYS G 597 -56.66 -18.60 14.04
N ILE G 598 -57.01 -17.43 14.57
CA ILE G 598 -56.23 -16.59 15.52
C ILE G 598 -56.91 -16.71 16.89
N ASN G 599 -56.20 -17.22 17.90
CA ASN G 599 -56.74 -17.48 19.27
C ASN G 599 -56.07 -16.49 20.24
N ALA G 600 -56.81 -15.52 20.75
CA ALA G 600 -56.35 -14.66 21.87
C ALA G 600 -56.67 -15.38 23.18
N ILE G 601 -55.67 -15.80 23.95
CA ILE G 601 -55.85 -16.49 25.25
C ILE G 601 -55.46 -15.51 26.35
N ILE G 602 -56.41 -14.72 26.85
CA ILE G 602 -56.13 -13.74 27.94
C ILE G 602 -56.06 -14.50 29.26
N ALA G 603 -54.85 -14.59 29.84
CA ALA G 603 -54.53 -15.37 31.05
C ALA G 603 -53.55 -14.58 31.93
N GLY G 604 -53.83 -14.53 33.24
CA GLY G 604 -53.01 -13.83 34.24
C GLY G 604 -51.78 -14.63 34.57
N LYS G 605 -50.69 -13.94 34.90
CA LYS G 605 -49.41 -14.56 35.33
C LYS G 605 -49.19 -14.30 36.82
N GLN G 606 -49.97 -13.39 37.43
CA GLN G 606 -49.94 -13.05 38.89
C GLN G 606 -50.40 -14.27 39.68
N PRO G 607 -50.05 -14.41 40.99
CA PRO G 607 -50.56 -15.51 41.82
C PRO G 607 -52.08 -15.37 42.02
N ALA G 608 -52.83 -16.50 42.00
CA ALA G 608 -54.32 -16.45 41.97
C ALA G 608 -55.03 -17.78 42.32
N ALA G 609 -56.33 -17.64 42.54
CA ALA G 609 -57.27 -18.71 42.96
C ALA G 609 -57.59 -19.62 41.77
N THR G 610 -57.23 -20.91 41.85
CA THR G 610 -57.81 -21.97 40.98
C THR G 610 -59.28 -22.18 41.40
N TRP G 611 -60.24 -21.96 40.49
CA TRP G 611 -61.71 -21.96 40.75
C TRP G 611 -62.38 -23.28 40.31
N LEU G 612 -62.07 -23.81 39.12
CA LEU G 612 -62.70 -25.04 38.57
C LEU G 612 -61.69 -26.18 38.56
N THR G 613 -62.19 -27.41 38.46
CA THR G 613 -61.42 -28.62 38.05
C THR G 613 -61.38 -28.64 36.51
N LEU G 614 -60.56 -29.51 35.95
CA LEU G 614 -60.39 -29.63 34.48
C LEU G 614 -61.74 -29.95 33.84
N ASP G 615 -62.40 -31.04 34.30
CA ASP G 615 -63.76 -31.48 33.88
C ASP G 615 -64.74 -30.31 33.98
N GLU G 616 -64.82 -29.69 35.14
CA GLU G 616 -65.69 -28.50 35.31
C GLU G 616 -65.37 -27.52 34.18
N ALA G 617 -64.08 -27.27 33.91
CA ALA G 617 -63.55 -26.26 32.96
C ALA G 617 -63.95 -26.66 31.54
N ARG G 618 -63.69 -27.91 31.15
CA ARG G 618 -64.11 -28.50 29.84
C ARG G 618 -65.61 -28.23 29.60
N ALA G 619 -66.44 -28.30 30.63
CA ALA G 619 -67.91 -28.19 30.51
C ALA G 619 -68.30 -26.71 30.35
N GLU G 620 -67.55 -25.77 30.93
CA GLU G 620 -67.83 -24.32 30.78
C GLU G 620 -67.43 -23.86 29.37
N LEU G 621 -66.28 -24.35 28.91
CA LEU G 621 -65.63 -23.95 27.64
C LEU G 621 -66.57 -24.36 26.50
N GLU G 622 -67.00 -25.62 26.48
CA GLU G 622 -67.85 -26.22 25.41
C GLU G 622 -69.04 -25.29 25.07
N LYS G 623 -69.71 -24.69 26.06
CA LYS G 623 -70.83 -23.74 25.79
C LYS G 623 -70.29 -22.31 25.79
N GLY G 624 -69.17 -22.09 26.48
CA GLY G 624 -68.46 -20.80 26.50
C GLY G 624 -68.78 -20.02 27.76
N ALA G 625 -70.00 -20.15 28.28
CA ALA G 625 -70.41 -19.63 29.60
C ALA G 625 -71.10 -20.74 30.40
N ALA G 626 -71.21 -20.56 31.72
CA ALA G 626 -71.82 -21.54 32.66
C ALA G 626 -72.21 -20.79 33.94
N ALA G 627 -73.38 -21.14 34.48
CA ALA G 627 -73.78 -20.79 35.85
C ALA G 627 -72.98 -21.71 36.75
N TRP G 628 -72.40 -21.15 37.80
CA TRP G 628 -71.70 -21.91 38.87
C TRP G 628 -72.74 -22.28 39.96
N ASP G 629 -73.29 -23.51 39.85
CA ASP G 629 -74.31 -24.05 40.76
C ASP G 629 -73.75 -23.96 42.18
N TRP G 630 -72.54 -24.51 42.36
CA TRP G 630 -71.79 -24.62 43.64
C TRP G 630 -71.44 -23.26 44.29
N ALA G 631 -71.78 -22.09 43.71
CA ALA G 631 -71.43 -20.78 44.32
C ALA G 631 -72.64 -19.83 44.40
N SER G 632 -73.73 -20.19 43.75
CA SER G 632 -75.01 -19.42 43.77
C SER G 632 -75.76 -19.73 45.08
N THR G 633 -76.27 -18.68 45.74
CA THR G 633 -77.13 -18.81 46.95
C THR G 633 -78.58 -19.03 46.48
N ALA G 634 -79.04 -18.28 45.46
CA ALA G 634 -80.29 -18.56 44.71
C ALA G 634 -80.18 -19.97 44.11
N LYS G 635 -81.30 -20.69 43.97
CA LYS G 635 -81.34 -22.14 43.59
C LYS G 635 -82.10 -22.31 42.26
N ASN G 636 -82.65 -21.22 41.74
CA ASN G 636 -83.29 -21.12 40.39
C ASN G 636 -83.39 -19.62 40.06
N ASN G 637 -83.78 -19.30 38.83
CA ASN G 637 -83.70 -17.91 38.28
C ASN G 637 -84.77 -17.04 38.96
N ASP G 638 -85.98 -17.58 39.09
CA ASP G 638 -87.17 -16.97 39.76
C ASP G 638 -86.77 -16.48 41.16
N GLU G 639 -85.97 -17.28 41.87
CA GLU G 639 -85.42 -16.92 43.21
C GLU G 639 -84.42 -15.75 43.08
N ALA G 640 -83.38 -15.89 42.24
CA ALA G 640 -82.21 -14.99 42.13
C ALA G 640 -82.63 -13.51 42.05
N GLU G 641 -82.07 -12.68 42.93
CA GLU G 641 -82.34 -11.21 43.05
C GLU G 641 -81.40 -10.44 42.12
N VAL G 642 -80.21 -11.01 41.86
CA VAL G 642 -79.14 -10.47 40.98
C VAL G 642 -78.32 -11.62 40.40
N VAL G 643 -77.83 -11.45 39.16
CA VAL G 643 -76.76 -12.29 38.55
C VAL G 643 -75.41 -11.55 38.64
N LEU G 644 -74.40 -12.22 39.19
CA LEU G 644 -72.99 -11.78 39.17
C LEU G 644 -72.30 -12.56 38.05
N ALA G 645 -71.91 -11.87 36.99
CA ALA G 645 -71.23 -12.49 35.84
C ALA G 645 -69.83 -11.86 35.70
N ALA G 646 -68.84 -12.69 35.42
CA ALA G 646 -67.48 -12.21 35.12
C ALA G 646 -66.95 -12.94 33.89
N ALA G 647 -66.12 -12.23 33.14
CA ALA G 647 -65.16 -12.77 32.17
C ALA G 647 -63.81 -12.16 32.52
N GLY G 648 -62.80 -13.01 32.71
CA GLY G 648 -61.45 -12.56 33.09
C GLY G 648 -61.13 -12.95 34.52
N ASP G 649 -59.98 -13.61 34.72
CA ASP G 649 -59.48 -14.13 36.02
C ASP G 649 -59.58 -13.08 37.15
N VAL G 650 -59.34 -11.79 36.89
CA VAL G 650 -59.34 -10.72 37.94
C VAL G 650 -60.76 -10.20 38.12
N PRO G 651 -61.51 -9.87 37.06
CA PRO G 651 -62.96 -9.72 37.22
C PRO G 651 -63.61 -10.86 38.05
N THR G 652 -63.35 -12.13 37.71
CA THR G 652 -63.87 -13.33 38.41
C THR G 652 -63.58 -13.17 39.91
N GLN G 653 -62.30 -13.21 40.28
CA GLN G 653 -61.80 -12.96 41.66
C GLN G 653 -62.64 -11.88 42.37
N GLU G 654 -62.71 -10.67 41.85
CA GLU G 654 -63.51 -9.58 42.49
C GLU G 654 -64.98 -10.02 42.58
N ILE G 655 -65.47 -10.79 41.62
CA ILE G 655 -66.91 -11.15 41.64
C ILE G 655 -67.14 -12.17 42.75
N MET G 656 -66.30 -13.22 42.85
CA MET G 656 -66.31 -14.23 43.94
C MET G 656 -66.16 -13.58 45.33
N ALA G 657 -65.32 -12.55 45.47
CA ALA G 657 -65.15 -11.78 46.72
C ALA G 657 -66.45 -11.01 47.05
N ALA G 658 -67.09 -10.38 46.08
CA ALA G 658 -68.40 -9.72 46.27
C ALA G 658 -69.45 -10.78 46.64
N SER G 659 -69.38 -11.98 46.06
CA SER G 659 -70.33 -13.11 46.31
C SER G 659 -70.29 -13.52 47.79
N ASP G 660 -69.10 -13.45 48.42
CA ASP G 660 -68.91 -13.74 49.87
C ASP G 660 -69.52 -12.58 50.67
N LYS G 661 -69.34 -11.36 50.21
CA LYS G 661 -69.89 -10.15 50.87
C LYS G 661 -71.42 -10.24 50.86
N LEU G 662 -72.01 -10.64 49.73
CA LEU G 662 -73.49 -10.63 49.51
C LEU G 662 -74.12 -11.79 50.29
N LYS G 663 -73.39 -12.90 50.49
CA LYS G 663 -73.83 -14.14 51.21
C LYS G 663 -73.97 -13.87 52.72
N GLU G 664 -73.01 -13.16 53.32
CA GLU G 664 -73.01 -12.63 54.73
C GLU G 664 -74.21 -11.67 54.94
N LEU G 665 -74.83 -11.13 53.87
CA LEU G 665 -76.12 -10.38 53.95
C LEU G 665 -77.28 -11.27 53.48
N GLY G 666 -77.10 -12.61 53.42
CA GLY G 666 -78.02 -13.59 52.79
C GLY G 666 -78.80 -12.98 51.63
N VAL G 667 -78.12 -12.65 50.52
CA VAL G 667 -78.75 -12.21 49.23
C VAL G 667 -78.77 -13.42 48.31
N LYS G 668 -79.83 -13.54 47.51
CA LYS G 668 -80.08 -14.72 46.64
C LYS G 668 -79.62 -14.35 45.22
N PHE G 669 -78.51 -14.95 44.77
CA PHE G 669 -77.79 -14.54 43.54
C PHE G 669 -77.30 -15.80 42.80
N LYS G 670 -77.17 -15.64 41.47
CA LYS G 670 -76.59 -16.62 40.51
C LYS G 670 -75.13 -16.20 40.25
N VAL G 671 -74.22 -17.15 40.11
CA VAL G 671 -72.82 -16.83 39.72
C VAL G 671 -72.53 -17.46 38.35
N VAL G 672 -72.23 -16.60 37.37
CA VAL G 672 -71.90 -16.98 35.97
C VAL G 672 -70.43 -16.62 35.69
N ASN G 673 -69.76 -17.53 35.00
CA ASN G 673 -68.42 -17.31 34.42
C ASN G 673 -68.45 -17.44 32.88
N VAL G 674 -67.86 -16.48 32.18
CA VAL G 674 -67.68 -16.48 30.69
C VAL G 674 -66.20 -16.74 30.36
N ALA G 675 -65.93 -17.83 29.63
CA ALA G 675 -64.58 -18.21 29.17
C ALA G 675 -64.38 -17.75 27.72
N ASP G 676 -65.39 -17.94 26.86
CA ASP G 676 -65.38 -17.68 25.39
C ASP G 676 -66.23 -16.46 25.08
N LEU G 677 -65.62 -15.30 24.81
CA LEU G 677 -66.37 -14.02 24.73
C LEU G 677 -67.48 -14.12 23.66
N LEU G 678 -67.29 -14.93 22.62
CA LEU G 678 -68.20 -14.97 21.44
C LEU G 678 -69.41 -15.88 21.71
N SER G 679 -69.40 -16.67 22.78
CA SER G 679 -70.58 -17.42 23.26
C SER G 679 -71.78 -16.46 23.40
N LEU G 680 -71.52 -15.16 23.61
CA LEU G 680 -72.54 -14.12 23.90
C LEU G 680 -73.04 -13.41 22.62
N GLN G 681 -72.36 -13.61 21.50
CA GLN G 681 -72.71 -12.91 20.24
C GLN G 681 -74.10 -13.36 19.78
N SER G 682 -74.93 -12.42 19.31
CA SER G 682 -76.27 -12.69 18.73
C SER G 682 -76.24 -14.02 17.99
N ALA G 683 -77.11 -14.97 18.33
CA ALA G 683 -77.19 -16.29 17.65
C ALA G 683 -77.69 -16.11 16.22
N LYS G 684 -78.19 -14.93 15.83
CA LYS G 684 -78.47 -14.55 14.41
C LYS G 684 -77.15 -14.49 13.59
N GLU G 685 -76.05 -14.06 14.23
CA GLU G 685 -74.71 -13.86 13.63
C GLU G 685 -73.85 -15.11 13.84
N ASN G 686 -73.67 -15.56 15.07
CA ASN G 686 -72.70 -16.64 15.41
C ASN G 686 -73.46 -17.96 15.62
N ASP G 687 -73.45 -18.86 14.64
CA ASP G 687 -74.20 -20.15 14.66
C ASP G 687 -73.59 -21.10 15.70
N GLU G 688 -72.61 -20.63 16.47
CA GLU G 688 -71.89 -21.43 17.50
C GLU G 688 -72.11 -20.84 18.89
N ALA G 689 -72.62 -19.62 18.97
CA ALA G 689 -72.94 -18.90 20.22
C ALA G 689 -73.99 -19.70 21.02
N LEU G 690 -74.27 -19.26 22.25
CA LEU G 690 -75.47 -19.66 23.03
C LEU G 690 -76.72 -19.22 22.26
N THR G 691 -77.76 -20.05 22.22
CA THR G 691 -79.11 -19.71 21.72
C THR G 691 -79.77 -18.70 22.68
N ASP G 692 -80.82 -18.03 22.21
CA ASP G 692 -81.62 -17.11 23.05
C ASP G 692 -82.16 -17.88 24.27
N GLU G 693 -82.51 -19.16 24.09
CA GLU G 693 -83.06 -20.06 25.15
C GLU G 693 -81.94 -20.30 26.17
N GLU G 694 -80.80 -20.83 25.70
CA GLU G 694 -79.56 -21.13 26.49
C GLU G 694 -79.05 -19.88 27.21
N PHE G 695 -79.19 -18.68 26.62
CA PHE G 695 -78.66 -17.40 27.15
C PHE G 695 -79.46 -16.98 28.39
N ALA G 696 -80.80 -16.99 28.29
CA ALA G 696 -81.73 -16.55 29.37
C ALA G 696 -81.75 -17.62 30.48
N ASP G 697 -81.61 -18.90 30.12
CA ASP G 697 -81.45 -20.03 31.07
C ASP G 697 -80.21 -19.79 31.94
N ILE G 698 -79.22 -19.05 31.45
CA ILE G 698 -77.94 -18.81 32.19
C ILE G 698 -77.98 -17.43 32.86
N PHE G 699 -78.52 -16.41 32.20
CA PHE G 699 -78.42 -15.00 32.66
C PHE G 699 -79.76 -14.47 33.18
N THR G 700 -80.82 -15.31 33.22
CA THR G 700 -82.22 -14.93 33.59
C THR G 700 -82.81 -14.03 32.50
N ALA G 701 -84.14 -14.05 32.37
CA ALA G 701 -84.91 -13.27 31.38
C ALA G 701 -85.29 -11.90 31.95
N ASP G 702 -85.16 -11.69 33.26
CA ASP G 702 -85.77 -10.50 33.93
C ASP G 702 -84.96 -10.01 35.14
N LYS G 703 -83.89 -10.67 35.56
CA LYS G 703 -83.12 -10.17 36.75
C LYS G 703 -82.04 -9.18 36.29
N PRO G 704 -81.63 -8.23 37.15
CA PRO G 704 -80.44 -7.44 36.86
C PRO G 704 -79.20 -8.34 36.85
N VAL G 705 -78.34 -8.16 35.84
CA VAL G 705 -77.01 -8.82 35.71
C VAL G 705 -75.94 -7.73 35.86
N LEU G 706 -75.04 -7.93 36.81
CA LEU G 706 -73.81 -7.12 36.98
C LEU G 706 -72.66 -7.92 36.35
N PHE G 707 -72.14 -7.39 35.24
CA PHE G 707 -71.05 -8.02 34.45
C PHE G 707 -69.74 -7.28 34.77
N ALA G 708 -68.76 -8.04 35.26
CA ALA G 708 -67.35 -7.64 35.47
C ALA G 708 -66.50 -8.19 34.32
N TYR G 709 -65.99 -7.28 33.48
CA TYR G 709 -65.36 -7.58 32.17
C TYR G 709 -63.90 -7.18 32.18
N HIS G 710 -63.03 -8.08 31.74
CA HIS G 710 -61.55 -7.95 31.70
C HIS G 710 -61.12 -6.65 31.02
N SER G 711 -61.89 -6.28 30.00
CA SER G 711 -61.51 -5.26 28.99
C SER G 711 -62.57 -4.17 28.99
N TYR G 712 -62.76 -3.47 27.87
CA TYR G 712 -63.63 -2.28 27.76
C TYR G 712 -65.08 -2.74 27.65
N ALA G 713 -65.97 -2.16 28.46
CA ALA G 713 -67.38 -2.59 28.58
C ALA G 713 -68.06 -2.51 27.22
N HIS G 714 -67.68 -1.52 26.41
CA HIS G 714 -68.25 -1.32 25.06
C HIS G 714 -68.38 -2.68 24.38
N ASP G 715 -67.35 -3.54 24.50
CA ASP G 715 -67.25 -4.86 23.83
C ASP G 715 -68.51 -5.69 24.11
N VAL G 716 -68.90 -5.79 25.39
CA VAL G 716 -70.01 -6.66 25.87
C VAL G 716 -71.33 -5.94 25.54
N ARG G 717 -71.45 -4.64 25.78
CA ARG G 717 -72.68 -3.87 25.47
C ARG G 717 -73.08 -4.08 24.00
N GLY G 718 -72.13 -3.93 23.07
CA GLY G 718 -72.34 -3.97 21.62
C GLY G 718 -72.61 -5.37 21.08
N LEU G 719 -72.22 -6.42 21.83
CA LEU G 719 -72.31 -7.87 21.46
C LEU G 719 -73.73 -8.44 21.70
N ILE G 720 -74.48 -7.84 22.64
CA ILE G 720 -75.76 -8.38 23.23
C ILE G 720 -76.93 -7.44 22.91
N TYR G 721 -76.74 -6.40 22.11
CA TYR G 721 -77.79 -5.44 21.71
C TYR G 721 -79.15 -6.14 21.50
N ASP G 722 -79.20 -7.43 21.11
CA ASP G 722 -80.46 -8.17 20.79
C ASP G 722 -80.62 -9.43 21.65
N ARG G 723 -79.74 -9.64 22.64
CA ARG G 723 -79.90 -10.78 23.57
C ARG G 723 -81.06 -10.45 24.50
N PRO G 724 -81.80 -11.48 24.95
CA PRO G 724 -82.80 -11.31 26.01
C PRO G 724 -82.13 -10.78 27.29
N ASN G 725 -82.73 -9.72 27.86
CA ASN G 725 -82.42 -9.18 29.20
C ASN G 725 -81.28 -8.16 29.08
N HIS G 726 -80.93 -7.79 27.85
CA HIS G 726 -79.76 -6.94 27.54
C HIS G 726 -79.88 -5.60 28.27
N ASP G 727 -81.10 -5.07 28.45
CA ASP G 727 -81.31 -3.75 29.09
C ASP G 727 -80.96 -3.80 30.59
N ASN G 728 -80.84 -5.01 31.17
CA ASN G 728 -80.66 -5.26 32.62
C ASN G 728 -79.19 -5.46 32.97
N PHE G 729 -78.32 -5.60 31.96
CA PHE G 729 -76.85 -5.72 32.17
C PHE G 729 -76.28 -4.37 32.64
N ASN G 730 -75.69 -4.36 33.83
CA ASN G 730 -74.74 -3.32 34.30
C ASN G 730 -73.35 -3.92 34.06
N VAL G 731 -72.60 -3.34 33.11
CA VAL G 731 -71.27 -3.86 32.66
C VAL G 731 -70.18 -2.89 33.11
N HIS G 732 -69.16 -3.48 33.74
CA HIS G 732 -67.98 -2.79 34.33
C HIS G 732 -66.74 -3.38 33.63
N GLY G 733 -65.83 -2.52 33.23
CA GLY G 733 -64.49 -2.92 32.73
C GLY G 733 -63.49 -1.79 32.86
N TYR G 734 -62.31 -1.96 32.26
CA TYR G 734 -61.27 -0.92 32.19
C TYR G 734 -61.88 0.36 31.58
N GLU G 735 -61.57 1.50 32.19
CA GLU G 735 -62.22 2.81 31.90
C GLU G 735 -61.15 3.88 31.78
N GLU G 736 -59.91 3.49 31.46
CA GLU G 736 -58.78 4.43 31.21
C GLU G 736 -58.44 5.13 32.53
N GLU G 737 -58.47 4.36 33.61
CA GLU G 737 -58.11 4.88 34.96
C GLU G 737 -57.00 3.98 35.48
N GLY G 738 -55.96 4.58 36.07
CA GLY G 738 -54.86 3.74 36.56
C GLY G 738 -53.58 4.52 36.63
N SER G 739 -52.52 3.83 37.04
CA SER G 739 -51.26 4.50 37.42
C SER G 739 -50.24 3.44 37.84
N THR G 740 -49.09 3.91 38.29
CA THR G 740 -48.17 3.06 39.08
C THR G 740 -48.76 3.05 40.52
N THR G 741 -49.17 1.88 41.02
CA THR G 741 -49.93 1.75 42.31
C THR G 741 -50.01 0.28 42.73
N THR G 742 -51.14 -0.10 43.34
CA THR G 742 -51.37 -1.42 43.98
C THR G 742 -52.48 -2.18 43.24
N PRO G 743 -52.42 -3.53 43.25
CA PRO G 743 -53.44 -4.38 42.62
C PRO G 743 -54.91 -3.96 42.85
N TYR G 744 -55.18 -3.39 44.02
CA TYR G 744 -56.53 -3.03 44.51
C TYR G 744 -56.89 -1.65 43.94
N ASP G 745 -55.95 -0.71 44.01
CA ASP G 745 -56.16 0.68 43.54
C ASP G 745 -56.53 0.59 42.05
N MET G 746 -55.91 -0.35 41.32
CA MET G 746 -56.16 -0.61 39.88
C MET G 746 -57.66 -0.90 39.69
N VAL G 747 -58.16 -2.03 40.25
CA VAL G 747 -59.60 -2.44 40.18
C VAL G 747 -60.47 -1.33 40.80
N ARG G 748 -59.96 -0.66 41.84
CA ARG G 748 -60.69 0.40 42.58
C ARG G 748 -61.07 1.50 41.60
N VAL G 749 -60.09 2.24 41.10
CA VAL G 749 -60.28 3.45 40.23
C VAL G 749 -61.02 3.08 38.93
N ASN G 750 -61.03 1.81 38.52
CA ASN G 750 -61.83 1.29 37.38
C ASN G 750 -63.19 0.74 37.84
N ARG G 751 -63.57 1.02 39.10
CA ARG G 751 -64.92 0.76 39.67
C ARG G 751 -65.28 -0.72 39.51
N ILE G 752 -64.33 -1.61 39.74
CA ILE G 752 -64.54 -3.07 39.53
C ILE G 752 -63.95 -3.88 40.72
N ASP G 753 -63.62 -3.21 41.82
CA ASP G 753 -63.15 -3.87 43.08
C ASP G 753 -64.31 -4.61 43.75
N ARG G 754 -64.04 -5.74 44.41
CA ARG G 754 -65.03 -6.54 45.18
C ARG G 754 -66.00 -5.62 45.95
N TYR G 755 -65.53 -4.50 46.51
CA TYR G 755 -66.32 -3.59 47.37
C TYR G 755 -67.39 -2.88 46.51
N GLU G 756 -66.96 -2.05 45.56
CA GLU G 756 -67.85 -1.33 44.60
C GLU G 756 -68.82 -2.27 43.87
N LEU G 757 -68.43 -3.51 43.58
CA LEU G 757 -69.32 -4.49 42.92
C LEU G 757 -70.49 -4.76 43.87
N THR G 758 -70.18 -5.34 45.04
CA THR G 758 -71.10 -5.52 46.21
C THR G 758 -72.06 -4.31 46.27
N ALA G 759 -71.56 -3.10 46.51
CA ALA G 759 -72.39 -1.87 46.51
C ALA G 759 -73.32 -1.86 45.29
N GLU G 760 -72.75 -1.82 44.08
CA GLU G 760 -73.52 -1.62 42.81
C GLU G 760 -74.57 -2.71 42.67
N ALA G 761 -74.31 -3.94 43.14
CA ALA G 761 -75.29 -5.06 43.18
C ALA G 761 -76.50 -4.66 44.04
N LEU G 762 -76.23 -4.19 45.27
CA LEU G 762 -77.30 -3.81 46.23
C LEU G 762 -78.10 -2.66 45.62
N ARG G 763 -77.48 -1.75 44.86
CA ARG G 763 -78.21 -0.61 44.23
C ARG G 763 -79.23 -1.14 43.21
N MET G 764 -78.97 -2.30 42.61
CA MET G 764 -79.78 -2.86 41.50
C MET G 764 -80.94 -3.71 42.04
N ILE G 765 -80.79 -4.21 43.28
CA ILE G 765 -81.87 -4.88 44.06
C ILE G 765 -82.78 -3.78 44.67
N ASP G 766 -82.34 -3.13 45.75
CA ASP G 766 -83.05 -1.99 46.43
C ASP G 766 -82.02 -0.95 46.89
N ALA G 767 -81.92 0.17 46.16
CA ALA G 767 -81.13 1.34 46.56
C ALA G 767 -81.48 1.69 48.01
N ASP G 768 -82.78 1.66 48.32
CA ASP G 768 -83.38 2.21 49.56
C ASP G 768 -83.14 1.24 50.73
N LYS G 769 -83.39 -0.06 50.57
CA LYS G 769 -83.21 -1.05 51.67
C LYS G 769 -81.74 -1.14 52.12
N TYR G 770 -80.75 -1.06 51.22
CA TYR G 770 -79.33 -1.28 51.58
C TYR G 770 -78.52 0.02 51.59
N ALA G 771 -79.18 1.19 51.50
CA ALA G 771 -78.54 2.53 51.41
C ALA G 771 -77.42 2.69 52.46
N ASP G 772 -77.54 2.08 53.64
CA ASP G 772 -76.57 2.22 54.75
C ASP G 772 -75.37 1.28 54.56
N LYS G 773 -75.57 0.12 53.90
CA LYS G 773 -74.50 -0.88 53.59
C LYS G 773 -73.72 -0.42 52.35
N ILE G 774 -74.42 0.12 51.35
CA ILE G 774 -73.85 0.84 50.18
C ILE G 774 -72.88 1.91 50.73
N ASP G 775 -73.39 2.92 51.43
CA ASP G 775 -72.60 4.05 51.99
C ASP G 775 -71.42 3.53 52.84
N GLU G 776 -71.55 2.37 53.47
CA GLU G 776 -70.49 1.80 54.34
C GLU G 776 -69.32 1.33 53.46
N LEU G 777 -69.63 0.58 52.40
CA LEU G 777 -68.67 -0.01 51.43
C LEU G 777 -67.91 1.09 50.69
N GLU G 778 -68.57 2.15 50.20
CA GLU G 778 -67.88 3.34 49.66
C GLU G 778 -66.83 3.83 50.68
N LYS G 779 -67.21 4.00 51.94
CA LYS G 779 -66.30 4.52 52.99
C LYS G 779 -65.07 3.60 53.05
N PHE G 780 -65.25 2.29 52.90
CA PHE G 780 -64.16 1.29 53.03
C PHE G 780 -63.26 1.28 51.79
N ARG G 781 -63.72 1.85 50.68
CA ARG G 781 -62.92 1.98 49.44
C ARG G 781 -61.87 3.06 49.68
N ASP G 782 -62.28 4.20 50.24
CA ASP G 782 -61.36 5.31 50.62
C ASP G 782 -60.37 4.78 51.65
N GLU G 783 -60.78 3.84 52.49
CA GLU G 783 -59.97 3.39 53.64
C GLU G 783 -58.84 2.49 53.11
N ALA G 784 -59.16 1.46 52.33
CA ALA G 784 -58.19 0.44 51.84
C ALA G 784 -57.21 1.08 50.84
N PHE G 785 -57.58 2.21 50.24
CA PHE G 785 -56.67 3.08 49.45
C PHE G 785 -55.65 3.70 50.40
N GLN G 786 -56.13 4.46 51.37
CA GLN G 786 -55.28 5.21 52.32
C GLN G 786 -54.43 4.19 53.09
N PHE G 787 -54.93 2.99 53.38
CA PHE G 787 -54.15 1.96 54.11
C PHE G 787 -52.91 1.61 53.30
N ALA G 788 -53.08 1.52 51.97
CA ALA G 788 -52.01 1.20 50.99
C ALA G 788 -51.05 2.38 50.88
N VAL G 789 -51.58 3.60 50.78
CA VAL G 789 -50.76 4.85 50.74
C VAL G 789 -49.81 4.87 51.95
N ASP G 790 -50.38 4.77 53.16
CA ASP G 790 -49.63 4.91 54.44
C ASP G 790 -48.63 3.76 54.60
N ASN G 791 -48.99 2.55 54.17
CA ASN G 791 -48.26 1.30 54.51
C ASN G 791 -47.42 0.79 53.33
N GLY G 792 -47.88 1.05 52.10
CA GLY G 792 -47.22 0.64 50.85
C GLY G 792 -47.45 -0.83 50.56
N TYR G 793 -48.59 -1.36 50.98
CA TYR G 793 -49.19 -2.63 50.49
C TYR G 793 -50.69 -2.52 50.72
N ASP G 794 -51.48 -3.46 50.19
CA ASP G 794 -52.96 -3.38 50.25
C ASP G 794 -53.48 -3.87 51.61
N HIS G 795 -54.69 -3.43 51.94
CA HIS G 795 -55.47 -3.84 53.14
C HIS G 795 -55.63 -5.36 53.21
N PRO G 796 -55.47 -6.00 54.40
CA PRO G 796 -55.53 -7.47 54.53
C PRO G 796 -56.91 -8.07 54.23
N ASP G 797 -57.97 -7.25 54.28
CA ASP G 797 -59.33 -7.63 53.82
C ASP G 797 -59.36 -7.90 52.31
N TYR G 798 -58.47 -7.24 51.55
CA TYR G 798 -58.24 -7.46 50.11
C TYR G 798 -57.18 -8.57 49.95
N THR G 799 -56.03 -8.36 50.58
CA THR G 799 -54.82 -9.23 50.52
C THR G 799 -55.13 -10.66 50.94
N ASP G 800 -55.72 -10.86 52.13
CA ASP G 800 -55.69 -12.16 52.85
C ASP G 800 -56.96 -12.96 52.53
N TRP G 801 -58.01 -12.31 52.03
CA TRP G 801 -59.33 -12.92 51.69
C TRP G 801 -59.15 -14.28 51.00
N VAL G 802 -60.06 -15.22 51.29
CA VAL G 802 -60.15 -16.58 50.68
C VAL G 802 -61.64 -16.95 50.59
N TYR G 803 -62.08 -17.52 49.46
CA TYR G 803 -63.49 -17.95 49.23
C TYR G 803 -63.92 -18.89 50.38
N SER G 804 -64.99 -18.52 51.07
CA SER G 804 -65.70 -19.39 52.05
C SER G 804 -65.44 -20.87 51.73
N GLY G 805 -65.70 -21.29 50.48
CA GLY G 805 -65.76 -22.70 50.07
C GLY G 805 -64.41 -23.43 50.10
N VAL G 806 -63.35 -22.87 50.68
CA VAL G 806 -62.07 -23.62 50.86
C VAL G 806 -62.09 -24.28 52.24
N ASN G 807 -62.05 -25.62 52.29
CA ASN G 807 -61.66 -26.41 53.49
C ASN G 807 -60.23 -25.97 53.87
N THR G 808 -60.10 -25.10 54.88
CA THR G 808 -58.79 -24.59 55.39
C THR G 808 -58.23 -25.61 56.40
N THR H 2 -43.58 30.20 15.46
CA THR H 2 -42.32 29.58 15.02
C THR H 2 -41.53 29.23 16.29
N SER H 3 -40.51 28.38 16.19
CA SER H 3 -39.68 27.96 17.35
C SER H 3 -38.75 29.12 17.67
N PRO H 4 -38.55 29.40 18.98
CA PRO H 4 -37.77 30.55 19.38
C PRO H 4 -36.30 30.16 19.36
N VAL H 5 -35.43 31.09 19.04
CA VAL H 5 -33.97 30.84 19.18
C VAL H 5 -33.62 31.04 20.64
N ILE H 6 -33.30 29.97 21.35
CA ILE H 6 -32.78 30.05 22.73
C ILE H 6 -31.25 29.93 22.73
N GLY H 7 -30.63 30.52 23.75
CA GLY H 7 -29.21 30.31 24.04
C GLY H 7 -28.37 30.85 22.93
N THR H 8 -27.13 30.38 22.86
CA THR H 8 -26.11 30.66 21.82
C THR H 8 -25.80 29.35 21.09
N PRO H 9 -26.34 29.10 19.87
CA PRO H 9 -26.36 27.77 19.29
C PRO H 9 -25.09 27.45 18.47
N TRP H 10 -24.74 26.16 18.44
CA TRP H 10 -23.59 25.60 17.67
C TRP H 10 -22.34 26.44 17.92
N LYS H 11 -21.98 26.69 19.19
CA LYS H 11 -20.70 27.34 19.59
C LYS H 11 -19.73 26.29 20.09
N LYS H 12 -18.53 26.32 19.55
CA LYS H 12 -17.40 25.51 20.01
C LYS H 12 -16.91 26.07 21.35
N LEU H 13 -16.26 25.23 22.15
CA LEU H 13 -15.64 25.63 23.43
C LEU H 13 -14.31 26.36 23.19
N ASN H 14 -13.45 25.86 22.31
CA ASN H 14 -12.11 26.47 22.05
C ASN H 14 -11.27 26.48 23.34
N ALA H 15 -11.32 25.39 24.12
CA ALA H 15 -10.57 25.15 25.37
C ALA H 15 -10.82 23.72 25.83
N PRO H 16 -9.86 23.09 26.55
CA PRO H 16 -10.16 21.83 27.23
C PRO H 16 -11.32 22.04 28.23
N VAL H 17 -12.06 20.96 28.52
CA VAL H 17 -13.10 20.94 29.58
C VAL H 17 -12.35 21.10 30.90
N SER H 18 -12.78 22.03 31.77
CA SER H 18 -12.06 22.36 33.04
C SER H 18 -12.11 21.15 33.99
N GLU H 19 -11.11 21.03 34.86
CA GLU H 19 -11.01 19.96 35.89
C GLU H 19 -12.25 20.04 36.79
N GLU H 20 -12.74 21.26 37.06
CA GLU H 20 -13.82 21.53 38.05
C GLU H 20 -15.14 20.96 37.55
N ALA H 21 -15.43 21.20 36.27
CA ALA H 21 -16.68 20.75 35.59
C ALA H 21 -16.77 19.23 35.66
N LEU H 22 -15.66 18.57 35.36
CA LEU H 22 -15.58 17.10 35.46
C LEU H 22 -15.77 16.65 36.91
N GLU H 23 -15.30 17.41 37.90
CA GLU H 23 -15.52 17.06 39.34
C GLU H 23 -17.01 17.19 39.62
N GLY H 24 -17.65 18.24 39.11
CA GLY H 24 -19.12 18.42 39.17
C GLY H 24 -19.89 17.21 38.61
N VAL H 25 -19.36 16.64 37.54
CA VAL H 25 -20.07 15.56 36.80
C VAL H 25 -20.03 14.30 37.66
N ASP H 26 -18.84 13.94 38.21
CA ASP H 26 -18.70 12.69 39.01
C ASP H 26 -19.67 12.79 40.19
N LYS H 27 -19.75 14.00 40.73
CA LYS H 27 -20.67 14.35 41.83
C LYS H 27 -22.10 14.23 41.32
N TYR H 28 -22.49 14.92 40.23
CA TYR H 28 -23.85 14.75 39.64
C TYR H 28 -24.13 13.25 39.53
N TRP H 29 -23.18 12.51 38.96
CA TRP H 29 -23.41 11.09 38.63
C TRP H 29 -23.72 10.33 39.91
N ARG H 30 -22.84 10.46 40.91
CA ARG H 30 -22.91 9.77 42.21
C ARG H 30 -24.27 10.09 42.87
N VAL H 31 -24.60 11.38 42.96
CA VAL H 31 -25.83 11.81 43.66
C VAL H 31 -27.07 11.29 42.91
N ALA H 32 -27.08 11.38 41.58
CA ALA H 32 -28.19 10.93 40.69
C ALA H 32 -28.39 9.42 40.87
N ASN H 33 -27.29 8.67 40.94
CA ASN H 33 -27.29 7.21 41.22
C ASN H 33 -27.99 6.96 42.58
N TYR H 34 -27.71 7.80 43.57
CA TYR H 34 -28.13 7.62 44.98
C TYR H 34 -29.62 7.92 45.05
N LEU H 35 -30.01 9.09 44.52
CA LEU H 35 -31.42 9.54 44.31
C LEU H 35 -32.21 8.43 43.58
N SER H 36 -31.51 7.72 42.71
CA SER H 36 -32.14 6.77 41.78
C SER H 36 -32.39 5.47 42.53
N ILE H 37 -31.46 5.08 43.41
CA ILE H 37 -31.60 3.82 44.21
C ILE H 37 -32.61 4.07 45.35
N GLY H 38 -32.53 5.26 45.94
CA GLY H 38 -33.52 5.79 46.90
C GLY H 38 -34.94 5.59 46.41
N GLN H 39 -35.31 6.22 45.30
CA GLN H 39 -36.68 6.16 44.73
C GLN H 39 -37.13 4.69 44.62
N ILE H 40 -36.24 3.78 44.25
CA ILE H 40 -36.67 2.36 44.05
C ILE H 40 -36.89 1.71 45.41
N TYR H 41 -35.95 1.88 46.33
CA TYR H 41 -35.72 1.00 47.50
C TYR H 41 -36.27 1.57 48.82
N LEU H 42 -36.36 2.89 48.99
CA LEU H 42 -36.56 3.53 50.33
C LEU H 42 -37.92 4.22 50.44
N ARG H 43 -38.65 3.89 51.52
CA ARG H 43 -39.93 4.57 51.90
C ARG H 43 -39.64 5.70 52.87
N SER H 44 -38.53 5.64 53.63
CA SER H 44 -38.21 6.65 54.68
C SER H 44 -36.71 6.66 54.97
N ASN H 45 -36.28 7.69 55.72
CA ASN H 45 -34.89 7.84 56.22
C ASN H 45 -33.98 7.90 55.01
N PRO H 46 -34.17 8.92 54.15
CA PRO H 46 -33.48 9.01 52.87
C PRO H 46 -31.96 9.06 52.98
N LEU H 47 -31.44 9.69 54.05
CA LEU H 47 -29.99 9.96 54.23
C LEU H 47 -29.34 8.95 55.19
N MET H 48 -30.03 7.86 55.54
CA MET H 48 -29.46 6.72 56.32
C MET H 48 -28.95 7.19 57.68
N LYS H 49 -29.76 7.97 58.41
CA LYS H 49 -29.45 8.45 59.79
C LYS H 49 -29.63 7.26 60.74
N GLU H 50 -28.68 7.08 61.66
CA GLU H 50 -28.75 6.08 62.77
C GLU H 50 -30.09 6.25 63.47
N PRO H 51 -30.94 5.20 63.58
CA PRO H 51 -30.67 3.88 62.97
C PRO H 51 -31.20 3.71 61.53
N PHE H 52 -30.50 2.90 60.72
CA PHE H 52 -30.89 2.53 59.33
C PHE H 52 -31.22 1.02 59.26
N THR H 53 -32.48 0.69 58.93
CA THR H 53 -33.13 -0.64 59.13
C THR H 53 -34.02 -1.04 57.95
N ARG H 54 -34.40 -2.31 57.93
CA ARG H 54 -35.32 -2.92 56.94
C ARG H 54 -36.70 -2.24 56.94
N GLU H 55 -37.06 -1.45 57.96
CA GLU H 55 -38.35 -0.72 58.07
C GLU H 55 -38.32 0.56 57.21
N ASP H 56 -37.13 0.95 56.75
CA ASP H 56 -36.93 2.11 55.84
C ASP H 56 -37.12 1.69 54.36
N VAL H 57 -36.96 0.39 54.05
CA VAL H 57 -37.06 -0.23 52.70
C VAL H 57 -38.50 -0.55 52.31
N LYS H 58 -38.86 -0.31 51.04
CA LYS H 58 -40.25 -0.44 50.53
C LYS H 58 -40.61 -1.92 50.52
N HIS H 59 -41.86 -2.25 50.78
CA HIS H 59 -42.31 -3.66 50.85
C HIS H 59 -42.20 -4.25 49.45
N ARG H 60 -42.54 -3.43 48.46
CA ARG H 60 -42.61 -3.85 47.05
C ARG H 60 -41.65 -2.99 46.23
N LEU H 61 -40.63 -3.63 45.65
CA LEU H 61 -39.54 -2.98 44.85
C LEU H 61 -40.00 -2.79 43.41
N VAL H 62 -40.26 -1.54 43.02
CA VAL H 62 -40.85 -1.19 41.70
C VAL H 62 -40.04 -0.08 41.05
N GLY H 63 -39.71 -0.27 39.76
CA GLY H 63 -38.86 0.62 38.96
C GLY H 63 -37.67 -0.13 38.38
N HIS H 64 -36.82 0.56 37.59
CA HIS H 64 -35.72 -0.09 36.84
C HIS H 64 -34.40 0.58 37.17
N TRP H 65 -33.41 -0.26 37.46
CA TRP H 65 -32.03 0.15 37.78
C TRP H 65 -31.13 0.02 36.54
N GLY H 66 -31.18 -1.14 35.86
CA GLY H 66 -30.26 -1.54 34.77
C GLY H 66 -29.76 -0.39 33.90
N THR H 67 -30.70 0.38 33.32
CA THR H 67 -30.40 1.41 32.32
C THR H 67 -29.86 2.65 33.04
N THR H 68 -30.35 2.89 34.26
CA THR H 68 -30.32 4.20 34.97
C THR H 68 -28.90 4.71 35.24
N PRO H 69 -27.93 3.93 35.74
CA PRO H 69 -26.60 4.49 35.96
C PRO H 69 -26.05 5.10 34.66
N GLY H 70 -26.33 4.47 33.52
CA GLY H 70 -25.91 4.95 32.19
C GLY H 70 -26.56 6.28 31.86
N LEU H 71 -27.87 6.39 32.10
CA LEU H 71 -28.60 7.62 31.71
C LEU H 71 -28.03 8.75 32.56
N ASN H 72 -27.65 8.41 33.80
CA ASN H 72 -27.21 9.39 34.82
C ASN H 72 -25.84 9.90 34.36
N PHE H 73 -24.95 8.99 33.97
CA PHE H 73 -23.63 9.38 33.40
C PHE H 73 -23.83 10.37 32.25
N LEU H 74 -24.72 10.03 31.29
CA LEU H 74 -24.91 10.79 30.02
C LEU H 74 -25.50 12.15 30.33
N ILE H 75 -26.59 12.14 31.11
CA ILE H 75 -27.37 13.37 31.42
C ILE H 75 -26.47 14.29 32.23
N GLY H 76 -25.62 13.70 33.08
CA GLY H 76 -24.61 14.45 33.84
C GLY H 76 -23.79 15.30 32.90
N HIS H 77 -23.16 14.66 31.92
CA HIS H 77 -22.24 15.25 30.91
C HIS H 77 -22.96 16.18 29.95
N ILE H 78 -24.22 15.86 29.67
CA ILE H 78 -25.07 16.71 28.81
C ILE H 78 -25.32 18.01 29.56
N ASN H 79 -25.51 17.93 30.86
CA ASN H 79 -25.76 19.14 31.71
C ASN H 79 -24.49 20.02 31.71
N ARG H 80 -23.31 19.44 31.88
CA ARG H 80 -22.05 20.20 31.77
C ARG H 80 -22.06 20.85 30.39
N PHE H 81 -22.30 20.01 29.35
CA PHE H 81 -22.31 20.46 27.95
C PHE H 81 -23.27 21.67 27.83
N ILE H 82 -24.52 21.53 28.24
CA ILE H 82 -25.50 22.62 28.03
C ILE H 82 -24.98 23.93 28.62
N ALA H 83 -24.43 23.87 29.83
CA ALA H 83 -24.07 25.05 30.65
C ALA H 83 -22.88 25.75 29.99
N ASP H 84 -21.88 24.96 29.58
CA ASP H 84 -20.61 25.46 29.00
C ASP H 84 -20.91 26.18 27.68
N HIS H 85 -21.87 25.70 26.91
CA HIS H 85 -22.08 26.10 25.49
C HIS H 85 -23.28 27.03 25.36
N GLY H 86 -24.25 26.93 26.25
CA GLY H 86 -25.49 27.72 26.11
C GLY H 86 -26.36 27.17 24.99
N GLN H 87 -26.45 25.84 24.91
CA GLN H 87 -27.09 25.13 23.78
C GLN H 87 -28.53 24.75 24.15
N ASN H 88 -29.48 25.39 23.48
CA ASN H 88 -30.87 24.87 23.35
C ASN H 88 -30.82 23.33 23.21
N THR H 89 -31.23 22.57 24.22
CA THR H 89 -31.14 21.08 24.29
C THR H 89 -32.39 20.45 24.93
N VAL H 90 -32.96 19.47 24.23
CA VAL H 90 -34.01 18.51 24.67
C VAL H 90 -33.44 17.09 24.61
N ILE H 91 -33.65 16.24 25.61
CA ILE H 91 -33.19 14.83 25.57
C ILE H 91 -34.42 14.00 25.21
N ILE H 92 -34.21 12.89 24.52
CA ILE H 92 -35.27 11.84 24.31
C ILE H 92 -34.76 10.61 25.04
N MET H 93 -35.51 10.16 26.03
CA MET H 93 -35.05 9.03 26.86
C MET H 93 -35.70 7.78 26.25
N GLY H 94 -34.94 7.11 25.42
CA GLY H 94 -35.45 5.91 24.75
C GLY H 94 -35.88 4.93 25.83
N PRO H 95 -34.96 4.55 26.74
CA PRO H 95 -35.27 3.58 27.79
C PRO H 95 -36.04 4.40 28.84
N GLY H 96 -37.35 4.54 28.61
CA GLY H 96 -38.30 5.32 29.42
C GLY H 96 -38.53 4.72 30.80
N HIS H 97 -38.35 3.40 30.92
CA HIS H 97 -38.33 2.66 32.21
C HIS H 97 -37.25 3.21 33.17
N GLY H 98 -36.29 3.98 32.64
CA GLY H 98 -35.23 4.62 33.44
C GLY H 98 -35.68 5.95 34.01
N GLY H 99 -36.99 6.13 34.26
CA GLY H 99 -37.62 7.32 34.91
C GLY H 99 -36.87 7.87 36.14
N PRO H 100 -36.30 7.05 37.06
CA PRO H 100 -35.46 7.58 38.13
C PRO H 100 -34.44 8.63 37.69
N ALA H 101 -33.71 8.36 36.60
CA ALA H 101 -32.80 9.32 35.93
C ALA H 101 -33.52 10.64 35.61
N GLY H 102 -34.77 10.55 35.16
CA GLY H 102 -35.54 11.71 34.65
C GLY H 102 -35.98 12.64 35.76
N THR H 103 -36.52 12.06 36.84
CA THR H 103 -36.91 12.74 38.10
C THR H 103 -35.66 13.28 38.82
N SER H 104 -34.65 12.45 39.01
CA SER H 104 -33.34 12.88 39.57
C SER H 104 -32.86 14.14 38.82
N GLN H 105 -33.07 14.22 37.50
CA GLN H 105 -32.52 15.36 36.72
C GLN H 105 -33.27 16.64 37.12
N SER H 106 -34.60 16.54 37.27
CA SER H 106 -35.53 17.68 37.51
C SER H 106 -35.33 18.18 38.94
N TYR H 107 -35.15 17.27 39.90
CA TYR H 107 -34.85 17.61 41.31
C TYR H 107 -33.52 18.39 41.39
N LEU H 108 -32.45 17.87 40.78
CA LEU H 108 -31.08 18.44 40.84
C LEU H 108 -30.98 19.75 40.05
N ASP H 109 -31.81 19.94 39.02
CA ASP H 109 -31.80 21.23 38.26
C ASP H 109 -32.81 22.17 38.89
N GLY H 110 -33.62 21.65 39.83
CA GLY H 110 -34.62 22.40 40.61
C GLY H 110 -35.81 22.84 39.78
N THR H 111 -36.16 22.09 38.74
CA THR H 111 -37.49 22.25 38.09
C THR H 111 -38.53 21.48 38.92
N TYR H 112 -38.11 20.41 39.62
CA TYR H 112 -39.05 19.56 40.40
C TYR H 112 -39.66 20.38 41.53
N THR H 113 -38.86 21.07 42.36
CA THR H 113 -39.36 21.92 43.48
C THR H 113 -40.17 23.10 42.92
N GLU H 114 -39.61 23.81 41.93
CA GLU H 114 -40.28 24.97 41.24
C GLU H 114 -41.68 24.55 40.77
N THR H 115 -41.99 23.24 40.66
CA THR H 115 -43.22 22.70 40.02
C THR H 115 -44.04 21.94 41.06
N PHE H 116 -43.38 21.18 41.93
CA PHE H 116 -44.00 20.53 43.12
C PHE H 116 -43.40 21.14 44.41
N PRO H 117 -43.90 22.32 44.88
CA PRO H 117 -43.28 23.01 46.02
C PRO H 117 -43.14 22.11 47.26
N LYS H 118 -44.11 21.20 47.44
CA LYS H 118 -44.11 20.19 48.53
C LYS H 118 -42.77 19.47 48.55
N ILE H 119 -42.04 19.39 47.42
CA ILE H 119 -40.86 18.48 47.26
C ILE H 119 -39.56 19.26 47.37
N THR H 120 -39.25 19.66 48.61
CA THR H 120 -38.29 20.72 49.02
C THR H 120 -36.86 20.19 48.89
N LYS H 121 -35.87 21.09 49.00
CA LYS H 121 -34.42 20.77 48.90
C LYS H 121 -33.84 20.55 50.31
N ASP H 122 -34.41 19.60 51.04
CA ASP H 122 -34.01 19.24 52.43
C ASP H 122 -34.40 17.78 52.67
N GLU H 123 -34.09 17.26 53.85
CA GLU H 123 -34.25 15.84 54.21
C GLU H 123 -35.75 15.48 54.19
N ALA H 124 -36.63 16.45 54.50
CA ALA H 124 -38.09 16.24 54.53
C ALA H 124 -38.58 16.00 53.10
N GLY H 125 -38.34 16.96 52.18
CA GLY H 125 -38.75 16.87 50.75
C GLY H 125 -38.14 15.68 50.05
N LEU H 126 -36.88 15.38 50.39
CA LEU H 126 -36.10 14.23 49.91
C LEU H 126 -36.66 12.90 50.42
N GLN H 127 -37.70 12.90 51.25
CA GLN H 127 -38.31 11.63 51.75
C GLN H 127 -39.67 11.47 51.06
N LYS H 128 -40.39 12.57 50.86
CA LYS H 128 -41.61 12.61 50.02
C LYS H 128 -41.22 12.09 48.63
N PHE H 129 -40.05 12.54 48.14
CA PHE H 129 -39.41 12.18 46.85
C PHE H 129 -39.25 10.66 46.72
N PHE H 130 -38.51 10.01 47.62
CA PHE H 130 -38.18 8.57 47.48
C PHE H 130 -39.47 7.74 47.58
N ARG H 131 -40.44 8.19 48.38
CA ARG H 131 -41.67 7.43 48.68
C ARG H 131 -42.60 7.48 47.46
N GLN H 132 -42.83 8.67 46.86
CA GLN H 132 -43.84 8.92 45.77
C GLN H 132 -43.48 8.15 44.49
N PHE H 133 -42.20 8.00 44.17
CA PHE H 133 -41.75 7.21 43.01
C PHE H 133 -42.38 5.80 43.00
N SER H 134 -43.28 5.56 42.04
CA SER H 134 -43.82 4.22 41.72
C SER H 134 -44.65 3.71 42.89
N TYR H 135 -45.45 4.60 43.48
CA TYR H 135 -46.09 4.42 44.80
C TYR H 135 -47.50 5.00 44.75
N PRO H 136 -48.49 4.23 45.26
CA PRO H 136 -49.89 4.65 45.24
C PRO H 136 -50.01 6.11 45.67
N GLY H 137 -50.67 6.90 44.85
CA GLY H 137 -51.00 8.31 45.11
C GLY H 137 -49.83 9.21 44.75
N GLY H 138 -48.72 8.61 44.24
CA GLY H 138 -47.46 9.31 43.88
C GLY H 138 -47.32 9.64 42.39
N ILE H 139 -46.18 9.27 41.81
CA ILE H 139 -45.80 9.51 40.37
C ILE H 139 -45.32 8.20 39.74
N PRO H 140 -45.32 8.12 38.38
CA PRO H 140 -45.04 6.87 37.65
C PRO H 140 -43.57 6.38 37.62
N SER H 141 -43.37 5.14 37.14
CA SER H 141 -42.04 4.45 37.06
C SER H 141 -41.25 4.94 35.84
N HIS H 142 -41.96 5.52 34.86
CA HIS H 142 -41.43 5.94 33.54
C HIS H 142 -41.30 7.46 33.50
N PHE H 143 -40.57 7.98 32.50
CA PHE H 143 -40.32 9.42 32.29
C PHE H 143 -41.60 10.09 31.76
N ALA H 144 -42.68 9.96 32.53
CA ALA H 144 -44.07 10.32 32.18
C ALA H 144 -44.19 11.83 32.04
N PRO H 145 -45.30 12.34 31.48
CA PRO H 145 -45.47 13.79 31.25
C PRO H 145 -45.48 14.62 32.54
N GLU H 146 -45.82 13.97 33.65
CA GLU H 146 -45.70 14.48 35.03
C GLU H 146 -44.29 15.03 35.24
N THR H 147 -43.25 14.43 34.63
CA THR H 147 -41.83 14.80 34.83
C THR H 147 -41.47 16.02 33.98
N PRO H 148 -40.87 17.10 34.55
CA PRO H 148 -40.44 18.24 33.75
C PRO H 148 -39.23 17.79 32.93
N GLY H 149 -39.21 18.14 31.63
CA GLY H 149 -38.16 17.78 30.65
C GLY H 149 -38.55 16.67 29.68
N SER H 150 -39.64 15.94 29.91
CA SER H 150 -40.06 14.78 29.10
C SER H 150 -41.04 15.21 28.00
N ILE H 151 -40.76 14.89 26.72
CA ILE H 151 -41.81 14.88 25.66
C ILE H 151 -41.99 13.44 25.18
N HIS H 152 -41.55 12.46 25.97
CA HIS H 152 -41.41 11.06 25.51
C HIS H 152 -41.20 10.18 26.74
N GLU H 153 -42.12 9.27 26.98
CA GLU H 153 -42.20 8.47 28.20
C GLU H 153 -41.34 7.22 28.03
N GLY H 154 -41.24 6.68 26.81
CA GLY H 154 -40.47 5.44 26.57
C GLY H 154 -41.13 4.23 27.19
N GLY H 155 -42.43 4.31 27.38
CA GLY H 155 -43.21 3.19 27.92
C GLY H 155 -43.30 2.15 26.85
N GLU H 156 -43.98 2.52 25.75
CA GLU H 156 -44.01 1.69 24.54
C GLU H 156 -42.74 2.05 23.76
N LEU H 157 -41.83 1.09 23.60
CA LEU H 157 -40.49 1.32 22.99
C LEU H 157 -40.60 1.40 21.45
N GLY H 158 -39.81 2.30 20.85
CA GLY H 158 -39.57 2.33 19.40
C GLY H 158 -39.56 3.73 18.81
N TYR H 159 -40.15 4.70 19.49
CA TYR H 159 -40.51 6.00 18.86
C TYR H 159 -39.45 7.03 19.16
N ALA H 160 -38.27 6.63 19.65
CA ALA H 160 -37.23 7.55 20.16
C ALA H 160 -36.80 8.48 19.05
N LEU H 161 -36.49 7.93 17.86
CA LEU H 161 -35.84 8.71 16.78
C LEU H 161 -36.86 9.49 15.97
N SER H 162 -38.09 8.99 15.79
CA SER H 162 -39.18 9.72 15.11
C SER H 162 -39.53 10.94 15.94
N HIS H 163 -39.62 10.79 17.27
CA HIS H 163 -39.85 11.95 18.17
C HIS H 163 -38.66 12.90 18.09
N ALA H 164 -37.44 12.37 18.18
CA ALA H 164 -36.19 13.18 18.11
C ALA H 164 -36.20 14.02 16.83
N TYR H 165 -36.49 13.40 15.69
CA TYR H 165 -36.34 14.02 14.34
C TYR H 165 -37.48 15.02 14.06
N GLY H 166 -38.71 14.70 14.47
CA GLY H 166 -39.82 15.67 14.35
C GLY H 166 -39.54 16.91 15.19
N ALA H 167 -38.84 16.78 16.32
CA ALA H 167 -38.64 17.89 17.27
C ALA H 167 -37.81 18.98 16.62
N ILE H 168 -36.80 18.57 15.83
CA ILE H 168 -35.79 19.47 15.22
C ILE H 168 -36.37 20.08 13.95
N MET H 169 -37.41 19.50 13.39
CA MET H 169 -37.98 20.08 12.14
C MET H 169 -38.43 21.50 12.43
N ASP H 170 -38.02 22.44 11.59
CA ASP H 170 -38.36 23.88 11.66
C ASP H 170 -37.82 24.49 12.97
N ASN H 171 -36.83 23.84 13.57
CA ASN H 171 -36.29 24.17 14.91
C ASN H 171 -34.78 24.30 14.79
N PRO H 172 -34.29 25.26 14.00
CA PRO H 172 -32.86 25.40 13.72
C PRO H 172 -31.91 25.42 14.92
N SER H 173 -32.31 25.96 16.08
CA SER H 173 -31.39 26.09 17.25
C SER H 173 -31.44 24.82 18.11
N LEU H 174 -32.37 23.91 17.90
CA LEU H 174 -32.57 22.79 18.88
C LEU H 174 -31.55 21.70 18.63
N PHE H 175 -30.85 21.28 19.68
CA PHE H 175 -30.01 20.05 19.72
C PHE H 175 -30.81 18.99 20.45
N VAL H 176 -30.83 17.76 19.96
CA VAL H 176 -31.57 16.64 20.61
C VAL H 176 -30.68 15.43 20.76
N PRO H 177 -29.97 15.24 21.92
CA PRO H 177 -29.30 13.98 22.22
C PRO H 177 -30.41 12.94 22.38
N ALA H 178 -30.45 11.90 21.55
CA ALA H 178 -31.56 10.92 21.55
C ALA H 178 -30.98 9.58 21.97
N ILE H 179 -31.30 9.16 23.17
CA ILE H 179 -30.73 7.92 23.78
C ILE H 179 -31.63 6.76 23.39
N VAL H 180 -31.05 5.70 22.82
CA VAL H 180 -31.79 4.58 22.20
C VAL H 180 -31.40 3.30 22.95
N GLY H 181 -32.38 2.64 23.56
CA GLY H 181 -32.19 1.27 24.05
C GLY H 181 -31.59 0.41 22.97
N ASP H 182 -30.57 -0.40 23.31
CA ASP H 182 -30.00 -1.39 22.38
C ASP H 182 -31.05 -2.49 22.16
N GLY H 183 -32.01 -2.64 23.08
CA GLY H 183 -33.18 -3.53 22.93
C GLY H 183 -34.30 -2.87 22.11
N GLU H 184 -34.58 -1.60 22.38
CA GLU H 184 -35.43 -0.72 21.52
C GLU H 184 -35.00 -0.79 20.05
N ALA H 185 -33.69 -0.74 19.79
CA ALA H 185 -33.10 -0.79 18.43
C ALA H 185 -33.61 -2.02 17.66
N GLU H 186 -34.07 -3.09 18.36
CA GLU H 186 -34.50 -4.36 17.71
C GLU H 186 -35.95 -4.22 17.20
N THR H 187 -36.65 -3.14 17.58
CA THR H 187 -38.06 -2.89 17.13
C THR H 187 -38.03 -2.26 15.74
N GLY H 188 -39.07 -2.52 14.96
CA GLY H 188 -39.22 -2.01 13.60
C GLY H 188 -39.24 -0.50 13.55
N PRO H 189 -40.11 0.19 14.31
CA PRO H 189 -40.16 1.64 14.22
C PRO H 189 -38.79 2.25 14.49
N LEU H 190 -37.98 1.63 15.36
CA LEU H 190 -36.69 2.27 15.69
C LEU H 190 -35.77 2.02 14.48
N ALA H 191 -35.65 0.76 14.07
CA ALA H 191 -34.87 0.32 12.87
C ALA H 191 -35.09 1.33 11.73
N THR H 192 -36.31 1.73 11.39
CA THR H 192 -36.50 2.65 10.24
C THR H 192 -36.19 4.09 10.65
N GLY H 193 -36.24 4.40 11.93
CA GLY H 193 -36.04 5.77 12.44
C GLY H 193 -34.65 6.31 12.17
N TRP H 194 -33.68 5.43 12.05
CA TRP H 194 -32.27 5.79 11.72
C TRP H 194 -32.22 6.59 10.41
N GLN H 195 -33.09 6.24 9.45
CA GLN H 195 -33.07 6.75 8.04
C GLN H 195 -33.60 8.20 7.95
N SER H 196 -34.14 8.74 9.04
CA SER H 196 -34.73 10.10 9.10
C SER H 196 -33.72 11.15 8.66
N ASN H 197 -32.41 10.86 8.72
CA ASN H 197 -31.34 11.85 8.43
C ASN H 197 -31.36 12.23 6.94
N LYS H 198 -32.09 11.51 6.06
CA LYS H 198 -32.25 11.92 4.64
C LYS H 198 -33.51 12.77 4.44
N LEU H 199 -34.31 13.03 5.49
CA LEU H 199 -35.56 13.85 5.43
C LEU H 199 -35.44 15.19 6.19
N VAL H 200 -34.26 15.52 6.71
CA VAL H 200 -34.06 16.78 7.49
C VAL H 200 -32.90 17.55 6.86
N ASN H 201 -32.95 18.87 6.97
CA ASN H 201 -31.93 19.77 6.38
C ASN H 201 -31.14 20.40 7.51
N PRO H 202 -29.79 20.37 7.48
CA PRO H 202 -29.00 20.97 8.55
C PRO H 202 -28.98 22.51 8.62
N ARG H 203 -29.60 23.26 7.71
CA ARG H 203 -29.79 24.72 7.87
C ARG H 203 -31.18 25.06 8.42
N THR H 204 -32.24 24.37 7.97
CA THR H 204 -33.63 24.76 8.30
C THR H 204 -34.17 23.89 9.45
N ASP H 205 -33.51 22.80 9.78
CA ASP H 205 -33.91 21.96 10.94
C ASP H 205 -32.79 21.99 11.96
N GLY H 206 -33.02 21.37 13.11
CA GLY H 206 -32.01 21.25 14.16
C GLY H 206 -31.08 20.09 13.88
N ILE H 207 -30.51 19.52 14.96
CA ILE H 207 -29.58 18.38 14.92
C ILE H 207 -29.99 17.34 15.97
N VAL H 208 -30.25 16.12 15.53
CA VAL H 208 -30.38 14.95 16.43
C VAL H 208 -28.99 14.33 16.51
N LEU H 209 -28.56 13.91 17.71
CA LEU H 209 -27.38 13.06 17.91
C LEU H 209 -27.88 11.75 18.51
N PRO H 210 -28.11 10.69 17.72
CA PRO H 210 -28.51 9.41 18.28
C PRO H 210 -27.40 8.94 19.23
N ILE H 211 -27.78 8.46 20.41
CA ILE H 211 -26.87 7.80 21.37
C ILE H 211 -27.40 6.40 21.58
N LEU H 212 -26.64 5.40 21.16
CA LEU H 212 -27.02 3.99 21.32
C LEU H 212 -26.54 3.56 22.71
N HIS H 213 -27.48 3.35 23.63
CA HIS H 213 -27.20 2.92 25.02
C HIS H 213 -26.94 1.42 24.96
N LEU H 214 -25.77 1.08 24.42
CA LEU H 214 -25.40 -0.33 24.15
C LEU H 214 -24.91 -0.96 25.45
N ASN H 215 -25.83 -1.33 26.34
CA ASN H 215 -25.48 -1.91 27.67
C ASN H 215 -25.45 -3.44 27.60
N GLY H 216 -25.51 -4.02 26.39
CA GLY H 216 -25.31 -5.46 26.15
C GLY H 216 -26.59 -6.27 26.24
N TYR H 217 -27.64 -5.74 26.88
CA TYR H 217 -28.82 -6.54 27.29
C TYR H 217 -30.11 -5.74 27.19
N LYS H 218 -31.18 -6.51 27.06
CA LYS H 218 -32.57 -6.07 27.29
C LYS H 218 -33.00 -6.83 28.57
N ILE H 219 -34.20 -7.45 28.61
CA ILE H 219 -34.81 -7.98 29.86
C ILE H 219 -34.09 -9.26 30.26
N ALA H 220 -34.08 -10.25 29.39
CA ALA H 220 -33.73 -11.65 29.77
C ALA H 220 -32.76 -12.22 28.74
N ASN H 221 -32.13 -11.31 28.01
CA ASN H 221 -31.46 -11.61 26.72
C ASN H 221 -30.36 -10.58 26.49
N PRO H 222 -29.30 -10.99 25.76
CA PRO H 222 -28.36 -10.04 25.21
C PRO H 222 -29.07 -9.30 24.05
N THR H 223 -28.47 -8.21 23.56
CA THR H 223 -28.98 -7.46 22.39
C THR H 223 -28.20 -7.86 21.13
N ILE H 224 -28.89 -7.90 19.99
CA ILE H 224 -28.27 -8.29 18.69
C ILE H 224 -27.11 -7.33 18.42
N LEU H 225 -27.35 -6.03 18.64
CA LEU H 225 -26.40 -4.99 18.18
C LEU H 225 -25.12 -5.06 19.02
N SER H 226 -25.14 -5.71 20.19
CA SER H 226 -23.96 -5.78 21.09
C SER H 226 -23.19 -7.07 20.85
N ARG H 227 -23.77 -8.06 20.17
CA ARG H 227 -23.16 -9.40 20.04
C ARG H 227 -22.86 -9.70 18.56
N ILE H 228 -22.97 -8.67 17.71
CA ILE H 228 -22.36 -8.68 16.35
C ILE H 228 -20.97 -8.07 16.47
N SER H 229 -20.13 -8.21 15.45
CA SER H 229 -18.75 -7.68 15.46
C SER H 229 -18.80 -6.15 15.52
N ASP H 230 -17.77 -5.49 16.05
CA ASP H 230 -17.75 -4.01 16.15
C ASP H 230 -17.61 -3.45 14.73
N GLU H 231 -16.93 -4.17 13.84
CA GLU H 231 -16.74 -3.78 12.42
C GLU H 231 -18.13 -3.76 11.76
N GLU H 232 -18.96 -4.81 11.96
CA GLU H 232 -20.37 -4.79 11.46
C GLU H 232 -21.15 -3.58 12.02
N LEU H 233 -21.04 -3.34 13.33
CA LEU H 233 -21.79 -2.24 14.00
C LEU H 233 -21.44 -0.91 13.33
N HIS H 234 -20.18 -0.58 13.15
CA HIS H 234 -19.75 0.70 12.51
C HIS H 234 -20.20 0.80 11.04
N GLU H 235 -19.98 -0.23 10.22
CA GLU H 235 -20.50 -0.31 8.84
C GLU H 235 -21.99 0.01 8.84
N PHE H 236 -22.72 -0.50 9.83
CA PHE H 236 -24.20 -0.44 9.87
C PHE H 236 -24.64 1.00 9.94
N PHE H 237 -24.02 1.75 10.84
CA PHE H 237 -24.34 3.18 11.12
C PHE H 237 -23.82 4.07 9.99
N HIS H 238 -22.65 3.75 9.42
CA HIS H 238 -22.08 4.52 8.29
C HIS H 238 -23.01 4.36 7.07
N GLY H 239 -23.52 3.15 6.84
CA GLY H 239 -24.46 2.86 5.73
C GLY H 239 -25.70 3.71 5.79
N MET H 240 -26.12 4.13 7.00
CA MET H 240 -27.37 4.90 7.25
C MET H 240 -27.04 6.37 7.39
N GLY H 241 -25.79 6.76 7.10
CA GLY H 241 -25.44 8.18 6.87
C GLY H 241 -24.92 8.84 8.13
N TYR H 242 -24.42 8.03 9.08
CA TYR H 242 -23.91 8.52 10.38
C TYR H 242 -22.39 8.30 10.40
N GLU H 243 -21.66 9.23 11.00
CA GLU H 243 -20.24 9.04 11.37
C GLU H 243 -20.27 8.45 12.77
N PRO H 244 -19.99 7.14 12.94
CA PRO H 244 -20.07 6.51 14.25
C PRO H 244 -18.80 6.72 15.10
N TYR H 245 -18.97 7.20 16.33
CA TYR H 245 -17.97 7.24 17.43
C TYR H 245 -18.35 6.20 18.50
N GLU H 246 -17.35 5.55 19.08
CA GLU H 246 -17.63 4.51 20.10
C GLU H 246 -16.93 4.85 21.41
N PHE H 247 -17.63 4.70 22.53
CA PHE H 247 -17.14 4.90 23.91
C PHE H 247 -17.28 3.59 24.70
N VAL H 248 -16.17 3.12 25.27
CA VAL H 248 -16.08 1.88 26.08
C VAL H 248 -15.52 2.23 27.46
N ALA H 249 -16.36 2.19 28.49
CA ALA H 249 -16.02 2.48 29.90
C ALA H 249 -16.62 1.38 30.78
N GLY H 250 -15.94 1.04 31.88
CA GLY H 250 -16.56 0.39 33.06
C GLY H 250 -16.46 -1.13 33.06
N PHE H 251 -15.61 -1.73 32.23
CA PHE H 251 -15.42 -3.20 32.15
C PHE H 251 -14.15 -3.60 32.92
N ASP H 252 -13.35 -2.59 33.26
CA ASP H 252 -11.99 -2.75 33.85
C ASP H 252 -11.98 -1.89 35.10
N ASP H 253 -10.83 -1.74 35.76
CA ASP H 253 -10.68 -1.03 37.06
C ASP H 253 -10.35 0.45 36.85
N GLU H 254 -10.46 0.97 35.62
CA GLU H 254 -10.18 2.39 35.25
C GLU H 254 -11.01 3.29 36.16
N ASP H 255 -10.37 4.32 36.75
CA ASP H 255 -11.02 5.16 37.79
C ASP H 255 -12.01 6.12 37.11
N HIS H 256 -12.98 6.59 37.89
CA HIS H 256 -14.16 7.33 37.37
C HIS H 256 -13.67 8.61 36.72
N MET H 257 -12.72 9.33 37.32
CA MET H 257 -12.26 10.63 36.75
C MET H 257 -11.65 10.38 35.36
N SER H 258 -10.85 9.34 35.17
CA SER H 258 -10.27 9.05 33.84
C SER H 258 -11.43 8.95 32.81
N ILE H 259 -12.54 8.29 33.19
CA ILE H 259 -13.69 7.97 32.29
C ILE H 259 -14.35 9.29 31.87
N HIS H 260 -14.59 10.19 32.81
CA HIS H 260 -15.22 11.52 32.59
C HIS H 260 -14.33 12.37 31.66
N ARG H 261 -13.02 12.24 31.81
CA ARG H 261 -12.08 13.07 31.03
C ARG H 261 -12.23 12.63 29.57
N ARG H 262 -12.02 11.33 29.34
CA ARG H 262 -12.10 10.63 28.03
C ARG H 262 -13.44 10.93 27.37
N PHE H 263 -14.56 10.82 28.11
CA PHE H 263 -15.92 11.03 27.57
C PHE H 263 -16.09 12.51 27.15
N ALA H 264 -15.62 13.44 27.95
CA ALA H 264 -15.84 14.88 27.74
C ALA H 264 -15.04 15.33 26.51
N GLU H 265 -13.90 14.67 26.30
CA GLU H 265 -13.02 14.92 25.16
C GLU H 265 -13.75 14.41 23.91
N LEU H 266 -14.25 13.17 23.97
CA LEU H 266 -15.05 12.53 22.88
C LEU H 266 -16.27 13.40 22.55
N TRP H 267 -17.05 13.80 23.56
CA TRP H 267 -18.28 14.61 23.38
C TRP H 267 -17.92 15.91 22.67
N GLU H 268 -16.77 16.49 22.99
CA GLU H 268 -16.38 17.83 22.48
C GLU H 268 -15.86 17.67 21.05
N THR H 269 -15.30 16.51 20.72
CA THR H 269 -14.88 16.15 19.34
C THR H 269 -16.11 16.00 18.45
N ILE H 270 -17.09 15.22 18.89
CA ILE H 270 -18.44 15.12 18.26
C ILE H 270 -19.07 16.51 18.16
N TRP H 271 -18.95 17.36 19.18
CA TRP H 271 -19.70 18.65 19.14
C TRP H 271 -19.09 19.61 18.11
N ASP H 272 -17.76 19.65 18.07
CA ASP H 272 -17.01 20.39 17.03
C ASP H 272 -17.51 19.97 15.64
N GLU H 273 -17.65 18.68 15.37
CA GLU H 273 -18.09 18.15 14.06
C GLU H 273 -19.51 18.67 13.77
N ILE H 274 -20.39 18.69 14.76
CA ILE H 274 -21.79 19.15 14.58
C ILE H 274 -21.79 20.64 14.29
N CYS H 275 -20.93 21.38 14.98
CA CYS H 275 -20.77 22.86 14.82
C CYS H 275 -20.25 23.16 13.41
N ASP H 276 -19.28 22.38 12.93
CA ASP H 276 -18.79 22.45 11.52
C ASP H 276 -19.94 22.16 10.53
N ILE H 277 -20.77 21.15 10.80
CA ILE H 277 -21.96 20.82 9.94
C ILE H 277 -22.88 22.04 9.91
N LYS H 278 -23.03 22.74 11.02
CA LYS H 278 -24.02 23.85 11.14
C LYS H 278 -23.48 25.10 10.46
N ALA H 279 -22.19 25.33 10.58
CA ALA H 279 -21.49 26.45 9.92
C ALA H 279 -21.51 26.19 8.40
N THR H 280 -21.13 24.99 7.98
CA THR H 280 -21.18 24.58 6.56
C THR H 280 -22.57 24.82 5.99
N ALA H 281 -23.63 24.44 6.71
CA ALA H 281 -25.03 24.48 6.21
C ALA H 281 -25.50 25.92 5.93
N GLN H 282 -24.78 26.93 6.36
CA GLN H 282 -25.16 28.35 6.15
C GLN H 282 -24.77 28.70 4.73
N THR H 283 -23.78 28.01 4.18
CA THR H 283 -23.27 28.20 2.79
C THR H 283 -23.80 27.09 1.86
N ASP H 284 -23.65 25.83 2.26
CA ASP H 284 -24.06 24.66 1.47
C ASP H 284 -24.98 23.78 2.32
N ASN H 285 -26.28 23.82 2.07
CA ASN H 285 -27.27 22.90 2.69
C ASN H 285 -27.90 21.96 1.63
N VAL H 286 -27.21 21.71 0.50
CA VAL H 286 -27.74 20.79 -0.55
C VAL H 286 -26.96 19.48 -0.48
N HIS H 287 -25.81 19.44 0.16
CA HIS H 287 -25.00 18.19 0.31
C HIS H 287 -25.23 17.67 1.72
N ARG H 288 -25.78 16.46 1.80
CA ARG H 288 -26.11 15.79 3.07
C ARG H 288 -24.80 15.43 3.73
N PRO H 289 -24.58 15.85 4.98
CA PRO H 289 -23.36 15.47 5.70
C PRO H 289 -23.55 14.14 6.42
N PHE H 290 -22.48 13.53 6.88
CA PHE H 290 -22.56 12.33 7.75
C PHE H 290 -22.74 12.86 9.18
N TYR H 291 -23.90 12.66 9.78
CA TYR H 291 -24.18 13.17 11.13
C TYR H 291 -23.50 12.27 12.14
N PRO H 292 -22.75 12.82 13.12
CA PRO H 292 -22.19 12.01 14.20
C PRO H 292 -23.25 11.15 14.88
N MET H 293 -22.88 9.95 15.32
CA MET H 293 -23.68 9.19 16.30
C MET H 293 -22.74 8.52 17.30
N LEU H 294 -23.25 8.22 18.49
CA LEU H 294 -22.40 7.77 19.61
C LEU H 294 -22.89 6.39 20.03
N ILE H 295 -22.02 5.39 19.91
CA ILE H 295 -22.18 4.05 20.52
C ILE H 295 -21.63 4.15 21.94
N PHE H 296 -22.52 4.21 22.92
CA PHE H 296 -22.21 4.22 24.38
C PHE H 296 -22.24 2.77 24.89
N ARG H 297 -21.06 2.16 25.07
CA ARG H 297 -20.92 0.74 25.51
C ARG H 297 -20.41 0.73 26.95
N THR H 298 -21.28 0.35 27.87
CA THR H 298 -21.07 0.30 29.33
C THR H 298 -21.78 -0.93 29.85
N PRO H 299 -21.36 -1.47 31.02
CA PRO H 299 -22.06 -2.61 31.61
C PRO H 299 -23.44 -2.18 32.10
N LYS H 300 -24.45 -3.03 31.89
CA LYS H 300 -25.83 -2.76 32.34
C LYS H 300 -25.80 -2.79 33.87
N GLY H 301 -26.39 -1.76 34.49
CA GLY H 301 -26.44 -1.57 35.95
C GLY H 301 -25.09 -1.13 36.53
N TRP H 302 -24.25 -0.53 35.70
CA TRP H 302 -22.97 0.13 36.08
C TRP H 302 -23.04 0.64 37.53
N THR H 303 -22.06 0.22 38.35
CA THR H 303 -21.75 0.71 39.74
C THR H 303 -22.59 -0.03 40.81
N CYS H 304 -23.43 -1.02 40.46
CA CYS H 304 -24.08 -1.92 41.44
C CYS H 304 -23.13 -3.06 41.78
N PRO H 305 -23.41 -3.86 42.84
CA PRO H 305 -22.57 -4.99 43.18
C PRO H 305 -22.35 -5.93 41.98
N LYS H 306 -21.11 -6.37 41.78
CA LYS H 306 -20.68 -7.11 40.57
C LYS H 306 -21.36 -8.48 40.55
N TYR H 307 -21.45 -9.15 41.71
CA TYR H 307 -22.19 -10.41 41.92
C TYR H 307 -23.08 -10.30 43.17
N ILE H 308 -24.22 -10.97 43.13
CA ILE H 308 -25.22 -11.00 44.24
C ILE H 308 -25.75 -12.42 44.32
N ASP H 309 -25.51 -13.07 45.47
CA ASP H 309 -25.90 -14.48 45.74
C ASP H 309 -25.20 -15.36 44.71
N GLY H 310 -23.95 -14.97 44.36
CA GLY H 310 -23.08 -15.72 43.43
C GLY H 310 -23.53 -15.65 41.97
N LYS H 311 -24.42 -14.72 41.60
CA LYS H 311 -24.91 -14.54 40.20
C LYS H 311 -24.50 -13.16 39.69
N LYS H 312 -23.83 -13.11 38.53
CA LYS H 312 -23.34 -11.85 37.88
C LYS H 312 -24.51 -10.89 37.63
N THR H 313 -24.36 -9.67 38.13
CA THR H 313 -25.42 -8.65 38.32
C THR H 313 -25.08 -7.37 37.52
N GLU H 314 -23.95 -6.72 37.81
CA GLU H 314 -23.37 -5.66 36.95
C GLU H 314 -22.99 -6.36 35.64
N GLY H 315 -23.18 -5.70 34.49
CA GLY H 315 -22.89 -6.32 33.18
C GLY H 315 -23.79 -7.53 32.90
N SER H 316 -25.06 -7.50 33.30
CA SER H 316 -26.00 -8.62 33.08
C SER H 316 -27.44 -8.08 32.97
N TRP H 317 -28.29 -8.87 32.32
CA TRP H 317 -29.78 -8.68 32.22
C TRP H 317 -30.41 -8.80 33.63
N ARG H 318 -29.71 -9.49 34.55
CA ARG H 318 -30.10 -9.61 35.98
C ARG H 318 -30.26 -8.22 36.62
N SER H 319 -29.53 -7.20 36.17
CA SER H 319 -29.67 -5.81 36.73
C SER H 319 -30.80 -5.03 36.06
N HIS H 320 -31.64 -5.66 35.21
CA HIS H 320 -32.66 -4.97 34.39
C HIS H 320 -33.66 -4.22 35.27
N GLN H 321 -34.42 -4.96 36.09
CA GLN H 321 -35.43 -4.38 37.02
C GLN H 321 -34.65 -3.88 38.24
N VAL H 322 -34.31 -4.79 39.14
CA VAL H 322 -33.51 -4.54 40.38
C VAL H 322 -32.52 -5.68 40.48
N PRO H 323 -31.26 -5.36 40.82
CA PRO H 323 -30.21 -6.36 40.90
C PRO H 323 -30.38 -7.21 42.18
N LEU H 324 -31.03 -6.60 43.18
CA LEU H 324 -31.19 -7.12 44.55
C LEU H 324 -32.69 -7.32 44.76
N ALA H 325 -33.13 -8.58 44.74
CA ALA H 325 -34.56 -8.97 44.56
C ALA H 325 -35.41 -8.41 45.70
N SER H 326 -34.80 -8.32 46.89
CA SER H 326 -35.41 -7.87 48.18
C SER H 326 -34.30 -7.39 49.14
N ALA H 327 -34.59 -6.35 49.93
CA ALA H 327 -33.73 -5.82 51.02
C ALA H 327 -34.54 -5.78 52.34
N ARG H 328 -35.57 -6.62 52.47
CA ARG H 328 -36.39 -6.79 53.71
C ARG H 328 -36.39 -8.26 54.16
N ASP H 329 -36.09 -9.21 53.28
CA ASP H 329 -36.22 -10.67 53.54
C ASP H 329 -35.09 -11.16 54.46
N THR H 330 -33.86 -10.65 54.29
CA THR H 330 -32.70 -11.03 55.15
C THR H 330 -31.83 -9.80 55.42
N GLU H 331 -30.92 -9.93 56.39
CA GLU H 331 -29.96 -8.88 56.84
C GLU H 331 -28.75 -8.89 55.91
N ALA H 332 -28.39 -10.07 55.39
CA ALA H 332 -27.34 -10.27 54.36
C ALA H 332 -27.68 -9.39 53.15
N HIS H 333 -28.96 -9.37 52.73
CA HIS H 333 -29.47 -8.60 51.57
C HIS H 333 -29.45 -7.11 51.91
N PHE H 334 -30.11 -6.71 52.99
CA PHE H 334 -30.11 -5.31 53.50
C PHE H 334 -28.67 -4.78 53.66
N GLU H 335 -27.76 -5.66 54.07
CA GLU H 335 -26.31 -5.34 54.19
C GLU H 335 -25.87 -4.83 52.83
N VAL H 336 -26.16 -5.60 51.77
CA VAL H 336 -25.67 -5.39 50.37
C VAL H 336 -26.17 -4.02 49.87
N LEU H 337 -27.44 -3.70 50.18
CA LEU H 337 -28.05 -2.37 49.87
C LEU H 337 -27.27 -1.25 50.55
N LYS H 338 -27.06 -1.37 51.87
CA LYS H 338 -26.33 -0.38 52.72
C LYS H 338 -24.96 -0.13 52.08
N ASN H 339 -24.18 -1.18 51.80
CA ASN H 339 -22.79 -1.07 51.27
C ASN H 339 -22.84 -0.35 49.93
N TRP H 340 -23.94 -0.55 49.16
CA TRP H 340 -24.16 0.02 47.80
C TRP H 340 -24.47 1.52 47.89
N LEU H 341 -25.53 1.90 48.59
CA LEU H 341 -25.86 3.34 48.80
C LEU H 341 -24.64 4.11 49.31
N GLU H 342 -23.77 3.45 50.07
CA GLU H 342 -22.65 4.10 50.78
C GLU H 342 -21.49 4.32 49.80
N SER H 343 -21.42 3.52 48.72
CA SER H 343 -20.31 3.56 47.73
C SER H 343 -20.36 4.86 46.92
N TYR H 344 -21.51 5.55 46.88
CA TYR H 344 -21.65 6.89 46.25
C TYR H 344 -21.23 8.00 47.21
N LYS H 345 -20.88 7.66 48.46
CA LYS H 345 -20.39 8.57 49.54
C LYS H 345 -21.34 9.75 49.68
N PRO H 346 -22.54 9.52 50.26
CA PRO H 346 -23.52 10.60 50.37
C PRO H 346 -23.07 11.72 51.32
N GLU H 347 -22.36 11.38 52.39
CA GLU H 347 -21.76 12.37 53.33
C GLU H 347 -21.13 13.52 52.54
N GLU H 348 -20.47 13.27 51.40
CA GLU H 348 -19.78 14.34 50.61
C GLU H 348 -20.72 15.09 49.65
N LEU H 349 -21.96 14.60 49.44
CA LEU H 349 -22.93 15.16 48.43
C LEU H 349 -24.05 15.93 49.11
N PHE H 350 -24.44 15.51 50.32
CA PHE H 350 -25.50 16.17 51.14
C PHE H 350 -24.88 17.00 52.28
N ASP H 351 -25.44 18.19 52.54
CA ASP H 351 -25.19 18.97 53.79
C ASP H 351 -26.00 18.32 54.91
N ALA H 352 -25.94 18.87 56.13
CA ALA H 352 -26.57 18.28 57.34
C ALA H 352 -28.11 18.37 57.24
N ASN H 353 -28.61 19.42 56.56
CA ASN H 353 -30.05 19.73 56.36
C ASN H 353 -30.71 18.81 55.31
N GLY H 354 -29.92 17.98 54.60
CA GLY H 354 -30.40 17.09 53.52
C GLY H 354 -30.54 17.77 52.15
N ALA H 355 -30.22 19.06 52.03
CA ALA H 355 -30.06 19.77 50.74
C ALA H 355 -28.80 19.24 50.05
N VAL H 356 -28.71 19.47 48.74
CA VAL H 356 -27.56 19.09 47.87
C VAL H 356 -26.54 20.24 47.91
N LYS H 357 -25.26 19.90 48.02
CA LYS H 357 -24.17 20.87 48.18
C LYS H 357 -24.05 21.73 46.90
N ASP H 358 -23.75 23.02 47.07
CA ASP H 358 -23.43 24.00 45.99
C ASP H 358 -22.41 23.42 45.01
N ASP H 359 -21.41 22.68 45.49
CA ASP H 359 -20.25 22.23 44.68
C ASP H 359 -20.67 21.00 43.85
N VAL H 360 -21.81 20.40 44.15
CA VAL H 360 -22.40 19.29 43.34
C VAL H 360 -23.03 19.90 42.09
N LEU H 361 -23.82 20.96 42.21
CA LEU H 361 -24.65 21.60 41.15
C LEU H 361 -24.07 22.93 40.61
N ALA H 362 -22.77 23.20 40.72
CA ALA H 362 -22.23 24.54 40.32
C ALA H 362 -22.16 24.60 38.79
N PHE H 363 -21.70 23.49 38.19
CA PHE H 363 -21.49 23.26 36.73
C PHE H 363 -22.83 23.32 35.97
N MET H 364 -23.96 23.23 36.67
CA MET H 364 -25.26 23.00 36.03
C MET H 364 -25.71 24.28 35.35
N PRO H 365 -26.55 24.15 34.32
CA PRO H 365 -27.11 25.30 33.60
C PRO H 365 -28.27 25.98 34.35
N LYS H 366 -28.59 27.25 34.04
CA LYS H 366 -29.66 28.05 34.69
C LYS H 366 -30.77 28.37 33.69
N GLY H 367 -31.95 28.71 34.20
CA GLY H 367 -33.01 29.37 33.42
C GLY H 367 -33.57 28.42 32.38
N GLU H 368 -33.93 28.96 31.21
CA GLU H 368 -34.64 28.21 30.14
C GLU H 368 -33.73 27.14 29.53
N LEU H 369 -32.40 27.21 29.71
CA LEU H 369 -31.42 26.18 29.26
C LEU H 369 -31.53 24.84 30.05
N ARG H 370 -32.06 24.82 31.26
CA ARG H 370 -32.16 23.57 32.05
C ARG H 370 -33.09 22.61 31.32
N ILE H 371 -32.80 21.32 31.45
CA ILE H 371 -33.54 20.24 30.74
C ILE H 371 -35.00 20.32 31.15
N GLY H 372 -35.27 20.64 32.41
CA GLY H 372 -36.63 20.59 32.95
C GLY H 372 -37.41 21.81 32.51
N ALA H 373 -36.73 22.89 32.16
CA ALA H 373 -37.32 24.24 32.06
C ALA H 373 -37.52 24.65 30.60
N ASN H 374 -36.95 23.89 29.66
CA ASN H 374 -36.84 24.27 28.23
C ASN H 374 -38.24 24.24 27.61
N PRO H 375 -38.70 25.39 27.07
CA PRO H 375 -40.06 25.50 26.55
C PRO H 375 -40.33 24.49 25.42
N ASN H 376 -39.28 24.06 24.73
CA ASN H 376 -39.42 22.97 23.74
C ASN H 376 -39.96 21.75 24.48
N ALA H 377 -39.64 21.58 25.77
CA ALA H 377 -40.12 20.40 26.54
C ALA H 377 -41.53 20.64 27.11
N ASN H 378 -42.12 21.83 26.90
CA ASN H 378 -43.53 22.10 27.27
C ASN H 378 -44.13 23.00 26.18
N GLY H 379 -44.21 22.49 24.95
CA GLY H 379 -44.41 23.28 23.72
C GLY H 379 -45.69 24.11 23.69
N GLY H 380 -46.71 23.72 24.45
CA GLY H 380 -47.86 24.60 24.73
C GLY H 380 -47.44 26.05 24.94
N VAL H 381 -46.27 26.36 25.55
CA VAL H 381 -45.88 27.78 25.86
C VAL H 381 -45.46 28.46 24.56
N ILE H 382 -44.93 27.71 23.60
CA ILE H 382 -44.51 28.22 22.27
C ILE H 382 -45.72 28.31 21.34
N ARG H 383 -46.61 27.32 21.40
CA ARG H 383 -47.78 27.14 20.50
C ARG H 383 -48.57 28.43 20.40
N ASN H 384 -48.57 29.07 19.24
CA ASN H 384 -49.48 30.19 18.92
C ASN H 384 -50.73 29.60 18.29
N ASP H 385 -51.73 30.44 18.08
CA ASP H 385 -52.87 30.20 17.17
C ASP H 385 -52.37 30.32 15.72
N LEU H 386 -52.91 29.50 14.80
CA LEU H 386 -52.71 29.63 13.33
C LEU H 386 -53.54 30.80 12.82
N LYS H 387 -52.98 31.66 11.95
CA LYS H 387 -53.77 32.54 11.06
C LYS H 387 -54.54 31.63 10.11
N LEU H 388 -55.85 31.51 10.29
CA LEU H 388 -56.71 30.72 9.36
C LEU H 388 -57.34 31.61 8.30
N PRO H 389 -57.50 31.12 7.07
CA PRO H 389 -58.19 31.90 6.05
C PRO H 389 -59.70 31.78 6.32
N ASN H 390 -60.52 32.59 5.65
CA ASN H 390 -62.00 32.47 5.73
C ASN H 390 -62.42 31.14 5.12
N LEU H 391 -62.93 30.23 5.94
CA LEU H 391 -63.66 29.02 5.45
C LEU H 391 -64.62 29.37 4.30
N GLU H 392 -65.19 30.58 4.23
CA GLU H 392 -66.22 30.94 3.20
C GLU H 392 -65.64 30.88 1.79
N ASP H 393 -64.33 31.13 1.63
CA ASP H 393 -63.67 31.23 0.29
C ASP H 393 -63.54 29.84 -0.36
N TYR H 394 -63.63 28.76 0.41
CA TYR H 394 -63.40 27.35 -0.02
C TYR H 394 -64.74 26.63 -0.24
N GLU H 395 -65.85 27.24 0.20
CA GLU H 395 -67.19 26.61 0.25
C GLU H 395 -67.64 26.24 -1.15
N VAL H 396 -68.17 25.03 -1.32
CA VAL H 396 -68.87 24.61 -2.56
C VAL H 396 -70.16 25.41 -2.61
N LYS H 397 -70.26 26.43 -3.45
CA LYS H 397 -71.42 27.36 -3.48
C LYS H 397 -72.60 26.78 -4.30
N GLU H 398 -72.37 25.69 -5.03
CA GLU H 398 -73.36 25.08 -5.97
C GLU H 398 -74.60 24.51 -5.22
N VAL H 399 -74.48 24.07 -3.96
CA VAL H 399 -75.58 23.40 -3.21
C VAL H 399 -76.72 24.40 -3.04
N ALA H 400 -76.37 25.66 -2.80
CA ALA H 400 -77.27 26.83 -2.64
C ALA H 400 -77.99 27.06 -3.96
N GLU H 401 -77.25 27.13 -5.06
CA GLU H 401 -77.81 27.42 -6.41
C GLU H 401 -78.60 26.20 -6.91
N TYR H 402 -77.96 25.05 -7.10
CA TYR H 402 -78.52 23.89 -7.86
C TYR H 402 -79.22 22.90 -6.90
N GLY H 403 -79.10 23.09 -5.58
CA GLY H 403 -79.81 22.26 -4.58
C GLY H 403 -78.93 21.23 -3.88
N HIS H 404 -79.48 20.59 -2.85
CA HIS H 404 -78.87 19.47 -2.08
C HIS H 404 -78.62 18.30 -3.02
N GLY H 405 -77.48 17.62 -2.87
CA GLY H 405 -77.11 16.40 -3.60
C GLY H 405 -76.42 16.70 -4.92
N TRP H 406 -76.03 17.96 -5.15
CA TRP H 406 -75.36 18.36 -6.42
C TRP H 406 -73.92 17.84 -6.49
N GLY H 407 -73.52 17.37 -7.67
CA GLY H 407 -72.13 17.41 -8.15
C GLY H 407 -71.41 16.09 -7.97
N GLN H 408 -70.18 16.04 -8.46
CA GLN H 408 -69.29 14.86 -8.47
C GLN H 408 -67.90 15.32 -8.01
N LEU H 409 -67.83 16.10 -6.91
CA LEU H 409 -66.57 16.63 -6.31
C LEU H 409 -65.88 15.55 -5.45
N GLU H 410 -64.55 15.56 -5.47
CA GLU H 410 -63.66 14.78 -4.58
C GLU H 410 -63.44 15.64 -3.32
N ALA H 411 -64.09 15.29 -2.22
CA ALA H 411 -64.15 16.13 -1.00
C ALA H 411 -62.74 16.61 -0.60
N THR H 412 -61.77 15.70 -0.58
CA THR H 412 -60.44 15.94 0.02
C THR H 412 -59.73 17.09 -0.70
N ARG H 413 -60.03 17.31 -1.99
CA ARG H 413 -59.47 18.45 -2.78
C ARG H 413 -59.74 19.80 -2.12
N THR H 414 -60.90 19.96 -1.46
CA THR H 414 -61.30 21.24 -0.80
C THR H 414 -60.44 21.47 0.45
N LEU H 415 -60.18 20.41 1.21
CA LEU H 415 -59.35 20.41 2.43
C LEU H 415 -57.91 20.71 2.04
N GLY H 416 -57.49 20.19 0.88
CA GLY H 416 -56.15 20.45 0.31
C GLY H 416 -55.95 21.91 -0.05
N ALA H 417 -56.97 22.55 -0.65
CA ALA H 417 -56.92 23.99 -0.99
C ALA H 417 -56.87 24.83 0.30
N TYR H 418 -57.59 24.40 1.32
CA TYR H 418 -57.67 25.08 2.63
C TYR H 418 -56.29 24.95 3.29
N THR H 419 -55.79 23.73 3.40
CA THR H 419 -54.49 23.41 4.05
C THR H 419 -53.35 24.11 3.30
N ARG H 420 -53.35 24.13 1.96
CA ARG H 420 -52.36 24.90 1.17
C ARG H 420 -52.22 26.32 1.72
N ASP H 421 -53.32 27.00 2.02
CA ASP H 421 -53.32 28.46 2.32
C ASP H 421 -53.02 28.66 3.81
N ILE H 422 -53.24 27.63 4.65
CA ILE H 422 -52.73 27.58 6.06
C ILE H 422 -51.20 27.59 6.01
N ILE H 423 -50.59 26.74 5.20
CA ILE H 423 -49.10 26.70 5.06
C ILE H 423 -48.61 28.08 4.59
N LYS H 424 -49.21 28.65 3.54
CA LYS H 424 -48.80 29.98 3.02
C LYS H 424 -48.79 31.01 4.17
N ASN H 425 -49.81 31.00 5.04
CA ASN H 425 -50.04 32.06 6.07
C ASN H 425 -49.28 31.75 7.35
N ASN H 426 -48.75 30.53 7.48
CA ASN H 426 -48.11 29.98 8.70
C ASN H 426 -46.84 29.26 8.29
N PRO H 427 -45.90 29.94 7.61
CA PRO H 427 -44.66 29.29 7.18
C PRO H 427 -43.92 28.89 8.47
N ARG H 428 -43.43 27.67 8.54
CA ARG H 428 -42.48 27.22 9.60
C ARG H 428 -43.24 26.66 10.80
N ASP H 429 -44.58 26.70 10.77
CA ASP H 429 -45.44 26.35 11.94
C ASP H 429 -46.33 25.14 11.63
N PHE H 430 -46.39 24.70 10.39
CA PHE H 430 -47.40 23.75 9.89
C PHE H 430 -46.71 22.80 8.94
N ARG H 431 -46.95 21.49 9.13
CA ARG H 431 -46.42 20.38 8.29
C ARG H 431 -47.51 19.37 7.94
N ILE H 432 -47.42 18.85 6.71
CA ILE H 432 -48.18 17.67 6.23
C ILE H 432 -47.19 16.53 6.20
N PHE H 433 -47.55 15.42 6.83
CA PHE H 433 -46.83 14.13 6.75
C PHE H 433 -47.75 13.26 5.91
N GLY H 434 -47.18 12.26 5.26
CA GLY H 434 -47.98 11.26 4.53
C GLY H 434 -47.07 10.13 4.11
N PRO H 435 -47.52 8.87 4.28
CA PRO H 435 -46.71 7.70 3.96
C PRO H 435 -46.78 7.38 2.47
N ASP H 436 -46.32 8.34 1.64
CA ASP H 436 -46.31 8.24 0.17
C ASP H 436 -47.75 8.35 -0.39
N GLU H 437 -48.64 9.11 0.28
CA GLU H 437 -50.10 9.11 -0.06
C GLU H 437 -50.68 10.52 -0.09
N THR H 438 -49.85 11.56 0.00
CA THR H 438 -50.39 12.95 0.04
C THR H 438 -51.18 13.18 -1.26
N ALA H 439 -50.62 12.83 -2.42
CA ALA H 439 -51.26 12.99 -3.75
C ALA H 439 -52.38 11.97 -3.88
N SER H 440 -52.22 10.75 -3.38
CA SER H 440 -53.28 9.73 -3.48
C SER H 440 -54.52 10.21 -2.71
N ASN H 441 -54.34 10.84 -1.54
CA ASN H 441 -55.48 11.31 -0.69
C ASN H 441 -55.97 12.69 -1.18
N ARG H 442 -55.31 13.29 -2.17
CA ARG H 442 -55.73 14.49 -2.95
C ARG H 442 -55.39 15.79 -2.22
N LEU H 443 -54.29 15.84 -1.45
CA LEU H 443 -53.78 17.03 -0.69
C LEU H 443 -52.62 17.73 -1.43
N GLN H 444 -52.37 17.35 -2.69
CA GLN H 444 -51.22 17.85 -3.51
C GLN H 444 -51.28 19.36 -3.73
N ALA H 445 -52.43 20.01 -3.52
CA ALA H 445 -52.55 21.47 -3.71
C ALA H 445 -51.48 22.20 -2.87
N SER H 446 -50.99 21.58 -1.80
CA SER H 446 -49.89 22.07 -0.94
C SER H 446 -48.65 22.41 -1.79
N TYR H 447 -48.48 21.73 -2.93
CA TYR H 447 -47.23 21.79 -3.75
C TYR H 447 -47.18 23.12 -4.51
N GLU H 448 -48.27 23.88 -4.53
CA GLU H 448 -48.32 25.25 -5.10
C GLU H 448 -47.55 26.25 -4.23
N VAL H 449 -47.35 26.01 -2.93
CA VAL H 449 -46.66 27.00 -2.02
C VAL H 449 -45.47 26.39 -1.28
N THR H 450 -45.32 25.08 -1.23
CA THR H 450 -44.14 24.46 -0.58
C THR H 450 -43.77 23.24 -1.41
N ASN H 451 -42.79 22.48 -0.94
CA ASN H 451 -42.28 21.26 -1.58
C ASN H 451 -42.24 20.11 -0.58
N LYS H 452 -42.06 18.89 -1.10
CA LYS H 452 -41.74 17.72 -0.28
C LYS H 452 -40.27 17.86 0.07
N GLN H 453 -39.95 17.72 1.35
CA GLN H 453 -38.57 17.87 1.91
C GLN H 453 -37.84 16.57 1.61
N TRP H 454 -36.69 16.67 0.97
CA TRP H 454 -35.91 15.50 0.49
C TRP H 454 -34.42 15.82 0.56
N ASP H 455 -33.65 15.06 1.32
CA ASP H 455 -32.22 15.37 1.51
C ASP H 455 -31.42 14.11 1.23
N ALA H 456 -31.90 13.29 0.29
CA ALA H 456 -31.10 12.29 -0.45
C ALA H 456 -30.85 12.83 -1.85
N GLY H 457 -30.42 11.98 -2.76
CA GLY H 457 -30.04 12.43 -4.10
C GLY H 457 -31.24 12.86 -4.92
N TYR H 458 -30.95 13.80 -5.83
CA TYR H 458 -31.77 14.30 -6.97
C TYR H 458 -31.10 13.82 -8.26
N ILE H 459 -31.86 13.46 -9.31
CA ILE H 459 -31.29 12.93 -10.59
C ILE H 459 -31.83 13.63 -11.85
N SER H 460 -33.03 14.20 -11.85
CA SER H 460 -33.71 14.64 -13.09
C SER H 460 -34.99 15.40 -12.79
N ASP H 461 -35.21 16.50 -13.51
CA ASP H 461 -36.48 17.27 -13.45
C ASP H 461 -37.65 16.49 -14.07
N GLU H 462 -37.44 15.32 -14.66
CA GLU H 462 -38.52 14.53 -15.33
C GLU H 462 -39.21 13.63 -14.29
N VAL H 463 -38.57 13.41 -13.13
CA VAL H 463 -39.10 12.54 -12.04
C VAL H 463 -39.16 13.26 -10.68
N ASP H 464 -38.27 14.22 -10.43
CA ASP H 464 -38.09 14.89 -9.13
C ASP H 464 -38.97 16.15 -9.10
N GLU H 465 -40.28 16.03 -9.20
CA GLU H 465 -41.16 17.24 -9.20
C GLU H 465 -41.51 17.57 -7.75
N HIS H 466 -41.76 18.85 -7.46
CA HIS H 466 -42.20 19.34 -6.12
C HIS H 466 -41.33 18.78 -4.97
N MET H 467 -40.01 18.62 -5.16
CA MET H 467 -39.10 18.15 -4.09
C MET H 467 -38.08 19.25 -3.85
N HIS H 468 -37.65 19.49 -2.60
CA HIS H 468 -36.59 20.50 -2.27
C HIS H 468 -35.89 20.02 -1.00
N VAL H 469 -34.68 20.51 -0.73
CA VAL H 469 -33.88 20.07 0.47
C VAL H 469 -34.63 20.56 1.73
N SER H 470 -35.43 21.61 1.61
CA SER H 470 -36.28 22.19 2.67
C SER H 470 -37.70 22.28 2.14
N GLY H 471 -38.68 21.77 2.87
CA GLY H 471 -40.09 22.04 2.55
C GLY H 471 -41.00 21.62 3.68
N GLN H 472 -42.28 21.97 3.59
CA GLN H 472 -43.25 21.80 4.71
C GLN H 472 -43.98 20.47 4.56
N VAL H 473 -43.68 19.69 3.51
CA VAL H 473 -44.28 18.33 3.31
C VAL H 473 -43.16 17.29 3.44
N VAL H 474 -43.44 16.16 4.08
CA VAL H 474 -42.46 15.07 4.27
C VAL H 474 -43.19 13.76 4.00
N GLU H 475 -42.56 12.86 3.27
CA GLU H 475 -43.12 11.52 2.97
C GLU H 475 -42.00 10.50 3.11
N GLN H 476 -42.35 9.37 3.71
CA GLN H 476 -41.57 8.12 3.83
C GLN H 476 -42.63 7.01 3.86
N LEU H 477 -42.36 5.84 3.31
CA LEU H 477 -43.32 4.72 3.43
C LEU H 477 -43.15 4.08 4.81
N SER H 478 -43.64 4.79 5.82
CA SER H 478 -43.71 4.35 7.23
C SER H 478 -44.75 5.20 7.94
N GLU H 479 -45.85 4.58 8.31
CA GLU H 479 -46.88 5.22 9.15
C GLU H 479 -46.22 5.56 10.51
N HIS H 480 -45.40 4.69 11.08
CA HIS H 480 -44.66 4.96 12.34
C HIS H 480 -43.90 6.29 12.24
N GLN H 481 -43.16 6.48 11.16
CA GLN H 481 -42.36 7.70 10.94
C GLN H 481 -43.31 8.89 10.85
N MET H 482 -44.40 8.75 10.09
CA MET H 482 -45.28 9.91 9.79
C MET H 482 -45.96 10.39 11.08
N GLU H 483 -46.56 9.45 11.84
CA GLU H 483 -47.18 9.66 13.17
C GLU H 483 -46.14 10.16 14.17
N GLY H 484 -45.03 9.44 14.28
CA GLY H 484 -43.86 9.81 15.11
C GLY H 484 -43.46 11.26 14.94
N PHE H 485 -43.23 11.68 13.69
CA PHE H 485 -42.66 13.01 13.34
C PHE H 485 -43.68 14.08 13.74
N LEU H 486 -44.96 13.85 13.43
CA LEU H 486 -46.02 14.86 13.71
C LEU H 486 -46.15 15.03 15.24
N GLU H 487 -46.29 13.93 15.99
CA GLU H 487 -46.42 13.94 17.47
C GLU H 487 -45.37 14.88 18.08
N ALA H 488 -44.08 14.67 17.79
CA ALA H 488 -43.00 15.48 18.39
C ALA H 488 -43.06 16.91 17.85
N TYR H 489 -43.64 17.12 16.67
CA TYR H 489 -43.73 18.47 16.03
C TYR H 489 -44.74 19.28 16.84
N LEU H 490 -45.79 18.60 17.29
CA LEU H 490 -46.89 19.19 18.12
C LEU H 490 -46.38 19.43 19.57
N LEU H 491 -45.68 18.45 20.17
CA LEU H 491 -45.15 18.57 21.57
C LEU H 491 -44.19 19.76 21.66
N THR H 492 -43.47 20.08 20.61
CA THR H 492 -42.54 21.24 20.56
C THR H 492 -43.33 22.49 20.11
N GLY H 493 -44.66 22.41 19.99
CA GLY H 493 -45.53 23.61 19.90
C GLY H 493 -45.81 24.09 18.49
N ARG H 494 -45.82 23.16 17.53
CA ARG H 494 -46.19 23.45 16.12
C ARG H 494 -47.45 22.65 15.77
N HIS H 495 -47.89 22.76 14.51
CA HIS H 495 -49.17 22.23 13.99
C HIS H 495 -48.94 21.32 12.78
N GLY H 496 -49.92 20.47 12.47
CA GLY H 496 -49.99 19.89 11.11
C GLY H 496 -51.09 18.89 10.93
N ILE H 497 -50.93 18.02 9.96
CA ILE H 497 -51.91 16.97 9.58
C ILE H 497 -51.13 15.82 8.94
N TRP H 498 -51.51 14.57 9.16
CA TRP H 498 -51.10 13.53 8.21
C TRP H 498 -52.34 12.80 7.67
N SER H 499 -52.17 12.01 6.61
CA SER H 499 -53.28 11.33 5.93
C SER H 499 -52.87 9.89 5.77
N SER H 500 -53.82 8.95 5.77
CA SER H 500 -53.51 7.53 5.55
C SER H 500 -54.67 6.83 4.86
N TYR H 501 -54.36 5.83 4.07
CA TYR H 501 -55.34 4.84 3.60
C TYR H 501 -55.91 4.27 4.89
N GLU H 502 -57.24 4.21 4.95
CA GLU H 502 -57.98 3.91 6.17
C GLU H 502 -57.45 2.60 6.75
N SER H 503 -57.34 1.56 5.95
CA SER H 503 -56.96 0.23 6.47
C SER H 503 -55.64 0.30 7.24
N PHE H 504 -54.73 1.20 6.87
CA PHE H 504 -53.31 1.19 7.34
C PHE H 504 -53.07 2.18 8.48
N VAL H 505 -54.11 2.89 8.91
CA VAL H 505 -54.07 3.63 10.20
C VAL H 505 -53.79 2.61 11.33
N HIS H 506 -54.23 1.36 11.14
CA HIS H 506 -54.03 0.26 12.10
C HIS H 506 -52.54 0.04 12.39
N VAL H 507 -51.66 0.37 11.46
CA VAL H 507 -50.21 0.08 11.67
C VAL H 507 -49.75 0.80 12.96
N ILE H 508 -50.37 1.95 13.30
CA ILE H 508 -49.96 2.86 14.40
C ILE H 508 -51.11 3.04 15.44
N ASP H 509 -52.07 2.11 15.48
CA ASP H 509 -53.07 2.03 16.57
C ASP H 509 -52.34 2.30 17.90
N SER H 510 -51.29 1.53 18.17
CA SER H 510 -50.60 1.51 19.47
C SER H 510 -49.87 2.84 19.71
N MET H 511 -49.61 3.65 18.67
CA MET H 511 -49.00 4.99 18.86
C MET H 511 -50.11 5.98 19.19
N LEU H 512 -51.31 5.74 18.65
CA LEU H 512 -52.52 6.55 18.95
C LEU H 512 -52.90 6.33 20.42
N ASN H 513 -52.89 5.06 20.86
CA ASN H 513 -53.06 4.63 22.27
C ASN H 513 -52.11 5.45 23.15
N GLN H 514 -50.82 5.47 22.84
CA GLN H 514 -49.79 6.07 23.71
C GLN H 514 -49.95 7.59 23.79
N HIS H 515 -50.19 8.27 22.69
CA HIS H 515 -50.42 9.73 22.64
C HIS H 515 -51.79 10.07 23.26
N ALA H 516 -52.79 9.22 23.09
CA ALA H 516 -54.04 9.37 23.86
C ALA H 516 -53.69 9.40 25.37
N LYS H 517 -52.96 8.40 25.87
CA LYS H 517 -52.69 8.21 27.32
C LYS H 517 -51.86 9.38 27.86
N TRP H 518 -50.92 9.86 27.06
CA TRP H 518 -50.19 11.13 27.30
C TRP H 518 -51.17 12.32 27.44
N LEU H 519 -52.02 12.55 26.45
CA LEU H 519 -53.07 13.60 26.49
C LEU H 519 -54.03 13.36 27.68
N GLU H 520 -54.32 12.08 28.05
CA GLU H 520 -55.29 11.70 29.12
C GLU H 520 -54.68 12.15 30.45
N ALA H 521 -53.44 11.79 30.73
CA ALA H 521 -52.71 12.27 31.93
C ALA H 521 -52.69 13.80 31.93
N THR H 522 -52.34 14.44 30.83
CA THR H 522 -52.10 15.91 30.82
C THR H 522 -53.39 16.61 31.28
N VAL H 523 -54.50 16.35 30.61
CA VAL H 523 -55.78 17.10 30.84
C VAL H 523 -56.32 16.86 32.27
N ARG H 524 -56.08 15.67 32.84
CA ARG H 524 -56.44 15.27 34.23
C ARG H 524 -55.56 16.00 35.25
N GLU H 525 -54.29 15.64 35.42
CA GLU H 525 -53.51 16.02 36.62
C GLU H 525 -52.21 16.75 36.29
N ILE H 526 -52.16 17.55 35.21
CA ILE H 526 -50.89 18.22 34.79
C ILE H 526 -51.21 19.59 34.22
N PRO H 527 -51.72 20.52 35.06
CA PRO H 527 -52.06 21.86 34.58
C PRO H 527 -50.89 22.77 34.13
N TRP H 528 -49.65 22.55 34.60
CA TRP H 528 -48.42 23.27 34.15
C TRP H 528 -47.99 22.82 32.73
N ARG H 529 -48.53 21.73 32.21
CA ARG H 529 -48.32 21.32 30.80
C ARG H 529 -49.37 22.04 29.95
N LYS H 530 -49.00 23.17 29.33
CA LYS H 530 -49.90 24.00 28.49
C LYS H 530 -50.32 23.18 27.26
N PRO H 531 -51.53 23.43 26.72
CA PRO H 531 -52.09 22.58 25.68
C PRO H 531 -51.31 22.75 24.37
N ILE H 532 -51.12 21.60 23.70
CA ILE H 532 -50.43 21.44 22.38
C ILE H 532 -51.51 21.30 21.31
N ALA H 533 -51.16 21.49 20.04
CA ALA H 533 -52.08 21.33 18.90
C ALA H 533 -52.48 19.86 18.75
N SER H 534 -53.62 19.59 18.13
CA SER H 534 -54.17 18.22 18.05
C SER H 534 -53.48 17.46 16.91
N MET H 535 -53.21 16.20 17.17
CA MET H 535 -52.80 15.20 16.16
C MET H 535 -54.02 15.03 15.25
N ASN H 536 -53.94 15.60 14.05
CA ASN H 536 -55.04 15.63 13.04
C ASN H 536 -54.74 14.59 11.94
N LEU H 537 -55.61 13.59 11.76
CA LEU H 537 -55.37 12.44 10.86
C LEU H 537 -56.51 12.33 9.84
N LEU H 538 -56.30 12.84 8.62
CA LEU H 538 -57.26 12.61 7.51
C LEU H 538 -57.24 11.11 7.20
N VAL H 539 -58.37 10.42 7.38
CA VAL H 539 -58.54 8.97 7.11
C VAL H 539 -59.37 8.85 5.83
N SER H 540 -58.70 8.71 4.68
CA SER H 540 -59.35 8.71 3.34
C SER H 540 -59.07 7.39 2.60
N SER H 541 -59.38 7.33 1.31
CA SER H 541 -59.22 6.08 0.51
C SER H 541 -59.85 4.96 1.33
N HIS H 542 -61.13 5.15 1.75
CA HIS H 542 -61.75 4.34 2.84
C HIS H 542 -62.41 3.09 2.26
N VAL H 543 -62.83 2.20 3.15
CA VAL H 543 -63.33 0.82 2.88
C VAL H 543 -64.31 0.80 1.70
N TRP H 544 -65.20 1.80 1.56
CA TRP H 544 -66.32 1.73 0.58
C TRP H 544 -65.79 1.93 -0.83
N ARG H 545 -64.62 2.56 -0.98
CA ARG H 545 -63.93 2.73 -2.28
C ARG H 545 -62.51 2.14 -2.25
N GLN H 546 -62.38 0.89 -1.78
CA GLN H 546 -61.15 0.07 -1.96
C GLN H 546 -61.57 -1.13 -2.79
N ASP H 547 -62.61 -0.90 -3.61
CA ASP H 547 -63.02 -1.75 -4.77
C ASP H 547 -61.82 -1.99 -5.70
N HIS H 548 -60.89 -1.02 -5.84
CA HIS H 548 -59.69 -1.12 -6.72
C HIS H 548 -58.52 -1.87 -6.07
N ASN H 549 -58.37 -1.88 -4.74
CA ASN H 549 -57.26 -2.62 -4.06
C ASN H 549 -57.75 -3.92 -3.42
N GLY H 550 -59.01 -4.03 -3.01
CA GLY H 550 -59.54 -5.30 -2.51
C GLY H 550 -59.47 -5.39 -0.99
N PHE H 551 -59.52 -6.62 -0.48
CA PHE H 551 -59.91 -7.04 0.90
C PHE H 551 -58.86 -6.56 1.92
N SER H 552 -57.58 -6.83 1.68
CA SER H 552 -56.37 -6.38 2.45
C SER H 552 -56.49 -4.90 2.87
N HIS H 553 -57.24 -4.10 2.11
CA HIS H 553 -57.34 -2.62 2.21
C HIS H 553 -58.69 -2.17 2.79
N GLN H 554 -59.50 -3.12 3.27
CA GLN H 554 -60.89 -2.82 3.74
C GLN H 554 -60.98 -3.06 5.25
N ASP H 555 -60.78 -2.00 6.04
CA ASP H 555 -60.85 -2.11 7.52
C ASP H 555 -60.99 -0.72 8.12
N PRO H 556 -62.24 -0.29 8.41
CA PRO H 556 -62.49 1.03 9.00
C PRO H 556 -62.37 1.03 10.52
N GLY H 557 -61.84 -0.06 11.08
CA GLY H 557 -61.70 -0.32 12.53
C GLY H 557 -60.99 0.75 13.38
N VAL H 558 -60.37 1.81 12.83
CA VAL H 558 -59.69 2.83 13.68
C VAL H 558 -60.75 3.37 14.65
N THR H 559 -62.02 3.40 14.22
CA THR H 559 -63.19 3.91 14.99
C THR H 559 -63.31 3.15 16.32
N SER H 560 -63.27 1.82 16.26
CA SER H 560 -63.41 0.85 17.37
C SER H 560 -62.24 0.95 18.36
N VAL H 561 -61.03 1.24 17.85
CA VAL H 561 -59.79 1.45 18.66
C VAL H 561 -59.85 2.83 19.35
N LEU H 562 -60.30 3.88 18.65
CA LEU H 562 -60.33 5.25 19.22
C LEU H 562 -61.41 5.36 20.31
N LEU H 563 -62.53 4.61 20.18
CA LEU H 563 -63.68 4.59 21.14
C LEU H 563 -63.22 4.10 22.52
N ASN H 564 -62.25 3.18 22.60
CA ASN H 564 -61.58 2.76 23.88
C ASN H 564 -60.70 3.87 24.49
N LYS H 565 -60.92 5.18 24.18
CA LYS H 565 -60.20 6.34 24.80
C LYS H 565 -61.12 7.57 24.90
N CYS H 566 -62.42 7.34 25.07
CA CYS H 566 -63.45 8.39 25.32
C CYS H 566 -64.10 8.14 26.68
N PHE H 567 -63.36 8.48 27.74
CA PHE H 567 -63.72 8.23 29.16
C PHE H 567 -63.55 9.53 29.95
N HIS H 568 -64.03 9.55 31.20
N HIS H 568 -64.18 9.54 31.13
CA HIS H 568 -63.68 10.55 32.26
CA HIS H 568 -63.94 10.46 32.28
C HIS H 568 -63.89 11.99 31.78
C HIS H 568 -63.90 11.91 31.77
N ASN H 569 -64.73 12.19 30.76
CA ASN H 569 -64.90 13.52 30.10
C ASN H 569 -63.56 14.21 29.77
N ASP H 570 -62.56 13.44 29.34
CA ASP H 570 -61.20 13.92 29.01
C ASP H 570 -61.26 14.77 27.73
N HIS H 571 -62.04 14.30 26.74
CA HIS H 571 -62.33 15.03 25.48
C HIS H 571 -61.05 15.17 24.66
N VAL H 572 -60.32 14.05 24.50
CA VAL H 572 -59.02 13.96 23.75
C VAL H 572 -59.21 13.15 22.44
N ILE H 573 -60.44 12.74 22.10
CA ILE H 573 -60.70 12.01 20.83
C ILE H 573 -61.78 12.77 20.08
N GLY H 574 -61.47 13.26 18.88
CA GLY H 574 -62.43 13.58 17.80
C GLY H 574 -62.60 12.39 16.84
N ILE H 575 -63.82 11.97 16.55
CA ILE H 575 -64.11 11.02 15.44
C ILE H 575 -65.16 11.68 14.56
N TYR H 576 -64.75 12.29 13.45
CA TYR H 576 -65.67 13.00 12.51
C TYR H 576 -65.81 12.22 11.21
N PHE H 577 -67.03 12.23 10.67
CA PHE H 577 -67.42 11.75 9.33
C PHE H 577 -67.72 13.00 8.50
N ALA H 578 -66.87 13.24 7.51
CA ALA H 578 -67.04 14.29 6.48
C ALA H 578 -68.10 13.78 5.50
N THR H 579 -69.26 14.41 5.53
CA THR H 579 -70.45 14.08 4.72
C THR H 579 -70.19 14.58 3.30
N ASP H 580 -69.49 15.69 3.19
CA ASP H 580 -69.15 16.31 1.90
C ASP H 580 -68.03 17.32 2.14
N ALA H 581 -67.62 18.03 1.09
CA ALA H 581 -66.56 19.06 1.13
C ALA H 581 -66.88 20.13 2.16
N ASN H 582 -68.17 20.48 2.32
CA ASN H 582 -68.59 21.60 3.20
C ASN H 582 -68.53 21.14 4.66
N MET H 583 -68.95 19.90 4.93
CA MET H 583 -68.82 19.28 6.27
C MET H 583 -67.33 19.12 6.60
N LEU H 584 -66.48 18.87 5.60
CA LEU H 584 -65.03 18.67 5.79
C LEU H 584 -64.40 20.02 6.15
N LEU H 585 -64.87 21.13 5.60
CA LEU H 585 -64.29 22.45 5.91
C LEU H 585 -64.60 22.82 7.36
N ALA H 586 -65.83 22.54 7.80
CA ALA H 586 -66.31 22.87 9.15
C ALA H 586 -65.55 21.99 10.18
N ILE H 587 -65.41 20.69 9.93
CA ILE H 587 -64.63 19.74 10.79
C ILE H 587 -63.16 20.17 10.83
N ALA H 588 -62.68 20.72 9.70
CA ALA H 588 -61.26 21.06 9.51
C ALA H 588 -60.94 22.31 10.35
N GLU H 589 -61.66 23.39 10.14
CA GLU H 589 -61.55 24.60 11.00
C GLU H 589 -61.59 24.17 12.47
N LYS H 590 -62.57 23.34 12.86
CA LYS H 590 -62.80 22.96 14.28
C LYS H 590 -61.56 22.26 14.84
N CYS H 591 -61.04 21.24 14.15
CA CYS H 591 -59.82 20.48 14.54
C CYS H 591 -58.55 21.38 14.52
N TYR H 592 -58.38 22.25 13.51
CA TYR H 592 -57.19 23.11 13.38
C TYR H 592 -57.16 24.13 14.51
N LYS H 593 -58.30 24.47 15.10
CA LYS H 593 -58.40 25.42 16.25
C LYS H 593 -58.27 24.63 17.55
N SER H 594 -58.58 23.33 17.57
CA SER H 594 -58.62 22.50 18.80
C SER H 594 -57.21 22.39 19.39
N THR H 595 -57.08 21.79 20.57
CA THR H 595 -55.79 21.49 21.27
C THR H 595 -55.96 20.22 22.12
N ASN H 596 -54.87 19.66 22.60
CA ASN H 596 -54.84 18.38 23.37
C ASN H 596 -55.81 17.35 22.78
N LYS H 597 -55.90 17.21 21.45
CA LYS H 597 -56.72 16.13 20.84
C LYS H 597 -55.89 15.23 19.91
N ILE H 598 -56.38 14.01 19.69
CA ILE H 598 -56.25 13.17 18.47
C ILE H 598 -57.58 13.28 17.69
N ASN H 599 -57.60 13.89 16.51
CA ASN H 599 -58.84 14.02 15.69
C ASN H 599 -58.73 13.06 14.52
N ALA H 600 -59.66 12.14 14.35
CA ALA H 600 -59.73 11.30 13.14
C ALA H 600 -60.82 11.91 12.24
N ILE H 601 -60.43 12.54 11.12
CA ILE H 601 -61.35 13.08 10.08
C ILE H 601 -61.54 12.02 8.99
N ILE H 602 -62.74 11.48 8.84
CA ILE H 602 -63.03 10.38 7.88
C ILE H 602 -63.77 10.99 6.68
N ALA H 603 -63.09 10.98 5.54
CA ALA H 603 -63.48 11.73 4.33
C ALA H 603 -63.14 10.87 3.09
N GLY H 604 -64.12 10.68 2.22
CA GLY H 604 -63.95 10.06 0.89
C GLY H 604 -63.23 11.01 -0.05
N LYS H 605 -62.41 10.44 -0.92
CA LYS H 605 -61.69 11.14 -2.01
C LYS H 605 -62.34 10.79 -3.34
N GLN H 606 -63.19 9.76 -3.40
CA GLN H 606 -63.98 9.42 -4.62
C GLN H 606 -64.91 10.56 -4.98
N PRO H 607 -65.26 10.75 -6.27
CA PRO H 607 -66.23 11.76 -6.67
C PRO H 607 -67.55 11.43 -5.96
N ALA H 608 -68.17 12.42 -5.29
CA ALA H 608 -69.43 12.20 -4.53
C ALA H 608 -70.28 13.48 -4.53
N ALA H 609 -71.58 13.30 -4.27
CA ALA H 609 -72.57 14.40 -4.10
C ALA H 609 -72.14 15.35 -2.97
N THR H 610 -72.58 16.61 -3.05
CA THR H 610 -72.47 17.62 -1.98
C THR H 610 -73.88 17.90 -1.42
N TRP H 611 -74.08 17.65 -0.12
CA TRP H 611 -75.41 17.66 0.55
C TRP H 611 -75.70 18.97 1.31
N LEU H 612 -74.71 19.54 2.01
CA LEU H 612 -74.97 20.70 2.92
C LEU H 612 -74.21 21.90 2.38
N THR H 613 -74.72 23.10 2.62
CA THR H 613 -73.99 24.38 2.46
C THR H 613 -73.08 24.49 3.67
N LEU H 614 -72.25 25.53 3.77
CA LEU H 614 -71.29 25.65 4.89
C LEU H 614 -72.10 25.86 6.19
N ASP H 615 -72.99 26.87 6.18
CA ASP H 615 -73.92 27.21 7.31
C ASP H 615 -74.57 25.95 7.90
N GLU H 616 -75.20 25.12 7.05
CA GLU H 616 -75.92 23.86 7.43
C GLU H 616 -74.93 22.87 8.05
N ALA H 617 -73.72 22.76 7.50
CA ALA H 617 -72.64 21.86 7.99
C ALA H 617 -72.22 22.29 9.40
N ARG H 618 -71.90 23.57 9.62
CA ARG H 618 -71.53 24.10 10.96
C ARG H 618 -72.60 23.71 11.99
N ALA H 619 -73.88 23.86 11.64
CA ALA H 619 -75.08 23.57 12.46
C ALA H 619 -75.12 22.08 12.82
N GLU H 620 -75.04 21.16 11.84
CA GLU H 620 -75.06 19.69 12.09
C GLU H 620 -73.87 19.32 13.00
N LEU H 621 -72.79 20.10 12.95
CA LEU H 621 -71.48 19.77 13.57
C LEU H 621 -71.42 20.17 15.05
N GLU H 622 -71.96 21.34 15.42
CA GLU H 622 -71.99 21.87 16.81
C GLU H 622 -72.82 20.91 17.71
N LYS H 623 -73.96 20.47 17.23
CA LYS H 623 -74.82 19.46 17.90
C LYS H 623 -74.24 18.06 17.67
N GLY H 624 -73.70 17.81 16.47
CA GLY H 624 -73.02 16.57 16.08
C GLY H 624 -73.92 15.63 15.30
N ALA H 625 -75.15 16.05 15.03
CA ALA H 625 -76.21 15.27 14.34
C ALA H 625 -77.40 16.17 14.14
N ALA H 626 -78.24 15.86 13.16
CA ALA H 626 -79.27 16.80 12.69
C ALA H 626 -80.26 16.06 11.80
N ALA H 627 -81.49 16.53 11.84
CA ALA H 627 -82.56 16.10 10.92
C ALA H 627 -82.43 17.03 9.72
N TRP H 628 -82.60 16.45 8.53
CA TRP H 628 -82.67 17.19 7.23
C TRP H 628 -84.14 17.38 6.88
N ASP H 629 -84.67 18.54 7.28
CA ASP H 629 -86.04 19.00 6.97
C ASP H 629 -86.29 18.80 5.47
N TRP H 630 -85.44 19.41 4.64
CA TRP H 630 -85.49 19.42 3.16
C TRP H 630 -85.58 18.00 2.59
N ALA H 631 -85.09 16.98 3.29
CA ALA H 631 -84.97 15.58 2.80
C ALA H 631 -86.11 14.71 3.31
N SER H 632 -86.76 15.12 4.40
CA SER H 632 -87.73 14.32 5.18
C SER H 632 -89.12 14.54 4.58
N THR H 633 -89.89 13.47 4.38
CA THR H 633 -91.29 13.55 3.89
C THR H 633 -92.25 13.75 5.08
N ALA H 634 -91.93 13.19 6.23
CA ALA H 634 -92.61 13.46 7.51
C ALA H 634 -92.19 14.85 8.03
N LYS H 635 -93.17 15.64 8.52
CA LYS H 635 -93.00 17.04 9.06
C LYS H 635 -92.84 17.02 10.60
N ASN H 636 -93.06 15.89 11.27
CA ASN H 636 -92.74 15.70 12.72
C ASN H 636 -92.60 14.20 13.03
N ASN H 637 -92.25 13.87 14.27
CA ASN H 637 -91.83 12.49 14.62
C ASN H 637 -93.03 11.54 14.64
N ASP H 638 -94.26 12.07 14.67
CA ASP H 638 -95.50 11.25 14.79
C ASP H 638 -95.91 10.70 13.42
N GLU H 639 -95.88 11.52 12.37
CA GLU H 639 -96.14 11.12 10.95
C GLU H 639 -95.11 10.05 10.54
N ALA H 640 -93.84 10.22 10.94
CA ALA H 640 -92.66 9.44 10.53
C ALA H 640 -92.89 7.94 10.79
N GLU H 641 -92.80 7.12 9.74
CA GLU H 641 -92.97 5.65 9.86
C GLU H 641 -91.61 4.98 10.05
N VAL H 642 -90.53 5.72 9.75
CA VAL H 642 -89.12 5.23 9.83
C VAL H 642 -88.16 6.43 9.88
N VAL H 643 -87.08 6.28 10.65
CA VAL H 643 -85.90 7.19 10.61
C VAL H 643 -84.81 6.49 9.81
N LEU H 644 -84.46 7.10 8.68
CA LEU H 644 -83.25 6.81 7.86
C LEU H 644 -82.15 7.73 8.37
N ALA H 645 -81.12 7.15 8.98
CA ALA H 645 -79.95 7.85 9.54
C ALA H 645 -78.69 7.26 8.90
N ALA H 646 -77.67 8.09 8.68
CA ALA H 646 -76.38 7.65 8.11
C ALA H 646 -75.22 8.44 8.73
N ALA H 647 -74.08 7.77 8.91
CA ALA H 647 -72.78 8.40 9.24
C ALA H 647 -71.75 7.96 8.19
N GLY H 648 -71.16 8.95 7.52
CA GLY H 648 -70.13 8.75 6.50
C GLY H 648 -70.70 8.97 5.12
N ASP H 649 -69.88 9.55 4.24
CA ASP H 649 -70.22 10.05 2.88
C ASP H 649 -70.93 8.96 2.08
N VAL H 650 -70.49 7.69 2.12
CA VAL H 650 -71.04 6.64 1.21
C VAL H 650 -72.36 6.13 1.80
N PRO H 651 -72.43 5.74 3.10
CA PRO H 651 -73.73 5.44 3.73
C PRO H 651 -74.77 6.56 3.53
N THR H 652 -74.31 7.82 3.52
CA THR H 652 -75.17 9.01 3.35
C THR H 652 -75.78 8.93 1.96
N GLN H 653 -74.95 8.63 0.97
CA GLN H 653 -75.37 8.60 -0.44
C GLN H 653 -76.43 7.51 -0.61
N GLU H 654 -76.16 6.30 -0.11
CA GLU H 654 -77.03 5.08 -0.22
C GLU H 654 -78.36 5.33 0.50
N ILE H 655 -78.31 5.96 1.66
CA ILE H 655 -79.49 6.36 2.47
C ILE H 655 -80.33 7.35 1.65
N MET H 656 -79.75 8.45 1.18
CA MET H 656 -80.44 9.50 0.37
C MET H 656 -81.00 8.91 -0.93
N ALA H 657 -80.51 7.75 -1.37
CA ALA H 657 -80.97 7.12 -2.62
C ALA H 657 -82.14 6.18 -2.29
N ALA H 658 -82.11 5.57 -1.10
CA ALA H 658 -83.23 4.80 -0.54
C ALA H 658 -84.39 5.79 -0.30
N SER H 659 -84.11 6.93 0.35
CA SER H 659 -85.00 8.09 0.56
C SER H 659 -85.87 8.33 -0.70
N ASP H 660 -85.23 8.46 -1.87
CA ASP H 660 -85.90 8.82 -3.17
C ASP H 660 -86.78 7.67 -3.70
N LYS H 661 -86.49 6.43 -3.31
CA LYS H 661 -87.31 5.24 -3.65
C LYS H 661 -88.47 5.14 -2.63
N LEU H 662 -88.20 5.45 -1.36
CA LEU H 662 -89.22 5.38 -0.31
C LEU H 662 -90.23 6.48 -0.56
N LYS H 663 -89.77 7.66 -0.99
CA LYS H 663 -90.63 8.82 -1.32
C LYS H 663 -91.65 8.42 -2.39
N GLU H 664 -91.19 7.83 -3.50
CA GLU H 664 -92.03 7.45 -4.67
C GLU H 664 -93.06 6.38 -4.30
N LEU H 665 -92.78 5.59 -3.26
CA LEU H 665 -93.68 4.54 -2.71
C LEU H 665 -94.70 5.17 -1.74
N GLY H 666 -94.58 6.46 -1.46
CA GLY H 666 -95.56 7.24 -0.65
C GLY H 666 -95.20 7.28 0.82
N VAL H 667 -94.09 6.65 1.24
CA VAL H 667 -93.70 6.51 2.68
C VAL H 667 -93.39 7.88 3.29
N LYS H 668 -93.73 8.01 4.58
CA LYS H 668 -93.40 9.18 5.43
C LYS H 668 -92.22 8.78 6.31
N PHE H 669 -91.09 9.49 6.20
CA PHE H 669 -89.77 9.10 6.78
C PHE H 669 -89.01 10.35 7.19
N LYS H 670 -88.17 10.24 8.23
CA LYS H 670 -87.20 11.29 8.65
C LYS H 670 -85.79 10.90 8.17
N VAL H 671 -84.99 11.91 7.86
CA VAL H 671 -83.57 11.74 7.44
C VAL H 671 -82.67 12.40 8.47
N VAL H 672 -81.83 11.60 9.12
CA VAL H 672 -80.82 12.03 10.11
C VAL H 672 -79.43 11.85 9.51
N ASN H 673 -78.53 12.85 9.71
CA ASN H 673 -77.08 12.73 9.41
C ASN H 673 -76.25 12.97 10.68
N VAL H 674 -75.35 12.05 11.00
CA VAL H 674 -74.41 12.09 12.15
C VAL H 674 -72.99 12.45 11.66
N ALA H 675 -72.50 13.66 11.96
CA ALA H 675 -71.14 14.17 11.57
C ALA H 675 -70.09 13.95 12.66
N ASP H 676 -70.48 13.49 13.87
CA ASP H 676 -69.61 13.41 15.06
C ASP H 676 -70.01 12.18 15.89
N LEU H 677 -69.25 11.10 15.81
CA LEU H 677 -69.67 9.79 16.38
C LEU H 677 -69.96 9.92 17.88
N LEU H 678 -69.32 10.85 18.60
CA LEU H 678 -69.33 10.85 20.09
C LEU H 678 -70.52 11.66 20.64
N SER H 679 -71.19 12.47 19.83
CA SER H 679 -72.50 13.09 20.13
C SER H 679 -73.54 12.00 20.43
N LEU H 680 -73.37 10.77 19.95
CA LEU H 680 -74.30 9.65 20.24
C LEU H 680 -73.92 8.92 21.53
N GLN H 681 -72.82 9.29 22.19
CA GLN H 681 -72.35 8.58 23.42
C GLN H 681 -73.29 8.97 24.57
N SER H 682 -73.52 8.06 25.54
CA SER H 682 -74.31 8.32 26.77
C SER H 682 -74.02 9.73 27.32
N ALA H 683 -75.05 10.46 27.74
CA ALA H 683 -74.88 11.80 28.37
C ALA H 683 -74.27 11.66 29.78
N LYS H 684 -74.40 10.48 30.42
CA LYS H 684 -73.75 10.13 31.73
C LYS H 684 -72.22 10.12 31.59
N GLU H 685 -71.74 9.49 30.51
CA GLU H 685 -70.29 9.26 30.21
C GLU H 685 -69.68 10.53 29.64
N ASN H 686 -70.35 11.19 28.69
CA ASN H 686 -69.76 12.29 27.86
C ASN H 686 -70.62 13.55 27.97
N ASP H 687 -70.13 14.53 28.71
CA ASP H 687 -70.85 15.81 28.98
C ASP H 687 -71.04 16.62 27.69
N GLU H 688 -70.41 16.26 26.56
CA GLU H 688 -70.41 17.10 25.33
C GLU H 688 -71.44 16.56 24.34
N ALA H 689 -71.97 15.36 24.60
CA ALA H 689 -72.90 14.60 23.74
C ALA H 689 -74.27 15.29 23.65
N LEU H 690 -75.19 14.72 22.88
CA LEU H 690 -76.63 15.08 22.91
C LEU H 690 -77.19 14.63 24.27
N THR H 691 -78.16 15.36 24.82
CA THR H 691 -78.96 14.94 25.99
C THR H 691 -80.05 13.97 25.49
N ASP H 692 -80.54 13.05 26.34
CA ASP H 692 -81.60 12.08 25.97
C ASP H 692 -82.76 12.89 25.36
N GLU H 693 -82.97 14.13 25.82
CA GLU H 693 -83.98 15.08 25.26
C GLU H 693 -83.69 15.34 23.78
N GLU H 694 -82.55 15.99 23.47
CA GLU H 694 -82.15 16.39 22.09
C GLU H 694 -82.05 15.14 21.17
N PHE H 695 -81.46 14.04 21.67
CA PHE H 695 -81.33 12.73 20.96
C PHE H 695 -82.71 12.22 20.57
N ALA H 696 -83.60 12.07 21.54
CA ALA H 696 -84.97 11.52 21.35
C ALA H 696 -85.74 12.38 20.34
N ASP H 697 -85.48 13.70 20.33
CA ASP H 697 -86.10 14.71 19.42
C ASP H 697 -85.66 14.51 17.96
N ILE H 698 -84.47 13.93 17.72
CA ILE H 698 -83.84 13.70 16.38
C ILE H 698 -84.17 12.28 15.91
N PHE H 699 -83.82 11.26 16.70
CA PHE H 699 -83.99 9.83 16.32
C PHE H 699 -85.42 9.35 16.57
N THR H 700 -86.32 10.20 17.11
CA THR H 700 -87.68 9.86 17.62
C THR H 700 -87.61 8.87 18.80
N ALA H 701 -88.68 8.75 19.58
CA ALA H 701 -88.67 8.03 20.88
C ALA H 701 -89.29 6.64 20.74
N ASP H 702 -90.02 6.39 19.63
CA ASP H 702 -90.90 5.20 19.49
C ASP H 702 -90.81 4.62 18.07
N LYS H 703 -90.34 5.38 17.08
CA LYS H 703 -90.29 4.99 15.64
C LYS H 703 -88.96 4.27 15.37
N PRO H 704 -88.99 3.21 14.52
CA PRO H 704 -87.80 2.39 14.30
C PRO H 704 -86.76 3.16 13.44
N VAL H 705 -85.47 2.94 13.68
CA VAL H 705 -84.35 3.68 13.03
C VAL H 705 -83.54 2.73 12.14
N LEU H 706 -83.44 3.08 10.85
CA LEU H 706 -82.48 2.48 9.89
C LEU H 706 -81.21 3.34 9.87
N PHE H 707 -80.13 2.81 10.45
CA PHE H 707 -78.81 3.47 10.60
C PHE H 707 -77.79 2.74 9.74
N ALA H 708 -77.36 3.41 8.66
CA ALA H 708 -76.27 3.03 7.76
C ALA H 708 -74.99 3.68 8.30
N TYR H 709 -74.04 2.85 8.77
CA TYR H 709 -72.79 3.30 9.44
C TYR H 709 -71.58 2.99 8.55
N HIS H 710 -70.69 3.97 8.41
CA HIS H 710 -69.38 3.86 7.72
C HIS H 710 -68.59 2.62 8.15
N SER H 711 -68.31 2.49 9.46
CA SER H 711 -67.42 1.45 10.01
C SER H 711 -68.28 0.29 10.51
N TYR H 712 -67.72 -0.52 11.43
CA TYR H 712 -68.32 -1.75 12.02
C TYR H 712 -69.50 -1.39 12.94
N ALA H 713 -70.61 -2.14 12.84
CA ALA H 713 -71.94 -1.78 13.40
C ALA H 713 -71.90 -1.83 14.92
N HIS H 714 -71.24 -2.86 15.46
CA HIS H 714 -70.82 -2.97 16.89
C HIS H 714 -70.45 -1.60 17.50
N ASP H 715 -69.77 -0.71 16.78
CA ASP H 715 -69.35 0.61 17.33
C ASP H 715 -70.59 1.34 17.82
N VAL H 716 -71.60 1.38 16.96
CA VAL H 716 -72.83 2.17 17.22
C VAL H 716 -73.63 1.51 18.35
N ARG H 717 -73.84 0.20 18.26
CA ARG H 717 -74.72 -0.57 19.18
C ARG H 717 -74.21 -0.44 20.62
N GLY H 718 -72.89 -0.41 20.83
CA GLY H 718 -72.28 -0.37 22.17
C GLY H 718 -72.25 1.05 22.72
N LEU H 719 -72.54 2.04 21.86
CA LEU H 719 -72.39 3.50 22.17
C LEU H 719 -73.69 4.05 22.73
N ILE H 720 -74.80 3.58 22.15
CA ILE H 720 -76.20 4.06 22.33
C ILE H 720 -76.97 3.07 23.20
N TYR H 721 -76.32 2.26 24.04
CA TYR H 721 -76.96 1.16 24.80
C TYR H 721 -77.93 1.69 25.87
N ASP H 722 -77.69 2.88 26.43
CA ASP H 722 -78.58 3.47 27.48
C ASP H 722 -79.38 4.64 26.90
N ARG H 723 -79.70 4.63 25.61
CA ARG H 723 -80.29 5.82 24.92
C ARG H 723 -81.77 5.58 24.61
N PRO H 724 -82.58 6.65 24.57
CA PRO H 724 -83.95 6.53 24.13
C PRO H 724 -84.06 5.78 22.80
N ASN H 725 -84.84 4.71 22.75
CA ASN H 725 -85.33 4.10 21.48
C ASN H 725 -84.26 3.13 20.93
N HIS H 726 -83.21 2.87 21.71
CA HIS H 726 -82.02 2.12 21.26
C HIS H 726 -82.43 0.78 20.65
N ASP H 727 -83.38 0.05 21.26
CA ASP H 727 -83.81 -1.30 20.82
C ASP H 727 -84.45 -1.25 19.41
N ASN H 728 -84.76 -0.06 18.90
CA ASN H 728 -85.43 0.15 17.60
C ASN H 728 -84.41 0.51 16.49
N PHE H 729 -83.10 0.48 16.77
CA PHE H 729 -82.03 0.78 15.79
C PHE H 729 -81.68 -0.51 15.01
N ASN H 730 -81.81 -0.47 13.68
CA ASN H 730 -81.36 -1.54 12.75
C ASN H 730 -80.08 -1.04 12.07
N VAL H 731 -78.91 -1.33 12.66
CA VAL H 731 -77.62 -0.70 12.24
C VAL H 731 -76.96 -1.60 11.21
N HIS H 732 -76.71 -1.02 10.03
CA HIS H 732 -75.89 -1.63 8.98
C HIS H 732 -74.51 -0.95 8.93
N GLY H 733 -73.46 -1.75 8.75
CA GLY H 733 -72.11 -1.25 8.52
C GLY H 733 -71.22 -2.29 7.87
N TYR H 734 -69.90 -2.10 7.93
CA TYR H 734 -68.99 -2.98 7.18
C TYR H 734 -68.97 -4.33 7.90
N GLU H 735 -69.00 -5.42 7.15
CA GLU H 735 -69.14 -6.78 7.71
C GLU H 735 -68.08 -7.74 7.16
N GLU H 736 -66.90 -7.26 6.80
CA GLU H 736 -65.80 -8.12 6.29
C GLU H 736 -66.28 -8.87 5.05
N GLU H 737 -67.11 -8.22 4.24
CA GLU H 737 -67.38 -8.66 2.84
C GLU H 737 -66.74 -7.60 1.94
N GLY H 738 -66.30 -8.02 0.76
CA GLY H 738 -65.66 -7.13 -0.23
C GLY H 738 -64.56 -7.89 -0.94
N SER H 739 -64.19 -7.41 -2.11
CA SER H 739 -63.06 -7.93 -2.92
C SER H 739 -62.56 -6.78 -3.79
N THR H 740 -61.87 -7.11 -4.86
CA THR H 740 -61.62 -6.15 -5.96
C THR H 740 -62.85 -6.22 -6.89
N THR H 741 -63.65 -5.16 -6.94
CA THR H 741 -65.01 -5.20 -7.56
C THR H 741 -65.47 -3.78 -7.88
N THR H 742 -66.79 -3.55 -7.99
CA THR H 742 -67.37 -2.22 -8.36
C THR H 742 -67.82 -1.48 -7.11
N PRO H 743 -67.99 -0.15 -7.15
CA PRO H 743 -68.55 0.55 -6.01
C PRO H 743 -69.83 -0.17 -5.55
N TYR H 744 -70.78 -0.48 -6.45
CA TYR H 744 -72.12 -0.97 -6.01
C TYR H 744 -71.95 -2.33 -5.30
N ASP H 745 -71.05 -3.17 -5.79
CA ASP H 745 -70.90 -4.51 -5.16
C ASP H 745 -70.38 -4.30 -3.74
N MET H 746 -69.57 -3.28 -3.47
CA MET H 746 -68.89 -3.12 -2.15
C MET H 746 -69.98 -2.94 -1.09
N VAL H 747 -70.86 -1.96 -1.32
CA VAL H 747 -72.05 -1.68 -0.48
C VAL H 747 -72.98 -2.90 -0.53
N ARG H 748 -73.21 -3.49 -1.71
CA ARG H 748 -74.17 -4.62 -1.85
C ARG H 748 -73.77 -5.76 -0.94
N VAL H 749 -72.54 -6.23 -1.07
CA VAL H 749 -72.05 -7.46 -0.41
C VAL H 749 -72.03 -7.22 1.13
N ASN H 750 -72.14 -5.96 1.58
CA ASN H 750 -72.15 -5.55 3.01
C ASN H 750 -73.55 -5.05 3.38
N ARG H 751 -74.54 -5.28 2.52
CA ARG H 751 -75.99 -5.03 2.77
C ARG H 751 -76.20 -3.58 3.20
N ILE H 752 -75.47 -2.64 2.58
CA ILE H 752 -75.64 -1.18 2.82
C ILE H 752 -75.91 -0.46 1.46
N ASP H 753 -76.21 -1.21 0.41
CA ASP H 753 -76.69 -0.58 -0.84
C ASP H 753 -78.09 -0.02 -0.62
N ARG H 754 -78.46 0.98 -1.41
CA ARG H 754 -79.75 1.72 -1.39
C ARG H 754 -80.94 0.78 -1.54
N TYR H 755 -80.77 -0.37 -2.19
CA TYR H 755 -81.86 -1.34 -2.49
C TYR H 755 -82.19 -2.13 -1.20
N GLU H 756 -81.16 -2.64 -0.53
CA GLU H 756 -81.29 -3.34 0.77
C GLU H 756 -81.69 -2.39 1.89
N LEU H 757 -81.46 -1.08 1.74
CA LEU H 757 -81.82 -0.06 2.76
C LEU H 757 -83.31 0.27 2.62
N THR H 758 -83.76 0.55 1.39
CA THR H 758 -85.20 0.65 1.06
C THR H 758 -85.95 -0.58 1.60
N ALA H 759 -85.50 -1.78 1.20
CA ALA H 759 -86.09 -3.08 1.60
C ALA H 759 -86.10 -3.24 3.12
N GLU H 760 -85.09 -2.77 3.85
CA GLU H 760 -85.01 -2.98 5.32
C GLU H 760 -86.02 -2.03 5.95
N ALA H 761 -86.03 -0.76 5.52
CA ALA H 761 -87.00 0.28 5.96
C ALA H 761 -88.45 -0.24 5.81
N LEU H 762 -88.76 -0.95 4.72
CA LEU H 762 -90.12 -1.44 4.39
C LEU H 762 -90.43 -2.64 5.27
N ARG H 763 -89.48 -3.57 5.43
CA ARG H 763 -89.53 -4.70 6.40
C ARG H 763 -89.82 -4.18 7.84
N MET H 764 -89.26 -3.02 8.20
CA MET H 764 -89.35 -2.42 9.56
C MET H 764 -90.69 -1.69 9.74
N ILE H 765 -91.41 -1.40 8.66
CA ILE H 765 -92.78 -0.80 8.68
C ILE H 765 -93.79 -1.94 8.54
N ASP H 766 -93.93 -2.51 7.36
CA ASP H 766 -94.92 -3.59 7.13
C ASP H 766 -94.36 -4.59 6.12
N ALA H 767 -93.73 -5.65 6.67
CA ALA H 767 -93.05 -6.74 5.93
C ALA H 767 -94.08 -7.52 5.09
N ASP H 768 -95.36 -7.42 5.47
CA ASP H 768 -96.46 -8.18 4.82
C ASP H 768 -97.09 -7.30 3.76
N LYS H 769 -97.33 -6.01 4.03
CA LYS H 769 -97.90 -5.11 2.98
C LYS H 769 -96.93 -5.04 1.80
N TYR H 770 -95.64 -4.93 2.13
CA TYR H 770 -94.56 -4.51 1.21
C TYR H 770 -93.77 -5.71 0.64
N ALA H 771 -94.05 -6.94 1.09
CA ALA H 771 -93.47 -8.23 0.63
C ALA H 771 -93.26 -8.24 -0.91
N ASP H 772 -94.07 -7.46 -1.63
CA ASP H 772 -94.06 -7.37 -3.11
C ASP H 772 -92.76 -6.71 -3.55
N LYS H 773 -92.64 -5.40 -3.25
CA LYS H 773 -91.52 -4.53 -3.72
C LYS H 773 -90.24 -4.99 -3.00
N ILE H 774 -90.36 -5.50 -1.78
CA ILE H 774 -89.23 -6.13 -1.01
C ILE H 774 -88.63 -7.27 -1.85
N ASP H 775 -89.46 -8.16 -2.41
CA ASP H 775 -88.99 -9.30 -3.26
C ASP H 775 -88.48 -8.74 -4.60
N GLU H 776 -89.04 -7.62 -5.07
CA GLU H 776 -88.64 -6.93 -6.34
C GLU H 776 -87.23 -6.33 -6.14
N LEU H 777 -87.07 -5.49 -5.10
CA LEU H 777 -85.76 -4.99 -4.59
C LEU H 777 -84.72 -6.14 -4.43
N GLU H 778 -84.95 -7.16 -3.62
CA GLU H 778 -83.95 -8.25 -3.37
C GLU H 778 -83.52 -8.90 -4.70
N LYS H 779 -84.43 -8.98 -5.68
CA LYS H 779 -84.16 -9.63 -7.00
C LYS H 779 -83.38 -8.64 -7.86
N PHE H 780 -83.69 -7.36 -7.76
CA PHE H 780 -82.94 -6.30 -8.46
C PHE H 780 -81.47 -6.28 -7.98
N ARG H 781 -81.23 -6.44 -6.67
CA ARG H 781 -79.86 -6.48 -6.10
C ARG H 781 -79.02 -7.58 -6.77
N ASP H 782 -79.59 -8.76 -7.03
CA ASP H 782 -78.86 -9.87 -7.72
C ASP H 782 -78.69 -9.51 -9.20
N GLU H 783 -79.62 -8.75 -9.77
CA GLU H 783 -79.61 -8.32 -11.19
C GLU H 783 -78.43 -7.35 -11.40
N ALA H 784 -78.33 -6.29 -10.61
CA ALA H 784 -77.34 -5.22 -10.81
C ALA H 784 -75.91 -5.78 -10.64
N PHE H 785 -75.74 -6.82 -9.84
CA PHE H 785 -74.45 -7.52 -9.67
C PHE H 785 -74.14 -8.22 -10.98
N GLN H 786 -75.08 -9.01 -11.48
CA GLN H 786 -74.92 -9.80 -12.73
C GLN H 786 -74.62 -8.84 -13.90
N PHE H 787 -75.20 -7.64 -13.92
CA PHE H 787 -74.89 -6.60 -14.94
C PHE H 787 -73.41 -6.23 -14.84
N ALA H 788 -72.92 -5.93 -13.62
CA ALA H 788 -71.51 -5.53 -13.35
C ALA H 788 -70.59 -6.63 -13.86
N VAL H 789 -70.89 -7.88 -13.55
CA VAL H 789 -70.07 -9.07 -13.96
C VAL H 789 -70.08 -9.20 -15.49
N ASP H 790 -71.24 -8.97 -16.12
CA ASP H 790 -71.39 -9.09 -17.59
C ASP H 790 -70.69 -7.89 -18.23
N ASN H 791 -70.80 -6.69 -17.68
CA ASN H 791 -70.50 -5.47 -18.48
C ASN H 791 -69.23 -4.73 -18.01
N GLY H 792 -68.85 -4.89 -16.75
CA GLY H 792 -67.58 -4.36 -16.22
C GLY H 792 -67.73 -2.97 -15.64
N TYR H 793 -68.95 -2.45 -15.59
CA TYR H 793 -69.34 -1.22 -14.85
C TYR H 793 -70.69 -1.47 -14.19
N ASP H 794 -71.12 -0.60 -13.28
CA ASP H 794 -72.39 -0.76 -12.51
C ASP H 794 -73.61 -0.39 -13.36
N HIS H 795 -74.76 -0.94 -12.96
CA HIS H 795 -76.09 -0.75 -13.60
C HIS H 795 -76.41 0.74 -13.64
N PRO H 796 -76.99 1.30 -14.73
CA PRO H 796 -77.17 2.75 -14.81
C PRO H 796 -78.09 3.30 -13.72
N ASP H 797 -78.86 2.45 -13.03
CA ASP H 797 -79.81 2.92 -11.99
C ASP H 797 -79.01 3.37 -10.77
N TYR H 798 -77.93 2.64 -10.48
CA TYR H 798 -76.96 2.99 -9.41
C TYR H 798 -76.16 4.22 -9.83
N THR H 799 -75.55 4.11 -11.00
CA THR H 799 -74.58 5.04 -11.65
C THR H 799 -75.22 6.42 -11.87
N ASP H 800 -76.37 6.48 -12.52
CA ASP H 800 -76.92 7.72 -13.13
C ASP H 800 -77.87 8.44 -12.18
N TRP H 801 -78.16 7.86 -11.03
CA TRP H 801 -78.99 8.48 -9.98
C TRP H 801 -78.49 9.89 -9.61
N VAL H 802 -79.42 10.81 -9.39
CA VAL H 802 -79.19 12.16 -8.82
C VAL H 802 -80.33 12.35 -7.83
N TYR H 803 -80.09 12.93 -6.66
CA TYR H 803 -81.14 13.26 -5.67
C TYR H 803 -82.22 14.12 -6.37
N SER H 804 -83.50 13.71 -6.18
CA SER H 804 -84.71 14.45 -6.62
C SER H 804 -84.65 15.95 -6.24
N GLY H 805 -83.89 16.30 -5.19
CA GLY H 805 -83.73 17.69 -4.73
C GLY H 805 -82.92 18.55 -5.67
N VAL H 806 -82.22 17.96 -6.64
CA VAL H 806 -81.26 18.68 -7.53
C VAL H 806 -82.03 19.26 -8.71
N ASN H 807 -81.87 20.56 -8.92
CA ASN H 807 -82.54 21.38 -9.97
C ASN H 807 -81.86 21.13 -11.33
N THR H 808 -82.24 20.03 -12.00
CA THR H 808 -81.87 19.73 -13.41
C THR H 808 -82.77 20.56 -14.34
N ASP H 809 -82.37 20.69 -15.60
CA ASP H 809 -82.97 21.61 -16.62
C ASP H 809 -83.49 20.78 -17.80
#